data_8XZV
#
_entry.id   8XZV
#
_cell.length_a   1.00
_cell.length_b   1.00
_cell.length_c   1.00
_cell.angle_alpha   90.00
_cell.angle_beta   90.00
_cell.angle_gamma   90.00
#
_symmetry.space_group_name_H-M   'P 1'
#
loop_
_entity.id
_entity.type
_entity.pdbx_description
1 polymer 'DNA-directed RNA polymerase subunit alpha'
2 polymer 'DNA-directed RNA polymerase subunit beta'
3 polymer "DNA-directed RNA polymerase subunit beta'"
4 polymer "DNA-directed RNA polymerase subunit beta''"
5 polymer 'Fructokinase-like 1, chloroplastic'
6 polymer 'Thioredoxin-like protein CITRX, chloroplastic'
7 polymer 'Protein PLASTID TRANSCRIPTIONALLY ACTIVE 12'
8 polymer pTAC3
9 polymer 'Protein PLASTID TRANSCRIPTIONALLY ACTIVE 14 isoform X2'
10 polymer pTAC6
11 polymer 'superoxide dismutase'
12 polymer 'superoxide dismutase'
13 polymer 'Protein PLASTID TRANSCRIPTIONALLY ACTIVE 10'
14 polymer 'Protein PLASTID TRANSCRIPTIONALLY ACTIVE 7'
15 polymer pTAC18
16 polymer 'Fructokinase-like 2, chloroplastic isoform X2'
17 polymer MurE
18 non-polymer 'FE (III) ION'
#
loop_
_entity_poly.entity_id
_entity_poly.type
_entity_poly.pdbx_seq_one_letter_code
_entity_poly.pdbx_strand_id
1 'polypeptide(L)'
;MVREKIRVSTQTLQWKCVESRTDSKCLHYGRFILSPLMKGQADTIGIAMRRALLGEIEGTCITRAKSEKIPHEYSTILGI
QESVHEILMNLKEIVLRSNLYGTCEASICVRGPRGVTAQDIILPPYVEIVDNTQHIASLTEPIDLCIGLQLERNRGYHIK
APNNFQDGSFPIDALFMPVRNVNHSIHSYGNGNEKQEILFLEIWTNGSLTPKEALYEASRNLIDLLIPFLHAEENVNLED
NQHKVSLPLFTFHNRLAEIRKNKKKIALKFIFIDQLELPPRIYNCLKKSNIHTLLDLLNNSQEDLIKMKHFRIEDVKQIF
GTLEKHFVIDLKNKR
;
A,O
2 'polypeptide(L)'
;MLRDGNEGMSTIPGFNQIQFEGFWRFIDQGLTEELSKFPKMEDTDQEIEFQLFVETYQLAEPLIKEKDAVYESLTYSSEL
YVSAGLIWKTRREMQEQTILIGNIPLMNSLGTFIVNGIYRIVINQILQSPGIYYRSELDHNGISVYTGTIISDWGGRSEL
EIDRKARIWARVSRKQKISILVLSSAMGSNLREILDNVCYPEIFLSFLNDKEKKKIGSKENAILEFYQQFACVGGDPVFS
ESLCKDLQKKFFQQRCELGRIGRRNMNRRLNLDIPENNTFLLPRDILAAADHLIGMKFGMGTLDDMNHLKHKRIRSVADL
LQDQFGLALVRLENVVRGTISGAIRHKLIPTPQNLVTSTPLTTTFESFFGLHPLSQVLDRTNPLTQIVHGRKLSYLGPGG
LTGRTASFRIRDIHPSHYGRICPIDTSEGINVGLIGSLAIHARIGPWGSLESPYYEISERSKRVQMLYLSPSRDEYYMLA
SGNSLALNQGIQEEQVVPARYRQEFLTIAWEQVHFRSIFSFQYFSIGASLIPFIEHNDANRALMSSNMQRQAVPLSQSEK
CIVGTGLERQVALDSGVLAIAEHEGKIIYTNTDKIVLLGNGNTVSIPLVMYQRSNKNTCMHQKPQIPRGKCVKKGQILAD
GAATVGGELALGKNVLVAYMPWEGYNFEDAVLISERLVYEDIYTSFHIRKYEIQTYVTSQGPEKVTSEIPHLEAHLLRNL
DKNGIVRLGSWVETGDILVGKLTPQMAKESSYAPEDRLLRAILGIQVSTSKETCLKLPIGGRGRVIDVRWIQKKGGSSYN
PETIHVYISQKREIKVGDKVAGRHGNKGIISRILLRQDMPYLQDGRPVDMIFNPLGVPSRMNVGQIFECSLGLAGSLLDR
HYRIAPFDERYEQEASRKLVFSELYEASKQTANPWVFEPEYPGKSRIFDGRTGDPFEQPVIIGNPYILKLIHQVDDKIHG
RSSGHYALVTQQPLRGRAKQGGQRVGEMEVWALEGFGVAHILQEMLTYKSDHIKARQEVLGTTIIGGTIPNPEDAPESFR
LLVRELRSLALELNHFLVSERNFQINRMEA
;
B
3 'polypeptide(L)'
;MIDQYKHQQLRIGSVSPQQISAWATKILPNGEIVGEVTKPYTFHYKTNKPEKDGLFCERIFGPIKSGICACGNYRVIGDE
KEDPKFCEQCGVEFVDSRIRRYQMGYIKLACPVTHVWYLKRLPSYIANFLDKPLKELEGLVYCDFSFARPIAKKPTFLRL
RGLFEYEIQSWKYSIPLFFTTQGFDTFRNREISTGAGAIREQLADLDLRTIIDYSFAEWKELGEEGSTGNEWEDRKVGRR
KDFLVRRMELVKHFIRTNIEPEWMVLCLLPVLPPELRPIIQIDGGKLMSSDINELYRRVIYRNNTLTDLLSTSRSTPGEL
VMCQEKLVQEAVDTLLDNGIRGQPMRDGHNKVYKSFSDVIEGKEGRFRETLLGKRVDYSGRSVIVVGPSLSLHRCGLPRE
IAIELFQTFVIRGLIRQHLASNIGVAKRKIREKEPIVWKILQEVMQGHPVLLNRAPTLHRLGIQAFQPILVEGRAICLHP
LVCKGFNADFDGDQMAVHVPLSLEAQAEARLLMFSHMNLLSPAIGDPISVPTQDMLIGLYILTSGNRRGICANRYNPWNH
KTYQNERIDDTNYKSMKEPFFCNFYDAIGAYRQKRIHLDSPLWLRWQLDQRIIASKEAPIEVHYESLGTYHEIYAHYLII
RSVKKEIIDIYIRTTVGHISLYREIEEAIQGFYQACS
;
C
4 'polypeptide(L)'
;MAERANLVFHNKAIDGTAMKRLISRLIDHFGMAYTSHILDQLKTLGFQQATATSISLGIDDLLTIPSKGWLVQDAEQQSL
ILEKHHHYGNVHAVEKLRQSIEIWYSTSEYLRQEMNPNFRMTDPYNPVHIMSFSGARGNVSQVHQLVGMRGLMSDPQGQM
IDLPIQSNLREGLSLTEYIISCYGARKGVVDTAVRTSDAGYLTRRLVEVVQHIVVRRRDCGTIRGISVSPQNSTMPERIL
IQTLIGRVLADDIYMGSRCIATRNQDIGVGLVNRFITLRTQLISIRTPFTCRSASWICRLCYGRSPTHGGLVELGEAVGI
IAGQSIGEPGTQLTLRTFHTGGVFTGGTAEHVRAPSNGKIQFNEDLVHPTRTRHGHPAFLCYIDLYVTIESDDILHNVNI
PPKSFLLVQNDQYVESEQVIAEIRAGTSTLNFKERVRKHIYSDSEGEMHWSTDVYHAPEFTYGNVHLLPKTSHLWVLSGK
PYRSSVVPFSLSKDQDQMNTHSLSFEQIYISNPSVTNDQVKDKLSDSFSKKEDRITDYSELNRIGHCNLIYPAKNLDLLA
KKRRNRFIIPFQGSQERKKELMSLSGISIEIPINGIFRKNSIFAYFDDPRYRRKSSGITKYGTIEMHSIVKKEDLIEYRG
VKEFRPKYQMKVDRFFFIPEEVHILAGSSSIMVRNNSIIGVDTWITLNTRSRIGGVVRVERKKKKIELTIFSGDIHFPGE
TDKISRHSGILIPPSRKNSKDSKNLKKWIYVQRITPTKKKYFVLVRPVVPYEITDGINLATLFPQDLLQERDNVQLRVVN
YILYGNGKVTRGISDTSIQLVRTCLVLNWNQDKKGSSIEEARGSFVEVRTNGMIQDFLKVNLVKPAISYISKRNDPSSEK
KEGSDHTNMNPFYSIYIYPKTKLQKSFNQNQGTVRTLLGINKECQFFLILSSSNCFRIGPFKGVKYPKELIKKDPLIPIR
NSFGPLGTALQIANFFSFYYLITHNQILVTNYLQLDNLKQTFQPFKFQYYLMDENGRIYNPDPCSNIIFNPFKLNWYFLH
YHFCEETSTKIDLGQFVCENVCITKKGTHLKSGQVLIVQFDSVVIRSAKPYLATPGATLHGHYGEIIYEGDTLVTFIYEK
SRSGDITQGLPKVEQVLEVRSIDSISINLEKRIDSWNERITRILGSPWGFLIGAELTIAQSRISLVNKIQKVYRSQGVQI
HNRHIEIIVRQITSKVLVSEDGMSNVFLPGELIGLFRAERTGRALEEAICYRATLLGITRASLNTQSFISEASFQETARV
LAKAALRGRIDWLKGLKENVVLGGMIPVGTGFKGFVHHSSQHKDIPLKTKKQNLFEGEMGDILFYHRELFESCLSKN
;
D
5 'polypeptide(L)'
;MAIHILSPIPSSLFLSPIPTPLFPPFSTSTQIRASTNSNNGVQEPPKRRGRPKGSTKSNTPKTPKKLSGSSQNAEFENGS
TLTWDELEDFDDGMDFPYLDPPLICCFGAVQKEFVPSVRVSEHQMDPDIYSGWKMMQWNPPEFGRAPGGPVSNVAISHVR
LGGRAAVIGKVGEDDFGEELVLMMNKENVQTRAVKFDSNVKTACSYMRVKFSDDGKMKMETVKEAAEDSLVASELNLAVL
KEARIFHFNSEVLTSPSMNTTLFRAIKLSKKFGGLVFFDLNLPLPLWKSRDETREVIKQAWEEANIIEVSREELEFLLDE
DHYERRKNYRPQYYSENYEQSKNRRDYYHYTREEISPLWHDGLKFLFVTDGTLRIHYYAPSFDGVVVGTEDVLITPFTCD
RTGSGDAVVAGIMRKLTSHPEMYEDQDVLERQLRFSIAAGIISQWTIGAVRGFPTESATQNLKEQVYVPSMW
;
E
6 'polypeptide(L)'
;MQIPTAPRSISSAASNLFLYFPPFHLNSSLIKPTTLNFPLNHNLPTSISIPTLIPTKKLLCKPPSAKHVREDYLVKKLSA
NEITELVRGERNVPLIIDFYATWCGPCILMAQELEMLAVEYEKNAMIVKVDTDDEYEFARDMQVRGLPTLYFISPDPNKD
AIRTEGLIPIQMMRDILDNDM
;
F,R
7 'polypeptide(L)'
;MANLSTNWVFQDRGLRCMIPCDGSFFKASSSNSMLLNRGRLCPLPARSRLHSIKCQQEEEAFEEVSVERAPYYSYKDSSS
GRIEPASGARASIPGQDYWPEGTADRVRAARAPEPKGESTSDSSFGKRPGSRRKNYKGSVAVAVAGSQELSPVLSDPELT
ETSDDIGEDPIDSSEYVVYQADLESEELSEYEKDKKFGRPHPFVDPKVKKPIEEPLTSEELWWNWRKPDKEQWSRWQRRK
PDVETVFLKAMAETGQVKLYGEQPTLTETSLYRARRHLFKEERLKAEQERLEKIGPMAFYSEWVKAWKGDTSREAIQKHF
EETGEDENTQLIEMLSHQTDREYRIMMGTDIRIRRDPLAMRMREDQIKEIWGGDPVYPTINYIQDPDIVIDYRGPDFHEP
TPNMLAHLKEHGKIISREDLEKLLAKEKTEEHELAEVDDAMARAIDIGENEDEDEDSDSEGNDEAEEKINRNWSVHKSNP
QLRKSKDKPKKKDSLSLDEAVDDSENLTDFLLDFDEED
;
G
8 'polypeptide(L)'
;MAHILSSKFLPFNPTLHPSPHFLSPPPLKPPNSVIVSAVSTTERKSRRRRQPKGDDTSVAGSSAAEKGLRLVFMEELMSK
ARNRDAIGVSDVIYDMIVAGLTPGPRSYHGLVVAHVLNADEEGAMKSLRRELSVGLVPLHETFVALVRLFGSKGRATRGL
EILAAMEKLNYDIRKAWLVLVEELVRSNHLEDANKVFLKGAKGGLRATDEIYDLMIEEDCKSGDHSNALTIAYEMEAAGR
MATTFHFNCLLSVQANCGIPEVAFATFENMEFGEDYMKPDTETYNWVIQAYTRAESYDRVQDVAELLGLMVEDHKRLQPN
MRTHVLLVECFTKYCVIREAIRHFRALKNFEGGTRLLHSQGNFGDPLSLYLRALCREGRIEELLDALETMAKDNQPIPPR
AMILSRKYRTLISSWIEPLQEEAELGYEVDYMARYISEGGLTGERKRWVPRRGKTPLDPDVEGFIYSNPVETSFKQRCLE
EWKIRHRKLLRHLRNEGPAVLGANASESDYIRVEERLKKIIKGREKNILKPKAASKMVVSELKEELEAQDLPIDGTRNVL
YQRVQKARRINISRGRPLWVPPVLEEEEEVDEELDELISRIKLEEGNTEFWKRRFLGERVIYDNMKPMDGQESEPEETMD
DADIVDDGTKEVEEDEADDEEEEAEVEVEVEQTEGQEDLVDRVKDKEVEAKKPLQMIGVQLLKDGDQPTTSKKSRRRARR
AAENDDDDDWFPLDLYEAFEEMRKRNIFDVENMYTLADAWGWTWERELKNRPPRRWSQEWEVELAIKIMSKVIELGGIPT
IGDCAIILRAAIKAPLPSAFLIILQTTHSLGYRFGSPLYDEIITLCLDLGELDAAVAIVADLETSGITVPDETLDKVIAA
RQIFDSPADEAS
;
H
9 'polypeptide(L)'
;MTSHSISMASTILLHHSPHRFLSNFQLCSFNNGFPTARKPNSTVSTSENTLRPVKSLVETSSFPLFQEPQIVETTSEMNL
ADPDFYKIGYVRSFRAYGVEFREGPDGFGVFASKDIEPLRRARMIMEIPLELMLTISKRLPWMFFPDIVPVGHPIFDIIN
STDPKTDWDLRLACLLLLAFDQEDNFWQLYGDFLPSADECTSLLLATEEDLLELQDESLELTMREQQHRCLEFWEKNWHS
AAPLKIKRLARDPKIFMWAASIAQTRCINMEMRIGALIQDANVLVPYADMLNHSFQPNCFFHWRFKDRMLEVMINPGSRI
KKGEEMTVNYLSGQQNNIFMQRFGFSSAVNPWDAICFSGDSRIHLDTFLSVFNITGLRQEYYYNSKSAKEGDSFVDGAVI
AAARTLPTWSDRDVPIIPSVERKAAKELQEQCHEILAKYPTTAKQDQQILDATEDGRRTLEAAIKYRLHRKLFIGKVIDA
LEIYQDRILF
;
I
10 'polypeptide(L)'
;MTSTFLLLPTQLLPPKPPFLPFCTLSPPPTTTTTLSLLRPPPLFTSLKSRDFRVFSDDGDGDGEYEMDDEEAEEVDNKKD
FDVEYEPLGVVSSAGMSADEVIQVIQSKNFVSTQGWNSELVVDYRINEDEFHKICLFDCDFFIRKPPDPDNDVYDFREMY
VTPPDTDVYAIPKVLAPMPDKYIRCAKTDYGWYNVTEPPIDAPRDPMYKSEREVSKVFLTKHYRNRRLNDPEFVLDFEEI
YVIDSRTKSVTRARVLVTVPEGRNRDRKGDLLVIRDNGNSFKITHASKRDDPTTVIEREEWTRTRQDMERHLRKLRDFSI
SNWI
;
K
11 'polypeptide(L)'
;MSAVAAPSAISISSSFLTHPVMFAGFKGGLNSTRFSPWKLKETRVRRASADVVTAKFDLNPPPYPIDALEPHMSKQTFEY
HWGKHHRAYVDNLNKQIVGTELDGLPLEEVVRITYNKGDMLPAFNNAAQAWNHEFFWESMKPGGGGKPSGELLAQIEKDF
GSFEAFTTEFKTAAATQFGSGWAWLVYKANKLDVGNAVNPKPSEDDKKLVVVKSPNAVNPLVWDYYPILTVDVWEHAYYL
DFQNRRPDYLSIFMENLVSWDAVNARYEAAKAFATEREEEAAQN
;
L
12 'polypeptide(L)'
;MLLTSKGVGKSEMGSLTATNPVSSPLHANGLSSRIKCPTFFNQKRRDEGSKRRPGVVAYYGLKKPPYNLDALEPYMSQKT
LESHWGVQHRNYLEALNRHLSRSDTLYGHTMDELVKVTYNYGNPLPEFNDAAQVWNHDFFWESMQPGGGESPTLGLLQQI
EKDFGSFPNFKEKFIEAAMTLFGSGWVWLVLKRKEKQLAVVKTSNAVTPILWDDIPIICLDLWEHAYYLDYKNDRAEYVN
VFMNHLVSWHAATARLARAQAFVNLGEPKIPVA
;
M
13 'polypeptide(L)'
;MQILQTSHFLPLSLLPKTPLKPPIPIFHNPNFHPNFSLLSSSSSLLPIPPKSYASDEFPVDETFLEQFGPKDTETEEEAR
KRNWVERGWAPWEEILSPEADFARKSLNEGEEVALKNPDTIEAFKMLKPSYRKKKMEEMGLTEDEYYARQFDIKGEILDP
LETYWDGPLVVRHVAPRDWPPPGWEVDRKELEFIREGHKMMAERVDMKELDNVIREKEGMCMDRYKVFLKQYQEWVEFNK
DKLEEESYEHDQDYHPGRRKRGKDYEEGMYELPFYYPGQICLGKVTTLHLYQGAFVDVGGVYEGWVPIKGNDWYWIRQHI
KVGMHVMVEILAKRDPYRFRFPLELRFVDPNIDHLLFQRFEYPPIFHRDEDTNLDELRRDCRRPPFPRKDPGVKVEEEPL
LSDHPYVDKLWQINVAEQMILDDMEANPDKYKGKKLSELTDEEEFDEEHSVEYTKVQYKKSLLPKTILKTSVKELDLESA
FAERQLHNRLQKEAEERGEDYKVDKLRRNIEMDEYDFIHWRRSFEEREALLRDISCRQALGLPLQEPGRYVDPSILGKDQ
YDPSHPLYRYDYWGEPKNSEKTKQERVTDAHNKSVVGKGNVWYEMSYEDAVEEMKYRESHPKDNTERETDEEAESDDDDS
DDDFDYSILSDLSADFASQPHVNGTESPSISDEGMFEE
;
N
14 'polypeptide(L)'
;MSLSLSSLPFNSLLPLSSSTKFEAGPIILRPLGFSIRSQAKPKSRSPVQNGRQVWRRRKLSKKDVFMEAKLERVPFLEEQ
MRKVNEGGGVMAGDIDRLMKSEDNRFAFVNEIAAEATAYVNNNRDEYGHKKAIHHVLSNRMNDAGFARPEAYLETEPFSP
GPTYLKENFY
;
P
15 'polypeptide(L)'
;MASVIWSPTFHSSVIRTNKSELKRCDHNVSRSGCIKAMRIEKPLEELYKIRVERKVSPERLNELGVSRWTTWKTGKCRLP
WDWHVDQLVYIEEGEVRVVPEGSKHYMSFKAGDLVRYPKWFEADLWFNAFYQERYSFRAYGDD
;
Q
16 'polypeptide(L)'
;MASLSFTQFRSIPRWNYKAPVLATVEFMLVTDHRLQNRCVLSETSKKAIVASVVQDEGPNEPEGTKKTRTRRTTTRGRKK
ATTELQDGDSELTLSASASEQEISDPEASISGSEKPKRRTRKKVLHTEMKLFSAVSAISTEKVKTEKKPRGRKRKEETSK
VDDDISETEFINLEEVVYLADEENEDDNIDLNLEKCNGEDIDFTYGWPPLVCCFGAAQHAFVPSGRPANRLIDHQIHEAL
KEALWAPDKFIRAPGGSAGGVAIALASLGGRVAFMGKLGNDDYGQTMLYYLNVKSVQTRSVCVDDKRWTAMSQMKIAKRG
ALRATTVKPCAEDSLSKSEINIDVLKEAKMFYLNTSSLVDANMRKTTMRALKISKKLGSVIFYDLNLPLPLWKSGEETKS
LIQQVWSLADVIEVTKQELEFLCGMNPPEEFDTKKNQRFKFEHYEADIIAPLWHENLKVLFVTNGTSKIHYYTKEHNGAV
LGVEDAPMSPFTQDMSASGDGLVAALMRMLAVQPHLITDKEYLERSVKYAINCGVIEQWIVTRQQGYPPKVGIEEDEEET
IPDPSGIRSTTEREFRTRMPVLC
;
S
17 'polypeptide(L)'
;MFLQPFLTLPSTISSPTNSSSSSSSLHFTKPLFLRPSISLLRRKTPSAAGNYYPNPSDDDPPEAPEDSSHGVSKFGQIQR
QAARARKLEEEDFEKNRSVFLDAIKDVEDAPENEDYSTGVSGSGDDLFGDIDKAIAQKRKEFVKKGLLKPNPPKSERVVE
VADDELGQEEVVDLEEIDELQGLRVVDVSEKEEEFDDDDIDVEVSELGKNGSSSSLFDASFDIDFDSLGNNSSNKVRIVE
PSFKMTLAELLDECKVVPISVYGDLEVEITGIEHDSRLVNSGDLFVCCVDGNLCLIEADKRGAVAVVASKEIDIEETLGC
KALVIVEDTNAALPALAAAFFRYPTKSMSVIGITGTHGKTTAAHLIKTMYEAMGLRTGMMSSVAYYVHGDNKLDFPEANP
DAVLVQKLMAKMLHNGTEAVVMEASSNELTHTRCEEIDFDIAVFTNLSRDNSHFQGNEEEFRVAQAKLFSRMVDPDRHRK
IVNVDDPNAPFFIAQGNPNVPVLTFALENKDADVHPLKFELSLFETTVLVNTPQGILEISSGLLGRHNIYNILAAVTVGI
AVGAPLEDIVRGIEEVDAVPGRCEVIDEEQAFGVIVDHARTPDALSRLLDSVRELQPRRIITVIGSCGEKERGKRPMLAK
VATDKSDVTMLTSDNQGSEDPLDILDDMLAGIGWTMQDYLKHGENDYYPPLPNGHRLFLHDIRRVAVRCAVAMGEEGDMV
VVAGKGHEAYQVDGDKKEFFDDREECREALQYVDELHQAGIDTSEFPWRLPESH
;
J
#
# COMPACT_ATOMS: atom_id res chain seq x y z
N SER A 9 -24.82 -45.37 -59.81
CA SER A 9 -24.39 -45.54 -61.18
C SER A 9 -22.89 -45.45 -61.29
N THR A 10 -22.30 -44.56 -60.48
CA THR A 10 -20.87 -44.33 -60.45
C THR A 10 -20.33 -44.83 -59.12
N GLN A 11 -19.58 -45.94 -59.16
CA GLN A 11 -18.88 -46.50 -58.01
C GLN A 11 -19.82 -46.96 -56.91
N THR A 12 -19.28 -47.74 -55.96
CA THR A 12 -20.03 -48.20 -54.81
C THR A 12 -19.19 -48.01 -53.55
N LEU A 13 -19.87 -47.81 -52.42
CA LEU A 13 -19.18 -47.49 -51.18
C LEU A 13 -18.31 -48.66 -50.72
N GLN A 14 -17.02 -48.38 -50.53
CA GLN A 14 -16.06 -49.38 -50.09
C GLN A 14 -15.29 -48.84 -48.89
N TRP A 15 -14.98 -49.71 -47.95
CA TRP A 15 -14.15 -49.35 -46.80
C TRP A 15 -13.13 -50.46 -46.57
N LYS A 16 -11.94 -50.07 -46.13
CA LYS A 16 -10.84 -51.03 -46.01
C LYS A 16 -9.87 -50.54 -44.95
N CYS A 17 -9.02 -51.46 -44.50
CA CYS A 17 -7.95 -51.15 -43.54
C CYS A 17 -6.64 -51.03 -44.31
N VAL A 18 -5.94 -49.92 -44.11
CA VAL A 18 -4.75 -49.61 -44.89
C VAL A 18 -3.46 -49.72 -44.09
N GLU A 19 -3.54 -49.79 -42.77
CA GLU A 19 -2.34 -49.92 -41.95
C GLU A 19 -2.73 -50.45 -40.58
N SER A 20 -1.87 -51.30 -40.02
CA SER A 20 -2.10 -51.83 -38.68
C SER A 20 -0.74 -52.21 -38.10
N ARG A 21 -0.25 -51.43 -37.15
CA ARG A 21 1.02 -51.69 -36.49
C ARG A 21 0.78 -52.07 -35.05
N THR A 22 1.54 -53.04 -34.56
CA THR A 22 1.51 -53.44 -33.15
C THR A 22 2.75 -52.83 -32.50
N ASP A 23 2.61 -51.60 -32.02
CA ASP A 23 3.75 -50.92 -31.40
C ASP A 23 4.22 -51.65 -30.16
N SER A 24 3.29 -52.14 -29.34
CA SER A 24 3.62 -52.91 -28.15
C SER A 24 2.49 -53.88 -27.88
N LYS A 25 2.63 -54.64 -26.81
CA LYS A 25 1.60 -55.63 -26.46
C LYS A 25 0.27 -54.95 -26.15
N CYS A 26 0.31 -53.83 -25.44
CA CYS A 26 -0.90 -53.12 -25.01
C CYS A 26 -1.07 -51.79 -25.76
N LEU A 27 -0.74 -51.78 -27.04
CA LEU A 27 -0.91 -50.58 -27.86
C LEU A 27 -1.03 -51.02 -29.31
N HIS A 28 -2.19 -50.76 -29.93
CA HIS A 28 -2.45 -51.16 -31.30
C HIS A 28 -3.00 -49.97 -32.07
N TYR A 29 -2.67 -49.92 -33.36
CA TYR A 29 -3.04 -48.79 -34.21
C TYR A 29 -3.67 -49.31 -35.50
N GLY A 30 -4.64 -48.57 -36.01
CA GLY A 30 -5.29 -48.95 -37.25
C GLY A 30 -5.91 -47.81 -38.02
N ARG A 31 -5.62 -47.72 -39.32
CA ARG A 31 -6.16 -46.68 -40.17
C ARG A 31 -7.06 -47.30 -41.24
N PHE A 32 -8.19 -46.64 -41.51
CA PHE A 32 -9.20 -47.16 -42.41
C PHE A 32 -9.59 -46.08 -43.42
N ILE A 33 -10.15 -46.52 -44.55
CA ILE A 33 -10.55 -45.65 -45.64
C ILE A 33 -11.97 -46.00 -46.06
N LEU A 34 -12.75 -44.97 -46.37
CA LEU A 34 -14.04 -45.14 -47.05
C LEU A 34 -13.95 -44.48 -48.42
N SER A 35 -14.87 -44.87 -49.29
CA SER A 35 -14.75 -44.61 -50.73
C SER A 35 -16.04 -43.99 -51.26
N PRO A 36 -15.95 -43.20 -52.37
CA PRO A 36 -17.06 -42.32 -52.79
C PRO A 36 -18.22 -42.11 -51.83
N LEU A 37 -18.01 -41.21 -50.87
CA LEU A 37 -19.07 -40.72 -50.00
C LEU A 37 -19.50 -39.35 -50.51
N MET A 38 -20.80 -39.18 -50.74
CA MET A 38 -21.29 -37.89 -51.20
C MET A 38 -21.22 -36.87 -50.07
N LYS A 39 -21.60 -35.64 -50.38
CA LYS A 39 -21.40 -34.53 -49.45
C LYS A 39 -22.17 -34.74 -48.16
N GLY A 40 -21.60 -34.26 -47.05
CA GLY A 40 -22.28 -34.27 -45.78
C GLY A 40 -22.22 -35.58 -45.02
N GLN A 41 -22.12 -36.69 -45.75
CA GLN A 41 -22.07 -38.00 -45.10
C GLN A 41 -20.77 -38.17 -44.31
N ALA A 42 -19.65 -37.72 -44.88
CA ALA A 42 -18.36 -37.97 -44.26
C ALA A 42 -18.22 -37.28 -42.91
N ASP A 43 -18.67 -36.03 -42.80
CA ASP A 43 -18.56 -35.33 -41.53
C ASP A 43 -19.39 -36.00 -40.45
N THR A 44 -20.64 -36.36 -40.79
CA THR A 44 -21.51 -37.03 -39.82
C THR A 44 -20.90 -38.35 -39.38
N ILE A 45 -20.43 -39.16 -40.33
CA ILE A 45 -19.84 -40.45 -39.98
C ILE A 45 -18.63 -40.24 -39.09
N GLY A 46 -17.76 -39.30 -39.45
CA GLY A 46 -16.54 -39.11 -38.69
C GLY A 46 -16.81 -38.65 -37.26
N ILE A 47 -17.68 -37.66 -37.10
CA ILE A 47 -17.92 -37.15 -35.75
C ILE A 47 -18.66 -38.17 -34.90
N ALA A 48 -19.66 -38.85 -35.48
CA ALA A 48 -20.37 -39.87 -34.72
C ALA A 48 -19.46 -41.01 -34.32
N MET A 49 -18.60 -41.47 -35.23
CA MET A 49 -17.68 -42.55 -34.92
C MET A 49 -16.66 -42.14 -33.88
N ARG A 50 -16.16 -40.90 -33.94
CA ARG A 50 -15.21 -40.45 -32.93
C ARG A 50 -15.85 -40.39 -31.56
N ARG A 51 -17.06 -39.84 -31.47
CA ARG A 51 -17.75 -39.78 -30.18
C ARG A 51 -18.05 -41.18 -29.64
N ALA A 52 -18.52 -42.07 -30.50
CA ALA A 52 -18.82 -43.43 -30.06
C ALA A 52 -17.57 -44.15 -29.60
N LEU A 53 -16.47 -44.03 -30.35
CA LEU A 53 -15.24 -44.70 -29.96
C LEU A 53 -14.68 -44.14 -28.66
N LEU A 54 -14.82 -42.83 -28.44
CA LEU A 54 -14.28 -42.24 -27.23
C LEU A 54 -15.14 -42.52 -26.00
N GLY A 55 -16.45 -42.68 -26.17
CA GLY A 55 -17.30 -42.83 -25.00
C GLY A 55 -18.41 -43.85 -25.05
N GLU A 56 -18.26 -44.92 -25.82
CA GLU A 56 -19.32 -45.93 -25.83
C GLU A 56 -18.81 -47.34 -25.58
N ILE A 57 -17.62 -47.68 -26.07
CA ILE A 57 -17.09 -49.02 -25.89
C ILE A 57 -16.75 -49.25 -24.43
N GLU A 58 -16.95 -50.48 -23.97
CA GLU A 58 -16.75 -50.86 -22.58
C GLU A 58 -15.56 -51.80 -22.46
N GLY A 59 -14.78 -51.63 -21.40
CA GLY A 59 -13.63 -52.48 -21.15
C GLY A 59 -13.44 -52.79 -19.68
N THR A 60 -13.21 -54.06 -19.38
CA THR A 60 -13.13 -54.50 -17.99
C THR A 60 -11.80 -54.09 -17.37
N CYS A 61 -11.81 -53.89 -16.06
CA CYS A 61 -10.60 -53.53 -15.32
C CYS A 61 -10.80 -53.83 -13.84
N ILE A 62 -9.69 -53.75 -13.10
CA ILE A 62 -9.70 -54.03 -11.67
C ILE A 62 -10.21 -52.81 -10.92
N THR A 63 -11.13 -53.03 -9.98
CA THR A 63 -11.83 -51.95 -9.29
C THR A 63 -11.54 -51.90 -7.80
N ARG A 64 -11.23 -53.02 -7.16
CA ARG A 64 -11.02 -53.04 -5.72
C ARG A 64 -9.93 -54.05 -5.39
N ALA A 65 -8.97 -53.64 -4.56
CA ALA A 65 -7.85 -54.48 -4.17
C ALA A 65 -7.87 -54.67 -2.66
N LYS A 66 -7.84 -55.93 -2.23
CA LYS A 66 -7.85 -56.28 -0.81
C LYS A 66 -6.52 -56.92 -0.43
N SER A 67 -5.90 -56.41 0.63
CA SER A 67 -4.61 -56.89 1.08
C SER A 67 -4.71 -57.41 2.51
N GLU A 68 -3.74 -58.22 2.90
CA GLU A 68 -3.72 -58.89 4.19
C GLU A 68 -2.64 -58.27 5.07
N LYS A 69 -3.01 -57.96 6.31
CA LYS A 69 -2.09 -57.40 7.31
C LYS A 69 -1.47 -56.08 6.83
N ILE A 70 -2.35 -55.12 6.51
CA ILE A 70 -1.93 -53.78 6.11
C ILE A 70 -2.86 -52.76 6.74
N PRO A 71 -2.34 -51.80 7.52
CA PRO A 71 -3.21 -50.85 8.21
C PRO A 71 -3.97 -49.93 7.28
N HIS A 72 -3.26 -49.24 6.38
CA HIS A 72 -3.90 -48.24 5.52
C HIS A 72 -3.14 -48.17 4.19
N GLU A 73 -3.60 -47.27 3.32
CA GLU A 73 -3.04 -47.16 1.98
C GLU A 73 -1.59 -46.70 2.01
N TYR A 74 -1.27 -45.73 2.88
CA TYR A 74 0.05 -45.11 2.89
C TYR A 74 0.96 -45.78 3.94
N SER A 75 1.13 -47.09 3.78
CA SER A 75 1.90 -47.90 4.71
C SER A 75 2.99 -48.66 3.97
N THR A 76 4.02 -49.03 4.72
CA THR A 76 5.17 -49.74 4.19
C THR A 76 5.15 -51.20 4.65
N ILE A 77 5.70 -52.07 3.83
CA ILE A 77 5.79 -53.50 4.12
C ILE A 77 7.25 -53.93 4.04
N LEU A 78 7.68 -54.71 5.03
CA LEU A 78 9.05 -55.20 5.05
C LEU A 78 9.29 -56.15 3.89
N GLY A 79 10.41 -55.99 3.22
CA GLY A 79 10.77 -56.83 2.09
C GLY A 79 10.22 -56.39 0.75
N ILE A 80 9.48 -55.29 0.70
CA ILE A 80 8.89 -54.78 -0.53
C ILE A 80 9.38 -53.35 -0.74
N GLN A 81 9.96 -53.10 -1.91
CA GLN A 81 10.45 -51.77 -2.25
C GLN A 81 9.33 -50.79 -2.58
N GLU A 82 8.13 -51.29 -2.91
CA GLU A 82 7.03 -50.47 -3.36
C GLU A 82 6.03 -50.26 -2.23
N SER A 83 5.68 -49.02 -1.97
CA SER A 83 4.66 -48.72 -0.97
C SER A 83 3.31 -49.22 -1.45
N VAL A 84 2.36 -49.31 -0.52
CA VAL A 84 1.05 -49.88 -0.83
C VAL A 84 0.34 -49.02 -1.87
N HIS A 85 0.38 -47.69 -1.70
CA HIS A 85 -0.24 -46.78 -2.65
C HIS A 85 0.40 -46.92 -4.03
N GLU A 86 1.72 -47.11 -4.06
CA GLU A 86 2.41 -47.37 -5.33
C GLU A 86 1.89 -48.65 -5.97
N ILE A 87 1.61 -49.67 -5.16
CA ILE A 87 1.07 -50.92 -5.68
C ILE A 87 -0.31 -50.71 -6.28
N LEU A 88 -1.16 -49.92 -5.60
CA LEU A 88 -2.47 -49.61 -6.20
C LEU A 88 -2.31 -48.87 -7.52
N MET A 89 -1.42 -47.86 -7.55
CA MET A 89 -1.24 -47.10 -8.78
C MET A 89 -0.74 -47.99 -9.92
N ASN A 90 0.20 -48.89 -9.61
CA ASN A 90 0.71 -49.80 -10.63
C ASN A 90 -0.34 -50.83 -11.05
N LEU A 91 -1.27 -51.14 -10.16
CA LEU A 91 -2.27 -52.16 -10.43
C LEU A 91 -3.40 -51.64 -11.30
N LYS A 92 -3.61 -50.31 -11.33
CA LYS A 92 -4.68 -49.74 -12.14
C LYS A 92 -4.43 -49.89 -13.64
N GLU A 93 -3.17 -50.07 -14.05
CA GLU A 93 -2.83 -50.10 -15.46
C GLU A 93 -2.89 -51.50 -16.07
N ILE A 94 -3.24 -52.52 -15.28
CA ILE A 94 -3.38 -53.86 -15.83
C ILE A 94 -4.57 -53.88 -16.79
N VAL A 95 -4.36 -54.44 -17.97
CA VAL A 95 -5.38 -54.50 -19.01
C VAL A 95 -5.91 -55.91 -19.11
N LEU A 96 -7.24 -56.04 -19.22
CA LEU A 96 -7.93 -57.32 -19.19
C LEU A 96 -8.95 -57.37 -20.31
N ARG A 97 -9.43 -58.58 -20.60
CA ARG A 97 -10.46 -58.80 -21.60
C ARG A 97 -11.59 -59.63 -21.03
N SER A 98 -12.81 -59.32 -21.45
CA SER A 98 -14.00 -60.10 -21.10
C SER A 98 -15.15 -59.59 -21.97
N ASN A 99 -16.26 -60.34 -21.93
CA ASN A 99 -17.44 -59.95 -22.70
C ASN A 99 -18.74 -60.16 -21.94
N LEU A 100 -18.69 -60.46 -20.64
CA LEU A 100 -19.88 -60.74 -19.86
C LEU A 100 -20.05 -59.67 -18.79
N TYR A 101 -21.26 -59.14 -18.67
CA TYR A 101 -21.55 -58.07 -17.71
C TYR A 101 -21.62 -58.67 -16.31
N GLY A 102 -20.85 -58.11 -15.38
CA GLY A 102 -20.87 -58.57 -14.02
C GLY A 102 -19.51 -58.56 -13.35
N THR A 103 -19.49 -58.38 -12.03
CA THR A 103 -18.23 -58.36 -11.30
C THR A 103 -17.73 -59.77 -11.04
N CYS A 104 -16.40 -59.91 -10.98
CA CYS A 104 -15.75 -61.18 -10.70
C CYS A 104 -14.64 -60.94 -9.70
N GLU A 105 -14.06 -62.04 -9.20
CA GLU A 105 -13.01 -61.97 -8.21
C GLU A 105 -11.74 -62.61 -8.75
N ALA A 106 -10.61 -62.22 -8.16
CA ALA A 106 -9.31 -62.73 -8.57
C ALA A 106 -8.37 -62.64 -7.38
N SER A 107 -7.24 -63.33 -7.47
CA SER A 107 -6.30 -63.37 -6.36
C SER A 107 -4.88 -63.43 -6.90
N ILE A 108 -3.93 -63.08 -6.02
CA ILE A 108 -2.51 -63.19 -6.33
C ILE A 108 -1.81 -63.59 -5.03
N CYS A 109 -1.23 -64.78 -5.01
CA CYS A 109 -0.54 -65.33 -3.83
C CYS A 109 0.85 -65.76 -4.29
N VAL A 110 1.85 -64.96 -3.96
CA VAL A 110 3.22 -65.18 -4.43
C VAL A 110 4.16 -65.19 -3.23
N ARG A 111 5.26 -65.93 -3.37
CA ARG A 111 6.29 -66.04 -2.34
C ARG A 111 7.19 -64.81 -2.36
N GLY A 112 8.37 -64.92 -1.76
CA GLY A 112 9.18 -63.77 -1.44
C GLY A 112 10.03 -63.29 -2.59
N PRO A 113 11.36 -63.39 -2.47
CA PRO A 113 12.24 -62.65 -3.37
C PRO A 113 12.16 -63.13 -4.81
N ARG A 114 11.07 -62.76 -5.49
CA ARG A 114 10.80 -63.19 -6.85
C ARG A 114 10.74 -62.03 -7.83
N GLY A 115 9.93 -61.01 -7.55
CA GLY A 115 9.63 -59.99 -8.54
C GLY A 115 8.34 -60.34 -9.23
N VAL A 116 7.25 -59.63 -8.90
CA VAL A 116 5.91 -60.04 -9.27
C VAL A 116 5.44 -59.23 -10.47
N THR A 117 4.96 -59.92 -11.50
CA THR A 117 4.49 -59.29 -12.73
C THR A 117 3.00 -59.60 -12.92
N ALA A 118 2.47 -59.19 -14.08
CA ALA A 118 1.06 -59.38 -14.38
C ALA A 118 0.70 -60.83 -14.70
N GLN A 119 1.69 -61.68 -14.98
CA GLN A 119 1.43 -63.08 -15.24
C GLN A 119 1.16 -63.87 -13.97
N ASP A 120 1.42 -63.29 -12.80
CA ASP A 120 1.18 -63.96 -11.52
C ASP A 120 -0.25 -63.81 -11.04
N ILE A 121 -1.11 -63.16 -11.82
CA ILE A 121 -2.50 -63.00 -11.46
C ILE A 121 -3.24 -64.31 -11.72
N ILE A 122 -4.28 -64.57 -10.94
CA ILE A 122 -5.14 -65.74 -11.09
C ILE A 122 -6.50 -65.23 -11.54
N LEU A 123 -6.98 -65.74 -12.67
CA LEU A 123 -8.14 -65.13 -13.30
C LEU A 123 -9.30 -66.11 -13.42
N PRO A 124 -10.53 -65.60 -13.42
CA PRO A 124 -11.68 -66.45 -13.75
C PRO A 124 -11.57 -67.01 -15.14
N PRO A 125 -12.38 -68.01 -15.49
CA PRO A 125 -12.21 -68.69 -16.80
C PRO A 125 -12.37 -67.77 -18.00
N TYR A 126 -13.20 -66.73 -17.90
CA TYR A 126 -13.55 -65.92 -19.07
C TYR A 126 -12.80 -64.59 -19.10
N VAL A 127 -11.75 -64.43 -18.30
CA VAL A 127 -10.98 -63.19 -18.24
C VAL A 127 -9.51 -63.52 -18.45
N GLU A 128 -8.86 -62.80 -19.36
CA GLU A 128 -7.44 -63.00 -19.65
C GLU A 128 -6.73 -61.66 -19.74
N ILE A 129 -5.46 -61.67 -19.37
CA ILE A 129 -4.61 -60.49 -19.50
C ILE A 129 -4.01 -60.46 -20.90
N VAL A 130 -3.70 -59.22 -21.33
CA VAL A 130 -3.16 -59.00 -22.66
C VAL A 130 -1.65 -58.80 -22.62
N ASP A 131 -1.15 -57.99 -21.70
CA ASP A 131 0.28 -57.88 -21.54
C ASP A 131 0.62 -58.83 -20.44
N ASN A 132 1.84 -59.36 -20.42
CA ASN A 132 2.20 -60.35 -19.43
C ASN A 132 3.51 -60.01 -18.76
N THR A 133 3.90 -58.76 -18.84
CA THR A 133 5.11 -58.27 -18.19
C THR A 133 4.92 -56.94 -17.48
N GLN A 134 3.69 -56.46 -17.31
CA GLN A 134 3.46 -55.21 -16.59
C GLN A 134 3.87 -55.36 -15.14
N HIS A 135 4.83 -54.55 -14.70
CA HIS A 135 5.28 -54.59 -13.33
C HIS A 135 4.14 -54.20 -12.39
N ILE A 136 3.94 -55.00 -11.34
CA ILE A 136 2.86 -54.77 -10.40
C ILE A 136 3.40 -54.77 -8.98
N ALA A 137 4.54 -55.43 -8.77
CA ALA A 137 5.13 -55.51 -7.44
C ALA A 137 6.58 -55.97 -7.56
N SER A 138 7.41 -55.49 -6.63
CA SER A 138 8.81 -55.89 -6.53
C SER A 138 9.08 -56.39 -5.13
N LEU A 139 9.72 -57.56 -5.03
CA LEU A 139 9.97 -58.22 -3.76
C LEU A 139 11.45 -58.48 -3.58
N THR A 140 11.94 -58.29 -2.35
CA THR A 140 13.35 -58.46 -2.02
C THR A 140 13.61 -59.54 -0.99
N GLU A 141 12.80 -59.62 0.06
CA GLU A 141 12.97 -60.59 1.13
C GLU A 141 11.83 -61.60 1.13
N PRO A 142 12.02 -62.77 1.73
CA PRO A 142 10.94 -63.77 1.75
C PRO A 142 9.80 -63.41 2.68
N ILE A 143 8.70 -62.93 2.11
CA ILE A 143 7.44 -62.75 2.83
C ILE A 143 6.32 -63.25 1.92
N ASP A 144 5.42 -64.05 2.48
CA ASP A 144 4.26 -64.51 1.72
C ASP A 144 3.33 -63.33 1.44
N LEU A 145 3.07 -63.07 0.16
CA LEU A 145 2.28 -61.92 -0.26
C LEU A 145 0.99 -62.42 -0.88
N CYS A 146 -0.14 -62.05 -0.27
CA CYS A 146 -1.46 -62.47 -0.73
C CYS A 146 -2.35 -61.23 -0.87
N ILE A 147 -2.90 -61.02 -2.05
CA ILE A 147 -3.78 -59.88 -2.32
C ILE A 147 -4.97 -60.34 -3.14
N GLY A 148 -6.17 -59.93 -2.74
CA GLY A 148 -7.38 -60.21 -3.49
C GLY A 148 -7.80 -58.99 -4.29
N LEU A 149 -8.40 -59.24 -5.45
CA LEU A 149 -8.81 -58.20 -6.38
C LEU A 149 -10.22 -58.46 -6.89
N GLN A 150 -10.88 -57.38 -7.29
CA GLN A 150 -12.20 -57.44 -7.88
C GLN A 150 -12.14 -56.86 -9.29
N LEU A 151 -12.82 -57.48 -10.23
CA LEU A 151 -12.82 -57.05 -11.62
C LEU A 151 -14.23 -56.68 -12.03
N GLU A 152 -14.35 -55.59 -12.79
CA GLU A 152 -15.67 -55.08 -13.19
C GLU A 152 -15.61 -54.63 -14.64
N ARG A 153 -16.77 -54.68 -15.29
CA ARG A 153 -16.93 -54.22 -16.66
C ARG A 153 -18.02 -53.14 -16.68
N ASN A 154 -17.61 -51.88 -16.81
CA ASN A 154 -18.54 -50.76 -16.90
C ASN A 154 -18.25 -49.95 -18.16
N ARG A 155 -18.90 -48.80 -18.30
CA ARG A 155 -18.66 -47.89 -19.41
C ARG A 155 -18.23 -46.54 -18.86
N GLY A 156 -17.18 -45.97 -19.44
CA GLY A 156 -16.74 -44.66 -19.04
C GLY A 156 -16.08 -44.66 -17.67
N TYR A 157 -15.78 -43.44 -17.20
CA TYR A 157 -15.14 -43.29 -15.90
C TYR A 157 -16.16 -43.34 -14.79
N HIS A 158 -15.90 -44.17 -13.78
CA HIS A 158 -16.78 -44.33 -12.63
C HIS A 158 -15.97 -44.20 -11.36
N ILE A 159 -16.55 -43.55 -10.35
CA ILE A 159 -15.90 -43.30 -9.07
C ILE A 159 -16.68 -44.03 -7.99
N LYS A 160 -15.95 -44.71 -7.11
CA LYS A 160 -16.55 -45.57 -6.09
C LYS A 160 -16.22 -45.07 -4.69
N ALA A 161 -17.08 -45.41 -3.75
CA ALA A 161 -16.94 -45.01 -2.36
C ALA A 161 -15.94 -45.91 -1.63
N PRO A 162 -15.35 -45.41 -0.53
CA PRO A 162 -14.38 -46.22 0.22
C PRO A 162 -15.03 -47.21 1.17
N ASN A 163 -16.32 -47.50 0.98
CA ASN A 163 -17.03 -48.41 1.88
C ASN A 163 -16.50 -49.84 1.75
N ASN A 164 -17.09 -50.75 2.52
CA ASN A 164 -16.68 -52.16 2.57
C ASN A 164 -15.23 -52.28 3.02
N PHE A 165 -15.00 -51.88 4.28
CA PHE A 165 -13.65 -51.77 4.80
C PHE A 165 -12.96 -53.13 4.88
N GLN A 166 -13.53 -54.05 5.65
CA GLN A 166 -12.87 -55.32 6.01
C GLN A 166 -11.55 -54.96 6.71
N ASP A 167 -10.54 -55.84 6.63
CA ASP A 167 -9.20 -55.46 7.06
C ASP A 167 -8.70 -54.30 6.22
N GLY A 168 -8.79 -54.42 4.90
CA GLY A 168 -8.61 -53.30 4.00
C GLY A 168 -9.03 -53.68 2.61
N SER A 169 -9.92 -52.89 2.01
CA SER A 169 -10.40 -53.11 0.65
C SER A 169 -10.33 -51.76 -0.06
N PHE A 170 -9.17 -51.45 -0.60
CA PHE A 170 -8.96 -50.15 -1.21
C PHE A 170 -9.59 -50.11 -2.59
N PRO A 171 -10.53 -49.20 -2.85
CA PRO A 171 -11.13 -49.12 -4.19
C PRO A 171 -10.34 -48.20 -5.11
N ILE A 172 -9.93 -48.73 -6.26
CA ILE A 172 -9.22 -47.95 -7.26
C ILE A 172 -10.24 -47.46 -8.28
N ASP A 173 -10.28 -46.15 -8.50
CA ASP A 173 -11.22 -45.55 -9.44
C ASP A 173 -10.72 -45.83 -10.85
N ALA A 174 -10.93 -47.08 -11.28
CA ALA A 174 -10.41 -47.52 -12.57
C ALA A 174 -11.13 -46.79 -13.72
N LEU A 175 -10.36 -46.44 -14.73
CA LEU A 175 -10.90 -45.79 -15.93
C LEU A 175 -11.18 -46.85 -16.98
N PHE A 176 -12.40 -46.85 -17.51
CA PHE A 176 -12.84 -47.86 -18.46
C PHE A 176 -12.63 -47.33 -19.89
N MET A 177 -11.35 -47.21 -20.26
CA MET A 177 -10.94 -46.62 -21.53
C MET A 177 -10.20 -47.65 -22.36
N PRO A 178 -10.89 -48.35 -23.26
CA PRO A 178 -10.17 -49.30 -24.15
C PRO A 178 -9.61 -48.65 -25.39
N VAL A 179 -10.12 -47.49 -25.80
CA VAL A 179 -9.64 -46.79 -27.00
C VAL A 179 -8.82 -45.61 -26.52
N ARG A 180 -7.52 -45.62 -26.85
CA ARG A 180 -6.63 -44.56 -26.39
C ARG A 180 -6.85 -43.26 -27.16
N ASN A 181 -7.02 -43.34 -28.47
CA ASN A 181 -7.16 -42.12 -29.26
C ASN A 181 -7.90 -42.40 -30.56
N VAL A 182 -8.47 -41.35 -31.13
CA VAL A 182 -9.23 -41.44 -32.37
C VAL A 182 -9.00 -40.17 -33.19
N ASN A 183 -8.86 -40.32 -34.49
CA ASN A 183 -8.69 -39.21 -35.42
C ASN A 183 -9.38 -39.56 -36.73
N HIS A 184 -9.68 -38.53 -37.51
CA HIS A 184 -10.33 -38.74 -38.80
C HIS A 184 -10.00 -37.58 -39.73
N SER A 185 -10.28 -37.79 -41.01
CA SER A 185 -10.03 -36.78 -42.03
C SER A 185 -11.00 -36.98 -43.19
N ILE A 186 -11.36 -35.89 -43.84
CA ILE A 186 -12.31 -35.91 -44.95
C ILE A 186 -11.65 -35.21 -46.12
N HIS A 187 -11.22 -35.99 -47.11
CA HIS A 187 -10.50 -35.46 -48.27
C HIS A 187 -11.47 -35.20 -49.41
N SER A 188 -10.93 -34.91 -50.59
CA SER A 188 -11.73 -34.64 -51.77
C SER A 188 -11.44 -35.69 -52.84
N TYR A 189 -12.45 -35.99 -53.65
CA TYR A 189 -12.36 -37.03 -54.66
C TYR A 189 -12.23 -36.49 -56.08
N GLY A 190 -12.66 -35.26 -56.33
CA GLY A 190 -12.56 -34.70 -57.68
C GLY A 190 -13.34 -35.47 -58.72
N ASN A 191 -14.56 -35.87 -58.39
CA ASN A 191 -15.38 -36.66 -59.31
C ASN A 191 -16.14 -35.76 -60.28
N GLY A 192 -15.44 -34.86 -60.95
CA GLY A 192 -16.08 -33.98 -61.92
C GLY A 192 -17.15 -33.14 -61.27
N ASN A 193 -18.34 -33.12 -61.89
CA ASN A 193 -19.45 -32.33 -61.37
C ASN A 193 -19.90 -32.84 -60.01
N GLU A 194 -20.02 -34.16 -59.85
CA GLU A 194 -20.44 -34.73 -58.58
C GLU A 194 -19.33 -34.58 -57.55
N LYS A 195 -19.68 -34.09 -56.36
CA LYS A 195 -18.72 -33.84 -55.29
C LYS A 195 -18.71 -35.04 -54.35
N GLN A 196 -17.65 -35.85 -54.43
CA GLN A 196 -17.44 -36.97 -53.53
C GLN A 196 -16.29 -36.65 -52.59
N GLU A 197 -16.09 -37.53 -51.62
CA GLU A 197 -15.06 -37.30 -50.61
C GLU A 197 -14.60 -38.62 -50.03
N ILE A 198 -13.32 -38.68 -49.66
CA ILE A 198 -12.70 -39.86 -49.10
C ILE A 198 -12.51 -39.63 -47.61
N LEU A 199 -13.01 -40.57 -46.80
CA LEU A 199 -12.94 -40.46 -45.35
C LEU A 199 -11.91 -41.43 -44.81
N PHE A 200 -10.99 -40.92 -43.99
CA PHE A 200 -9.98 -41.73 -43.32
C PHE A 200 -10.25 -41.72 -41.83
N LEU A 201 -10.19 -42.91 -41.22
CA LEU A 201 -10.33 -43.07 -39.78
C LEU A 201 -9.02 -43.60 -39.20
N GLU A 202 -8.81 -43.34 -37.91
CA GLU A 202 -7.54 -43.66 -37.27
C GLU A 202 -7.82 -43.96 -35.81
N ILE A 203 -7.55 -45.19 -35.37
CA ILE A 203 -7.90 -45.64 -34.02
C ILE A 203 -6.66 -46.19 -33.34
N TRP A 204 -6.38 -45.72 -32.13
CA TRP A 204 -5.36 -46.27 -31.24
C TRP A 204 -6.05 -46.88 -30.03
N THR A 205 -5.87 -48.19 -29.85
CA THR A 205 -6.42 -48.91 -28.71
C THR A 205 -5.29 -49.43 -27.82
N ASN A 206 -5.66 -49.90 -26.63
CA ASN A 206 -4.70 -50.27 -25.60
C ASN A 206 -4.50 -51.79 -25.49
N GLY A 207 -4.96 -52.54 -26.49
CA GLY A 207 -4.78 -53.97 -26.50
C GLY A 207 -5.92 -54.77 -25.90
N SER A 208 -6.80 -54.12 -25.12
CA SER A 208 -8.00 -54.80 -24.65
C SER A 208 -8.87 -55.21 -25.83
N LEU A 209 -9.02 -54.34 -26.81
CA LEU A 209 -9.64 -54.65 -28.09
C LEU A 209 -8.60 -54.46 -29.19
N THR A 210 -9.05 -54.60 -30.43
CA THR A 210 -8.24 -54.32 -31.60
C THR A 210 -9.05 -53.52 -32.60
N PRO A 211 -8.39 -52.73 -33.45
CA PRO A 211 -9.12 -52.10 -34.56
C PRO A 211 -9.77 -53.15 -35.44
N LYS A 212 -10.90 -52.78 -36.03
CA LYS A 212 -11.90 -53.61 -36.69
C LYS A 212 -12.77 -54.34 -35.67
N GLU A 213 -12.48 -54.25 -34.38
CA GLU A 213 -13.37 -54.71 -33.32
C GLU A 213 -13.90 -53.55 -32.50
N ALA A 214 -13.02 -52.62 -32.11
CA ALA A 214 -13.48 -51.38 -31.49
C ALA A 214 -14.38 -50.60 -32.44
N LEU A 215 -14.05 -50.62 -33.74
CA LEU A 215 -14.92 -49.99 -34.72
C LEU A 215 -16.28 -50.69 -34.78
N TYR A 216 -16.28 -52.03 -34.72
CA TYR A 216 -17.52 -52.79 -34.75
C TYR A 216 -18.40 -52.46 -33.55
N GLU A 217 -17.83 -52.52 -32.34
CA GLU A 217 -18.58 -52.25 -31.13
C GLU A 217 -19.05 -50.80 -31.10
N ALA A 218 -18.21 -49.87 -31.56
CA ALA A 218 -18.59 -48.47 -31.58
C ALA A 218 -19.72 -48.18 -32.57
N SER A 219 -19.72 -48.83 -33.73
CA SER A 219 -20.84 -48.69 -34.64
C SER A 219 -22.11 -49.28 -34.04
N ARG A 220 -22.00 -50.43 -33.39
CA ARG A 220 -23.19 -51.10 -32.88
C ARG A 220 -23.79 -50.37 -31.69
N ASN A 221 -22.97 -49.78 -30.83
CA ASN A 221 -23.50 -48.98 -29.73
C ASN A 221 -24.24 -47.75 -30.25
N LEU A 222 -23.72 -47.14 -31.31
CA LEU A 222 -24.40 -45.99 -31.88
C LEU A 222 -25.74 -46.40 -32.49
N ILE A 223 -25.77 -47.53 -33.21
CA ILE A 223 -27.02 -47.94 -33.84
C ILE A 223 -28.00 -48.44 -32.77
N ASP A 224 -27.49 -48.92 -31.64
CA ASP A 224 -28.30 -48.98 -30.43
C ASP A 224 -28.96 -47.64 -30.16
N LEU A 225 -28.14 -46.60 -29.97
CA LEU A 225 -28.66 -45.36 -29.42
C LEU A 225 -29.68 -44.70 -30.35
N LEU A 226 -29.44 -44.72 -31.65
CA LEU A 226 -30.32 -44.03 -32.59
C LEU A 226 -31.67 -44.71 -32.76
N ILE A 227 -31.91 -45.84 -32.10
CA ILE A 227 -32.97 -46.74 -32.53
C ILE A 227 -34.39 -46.38 -32.06
N PRO A 228 -34.62 -45.89 -30.83
CA PRO A 228 -36.02 -45.75 -30.36
C PRO A 228 -36.94 -45.09 -31.36
N PHE A 229 -36.43 -44.14 -32.15
CA PHE A 229 -37.25 -43.36 -33.08
C PHE A 229 -37.91 -44.22 -34.13
N LEU A 230 -37.30 -45.34 -34.52
CA LEU A 230 -37.90 -46.18 -35.56
C LEU A 230 -39.24 -46.75 -35.11
N HIS A 231 -39.34 -47.14 -33.84
CA HIS A 231 -40.63 -47.56 -33.31
C HIS A 231 -41.59 -46.38 -33.24
N ALA A 232 -42.87 -46.66 -33.43
CA ALA A 232 -43.91 -45.66 -33.26
C ALA A 232 -44.22 -45.51 -31.77
N GLU A 233 -45.26 -44.75 -31.46
CA GLU A 233 -45.66 -44.56 -30.06
C GLU A 233 -47.14 -44.19 -29.96
N MET B 1 38.10 -15.78 9.08
CA MET B 1 38.34 -16.95 8.24
C MET B 1 37.64 -16.81 6.89
N LEU B 2 38.12 -17.53 5.89
CA LEU B 2 37.53 -17.47 4.57
C LEU B 2 37.62 -18.84 3.90
N ARG B 3 36.53 -19.23 3.24
CA ARG B 3 36.50 -20.44 2.44
C ARG B 3 37.08 -20.15 1.06
N ASP B 4 36.83 -21.03 0.09
CA ASP B 4 37.24 -20.77 -1.29
C ASP B 4 36.69 -19.42 -1.74
N GLY B 5 37.59 -18.47 -1.99
CA GLY B 5 37.17 -17.10 -2.26
C GLY B 5 36.34 -16.96 -3.51
N ASN B 6 36.60 -17.78 -4.52
CA ASN B 6 35.89 -17.68 -5.79
C ASN B 6 34.55 -18.39 -5.72
N GLU B 7 33.75 -18.06 -4.72
CA GLU B 7 32.37 -18.55 -4.61
C GLU B 7 31.45 -17.35 -4.79
N GLY B 8 30.54 -17.46 -5.76
CA GLY B 8 29.79 -16.32 -6.22
C GLY B 8 30.47 -15.52 -7.30
N MET B 9 31.76 -15.77 -7.55
CA MET B 9 32.50 -15.15 -8.64
C MET B 9 32.72 -16.10 -9.81
N SER B 10 32.48 -17.39 -9.62
CA SER B 10 32.55 -18.36 -10.71
C SER B 10 31.34 -19.27 -10.79
N THR B 11 30.54 -19.39 -9.73
CA THR B 11 29.32 -20.18 -9.72
C THR B 11 28.28 -19.45 -8.89
N ILE B 12 27.02 -19.83 -9.07
CA ILE B 12 25.95 -19.28 -8.25
C ILE B 12 26.11 -19.84 -6.84
N PRO B 13 26.29 -19.01 -5.82
CA PRO B 13 26.50 -19.52 -4.47
C PRO B 13 25.24 -20.13 -3.91
N GLY B 14 25.44 -21.04 -2.95
CA GLY B 14 24.29 -21.69 -2.33
C GLY B 14 23.41 -20.69 -1.61
N PHE B 15 22.11 -20.92 -1.66
CA PHE B 15 21.16 -20.01 -1.03
C PHE B 15 21.03 -20.32 0.45
N ASN B 16 22.17 -20.44 1.13
CA ASN B 16 22.24 -20.66 2.56
C ASN B 16 23.36 -19.89 3.24
N GLN B 17 24.30 -19.31 2.48
CA GLN B 17 25.51 -18.76 3.07
C GLN B 17 25.23 -17.62 4.04
N ILE B 18 24.10 -16.93 3.91
CA ILE B 18 23.77 -15.86 4.85
C ILE B 18 23.64 -16.43 6.25
N GLN B 19 22.66 -17.33 6.46
CA GLN B 19 22.42 -17.87 7.79
C GLN B 19 23.58 -18.73 8.27
N PHE B 20 24.14 -19.58 7.38
CA PHE B 20 25.23 -20.45 7.77
C PHE B 20 26.46 -19.65 8.18
N GLU B 21 26.86 -18.68 7.37
CA GLU B 21 28.02 -17.85 7.69
C GLU B 21 27.76 -17.01 8.93
N GLY B 22 26.54 -16.50 9.10
CA GLY B 22 26.23 -15.75 10.30
C GLY B 22 26.37 -16.57 11.56
N PHE B 23 25.83 -17.79 11.55
CA PHE B 23 25.93 -18.64 12.73
C PHE B 23 27.38 -19.04 13.00
N TRP B 24 28.14 -19.36 11.94
CA TRP B 24 29.53 -19.73 12.17
C TRP B 24 30.34 -18.56 12.71
N ARG B 25 30.10 -17.36 12.19
CA ARG B 25 30.78 -16.18 12.71
C ARG B 25 30.40 -15.94 14.16
N PHE B 26 29.12 -16.11 14.50
CA PHE B 26 28.70 -15.96 15.88
C PHE B 26 29.45 -16.95 16.78
N ILE B 27 29.42 -18.23 16.43
CA ILE B 27 30.05 -19.25 17.26
C ILE B 27 31.54 -18.99 17.39
N ASP B 28 32.17 -18.51 16.31
CA ASP B 28 33.63 -18.33 16.33
C ASP B 28 34.05 -17.09 17.11
N GLN B 29 33.29 -16.01 17.05
CA GLN B 29 33.82 -14.77 17.61
C GLN B 29 32.90 -14.11 18.64
N GLY B 30 31.58 -14.18 18.45
CA GLY B 30 30.69 -13.50 19.37
C GLY B 30 30.72 -14.08 20.77
N LEU B 31 30.89 -15.39 20.89
CA LEU B 31 31.02 -16.00 22.21
C LEU B 31 32.23 -15.43 22.95
N THR B 32 33.37 -15.33 22.26
CA THR B 32 34.56 -14.76 22.88
C THR B 32 34.35 -13.29 23.22
N GLU B 33 33.76 -12.52 22.31
CA GLU B 33 33.62 -11.08 22.52
C GLU B 33 32.49 -10.73 23.47
N GLU B 34 31.65 -11.69 23.84
CA GLU B 34 30.63 -11.49 24.86
C GLU B 34 31.04 -12.02 26.23
N LEU B 35 31.79 -13.13 26.26
CA LEU B 35 32.30 -13.63 27.53
C LEU B 35 33.29 -12.67 28.17
N SER B 36 34.09 -11.97 27.34
CA SER B 36 35.02 -10.99 27.87
C SER B 36 34.29 -9.82 28.52
N LYS B 37 33.11 -9.46 28.01
CA LYS B 37 32.33 -8.38 28.60
C LYS B 37 31.73 -8.76 29.95
N PHE B 38 31.76 -10.04 30.32
CA PHE B 38 31.28 -10.43 31.63
C PHE B 38 32.19 -9.84 32.70
N PRO B 39 31.65 -9.19 33.73
CA PRO B 39 32.48 -8.47 34.67
C PRO B 39 33.15 -9.41 35.67
N LYS B 40 33.89 -8.81 36.59
CA LYS B 40 34.53 -9.52 37.71
C LYS B 40 33.75 -9.30 39.00
N MET B 41 32.42 -9.36 38.92
CA MET B 41 31.52 -9.07 40.02
C MET B 41 31.87 -9.83 41.30
N GLU B 42 31.50 -9.27 42.45
CA GLU B 42 31.96 -9.75 43.74
C GLU B 42 31.08 -9.12 44.82
N ASP B 43 31.45 -9.30 46.08
CA ASP B 43 30.69 -8.80 47.21
C ASP B 43 31.36 -7.57 47.81
N THR B 44 30.55 -6.70 48.43
CA THR B 44 31.08 -5.48 49.03
C THR B 44 31.81 -5.73 50.33
N ASP B 45 31.75 -6.96 50.86
CA ASP B 45 32.37 -7.28 52.14
C ASP B 45 33.86 -7.59 52.01
N GLN B 46 34.40 -7.59 50.78
CA GLN B 46 35.78 -7.98 50.52
C GLN B 46 36.04 -9.41 51.00
N GLU B 47 35.06 -10.29 50.76
CA GLU B 47 35.11 -11.66 51.25
C GLU B 47 35.00 -12.72 50.16
N ILE B 48 34.34 -12.45 49.03
CA ILE B 48 34.17 -13.41 47.96
C ILE B 48 34.60 -12.75 46.65
N GLU B 49 34.81 -13.59 45.64
CA GLU B 49 35.17 -13.09 44.31
C GLU B 49 34.80 -14.15 43.27
N PHE B 50 34.24 -13.68 42.16
CA PHE B 50 33.84 -14.56 41.07
C PHE B 50 34.59 -14.17 39.80
N GLN B 51 35.09 -15.18 39.09
CA GLN B 51 35.85 -14.96 37.87
C GLN B 51 35.37 -15.93 36.81
N LEU B 52 35.40 -15.48 35.55
CA LEU B 52 35.03 -16.29 34.39
C LEU B 52 36.18 -16.24 33.40
N PHE B 53 37.02 -17.28 33.41
CA PHE B 53 38.10 -17.36 32.44
C PHE B 53 37.52 -17.42 31.04
N VAL B 54 38.06 -16.58 30.15
CA VAL B 54 37.46 -16.39 28.83
C VAL B 54 37.98 -17.40 27.82
N GLU B 55 39.30 -17.57 27.72
CA GLU B 55 39.86 -18.44 26.69
C GLU B 55 39.85 -19.90 27.12
N THR B 56 38.71 -20.37 27.64
CA THR B 56 38.55 -21.78 27.98
C THR B 56 37.21 -22.35 27.53
N TYR B 57 36.35 -21.56 26.88
CA TYR B 57 35.00 -22.00 26.60
C TYR B 57 34.99 -23.07 25.51
N GLN B 58 33.99 -23.95 25.59
CA GLN B 58 33.75 -24.94 24.54
C GLN B 58 32.30 -25.41 24.66
N LEU B 59 31.81 -26.00 23.58
CA LEU B 59 30.45 -26.53 23.53
C LEU B 59 30.48 -28.05 23.63
N ALA B 60 29.31 -28.63 23.88
CA ALA B 60 29.16 -30.06 24.04
C ALA B 60 28.26 -30.62 22.95
N GLU B 61 28.49 -31.88 22.60
CA GLU B 61 27.64 -32.54 21.62
C GLU B 61 26.21 -32.62 22.17
N PRO B 62 25.20 -32.31 21.36
CA PRO B 62 23.82 -32.33 21.86
C PRO B 62 23.42 -33.72 22.34
N LEU B 63 22.64 -33.75 23.42
CA LEU B 63 22.21 -35.03 23.98
C LEU B 63 21.15 -35.67 23.11
N ILE B 64 20.07 -34.96 22.83
CA ILE B 64 18.99 -35.45 21.99
C ILE B 64 19.36 -35.27 20.53
N LYS B 65 18.61 -35.91 19.64
CA LYS B 65 18.80 -35.77 18.21
C LYS B 65 17.69 -34.89 17.63
N GLU B 66 17.95 -34.38 16.41
CA GLU B 66 16.98 -33.49 15.77
C GLU B 66 15.65 -34.20 15.51
N LYS B 67 15.71 -35.45 15.07
CA LYS B 67 14.49 -36.23 14.89
C LYS B 67 13.74 -36.37 16.21
N ASP B 68 14.48 -36.66 17.29
CA ASP B 68 13.83 -36.73 18.60
C ASP B 68 13.50 -35.34 19.14
N ALA B 69 14.24 -34.32 18.73
CA ALA B 69 13.91 -32.96 19.14
C ALA B 69 12.55 -32.54 18.61
N VAL B 70 12.25 -32.87 17.35
CA VAL B 70 10.92 -32.57 16.81
C VAL B 70 9.91 -33.66 17.19
N TYR B 71 10.38 -34.83 17.61
CA TYR B 71 9.50 -35.93 17.97
C TYR B 71 8.86 -35.73 19.34
N GLU B 72 9.58 -35.11 20.28
CA GLU B 72 9.08 -34.89 21.62
C GLU B 72 8.90 -33.41 21.94
N SER B 73 8.87 -32.55 20.91
CA SER B 73 8.69 -31.11 21.08
C SER B 73 9.76 -30.51 22.00
N LEU B 74 10.99 -31.00 21.86
CA LEU B 74 12.11 -30.50 22.65
C LEU B 74 12.81 -29.37 21.90
N THR B 75 13.97 -28.96 22.39
CA THR B 75 14.73 -27.86 21.78
C THR B 75 16.13 -28.37 21.49
N TYR B 76 16.44 -28.55 20.21
CA TYR B 76 17.76 -28.98 19.78
C TYR B 76 18.80 -27.92 20.15
N SER B 77 19.69 -28.25 21.08
CA SER B 77 20.65 -27.28 21.59
C SER B 77 21.87 -28.01 22.13
N SER B 78 22.93 -27.24 22.34
CA SER B 78 24.19 -27.73 22.87
C SER B 78 24.53 -26.99 24.16
N GLU B 79 25.12 -27.71 25.10
CA GLU B 79 25.48 -27.13 26.39
C GLU B 79 26.82 -26.40 26.28
N LEU B 80 26.86 -25.20 26.87
CA LEU B 80 28.05 -24.37 26.86
C LEU B 80 28.79 -24.55 28.18
N TYR B 81 30.04 -25.02 28.10
CA TYR B 81 30.87 -25.25 29.27
C TYR B 81 32.04 -24.28 29.26
N VAL B 82 32.22 -23.55 30.36
CA VAL B 82 33.35 -22.64 30.54
C VAL B 82 34.06 -23.01 31.84
N SER B 83 35.38 -23.08 31.79
CA SER B 83 36.18 -23.44 32.95
C SER B 83 36.51 -22.17 33.74
N ALA B 84 36.04 -22.10 34.98
CA ALA B 84 36.29 -20.95 35.84
C ALA B 84 35.95 -21.32 37.27
N GLY B 85 36.82 -20.90 38.20
CA GLY B 85 36.64 -21.18 39.60
C GLY B 85 36.05 -20.01 40.38
N LEU B 86 35.86 -20.24 41.67
CA LEU B 86 35.35 -19.24 42.60
C LEU B 86 36.40 -18.99 43.67
N ILE B 87 36.64 -17.72 43.98
CA ILE B 87 37.66 -17.32 44.95
C ILE B 87 36.97 -16.93 46.24
N TRP B 88 37.40 -17.51 47.36
CA TRP B 88 36.92 -17.14 48.67
C TRP B 88 38.04 -16.41 49.41
N LYS B 89 37.77 -15.19 49.83
CA LYS B 89 38.68 -14.39 50.64
C LYS B 89 38.40 -14.60 52.13
N THR B 90 38.27 -15.85 52.52
CA THR B 90 38.14 -16.27 53.91
C THR B 90 39.30 -17.14 54.35
N ARG B 91 39.76 -18.02 53.47
CA ARG B 91 41.04 -18.71 53.64
C ARG B 91 41.95 -18.46 52.44
N ARG B 92 41.62 -17.47 51.62
CA ARG B 92 42.36 -17.14 50.40
C ARG B 92 42.50 -18.36 49.51
N GLU B 93 41.35 -18.87 49.06
CA GLU B 93 41.31 -20.07 48.25
C GLU B 93 40.62 -19.79 46.93
N MET B 94 40.88 -20.64 45.94
CA MET B 94 40.24 -20.54 44.63
C MET B 94 39.95 -21.95 44.15
N GLN B 95 38.67 -22.34 44.17
CA GLN B 95 38.26 -23.65 43.70
C GLN B 95 37.97 -23.57 42.20
N GLU B 96 38.80 -24.23 41.40
CA GLU B 96 38.71 -24.17 39.95
C GLU B 96 37.99 -25.40 39.42
N GLN B 97 36.97 -25.17 38.61
CA GLN B 97 36.21 -26.25 38.01
C GLN B 97 35.52 -25.73 36.76
N THR B 98 35.08 -26.66 35.92
CA THR B 98 34.35 -26.34 34.70
C THR B 98 32.86 -26.40 34.97
N ILE B 99 32.15 -25.31 34.64
CA ILE B 99 30.74 -25.18 34.94
C ILE B 99 29.94 -25.21 33.64
N LEU B 100 28.64 -25.43 33.78
CA LEU B 100 27.70 -25.41 32.67
C LEU B 100 26.91 -24.11 32.75
N ILE B 101 27.21 -23.18 31.84
CA ILE B 101 26.54 -21.88 31.87
C ILE B 101 25.08 -22.03 31.42
N GLY B 102 24.84 -22.81 30.38
CA GLY B 102 23.49 -22.97 29.88
C GLY B 102 23.48 -23.73 28.56
N ASN B 103 22.41 -23.53 27.80
CA ASN B 103 22.21 -24.21 26.53
C ASN B 103 21.99 -23.18 25.43
N ILE B 104 22.53 -23.46 24.25
CA ILE B 104 22.42 -22.58 23.08
C ILE B 104 21.88 -23.41 21.93
N PRO B 105 20.84 -22.95 21.24
CA PRO B 105 20.30 -23.71 20.10
C PRO B 105 21.28 -23.76 18.94
N LEU B 106 21.11 -24.78 18.11
CA LEU B 106 21.98 -25.03 16.97
C LEU B 106 21.16 -25.09 15.68
N MET B 107 21.77 -24.65 14.58
CA MET B 107 21.13 -24.74 13.28
C MET B 107 21.34 -26.12 12.66
N ASN B 108 20.37 -26.52 11.85
CA ASN B 108 20.43 -27.74 11.07
C ASN B 108 20.95 -27.43 9.67
N SER B 109 20.86 -28.42 8.78
CA SER B 109 21.32 -28.23 7.40
C SER B 109 20.44 -27.25 6.63
N LEU B 110 19.24 -26.93 7.12
CA LEU B 110 18.34 -26.02 6.45
C LEU B 110 18.58 -24.56 6.82
N GLY B 111 19.42 -24.29 7.82
CA GLY B 111 19.60 -22.94 8.30
C GLY B 111 18.59 -22.50 9.34
N THR B 112 17.89 -23.43 9.98
CA THR B 112 16.83 -23.12 10.93
C THR B 112 17.17 -23.69 12.30
N PHE B 113 16.44 -23.21 13.30
CA PHE B 113 16.56 -23.69 14.68
C PHE B 113 15.32 -24.48 15.05
N ILE B 114 15.50 -25.56 15.79
CA ILE B 114 14.40 -26.37 16.29
C ILE B 114 14.17 -25.95 17.74
N VAL B 115 13.14 -25.14 17.97
CA VAL B 115 12.79 -24.66 19.30
C VAL B 115 11.40 -25.18 19.63
N ASN B 116 11.30 -25.94 20.73
CA ASN B 116 10.03 -26.51 21.19
C ASN B 116 9.33 -27.29 20.07
N GLY B 117 10.12 -28.07 19.33
CA GLY B 117 9.58 -28.84 18.23
C GLY B 117 9.06 -28.03 17.07
N ILE B 118 9.53 -26.79 16.92
CA ILE B 118 9.08 -25.91 15.85
C ILE B 118 10.30 -25.40 15.11
N TYR B 119 10.25 -25.45 13.78
CA TYR B 119 11.32 -24.89 12.95
C TYR B 119 11.14 -23.37 12.87
N ARG B 120 12.20 -22.64 13.19
CA ARG B 120 12.17 -21.18 13.18
C ARG B 120 13.40 -20.65 12.45
N ILE B 121 13.23 -19.52 11.77
CA ILE B 121 14.29 -18.89 11.02
C ILE B 121 14.38 -17.43 11.42
N VAL B 122 15.57 -16.85 11.21
CA VAL B 122 15.87 -15.48 11.60
C VAL B 122 15.92 -14.63 10.34
N ILE B 123 15.16 -13.53 10.34
CA ILE B 123 15.05 -12.65 9.18
C ILE B 123 16.04 -11.51 9.35
N ASN B 124 16.80 -11.23 8.30
CA ASN B 124 17.75 -10.13 8.33
C ASN B 124 17.02 -8.79 8.36
N GLN B 125 17.70 -7.78 8.89
CA GLN B 125 17.13 -6.45 9.05
C GLN B 125 18.08 -5.42 8.48
N ILE B 126 17.50 -4.31 7.99
CA ILE B 126 18.28 -3.21 7.44
C ILE B 126 18.07 -2.00 8.34
N LEU B 127 19.17 -1.42 8.83
CA LEU B 127 19.10 -0.27 9.73
C LEU B 127 20.07 0.80 9.28
N GLN B 128 19.70 2.06 9.51
CA GLN B 128 20.59 3.17 9.21
C GLN B 128 21.88 3.04 10.01
N SER B 129 23.01 3.10 9.32
CA SER B 129 24.29 2.92 9.97
C SER B 129 24.69 4.18 10.73
N PRO B 130 25.51 4.03 11.79
CA PRO B 130 25.98 5.22 12.50
C PRO B 130 26.87 6.08 11.62
N GLY B 131 26.81 7.38 11.84
CA GLY B 131 27.57 8.32 11.06
C GLY B 131 26.89 9.67 11.05
N ILE B 132 27.39 10.56 10.19
CA ILE B 132 26.92 11.93 10.10
C ILE B 132 26.14 12.09 8.80
N TYR B 133 24.96 12.72 8.90
CA TYR B 133 24.09 12.92 7.75
C TYR B 133 23.59 14.36 7.76
N TYR B 134 23.78 15.06 6.65
CA TYR B 134 23.32 16.43 6.48
C TYR B 134 21.97 16.44 5.76
N ARG B 135 21.13 17.38 6.15
CA ARG B 135 19.76 17.42 5.66
C ARG B 135 19.28 18.87 5.56
N SER B 136 18.16 19.04 4.85
CA SER B 136 17.51 20.35 4.75
C SER B 136 16.07 20.12 4.35
N GLU B 137 15.13 20.46 5.23
CA GLU B 137 13.71 20.22 5.00
C GLU B 137 12.91 21.51 4.83
N LEU B 138 13.58 22.63 4.60
CA LEU B 138 12.93 23.92 4.31
C LEU B 138 12.04 24.38 5.45
N ASP B 139 11.25 25.43 5.20
CA ASP B 139 10.37 26.00 6.21
C ASP B 139 9.20 26.67 5.50
N HIS B 140 8.11 26.89 6.25
CA HIS B 140 6.95 27.56 5.68
C HIS B 140 7.27 29.02 5.34
N ASN B 141 8.14 29.66 6.12
CA ASN B 141 8.55 31.02 5.81
C ASN B 141 9.46 31.09 4.59
N GLY B 142 10.07 29.97 4.19
CA GLY B 142 11.04 29.96 3.12
C GLY B 142 12.45 30.01 3.67
N ILE B 143 12.70 29.25 4.74
CA ILE B 143 13.97 29.27 5.45
C ILE B 143 14.62 27.91 5.29
N SER B 144 15.91 27.91 4.94
CA SER B 144 16.68 26.69 4.79
C SER B 144 17.25 26.28 6.14
N VAL B 145 16.98 25.04 6.55
CA VAL B 145 17.41 24.51 7.83
C VAL B 145 18.48 23.45 7.54
N TYR B 146 19.74 23.79 7.79
CA TYR B 146 20.87 22.91 7.49
C TYR B 146 21.15 22.04 8.71
N THR B 147 20.60 20.83 8.72
CA THR B 147 20.76 19.93 9.86
C THR B 147 21.98 19.04 9.67
N GLY B 148 22.71 18.81 10.76
CA GLY B 148 23.93 18.04 10.76
C GLY B 148 23.86 16.78 11.60
N THR B 149 22.80 16.00 11.44
CA THR B 149 22.47 14.95 12.38
C THR B 149 23.61 13.94 12.52
N ILE B 150 23.80 13.43 13.72
CA ILE B 150 24.79 12.40 14.02
C ILE B 150 24.09 11.23 14.67
N ILE B 151 24.32 10.02 14.16
CA ILE B 151 23.71 8.80 14.68
C ILE B 151 24.81 7.92 15.24
N SER B 152 24.66 7.53 16.51
CA SER B 152 25.58 6.60 17.14
C SER B 152 25.12 5.18 16.89
N ASP B 153 25.80 4.21 17.51
CA ASP B 153 25.41 2.81 17.35
C ASP B 153 24.04 2.55 17.94
N TRP B 154 23.68 3.24 19.01
CA TRP B 154 22.39 3.06 19.65
C TRP B 154 21.31 3.99 19.09
N GLY B 155 21.70 5.14 18.56
CA GLY B 155 20.73 6.05 17.97
C GLY B 155 20.68 7.42 18.63
N GLY B 156 21.79 7.83 19.23
CA GLY B 156 21.85 9.14 19.87
C GLY B 156 22.05 10.27 18.89
N ARG B 157 21.05 11.14 18.75
CA ARG B 157 21.09 12.24 17.81
C ARG B 157 21.53 13.53 18.51
N SER B 158 22.59 14.15 17.98
CA SER B 158 23.06 15.45 18.44
C SER B 158 23.21 16.33 17.20
N GLU B 159 22.13 16.99 16.81
CA GLU B 159 22.09 17.74 15.57
C GLU B 159 22.84 19.06 15.69
N LEU B 160 23.24 19.58 14.53
CA LEU B 160 23.85 20.91 14.42
C LEU B 160 23.16 21.65 13.29
N GLU B 161 22.94 22.95 13.47
CA GLU B 161 22.17 23.72 12.51
C GLU B 161 22.69 25.15 12.44
N ILE B 162 22.51 25.76 11.26
CA ILE B 162 22.81 27.16 11.02
C ILE B 162 21.62 27.79 10.32
N ASP B 163 21.31 29.03 10.69
CA ASP B 163 20.15 29.76 10.15
C ASP B 163 20.63 31.13 9.67
N ARG B 164 21.07 31.19 8.41
CA ARG B 164 21.61 32.41 7.81
C ARG B 164 22.80 32.92 8.62
N LYS B 165 23.83 32.08 8.71
CA LYS B 165 25.01 32.34 9.53
C LYS B 165 24.60 32.61 10.98
N ALA B 166 23.93 31.61 11.57
CA ALA B 166 23.47 31.67 12.94
C ALA B 166 24.40 30.86 13.82
N ARG B 167 24.02 30.74 15.09
CA ARG B 167 24.86 30.06 16.08
C ARG B 167 24.66 28.56 15.96
N ILE B 168 25.77 27.82 15.81
CA ILE B 168 25.69 26.36 15.75
C ILE B 168 25.26 25.82 17.10
N TRP B 169 24.24 24.98 17.11
CA TRP B 169 23.67 24.50 18.35
C TRP B 169 23.47 23.00 18.32
N ALA B 170 23.70 22.35 19.47
CA ALA B 170 23.53 20.91 19.62
C ALA B 170 22.12 20.64 20.15
N ARG B 171 21.16 20.64 19.23
CA ARG B 171 19.77 20.34 19.58
C ARG B 171 19.67 18.92 20.11
N VAL B 172 19.31 18.77 21.38
CA VAL B 172 19.23 17.45 22.00
C VAL B 172 17.96 16.73 21.56
N SER B 173 16.80 17.29 21.91
CA SER B 173 15.53 16.69 21.55
C SER B 173 14.43 17.74 21.70
N ARG B 174 13.35 17.55 20.94
CA ARG B 174 12.18 18.44 20.92
C ARG B 174 12.69 19.85 20.65
N LYS B 175 12.27 20.86 21.41
CA LYS B 175 12.80 22.22 21.32
C LYS B 175 13.20 22.65 22.72
N GLN B 176 14.41 22.28 23.13
CA GLN B 176 14.90 22.57 24.46
C GLN B 176 16.41 22.39 24.47
N LYS B 177 17.05 22.96 25.49
CA LYS B 177 18.50 22.88 25.68
C LYS B 177 19.24 23.28 24.41
N ILE B 178 19.07 24.55 24.03
CA ILE B 178 19.67 25.07 22.79
C ILE B 178 21.07 25.54 23.19
N SER B 179 21.99 24.59 23.22
CA SER B 179 23.36 24.85 23.66
C SER B 179 24.25 25.18 22.46
N ILE B 180 25.15 26.13 22.65
CA ILE B 180 25.91 26.69 21.55
C ILE B 180 27.39 26.31 21.61
N LEU B 181 27.92 26.03 22.81
CA LEU B 181 29.34 25.89 23.06
C LEU B 181 29.82 24.46 22.77
N VAL B 182 31.11 24.34 22.46
CA VAL B 182 31.74 23.09 22.05
C VAL B 182 32.78 22.68 23.10
N LEU B 183 32.50 23.01 24.36
CA LEU B 183 33.46 22.82 25.45
C LEU B 183 33.93 21.38 25.58
N SER B 184 35.14 21.18 26.07
CA SER B 184 35.54 19.81 26.29
C SER B 184 35.16 19.26 27.65
N SER B 185 35.03 17.94 27.79
CA SER B 185 34.83 17.35 29.10
C SER B 185 36.20 16.87 29.48
N ALA B 186 37.21 17.50 28.90
CA ALA B 186 38.61 17.15 29.16
C ALA B 186 39.47 18.26 28.53
N MET B 187 39.89 18.07 27.29
CA MET B 187 40.67 19.10 26.59
C MET B 187 39.99 19.59 25.31
N GLY B 188 39.56 20.85 25.29
CA GLY B 188 38.89 21.40 24.12
C GLY B 188 39.34 22.77 23.67
N SER B 189 40.39 23.31 24.29
CA SER B 189 40.95 24.60 23.89
C SER B 189 39.91 25.59 23.42
N ASN B 190 38.84 25.72 24.17
CA ASN B 190 37.76 26.57 23.72
C ASN B 190 38.21 28.00 23.42
N LEU B 191 39.34 28.43 23.99
CA LEU B 191 39.77 29.81 23.82
C LEU B 191 40.04 30.13 22.36
N ARG B 192 41.10 29.56 21.79
CA ARG B 192 41.54 29.82 20.43
C ARG B 192 42.58 28.75 20.06
N GLU B 193 43.24 28.97 18.92
CA GLU B 193 44.50 28.33 18.54
C GLU B 193 44.33 26.88 18.10
N ILE B 194 43.16 26.30 18.27
CA ILE B 194 42.88 24.98 17.71
C ILE B 194 41.55 25.02 16.96
N LEU B 195 40.67 25.94 17.35
CA LEU B 195 39.39 26.09 16.67
C LEU B 195 39.57 26.73 15.29
N ASP B 196 40.62 27.53 15.12
CA ASP B 196 40.92 28.20 13.86
C ASP B 196 41.61 27.26 12.87
N ASN B 197 40.94 26.12 12.62
CA ASN B 197 41.54 25.03 11.88
C ASN B 197 41.04 24.90 10.44
N VAL B 198 39.98 25.59 10.06
CA VAL B 198 39.49 25.45 8.69
C VAL B 198 39.47 26.77 7.94
N CYS B 199 38.56 27.68 8.31
CA CYS B 199 38.57 28.98 7.67
C CYS B 199 38.49 30.14 8.65
N TYR B 200 37.68 30.03 9.69
CA TYR B 200 37.50 31.10 10.67
C TYR B 200 36.71 30.59 11.86
N PRO B 201 37.15 30.90 13.08
CA PRO B 201 36.38 30.52 14.28
C PRO B 201 35.48 31.62 14.85
N GLU B 202 35.35 32.77 14.17
CA GLU B 202 34.62 33.89 14.74
C GLU B 202 33.16 33.56 14.99
N ILE B 203 32.39 33.39 13.91
CA ILE B 203 30.94 33.17 13.92
C ILE B 203 30.30 33.68 15.22
N PHE B 204 30.24 35.00 15.38
CA PHE B 204 29.75 35.64 16.60
C PHE B 204 30.55 35.15 17.82
N LEU B 205 31.84 35.51 17.82
CA LEU B 205 32.76 34.96 18.80
C LEU B 205 32.36 35.38 20.21
N SER B 206 31.79 34.43 20.95
CA SER B 206 31.35 34.62 22.34
C SER B 206 30.62 35.95 22.55
N PHE B 207 29.91 36.42 21.51
CA PHE B 207 29.20 37.68 21.53
C PHE B 207 30.09 38.82 22.03
N LEU B 208 29.93 39.19 23.31
CA LEU B 208 30.75 40.25 23.88
C LEU B 208 32.10 39.71 24.34
N ASN B 209 32.76 38.94 23.47
CA ASN B 209 34.11 38.43 23.65
C ASN B 209 34.22 37.36 24.72
N ASP B 210 33.14 37.15 25.49
CA ASP B 210 33.10 36.04 26.44
C ASP B 210 31.76 35.31 26.50
N LYS B 211 30.65 35.95 26.15
CA LYS B 211 29.30 35.38 26.23
C LYS B 211 28.90 35.12 27.68
N GLU B 212 29.83 35.33 28.60
CA GLU B 212 29.71 35.05 30.03
C GLU B 212 31.10 35.13 30.66
N LYS B 213 31.92 34.13 30.37
CA LYS B 213 33.32 34.09 30.78
C LYS B 213 34.04 33.14 29.83
N LYS B 214 35.25 32.70 30.20
CA LYS B 214 36.10 31.98 29.26
C LYS B 214 36.43 30.56 29.70
N LYS B 215 37.37 29.93 29.00
CA LYS B 215 37.56 28.48 29.05
C LYS B 215 37.74 27.97 30.48
N ILE B 216 38.86 28.33 31.11
CA ILE B 216 39.26 27.76 32.41
C ILE B 216 39.04 26.24 32.37
N GLY B 217 38.04 25.78 33.10
CA GLY B 217 37.62 24.40 33.02
C GLY B 217 36.34 24.26 32.22
N SER B 218 35.44 25.23 32.38
CA SER B 218 34.19 25.30 31.64
C SER B 218 33.81 26.76 31.47
N LYS B 219 32.92 27.01 30.50
CA LYS B 219 32.58 28.39 30.16
C LYS B 219 31.82 29.09 31.26
N GLU B 220 31.47 28.39 32.34
CA GLU B 220 31.18 29.02 33.63
C GLU B 220 31.69 28.15 34.77
N ASN B 221 32.67 27.28 34.49
CA ASN B 221 33.08 26.21 35.39
C ASN B 221 31.90 25.28 35.68
N ALA B 222 31.97 24.53 36.77
CA ALA B 222 30.92 23.60 37.19
C ALA B 222 30.61 22.54 36.13
N ILE B 223 31.56 22.29 35.22
CA ILE B 223 31.48 21.23 34.21
C ILE B 223 30.41 21.53 33.17
N LEU B 224 30.78 21.52 31.90
CA LEU B 224 29.85 21.69 30.78
C LEU B 224 29.02 22.97 30.93
N GLU B 225 29.71 24.06 31.27
CA GLU B 225 29.09 25.37 31.53
C GLU B 225 28.02 25.17 32.60
N PHE B 226 26.84 25.79 32.47
CA PHE B 226 25.77 25.60 33.43
C PHE B 226 24.79 24.51 33.03
N TYR B 227 24.97 23.91 31.85
CA TYR B 227 24.10 22.82 31.40
C TYR B 227 24.67 21.45 31.71
N GLN B 228 25.43 21.33 32.81
CA GLN B 228 25.94 20.03 33.22
C GLN B 228 24.80 19.06 33.49
N GLN B 229 23.81 19.49 34.29
CA GLN B 229 22.64 18.67 34.60
C GLN B 229 21.40 19.49 34.25
N PHE B 230 21.02 19.46 32.96
CA PHE B 230 19.76 20.06 32.49
C PHE B 230 19.06 19.00 31.63
N ALA B 231 18.36 18.06 32.28
CA ALA B 231 17.53 17.10 31.57
C ALA B 231 16.07 17.18 32.00
N CYS B 232 15.80 17.03 33.30
CA CYS B 232 14.45 17.06 33.85
C CYS B 232 14.56 17.07 35.37
N VAL B 233 13.75 17.89 36.02
CA VAL B 233 13.75 18.00 37.47
C VAL B 233 12.44 18.64 37.91
N GLY B 234 12.05 18.38 39.15
CA GLY B 234 10.88 19.02 39.72
C GLY B 234 11.18 20.39 40.30
N GLY B 235 11.54 21.34 39.43
CA GLY B 235 11.92 22.66 39.87
C GLY B 235 13.28 23.08 39.34
N ASP B 236 14.24 23.27 40.24
CA ASP B 236 15.58 23.66 39.82
C ASP B 236 16.53 22.46 39.91
N PRO B 237 17.36 22.26 38.88
CA PRO B 237 18.28 21.11 38.89
C PRO B 237 19.56 21.42 39.66
N VAL B 238 20.04 20.39 40.37
CA VAL B 238 21.29 20.46 41.11
C VAL B 238 22.06 19.19 40.83
N PHE B 239 23.38 19.32 40.63
CA PHE B 239 24.21 18.17 40.26
C PHE B 239 24.10 17.06 41.30
N SER B 240 23.92 15.84 40.80
CA SER B 240 23.83 14.65 41.65
C SER B 240 24.38 13.46 40.88
N GLU B 241 24.77 12.43 41.63
CA GLU B 241 25.40 11.26 41.00
C GLU B 241 24.42 10.54 40.08
N SER B 242 23.18 10.33 40.53
CA SER B 242 22.20 9.65 39.70
C SER B 242 21.88 10.47 38.45
N LEU B 243 21.69 11.78 38.61
CA LEU B 243 21.43 12.64 37.47
C LEU B 243 22.63 12.65 36.53
N CYS B 244 23.85 12.69 37.07
CA CYS B 244 25.04 12.68 36.23
C CYS B 244 25.12 11.39 35.42
N LYS B 245 24.86 10.25 36.05
CA LYS B 245 24.89 8.98 35.32
C LYS B 245 23.79 8.93 34.27
N ASP B 246 22.60 9.44 34.60
CA ASP B 246 21.51 9.44 33.64
C ASP B 246 21.83 10.30 32.42
N LEU B 247 22.43 11.47 32.65
CA LEU B 247 22.77 12.36 31.55
C LEU B 247 24.06 11.97 30.84
N GLN B 248 24.85 11.06 31.41
CA GLN B 248 26.05 10.59 30.72
C GLN B 248 25.68 9.87 29.42
N LYS B 249 24.53 9.19 29.39
CA LYS B 249 24.07 8.59 28.14
C LYS B 249 23.86 9.65 27.07
N LYS B 250 23.22 10.77 27.43
CA LYS B 250 22.97 11.82 26.47
C LYS B 250 24.24 12.59 26.12
N PHE B 251 25.22 12.61 27.03
CA PHE B 251 26.45 13.33 26.75
C PHE B 251 27.49 12.43 26.05
N PHE B 252 27.89 11.34 26.72
CA PHE B 252 29.03 10.55 26.26
C PHE B 252 28.68 9.10 25.97
N GLN B 253 27.96 8.43 26.87
CA GLN B 253 27.78 6.99 26.77
C GLN B 253 26.97 6.61 25.53
N GLN B 254 25.73 7.08 25.44
CA GLN B 254 24.81 6.65 24.40
C GLN B 254 24.79 7.60 23.20
N ARG B 255 25.67 8.60 23.17
CA ARG B 255 25.71 9.53 22.04
C ARG B 255 27.12 9.77 21.51
N CYS B 256 28.11 9.02 21.98
CA CYS B 256 29.45 9.08 21.38
C CYS B 256 30.07 7.71 21.18
N GLU B 257 29.30 6.62 21.26
CA GLU B 257 29.80 5.29 20.94
C GLU B 257 29.44 5.04 19.48
N LEU B 258 30.32 5.48 18.58
CA LEU B 258 30.05 5.36 17.16
C LEU B 258 30.17 3.91 16.70
N GLY B 259 31.15 3.19 17.22
CA GLY B 259 31.42 1.84 16.76
C GLY B 259 32.29 1.84 15.52
N ARG B 260 32.52 0.63 15.00
CA ARG B 260 33.39 0.49 13.83
C ARG B 260 32.78 1.17 12.62
N ILE B 261 31.51 0.86 12.34
CA ILE B 261 30.83 1.44 11.18
C ILE B 261 30.69 2.95 11.33
N GLY B 262 30.35 3.41 12.54
CA GLY B 262 30.24 4.84 12.75
C GLY B 262 31.55 5.57 12.55
N ARG B 263 32.64 5.02 13.07
CA ARG B 263 33.95 5.63 12.88
C ARG B 263 34.32 5.66 11.41
N ARG B 264 34.09 4.55 10.69
CA ARG B 264 34.40 4.53 9.26
C ARG B 264 33.58 5.57 8.50
N ASN B 265 32.29 5.67 8.80
CA ASN B 265 31.44 6.63 8.10
C ASN B 265 31.86 8.06 8.42
N MET B 266 32.22 8.34 9.66
CA MET B 266 32.66 9.68 10.02
C MET B 266 33.99 10.04 9.37
N ASN B 267 34.92 9.08 9.30
CA ASN B 267 36.18 9.32 8.61
C ASN B 267 35.99 9.44 7.12
N ARG B 268 34.94 8.87 6.56
CA ARG B 268 34.68 9.00 5.12
C ARG B 268 34.03 10.33 4.80
N ARG B 269 32.91 10.65 5.45
CA ARG B 269 32.16 11.84 5.11
C ARG B 269 32.96 13.10 5.38
N LEU B 270 33.64 13.18 6.52
CA LEU B 270 34.41 14.36 6.88
C LEU B 270 35.85 14.29 6.39
N ASN B 271 36.29 13.14 5.86
CA ASN B 271 37.64 12.97 5.33
C ASN B 271 38.70 13.33 6.37
N LEU B 272 38.60 12.69 7.54
CA LEU B 272 39.52 12.92 8.63
C LEU B 272 40.57 11.81 8.67
N ASP B 273 41.50 11.93 9.62
CA ASP B 273 42.59 10.95 9.80
C ASP B 273 42.67 10.61 11.28
N ILE B 274 41.97 9.55 11.68
CA ILE B 274 42.01 9.04 13.05
C ILE B 274 42.21 7.53 12.96
N PRO B 275 43.00 6.93 13.85
CA PRO B 275 43.13 5.47 13.84
C PRO B 275 41.77 4.80 13.96
N GLU B 276 41.59 3.72 13.19
CA GLU B 276 40.28 3.10 13.06
C GLU B 276 39.82 2.45 14.36
N ASN B 277 40.73 2.20 15.31
CA ASN B 277 40.35 1.63 16.59
C ASN B 277 39.68 2.64 17.51
N ASN B 278 39.72 3.93 17.18
CA ASN B 278 39.11 4.98 18.01
C ASN B 278 37.66 5.13 17.57
N THR B 279 36.74 4.63 18.38
CA THR B 279 35.31 4.63 18.08
C THR B 279 34.54 5.57 18.99
N PHE B 280 35.11 6.73 19.31
CA PHE B 280 34.47 7.71 20.18
C PHE B 280 34.52 9.08 19.52
N LEU B 281 33.67 9.97 20.02
CA LEU B 281 33.56 11.32 19.46
C LEU B 281 34.72 12.18 19.94
N LEU B 282 35.52 12.65 19.00
CA LEU B 282 36.66 13.52 19.27
C LEU B 282 36.29 14.97 18.99
N PRO B 283 36.99 15.94 19.61
CA PRO B 283 36.69 17.35 19.30
C PRO B 283 36.87 17.70 17.84
N ARG B 284 37.86 17.11 17.17
CA ARG B 284 38.07 17.38 15.76
C ARG B 284 36.90 16.92 14.91
N ASP B 285 36.21 15.85 15.33
CA ASP B 285 35.05 15.38 14.59
C ASP B 285 33.95 16.44 14.57
N ILE B 286 33.60 16.98 15.74
CA ILE B 286 32.57 18.01 15.80
C ILE B 286 33.04 19.29 15.13
N LEU B 287 34.33 19.61 15.24
CA LEU B 287 34.86 20.79 14.57
C LEU B 287 34.71 20.67 13.06
N ALA B 288 35.06 19.51 12.49
CA ALA B 288 34.90 19.30 11.05
C ALA B 288 33.44 19.28 10.65
N ALA B 289 32.57 18.73 11.50
CA ALA B 289 31.14 18.73 11.19
C ALA B 289 30.61 20.15 11.11
N ALA B 290 30.98 21.00 12.06
CA ALA B 290 30.56 22.39 12.03
C ALA B 290 31.14 23.12 10.81
N ASP B 291 32.41 22.83 10.48
CA ASP B 291 33.01 23.44 9.31
C ASP B 291 32.26 23.08 8.04
N HIS B 292 31.93 21.79 7.87
CA HIS B 292 31.18 21.36 6.71
C HIS B 292 29.79 21.99 6.68
N LEU B 293 29.15 22.09 7.85
CA LEU B 293 27.82 22.69 7.91
C LEU B 293 27.85 24.15 7.48
N ILE B 294 28.82 24.91 7.97
CA ILE B 294 28.90 26.33 7.58
C ILE B 294 29.32 26.46 6.12
N GLY B 295 30.18 25.58 5.62
CA GLY B 295 30.62 25.67 4.25
C GLY B 295 29.60 25.22 3.24
N MET B 296 28.60 24.44 3.66
CA MET B 296 27.56 23.99 2.74
C MET B 296 26.82 25.17 2.12
N LYS B 297 26.48 26.16 2.93
CA LYS B 297 25.79 27.35 2.41
C LYS B 297 26.69 28.12 1.45
N PHE B 298 27.98 28.20 1.76
CA PHE B 298 28.93 29.01 0.98
C PHE B 298 29.35 28.29 -0.30
N GLY B 299 28.36 27.91 -1.09
CA GLY B 299 28.65 27.30 -2.37
C GLY B 299 28.83 25.80 -2.31
N MET B 300 30.09 25.36 -2.22
CA MET B 300 30.43 23.95 -2.27
C MET B 300 29.74 23.18 -1.15
N GLY B 301 29.35 21.96 -1.45
CA GLY B 301 28.69 21.07 -0.50
C GLY B 301 27.61 20.26 -1.19
N THR B 302 27.18 19.21 -0.50
CA THR B 302 26.13 18.33 -1.02
C THR B 302 25.39 17.71 0.16
N LEU B 303 24.17 17.25 -0.12
CA LEU B 303 23.29 16.69 0.90
C LEU B 303 23.19 15.18 0.71
N ASP B 304 23.09 14.47 1.83
CA ASP B 304 23.06 13.02 1.83
C ASP B 304 21.65 12.50 1.53
N ASP B 305 21.59 11.24 1.10
CA ASP B 305 20.33 10.55 0.82
C ASP B 305 20.08 9.54 1.93
N MET B 306 18.86 9.53 2.44
CA MET B 306 18.49 8.60 3.50
C MET B 306 18.24 7.19 2.99
N ASN B 307 18.14 7.00 1.68
CA ASN B 307 17.82 5.70 1.10
C ASN B 307 19.02 5.00 0.47
N HIS B 308 20.14 5.69 0.32
CA HIS B 308 21.31 5.09 -0.32
C HIS B 308 21.83 3.94 0.52
N LEU B 309 22.14 2.81 -0.13
CA LEU B 309 22.58 1.62 0.59
C LEU B 309 23.93 1.81 1.24
N LYS B 310 24.73 2.78 0.81
CA LYS B 310 25.99 3.06 1.49
C LYS B 310 25.77 3.70 2.86
N HIS B 311 24.54 4.10 3.17
CA HIS B 311 24.19 4.66 4.47
C HIS B 311 23.36 3.70 5.30
N LYS B 312 23.38 2.41 4.97
CA LYS B 312 22.59 1.40 5.66
C LYS B 312 23.45 0.17 5.92
N ARG B 313 23.05 -0.62 6.91
CA ARG B 313 23.77 -1.81 7.32
C ARG B 313 22.78 -2.94 7.55
N ILE B 314 23.28 -4.16 7.48
CA ILE B 314 22.48 -5.38 7.58
C ILE B 314 22.81 -6.09 8.88
N ARG B 315 21.78 -6.46 9.62
CA ARG B 315 21.89 -7.30 10.81
C ARG B 315 21.34 -8.68 10.48
N SER B 316 22.09 -9.71 10.83
CA SER B 316 21.74 -11.09 10.51
C SER B 316 21.72 -11.91 11.80
N VAL B 317 21.67 -13.23 11.65
CA VAL B 317 21.57 -14.12 12.80
C VAL B 317 22.73 -13.91 13.76
N ALA B 318 23.91 -13.55 13.23
CA ALA B 318 25.09 -13.37 14.08
C ALA B 318 24.86 -12.26 15.10
N ASP B 319 24.46 -11.09 14.63
CA ASP B 319 24.31 -9.94 15.53
C ASP B 319 23.15 -10.15 16.49
N LEU B 320 22.03 -10.70 16.01
CA LEU B 320 20.90 -10.96 16.89
C LEU B 320 21.27 -11.94 17.99
N LEU B 321 21.97 -13.02 17.64
CA LEU B 321 22.39 -13.99 18.64
C LEU B 321 23.40 -13.40 19.61
N GLN B 322 24.28 -12.52 19.11
CA GLN B 322 25.23 -11.87 20.00
C GLN B 322 24.53 -10.97 21.01
N ASP B 323 23.54 -10.21 20.56
CA ASP B 323 22.79 -9.35 21.48
C ASP B 323 22.00 -10.18 22.49
N GLN B 324 21.39 -11.27 22.03
CA GLN B 324 20.66 -12.14 22.95
C GLN B 324 21.61 -12.76 23.99
N PHE B 325 22.80 -13.16 23.55
CA PHE B 325 23.78 -13.70 24.49
C PHE B 325 24.23 -12.64 25.49
N GLY B 326 24.38 -11.39 25.03
CA GLY B 326 24.72 -10.32 25.97
C GLY B 326 23.65 -10.11 27.01
N LEU B 327 22.38 -10.10 26.59
CA LEU B 327 21.29 -9.98 27.55
C LEU B 327 21.28 -11.16 28.53
N ALA B 328 21.52 -12.37 28.00
CA ALA B 328 21.54 -13.55 28.86
C ALA B 328 22.68 -13.46 29.88
N LEU B 329 23.84 -12.96 29.45
CA LEU B 329 24.97 -12.84 30.38
C LEU B 329 24.71 -11.78 31.43
N VAL B 330 24.03 -10.69 31.06
CA VAL B 330 23.66 -9.68 32.07
C VAL B 330 22.71 -10.29 33.09
N ARG B 331 21.71 -11.04 32.62
CA ARG B 331 20.80 -11.72 33.53
C ARG B 331 21.54 -12.70 34.43
N LEU B 332 22.50 -13.43 33.84
CA LEU B 332 23.27 -14.39 34.62
C LEU B 332 24.08 -13.69 35.71
N GLU B 333 24.74 -12.59 35.38
CA GLU B 333 25.54 -11.90 36.39
C GLU B 333 24.65 -11.32 37.49
N ASN B 334 23.44 -10.88 37.14
CA ASN B 334 22.50 -10.46 38.17
C ASN B 334 22.15 -11.63 39.08
N VAL B 335 21.93 -12.81 38.49
CA VAL B 335 21.59 -13.99 39.29
C VAL B 335 22.73 -14.36 40.22
N VAL B 336 23.97 -14.33 39.73
CA VAL B 336 25.11 -14.64 40.59
C VAL B 336 25.28 -13.58 41.67
N ARG B 337 24.98 -12.32 41.36
CA ARG B 337 25.03 -11.29 42.39
C ARG B 337 24.05 -11.60 43.52
N GLY B 338 22.82 -11.98 43.15
CA GLY B 338 21.85 -12.37 44.17
C GLY B 338 22.30 -13.57 44.96
N THR B 339 22.84 -14.59 44.27
CA THR B 339 23.29 -15.79 44.96
C THR B 339 24.43 -15.49 45.92
N ILE B 340 25.40 -14.69 45.50
CA ILE B 340 26.53 -14.36 46.35
C ILE B 340 26.07 -13.48 47.51
N SER B 341 25.01 -12.70 47.32
CA SER B 341 24.38 -12.04 48.47
C SER B 341 23.79 -13.07 49.43
N GLY B 342 23.20 -14.13 48.89
CA GLY B 342 22.65 -15.19 49.70
C GLY B 342 23.59 -16.33 50.02
N ALA B 343 24.83 -16.28 49.54
CA ALA B 343 25.80 -17.35 49.81
C ALA B 343 26.62 -17.11 51.06
N ILE B 344 26.48 -15.96 51.70
CA ILE B 344 27.22 -15.65 52.93
C ILE B 344 26.32 -15.78 54.15
N ARG B 345 25.08 -15.29 54.06
CA ARG B 345 24.16 -15.33 55.18
C ARG B 345 23.70 -16.74 55.54
N HIS B 346 23.89 -17.71 54.65
CA HIS B 346 23.54 -19.09 54.93
C HIS B 346 24.73 -19.94 55.36
N LYS B 347 25.93 -19.37 55.38
CA LYS B 347 27.14 -20.01 55.90
C LYS B 347 27.38 -21.38 55.23
N LEU B 348 27.48 -21.35 53.91
CA LEU B 348 27.73 -22.56 53.13
C LEU B 348 28.88 -22.30 52.17
N ILE B 349 29.69 -23.34 51.94
CA ILE B 349 30.80 -23.27 51.00
C ILE B 349 30.40 -24.05 49.76
N PRO B 350 29.86 -23.40 48.73
CA PRO B 350 29.38 -24.13 47.55
C PRO B 350 30.43 -24.24 46.47
N THR B 351 30.21 -25.22 45.58
CA THR B 351 31.08 -25.38 44.45
C THR B 351 30.60 -24.37 43.43
N PRO B 352 31.47 -23.90 42.52
CA PRO B 352 31.11 -22.83 41.58
C PRO B 352 29.82 -23.10 40.82
N GLN B 353 29.54 -24.37 40.50
CA GLN B 353 28.30 -24.69 39.78
C GLN B 353 27.07 -24.30 40.59
N ASN B 354 27.17 -24.31 41.93
CA ASN B 354 26.04 -23.90 42.74
C ASN B 354 25.77 -22.41 42.68
N LEU B 355 26.72 -21.61 42.18
CA LEU B 355 26.51 -20.17 42.03
C LEU B 355 25.94 -19.78 40.67
N VAL B 356 25.85 -20.72 39.74
CA VAL B 356 25.36 -20.44 38.39
C VAL B 356 24.38 -21.52 38.00
N THR B 357 23.16 -21.11 37.64
CA THR B 357 22.13 -22.01 37.14
C THR B 357 21.80 -21.63 35.71
N SER B 358 21.37 -22.62 34.93
CA SER B 358 21.05 -22.37 33.52
C SER B 358 19.61 -21.90 33.34
N THR B 359 19.21 -20.96 34.17
CA THR B 359 17.94 -20.25 34.02
C THR B 359 18.04 -19.09 33.02
N PRO B 360 19.06 -18.22 33.10
CA PRO B 360 19.06 -17.04 32.21
C PRO B 360 19.20 -17.38 30.74
N LEU B 361 20.18 -18.20 30.36
CA LEU B 361 20.43 -18.48 28.95
C LEU B 361 19.24 -19.19 28.32
N THR B 362 18.75 -20.24 28.96
CA THR B 362 17.66 -21.03 28.38
C THR B 362 16.40 -20.20 28.22
N THR B 363 15.97 -19.54 29.29
CA THR B 363 14.75 -18.75 29.23
C THR B 363 14.92 -17.58 28.27
N THR B 364 16.10 -16.97 28.24
CA THR B 364 16.34 -15.86 27.34
C THR B 364 16.20 -16.29 25.88
N PHE B 365 16.78 -17.45 25.53
CA PHE B 365 16.70 -17.90 24.16
C PHE B 365 15.29 -18.35 23.79
N GLU B 366 14.58 -19.00 24.72
CA GLU B 366 13.19 -19.35 24.44
C GLU B 366 12.34 -18.11 24.22
N SER B 367 12.53 -17.07 25.05
CA SER B 367 11.80 -15.84 24.86
C SER B 367 12.16 -15.17 23.55
N PHE B 368 13.45 -15.22 23.17
CA PHE B 368 13.87 -14.65 21.89
C PHE B 368 13.16 -15.33 20.72
N PHE B 369 13.23 -16.66 20.66
CA PHE B 369 12.62 -17.39 19.56
C PHE B 369 11.10 -17.46 19.66
N GLY B 370 10.51 -17.03 20.77
CA GLY B 370 9.07 -17.04 20.87
C GLY B 370 8.39 -15.70 20.76
N LEU B 371 9.12 -14.61 20.96
CA LEU B 371 8.48 -13.29 21.01
C LEU B 371 9.06 -12.31 20.00
N HIS B 372 10.31 -12.48 19.61
CA HIS B 372 10.94 -11.54 18.70
C HIS B 372 10.26 -11.58 17.33
N PRO B 373 9.91 -10.43 16.75
CA PRO B 373 9.26 -10.45 15.43
C PRO B 373 10.18 -10.83 14.28
N LEU B 374 11.48 -10.89 14.51
CA LEU B 374 12.43 -11.27 13.47
C LEU B 374 12.74 -12.76 13.46
N SER B 375 12.10 -13.54 14.33
CA SER B 375 12.23 -15.00 14.35
C SER B 375 10.86 -15.58 14.05
N GLN B 376 10.73 -16.20 12.88
CA GLN B 376 9.43 -16.63 12.38
C GLN B 376 9.45 -18.11 12.05
N VAL B 377 8.27 -18.74 12.15
CA VAL B 377 8.16 -20.16 11.86
C VAL B 377 8.50 -20.42 10.40
N LEU B 378 9.24 -21.49 10.15
CA LEU B 378 9.64 -21.82 8.79
C LEU B 378 8.43 -22.19 7.94
N ASP B 379 8.41 -21.68 6.71
CA ASP B 379 7.35 -22.00 5.76
C ASP B 379 7.79 -23.20 4.94
N ARG B 380 7.02 -24.29 4.99
CA ARG B 380 7.37 -25.53 4.33
C ARG B 380 6.27 -25.98 3.39
N THR B 381 5.66 -25.04 2.67
CA THR B 381 4.67 -25.40 1.65
C THR B 381 5.30 -26.23 0.54
N ASN B 382 6.51 -25.85 0.09
CA ASN B 382 7.22 -26.55 -0.98
C ASN B 382 8.69 -26.20 -0.90
N PRO B 383 9.55 -26.99 -1.51
CA PRO B 383 10.99 -26.71 -1.39
C PRO B 383 11.39 -25.29 -1.75
N LEU B 384 10.63 -24.63 -2.62
CA LEU B 384 10.97 -23.26 -2.99
C LEU B 384 10.83 -22.32 -1.80
N THR B 385 9.78 -22.48 -1.00
CA THR B 385 9.50 -21.54 0.08
C THR B 385 10.54 -21.64 1.20
N GLN B 386 11.05 -22.83 1.46
CA GLN B 386 12.10 -22.97 2.48
C GLN B 386 13.33 -22.14 2.12
N ILE B 387 13.72 -22.16 0.84
CA ILE B 387 14.85 -21.35 0.41
C ILE B 387 14.49 -19.87 0.42
N VAL B 388 13.29 -19.53 -0.04
CA VAL B 388 12.90 -18.12 -0.16
C VAL B 388 12.85 -17.46 1.21
N HIS B 389 12.39 -18.20 2.23
CA HIS B 389 12.20 -17.61 3.55
C HIS B 389 13.53 -17.14 4.16
N GLY B 390 14.59 -17.93 3.97
CA GLY B 390 15.86 -17.60 4.61
C GLY B 390 16.45 -16.29 4.13
N ARG B 391 16.33 -16.01 2.83
CA ARG B 391 16.92 -14.80 2.24
C ARG B 391 15.83 -13.73 2.17
N LYS B 392 15.68 -13.00 3.26
CA LYS B 392 14.73 -11.89 3.33
C LYS B 392 15.36 -10.72 4.07
N LEU B 393 14.95 -9.52 3.70
CA LEU B 393 15.38 -8.29 4.35
C LEU B 393 14.15 -7.47 4.68
N SER B 394 14.19 -6.76 5.80
CA SER B 394 13.04 -6.00 6.24
C SER B 394 13.49 -4.77 7.01
N TYR B 395 12.83 -3.64 6.74
CA TYR B 395 13.02 -2.43 7.52
C TYR B 395 12.27 -2.45 8.84
N LEU B 396 11.37 -3.42 9.03
CA LEU B 396 10.56 -3.49 10.24
C LEU B 396 11.36 -4.12 11.38
N GLY B 397 10.69 -4.43 12.48
CA GLY B 397 11.34 -4.99 13.63
C GLY B 397 11.78 -3.92 14.62
N PRO B 398 12.37 -4.34 15.73
CA PRO B 398 12.83 -3.37 16.73
C PRO B 398 13.88 -2.44 16.17
N GLY B 399 13.82 -1.17 16.58
CA GLY B 399 14.79 -0.19 16.15
C GLY B 399 14.70 0.18 14.69
N GLY B 400 13.56 -0.07 14.03
CA GLY B 400 13.41 0.21 12.63
C GLY B 400 12.06 0.85 12.34
N LEU B 401 11.86 1.16 11.06
CA LEU B 401 10.61 1.79 10.63
C LEU B 401 9.45 0.79 10.71
N THR B 402 8.25 1.35 10.77
CA THR B 402 7.03 0.56 10.83
C THR B 402 6.18 0.84 9.59
N GLY B 403 5.11 0.06 9.44
CA GLY B 403 4.26 0.18 8.26
C GLY B 403 3.35 1.39 8.28
N ARG B 404 3.30 2.14 9.38
CA ARG B 404 2.45 3.33 9.48
C ARG B 404 3.23 4.62 9.34
N THR B 405 4.40 4.72 9.98
CA THR B 405 5.22 5.92 9.95
C THR B 405 6.36 5.83 8.94
N ALA B 406 6.13 5.17 7.81
CA ALA B 406 7.11 5.05 6.75
C ALA B 406 6.71 5.97 5.59
N SER B 407 7.65 6.79 5.12
CA SER B 407 7.37 7.73 4.06
C SER B 407 7.21 6.99 2.72
N PHE B 408 6.98 7.76 1.67
CA PHE B 408 6.78 7.20 0.33
C PHE B 408 8.09 7.04 -0.43
N ARG B 409 9.12 7.81 -0.11
CA ARG B 409 10.40 7.66 -0.78
C ARG B 409 11.11 6.38 -0.36
N ILE B 410 10.92 5.96 0.89
CA ILE B 410 11.51 4.70 1.36
C ILE B 410 10.86 3.49 0.72
N ARG B 411 9.72 3.67 0.03
CA ARG B 411 9.02 2.59 -0.65
C ARG B 411 9.29 2.60 -2.15
N ASP B 412 10.46 3.05 -2.57
CA ASP B 412 10.82 3.13 -3.98
C ASP B 412 12.18 2.49 -4.21
N ILE B 413 12.44 2.16 -5.48
CA ILE B 413 13.69 1.51 -5.85
C ILE B 413 14.77 2.59 -6.00
N HIS B 414 15.71 2.62 -5.07
CA HIS B 414 16.86 3.49 -5.20
C HIS B 414 17.80 2.93 -6.25
N PRO B 415 18.54 3.79 -6.96
CA PRO B 415 19.52 3.27 -7.92
C PRO B 415 20.77 2.74 -7.25
N SER B 416 20.57 1.97 -6.17
CA SER B 416 21.63 1.24 -5.51
C SER B 416 21.22 -0.17 -5.12
N HIS B 417 19.93 -0.50 -5.11
CA HIS B 417 19.49 -1.86 -4.89
C HIS B 417 19.49 -2.63 -6.22
N TYR B 418 20.62 -2.62 -6.92
CA TYR B 418 20.68 -3.23 -8.24
C TYR B 418 21.35 -4.60 -8.21
N GLY B 419 22.59 -4.67 -7.75
CA GLY B 419 23.24 -5.94 -7.58
C GLY B 419 23.04 -6.57 -6.22
N ARG B 420 22.21 -5.98 -5.37
CA ARG B 420 22.07 -6.39 -3.99
C ARG B 420 20.66 -6.81 -3.61
N ILE B 421 19.65 -6.02 -3.99
CA ILE B 421 18.26 -6.28 -3.63
C ILE B 421 17.43 -6.39 -4.89
N CYS B 422 16.62 -7.44 -4.98
CA CYS B 422 15.76 -7.62 -6.14
C CYS B 422 14.72 -6.50 -6.20
N PRO B 423 14.45 -5.94 -7.37
CA PRO B 423 13.49 -4.84 -7.47
C PRO B 423 12.07 -5.24 -7.81
N ILE B 424 11.79 -6.52 -8.07
CA ILE B 424 10.47 -6.98 -8.46
C ILE B 424 9.91 -8.02 -7.50
N ASP B 425 10.49 -8.17 -6.32
CA ASP B 425 10.01 -9.11 -5.31
C ASP B 425 9.90 -8.37 -3.98
N THR B 426 8.68 -8.04 -3.59
CA THR B 426 8.39 -7.40 -2.32
C THR B 426 7.12 -8.01 -1.75
N SER B 427 6.58 -7.38 -0.72
CA SER B 427 5.36 -7.85 -0.05
C SER B 427 4.24 -6.87 -0.35
N GLU B 428 3.14 -7.37 -0.90
CA GLU B 428 1.99 -6.53 -1.18
C GLU B 428 1.29 -6.14 0.12
N GLY B 429 0.49 -5.07 0.04
CA GLY B 429 -0.25 -4.62 1.19
C GLY B 429 0.30 -3.34 1.79
N ILE B 430 0.12 -3.17 3.10
CA ILE B 430 0.57 -1.94 3.77
C ILE B 430 2.09 -1.89 3.80
N ASN B 431 2.75 -3.01 4.08
CA ASN B 431 4.21 -3.05 4.14
C ASN B 431 4.80 -3.36 2.77
N VAL B 432 4.52 -2.46 1.82
CA VAL B 432 5.02 -2.58 0.46
C VAL B 432 6.31 -1.77 0.35
N GLY B 433 7.36 -2.39 -0.17
CA GLY B 433 8.65 -1.75 -0.25
C GLY B 433 9.47 -1.78 1.01
N LEU B 434 8.93 -2.35 2.10
CA LEU B 434 9.66 -2.46 3.35
C LEU B 434 10.23 -3.85 3.59
N ILE B 435 9.67 -4.87 2.94
CA ILE B 435 10.19 -6.24 3.01
C ILE B 435 10.54 -6.68 1.60
N GLY B 436 11.78 -7.12 1.40
CA GLY B 436 12.24 -7.55 0.10
C GLY B 436 13.11 -8.79 0.22
N SER B 437 13.63 -9.23 -0.92
CA SER B 437 14.50 -10.38 -1.01
C SER B 437 15.93 -9.93 -1.28
N LEU B 438 16.81 -10.91 -1.48
CA LEU B 438 18.21 -10.65 -1.81
C LEU B 438 18.48 -11.06 -3.25
N ALA B 439 19.40 -10.34 -3.88
CA ALA B 439 19.85 -10.73 -5.21
C ALA B 439 20.56 -12.07 -5.14
N ILE B 440 20.54 -12.80 -6.26
CA ILE B 440 21.08 -14.16 -6.27
C ILE B 440 22.58 -14.15 -5.95
N HIS B 441 23.32 -13.22 -6.54
CA HIS B 441 24.76 -13.14 -6.33
C HIS B 441 25.15 -12.24 -5.18
N ALA B 442 24.17 -11.66 -4.47
CA ALA B 442 24.48 -10.76 -3.36
C ALA B 442 25.14 -11.50 -2.22
N ARG B 443 25.94 -10.77 -1.45
CA ARG B 443 26.69 -11.33 -0.34
C ARG B 443 26.92 -10.25 0.70
N ILE B 444 26.73 -10.60 1.97
CA ILE B 444 26.96 -9.67 3.07
C ILE B 444 28.47 -9.60 3.30
N GLY B 445 29.07 -8.46 2.97
CA GLY B 445 30.49 -8.27 3.12
C GLY B 445 30.84 -7.69 4.48
N PRO B 446 32.04 -7.11 4.59
CA PRO B 446 32.44 -6.48 5.86
C PRO B 446 31.55 -5.29 6.19
N TRP B 447 31.40 -5.05 7.49
CA TRP B 447 30.64 -3.92 8.01
C TRP B 447 29.16 -4.01 7.62
N GLY B 448 28.68 -5.21 7.37
CA GLY B 448 27.26 -5.41 7.07
C GLY B 448 26.76 -4.70 5.84
N SER B 449 27.57 -4.67 4.78
CA SER B 449 27.20 -4.03 3.52
C SER B 449 27.04 -5.08 2.44
N LEU B 450 25.98 -4.95 1.65
CA LEU B 450 25.70 -5.89 0.58
C LEU B 450 26.64 -5.64 -0.60
N GLU B 451 27.21 -6.73 -1.12
CA GLU B 451 28.20 -6.64 -2.19
C GLU B 451 27.73 -7.46 -3.39
N SER B 452 28.17 -7.04 -4.57
CA SER B 452 27.78 -7.70 -5.81
C SER B 452 29.00 -7.90 -6.69
N PRO B 453 29.04 -8.98 -7.48
CA PRO B 453 30.22 -9.25 -8.31
C PRO B 453 30.20 -8.47 -9.61
N TYR B 454 31.38 -8.00 -10.01
CA TYR B 454 31.54 -7.28 -11.27
C TYR B 454 32.91 -7.61 -11.86
N TYR B 455 32.96 -7.71 -13.18
CA TYR B 455 34.18 -8.06 -13.90
C TYR B 455 34.94 -6.78 -14.24
N GLU B 456 36.15 -6.67 -13.70
CA GLU B 456 36.96 -5.47 -13.91
C GLU B 456 37.65 -5.54 -15.27
N ILE B 457 37.61 -4.44 -16.01
CA ILE B 457 38.26 -4.35 -17.31
C ILE B 457 39.53 -3.53 -17.13
N SER B 458 40.68 -4.16 -17.35
CA SER B 458 41.96 -3.49 -17.21
C SER B 458 42.98 -4.18 -18.10
N GLU B 459 43.96 -3.42 -18.57
CA GLU B 459 44.99 -3.93 -19.47
C GLU B 459 46.22 -4.44 -18.70
N ARG B 460 45.98 -5.34 -17.74
CA ARG B 460 47.09 -5.91 -16.99
C ARG B 460 46.90 -7.42 -16.83
N SER B 461 45.65 -7.86 -16.81
CA SER B 461 45.30 -9.27 -16.60
C SER B 461 45.93 -9.78 -15.31
N LYS B 462 45.43 -9.22 -14.20
CA LYS B 462 46.00 -9.44 -12.87
C LYS B 462 46.08 -10.91 -12.51
N ARG B 463 44.91 -11.55 -12.34
CA ARG B 463 44.80 -12.95 -11.97
C ARG B 463 43.32 -13.32 -11.87
N VAL B 464 42.60 -12.64 -10.98
CA VAL B 464 41.16 -12.78 -10.84
C VAL B 464 40.57 -11.42 -11.17
N GLN B 465 39.86 -11.33 -12.29
CA GLN B 465 39.35 -10.06 -12.78
C GLN B 465 38.01 -9.69 -12.19
N MET B 466 37.46 -10.51 -11.30
CA MET B 466 36.16 -10.25 -10.69
C MET B 466 36.35 -9.71 -9.27
N LEU B 467 35.53 -8.70 -8.93
CA LEU B 467 35.58 -8.07 -7.63
C LEU B 467 34.18 -8.03 -7.03
N TYR B 468 34.12 -7.91 -5.71
CA TYR B 468 32.86 -7.76 -4.99
C TYR B 468 32.73 -6.30 -4.58
N LEU B 469 31.94 -5.54 -5.33
CA LEU B 469 31.78 -4.11 -5.10
C LEU B 469 30.65 -3.85 -4.10
N SER B 470 30.88 -2.87 -3.23
CA SER B 470 29.95 -2.36 -2.25
C SER B 470 29.25 -1.11 -2.79
N PRO B 471 28.11 -0.72 -2.20
CA PRO B 471 27.40 0.45 -2.73
C PRO B 471 28.20 1.72 -2.72
N SER B 472 29.12 1.89 -1.75
CA SER B 472 29.91 3.12 -1.70
C SER B 472 30.90 3.20 -2.86
N ARG B 473 31.41 2.06 -3.32
CA ARG B 473 32.35 2.02 -4.43
C ARG B 473 31.68 1.78 -5.77
N ASP B 474 30.35 1.72 -5.80
CA ASP B 474 29.63 1.35 -7.01
C ASP B 474 29.36 2.55 -7.91
N GLU B 475 29.02 3.70 -7.33
CA GLU B 475 28.56 4.84 -8.12
C GLU B 475 29.69 5.66 -8.72
N TYR B 476 30.94 5.36 -8.38
CA TYR B 476 32.08 6.09 -8.94
C TYR B 476 32.80 5.32 -10.04
N TYR B 477 32.21 4.23 -10.52
CA TYR B 477 32.74 3.48 -11.65
C TYR B 477 31.69 3.41 -12.74
N MET B 478 32.15 3.15 -13.96
CA MET B 478 31.29 3.13 -15.14
C MET B 478 31.04 1.67 -15.50
N LEU B 479 29.87 1.16 -15.11
CA LEU B 479 29.55 -0.26 -15.19
C LEU B 479 28.78 -0.53 -16.48
N ALA B 480 29.47 -1.08 -17.46
CA ALA B 480 28.84 -1.39 -18.73
C ALA B 480 27.97 -2.63 -18.62
N SER B 481 26.96 -2.71 -19.50
CA SER B 481 26.13 -3.89 -19.59
C SER B 481 25.87 -4.28 -21.05
N GLY B 482 26.75 -3.87 -21.95
CA GLY B 482 26.58 -4.06 -23.37
C GLY B 482 27.38 -5.24 -23.90
N ASN B 483 27.82 -5.11 -25.15
CA ASN B 483 28.45 -6.22 -25.87
C ASN B 483 29.58 -5.70 -26.73
N SER B 484 30.47 -6.62 -27.12
CA SER B 484 31.56 -6.32 -28.04
C SER B 484 31.27 -6.78 -29.46
N LEU B 485 30.01 -7.11 -29.77
CA LEU B 485 29.64 -7.60 -31.09
C LEU B 485 29.11 -6.45 -31.94
N ALA B 486 30.03 -5.55 -32.28
CA ALA B 486 29.72 -4.40 -33.13
C ALA B 486 31.02 -3.85 -33.69
N LEU B 487 31.11 -3.74 -35.01
CA LEU B 487 32.33 -3.29 -35.66
C LEU B 487 32.01 -2.25 -36.72
N ASN B 488 32.72 -1.13 -36.67
CA ASN B 488 32.56 -0.04 -37.61
C ASN B 488 33.85 0.12 -38.41
N GLN B 489 33.78 0.96 -39.46
CA GLN B 489 34.92 1.15 -40.36
C GLN B 489 36.13 1.73 -39.63
N GLY B 490 35.94 2.32 -38.46
CA GLY B 490 37.05 2.84 -37.69
C GLY B 490 37.65 1.79 -36.79
N ILE B 491 37.61 2.01 -35.48
CA ILE B 491 38.16 1.09 -34.50
C ILE B 491 37.05 0.60 -33.59
N GLN B 492 37.20 -0.61 -33.08
CA GLN B 492 36.17 -1.22 -32.24
C GLN B 492 36.06 -0.54 -30.88
N GLU B 493 37.10 0.15 -30.43
CA GLU B 493 37.12 0.70 -29.07
C GLU B 493 36.30 1.98 -28.94
N GLU B 494 35.72 2.50 -30.02
CA GLU B 494 34.86 3.67 -29.95
C GLU B 494 33.38 3.33 -30.08
N GLN B 495 33.02 2.04 -30.04
CA GLN B 495 31.63 1.66 -30.10
C GLN B 495 30.92 2.03 -28.79
N VAL B 496 29.62 2.26 -28.89
CA VAL B 496 28.84 2.80 -27.78
C VAL B 496 28.00 1.69 -27.16
N VAL B 497 28.02 1.62 -25.84
CA VAL B 497 27.20 0.68 -25.07
C VAL B 497 26.51 1.43 -23.94
N PRO B 498 25.35 0.99 -23.46
CA PRO B 498 24.76 1.58 -22.27
C PRO B 498 25.58 1.25 -21.03
N ALA B 499 25.56 2.18 -20.07
CA ALA B 499 26.32 2.01 -18.84
C ALA B 499 25.51 2.57 -17.68
N ARG B 500 26.16 2.68 -16.53
CA ARG B 500 25.52 3.19 -15.32
C ARG B 500 26.58 3.92 -14.49
N TYR B 501 26.63 5.24 -14.67
CA TYR B 501 27.55 6.09 -13.94
C TYR B 501 26.77 6.94 -12.95
N ARG B 502 27.34 7.14 -11.76
CA ARG B 502 26.64 7.77 -10.66
C ARG B 502 25.31 7.07 -10.40
N GLN B 503 24.20 7.76 -10.67
CA GLN B 503 22.88 7.17 -10.53
C GLN B 503 22.04 7.41 -11.78
N GLU B 504 22.68 7.47 -12.94
CA GLU B 504 22.01 7.71 -14.21
C GLU B 504 22.27 6.53 -15.15
N PHE B 505 21.80 6.68 -16.39
CA PHE B 505 21.99 5.68 -17.45
C PHE B 505 22.51 6.41 -18.69
N LEU B 506 23.79 6.25 -18.98
CA LEU B 506 24.41 6.91 -20.11
C LEU B 506 24.62 5.94 -21.26
N THR B 507 25.30 6.41 -22.31
CA THR B 507 25.73 5.58 -23.43
C THR B 507 27.13 6.05 -23.79
N ILE B 508 28.12 5.18 -23.60
CA ILE B 508 29.52 5.59 -23.64
C ILE B 508 30.30 4.69 -24.58
N ALA B 509 31.47 5.19 -25.00
CA ALA B 509 32.40 4.38 -25.76
C ALA B 509 33.00 3.29 -24.87
N TRP B 510 33.45 2.21 -25.51
CA TRP B 510 34.01 1.10 -24.77
C TRP B 510 35.30 1.47 -24.04
N GLU B 511 35.94 2.58 -24.42
CA GLU B 511 37.25 2.91 -23.87
C GLU B 511 37.20 3.51 -22.48
N GLN B 512 36.02 3.93 -22.00
CA GLN B 512 35.88 4.51 -20.67
C GLN B 512 34.97 3.66 -19.80
N VAL B 513 35.14 2.34 -19.88
CA VAL B 513 34.38 1.38 -19.07
C VAL B 513 35.33 0.77 -18.06
N HIS B 514 34.97 0.87 -16.78
CA HIS B 514 35.79 0.33 -15.71
C HIS B 514 35.37 -1.07 -15.27
N PHE B 515 34.08 -1.34 -15.22
CA PHE B 515 33.56 -2.63 -14.80
C PHE B 515 32.47 -3.07 -15.75
N ARG B 516 32.16 -4.37 -15.73
CA ARG B 516 31.24 -4.95 -16.69
C ARG B 516 30.51 -6.12 -16.05
N SER B 517 29.22 -5.93 -15.75
CA SER B 517 28.41 -7.03 -15.25
C SER B 517 28.19 -8.05 -16.36
N ILE B 518 28.29 -9.34 -16.00
CA ILE B 518 28.27 -10.40 -17.01
C ILE B 518 27.23 -11.46 -16.69
N PHE B 519 26.63 -11.37 -15.50
CA PHE B 519 25.71 -12.41 -15.02
C PHE B 519 24.27 -12.04 -15.34
N SER B 520 23.53 -13.00 -15.86
CA SER B 520 22.10 -12.81 -16.09
C SER B 520 21.30 -12.89 -14.81
N PHE B 521 21.67 -13.79 -13.91
CA PHE B 521 20.99 -13.95 -12.61
C PHE B 521 21.66 -13.09 -11.54
N GLN B 522 21.81 -11.79 -11.79
CA GLN B 522 22.48 -10.91 -10.85
C GLN B 522 21.56 -9.85 -10.26
N TYR B 523 20.54 -9.42 -10.99
CA TYR B 523 19.66 -8.35 -10.54
C TYR B 523 18.33 -8.85 -10.02
N PHE B 524 18.16 -10.17 -9.89
CA PHE B 524 16.88 -10.74 -9.51
C PHE B 524 17.05 -11.66 -8.31
N SER B 525 15.92 -12.13 -7.79
CA SER B 525 15.88 -13.02 -6.63
C SER B 525 15.61 -14.45 -7.10
N ILE B 526 15.39 -15.35 -6.14
CA ILE B 526 15.13 -16.74 -6.47
C ILE B 526 13.77 -16.90 -7.13
N GLY B 527 12.75 -16.19 -6.63
CA GLY B 527 11.43 -16.32 -7.19
C GLY B 527 11.32 -15.80 -8.61
N ALA B 528 11.96 -14.66 -8.88
CA ALA B 528 11.86 -14.03 -10.19
C ALA B 528 12.72 -14.69 -11.24
N SER B 529 13.70 -15.51 -10.84
CA SER B 529 14.60 -16.16 -11.77
C SER B 529 14.08 -17.53 -12.21
N LEU B 530 12.87 -17.90 -11.82
CA LEU B 530 12.26 -19.15 -12.25
C LEU B 530 11.23 -18.94 -13.35
N ILE B 531 11.19 -17.76 -13.94
CA ILE B 531 10.23 -17.42 -14.98
C ILE B 531 10.93 -17.47 -16.33
N PRO B 532 10.59 -18.40 -17.21
CA PRO B 532 11.16 -18.38 -18.56
C PRO B 532 10.66 -17.16 -19.34
N PHE B 533 11.53 -16.65 -20.20
CA PHE B 533 11.23 -15.49 -21.05
C PHE B 533 10.70 -14.32 -20.23
N ILE B 534 11.39 -14.04 -19.12
CA ILE B 534 10.96 -12.95 -18.24
C ILE B 534 11.06 -11.61 -18.94
N GLU B 535 11.94 -11.49 -19.93
CA GLU B 535 12.11 -10.22 -20.64
C GLU B 535 10.92 -9.86 -21.52
N HIS B 536 10.01 -10.81 -21.77
CA HIS B 536 8.82 -10.55 -22.56
C HIS B 536 7.59 -10.28 -21.70
N ASN B 537 7.73 -10.28 -20.39
CA ASN B 537 6.62 -10.04 -19.47
C ASN B 537 6.73 -8.65 -18.88
N ASP B 538 5.58 -7.98 -18.76
CA ASP B 538 5.56 -6.68 -18.11
C ASP B 538 6.02 -6.80 -16.67
N ALA B 539 6.81 -5.83 -16.23
CA ALA B 539 7.35 -5.85 -14.87
C ALA B 539 6.28 -5.70 -13.81
N ASN B 540 5.07 -5.28 -14.18
CA ASN B 540 3.98 -5.20 -13.21
C ASN B 540 3.52 -6.58 -12.79
N ARG B 541 3.53 -7.54 -13.72
CA ARG B 541 3.06 -8.89 -13.45
C ARG B 541 4.11 -9.77 -12.79
N ALA B 542 5.37 -9.34 -12.75
CA ALA B 542 6.42 -10.18 -12.20
C ALA B 542 6.25 -10.42 -10.70
N LEU B 543 5.73 -9.43 -9.98
CA LEU B 543 5.50 -9.58 -8.54
C LEU B 543 4.58 -10.76 -8.26
N MET B 544 3.42 -10.80 -8.90
CA MET B 544 2.50 -11.89 -8.68
C MET B 544 2.90 -13.17 -9.39
N SER B 545 3.73 -13.07 -10.44
CA SER B 545 4.29 -14.29 -11.02
C SER B 545 5.23 -14.98 -10.03
N SER B 546 5.98 -14.19 -9.27
CA SER B 546 6.85 -14.75 -8.24
C SER B 546 6.05 -15.20 -7.03
N ASN B 547 5.01 -14.45 -6.66
CA ASN B 547 4.26 -14.74 -5.44
C ASN B 547 3.35 -15.95 -5.56
N MET B 548 2.99 -16.37 -6.78
CA MET B 548 2.14 -17.53 -6.98
C MET B 548 2.92 -18.82 -7.15
N GLN B 549 4.24 -18.78 -7.00
CA GLN B 549 5.03 -20.02 -6.96
C GLN B 549 5.28 -20.50 -5.54
N ARG B 550 5.10 -19.63 -4.55
CA ARG B 550 5.22 -20.01 -3.15
C ARG B 550 3.93 -20.59 -2.58
N GLN B 551 2.88 -20.68 -3.38
CA GLN B 551 1.62 -21.27 -2.96
C GLN B 551 1.36 -22.60 -3.66
N ALA B 552 2.38 -23.17 -4.32
CA ALA B 552 2.21 -24.41 -5.05
C ALA B 552 2.10 -25.59 -4.10
N VAL B 553 1.24 -26.53 -4.46
CA VAL B 553 1.01 -27.74 -3.66
C VAL B 553 1.86 -28.85 -4.25
N PRO B 554 2.79 -29.43 -3.50
CA PRO B 554 3.53 -30.60 -3.99
C PRO B 554 2.58 -31.77 -4.21
N LEU B 555 2.45 -32.18 -5.48
CA LEU B 555 1.52 -33.22 -5.85
C LEU B 555 2.05 -34.59 -5.44
N SER B 556 1.24 -35.63 -5.66
CA SER B 556 1.63 -36.98 -5.32
C SER B 556 2.86 -37.42 -6.13
N GLN B 557 2.72 -37.45 -7.45
CA GLN B 557 3.82 -37.77 -8.34
C GLN B 557 4.23 -36.51 -9.10
N SER B 558 5.54 -36.30 -9.24
CA SER B 558 6.07 -35.07 -9.80
C SER B 558 6.50 -35.26 -11.25
N GLU B 559 6.73 -34.14 -11.92
CA GLU B 559 7.11 -34.13 -13.33
C GLU B 559 7.90 -32.87 -13.61
N LYS B 560 8.95 -32.99 -14.42
CA LYS B 560 9.85 -31.89 -14.70
C LYS B 560 9.29 -30.99 -15.80
N CYS B 561 9.69 -29.72 -15.77
CA CYS B 561 9.22 -28.74 -16.73
C CYS B 561 10.01 -28.80 -18.02
N ILE B 562 9.30 -28.74 -19.14
CA ILE B 562 9.96 -28.78 -20.45
C ILE B 562 10.80 -27.53 -20.65
N VAL B 563 10.25 -26.36 -20.32
CA VAL B 563 10.92 -25.08 -20.50
C VAL B 563 11.19 -24.50 -19.11
N GLY B 564 12.45 -24.14 -18.86
CA GLY B 564 12.84 -23.59 -17.58
C GLY B 564 14.01 -22.65 -17.74
N THR B 565 14.45 -22.09 -16.62
CA THR B 565 15.55 -21.14 -16.62
C THR B 565 16.86 -21.73 -16.13
N GLY B 566 16.87 -22.99 -15.71
CA GLY B 566 18.08 -23.64 -15.25
C GLY B 566 18.48 -23.36 -13.83
N LEU B 567 17.70 -22.56 -13.09
CA LEU B 567 17.97 -22.33 -11.69
C LEU B 567 17.24 -23.30 -10.78
N GLU B 568 16.36 -24.15 -11.33
CA GLU B 568 15.64 -25.10 -10.50
C GLU B 568 16.58 -26.11 -9.85
N ARG B 569 17.69 -26.43 -10.52
CA ARG B 569 18.61 -27.41 -9.99
C ARG B 569 19.25 -26.94 -8.68
N GLN B 570 19.70 -25.69 -8.64
CA GLN B 570 20.32 -25.17 -7.42
C GLN B 570 19.29 -24.96 -6.32
N VAL B 571 18.06 -24.57 -6.68
CA VAL B 571 17.01 -24.46 -5.68
C VAL B 571 16.73 -25.81 -5.05
N ALA B 572 16.66 -26.86 -5.87
CA ALA B 572 16.46 -28.20 -5.34
C ALA B 572 17.63 -28.62 -4.46
N LEU B 573 18.86 -28.30 -4.87
CA LEU B 573 20.03 -28.66 -4.08
C LEU B 573 20.00 -28.00 -2.71
N ASP B 574 19.69 -26.71 -2.66
CA ASP B 574 19.80 -25.95 -1.43
C ASP B 574 18.52 -25.96 -0.59
N SER B 575 17.42 -26.51 -1.10
CA SER B 575 16.18 -26.53 -0.33
C SER B 575 16.31 -27.38 0.93
N GLY B 576 17.18 -28.38 0.92
CA GLY B 576 17.31 -29.31 2.03
C GLY B 576 16.36 -30.48 1.97
N VAL B 577 15.43 -30.49 1.00
CA VAL B 577 14.50 -31.61 0.86
C VAL B 577 15.26 -32.86 0.40
N LEU B 578 16.27 -32.68 -0.45
CA LEU B 578 17.03 -33.80 -0.98
C LEU B 578 17.78 -34.54 0.13
N ALA B 579 18.33 -35.69 -0.24
CA ALA B 579 19.23 -36.46 0.62
C ALA B 579 20.51 -36.66 -0.18
N ILE B 580 21.53 -35.85 0.12
CA ILE B 580 22.80 -35.88 -0.61
C ILE B 580 23.79 -36.70 0.19
N ALA B 581 24.64 -37.45 -0.53
CA ALA B 581 25.62 -38.30 0.12
C ALA B 581 26.69 -37.47 0.82
N GLU B 582 27.02 -37.85 2.05
CA GLU B 582 28.09 -37.22 2.80
C GLU B 582 29.37 -38.04 2.77
N HIS B 583 29.41 -39.09 1.95
CA HIS B 583 30.57 -39.97 1.87
C HIS B 583 30.57 -40.65 0.51
N GLU B 584 31.72 -41.20 0.15
CA GLU B 584 31.86 -41.95 -1.09
C GLU B 584 31.32 -43.36 -0.90
N GLY B 585 31.57 -44.23 -1.88
CA GLY B 585 31.24 -45.63 -1.76
C GLY B 585 30.12 -46.04 -2.71
N LYS B 586 29.69 -47.28 -2.54
CA LYS B 586 28.67 -47.89 -3.37
C LYS B 586 27.39 -48.10 -2.57
N ILE B 587 26.24 -47.95 -3.23
CA ILE B 587 24.95 -48.18 -2.59
C ILE B 587 24.77 -49.69 -2.43
N ILE B 588 25.02 -50.21 -1.22
CA ILE B 588 24.97 -51.65 -1.00
C ILE B 588 23.63 -52.12 -0.45
N TYR B 589 22.77 -51.21 0.00
CA TYR B 589 21.46 -51.63 0.50
C TYR B 589 20.47 -50.50 0.27
N THR B 590 19.31 -50.83 -0.29
CA THR B 590 18.24 -49.85 -0.41
C THR B 590 16.91 -50.50 -0.04
N ASN B 591 16.20 -49.88 0.89
CA ASN B 591 14.82 -50.22 1.20
C ASN B 591 14.04 -48.93 1.30
N THR B 592 12.72 -49.00 1.11
CA THR B 592 11.96 -47.77 1.21
C THR B 592 11.72 -47.42 2.67
N ASP B 593 12.78 -47.53 3.48
CA ASP B 593 12.90 -46.81 4.73
C ASP B 593 14.32 -46.35 5.01
N LYS B 594 15.30 -46.70 4.17
CA LYS B 594 16.70 -46.47 4.50
C LYS B 594 17.57 -46.78 3.28
N ILE B 595 18.74 -46.16 3.23
CA ILE B 595 19.76 -46.47 2.24
C ILE B 595 21.09 -46.63 2.96
N VAL B 596 21.74 -47.76 2.72
CA VAL B 596 22.99 -48.12 3.40
C VAL B 596 24.10 -48.14 2.35
N LEU B 597 25.13 -47.33 2.58
CA LEU B 597 26.26 -47.17 1.68
C LEU B 597 27.52 -47.71 2.35
N LEU B 598 28.40 -48.31 1.56
CA LEU B 598 29.69 -48.82 2.03
C LEU B 598 30.80 -48.11 1.27
N GLY B 599 31.66 -47.41 2.01
CA GLY B 599 32.77 -46.71 1.40
C GLY B 599 33.85 -46.35 2.40
N ASN B 600 35.10 -46.65 2.04
CA ASN B 600 36.26 -46.38 2.91
C ASN B 600 36.10 -47.05 4.27
N GLY B 601 35.78 -48.35 4.24
CA GLY B 601 35.69 -49.13 5.46
C GLY B 601 34.35 -49.06 6.16
N ASN B 602 34.03 -47.90 6.72
CA ASN B 602 32.81 -47.77 7.52
C ASN B 602 31.57 -47.83 6.63
N THR B 603 30.44 -48.14 7.26
CA THR B 603 29.16 -48.26 6.58
C THR B 603 28.21 -47.22 7.15
N VAL B 604 27.54 -46.47 6.26
CA VAL B 604 26.73 -45.33 6.65
C VAL B 604 25.27 -45.60 6.28
N SER B 605 24.38 -45.41 7.24
CA SER B 605 22.95 -45.59 7.03
C SER B 605 22.26 -44.24 7.02
N ILE B 606 21.48 -43.98 5.97
CA ILE B 606 20.73 -42.74 5.81
C ILE B 606 19.25 -43.10 5.88
N PRO B 607 18.51 -42.60 6.87
CA PRO B 607 17.07 -42.91 6.93
C PRO B 607 16.23 -41.94 6.10
N LEU B 608 15.32 -42.49 5.31
CA LEU B 608 14.46 -41.66 4.47
C LEU B 608 13.29 -41.10 5.26
N VAL B 609 12.60 -40.15 4.64
CA VAL B 609 11.38 -39.56 5.20
C VAL B 609 10.22 -40.08 4.38
N MET B 610 9.44 -40.99 4.96
CA MET B 610 8.39 -41.67 4.20
C MET B 610 7.16 -40.79 4.03
N TYR B 611 6.51 -40.44 5.13
CA TYR B 611 5.36 -39.55 5.11
C TYR B 611 5.39 -38.70 6.35
N GLN B 612 5.28 -37.39 6.16
CA GLN B 612 5.33 -36.44 7.27
C GLN B 612 4.34 -35.31 6.99
N ARG B 613 4.32 -34.33 7.87
CA ARG B 613 3.41 -33.19 7.78
C ARG B 613 4.20 -31.90 7.74
N SER B 614 3.80 -31.00 6.86
CA SER B 614 4.43 -29.69 6.75
C SER B 614 3.68 -28.68 7.61
N ASN B 615 4.32 -27.52 7.79
CA ASN B 615 3.67 -26.44 8.54
C ASN B 615 2.40 -25.96 7.86
N LYS B 616 2.25 -26.20 6.55
CA LYS B 616 1.04 -25.84 5.82
C LYS B 616 0.23 -27.06 5.43
N ASN B 617 0.36 -28.15 6.18
CA ASN B 617 -0.44 -29.38 5.98
C ASN B 617 -0.21 -29.98 4.59
N THR B 618 1.03 -30.36 4.33
CA THR B 618 1.38 -31.03 3.09
C THR B 618 2.41 -32.11 3.39
N CYS B 619 2.39 -33.17 2.59
CA CYS B 619 3.27 -34.31 2.80
C CYS B 619 4.69 -33.99 2.35
N MET B 620 5.65 -34.79 2.85
CA MET B 620 7.05 -34.71 2.46
C MET B 620 7.52 -36.16 2.26
N HIS B 621 7.44 -36.64 1.02
CA HIS B 621 7.66 -38.05 0.69
C HIS B 621 8.92 -38.16 -0.17
N GLN B 622 9.95 -38.81 0.37
CA GLN B 622 11.20 -39.01 -0.34
C GLN B 622 11.18 -40.32 -1.12
N LYS B 623 12.23 -40.53 -1.91
CA LYS B 623 12.31 -41.71 -2.77
C LYS B 623 13.74 -41.95 -3.22
N PRO B 624 14.23 -43.20 -3.14
CA PRO B 624 15.60 -43.49 -3.59
C PRO B 624 15.76 -43.27 -5.08
N GLN B 625 16.99 -42.96 -5.49
CA GLN B 625 17.28 -42.63 -6.88
C GLN B 625 18.17 -43.66 -7.56
N ILE B 626 19.35 -43.94 -7.01
CA ILE B 626 20.31 -44.84 -7.66
C ILE B 626 20.10 -46.26 -7.16
N PRO B 627 20.04 -47.25 -8.05
CA PRO B 627 19.78 -48.63 -7.62
C PRO B 627 20.97 -49.27 -6.90
N ARG B 628 20.83 -50.55 -6.58
CA ARG B 628 21.85 -51.26 -5.82
C ARG B 628 23.13 -51.42 -6.62
N GLY B 629 24.27 -51.20 -5.95
CA GLY B 629 25.57 -51.54 -6.47
C GLY B 629 26.33 -50.40 -7.12
N LYS B 630 25.65 -49.33 -7.51
CA LYS B 630 26.35 -48.24 -8.17
C LYS B 630 27.00 -47.30 -7.16
N CYS B 631 27.90 -46.47 -7.65
CA CYS B 631 28.75 -45.64 -6.81
C CYS B 631 28.34 -44.17 -6.89
N VAL B 632 28.61 -43.44 -5.81
CA VAL B 632 28.32 -42.01 -5.72
C VAL B 632 29.54 -41.31 -5.12
N LYS B 633 29.86 -40.14 -5.66
CA LYS B 633 30.87 -39.29 -5.06
C LYS B 633 30.25 -38.48 -3.92
N LYS B 634 31.08 -37.71 -3.23
CA LYS B 634 30.57 -36.86 -2.16
C LYS B 634 29.70 -35.75 -2.74
N GLY B 635 28.57 -35.50 -2.09
CA GLY B 635 27.69 -34.41 -2.47
C GLY B 635 26.70 -34.72 -3.56
N GLN B 636 26.74 -35.92 -4.15
CA GLN B 636 25.80 -36.26 -5.20
C GLN B 636 24.46 -36.67 -4.59
N ILE B 637 23.43 -36.68 -5.44
CA ILE B 637 22.07 -36.95 -5.00
C ILE B 637 21.90 -38.43 -4.73
N LEU B 638 21.28 -38.76 -3.60
CA LEU B 638 20.94 -40.12 -3.23
C LEU B 638 19.44 -40.40 -3.31
N ALA B 639 18.62 -39.50 -2.79
CA ALA B 639 17.18 -39.69 -2.73
C ALA B 639 16.47 -38.42 -3.20
N ASP B 640 15.29 -38.61 -3.79
CA ASP B 640 14.45 -37.50 -4.23
C ASP B 640 13.67 -36.96 -3.03
N GLY B 641 12.71 -36.08 -3.31
CA GLY B 641 11.87 -35.54 -2.27
C GLY B 641 10.51 -35.11 -2.79
N ALA B 642 9.81 -34.27 -2.03
CA ALA B 642 8.51 -33.77 -2.46
C ALA B 642 8.69 -32.72 -3.54
N ALA B 643 8.04 -32.93 -4.68
CA ALA B 643 8.06 -31.98 -5.80
C ALA B 643 9.48 -31.71 -6.28
N THR B 644 10.32 -32.75 -6.28
CA THR B 644 11.72 -32.61 -6.65
C THR B 644 12.18 -33.77 -7.53
N VAL B 645 11.38 -34.11 -8.55
CA VAL B 645 11.76 -35.18 -9.46
C VAL B 645 13.12 -34.88 -10.09
N GLY B 646 13.94 -35.92 -10.20
CA GLY B 646 15.32 -35.71 -10.65
C GLY B 646 16.09 -34.89 -9.63
N GLY B 647 17.06 -34.13 -10.12
CA GLY B 647 17.77 -33.21 -9.26
C GLY B 647 17.22 -31.80 -9.36
N GLU B 648 16.00 -31.68 -9.89
CA GLU B 648 15.39 -30.41 -10.22
C GLU B 648 14.13 -30.18 -9.42
N LEU B 649 13.83 -28.91 -9.16
CA LEU B 649 12.54 -28.54 -8.58
C LEU B 649 11.43 -28.77 -9.60
N ALA B 650 10.27 -29.20 -9.11
CA ALA B 650 9.13 -29.47 -9.99
C ALA B 650 7.84 -29.22 -9.21
N LEU B 651 7.26 -28.04 -9.38
CA LEU B 651 6.07 -27.64 -8.65
C LEU B 651 4.78 -27.79 -9.45
N GLY B 652 4.85 -28.27 -10.68
CA GLY B 652 3.65 -28.38 -11.51
C GLY B 652 3.73 -29.49 -12.53
N LYS B 653 2.86 -29.45 -13.54
CA LYS B 653 2.83 -30.45 -14.59
C LYS B 653 2.65 -29.78 -15.94
N ASN B 654 3.19 -30.43 -16.98
CA ASN B 654 3.07 -29.95 -18.35
C ASN B 654 1.76 -30.45 -18.93
N VAL B 655 0.94 -29.52 -19.45
CA VAL B 655 -0.38 -29.89 -19.95
C VAL B 655 -0.64 -29.18 -21.27
N LEU B 656 -1.30 -29.88 -22.19
CA LEU B 656 -1.69 -29.27 -23.46
C LEU B 656 -2.70 -28.15 -23.21
N VAL B 657 -2.49 -27.02 -23.88
CA VAL B 657 -3.28 -25.82 -23.64
C VAL B 657 -3.58 -25.15 -24.98
N ALA B 658 -4.83 -24.70 -25.14
CA ALA B 658 -5.25 -23.91 -26.29
C ALA B 658 -5.91 -22.63 -25.80
N TYR B 659 -5.50 -21.50 -26.36
CA TYR B 659 -6.04 -20.19 -25.98
C TYR B 659 -7.23 -19.86 -26.86
N MET B 660 -8.44 -19.95 -26.30
CA MET B 660 -9.64 -19.64 -27.07
C MET B 660 -10.84 -19.45 -26.14
N PRO B 661 -11.78 -18.58 -26.48
CA PRO B 661 -13.01 -18.45 -25.69
C PRO B 661 -13.99 -19.57 -26.06
N TRP B 662 -14.23 -20.47 -25.11
CA TRP B 662 -15.00 -21.67 -25.44
C TRP B 662 -16.50 -21.41 -25.44
N GLU B 663 -17.07 -21.10 -24.27
CA GLU B 663 -18.50 -20.79 -24.21
C GLU B 663 -18.80 -19.72 -23.16
N GLY B 664 -17.82 -18.92 -22.78
CA GLY B 664 -17.96 -18.03 -21.65
C GLY B 664 -17.62 -18.68 -20.33
N TYR B 665 -17.34 -19.98 -20.32
CA TYR B 665 -16.89 -20.65 -19.09
C TYR B 665 -15.46 -20.30 -18.73
N ASN B 666 -14.72 -19.63 -19.62
CA ASN B 666 -13.41 -19.07 -19.32
C ASN B 666 -13.47 -17.55 -19.28
N PHE B 667 -14.59 -17.02 -18.80
CA PHE B 667 -14.76 -15.58 -18.67
C PHE B 667 -13.78 -15.02 -17.65
N GLU B 668 -13.30 -13.80 -17.91
CA GLU B 668 -12.27 -13.17 -17.10
C GLU B 668 -11.07 -14.08 -16.90
N ASP B 669 -10.96 -14.69 -15.73
CA ASP B 669 -9.81 -15.52 -15.37
C ASP B 669 -10.27 -16.91 -14.92
N ALA B 670 -11.16 -17.51 -15.70
CA ALA B 670 -11.62 -18.86 -15.43
C ALA B 670 -10.95 -19.84 -16.39
N VAL B 671 -10.69 -21.04 -15.89
CA VAL B 671 -10.06 -22.10 -16.67
C VAL B 671 -11.06 -23.23 -16.84
N LEU B 672 -10.89 -23.99 -17.93
CA LEU B 672 -11.81 -25.05 -18.31
C LEU B 672 -10.99 -26.31 -18.55
N ILE B 673 -10.76 -27.08 -17.48
CA ILE B 673 -9.97 -28.30 -17.56
C ILE B 673 -10.84 -29.46 -18.00
N SER B 674 -10.20 -30.58 -18.37
CA SER B 674 -10.90 -31.77 -18.81
C SER B 674 -10.87 -32.85 -17.74
N GLU B 675 -11.63 -33.92 -17.97
CA GLU B 675 -11.66 -35.04 -17.04
C GLU B 675 -10.32 -35.77 -16.97
N ARG B 676 -9.48 -35.64 -18.01
CA ARG B 676 -8.22 -36.37 -18.02
C ARG B 676 -7.30 -35.98 -16.87
N LEU B 677 -7.55 -34.83 -16.24
CA LEU B 677 -6.74 -34.38 -15.12
C LEU B 677 -7.23 -34.90 -13.77
N VAL B 678 -8.35 -35.61 -13.73
CA VAL B 678 -8.87 -36.12 -12.46
C VAL B 678 -8.84 -37.64 -12.36
N TYR B 679 -8.74 -38.36 -13.48
CA TYR B 679 -8.66 -39.81 -13.43
C TYR B 679 -7.27 -40.36 -13.73
N GLU B 680 -6.35 -39.52 -14.20
CA GLU B 680 -4.95 -39.90 -14.31
C GLU B 680 -4.10 -39.33 -13.17
N ASP B 681 -4.75 -38.74 -12.17
CA ASP B 681 -4.06 -38.17 -11.00
C ASP B 681 -3.00 -37.16 -11.42
N ILE B 682 -3.32 -36.36 -12.44
CA ILE B 682 -2.40 -35.32 -12.87
C ILE B 682 -2.25 -34.25 -11.78
N TYR B 683 -3.36 -33.84 -11.18
CA TYR B 683 -3.35 -32.90 -10.06
C TYR B 683 -4.03 -33.60 -8.89
N THR B 684 -3.24 -34.24 -8.05
CA THR B 684 -3.74 -34.96 -6.88
C THR B 684 -2.67 -34.91 -5.80
N SER B 685 -3.02 -34.40 -4.63
CA SER B 685 -2.07 -34.18 -3.55
C SER B 685 -2.64 -34.71 -2.24
N PHE B 686 -1.73 -35.05 -1.34
CA PHE B 686 -2.10 -35.53 0.00
C PHE B 686 -1.95 -34.38 1.00
N HIS B 687 -2.98 -34.17 1.80
CA HIS B 687 -2.98 -33.16 2.84
C HIS B 687 -3.19 -33.84 4.19
N ILE B 688 -2.27 -33.62 5.13
CA ILE B 688 -2.32 -34.23 6.44
C ILE B 688 -2.65 -33.14 7.45
N ARG B 689 -3.74 -33.33 8.20
CA ARG B 689 -4.15 -32.41 9.24
C ARG B 689 -3.86 -33.00 10.61
N LYS B 690 -3.39 -32.17 11.53
CA LYS B 690 -2.96 -32.59 12.85
C LYS B 690 -3.94 -32.05 13.88
N TYR B 691 -4.74 -32.94 14.48
CA TYR B 691 -5.68 -32.58 15.53
C TYR B 691 -5.06 -32.96 16.88
N GLU B 692 -4.88 -31.96 17.75
CA GLU B 692 -4.26 -32.17 19.05
C GLU B 692 -5.28 -31.89 20.15
N ILE B 693 -5.40 -32.83 21.09
CA ILE B 693 -6.31 -32.68 22.22
C ILE B 693 -5.56 -33.04 23.50
N GLN B 694 -5.67 -32.19 24.51
CA GLN B 694 -4.96 -32.37 25.76
C GLN B 694 -5.95 -32.68 26.88
N THR B 695 -5.41 -32.97 28.06
CA THR B 695 -6.19 -33.22 29.26
C THR B 695 -5.73 -32.30 30.37
N TYR B 696 -6.61 -32.07 31.33
CA TYR B 696 -6.35 -31.16 32.44
C TYR B 696 -6.73 -31.84 33.75
N VAL B 697 -6.26 -31.26 34.85
CA VAL B 697 -6.53 -31.78 36.18
C VAL B 697 -7.48 -30.80 36.86
N THR B 698 -8.77 -31.10 36.82
CA THR B 698 -9.78 -30.25 37.42
C THR B 698 -9.89 -30.59 38.92
N SER B 699 -10.90 -30.01 39.58
CA SER B 699 -11.09 -30.26 41.00
C SER B 699 -11.59 -31.69 41.24
N GLN B 700 -12.58 -32.12 40.46
CA GLN B 700 -13.16 -33.45 40.65
C GLN B 700 -12.18 -34.54 40.26
N GLY B 701 -11.58 -34.41 39.08
CA GLY B 701 -10.66 -35.41 38.57
C GLY B 701 -9.87 -34.92 37.38
N PRO B 702 -8.79 -35.65 37.04
CA PRO B 702 -7.90 -35.23 35.95
C PRO B 702 -8.38 -35.68 34.56
N GLU B 703 -9.68 -35.52 34.30
CA GLU B 703 -10.28 -35.77 32.99
C GLU B 703 -9.89 -37.14 32.44
N LYS B 704 -10.40 -38.16 33.14
CA LYS B 704 -10.03 -39.54 32.82
C LYS B 704 -10.37 -39.88 31.37
N VAL B 705 -9.44 -40.58 30.72
CA VAL B 705 -9.62 -41.03 29.35
C VAL B 705 -10.36 -42.36 29.37
N THR B 706 -11.23 -42.58 28.40
CA THR B 706 -12.06 -43.78 28.37
C THR B 706 -12.44 -44.10 26.93
N SER B 707 -12.83 -45.35 26.72
CA SER B 707 -13.31 -45.81 25.42
C SER B 707 -14.83 -45.79 25.30
N GLU B 708 -15.54 -45.47 26.39
CA GLU B 708 -16.99 -45.41 26.37
C GLU B 708 -17.45 -44.11 27.00
N ILE B 709 -18.53 -43.55 26.47
CA ILE B 709 -19.09 -42.29 26.98
C ILE B 709 -20.57 -42.50 27.23
N PRO B 710 -21.09 -42.16 28.42
CA PRO B 710 -22.50 -42.40 28.70
C PRO B 710 -23.42 -41.66 27.74
N HIS B 711 -24.45 -42.37 27.27
CA HIS B 711 -25.48 -41.82 26.40
C HIS B 711 -24.88 -41.14 25.17
N LEU B 712 -23.88 -41.80 24.58
CA LEU B 712 -23.31 -41.40 23.30
C LEU B 712 -23.58 -42.51 22.29
N GLU B 713 -23.93 -42.12 21.07
CA GLU B 713 -24.28 -43.10 20.05
C GLU B 713 -23.11 -44.03 19.78
N ALA B 714 -23.39 -45.34 19.82
CA ALA B 714 -22.34 -46.33 19.62
C ALA B 714 -21.76 -46.25 18.21
N HIS B 715 -22.56 -45.84 17.24
CA HIS B 715 -22.07 -45.69 15.88
C HIS B 715 -20.96 -44.63 15.82
N LEU B 716 -21.08 -43.58 16.63
CA LEU B 716 -20.04 -42.56 16.70
C LEU B 716 -18.80 -43.06 17.43
N LEU B 717 -18.86 -44.23 18.06
CA LEU B 717 -17.71 -44.84 18.73
C LEU B 717 -17.31 -46.15 18.08
N ARG B 718 -17.70 -46.37 16.82
CA ARG B 718 -17.38 -47.63 16.15
C ARG B 718 -15.88 -47.79 15.95
N ASN B 719 -15.18 -46.71 15.62
CA ASN B 719 -13.75 -46.76 15.37
C ASN B 719 -12.91 -46.51 16.63
N LEU B 720 -13.54 -46.20 17.76
CA LEU B 720 -12.80 -45.94 18.97
C LEU B 720 -12.21 -47.24 19.53
N ASP B 721 -10.92 -47.22 19.83
CA ASP B 721 -10.24 -48.40 20.36
C ASP B 721 -10.59 -48.58 21.84
N LYS B 722 -10.18 -49.73 22.37
CA LYS B 722 -10.47 -50.05 23.77
C LYS B 722 -9.77 -49.10 24.73
N ASN B 723 -8.65 -48.50 24.31
CA ASN B 723 -7.95 -47.56 25.18
C ASN B 723 -8.66 -46.21 25.24
N GLY B 724 -9.22 -45.76 24.13
CA GLY B 724 -9.94 -44.50 24.11
C GLY B 724 -9.53 -43.58 22.97
N ILE B 725 -8.64 -44.06 22.10
CA ILE B 725 -8.16 -43.30 20.96
C ILE B 725 -8.36 -44.12 19.70
N VAL B 726 -8.90 -43.49 18.65
CA VAL B 726 -9.15 -44.19 17.40
C VAL B 726 -7.85 -44.75 16.84
N ARG B 727 -7.90 -45.99 16.37
CA ARG B 727 -6.74 -46.66 15.80
C ARG B 727 -6.61 -46.34 14.32
N LEU B 728 -5.48 -46.76 13.74
CA LEU B 728 -5.16 -46.43 12.36
C LEU B 728 -6.10 -47.12 11.39
N GLY B 729 -6.28 -46.49 10.23
CA GLY B 729 -7.03 -47.09 9.14
C GLY B 729 -8.52 -46.76 9.12
N SER B 730 -9.04 -46.13 10.15
CA SER B 730 -10.46 -45.83 10.21
C SER B 730 -10.79 -44.67 9.28
N TRP B 731 -11.83 -44.83 8.47
CA TRP B 731 -12.30 -43.77 7.58
C TRP B 731 -13.22 -42.85 8.38
N VAL B 732 -12.60 -42.04 9.23
CA VAL B 732 -13.34 -41.14 10.11
C VAL B 732 -14.01 -40.06 9.26
N GLU B 733 -15.30 -39.83 9.52
CA GLU B 733 -16.07 -38.83 8.81
C GLU B 733 -16.25 -37.59 9.71
N THR B 734 -17.03 -36.63 9.24
CA THR B 734 -17.30 -35.44 10.04
C THR B 734 -18.20 -35.79 11.22
N GLY B 735 -17.91 -35.19 12.37
CA GLY B 735 -18.66 -35.44 13.58
C GLY B 735 -18.31 -36.70 14.32
N ASP B 736 -17.34 -37.47 13.84
CA ASP B 736 -16.92 -38.69 14.52
C ASP B 736 -15.93 -38.36 15.63
N ILE B 737 -16.00 -39.11 16.73
CA ILE B 737 -15.12 -38.86 17.86
C ILE B 737 -13.74 -39.45 17.58
N LEU B 738 -12.71 -38.63 17.76
CA LEU B 738 -11.33 -39.11 17.65
C LEU B 738 -10.80 -39.53 19.02
N VAL B 739 -10.77 -38.60 19.97
CA VAL B 739 -10.36 -38.87 21.34
C VAL B 739 -11.44 -38.32 22.26
N GLY B 740 -12.00 -39.20 23.09
CA GLY B 740 -13.04 -38.79 24.02
C GLY B 740 -12.64 -38.99 25.46
N LYS B 741 -12.58 -37.91 26.23
CA LYS B 741 -12.19 -37.97 27.64
C LYS B 741 -13.38 -37.57 28.50
N LEU B 742 -13.71 -38.41 29.47
CA LEU B 742 -14.84 -38.15 30.35
C LEU B 742 -14.40 -37.13 31.40
N THR B 743 -14.54 -35.85 31.05
CA THR B 743 -14.27 -34.80 32.00
C THR B 743 -15.26 -34.89 33.15
N PRO B 744 -14.80 -34.91 34.40
CA PRO B 744 -15.74 -35.06 35.52
C PRO B 744 -16.60 -33.82 35.73
N GLN B 745 -17.87 -33.91 35.32
CA GLN B 745 -18.80 -32.82 35.52
C GLN B 745 -19.30 -32.79 36.96
N MET B 746 -19.69 -31.60 37.42
CA MET B 746 -20.21 -31.47 38.76
C MET B 746 -21.54 -32.22 38.88
N ALA B 747 -21.83 -32.69 40.09
CA ALA B 747 -23.14 -33.27 40.39
C ALA B 747 -24.17 -32.14 40.58
N LYS B 748 -24.29 -31.33 39.54
CA LYS B 748 -25.04 -30.08 39.60
C LYS B 748 -26.44 -30.27 39.02
N GLU B 749 -27.24 -31.07 39.75
CA GLU B 749 -28.64 -31.20 39.39
C GLU B 749 -29.39 -29.89 39.58
N SER B 750 -28.93 -29.06 40.51
CA SER B 750 -29.55 -27.75 40.72
C SER B 750 -29.31 -26.82 39.53
N SER B 751 -28.10 -26.85 38.96
CA SER B 751 -27.78 -25.98 37.83
C SER B 751 -28.37 -26.47 36.53
N TYR B 752 -28.76 -27.73 36.44
CA TYR B 752 -29.29 -28.29 35.20
C TYR B 752 -30.58 -27.56 34.82
N ALA B 753 -30.73 -27.29 33.53
CA ALA B 753 -31.90 -26.58 33.05
C ALA B 753 -33.16 -27.43 33.26
N PRO B 754 -34.30 -26.80 33.53
CA PRO B 754 -35.54 -27.57 33.70
C PRO B 754 -35.90 -28.41 32.48
N GLU B 755 -35.54 -27.95 31.28
CA GLU B 755 -35.78 -28.76 30.08
C GLU B 755 -34.97 -30.05 30.12
N ASP B 756 -33.72 -29.98 30.58
CA ASP B 756 -32.90 -31.18 30.71
C ASP B 756 -33.50 -32.13 31.73
N ARG B 757 -33.97 -31.61 32.87
CA ARG B 757 -34.61 -32.45 33.87
C ARG B 757 -35.87 -33.10 33.32
N LEU B 758 -36.68 -32.36 32.58
CA LEU B 758 -37.88 -32.93 31.97
C LEU B 758 -37.53 -34.02 30.98
N LEU B 759 -36.50 -33.78 30.15
CA LEU B 759 -36.08 -34.79 29.18
C LEU B 759 -35.59 -36.05 29.87
N ARG B 760 -34.84 -35.89 30.97
CA ARG B 760 -34.29 -37.05 31.66
C ARG B 760 -35.33 -37.79 32.49
N ALA B 761 -36.37 -37.10 32.96
CA ALA B 761 -37.38 -37.74 33.79
C ALA B 761 -38.50 -38.38 32.96
N ILE B 762 -39.03 -37.65 31.98
CA ILE B 762 -40.14 -38.15 31.17
C ILE B 762 -39.70 -39.36 30.35
N LEU B 763 -38.53 -39.26 29.72
CA LEU B 763 -38.04 -40.32 28.84
C LEU B 763 -37.12 -41.30 29.55
N GLY B 764 -36.88 -41.13 30.85
CA GLY B 764 -36.07 -42.06 31.60
C GLY B 764 -34.57 -41.93 31.38
N ILE B 765 -34.11 -40.83 30.80
CA ILE B 765 -32.68 -40.63 30.58
C ILE B 765 -31.99 -40.47 31.92
N GLN B 766 -30.89 -41.21 32.11
CA GLN B 766 -30.18 -41.18 33.38
C GLN B 766 -29.42 -39.86 33.53
N VAL B 767 -29.18 -39.49 34.79
CA VAL B 767 -28.46 -38.27 35.12
C VAL B 767 -27.01 -38.64 35.42
N SER B 768 -26.09 -38.12 34.62
CA SER B 768 -24.67 -38.40 34.75
C SER B 768 -23.93 -37.16 35.21
N THR B 769 -22.74 -37.39 35.77
CA THR B 769 -21.87 -36.33 36.27
C THR B 769 -20.58 -36.26 35.45
N SER B 770 -20.70 -36.41 34.13
CA SER B 770 -19.54 -36.35 33.24
C SER B 770 -19.90 -35.50 32.03
N LYS B 771 -19.08 -34.50 31.75
CA LYS B 771 -19.30 -33.64 30.60
C LYS B 771 -18.95 -34.36 29.30
N GLU B 772 -19.69 -34.03 28.25
CA GLU B 772 -19.43 -34.58 26.92
C GLU B 772 -18.21 -33.86 26.33
N THR B 773 -17.04 -34.47 26.49
CA THR B 773 -15.78 -33.87 26.06
C THR B 773 -15.06 -34.86 25.14
N CYS B 774 -14.97 -34.50 23.86
CA CYS B 774 -14.32 -35.36 22.88
C CYS B 774 -13.85 -34.50 21.71
N LEU B 775 -12.91 -35.05 20.94
CA LEU B 775 -12.37 -34.37 19.77
C LEU B 775 -13.22 -34.75 18.56
N LYS B 776 -14.39 -34.13 18.47
CA LYS B 776 -15.28 -34.35 17.33
C LYS B 776 -14.65 -33.76 16.07
N LEU B 777 -14.72 -34.50 14.97
CA LEU B 777 -14.18 -34.00 13.71
C LEU B 777 -15.02 -32.84 13.20
N PRO B 778 -14.40 -31.73 12.81
CA PRO B 778 -15.18 -30.58 12.32
C PRO B 778 -15.78 -30.83 10.94
N ILE B 779 -16.44 -29.81 10.38
CA ILE B 779 -16.99 -29.93 9.04
C ILE B 779 -15.85 -30.08 8.05
N GLY B 780 -15.98 -31.05 7.15
CA GLY B 780 -14.83 -31.39 6.33
C GLY B 780 -13.81 -32.15 7.15
N GLY B 781 -12.56 -32.07 6.70
CA GLY B 781 -11.48 -32.73 7.41
C GLY B 781 -11.59 -34.24 7.43
N ARG B 782 -12.39 -34.82 6.54
CA ARG B 782 -12.50 -36.26 6.44
C ARG B 782 -11.18 -36.86 5.96
N GLY B 783 -11.03 -38.16 6.18
CA GLY B 783 -9.87 -38.85 5.68
C GLY B 783 -9.63 -40.14 6.45
N ARG B 784 -8.44 -40.69 6.23
CA ARG B 784 -8.02 -41.95 6.84
C ARG B 784 -6.89 -41.68 7.82
N VAL B 785 -7.05 -42.17 9.06
CA VAL B 785 -6.06 -41.93 10.08
C VAL B 785 -4.75 -42.62 9.70
N ILE B 786 -3.67 -41.85 9.66
CA ILE B 786 -2.37 -42.38 9.29
C ILE B 786 -1.40 -42.47 10.47
N ASP B 787 -1.66 -41.74 11.56
CA ASP B 787 -0.74 -41.78 12.69
C ASP B 787 -1.45 -41.26 13.94
N VAL B 788 -1.13 -41.87 15.07
CA VAL B 788 -1.66 -41.48 16.37
C VAL B 788 -0.52 -41.42 17.37
N ARG B 789 -0.53 -40.39 18.21
CA ARG B 789 0.50 -40.17 19.21
C ARG B 789 -0.16 -39.86 20.54
N TRP B 790 0.34 -40.48 21.60
CA TRP B 790 -0.17 -40.27 22.96
C TRP B 790 1.02 -40.08 23.89
N ILE B 791 1.09 -38.93 24.55
CA ILE B 791 2.20 -38.61 25.46
C ILE B 791 1.62 -38.04 26.75
N GLN B 792 2.50 -37.92 27.75
CA GLN B 792 2.11 -37.39 29.05
C GLN B 792 3.20 -36.41 29.50
N LYS B 793 3.11 -35.96 30.74
CA LYS B 793 4.06 -35.01 31.31
C LYS B 793 4.99 -35.72 32.29
N LYS B 794 6.21 -35.20 32.41
CA LYS B 794 7.21 -35.77 33.32
C LYS B 794 8.04 -34.61 33.86
N GLY B 795 7.75 -34.19 35.07
CA GLY B 795 8.48 -33.10 35.70
C GLY B 795 8.26 -33.12 37.20
N GLY B 796 8.25 -31.92 37.79
CA GLY B 796 8.05 -31.81 39.23
C GLY B 796 6.66 -32.25 39.65
N SER B 797 5.65 -31.97 38.82
CA SER B 797 4.28 -32.33 39.16
C SER B 797 4.08 -33.83 39.06
N SER B 798 3.32 -34.39 40.00
CA SER B 798 3.02 -35.81 40.00
C SER B 798 1.96 -36.20 38.99
N TYR B 799 1.15 -35.25 38.53
CA TYR B 799 0.08 -35.52 37.58
C TYR B 799 0.61 -35.35 36.15
N ASN B 800 0.16 -36.23 35.27
CA ASN B 800 0.63 -36.29 33.88
C ASN B 800 -0.53 -36.02 32.93
N PRO B 801 -0.75 -34.77 32.53
CA PRO B 801 -1.75 -34.48 31.50
C PRO B 801 -1.33 -35.06 30.16
N GLU B 802 -2.16 -35.94 29.62
CA GLU B 802 -1.84 -36.65 28.39
C GLU B 802 -2.34 -35.86 27.18
N THR B 803 -1.45 -35.66 26.21
CA THR B 803 -1.79 -35.01 24.95
C THR B 803 -1.78 -36.03 23.83
N ILE B 804 -2.78 -35.95 22.96
CA ILE B 804 -2.98 -36.89 21.86
C ILE B 804 -2.97 -36.10 20.55
N HIS B 805 -2.18 -36.58 19.61
CA HIS B 805 -2.10 -36.03 18.26
C HIS B 805 -2.63 -37.07 17.27
N VAL B 806 -3.58 -36.66 16.43
CA VAL B 806 -4.14 -37.52 15.41
C VAL B 806 -3.87 -36.90 14.04
N TYR B 807 -3.29 -37.68 13.13
CA TYR B 807 -2.97 -37.20 11.79
C TYR B 807 -3.96 -37.81 10.81
N ILE B 808 -4.78 -36.95 10.21
CA ILE B 808 -5.81 -37.36 9.26
C ILE B 808 -5.37 -36.87 7.89
N SER B 809 -5.01 -37.81 7.01
CA SER B 809 -4.65 -37.48 5.64
C SER B 809 -5.88 -37.52 4.75
N GLN B 810 -5.76 -36.91 3.57
CA GLN B 810 -6.89 -36.85 2.65
C GLN B 810 -6.36 -36.67 1.24
N LYS B 811 -6.74 -37.57 0.34
CA LYS B 811 -6.33 -37.49 -1.06
C LYS B 811 -7.34 -36.64 -1.80
N ARG B 812 -6.98 -35.38 -2.05
CA ARG B 812 -7.88 -34.41 -2.66
C ARG B 812 -7.55 -34.26 -4.14
N GLU B 813 -8.56 -34.48 -4.99
CA GLU B 813 -8.40 -34.32 -6.43
C GLU B 813 -8.53 -32.84 -6.79
N ILE B 814 -8.62 -32.56 -8.09
CA ILE B 814 -8.80 -31.20 -8.58
C ILE B 814 -10.23 -31.06 -9.06
N LYS B 815 -10.96 -30.10 -8.51
CA LYS B 815 -12.38 -29.94 -8.77
C LYS B 815 -12.68 -28.49 -9.08
N VAL B 816 -13.96 -28.21 -9.36
CA VAL B 816 -14.39 -26.85 -9.65
C VAL B 816 -14.19 -25.99 -8.42
N GLY B 817 -13.49 -24.86 -8.60
CA GLY B 817 -13.17 -23.95 -7.52
C GLY B 817 -11.71 -23.90 -7.15
N ASP B 818 -10.93 -24.91 -7.56
CA ASP B 818 -9.50 -24.88 -7.28
C ASP B 818 -8.82 -23.80 -8.10
N LYS B 819 -7.60 -23.45 -7.68
CA LYS B 819 -6.81 -22.41 -8.34
C LYS B 819 -5.62 -23.06 -9.03
N VAL B 820 -5.55 -22.90 -10.35
CA VAL B 820 -4.41 -23.35 -11.13
C VAL B 820 -3.75 -22.11 -11.73
N ALA B 821 -2.44 -22.00 -11.57
CA ALA B 821 -1.70 -20.83 -12.00
C ALA B 821 -0.48 -21.24 -12.82
N GLY B 822 -0.11 -20.39 -13.77
CA GLY B 822 1.10 -20.55 -14.53
C GLY B 822 2.27 -19.84 -13.88
N ARG B 823 3.38 -19.79 -14.61
CA ARG B 823 4.58 -19.13 -14.14
C ARG B 823 4.69 -17.69 -14.58
N HIS B 824 3.71 -17.18 -15.33
CA HIS B 824 3.77 -15.83 -15.88
C HIS B 824 2.64 -14.96 -15.35
N GLY B 825 2.15 -15.26 -14.15
CA GLY B 825 1.09 -14.48 -13.54
C GLY B 825 -0.29 -14.71 -14.10
N ASN B 826 -0.49 -15.76 -14.90
CA ASN B 826 -1.80 -16.07 -15.45
C ASN B 826 -2.50 -17.03 -14.49
N LYS B 827 -3.22 -16.46 -13.52
CA LYS B 827 -3.96 -17.25 -12.56
C LYS B 827 -5.29 -17.69 -13.15
N GLY B 828 -6.00 -18.54 -12.40
CA GLY B 828 -7.28 -19.03 -12.86
C GLY B 828 -8.08 -19.81 -11.85
N ILE B 829 -9.40 -19.82 -12.03
CA ILE B 829 -10.31 -20.60 -11.20
C ILE B 829 -10.96 -21.63 -12.11
N ILE B 830 -10.84 -22.92 -11.75
CA ILE B 830 -11.44 -23.97 -12.55
C ILE B 830 -12.95 -23.80 -12.51
N SER B 831 -13.56 -23.68 -13.69
CA SER B 831 -14.99 -23.46 -13.81
C SER B 831 -15.77 -24.71 -14.20
N ARG B 832 -15.27 -25.48 -15.15
CA ARG B 832 -15.97 -26.67 -15.62
C ARG B 832 -14.96 -27.78 -15.85
N ILE B 833 -15.46 -29.01 -15.80
CA ILE B 833 -14.67 -30.21 -16.10
C ILE B 833 -15.44 -30.99 -17.16
N LEU B 834 -14.84 -31.16 -18.33
CA LEU B 834 -15.50 -31.78 -19.47
C LEU B 834 -14.95 -33.16 -19.73
N LEU B 835 -15.81 -34.03 -20.26
CA LEU B 835 -15.37 -35.33 -20.75
C LEU B 835 -14.48 -35.15 -21.96
N ARG B 836 -13.61 -36.14 -22.19
CA ARG B 836 -12.59 -36.00 -23.23
C ARG B 836 -13.19 -35.88 -24.62
N GLN B 837 -14.39 -36.43 -24.82
CA GLN B 837 -15.03 -36.32 -26.14
C GLN B 837 -15.70 -34.97 -26.36
N ASP B 838 -15.73 -34.10 -25.35
CA ASP B 838 -16.40 -32.80 -25.45
C ASP B 838 -15.42 -31.64 -25.49
N MET B 839 -14.18 -31.88 -25.91
CA MET B 839 -13.18 -30.83 -25.94
C MET B 839 -12.54 -30.75 -27.31
N PRO B 840 -12.04 -29.57 -27.69
CA PRO B 840 -11.39 -29.43 -29.00
C PRO B 840 -10.16 -30.30 -29.11
N TYR B 841 -9.91 -30.81 -30.32
CA TYR B 841 -8.80 -31.70 -30.58
C TYR B 841 -7.98 -31.15 -31.74
N LEU B 842 -6.67 -31.35 -31.67
CA LEU B 842 -5.78 -30.92 -32.74
C LEU B 842 -5.97 -31.81 -33.97
N GLN B 843 -5.18 -31.53 -35.01
CA GLN B 843 -5.32 -32.27 -36.26
C GLN B 843 -4.72 -33.67 -36.19
N ASP B 844 -4.23 -34.10 -35.02
CA ASP B 844 -3.85 -35.48 -34.81
C ASP B 844 -4.82 -36.22 -33.90
N GLY B 845 -5.92 -35.57 -33.49
CA GLY B 845 -6.94 -36.22 -32.70
C GLY B 845 -6.77 -36.11 -31.21
N ARG B 846 -5.66 -35.59 -30.72
CA ARG B 846 -5.42 -35.52 -29.29
C ARG B 846 -6.33 -34.46 -28.66
N PRO B 847 -7.15 -34.81 -27.68
CA PRO B 847 -7.98 -33.79 -27.02
C PRO B 847 -7.14 -32.80 -26.23
N VAL B 848 -7.64 -31.57 -26.16
CA VAL B 848 -6.97 -30.51 -25.40
C VAL B 848 -7.17 -30.75 -23.91
N ASP B 849 -6.15 -30.43 -23.12
CA ASP B 849 -6.19 -30.67 -21.68
C ASP B 849 -6.54 -29.44 -20.85
N MET B 850 -6.58 -28.25 -21.46
CA MET B 850 -6.88 -27.03 -20.74
C MET B 850 -7.15 -25.92 -21.74
N ILE B 851 -8.10 -25.05 -21.43
CA ILE B 851 -8.49 -23.95 -22.31
C ILE B 851 -8.40 -22.65 -21.53
N PHE B 852 -7.61 -21.72 -22.03
CA PHE B 852 -7.42 -20.41 -21.42
C PHE B 852 -8.13 -19.34 -22.25
N ASN B 853 -8.22 -18.14 -21.67
CA ASN B 853 -8.85 -17.01 -22.34
C ASN B 853 -7.79 -16.15 -23.00
N PRO B 854 -7.82 -15.97 -24.31
CA PRO B 854 -6.79 -15.14 -24.97
C PRO B 854 -6.78 -13.70 -24.51
N LEU B 855 -7.95 -13.13 -24.18
CA LEU B 855 -8.02 -11.72 -23.82
C LEU B 855 -7.17 -11.38 -22.60
N GLY B 856 -6.81 -12.37 -21.79
CA GLY B 856 -5.96 -12.11 -20.65
C GLY B 856 -4.55 -11.69 -21.01
N VAL B 857 -4.12 -11.93 -22.23
CA VAL B 857 -2.74 -11.59 -22.61
C VAL B 857 -2.61 -10.09 -22.89
N PRO B 858 -3.48 -9.47 -23.70
CA PRO B 858 -3.34 -8.01 -23.90
C PRO B 858 -3.54 -7.19 -22.65
N SER B 859 -4.28 -7.69 -21.65
CA SER B 859 -4.54 -6.91 -20.45
C SER B 859 -3.32 -6.91 -19.53
N ARG B 860 -2.92 -8.09 -19.06
CA ARG B 860 -1.79 -8.17 -18.16
C ARG B 860 -0.47 -7.94 -18.88
N MET B 861 -0.46 -8.06 -20.21
CA MET B 861 0.72 -7.81 -21.05
C MET B 861 1.88 -8.71 -20.65
N ASN B 862 1.62 -10.02 -20.69
CA ASN B 862 2.63 -11.05 -20.45
C ASN B 862 2.67 -11.95 -21.68
N VAL B 863 3.46 -11.55 -22.68
CA VAL B 863 3.62 -12.35 -23.88
C VAL B 863 4.56 -13.54 -23.64
N GLY B 864 5.34 -13.49 -22.56
CA GLY B 864 6.33 -14.53 -22.33
C GLY B 864 5.74 -15.92 -22.18
N GLN B 865 4.47 -16.00 -21.77
CA GLN B 865 3.82 -17.31 -21.71
C GLN B 865 3.71 -17.92 -23.10
N ILE B 866 3.31 -17.12 -24.10
CA ILE B 866 3.03 -17.66 -25.43
C ILE B 866 4.25 -18.39 -25.96
N PHE B 867 5.41 -17.72 -25.94
CA PHE B 867 6.66 -18.36 -26.32
C PHE B 867 6.79 -19.71 -25.64
N GLU B 868 6.74 -19.72 -24.30
CA GLU B 868 6.87 -20.97 -23.56
C GLU B 868 5.87 -21.99 -24.09
N CYS B 869 4.62 -21.57 -24.23
CA CYS B 869 3.58 -22.44 -24.78
C CYS B 869 4.09 -23.15 -26.02
N SER B 870 4.43 -22.36 -27.05
CA SER B 870 4.87 -22.97 -28.31
C SER B 870 6.08 -23.85 -28.07
N LEU B 871 7.06 -23.35 -27.31
CA LEU B 871 8.28 -24.12 -27.10
C LEU B 871 7.96 -25.44 -26.43
N GLY B 872 7.03 -25.44 -25.48
CA GLY B 872 6.68 -26.68 -24.82
C GLY B 872 6.27 -27.73 -25.81
N LEU B 873 5.45 -27.35 -26.78
CA LEU B 873 5.01 -28.30 -27.80
C LEU B 873 6.20 -28.99 -28.43
N ALA B 874 7.20 -28.22 -28.85
CA ALA B 874 8.38 -28.79 -29.49
C ALA B 874 9.01 -29.84 -28.59
N GLY B 875 9.19 -29.51 -27.31
CA GLY B 875 9.78 -30.47 -26.40
C GLY B 875 8.98 -31.76 -26.35
N SER B 876 7.66 -31.63 -26.23
CA SER B 876 6.81 -32.82 -26.14
C SER B 876 6.90 -33.67 -27.39
N LEU B 877 7.29 -33.09 -28.53
CA LEU B 877 7.40 -33.84 -29.77
C LEU B 877 8.84 -34.20 -30.12
N LEU B 878 9.80 -33.90 -29.24
CA LEU B 878 11.20 -34.18 -29.54
C LEU B 878 11.96 -34.85 -28.41
N ASP B 879 11.32 -35.07 -27.26
CA ASP B 879 11.96 -35.70 -26.10
C ASP B 879 13.22 -34.93 -25.70
N ARG B 880 13.09 -33.60 -25.60
CA ARG B 880 14.17 -32.75 -25.15
C ARG B 880 13.61 -31.67 -24.24
N HIS B 881 14.44 -31.22 -23.30
CA HIS B 881 14.07 -30.18 -22.35
C HIS B 881 15.01 -29.01 -22.51
N TYR B 882 14.45 -27.80 -22.45
CA TYR B 882 15.22 -26.57 -22.62
C TYR B 882 15.39 -25.86 -21.29
N ARG B 883 16.61 -25.39 -21.04
CA ARG B 883 16.95 -24.61 -19.86
C ARG B 883 17.54 -23.29 -20.34
N ILE B 884 16.68 -22.30 -20.56
CA ILE B 884 17.03 -21.06 -21.23
C ILE B 884 17.25 -19.98 -20.18
N ALA B 885 18.43 -19.38 -20.19
CA ALA B 885 18.68 -18.24 -19.33
C ALA B 885 17.90 -17.03 -19.85
N PRO B 886 17.52 -16.11 -18.96
CA PRO B 886 16.75 -14.94 -19.41
C PRO B 886 17.62 -13.96 -20.18
N PHE B 887 16.93 -13.08 -20.92
CA PHE B 887 17.57 -12.04 -21.72
C PHE B 887 18.51 -12.63 -22.77
N ASP B 888 17.92 -13.43 -23.65
CA ASP B 888 18.66 -14.01 -24.77
C ASP B 888 18.69 -13.09 -25.98
N GLU B 889 18.11 -11.89 -25.87
CA GLU B 889 18.10 -10.92 -26.96
C GLU B 889 19.38 -10.10 -27.00
N ARG B 890 20.44 -10.56 -26.34
CA ARG B 890 21.74 -9.89 -26.40
C ARG B 890 22.59 -10.43 -27.55
N TYR B 891 22.52 -11.73 -27.81
CA TYR B 891 23.25 -12.32 -28.93
C TYR B 891 22.74 -11.78 -30.26
N GLU B 892 21.43 -11.62 -30.38
CA GLU B 892 20.79 -11.38 -31.67
C GLU B 892 19.70 -10.34 -31.48
N GLN B 893 18.91 -10.14 -32.52
CA GLN B 893 17.67 -9.37 -32.44
C GLN B 893 16.52 -10.33 -32.70
N GLU B 894 15.57 -10.40 -31.76
CA GLU B 894 14.50 -11.38 -31.78
C GLU B 894 15.05 -12.81 -31.77
N ALA B 895 15.87 -13.08 -30.77
CA ALA B 895 16.49 -14.40 -30.65
C ALA B 895 15.50 -15.44 -30.15
N SER B 896 14.59 -15.07 -29.26
CA SER B 896 13.59 -16.01 -28.77
C SER B 896 12.67 -16.46 -29.89
N ARG B 897 12.33 -15.55 -30.81
CA ARG B 897 11.53 -15.92 -31.97
C ARG B 897 12.26 -16.96 -32.82
N LYS B 898 13.55 -16.74 -33.07
CA LYS B 898 14.33 -17.69 -33.84
C LYS B 898 14.36 -19.05 -33.16
N LEU B 899 14.63 -19.06 -31.85
CA LEU B 899 14.68 -20.31 -31.10
C LEU B 899 13.36 -21.07 -31.20
N VAL B 900 12.25 -20.39 -30.90
CA VAL B 900 10.95 -21.05 -30.86
C VAL B 900 10.57 -21.57 -32.24
N PHE B 901 10.76 -20.74 -33.28
CA PHE B 901 10.32 -21.13 -34.61
C PHE B 901 11.20 -22.25 -35.18
N SER B 902 12.51 -22.18 -34.93
CA SER B 902 13.40 -23.25 -35.39
C SER B 902 13.07 -24.56 -34.70
N GLU B 903 12.83 -24.52 -33.39
CA GLU B 903 12.46 -25.74 -32.67
C GLU B 903 11.14 -26.31 -33.18
N LEU B 904 10.17 -25.43 -33.44
CA LEU B 904 8.89 -25.90 -33.96
C LEU B 904 9.04 -26.54 -35.33
N TYR B 905 9.84 -25.92 -36.21
CA TYR B 905 10.05 -26.50 -37.53
C TYR B 905 10.79 -27.83 -37.45
N GLU B 906 11.77 -27.94 -36.56
CA GLU B 906 12.48 -29.20 -36.40
C GLU B 906 11.55 -30.29 -35.88
N ALA B 907 10.68 -29.95 -34.93
CA ALA B 907 9.71 -30.92 -34.43
C ALA B 907 8.71 -31.31 -35.50
N SER B 908 8.33 -30.37 -36.37
CA SER B 908 7.38 -30.69 -37.43
C SER B 908 8.02 -31.49 -38.56
N LYS B 909 9.34 -31.38 -38.74
CA LYS B 909 10.01 -32.10 -39.80
C LYS B 909 10.49 -33.49 -39.37
N GLN B 910 11.09 -33.60 -38.19
CA GLN B 910 11.57 -34.90 -37.72
C GLN B 910 10.41 -35.87 -37.54
N THR B 911 9.34 -35.42 -36.89
CA THR B 911 8.09 -36.16 -36.83
C THR B 911 7.11 -35.49 -37.77
N ALA B 912 6.60 -36.24 -38.75
CA ALA B 912 5.85 -35.64 -39.85
C ALA B 912 4.50 -35.18 -39.33
N ASN B 913 4.49 -34.00 -38.72
CA ASN B 913 3.28 -33.37 -38.20
C ASN B 913 3.24 -31.96 -38.76
N PRO B 914 2.76 -31.79 -40.00
CA PRO B 914 2.82 -30.48 -40.65
C PRO B 914 1.97 -29.41 -39.99
N TRP B 915 1.20 -29.74 -38.95
CA TRP B 915 0.40 -28.73 -38.26
C TRP B 915 1.18 -28.06 -37.13
N VAL B 916 2.36 -28.55 -36.78
CA VAL B 916 3.13 -27.96 -35.69
C VAL B 916 3.66 -26.59 -36.09
N PHE B 917 4.22 -26.49 -37.29
CA PHE B 917 4.73 -25.23 -37.82
C PHE B 917 4.03 -24.96 -39.15
N GLU B 918 2.91 -24.24 -39.09
CA GLU B 918 2.22 -23.83 -40.29
C GLU B 918 2.94 -22.62 -40.87
N PRO B 919 3.49 -22.70 -42.08
CA PRO B 919 4.28 -21.57 -42.60
C PRO B 919 3.40 -20.47 -43.18
N GLU B 920 2.29 -20.17 -42.52
CA GLU B 920 1.50 -18.97 -42.82
C GLU B 920 1.02 -18.24 -41.59
N TYR B 921 1.08 -18.87 -40.41
CA TYR B 921 0.85 -18.20 -39.13
C TYR B 921 1.58 -19.00 -38.08
N PRO B 922 2.91 -18.85 -38.03
CA PRO B 922 3.74 -19.79 -37.25
C PRO B 922 3.37 -19.81 -35.78
N GLY B 923 3.39 -21.01 -35.22
CA GLY B 923 3.00 -21.23 -33.85
C GLY B 923 1.55 -21.54 -33.63
N LYS B 924 0.70 -21.21 -34.60
CA LYS B 924 -0.74 -21.44 -34.53
C LYS B 924 -1.11 -22.62 -35.42
N SER B 925 -2.28 -23.19 -35.12
CA SER B 925 -2.84 -24.27 -35.92
C SER B 925 -4.35 -24.20 -35.83
N ARG B 926 -5.01 -24.90 -36.75
CA ARG B 926 -6.47 -24.90 -36.82
C ARG B 926 -6.97 -26.15 -36.10
N ILE B 927 -7.50 -25.96 -34.91
CA ILE B 927 -8.06 -27.06 -34.13
C ILE B 927 -9.54 -27.21 -34.49
N PHE B 928 -10.10 -28.37 -34.17
CA PHE B 928 -11.48 -28.69 -34.49
C PHE B 928 -12.34 -28.62 -33.24
N ASP B 929 -13.64 -28.79 -33.43
CA ASP B 929 -14.62 -28.73 -32.35
C ASP B 929 -14.91 -30.14 -31.86
N GLY B 930 -14.92 -30.30 -30.53
CA GLY B 930 -15.14 -31.62 -29.97
C GLY B 930 -16.56 -32.10 -29.99
N ARG B 931 -17.53 -31.21 -30.26
CA ARG B 931 -18.94 -31.60 -30.27
C ARG B 931 -19.64 -31.23 -31.57
N THR B 932 -18.90 -30.85 -32.61
CA THR B 932 -19.50 -30.68 -33.92
C THR B 932 -18.66 -31.26 -35.04
N GLY B 933 -17.39 -31.55 -34.80
CA GLY B 933 -16.51 -31.95 -35.89
C GLY B 933 -16.26 -30.86 -36.90
N ASP B 934 -16.26 -29.60 -36.46
CA ASP B 934 -16.05 -28.46 -37.31
C ASP B 934 -14.76 -27.73 -36.92
N PRO B 935 -14.03 -27.19 -37.88
CA PRO B 935 -12.82 -26.43 -37.54
C PRO B 935 -13.18 -25.01 -37.14
N PHE B 936 -12.66 -24.58 -35.99
CA PHE B 936 -12.84 -23.19 -35.57
C PHE B 936 -12.22 -22.27 -36.62
N GLU B 937 -12.95 -21.22 -36.98
CA GLU B 937 -12.67 -20.48 -38.21
C GLU B 937 -11.26 -19.89 -38.22
N GLN B 938 -10.71 -19.53 -37.07
CA GLN B 938 -9.38 -18.96 -37.09
C GLN B 938 -8.38 -19.88 -36.40
N PRO B 939 -7.12 -19.87 -36.83
CA PRO B 939 -6.10 -20.69 -36.16
C PRO B 939 -5.92 -20.29 -34.71
N VAL B 940 -5.59 -21.28 -33.88
CA VAL B 940 -5.50 -21.13 -32.44
C VAL B 940 -4.10 -21.50 -31.98
N ILE B 941 -3.55 -20.72 -31.07
CA ILE B 941 -2.24 -21.02 -30.49
C ILE B 941 -2.38 -22.16 -29.49
N ILE B 942 -1.58 -23.21 -29.67
CA ILE B 942 -1.59 -24.36 -28.77
C ILE B 942 -0.17 -24.58 -28.28
N GLY B 943 -0.07 -25.26 -27.14
CA GLY B 943 1.24 -25.53 -26.58
C GLY B 943 1.18 -26.46 -25.40
N ASN B 944 2.31 -26.60 -24.73
CA ASN B 944 2.46 -27.48 -23.57
C ASN B 944 3.10 -26.69 -22.42
N PRO B 945 2.34 -25.80 -21.79
CA PRO B 945 2.90 -25.04 -20.67
C PRO B 945 2.90 -25.82 -19.37
N TYR B 946 3.67 -25.29 -18.42
CA TYR B 946 3.84 -25.86 -17.09
C TYR B 946 2.88 -25.15 -16.14
N ILE B 947 1.82 -25.86 -15.74
CA ILE B 947 0.77 -25.29 -14.90
C ILE B 947 0.90 -25.88 -13.50
N LEU B 948 0.75 -25.03 -12.50
CA LEU B 948 0.83 -25.40 -11.10
C LEU B 948 -0.56 -25.47 -10.47
N LYS B 949 -0.62 -26.04 -9.28
CA LYS B 949 -1.84 -26.10 -8.48
C LYS B 949 -1.59 -25.36 -7.17
N LEU B 950 -2.48 -24.44 -6.84
CA LEU B 950 -2.27 -23.52 -5.73
C LEU B 950 -2.92 -24.02 -4.45
N ILE B 951 -2.49 -23.43 -3.32
CA ILE B 951 -2.89 -23.91 -2.01
C ILE B 951 -4.25 -23.39 -1.57
N HIS B 952 -4.78 -22.35 -2.21
CA HIS B 952 -6.07 -21.78 -1.83
C HIS B 952 -7.18 -22.63 -2.44
N GLN B 953 -7.50 -23.72 -1.75
CA GLN B 953 -8.49 -24.68 -2.22
C GLN B 953 -9.88 -24.27 -1.75
N VAL B 954 -10.89 -24.70 -2.51
CA VAL B 954 -12.25 -24.27 -2.26
C VAL B 954 -12.79 -24.83 -0.94
N ASP B 955 -12.40 -26.07 -0.61
CA ASP B 955 -12.90 -26.69 0.62
C ASP B 955 -12.39 -25.97 1.87
N ASP B 956 -11.36 -25.15 1.74
CA ASP B 956 -10.87 -24.31 2.83
C ASP B 956 -11.56 -22.96 2.89
N LYS B 957 -12.55 -22.73 2.02
CA LYS B 957 -13.21 -21.44 1.95
C LYS B 957 -14.73 -21.49 2.03
N ILE B 958 -15.34 -22.68 2.10
CA ILE B 958 -16.79 -22.76 2.21
C ILE B 958 -17.23 -22.42 3.63
N HIS B 959 -18.49 -22.02 3.76
CA HIS B 959 -19.04 -21.60 5.04
C HIS B 959 -20.54 -21.81 5.05
N GLY B 960 -21.11 -21.84 6.24
CA GLY B 960 -22.54 -21.96 6.45
C GLY B 960 -22.89 -22.01 7.91
N ARG B 961 -23.91 -21.26 8.33
CA ARG B 961 -24.26 -21.18 9.75
C ARG B 961 -25.71 -20.73 9.88
N SER B 962 -26.54 -21.58 10.50
CA SER B 962 -27.89 -21.18 10.86
C SER B 962 -27.95 -20.57 12.25
N SER B 963 -27.27 -21.19 13.22
CA SER B 963 -27.16 -20.68 14.57
C SER B 963 -26.01 -21.40 15.25
N GLY B 964 -25.74 -21.03 16.48
CA GLY B 964 -24.69 -21.69 17.24
C GLY B 964 -24.13 -20.77 18.32
N HIS B 965 -22.81 -20.83 18.48
CA HIS B 965 -22.14 -20.09 19.54
C HIS B 965 -22.25 -18.59 19.33
N TYR B 966 -22.39 -17.86 20.44
CA TYR B 966 -22.41 -16.41 20.44
C TYR B 966 -21.36 -15.90 21.41
N ALA B 967 -20.85 -14.70 21.13
CA ALA B 967 -19.84 -14.10 21.99
C ALA B 967 -20.43 -13.79 23.37
N LEU B 968 -19.57 -13.85 24.38
CA LEU B 968 -20.04 -13.65 25.76
C LEU B 968 -20.60 -12.26 25.97
N VAL B 969 -19.94 -11.24 25.42
CA VAL B 969 -20.31 -9.85 25.69
C VAL B 969 -21.18 -9.31 24.56
N THR B 970 -20.64 -9.26 23.35
CA THR B 970 -21.36 -8.65 22.24
C THR B 970 -22.55 -9.49 21.78
N GLN B 971 -22.57 -10.78 22.09
CA GLN B 971 -23.64 -11.70 21.70
C GLN B 971 -23.84 -11.69 20.19
N GLN B 972 -22.77 -11.99 19.48
CA GLN B 972 -22.73 -12.10 18.03
C GLN B 972 -22.03 -13.39 17.65
N PRO B 973 -22.26 -13.89 16.43
CA PRO B 973 -21.49 -15.04 15.94
C PRO B 973 -20.00 -14.74 16.02
N LEU B 974 -19.22 -15.74 16.45
CA LEU B 974 -17.87 -15.48 16.91
C LEU B 974 -16.94 -14.93 15.84
N ARG B 975 -16.58 -15.75 14.84
CA ARG B 975 -15.65 -15.33 13.80
C ARG B 975 -15.45 -16.47 12.82
N GLY B 976 -15.08 -16.10 11.59
CA GLY B 976 -14.53 -17.00 10.60
C GLY B 976 -15.19 -18.37 10.44
N ARG B 977 -14.36 -19.39 10.20
CA ARG B 977 -14.84 -20.75 9.99
C ARG B 977 -14.49 -21.69 11.14
N ALA B 978 -13.36 -21.48 11.81
CA ALA B 978 -12.99 -22.34 12.93
C ALA B 978 -13.98 -22.21 14.09
N LYS B 979 -14.46 -20.99 14.34
CA LYS B 979 -15.39 -20.74 15.43
C LYS B 979 -16.85 -20.72 14.96
N GLN B 980 -17.11 -21.08 13.70
CA GLN B 980 -18.45 -21.11 13.13
C GLN B 980 -19.14 -19.76 13.25
N GLY B 981 -18.42 -18.71 12.86
CA GLY B 981 -18.95 -17.36 12.91
C GLY B 981 -19.85 -17.04 11.72
N GLY B 982 -20.37 -15.82 11.75
CA GLY B 982 -21.25 -15.33 10.70
C GLY B 982 -20.60 -14.18 9.96
N GLN B 983 -20.96 -14.01 8.69
CA GLN B 983 -20.38 -12.95 7.88
C GLN B 983 -20.79 -11.58 8.42
N ARG B 984 -19.86 -10.63 8.36
CA ARG B 984 -20.08 -9.31 8.92
C ARG B 984 -20.59 -8.34 7.86
N VAL B 985 -21.55 -7.52 8.25
CA VAL B 985 -22.05 -6.43 7.41
C VAL B 985 -21.83 -5.12 8.17
N GLY B 986 -21.24 -4.14 7.49
CA GLY B 986 -20.95 -2.88 8.13
C GLY B 986 -20.55 -1.77 7.19
N GLU B 987 -20.79 -0.53 7.59
CA GLU B 987 -20.44 0.67 6.83
C GLU B 987 -21.02 0.63 5.41
N MET B 988 -20.16 0.39 4.42
CA MET B 988 -20.58 0.48 3.03
C MET B 988 -21.80 -0.39 2.75
N GLU B 989 -21.81 -1.61 3.29
CA GLU B 989 -22.94 -2.50 3.10
C GLU B 989 -24.24 -1.82 3.49
N VAL B 990 -24.27 -1.24 4.70
CA VAL B 990 -25.46 -0.54 5.16
C VAL B 990 -25.79 0.60 4.20
N TRP B 991 -24.76 1.33 3.76
CA TRP B 991 -24.99 2.42 2.82
C TRP B 991 -25.65 1.94 1.54
N ALA B 992 -25.38 0.70 1.13
CA ALA B 992 -26.07 0.15 -0.02
C ALA B 992 -27.53 -0.13 0.32
N LEU B 993 -27.79 -0.74 1.47
CA LEU B 993 -29.15 -1.09 1.85
C LEU B 993 -30.00 0.15 2.06
N GLU B 994 -29.42 1.21 2.62
CA GLU B 994 -30.14 2.49 2.69
C GLU B 994 -30.36 3.06 1.30
N GLY B 995 -29.42 2.86 0.38
CA GLY B 995 -29.59 3.36 -0.97
C GLY B 995 -30.77 2.73 -1.69
N PHE B 996 -30.91 1.40 -1.55
CA PHE B 996 -32.02 0.69 -2.16
C PHE B 996 -33.36 1.01 -1.52
N GLY B 997 -33.36 1.68 -0.37
CA GLY B 997 -34.60 1.96 0.33
C GLY B 997 -35.27 0.73 0.89
N VAL B 998 -34.50 -0.19 1.46
CA VAL B 998 -35.03 -1.38 2.12
C VAL B 998 -34.80 -1.24 3.61
N ALA B 999 -35.88 -1.13 4.38
CA ALA B 999 -35.79 -0.90 5.82
C ALA B 999 -35.91 -2.17 6.63
N HIS B 1000 -36.81 -3.09 6.25
CA HIS B 1000 -36.94 -4.33 6.99
C HIS B 1000 -35.67 -5.17 6.89
N ILE B 1001 -35.08 -5.23 5.70
CA ILE B 1001 -33.86 -6.02 5.52
C ILE B 1001 -32.74 -5.47 6.40
N LEU B 1002 -32.56 -4.15 6.38
CA LEU B 1002 -31.53 -3.55 7.22
C LEU B 1002 -31.84 -3.71 8.69
N GLN B 1003 -33.12 -3.61 9.07
CA GLN B 1003 -33.49 -3.74 10.46
C GLN B 1003 -33.19 -5.14 10.99
N GLU B 1004 -33.52 -6.18 10.22
CA GLU B 1004 -33.37 -7.54 10.72
C GLU B 1004 -31.94 -8.05 10.67
N MET B 1005 -31.02 -7.30 10.07
CA MET B 1005 -29.60 -7.65 10.13
C MET B 1005 -28.90 -7.02 11.32
N LEU B 1006 -29.63 -6.29 12.16
CA LEU B 1006 -29.07 -5.71 13.38
C LEU B 1006 -29.77 -6.16 14.64
N THR B 1007 -31.07 -6.46 14.58
CA THR B 1007 -31.81 -6.92 15.74
C THR B 1007 -31.91 -8.44 15.80
N TYR B 1008 -32.52 -9.06 14.79
CA TYR B 1008 -32.79 -10.49 14.85
C TYR B 1008 -31.51 -11.31 14.75
N LYS B 1009 -30.81 -11.20 13.63
CA LYS B 1009 -29.60 -11.99 13.40
C LYS B 1009 -28.37 -11.29 13.99
N SER B 1010 -28.44 -10.94 15.28
CA SER B 1010 -27.33 -10.26 15.92
C SER B 1010 -27.41 -10.31 17.44
N ASP B 1011 -27.74 -9.18 18.06
CA ASP B 1011 -27.55 -8.99 19.49
C ASP B 1011 -28.72 -9.45 20.34
N HIS B 1012 -29.94 -9.42 19.82
CA HIS B 1012 -31.13 -9.66 20.63
C HIS B 1012 -31.06 -10.98 21.38
N ILE B 1013 -31.05 -10.90 22.70
CA ILE B 1013 -31.09 -12.11 23.52
C ILE B 1013 -32.43 -12.81 23.38
N LYS B 1014 -33.52 -12.07 23.50
CA LYS B 1014 -34.86 -12.64 23.54
C LYS B 1014 -35.47 -12.84 22.16
N ALA B 1015 -34.88 -12.26 21.10
CA ALA B 1015 -35.49 -12.36 19.79
C ALA B 1015 -34.89 -13.46 18.92
N ARG B 1016 -33.62 -13.82 19.12
CA ARG B 1016 -33.08 -14.97 18.41
C ARG B 1016 -33.82 -16.24 18.79
N GLN B 1017 -34.12 -16.41 20.08
CA GLN B 1017 -34.87 -17.58 20.51
C GLN B 1017 -36.26 -17.60 19.91
N GLU B 1018 -36.92 -16.44 19.81
CA GLU B 1018 -38.29 -16.44 19.31
C GLU B 1018 -38.32 -16.62 17.79
N VAL B 1019 -37.32 -16.11 17.07
CA VAL B 1019 -37.31 -16.40 15.63
C VAL B 1019 -37.01 -17.87 15.42
N LEU B 1020 -36.13 -18.45 16.23
CA LEU B 1020 -35.91 -19.90 16.17
C LEU B 1020 -37.21 -20.65 16.43
N GLY B 1021 -38.00 -20.19 17.39
CA GLY B 1021 -39.26 -20.85 17.70
C GLY B 1021 -40.30 -20.72 16.60
N THR B 1022 -40.48 -19.50 16.09
CA THR B 1022 -41.47 -19.22 15.05
C THR B 1022 -40.98 -19.61 13.67
N THR B 1023 -39.74 -20.10 13.58
CA THR B 1023 -39.18 -20.63 12.35
C THR B 1023 -39.11 -22.15 12.36
N ILE B 1024 -38.91 -22.78 13.52
CA ILE B 1024 -39.15 -24.22 13.64
C ILE B 1024 -40.61 -24.53 13.29
N ILE B 1025 -41.53 -24.06 14.11
CA ILE B 1025 -42.92 -23.95 13.70
C ILE B 1025 -43.04 -22.72 12.82
N GLY B 1026 -44.22 -22.50 12.25
CA GLY B 1026 -44.39 -21.39 11.33
C GLY B 1026 -45.40 -20.32 11.72
N GLY B 1027 -44.97 -19.06 11.67
CA GLY B 1027 -45.87 -17.94 11.86
C GLY B 1027 -45.38 -16.71 11.14
N THR B 1028 -46.12 -15.62 11.29
CA THR B 1028 -45.71 -14.33 10.80
C THR B 1028 -44.70 -13.72 11.76
N ILE B 1029 -43.51 -13.43 11.25
CA ILE B 1029 -42.41 -12.94 12.07
C ILE B 1029 -42.79 -11.55 12.56
N PRO B 1030 -42.82 -11.32 13.87
CA PRO B 1030 -43.21 -10.03 14.40
C PRO B 1030 -42.03 -9.08 14.54
N ASN B 1031 -42.27 -7.82 14.20
CA ASN B 1031 -41.24 -6.81 14.34
C ASN B 1031 -40.88 -6.60 15.81
N PRO B 1032 -39.61 -6.44 16.14
CA PRO B 1032 -39.22 -6.30 17.54
C PRO B 1032 -39.56 -4.92 18.10
N GLU B 1033 -39.54 -4.83 19.43
CA GLU B 1033 -39.83 -3.59 20.14
C GLU B 1033 -38.61 -3.02 20.87
N ASP B 1034 -37.95 -3.83 21.70
CA ASP B 1034 -36.79 -3.36 22.44
C ASP B 1034 -35.58 -3.24 21.52
N ALA B 1035 -34.68 -2.34 21.88
CA ALA B 1035 -33.45 -2.15 21.13
C ALA B 1035 -32.52 -3.34 21.34
N PRO B 1036 -31.63 -3.63 20.38
CA PRO B 1036 -30.67 -4.70 20.57
C PRO B 1036 -29.76 -4.45 21.77
N GLU B 1037 -29.06 -5.51 22.18
CA GLU B 1037 -28.18 -5.42 23.33
C GLU B 1037 -26.99 -4.50 23.07
N SER B 1038 -26.70 -4.16 21.82
CA SER B 1038 -25.64 -3.18 21.55
C SER B 1038 -25.98 -1.83 22.18
N PHE B 1039 -27.22 -1.37 22.02
CA PHE B 1039 -27.62 -0.11 22.64
C PHE B 1039 -27.63 -0.22 24.16
N ARG B 1040 -27.99 -1.38 24.69
CA ARG B 1040 -27.95 -1.57 26.14
C ARG B 1040 -26.52 -1.46 26.66
N LEU B 1041 -25.58 -2.11 25.98
CA LEU B 1041 -24.18 -1.97 26.35
C LEU B 1041 -23.71 -0.53 26.23
N LEU B 1042 -24.14 0.15 25.17
CA LEU B 1042 -23.77 1.55 25.00
C LEU B 1042 -24.23 2.39 26.18
N VAL B 1043 -25.50 2.26 26.57
CA VAL B 1043 -25.98 3.02 27.71
C VAL B 1043 -25.26 2.57 28.98
N ARG B 1044 -24.82 1.32 29.03
CA ARG B 1044 -24.12 0.85 30.23
C ARG B 1044 -22.78 1.54 30.40
N GLU B 1045 -21.94 1.58 29.35
CA GLU B 1045 -20.67 2.27 29.58
C GLU B 1045 -20.76 3.78 29.42
N LEU B 1046 -21.87 4.33 28.93
CA LEU B 1046 -22.09 5.76 29.12
C LEU B 1046 -22.65 6.08 30.50
N ARG B 1047 -23.15 5.09 31.23
CA ARG B 1047 -23.47 5.30 32.64
C ARG B 1047 -22.22 5.30 33.51
N SER B 1048 -21.21 4.50 33.14
CA SER B 1048 -19.98 4.42 33.91
C SER B 1048 -19.19 5.73 33.91
N LEU B 1049 -19.51 6.66 33.00
CA LEU B 1049 -18.86 7.96 32.95
C LEU B 1049 -19.74 9.07 33.51
N ALA B 1050 -20.76 8.70 34.28
CA ALA B 1050 -21.67 9.66 34.92
C ALA B 1050 -22.46 10.46 33.88
N LEU B 1051 -22.98 9.76 32.88
CA LEU B 1051 -23.78 10.37 31.83
C LEU B 1051 -25.05 9.56 31.60
N GLU B 1052 -26.13 10.24 31.22
CA GLU B 1052 -27.40 9.58 30.96
C GLU B 1052 -27.59 9.35 29.46
N LEU B 1053 -28.50 8.44 29.14
CA LEU B 1053 -28.99 8.29 27.77
C LEU B 1053 -30.37 7.65 27.87
N ASN B 1054 -31.41 8.46 27.72
CA ASN B 1054 -32.78 8.04 27.95
C ASN B 1054 -33.57 8.11 26.64
N HIS B 1055 -34.27 7.02 26.32
CA HIS B 1055 -35.18 6.99 25.19
C HIS B 1055 -36.57 7.43 25.63
N PHE B 1056 -37.32 7.98 24.68
CA PHE B 1056 -38.68 8.43 24.96
C PHE B 1056 -39.55 8.17 23.74
N LEU B 1057 -40.85 8.02 23.99
CA LEU B 1057 -41.82 7.65 22.97
C LEU B 1057 -43.06 8.54 23.09
N VAL B 1058 -42.84 9.85 23.10
CA VAL B 1058 -43.92 10.83 23.24
C VAL B 1058 -45.02 10.53 22.23
N SER B 1059 -46.22 10.23 22.75
CA SER B 1059 -47.30 9.76 21.90
C SER B 1059 -47.91 10.90 21.10
N GLU B 1060 -48.32 10.59 19.86
CA GLU B 1060 -48.94 11.58 18.98
C GLU B 1060 -50.42 11.77 19.27
N ARG B 1061 -51.02 10.96 20.14
CA ARG B 1061 -52.44 11.05 20.43
C ARG B 1061 -52.75 11.41 21.86
N ASN B 1062 -51.79 11.33 22.78
CA ASN B 1062 -52.01 11.68 24.17
C ASN B 1062 -50.93 12.56 24.78
N PHE B 1063 -49.81 12.78 24.10
CA PHE B 1063 -48.67 13.53 24.61
C PHE B 1063 -48.11 12.94 25.90
N GLN B 1064 -48.36 11.66 26.14
CA GLN B 1064 -47.90 11.00 27.37
C GLN B 1064 -46.52 10.40 27.13
N ILE B 1065 -45.57 10.77 27.99
CA ILE B 1065 -44.22 10.24 27.88
C ILE B 1065 -44.22 8.74 28.16
N ASN B 1066 -43.51 7.99 27.33
CA ASN B 1066 -43.44 6.54 27.41
C ASN B 1066 -42.00 6.08 27.48
N ARG B 1067 -41.25 6.69 28.40
CA ARG B 1067 -39.82 6.44 28.56
C ARG B 1067 -39.52 4.95 28.66
N MET B 1068 -38.69 4.46 27.74
CA MET B 1068 -38.24 3.08 27.78
C MET B 1068 -37.24 2.88 28.90
N GLU B 1069 -37.16 1.65 29.41
CA GLU B 1069 -36.26 1.32 30.51
C GLU B 1069 -34.95 0.79 29.95
N ALA B 1070 -33.85 1.46 30.26
CA ALA B 1070 -32.53 1.05 29.82
C ALA B 1070 -31.46 1.58 30.75
N MET C 1 -53.37 15.81 3.55
CA MET C 1 -52.75 14.54 3.89
C MET C 1 -51.96 14.64 5.18
N ILE C 2 -52.56 14.24 6.28
CA ILE C 2 -51.86 14.26 7.56
C ILE C 2 -50.86 13.11 7.59
N ASP C 3 -49.60 13.43 7.83
CA ASP C 3 -48.55 12.43 7.82
C ASP C 3 -48.56 11.63 9.13
N GLN C 4 -47.93 10.46 9.08
CA GLN C 4 -47.81 9.62 10.27
C GLN C 4 -46.79 10.23 11.22
N TYR C 5 -47.26 11.02 12.19
CA TYR C 5 -46.36 11.62 13.16
C TYR C 5 -45.66 10.55 13.98
N LYS C 6 -44.38 10.77 14.25
CA LYS C 6 -43.59 9.86 15.09
C LYS C 6 -42.57 10.70 15.83
N HIS C 7 -42.84 10.92 17.12
CA HIS C 7 -41.96 11.73 17.97
C HIS C 7 -41.15 10.81 18.85
N GLN C 8 -39.85 10.75 18.60
CA GLN C 8 -38.91 10.01 19.43
C GLN C 8 -37.89 10.98 20.02
N GLN C 9 -37.16 10.51 21.03
CA GLN C 9 -36.29 11.41 21.77
C GLN C 9 -35.09 10.64 22.29
N LEU C 10 -34.01 11.39 22.56
CA LEU C 10 -32.81 10.81 23.14
C LEU C 10 -32.07 11.94 23.88
N ARG C 11 -32.20 11.95 25.20
CA ARG C 11 -31.51 12.95 26.01
C ARG C 11 -30.19 12.41 26.53
N ILE C 12 -29.35 13.32 27.04
CA ILE C 12 -28.07 12.97 27.62
C ILE C 12 -27.67 14.08 28.58
N GLY C 13 -27.12 13.70 29.73
CA GLY C 13 -26.70 14.69 30.71
C GLY C 13 -25.97 14.03 31.86
N SER C 14 -25.27 14.87 32.62
CA SER C 14 -24.59 14.42 33.82
C SER C 14 -25.62 13.96 34.85
N VAL C 15 -25.24 12.98 35.66
CA VAL C 15 -26.15 12.39 36.62
C VAL C 15 -25.90 13.00 37.99
N SER C 16 -26.94 13.08 38.77
CA SER C 16 -26.77 13.43 40.17
C SER C 16 -26.32 12.21 40.96
N PRO C 17 -25.59 12.42 42.07
CA PRO C 17 -25.22 11.28 42.92
C PRO C 17 -26.41 10.47 43.39
N GLN C 18 -27.54 11.13 43.66
CA GLN C 18 -28.75 10.41 44.03
C GLN C 18 -29.20 9.48 42.89
N GLN C 19 -29.02 9.91 41.64
CA GLN C 19 -29.38 9.06 40.52
C GLN C 19 -28.53 7.80 40.49
N ILE C 20 -27.22 7.92 40.72
CA ILE C 20 -26.35 6.74 40.77
C ILE C 20 -26.75 5.83 41.92
N SER C 21 -27.03 6.42 43.09
CA SER C 21 -27.43 5.62 44.24
C SER C 21 -28.71 4.84 43.95
N ALA C 22 -29.70 5.49 43.33
CA ALA C 22 -30.91 4.79 42.95
C ALA C 22 -30.65 3.75 41.87
N TRP C 23 -29.67 4.00 41.00
CA TRP C 23 -29.30 3.02 39.99
C TRP C 23 -28.77 1.74 40.61
N ALA C 24 -27.88 1.87 41.58
CA ALA C 24 -27.09 0.74 42.04
C ALA C 24 -27.52 0.16 43.38
N THR C 25 -27.89 0.98 44.35
CA THR C 25 -28.17 0.47 45.69
C THR C 25 -29.41 -0.40 45.68
N LYS C 26 -29.28 -1.60 46.24
CA LYS C 26 -30.37 -2.56 46.38
C LYS C 26 -30.53 -2.89 47.85
N ILE C 27 -31.72 -2.63 48.39
CA ILE C 27 -31.99 -2.77 49.81
C ILE C 27 -32.66 -4.12 50.06
N LEU C 28 -32.03 -4.94 50.89
CA LEU C 28 -32.57 -6.23 51.25
C LEU C 28 -33.72 -6.05 52.24
N PRO C 29 -34.57 -7.07 52.40
CA PRO C 29 -35.67 -6.95 53.39
C PRO C 29 -35.18 -6.71 54.81
N ASN C 30 -33.97 -7.14 55.15
CA ASN C 30 -33.44 -6.91 56.49
C ASN C 30 -33.08 -5.46 56.74
N GLY C 31 -33.08 -4.61 55.71
CA GLY C 31 -32.78 -3.20 55.85
C GLY C 31 -31.40 -2.79 55.38
N GLU C 32 -30.51 -3.75 55.13
CA GLU C 32 -29.17 -3.41 54.66
C GLU C 32 -29.21 -2.90 53.23
N ILE C 33 -28.28 -2.00 52.91
CA ILE C 33 -28.16 -1.47 51.56
C ILE C 33 -26.97 -2.13 50.88
N VAL C 34 -25.78 -1.89 51.44
CA VAL C 34 -24.53 -2.51 51.01
C VAL C 34 -24.37 -2.45 49.49
N GLY C 35 -24.41 -1.25 48.93
CA GLY C 35 -24.07 -1.03 47.54
C GLY C 35 -22.71 -0.40 47.33
N GLU C 36 -21.94 -0.19 48.40
CA GLU C 36 -20.72 0.60 48.32
C GLU C 36 -19.59 -0.13 47.60
N VAL C 37 -19.60 -1.46 47.63
CA VAL C 37 -18.49 -2.27 47.10
C VAL C 37 -17.21 -1.84 47.81
N THR C 38 -17.10 -2.19 49.09
CA THR C 38 -15.98 -1.71 49.89
C THR C 38 -14.66 -2.34 49.48
N LYS C 39 -14.64 -3.65 49.30
CA LYS C 39 -13.33 -4.24 49.11
C LYS C 39 -13.05 -4.52 47.64
N PRO C 40 -11.78 -4.42 47.21
CA PRO C 40 -11.40 -4.72 45.83
C PRO C 40 -11.15 -6.21 45.59
N TYR C 41 -12.11 -7.04 45.99
CA TYR C 41 -12.00 -8.49 45.87
C TYR C 41 -12.52 -8.92 44.51
N THR C 42 -11.61 -9.03 43.54
CA THR C 42 -12.00 -9.43 42.19
C THR C 42 -12.50 -10.87 42.17
N PHE C 43 -11.66 -11.81 42.56
CA PHE C 43 -12.02 -13.22 42.56
C PHE C 43 -11.27 -13.94 43.66
N HIS C 44 -11.87 -14.94 44.26
CA HIS C 44 -11.22 -15.58 45.39
C HIS C 44 -9.92 -16.20 44.96
N TYR C 45 -8.91 -16.16 45.82
CA TYR C 45 -7.67 -16.86 45.51
C TYR C 45 -8.00 -18.34 45.51
N LYS C 46 -9.09 -18.70 46.16
CA LYS C 46 -9.53 -20.08 46.20
C LYS C 46 -10.20 -20.42 44.90
N THR C 47 -11.30 -21.17 44.98
CA THR C 47 -12.07 -21.45 43.78
C THR C 47 -12.26 -20.10 43.11
N ASN C 48 -12.34 -20.08 41.79
CA ASN C 48 -12.60 -18.82 41.14
C ASN C 48 -14.03 -18.39 41.41
N LYS C 49 -14.32 -17.97 42.63
CA LYS C 49 -15.62 -17.44 42.94
C LYS C 49 -15.20 -16.10 43.40
N PRO C 50 -16.02 -15.08 43.18
CA PRO C 50 -15.55 -13.75 43.53
C PRO C 50 -15.57 -13.54 45.03
N GLU C 51 -16.44 -12.66 45.51
CA GLU C 51 -16.46 -12.36 46.93
C GLU C 51 -17.51 -11.36 47.25
N LYS C 52 -17.95 -11.34 48.50
CA LYS C 52 -18.88 -10.30 48.92
C LYS C 52 -18.15 -8.97 49.02
N ASP C 53 -18.79 -7.92 48.51
CA ASP C 53 -18.21 -6.57 48.46
C ASP C 53 -16.90 -6.59 47.68
N GLY C 54 -17.02 -6.90 46.38
CA GLY C 54 -15.88 -7.00 45.51
C GLY C 54 -16.26 -6.64 44.08
N LEU C 55 -15.29 -6.80 43.18
CA LEU C 55 -15.54 -6.48 41.78
C LEU C 55 -16.66 -7.33 41.19
N PHE C 56 -16.76 -8.58 41.60
CA PHE C 56 -17.80 -9.49 41.16
C PHE C 56 -18.72 -9.87 42.32
N CYS C 57 -19.04 -8.89 43.16
CA CYS C 57 -19.84 -9.13 44.36
C CYS C 57 -21.23 -9.62 44.00
N GLU C 58 -21.50 -10.90 44.24
CA GLU C 58 -22.80 -11.48 43.92
C GLU C 58 -23.92 -10.88 44.76
N ARG C 59 -23.59 -10.34 45.94
CA ARG C 59 -24.63 -9.80 46.81
C ARG C 59 -25.32 -8.60 46.17
N ILE C 60 -24.57 -7.77 45.46
CA ILE C 60 -25.16 -6.59 44.80
C ILE C 60 -25.68 -6.94 43.40
N PHE C 61 -24.97 -7.78 42.67
CA PHE C 61 -25.39 -8.21 41.34
C PHE C 61 -26.37 -9.38 41.47
N GLY C 62 -26.67 -10.01 40.34
CA GLY C 62 -27.50 -11.19 40.35
C GLY C 62 -26.71 -12.45 40.63
N PRO C 63 -27.41 -13.58 40.63
CA PRO C 63 -26.72 -14.87 40.79
C PRO C 63 -25.85 -15.19 39.57
N ILE C 64 -24.73 -15.86 39.84
CA ILE C 64 -23.85 -16.27 38.75
C ILE C 64 -24.45 -17.41 37.95
N LYS C 65 -25.47 -18.08 38.49
CA LYS C 65 -26.17 -19.15 37.79
C LYS C 65 -27.67 -18.94 37.93
N SER C 66 -28.41 -19.36 36.91
CA SER C 66 -29.87 -19.21 36.91
C SER C 66 -30.47 -20.12 37.97
N GLY C 67 -30.93 -19.52 39.08
CA GLY C 67 -31.57 -20.23 40.15
C GLY C 67 -30.66 -20.52 41.33
N ILE C 68 -29.38 -20.76 41.08
CA ILE C 68 -28.43 -21.07 42.16
C ILE C 68 -28.10 -19.78 42.91
N CYS C 69 -28.29 -19.81 44.23
CA CYS C 69 -28.04 -18.66 45.07
C CYS C 69 -26.58 -18.65 45.53
N ALA C 70 -26.26 -17.76 46.48
CA ALA C 70 -24.89 -17.68 46.98
C ALA C 70 -24.50 -18.96 47.72
N CYS C 71 -25.42 -19.51 48.52
CA CYS C 71 -25.13 -20.74 49.25
C CYS C 71 -25.05 -21.93 48.30
N GLY C 72 -26.02 -22.06 47.40
CA GLY C 72 -25.99 -23.14 46.43
C GLY C 72 -27.35 -23.77 46.16
N ASN C 73 -28.34 -23.45 46.98
CA ASN C 73 -29.67 -24.01 46.78
C ASN C 73 -30.32 -23.42 45.53
N TYR C 74 -31.27 -24.17 44.98
CA TYR C 74 -31.96 -23.80 43.76
C TYR C 74 -33.47 -23.80 43.98
N ARG C 75 -34.15 -22.80 43.43
CA ARG C 75 -35.59 -22.66 43.53
C ARG C 75 -36.18 -22.64 42.13
N VAL C 76 -37.19 -23.47 41.91
CA VAL C 76 -37.88 -23.51 40.61
C VAL C 76 -38.84 -22.34 40.55
N ILE C 77 -38.65 -21.47 39.55
CA ILE C 77 -39.54 -20.32 39.38
C ILE C 77 -40.20 -20.39 38.00
N GLY C 78 -39.39 -20.23 36.95
CA GLY C 78 -39.86 -20.32 35.59
C GLY C 78 -41.00 -19.39 35.20
N ASP C 79 -41.46 -18.56 36.14
CA ASP C 79 -42.64 -17.74 35.94
C ASP C 79 -42.54 -16.47 36.76
N GLU C 80 -43.37 -15.48 36.41
CA GLU C 80 -43.49 -14.25 37.18
C GLU C 80 -44.69 -14.34 38.12
N LYS C 81 -44.60 -15.26 39.08
CA LYS C 81 -45.72 -15.58 39.96
C LYS C 81 -45.27 -15.65 41.41
N GLU C 82 -46.13 -16.19 42.28
CA GLU C 82 -45.83 -16.26 43.71
C GLU C 82 -44.59 -17.08 43.98
N ASP C 83 -43.49 -16.41 44.32
CA ASP C 83 -42.21 -17.02 44.59
C ASP C 83 -41.44 -16.07 45.50
N PRO C 84 -40.65 -16.57 46.44
CA PRO C 84 -39.85 -15.68 47.29
C PRO C 84 -38.86 -14.89 46.46
N LYS C 85 -38.94 -13.56 46.56
CA LYS C 85 -38.02 -12.70 45.82
C LYS C 85 -36.59 -12.91 46.30
N PHE C 86 -36.40 -13.09 47.61
CA PHE C 86 -35.10 -13.35 48.20
C PHE C 86 -35.16 -14.64 49.01
N CYS C 87 -34.09 -15.43 48.94
CA CYS C 87 -34.04 -16.73 49.61
C CYS C 87 -33.51 -16.60 51.04
N GLU C 88 -34.13 -15.71 51.81
CA GLU C 88 -33.81 -15.51 53.22
C GLU C 88 -32.32 -15.26 53.45
N GLN C 89 -31.59 -16.30 53.85
CA GLN C 89 -30.17 -16.16 54.13
C GLN C 89 -29.40 -15.75 52.89
N CYS C 90 -29.77 -16.30 51.72
CA CYS C 90 -29.08 -15.93 50.49
C CYS C 90 -29.42 -14.51 50.08
N GLY C 91 -30.70 -14.14 50.12
CA GLY C 91 -31.12 -12.83 49.64
C GLY C 91 -30.86 -12.63 48.16
N VAL C 92 -30.98 -13.68 47.36
CA VAL C 92 -30.65 -13.64 45.95
C VAL C 92 -31.82 -14.21 45.16
N GLU C 93 -32.27 -13.47 44.15
CA GLU C 93 -33.35 -13.94 43.30
C GLU C 93 -32.88 -15.09 42.41
N PHE C 94 -33.84 -15.89 41.96
CA PHE C 94 -33.57 -17.05 41.13
C PHE C 94 -33.85 -16.80 39.65
N VAL C 95 -34.03 -15.54 39.25
CA VAL C 95 -34.25 -15.19 37.86
C VAL C 95 -32.95 -15.40 37.10
N ASP C 96 -33.01 -15.38 35.77
CA ASP C 96 -31.85 -15.67 34.93
C ASP C 96 -30.70 -14.69 35.23
N SER C 97 -29.50 -15.10 34.84
CA SER C 97 -28.29 -14.32 35.07
C SER C 97 -28.15 -13.13 34.12
N ARG C 98 -29.18 -12.82 33.34
CA ARG C 98 -29.14 -11.62 32.51
C ARG C 98 -28.88 -10.38 33.35
N ILE C 99 -29.47 -10.33 34.55
CA ILE C 99 -29.32 -9.18 35.44
C ILE C 99 -27.85 -9.01 35.83
N ARG C 100 -27.04 -10.05 35.66
CA ARG C 100 -25.61 -9.93 35.88
C ARG C 100 -24.99 -8.86 34.98
N ARG C 101 -25.39 -8.82 33.72
CA ARG C 101 -24.80 -7.89 32.76
C ARG C 101 -25.47 -6.52 32.78
N TYR C 102 -26.51 -6.33 33.60
CA TYR C 102 -27.21 -5.06 33.67
C TYR C 102 -27.09 -4.36 35.02
N GLN C 103 -26.82 -5.10 36.10
CA GLN C 103 -26.66 -4.47 37.40
C GLN C 103 -25.48 -3.51 37.39
N MET C 104 -25.64 -2.39 38.09
CA MET C 104 -24.63 -1.35 38.14
C MET C 104 -23.97 -1.33 39.52
N GLY C 105 -22.64 -1.28 39.52
CA GLY C 105 -21.93 -1.09 40.77
C GLY C 105 -21.80 0.38 41.13
N TYR C 106 -21.36 0.62 42.36
CA TYR C 106 -21.30 2.00 42.86
C TYR C 106 -20.29 2.07 43.99
N ILE C 107 -19.37 3.02 43.92
CA ILE C 107 -18.38 3.23 44.96
C ILE C 107 -18.41 4.70 45.39
N LYS C 108 -17.97 4.94 46.62
CA LYS C 108 -17.89 6.27 47.20
C LYS C 108 -16.43 6.62 47.43
N LEU C 109 -15.97 7.69 46.79
CA LEU C 109 -14.66 8.24 47.05
C LEU C 109 -14.78 9.26 48.16
N ALA C 110 -13.95 9.12 49.19
CA ALA C 110 -14.03 10.05 50.31
C ALA C 110 -13.32 11.35 49.97
N CYS C 111 -13.61 11.88 48.79
CA CYS C 111 -13.12 13.15 48.27
C CYS C 111 -13.87 13.44 46.97
N PRO C 112 -14.32 14.66 46.73
CA PRO C 112 -14.93 14.98 45.44
C PRO C 112 -13.93 14.80 44.31
N VAL C 113 -14.42 14.31 43.18
CA VAL C 113 -13.59 14.01 42.02
C VAL C 113 -14.08 14.83 40.84
N THR C 114 -13.18 15.60 40.23
CA THR C 114 -13.52 16.37 39.04
C THR C 114 -13.49 15.47 37.82
N HIS C 115 -14.56 15.51 37.04
CA HIS C 115 -14.62 14.72 35.81
C HIS C 115 -13.51 15.16 34.85
N VAL C 116 -12.85 14.18 34.23
CA VAL C 116 -11.72 14.48 33.35
C VAL C 116 -12.16 15.31 32.15
N TRP C 117 -13.31 14.96 31.56
CA TRP C 117 -13.72 15.63 30.33
C TRP C 117 -13.93 17.12 30.54
N TYR C 118 -14.50 17.51 31.67
CA TYR C 118 -14.86 18.90 31.92
C TYR C 118 -13.72 19.72 32.51
N LEU C 119 -12.58 19.11 32.82
CA LEU C 119 -11.46 19.85 33.41
C LEU C 119 -10.18 19.78 32.60
N LYS C 120 -9.84 18.62 32.05
CA LYS C 120 -8.56 18.45 31.37
C LYS C 120 -8.61 18.77 29.88
N ARG C 121 -9.78 18.73 29.26
CA ARG C 121 -9.85 18.84 27.82
C ARG C 121 -9.73 20.30 27.37
N LEU C 122 -9.83 20.50 26.06
CA LEU C 122 -9.66 21.82 25.47
C LEU C 122 -10.77 22.77 25.94
N PRO C 123 -10.48 24.09 26.06
CA PRO C 123 -11.28 24.99 26.90
C PRO C 123 -12.24 24.33 27.87
N SER C 124 -11.73 23.94 29.03
CA SER C 124 -12.57 23.31 30.05
C SER C 124 -13.67 24.25 30.49
N TYR C 125 -14.88 23.68 30.65
CA TYR C 125 -16.03 24.48 31.02
C TYR C 125 -15.93 25.02 32.44
N ILE C 126 -15.12 24.39 33.29
CA ILE C 126 -14.94 24.88 34.65
C ILE C 126 -14.28 26.26 34.64
N ALA C 127 -13.28 26.45 33.78
CA ALA C 127 -12.61 27.74 33.71
C ALA C 127 -13.56 28.86 33.31
N ASN C 128 -14.45 28.58 32.35
CA ASN C 128 -15.44 29.58 31.94
C ASN C 128 -16.49 29.79 33.03
N PHE C 129 -16.85 28.73 33.76
CA PHE C 129 -17.85 28.87 34.80
C PHE C 129 -17.37 29.76 35.94
N LEU C 130 -16.11 29.62 36.34
CA LEU C 130 -15.55 30.39 37.43
C LEU C 130 -14.89 31.68 36.97
N ASP C 131 -14.79 31.91 35.66
CA ASP C 131 -14.11 33.09 35.11
C ASP C 131 -12.68 33.18 35.66
N LYS C 132 -12.00 32.04 35.70
CA LYS C 132 -10.66 31.95 36.23
C LYS C 132 -9.73 31.28 35.24
N PRO C 133 -8.45 31.63 35.24
CA PRO C 133 -7.50 30.96 34.34
C PRO C 133 -7.39 29.48 34.65
N LEU C 134 -7.12 28.69 33.60
CA LEU C 134 -7.02 27.25 33.77
C LEU C 134 -5.88 26.86 34.68
N LYS C 135 -4.78 27.62 34.65
CA LYS C 135 -3.65 27.30 35.52
C LYS C 135 -4.03 27.41 37.00
N GLU C 136 -4.89 28.37 37.33
CA GLU C 136 -5.31 28.54 38.73
C GLU C 136 -6.02 27.29 39.25
N LEU C 137 -7.05 26.83 38.53
CA LEU C 137 -7.78 25.66 38.99
C LEU C 137 -6.96 24.39 38.85
N GLU C 138 -6.07 24.33 37.86
CA GLU C 138 -5.18 23.18 37.75
C GLU C 138 -4.19 23.12 38.90
N GLY C 139 -3.84 24.27 39.48
CA GLY C 139 -3.07 24.28 40.70
C GLY C 139 -3.88 24.07 41.95
N LEU C 140 -5.18 24.37 41.91
CA LEU C 140 -6.05 24.07 43.05
C LEU C 140 -6.09 22.59 43.35
N VAL C 141 -6.00 21.74 42.32
CA VAL C 141 -6.06 20.30 42.46
C VAL C 141 -4.84 19.70 41.78
N TYR C 142 -4.77 18.36 41.72
CA TYR C 142 -3.76 17.66 40.94
C TYR C 142 -2.35 18.06 41.35
N CYS C 143 -1.90 19.23 40.90
CA CYS C 143 -0.63 19.77 41.39
C CYS C 143 -0.74 20.19 42.86
N ASP C 144 -1.93 20.62 43.28
CA ASP C 144 -2.24 20.92 44.67
C ASP C 144 -1.43 22.10 45.21
N PHE C 145 -0.90 22.92 44.33
CA PHE C 145 -0.07 24.06 44.72
C PHE C 145 -0.92 25.32 44.89
N SER C 146 -1.98 25.19 45.69
CA SER C 146 -2.91 26.29 45.89
C SER C 146 -3.71 26.05 47.17
N PHE C 147 -4.46 27.07 47.56
CA PHE C 147 -5.38 26.99 48.71
C PHE C 147 -6.55 27.91 48.41
N ALA C 148 -7.62 27.34 47.87
CA ALA C 148 -8.75 28.14 47.38
C ALA C 148 -9.58 28.69 48.53
N ARG C 149 -10.28 29.79 48.26
CA ARG C 149 -11.18 30.41 49.21
C ARG C 149 -12.61 30.35 48.68
N PRO C 150 -13.49 29.52 49.23
CA PRO C 150 -14.88 29.47 48.75
C PRO C 150 -15.73 30.54 49.41
N ILE C 151 -16.19 31.50 48.61
CA ILE C 151 -17.17 32.47 49.08
C ILE C 151 -18.56 31.83 49.00
N ALA C 152 -19.25 31.77 50.14
CA ALA C 152 -20.46 30.96 50.23
C ALA C 152 -21.43 31.64 51.19
N LYS C 153 -22.44 30.88 51.64
CA LYS C 153 -23.47 31.42 52.51
C LYS C 153 -22.88 31.87 53.84
N LYS C 154 -21.94 31.12 54.39
CA LYS C 154 -21.44 31.39 55.72
C LYS C 154 -20.75 32.76 55.75
N PRO C 155 -20.92 33.53 56.82
CA PRO C 155 -20.25 34.83 56.91
C PRO C 155 -18.73 34.69 56.84
N THR C 156 -18.07 35.83 56.70
CA THR C 156 -16.64 35.90 56.46
C THR C 156 -15.96 36.76 57.53
N PHE C 157 -16.25 36.46 58.79
CA PHE C 157 -15.61 37.16 59.90
C PHE C 157 -14.10 37.11 59.81
N LEU C 158 -13.54 36.04 59.23
CA LEU C 158 -12.13 36.01 58.93
C LEU C 158 -11.78 37.13 57.95
N ARG C 159 -10.75 37.91 58.28
CA ARG C 159 -10.46 39.12 57.54
C ARG C 159 -10.05 38.82 56.11
N LEU C 160 -10.57 39.61 55.18
CA LEU C 160 -10.28 39.49 53.75
C LEU C 160 -10.64 38.11 53.21
N ARG C 161 -10.34 37.86 51.93
CA ARG C 161 -10.65 36.57 51.33
C ARG C 161 -9.41 35.81 50.89
N GLY C 162 -8.53 36.44 50.11
CA GLY C 162 -7.49 35.70 49.42
C GLY C 162 -8.06 34.80 48.35
N LEU C 163 -7.23 34.37 47.39
CA LEU C 163 -7.69 33.41 46.38
C LEU C 163 -6.96 32.08 46.51
N PHE C 164 -5.63 32.08 46.40
CA PHE C 164 -4.82 30.89 46.60
C PHE C 164 -3.36 31.30 46.54
N GLU C 165 -2.54 30.75 47.45
CA GLU C 165 -1.10 30.95 47.39
C GLU C 165 -0.42 29.83 48.17
N TYR C 166 0.07 28.81 47.46
CA TYR C 166 0.93 27.81 48.07
C TYR C 166 1.87 27.25 47.01
N GLU C 167 3.02 27.90 46.84
CA GLU C 167 4.10 27.31 46.05
C GLU C 167 5.49 27.65 46.58
N ILE C 168 5.61 28.34 47.70
CA ILE C 168 6.90 28.81 48.21
C ILE C 168 7.34 27.89 49.34
N GLN C 169 8.61 27.48 49.30
CA GLN C 169 9.15 26.58 50.31
C GLN C 169 9.12 27.19 51.70
N SER C 170 9.05 28.52 51.80
CA SER C 170 9.00 29.16 53.12
C SER C 170 7.68 28.91 53.84
N TRP C 171 6.62 28.57 53.11
CA TRP C 171 5.30 28.41 53.70
C TRP C 171 5.19 27.18 54.61
N LYS C 172 6.23 26.34 54.65
CA LYS C 172 6.18 25.17 55.52
C LYS C 172 6.08 25.57 56.98
N TYR C 173 6.80 26.61 57.40
CA TYR C 173 6.77 27.09 58.77
C TYR C 173 6.57 28.60 58.88
N SER C 174 6.15 29.27 57.81
CA SER C 174 5.90 30.71 57.85
C SER C 174 4.49 31.01 58.33
N ILE C 175 3.49 30.43 57.66
CA ILE C 175 2.08 30.67 57.99
C ILE C 175 1.66 30.08 59.34
N PRO C 176 2.23 28.96 59.83
CA PRO C 176 1.76 28.46 61.14
C PRO C 176 1.84 29.48 62.27
N LEU C 177 2.81 30.40 62.22
CA LEU C 177 2.83 31.47 63.19
C LEU C 177 1.61 32.37 63.05
N PHE C 178 1.19 32.64 61.81
CA PHE C 178 -0.01 33.43 61.57
C PHE C 178 -1.27 32.59 61.48
N PHE C 179 -1.16 31.34 61.03
CA PHE C 179 -2.32 30.49 60.86
C PHE C 179 -2.73 29.87 62.19
N THR C 180 -3.90 29.22 62.17
CA THR C 180 -4.49 28.61 63.36
C THR C 180 -4.55 29.59 64.51
N THR C 181 -3.67 29.42 65.49
CA THR C 181 -3.53 30.26 66.69
C THR C 181 -4.73 30.11 67.62
N GLN C 182 -5.81 29.46 67.15
CA GLN C 182 -6.96 29.14 68.00
C GLN C 182 -7.56 27.86 67.44
N GLY C 183 -7.19 26.73 68.02
CA GLY C 183 -7.68 25.44 67.56
C GLY C 183 -7.16 25.09 66.18
N PHE C 184 -7.62 23.97 65.63
CA PHE C 184 -7.27 23.56 64.27
C PHE C 184 -8.48 23.46 63.36
N ASP C 185 -9.51 22.72 63.77
CA ASP C 185 -10.71 22.59 62.95
C ASP C 185 -11.54 23.86 62.96
N THR C 186 -11.49 24.63 64.05
CA THR C 186 -12.29 25.84 64.17
C THR C 186 -11.76 26.99 63.32
N PHE C 187 -10.58 26.84 62.72
CA PHE C 187 -10.05 27.81 61.78
C PHE C 187 -9.86 27.24 60.38
N ARG C 188 -9.15 26.12 60.27
CA ARG C 188 -8.78 25.60 58.96
C ARG C 188 -9.98 24.99 58.24
N ASN C 189 -10.86 24.31 58.97
CA ASN C 189 -11.99 23.62 58.36
C ASN C 189 -13.21 24.50 58.17
N ARG C 190 -13.21 25.71 58.72
CA ARG C 190 -14.31 26.64 58.47
C ARG C 190 -14.35 27.05 57.00
N GLU C 191 -13.19 27.38 56.44
CA GLU C 191 -13.07 27.82 55.06
C GLU C 191 -11.59 27.82 54.71
N ILE C 192 -11.28 28.22 53.47
CA ILE C 192 -9.99 27.94 52.83
C ILE C 192 -9.83 26.43 52.67
N SER C 193 -10.54 25.86 51.71
CA SER C 193 -10.42 24.44 51.42
C SER C 193 -9.45 24.22 50.26
N THR C 194 -8.94 22.99 50.16
CA THR C 194 -8.03 22.59 49.11
C THR C 194 -8.59 21.37 48.40
N GLY C 195 -7.96 21.00 47.29
CA GLY C 195 -8.46 19.90 46.50
C GLY C 195 -9.72 20.27 45.74
N ALA C 196 -10.43 19.24 45.29
CA ALA C 196 -11.63 19.45 44.49
C ALA C 196 -12.81 19.94 45.34
N GLY C 197 -12.72 19.85 46.66
CA GLY C 197 -13.83 20.28 47.50
C GLY C 197 -14.13 21.76 47.37
N ALA C 198 -13.08 22.59 47.38
CA ALA C 198 -13.27 24.02 47.22
C ALA C 198 -13.84 24.34 45.84
N ILE C 199 -13.36 23.63 44.81
CA ILE C 199 -13.87 23.85 43.46
C ILE C 199 -15.35 23.52 43.39
N ARG C 200 -15.75 22.39 43.98
CA ARG C 200 -17.16 22.01 43.95
C ARG C 200 -18.02 23.00 44.74
N GLU C 201 -17.54 23.42 45.90
CA GLU C 201 -18.30 24.39 46.68
C GLU C 201 -18.45 25.71 45.94
N GLN C 202 -17.38 26.16 45.26
CA GLN C 202 -17.47 27.36 44.44
C GLN C 202 -18.47 27.16 43.30
N LEU C 203 -18.49 25.96 42.71
CA LEU C 203 -19.49 25.64 41.71
C LEU C 203 -20.90 25.75 42.28
N ALA C 204 -21.06 25.44 43.57
CA ALA C 204 -22.36 25.48 44.23
C ALA C 204 -22.68 26.84 44.83
N ASP C 205 -21.90 27.88 44.53
CA ASP C 205 -22.05 29.17 45.20
C ASP C 205 -22.51 30.29 44.29
N LEU C 206 -21.81 30.52 43.18
CA LEU C 206 -22.12 31.68 42.34
C LEU C 206 -23.51 31.55 41.73
N ASP C 207 -24.21 32.68 41.63
CA ASP C 207 -25.55 32.73 41.07
C ASP C 207 -25.48 32.97 39.57
N LEU C 208 -26.20 32.15 38.81
CA LEU C 208 -26.11 32.19 37.36
C LEU C 208 -26.60 33.51 36.79
N ARG C 209 -27.71 34.04 37.32
CA ARG C 209 -28.27 35.27 36.80
C ARG C 209 -27.32 36.46 37.01
N THR C 210 -26.69 36.52 38.18
CA THR C 210 -25.71 37.57 38.42
C THR C 210 -24.52 37.44 37.48
N ILE C 211 -24.12 36.20 37.18
CA ILE C 211 -23.05 35.97 36.22
C ILE C 211 -23.44 36.49 34.84
N ILE C 212 -24.68 36.22 34.43
CA ILE C 212 -25.15 36.72 33.13
C ILE C 212 -25.13 38.23 33.10
N ASP C 213 -25.62 38.87 34.16
CA ASP C 213 -25.64 40.33 34.20
C ASP C 213 -24.23 40.91 34.15
N TYR C 214 -23.31 40.33 34.93
CA TYR C 214 -21.95 40.84 34.98
C TYR C 214 -21.24 40.65 33.66
N SER C 215 -21.44 39.50 33.01
CA SER C 215 -20.77 39.27 31.73
C SER C 215 -21.36 40.15 30.64
N PHE C 216 -22.67 40.42 30.69
CA PHE C 216 -23.26 41.38 29.75
C PHE C 216 -22.68 42.76 29.97
N ALA C 217 -22.49 43.17 31.23
CA ALA C 217 -21.88 44.47 31.51
C ALA C 217 -20.44 44.52 30.99
N GLU C 218 -19.69 43.43 31.18
CA GLU C 218 -18.32 43.38 30.68
C GLU C 218 -18.29 43.45 29.15
N TRP C 219 -19.24 42.76 28.49
CA TRP C 219 -19.32 42.81 27.04
C TRP C 219 -19.62 44.23 26.56
N LYS C 220 -20.55 44.91 27.24
CA LYS C 220 -20.86 46.29 26.88
C LYS C 220 -19.66 47.20 27.08
N GLU C 221 -18.92 46.99 28.18
CA GLU C 221 -17.72 47.80 28.42
C GLU C 221 -16.66 47.56 27.35
N LEU C 222 -16.45 46.30 26.96
CA LEU C 222 -15.45 46.00 25.93
C LEU C 222 -15.87 46.54 24.58
N GLY C 223 -17.17 46.49 24.26
CA GLY C 223 -17.63 46.90 22.95
C GLY C 223 -17.53 48.40 22.72
N GLU C 224 -17.45 49.18 23.80
CA GLU C 224 -17.41 50.64 23.69
C GLU C 224 -15.98 51.19 23.70
N GLU C 225 -14.98 50.35 23.43
CA GLU C 225 -13.59 50.77 23.35
C GLU C 225 -13.11 50.62 21.91
N GLY C 226 -12.55 51.70 21.37
CA GLY C 226 -12.08 51.69 19.99
C GLY C 226 -10.85 50.83 19.78
N SER C 227 -9.73 51.21 20.40
CA SER C 227 -8.47 50.47 20.31
C SER C 227 -8.03 50.44 18.85
N THR C 228 -7.81 49.27 18.24
CA THR C 228 -7.37 49.14 16.85
C THR C 228 -6.07 49.91 16.60
N GLY C 229 -5.17 49.93 17.57
CA GLY C 229 -3.90 50.61 17.42
C GLY C 229 -2.69 49.71 17.55
N ASN C 230 -2.83 48.64 18.32
CA ASN C 230 -1.74 47.70 18.58
C ASN C 230 -2.20 46.28 18.29
N GLU C 231 -1.32 45.49 17.69
CA GLU C 231 -1.66 44.11 17.34
C GLU C 231 -2.03 43.31 18.57
N TRP C 232 -1.25 43.45 19.65
CA TRP C 232 -1.61 42.81 20.91
C TRP C 232 -2.97 43.29 21.39
N GLU C 233 -3.21 44.60 21.33
CA GLU C 233 -4.53 45.14 21.66
C GLU C 233 -5.57 44.70 20.64
N ASP C 234 -5.17 44.50 19.38
CA ASP C 234 -6.11 44.03 18.37
C ASP C 234 -6.66 42.65 18.72
N ARG C 235 -5.78 41.75 19.17
CA ARG C 235 -6.21 40.38 19.42
C ARG C 235 -6.57 40.11 20.87
N LYS C 236 -6.32 41.05 21.79
CA LYS C 236 -6.67 40.81 23.18
C LYS C 236 -8.17 40.92 23.43
N VAL C 237 -8.82 41.89 22.78
CA VAL C 237 -10.24 42.12 23.03
C VAL C 237 -11.08 40.95 22.50
N GLY C 238 -10.68 40.38 21.36
CA GLY C 238 -11.48 39.34 20.74
C GLY C 238 -11.60 38.08 21.59
N ARG C 239 -10.47 37.62 22.14
CA ARG C 239 -10.50 36.42 22.97
C ARG C 239 -11.35 36.63 24.21
N ARG C 240 -11.22 37.79 24.86
CA ARG C 240 -12.02 38.06 26.05
C ARG C 240 -13.50 38.14 25.70
N LYS C 241 -13.85 38.75 24.57
CA LYS C 241 -15.25 38.83 24.17
C LYS C 241 -15.82 37.45 23.87
N ASP C 242 -15.03 36.60 23.21
CA ASP C 242 -15.48 35.23 22.98
C ASP C 242 -15.64 34.46 24.29
N PHE C 243 -14.72 34.69 25.24
CA PHE C 243 -14.84 34.08 26.56
C PHE C 243 -16.16 34.48 27.21
N LEU C 244 -16.48 35.78 27.17
CA LEU C 244 -17.72 36.25 27.77
C LEU C 244 -18.94 35.64 27.06
N VAL C 245 -18.88 35.54 25.73
CA VAL C 245 -20.03 35.04 25.00
C VAL C 245 -20.28 33.58 25.31
N ARG C 246 -19.21 32.76 25.36
CA ARG C 246 -19.43 31.36 25.71
C ARG C 246 -19.79 31.21 27.17
N ARG C 247 -19.36 32.15 28.03
CA ARG C 247 -19.76 32.11 29.42
C ARG C 247 -21.27 32.31 29.58
N MET C 248 -21.81 33.34 28.93
CA MET C 248 -23.27 33.53 29.03
C MET C 248 -24.02 32.41 28.33
N GLU C 249 -23.46 31.86 27.25
CA GLU C 249 -24.11 30.73 26.60
C GLU C 249 -24.24 29.55 27.55
N LEU C 250 -23.13 29.17 28.21
CA LEU C 250 -23.16 28.05 29.14
C LEU C 250 -24.07 28.35 30.33
N VAL C 251 -24.01 29.57 30.85
CA VAL C 251 -24.82 29.91 32.02
C VAL C 251 -26.31 29.87 31.69
N LYS C 252 -26.69 30.43 30.54
CA LYS C 252 -28.08 30.39 30.13
C LYS C 252 -28.56 28.97 29.89
N HIS C 253 -27.70 28.12 29.31
CA HIS C 253 -28.06 26.72 29.16
C HIS C 253 -28.26 26.06 30.51
N PHE C 254 -27.42 26.39 31.49
CA PHE C 254 -27.57 25.84 32.83
C PHE C 254 -28.86 26.30 33.49
N ILE C 255 -29.26 27.55 33.24
CA ILE C 255 -30.40 28.14 33.96
C ILE C 255 -31.69 27.38 33.65
N ARG C 256 -31.92 27.08 32.37
CA ARG C 256 -33.19 26.51 31.92
C ARG C 256 -33.08 25.02 31.63
N THR C 257 -32.32 24.29 32.44
CA THR C 257 -32.17 22.84 32.26
C THR C 257 -32.29 22.16 33.62
N ASN C 258 -32.45 20.84 33.58
CA ASN C 258 -32.55 20.01 34.77
C ASN C 258 -31.21 19.49 35.24
N ILE C 259 -30.12 20.19 34.94
CA ILE C 259 -28.76 19.75 35.25
C ILE C 259 -28.12 20.81 36.14
N GLU C 260 -27.54 20.36 37.25
CA GLU C 260 -26.86 21.23 38.20
C GLU C 260 -25.35 21.25 37.94
N PRO C 261 -24.71 22.40 38.08
CA PRO C 261 -23.25 22.46 37.87
C PRO C 261 -22.45 21.58 38.81
N GLU C 262 -22.89 21.41 40.06
CA GLU C 262 -22.10 20.65 41.02
C GLU C 262 -21.84 19.22 40.57
N TRP C 263 -22.60 18.74 39.57
CA TRP C 263 -22.44 17.37 39.12
C TRP C 263 -21.18 17.17 38.26
N MET C 264 -20.56 18.24 37.75
CA MET C 264 -19.32 18.05 37.02
C MET C 264 -18.19 17.62 37.94
N VAL C 265 -18.23 18.02 39.21
CA VAL C 265 -17.31 17.52 40.22
C VAL C 265 -18.04 16.37 40.92
N LEU C 266 -17.86 15.17 40.39
CA LEU C 266 -18.59 14.01 40.90
C LEU C 266 -18.03 13.55 42.24
N CYS C 267 -18.88 12.88 43.01
CA CYS C 267 -18.50 12.32 44.29
C CYS C 267 -18.74 10.82 44.40
N LEU C 268 -19.57 10.25 43.53
CA LEU C 268 -19.92 8.83 43.58
C LEU C 268 -19.64 8.23 42.22
N LEU C 269 -18.83 7.16 42.19
CA LEU C 269 -18.37 6.60 40.93
C LEU C 269 -19.19 5.35 40.58
N PRO C 270 -19.91 5.36 39.47
CA PRO C 270 -20.56 4.13 39.00
C PRO C 270 -19.53 3.12 38.51
N VAL C 271 -19.93 1.85 38.54
CA VAL C 271 -19.05 0.74 38.20
C VAL C 271 -19.76 -0.12 37.16
N LEU C 272 -19.04 -0.45 36.09
CA LEU C 272 -19.63 -1.15 34.97
C LEU C 272 -20.05 -2.56 35.40
N PRO C 273 -21.16 -3.08 34.87
CA PRO C 273 -21.62 -4.43 35.23
C PRO C 273 -20.53 -5.48 35.05
N PRO C 274 -20.54 -6.54 35.87
CA PRO C 274 -19.46 -7.53 35.83
C PRO C 274 -19.39 -8.33 34.53
N GLU C 275 -20.53 -8.80 34.04
CA GLU C 275 -20.53 -9.69 32.89
C GLU C 275 -19.96 -9.02 31.65
N LEU C 276 -20.16 -7.71 31.51
CA LEU C 276 -19.60 -7.00 30.37
C LEU C 276 -18.11 -6.79 30.48
N ARG C 277 -17.50 -7.07 31.63
CA ARG C 277 -16.04 -7.06 31.79
C ARG C 277 -15.64 -8.38 32.47
N PRO C 278 -15.81 -9.50 31.79
CA PRO C 278 -15.63 -10.80 32.44
C PRO C 278 -14.18 -11.23 32.45
N ILE C 279 -13.91 -12.27 33.25
CA ILE C 279 -12.62 -12.94 33.29
C ILE C 279 -12.81 -14.30 32.64
N ILE C 280 -12.11 -14.53 31.53
CA ILE C 280 -12.33 -15.75 30.74
C ILE C 280 -11.81 -16.95 31.51
N GLN C 281 -12.66 -17.97 31.64
CA GLN C 281 -12.30 -19.22 32.31
C GLN C 281 -11.82 -20.20 31.25
N ILE C 282 -10.52 -20.52 31.28
CA ILE C 282 -9.92 -21.47 30.35
C ILE C 282 -9.55 -22.73 31.12
N ASP C 283 -9.48 -23.85 30.40
CA ASP C 283 -9.12 -25.11 31.01
C ASP C 283 -7.70 -25.05 31.57
N GLY C 284 -7.51 -25.65 32.74
CA GLY C 284 -6.24 -25.62 33.42
C GLY C 284 -6.06 -24.47 34.39
N GLY C 285 -7.02 -23.54 34.45
CA GLY C 285 -6.94 -22.42 35.35
C GLY C 285 -6.51 -21.11 34.74
N LYS C 286 -6.30 -21.07 33.42
CA LYS C 286 -5.92 -19.82 32.78
C LYS C 286 -7.05 -18.81 32.85
N LEU C 287 -6.70 -17.55 33.12
CA LEU C 287 -7.67 -16.47 33.25
C LEU C 287 -7.27 -15.32 32.33
N MET C 288 -8.21 -14.89 31.49
CA MET C 288 -8.04 -13.72 30.64
C MET C 288 -8.98 -12.64 31.18
N SER C 289 -8.48 -11.88 32.15
CA SER C 289 -9.28 -10.86 32.82
C SER C 289 -9.37 -9.61 31.95
N SER C 290 -9.95 -8.55 32.50
CA SER C 290 -10.07 -7.27 31.83
C SER C 290 -9.24 -6.23 32.59
N ASP C 291 -8.59 -5.33 31.84
CA ASP C 291 -7.84 -4.25 32.47
C ASP C 291 -8.76 -3.36 33.30
N ILE C 292 -10.03 -3.26 32.91
CA ILE C 292 -11.01 -2.49 33.68
C ILE C 292 -11.03 -2.97 35.12
N ASN C 293 -10.96 -4.29 35.32
CA ASN C 293 -10.87 -4.83 36.67
C ASN C 293 -9.62 -4.31 37.38
N GLU C 294 -8.51 -4.17 36.65
CA GLU C 294 -7.27 -3.70 37.28
C GLU C 294 -7.40 -2.26 37.76
N LEU C 295 -7.86 -1.35 36.88
CA LEU C 295 -8.00 0.03 37.31
C LEU C 295 -9.05 0.16 38.42
N TYR C 296 -10.14 -0.61 38.33
CA TYR C 296 -11.14 -0.59 39.37
C TYR C 296 -10.57 -1.04 40.70
N ARG C 297 -9.80 -2.13 40.70
CA ARG C 297 -9.20 -2.63 41.93
C ARG C 297 -8.26 -1.59 42.53
N ARG C 298 -7.44 -0.95 41.70
CA ARG C 298 -6.55 0.09 42.19
C ARG C 298 -7.34 1.24 42.81
N VAL C 299 -8.42 1.66 42.14
CA VAL C 299 -9.19 2.80 42.62
C VAL C 299 -9.84 2.49 43.96
N ILE C 300 -10.50 1.34 44.06
CA ILE C 300 -11.19 1.02 45.32
C ILE C 300 -10.18 0.76 46.44
N TYR C 301 -9.03 0.17 46.15
CA TYR C 301 -8.05 -0.03 47.22
C TYR C 301 -7.51 1.31 47.73
N ARG C 302 -7.21 2.23 46.82
CA ARG C 302 -6.74 3.54 47.28
C ARG C 302 -7.84 4.30 48.01
N ASN C 303 -9.11 4.13 47.59
CA ASN C 303 -10.21 4.74 48.32
C ASN C 303 -10.37 4.14 49.70
N ASN C 304 -10.17 2.83 49.83
CA ASN C 304 -10.19 2.19 51.15
C ASN C 304 -9.08 2.74 52.03
N THR C 305 -7.89 2.95 51.47
CA THR C 305 -6.82 3.56 52.24
C THR C 305 -7.19 4.99 52.67
N LEU C 306 -7.84 5.75 51.77
CA LEU C 306 -8.33 7.07 52.15
C LEU C 306 -9.30 7.00 53.32
N THR C 307 -10.25 6.06 53.27
CA THR C 307 -11.22 5.95 54.35
C THR C 307 -10.54 5.56 55.65
N ASP C 308 -9.56 4.67 55.59
CA ASP C 308 -8.81 4.29 56.79
C ASP C 308 -8.07 5.48 57.38
N LEU C 309 -7.44 6.29 56.52
CA LEU C 309 -6.69 7.44 57.01
C LEU C 309 -7.62 8.51 57.59
N LEU C 310 -8.74 8.77 56.93
CA LEU C 310 -9.63 9.85 57.35
C LEU C 310 -10.41 9.46 58.62
N SER C 311 -10.91 8.23 58.68
CA SER C 311 -11.64 7.78 59.85
C SER C 311 -10.74 7.68 61.08
N THR C 312 -9.43 7.63 60.90
CA THR C 312 -8.46 7.56 61.98
C THR C 312 -7.79 8.93 62.16
N SER C 313 -8.59 10.00 62.03
CA SER C 313 -8.08 11.36 62.06
C SER C 313 -7.29 11.62 63.33
N ARG C 314 -7.98 11.59 64.49
CA ARG C 314 -7.38 11.72 65.82
C ARG C 314 -6.18 12.66 65.83
N SER C 315 -4.98 12.11 65.70
CA SER C 315 -3.76 12.89 65.53
C SER C 315 -3.66 13.28 64.06
N THR C 316 -4.24 14.44 63.74
CA THR C 316 -4.38 14.83 62.34
C THR C 316 -3.01 15.11 61.72
N PRO C 317 -2.69 14.47 60.58
CA PRO C 317 -1.42 14.76 59.91
C PRO C 317 -1.53 15.93 58.95
N GLY C 318 -0.44 16.22 58.24
CA GLY C 318 -0.41 17.35 57.33
C GLY C 318 -0.42 16.97 55.87
N GLU C 319 0.76 17.01 55.24
CA GLU C 319 0.85 16.78 53.81
C GLU C 319 0.56 15.34 53.41
N LEU C 320 0.59 14.40 54.35
CA LEU C 320 0.32 13.00 54.01
C LEU C 320 -1.12 12.81 53.55
N VAL C 321 -2.07 13.43 54.25
CA VAL C 321 -3.48 13.32 53.86
C VAL C 321 -3.69 13.89 52.47
N MET C 322 -3.11 15.06 52.20
CA MET C 322 -3.22 15.66 50.88
C MET C 322 -2.60 14.76 49.81
N CYS C 323 -1.42 14.20 50.09
CA CYS C 323 -0.75 13.35 49.13
C CYS C 323 -1.60 12.15 48.77
N GLN C 324 -2.17 11.47 49.78
CA GLN C 324 -2.94 10.27 49.50
C GLN C 324 -4.27 10.61 48.83
N GLU C 325 -4.91 11.70 49.24
CA GLU C 325 -6.16 12.10 48.61
C GLU C 325 -5.96 12.44 47.15
N LYS C 326 -4.88 13.17 46.83
CA LYS C 326 -4.64 13.52 45.44
C LYS C 326 -4.15 12.33 44.63
N LEU C 327 -3.50 11.35 45.27
CA LEU C 327 -3.20 10.11 44.59
C LEU C 327 -4.49 9.38 44.22
N VAL C 328 -5.47 9.36 45.12
CA VAL C 328 -6.77 8.78 44.80
C VAL C 328 -7.42 9.52 43.64
N GLN C 329 -7.36 10.85 43.67
CA GLN C 329 -7.93 11.65 42.58
C GLN C 329 -7.26 11.33 41.25
N GLU C 330 -5.93 11.21 41.25
CA GLU C 330 -5.22 10.86 40.02
C GLU C 330 -5.57 9.45 39.56
N ALA C 331 -5.79 8.52 40.50
CA ALA C 331 -6.21 7.17 40.12
C ALA C 331 -7.57 7.19 39.43
N VAL C 332 -8.51 7.97 39.97
CA VAL C 332 -9.81 8.09 39.32
C VAL C 332 -9.68 8.75 37.96
N ASP C 333 -8.80 9.75 37.86
CA ASP C 333 -8.51 10.41 36.58
C ASP C 333 -8.02 9.38 35.55
N THR C 334 -7.09 8.52 35.96
CA THR C 334 -6.59 7.49 35.06
C THR C 334 -7.69 6.51 34.67
N LEU C 335 -8.53 6.14 35.62
CA LEU C 335 -9.61 5.20 35.32
C LEU C 335 -10.59 5.77 34.31
N LEU C 336 -10.97 7.05 34.47
CA LEU C 336 -11.99 7.62 33.60
C LEU C 336 -11.44 7.84 32.18
N ASP C 337 -10.40 8.66 32.05
CA ASP C 337 -9.83 9.00 30.75
C ASP C 337 -8.31 8.89 30.84
N ASN C 338 -7.79 7.71 30.55
CA ASN C 338 -6.34 7.50 30.48
C ASN C 338 -5.84 7.81 29.07
N GLY C 339 -4.55 8.15 29.00
CA GLY C 339 -3.96 8.57 27.74
C GLY C 339 -4.16 10.03 27.41
N ILE C 340 -4.94 10.76 28.20
CA ILE C 340 -5.12 12.19 28.00
C ILE C 340 -4.28 13.02 28.97
N ARG C 341 -3.80 12.43 30.05
CA ARG C 341 -2.97 13.13 31.01
C ARG C 341 -1.51 13.15 30.54
N GLY C 342 -0.66 13.82 31.31
CA GLY C 342 0.75 13.90 30.95
C GLY C 342 1.44 12.55 31.02
N GLN C 343 1.16 11.77 32.06
CA GLN C 343 1.81 10.48 32.26
C GLN C 343 0.77 9.36 32.20
N PRO C 344 0.73 8.57 31.13
CA PRO C 344 -0.24 7.47 31.05
C PRO C 344 0.29 6.23 31.76
N MET C 345 -0.49 5.72 32.71
CA MET C 345 -0.08 4.54 33.46
C MET C 345 -0.07 3.31 32.55
N ARG C 346 0.88 2.42 32.80
CA ARG C 346 1.06 1.22 32.01
C ARG C 346 1.03 -0.02 32.89
N ASP C 347 0.53 -1.11 32.34
CA ASP C 347 0.41 -2.38 33.07
C ASP C 347 1.74 -3.13 33.00
N GLY C 348 1.71 -4.41 33.36
CA GLY C 348 2.92 -5.21 33.41
C GLY C 348 3.42 -5.70 32.07
N HIS C 349 3.13 -4.94 31.01
CA HIS C 349 3.65 -5.27 29.68
C HIS C 349 4.15 -4.03 28.96
N ASN C 350 4.49 -2.96 29.68
CA ASN C 350 4.92 -1.70 29.09
C ASN C 350 3.88 -1.17 28.09
N LYS C 351 2.60 -1.33 28.44
CA LYS C 351 1.50 -0.96 27.58
C LYS C 351 0.45 -0.20 28.39
N VAL C 352 -0.08 0.88 27.80
CA VAL C 352 -1.10 1.67 28.46
C VAL C 352 -2.40 0.89 28.52
N TYR C 353 -3.19 1.15 29.57
CA TYR C 353 -4.47 0.48 29.73
C TYR C 353 -5.47 0.97 28.68
N LYS C 354 -6.49 0.15 28.44
CA LYS C 354 -7.62 0.54 27.60
C LYS C 354 -8.61 1.31 28.46
N SER C 355 -8.53 2.64 28.40
CA SER C 355 -9.37 3.48 29.23
C SER C 355 -10.83 3.43 28.75
N PHE C 356 -11.72 3.98 29.57
CA PHE C 356 -13.12 4.10 29.18
C PHE C 356 -13.26 4.98 27.95
N SER C 357 -12.52 6.09 27.90
CA SER C 357 -12.51 6.93 26.70
C SER C 357 -11.90 6.18 25.52
N ASP C 358 -10.92 5.30 25.77
CA ASP C 358 -10.34 4.51 24.70
C ASP C 358 -11.38 3.55 24.12
N VAL C 359 -12.22 2.97 24.97
CA VAL C 359 -13.31 2.13 24.48
C VAL C 359 -14.32 2.98 23.73
N ILE C 360 -14.65 4.16 24.26
CA ILE C 360 -15.65 5.02 23.63
C ILE C 360 -15.13 5.56 22.30
N GLU C 361 -13.89 6.05 22.29
CA GLU C 361 -13.33 6.74 21.13
C GLU C 361 -12.35 5.82 20.40
N GLY C 362 -12.54 5.68 19.10
CA GLY C 362 -11.66 4.88 18.27
C GLY C 362 -12.42 4.15 17.18
N LYS C 363 -11.74 3.94 16.05
CA LYS C 363 -12.33 3.22 14.93
C LYS C 363 -12.57 1.74 15.23
N GLU C 364 -11.98 1.22 16.31
CA GLU C 364 -12.18 -0.17 16.71
C GLU C 364 -12.92 -0.28 18.03
N GLY C 365 -13.22 0.83 18.69
CA GLY C 365 -13.92 0.80 19.97
C GLY C 365 -15.43 0.86 19.81
N ARG C 366 -16.06 1.73 20.60
CA ARG C 366 -17.51 1.88 20.54
C ARG C 366 -17.88 3.01 19.59
N PHE C 367 -19.17 3.05 19.23
CA PHE C 367 -19.78 4.03 18.33
C PHE C 367 -19.27 3.94 16.90
N ARG C 368 -18.40 2.98 16.59
CA ARG C 368 -17.81 2.89 15.26
C ARG C 368 -18.16 1.60 14.54
N GLU C 369 -17.92 0.44 15.16
CA GLU C 369 -18.20 -0.84 14.52
C GLU C 369 -19.06 -1.79 15.34
N THR C 370 -19.10 -1.66 16.67
CA THR C 370 -19.95 -2.54 17.46
C THR C 370 -21.42 -2.28 17.17
N LEU C 371 -21.80 -1.02 17.00
CA LEU C 371 -23.17 -0.64 16.72
C LEU C 371 -23.49 -0.58 15.23
N LEU C 372 -22.48 -0.73 14.36
CA LEU C 372 -22.69 -0.72 12.92
C LEU C 372 -22.31 -2.04 12.27
N GLY C 373 -21.11 -2.54 12.52
CA GLY C 373 -20.69 -3.82 11.95
C GLY C 373 -21.09 -4.99 12.82
N LYS C 374 -22.14 -5.72 12.42
CA LYS C 374 -22.68 -6.81 13.20
C LYS C 374 -22.64 -8.09 12.38
N ARG C 375 -21.94 -9.10 12.90
CA ARG C 375 -22.00 -10.42 12.29
C ARG C 375 -23.41 -10.98 12.42
N VAL C 376 -23.88 -11.65 11.37
CA VAL C 376 -25.25 -12.12 11.32
C VAL C 376 -25.28 -13.62 11.08
N ASP C 377 -26.38 -14.24 11.49
CA ASP C 377 -26.63 -15.64 11.21
C ASP C 377 -27.11 -15.80 9.77
N TYR C 378 -27.33 -17.05 9.36
CA TYR C 378 -27.81 -17.37 8.02
C TYR C 378 -26.89 -16.77 6.95
N SER C 379 -25.59 -16.85 7.18
CA SER C 379 -24.59 -16.30 6.29
C SER C 379 -23.47 -17.31 6.06
N GLY C 380 -22.82 -17.20 4.90
CA GLY C 380 -21.72 -18.09 4.57
C GLY C 380 -20.89 -17.63 3.39
N ARG C 381 -19.57 -17.64 3.57
CA ARG C 381 -18.64 -17.30 2.50
C ARG C 381 -18.57 -18.44 1.48
N SER C 382 -17.92 -18.16 0.36
CA SER C 382 -17.82 -19.10 -0.75
C SER C 382 -16.72 -18.61 -1.69
N VAL C 383 -16.61 -19.26 -2.85
CA VAL C 383 -15.77 -18.80 -3.94
C VAL C 383 -16.67 -18.68 -5.17
N ILE C 384 -16.27 -17.80 -6.10
CA ILE C 384 -17.13 -17.40 -7.21
C ILE C 384 -16.59 -17.99 -8.49
N VAL C 385 -17.48 -18.60 -9.28
CA VAL C 385 -17.19 -19.05 -10.63
C VAL C 385 -18.23 -18.41 -11.55
N VAL C 386 -18.00 -18.54 -12.85
CA VAL C 386 -18.84 -17.92 -13.87
C VAL C 386 -19.80 -18.96 -14.43
N GLY C 387 -21.08 -18.60 -14.49
CA GLY C 387 -22.05 -19.41 -15.16
C GLY C 387 -22.74 -18.66 -16.27
N PRO C 388 -22.48 -19.04 -17.52
CA PRO C 388 -23.15 -18.38 -18.65
C PRO C 388 -24.55 -18.88 -18.91
N SER C 389 -24.92 -20.04 -18.37
CA SER C 389 -26.25 -20.59 -18.59
C SER C 389 -27.30 -20.00 -17.67
N LEU C 390 -26.89 -19.31 -16.60
CA LEU C 390 -27.84 -18.74 -15.65
C LEU C 390 -28.61 -17.58 -16.28
N SER C 391 -29.87 -17.45 -15.89
CA SER C 391 -30.67 -16.30 -16.28
C SER C 391 -30.29 -15.09 -15.43
N LEU C 392 -30.78 -13.92 -15.83
CA LEU C 392 -30.41 -12.69 -15.14
C LEU C 392 -30.95 -12.64 -13.73
N HIS C 393 -32.07 -13.31 -13.46
CA HIS C 393 -32.72 -13.28 -12.16
C HIS C 393 -32.38 -14.51 -11.32
N ARG C 394 -31.18 -15.05 -11.47
CA ARG C 394 -30.86 -16.34 -10.86
C ARG C 394 -29.39 -16.44 -10.53
N CYS C 395 -29.09 -17.10 -9.42
CA CYS C 395 -27.72 -17.44 -9.05
C CYS C 395 -27.64 -18.94 -8.76
N GLY C 396 -26.52 -19.40 -8.24
CA GLY C 396 -26.36 -20.81 -7.94
C GLY C 396 -25.67 -21.06 -6.61
N LEU C 397 -26.33 -21.80 -5.72
CA LEU C 397 -25.74 -22.03 -4.41
C LEU C 397 -25.22 -23.46 -4.30
N PRO C 398 -24.10 -23.66 -3.62
CA PRO C 398 -23.60 -25.02 -3.39
C PRO C 398 -24.53 -25.79 -2.46
N ARG C 399 -24.48 -27.12 -2.59
CA ARG C 399 -25.31 -27.97 -1.75
C ARG C 399 -24.89 -27.90 -0.29
N GLU C 400 -23.61 -27.67 -0.02
CA GLU C 400 -23.14 -27.60 1.36
C GLU C 400 -23.56 -26.29 2.02
N ILE C 401 -23.54 -25.19 1.28
CA ILE C 401 -23.91 -23.89 1.84
C ILE C 401 -25.41 -23.83 2.10
N ALA C 402 -26.21 -24.32 1.15
CA ALA C 402 -27.66 -24.17 1.25
C ALA C 402 -28.23 -24.88 2.47
N ILE C 403 -27.72 -26.09 2.76
CA ILE C 403 -28.24 -26.86 3.88
C ILE C 403 -27.95 -26.20 5.22
N GLU C 404 -26.91 -25.36 5.29
CA GLU C 404 -26.56 -24.67 6.53
C GLU C 404 -27.18 -23.28 6.62
N LEU C 405 -27.93 -22.86 5.61
CA LEU C 405 -28.68 -21.60 5.64
C LEU C 405 -30.17 -21.80 5.73
N PHE C 406 -30.72 -22.77 5.00
CA PHE C 406 -32.14 -23.10 5.04
C PHE C 406 -32.42 -24.33 5.89
N GLN C 407 -31.57 -24.58 6.89
CA GLN C 407 -31.73 -25.75 7.74
C GLN C 407 -33.10 -25.77 8.42
N THR C 408 -33.51 -24.64 8.99
CA THR C 408 -34.74 -24.57 9.75
C THR C 408 -35.98 -24.70 8.85
N PHE C 409 -35.92 -24.13 7.64
CA PHE C 409 -37.02 -24.32 6.71
C PHE C 409 -37.13 -25.78 6.26
N VAL C 410 -35.99 -26.47 6.17
CA VAL C 410 -36.03 -27.90 5.88
C VAL C 410 -36.63 -28.65 7.08
N ILE C 411 -36.38 -28.16 8.29
CA ILE C 411 -37.01 -28.77 9.46
C ILE C 411 -38.51 -28.61 9.40
N ARG C 412 -38.99 -27.42 8.99
CA ARG C 412 -40.39 -27.29 8.57
C ARG C 412 -40.78 -28.40 7.61
N GLY C 413 -40.09 -28.49 6.47
CA GLY C 413 -40.52 -29.40 5.42
C GLY C 413 -40.62 -30.84 5.90
N LEU C 414 -39.70 -31.25 6.78
CA LEU C 414 -39.74 -32.61 7.31
C LEU C 414 -40.89 -32.79 8.31
N ILE C 415 -41.07 -31.82 9.22
CA ILE C 415 -42.07 -31.99 10.26
C ILE C 415 -43.48 -31.92 9.69
N ARG C 416 -43.75 -30.91 8.86
CA ARG C 416 -45.09 -30.71 8.31
C ARG C 416 -45.51 -31.86 7.41
N GLN C 417 -44.62 -32.31 6.53
CA GLN C 417 -44.93 -33.40 5.61
C GLN C 417 -44.99 -34.75 6.29
N HIS C 418 -44.81 -34.78 7.62
CA HIS C 418 -44.93 -36.00 8.42
C HIS C 418 -43.93 -37.07 7.99
N LEU C 419 -42.79 -36.63 7.48
CA LEU C 419 -41.65 -37.53 7.27
C LEU C 419 -40.73 -37.58 8.47
N ALA C 420 -41.00 -36.77 9.49
CA ALA C 420 -40.27 -36.79 10.74
C ALA C 420 -41.21 -36.35 11.85
N SER C 421 -40.81 -36.60 13.10
CA SER C 421 -41.68 -36.36 14.25
C SER C 421 -41.17 -35.23 15.13
N ASN C 422 -39.93 -35.31 15.61
CA ASN C 422 -39.42 -34.37 16.60
C ASN C 422 -38.27 -33.55 16.01
N ILE C 423 -37.94 -32.47 16.71
CA ILE C 423 -36.82 -31.63 16.29
C ILE C 423 -35.53 -32.41 16.26
N GLY C 424 -35.27 -33.20 17.30
CA GLY C 424 -34.07 -34.02 17.33
C GLY C 424 -34.05 -35.05 16.22
N VAL C 425 -35.20 -35.67 15.95
CA VAL C 425 -35.29 -36.66 14.88
C VAL C 425 -35.04 -36.00 13.53
N ALA C 426 -35.63 -34.82 13.31
CA ALA C 426 -35.42 -34.11 12.05
C ALA C 426 -33.96 -33.71 11.87
N LYS C 427 -33.33 -33.22 12.93
CA LYS C 427 -31.92 -32.83 12.83
C LYS C 427 -31.03 -34.05 12.61
N ARG C 428 -31.37 -35.18 13.23
CA ARG C 428 -30.64 -36.42 12.99
C ARG C 428 -30.76 -36.85 11.54
N LYS C 429 -31.97 -36.76 10.97
CA LYS C 429 -32.16 -37.09 9.56
C LYS C 429 -31.36 -36.14 8.68
N ILE C 430 -31.29 -34.86 9.06
CA ILE C 430 -30.49 -33.89 8.30
C ILE C 430 -29.01 -34.28 8.33
N ARG C 431 -28.52 -34.65 9.51
CA ARG C 431 -27.08 -34.88 9.69
C ARG C 431 -26.57 -36.10 8.93
N GLU C 432 -27.44 -37.00 8.51
CA GLU C 432 -27.04 -38.22 7.83
C GLU C 432 -27.19 -38.13 6.31
N LYS C 433 -27.53 -36.94 5.78
CA LYS C 433 -27.58 -36.70 4.35
C LYS C 433 -28.53 -37.68 3.64
N GLU C 434 -29.75 -37.80 4.17
CA GLU C 434 -30.73 -38.67 3.58
C GLU C 434 -31.16 -38.15 2.20
N PRO C 435 -31.49 -39.05 1.27
CA PRO C 435 -31.86 -38.59 -0.09
C PRO C 435 -33.11 -37.74 -0.15
N ILE C 436 -33.98 -37.79 0.87
CA ILE C 436 -35.16 -36.94 0.91
C ILE C 436 -34.87 -35.55 1.45
N VAL C 437 -33.71 -35.35 2.07
CA VAL C 437 -33.36 -34.04 2.60
C VAL C 437 -33.22 -33.02 1.47
N TRP C 438 -32.58 -33.42 0.38
CA TRP C 438 -32.38 -32.49 -0.73
C TRP C 438 -33.68 -32.16 -1.44
N LYS C 439 -34.64 -33.09 -1.43
CA LYS C 439 -35.96 -32.75 -1.99
C LYS C 439 -36.62 -31.64 -1.20
N ILE C 440 -36.37 -31.58 0.11
CA ILE C 440 -36.86 -30.45 0.90
C ILE C 440 -36.03 -29.20 0.64
N LEU C 441 -34.70 -29.33 0.66
CA LEU C 441 -33.83 -28.21 0.27
C LEU C 441 -33.65 -28.13 -1.24
N GLN C 442 -34.74 -28.33 -1.95
CA GLN C 442 -34.93 -27.90 -3.33
C GLN C 442 -36.33 -27.37 -3.48
N GLU C 443 -37.11 -27.40 -2.41
CA GLU C 443 -38.53 -27.13 -2.38
C GLU C 443 -38.90 -25.92 -1.54
N VAL C 444 -38.12 -25.63 -0.48
CA VAL C 444 -38.31 -24.42 0.31
C VAL C 444 -37.48 -23.25 -0.19
N MET C 445 -36.56 -23.48 -1.12
CA MET C 445 -35.72 -22.42 -1.67
C MET C 445 -36.30 -21.79 -2.92
N GLN C 446 -37.28 -22.45 -3.55
CA GLN C 446 -37.89 -21.91 -4.77
C GLN C 446 -38.82 -20.77 -4.39
N GLY C 447 -38.44 -19.54 -4.72
CA GLY C 447 -39.19 -18.37 -4.37
C GLY C 447 -38.70 -17.61 -3.16
N HIS C 448 -37.62 -18.08 -2.52
CA HIS C 448 -37.06 -17.40 -1.36
C HIS C 448 -35.77 -16.71 -1.78
N PRO C 449 -35.77 -15.40 -1.97
CA PRO C 449 -34.56 -14.72 -2.46
C PRO C 449 -33.45 -14.73 -1.43
N VAL C 450 -32.23 -14.60 -1.93
CA VAL C 450 -31.04 -14.49 -1.08
C VAL C 450 -30.22 -13.30 -1.55
N LEU C 451 -29.65 -12.56 -0.60
CA LEU C 451 -28.83 -11.40 -0.91
C LEU C 451 -27.37 -11.85 -1.04
N LEU C 452 -26.81 -11.66 -2.23
CA LEU C 452 -25.40 -11.90 -2.48
C LEU C 452 -24.65 -10.58 -2.34
N ASN C 453 -23.51 -10.64 -1.66
CA ASN C 453 -22.75 -9.46 -1.26
C ASN C 453 -21.29 -9.74 -1.56
N ARG C 454 -20.65 -8.84 -2.31
CA ARG C 454 -19.22 -8.98 -2.55
C ARG C 454 -18.45 -8.36 -1.40
N ALA C 455 -17.51 -9.13 -0.85
CA ALA C 455 -16.82 -8.72 0.39
C ALA C 455 -16.20 -7.33 0.29
N PRO C 456 -15.44 -6.98 -0.76
CA PRO C 456 -14.99 -5.57 -0.86
C PRO C 456 -16.02 -4.70 -1.57
N THR C 457 -17.08 -4.36 -0.84
CA THR C 457 -18.16 -3.54 -1.40
C THR C 457 -17.64 -2.16 -1.79
N LEU C 458 -17.98 -1.73 -3.00
CA LEU C 458 -17.53 -0.45 -3.52
C LEU C 458 -18.67 0.50 -3.82
N HIS C 459 -19.72 0.03 -4.51
CA HIS C 459 -20.81 0.91 -4.90
C HIS C 459 -22.15 0.35 -4.44
N ARG C 460 -23.24 0.99 -4.89
CA ARG C 460 -24.58 0.58 -4.46
C ARG C 460 -24.95 -0.80 -4.99
N LEU C 461 -24.47 -1.16 -6.18
CA LEU C 461 -24.77 -2.45 -6.78
C LEU C 461 -23.85 -3.56 -6.31
N GLY C 462 -23.18 -3.37 -5.17
CA GLY C 462 -22.37 -4.44 -4.60
C GLY C 462 -23.15 -5.50 -3.87
N ILE C 463 -24.40 -5.22 -3.50
CA ILE C 463 -25.29 -6.17 -2.86
C ILE C 463 -26.53 -6.30 -3.73
N GLN C 464 -26.88 -7.53 -4.10
CA GLN C 464 -28.01 -7.74 -4.97
C GLN C 464 -28.75 -9.02 -4.59
N ALA C 465 -30.06 -9.02 -4.79
CA ALA C 465 -30.88 -10.18 -4.49
C ALA C 465 -30.93 -11.12 -5.69
N PHE C 466 -31.09 -12.41 -5.40
CA PHE C 466 -31.09 -13.42 -6.45
C PHE C 466 -31.98 -14.58 -6.02
N GLN C 467 -32.42 -15.34 -7.02
CA GLN C 467 -33.20 -16.55 -6.81
C GLN C 467 -32.27 -17.74 -6.89
N PRO C 468 -31.88 -18.34 -5.78
CA PRO C 468 -30.86 -19.40 -5.82
C PRO C 468 -31.43 -20.71 -6.35
N ILE C 469 -30.54 -21.51 -6.95
CA ILE C 469 -30.83 -22.88 -7.32
C ILE C 469 -29.67 -23.75 -6.85
N LEU C 470 -29.96 -25.03 -6.62
CA LEU C 470 -28.97 -25.95 -6.11
C LEU C 470 -28.05 -26.41 -7.23
N VAL C 471 -26.74 -26.19 -7.06
CA VAL C 471 -25.74 -26.66 -8.01
C VAL C 471 -24.85 -27.66 -7.30
N GLU C 472 -24.17 -28.49 -8.10
CA GLU C 472 -23.29 -29.52 -7.59
C GLU C 472 -21.85 -29.04 -7.69
N GLY C 473 -21.17 -29.05 -6.56
CA GLY C 473 -19.82 -28.54 -6.47
C GLY C 473 -19.63 -27.83 -5.14
N ARG C 474 -18.69 -26.89 -5.12
CA ARG C 474 -18.44 -26.11 -3.92
C ARG C 474 -18.29 -24.62 -4.21
N ALA C 475 -18.74 -24.15 -5.37
CA ALA C 475 -18.57 -22.76 -5.77
C ALA C 475 -19.90 -22.17 -6.20
N ILE C 476 -20.05 -20.87 -5.98
CA ILE C 476 -21.26 -20.14 -6.35
C ILE C 476 -21.14 -19.68 -7.79
N CYS C 477 -22.11 -20.05 -8.62
CA CYS C 477 -22.14 -19.63 -10.01
C CYS C 477 -22.86 -18.29 -10.12
N LEU C 478 -22.20 -17.32 -10.75
CA LEU C 478 -22.72 -15.96 -10.86
C LEU C 478 -22.87 -15.56 -12.31
N HIS C 479 -23.89 -14.76 -12.59
CA HIS C 479 -24.16 -14.32 -13.94
C HIS C 479 -23.05 -13.39 -14.42
N PRO C 480 -22.61 -13.50 -15.68
CA PRO C 480 -21.49 -12.67 -16.13
C PRO C 480 -21.84 -11.21 -16.32
N LEU C 481 -23.08 -10.88 -16.70
CA LEU C 481 -23.44 -9.49 -16.94
C LEU C 481 -23.38 -8.66 -15.66
N VAL C 482 -23.82 -9.23 -14.54
CA VAL C 482 -23.80 -8.50 -13.27
C VAL C 482 -22.40 -8.42 -12.67
N CYS C 483 -21.42 -9.08 -13.27
CA CYS C 483 -20.07 -9.09 -12.71
C CYS C 483 -19.48 -7.69 -12.62
N LYS C 484 -19.59 -6.92 -13.70
CA LYS C 484 -19.13 -5.54 -13.64
C LYS C 484 -19.99 -4.71 -12.68
N GLY C 485 -21.24 -5.13 -12.46
CA GLY C 485 -22.03 -4.54 -11.40
C GLY C 485 -21.42 -4.80 -10.03
N PHE C 486 -20.89 -6.00 -9.84
CA PHE C 486 -20.12 -6.32 -8.64
C PHE C 486 -18.64 -5.95 -8.76
N ASN C 487 -18.19 -5.58 -9.97
CA ASN C 487 -16.77 -5.39 -10.25
C ASN C 487 -15.97 -6.62 -9.85
N ALA C 488 -16.51 -7.79 -10.20
CA ALA C 488 -15.97 -9.08 -9.77
C ALA C 488 -15.34 -9.79 -10.96
N ASP C 489 -14.09 -10.19 -10.81
CA ASP C 489 -13.43 -11.08 -11.76
C ASP C 489 -13.48 -12.50 -11.19
N PHE C 490 -12.82 -13.44 -11.88
CA PHE C 490 -12.85 -14.83 -11.46
C PHE C 490 -11.45 -15.39 -11.28
N ASP C 491 -10.52 -14.57 -10.77
CA ASP C 491 -9.19 -15.02 -10.38
C ASP C 491 -9.15 -15.55 -8.96
N GLY C 492 -10.31 -15.71 -8.33
CA GLY C 492 -10.40 -16.07 -6.93
C GLY C 492 -10.97 -14.95 -6.10
N ASP C 493 -12.26 -15.06 -5.78
CA ASP C 493 -12.97 -14.04 -5.01
C ASP C 493 -14.01 -14.72 -4.16
N GLN C 494 -14.47 -14.02 -3.12
CA GLN C 494 -15.41 -14.59 -2.16
C GLN C 494 -16.67 -13.74 -2.10
N MET C 495 -17.82 -14.43 -1.99
CA MET C 495 -19.12 -13.79 -1.96
C MET C 495 -19.89 -14.30 -0.75
N ALA C 496 -20.46 -13.38 0.02
CA ALA C 496 -21.21 -13.71 1.23
C ALA C 496 -22.70 -13.73 0.91
N VAL C 497 -23.40 -14.74 1.41
CA VAL C 497 -24.83 -14.90 1.19
C VAL C 497 -25.56 -14.55 2.47
N HIS C 498 -26.76 -13.96 2.33
CA HIS C 498 -27.63 -13.70 3.47
C HIS C 498 -29.05 -14.07 3.08
N VAL C 499 -29.81 -14.53 4.08
CA VAL C 499 -31.16 -15.02 3.88
C VAL C 499 -32.12 -14.08 4.60
N PRO C 500 -33.03 -13.40 3.91
CA PRO C 500 -34.07 -12.62 4.60
C PRO C 500 -35.16 -13.54 5.15
N LEU C 501 -35.41 -13.44 6.45
CA LEU C 501 -36.38 -14.31 7.12
C LEU C 501 -37.78 -13.72 7.15
N SER C 502 -37.90 -12.44 7.48
CA SER C 502 -39.21 -11.82 7.59
C SER C 502 -39.90 -11.76 6.23
N LEU C 503 -41.23 -11.89 6.25
CA LEU C 503 -42.00 -11.81 5.01
C LEU C 503 -41.85 -10.44 4.37
N GLU C 504 -41.85 -9.38 5.19
CA GLU C 504 -41.59 -8.04 4.67
C GLU C 504 -40.21 -7.96 4.05
N ALA C 505 -39.20 -8.56 4.69
CA ALA C 505 -37.85 -8.53 4.16
C ALA C 505 -37.77 -9.28 2.82
N GLN C 506 -38.48 -10.41 2.71
CA GLN C 506 -38.50 -11.12 1.44
C GLN C 506 -39.17 -10.30 0.35
N ALA C 507 -40.25 -9.58 0.70
CA ALA C 507 -40.87 -8.69 -0.27
C ALA C 507 -39.90 -7.59 -0.71
N GLU C 508 -39.16 -7.02 0.24
CA GLU C 508 -38.16 -6.00 -0.10
C GLU C 508 -37.12 -6.57 -1.06
N ALA C 509 -36.57 -7.75 -0.74
CA ALA C 509 -35.52 -8.32 -1.56
C ALA C 509 -36.02 -8.66 -2.96
N ARG C 510 -37.23 -9.19 -3.07
CA ARG C 510 -37.73 -9.59 -4.38
C ARG C 510 -38.12 -8.39 -5.21
N LEU C 511 -38.73 -7.38 -4.59
CA LEU C 511 -39.35 -6.28 -5.33
C LEU C 511 -38.48 -5.03 -5.40
N LEU C 512 -37.29 -5.03 -4.81
CA LEU C 512 -36.47 -3.83 -4.83
C LEU C 512 -34.99 -4.05 -5.12
N MET C 513 -34.45 -5.27 -5.03
CA MET C 513 -33.03 -5.49 -5.20
C MET C 513 -32.72 -6.59 -6.21
N PHE C 514 -33.57 -6.74 -7.22
CA PHE C 514 -33.34 -7.73 -8.27
C PHE C 514 -32.76 -7.04 -9.50
N SER C 515 -31.83 -7.73 -10.17
CA SER C 515 -31.10 -7.13 -11.29
C SER C 515 -31.91 -7.19 -12.57
N HIS C 516 -33.14 -6.70 -12.51
CA HIS C 516 -33.93 -6.43 -13.70
C HIS C 516 -34.72 -5.14 -13.57
N MET C 517 -34.69 -4.49 -12.41
CA MET C 517 -35.21 -3.15 -12.21
C MET C 517 -34.13 -2.20 -11.69
N ASN C 518 -32.87 -2.61 -11.78
CA ASN C 518 -31.71 -1.80 -11.40
C ASN C 518 -30.68 -1.83 -12.52
N LEU C 519 -31.14 -1.65 -13.75
CA LEU C 519 -30.29 -1.76 -14.93
C LEU C 519 -29.57 -0.46 -15.26
N LEU C 520 -29.78 0.61 -14.50
CA LEU C 520 -29.14 1.89 -14.76
C LEU C 520 -28.40 2.36 -13.52
N SER C 521 -27.20 2.87 -13.74
CA SER C 521 -26.41 3.43 -12.65
C SER C 521 -26.94 4.80 -12.26
N PRO C 522 -26.86 5.16 -10.97
CA PRO C 522 -27.38 6.46 -10.53
C PRO C 522 -26.43 7.63 -10.77
N ALA C 523 -25.27 7.40 -11.37
CA ALA C 523 -24.31 8.48 -11.59
C ALA C 523 -24.84 9.47 -12.61
N ILE C 524 -25.08 9.02 -13.83
CA ILE C 524 -25.57 9.90 -14.89
C ILE C 524 -26.74 9.24 -15.60
N GLY C 525 -26.98 7.97 -15.30
CA GLY C 525 -28.07 7.24 -15.93
C GLY C 525 -27.61 6.48 -17.16
N ASP C 526 -26.51 5.74 -17.02
CA ASP C 526 -25.95 4.94 -18.10
C ASP C 526 -26.11 3.46 -17.78
N PRO C 527 -26.21 2.60 -18.80
CA PRO C 527 -26.40 1.17 -18.53
C PRO C 527 -25.26 0.59 -17.70
N ILE C 528 -25.63 -0.30 -16.79
CA ILE C 528 -24.66 -0.94 -15.92
C ILE C 528 -24.41 -2.40 -16.29
N SER C 529 -25.30 -3.02 -17.08
CA SER C 529 -25.14 -4.40 -17.53
C SER C 529 -25.15 -4.37 -19.06
N VAL C 530 -23.95 -4.32 -19.66
CA VAL C 530 -23.81 -4.31 -21.11
C VAL C 530 -22.86 -5.43 -21.52
N PRO C 531 -22.99 -5.98 -22.73
CA PRO C 531 -22.09 -7.05 -23.14
C PRO C 531 -20.63 -6.65 -23.07
N THR C 532 -19.88 -7.35 -22.22
CA THR C 532 -18.48 -7.06 -21.95
C THR C 532 -17.63 -7.88 -22.92
N GLN C 533 -16.33 -8.01 -22.62
CA GLN C 533 -15.29 -8.40 -23.56
C GLN C 533 -15.67 -9.52 -24.53
N ASP C 534 -16.01 -10.71 -24.01
CA ASP C 534 -16.21 -11.86 -24.88
C ASP C 534 -17.48 -11.71 -25.72
N MET C 535 -18.59 -11.32 -25.08
CA MET C 535 -19.82 -11.09 -25.83
C MET C 535 -19.65 -9.93 -26.81
N LEU C 536 -18.92 -8.90 -26.41
CA LEU C 536 -18.67 -7.79 -27.31
C LEU C 536 -17.89 -8.22 -28.54
N ILE C 537 -16.87 -9.05 -28.36
CA ILE C 537 -16.10 -9.55 -29.49
C ILE C 537 -16.97 -10.42 -30.38
N GLY C 538 -17.82 -11.26 -29.77
CA GLY C 538 -18.72 -12.07 -30.58
C GLY C 538 -19.65 -11.23 -31.44
N LEU C 539 -20.24 -10.19 -30.84
CA LEU C 539 -21.16 -9.34 -31.58
C LEU C 539 -20.44 -8.52 -32.63
N TYR C 540 -19.21 -8.08 -32.35
CA TYR C 540 -18.43 -7.34 -33.34
C TYR C 540 -18.08 -8.23 -34.54
N ILE C 541 -17.66 -9.46 -34.27
CA ILE C 541 -17.34 -10.38 -35.36
C ILE C 541 -18.59 -10.70 -36.17
N LEU C 542 -19.73 -10.87 -35.48
CA LEU C 542 -20.99 -11.11 -36.18
C LEU C 542 -21.32 -9.95 -37.12
N THR C 543 -21.28 -8.73 -36.62
CA THR C 543 -21.59 -7.55 -37.42
C THR C 543 -20.30 -6.87 -37.90
N SER C 544 -19.56 -7.59 -38.75
CA SER C 544 -18.32 -7.08 -39.31
C SER C 544 -18.36 -6.88 -40.81
N GLY C 545 -19.36 -7.44 -41.50
CA GLY C 545 -19.51 -7.22 -42.93
C GLY C 545 -18.54 -8.04 -43.76
N ASN C 546 -18.65 -7.84 -45.07
CA ASN C 546 -17.80 -8.52 -46.03
C ASN C 546 -16.53 -7.71 -46.26
N ARG C 547 -15.76 -8.07 -47.28
CA ARG C 547 -14.57 -7.33 -47.68
C ARG C 547 -14.96 -6.37 -48.81
N ARG C 548 -14.85 -5.08 -48.54
CA ARG C 548 -15.45 -4.06 -49.40
C ARG C 548 -14.84 -3.99 -50.80
N GLY C 549 -13.57 -3.64 -50.91
CA GLY C 549 -13.01 -3.28 -52.20
C GLY C 549 -11.93 -4.19 -52.75
N ILE C 550 -10.70 -3.69 -52.78
CA ILE C 550 -9.57 -4.45 -53.33
C ILE C 550 -9.26 -5.68 -52.52
N CYS C 551 -9.80 -5.79 -51.30
CA CYS C 551 -9.61 -6.97 -50.47
C CYS C 551 -10.54 -8.11 -50.86
N ALA C 552 -11.48 -7.88 -51.79
CA ALA C 552 -12.38 -8.91 -52.26
C ALA C 552 -12.15 -9.30 -53.72
N ASN C 553 -11.49 -8.45 -54.50
CA ASN C 553 -11.18 -8.75 -55.89
C ASN C 553 -9.72 -8.43 -56.16
N ARG C 554 -9.03 -9.36 -56.82
CA ARG C 554 -7.63 -9.11 -57.17
C ARG C 554 -7.52 -8.10 -58.31
N TYR C 555 -8.39 -8.21 -59.31
CA TYR C 555 -8.36 -7.35 -60.48
C TYR C 555 -9.55 -6.40 -60.47
N ASN C 556 -9.40 -5.30 -61.20
CA ASN C 556 -10.45 -4.31 -61.28
C ASN C 556 -11.68 -4.91 -61.95
N PRO C 557 -12.89 -4.58 -61.47
CA PRO C 557 -14.11 -5.04 -62.16
C PRO C 557 -14.51 -4.21 -63.37
N TRP C 558 -13.77 -3.14 -63.70
CA TRP C 558 -14.02 -2.46 -64.97
C TRP C 558 -13.71 -3.40 -66.13
N ASN C 559 -12.42 -3.71 -66.31
CA ASN C 559 -11.91 -4.91 -66.99
C ASN C 559 -12.78 -5.39 -68.16
N HIS C 560 -12.93 -4.58 -69.20
CA HIS C 560 -13.94 -4.91 -70.21
C HIS C 560 -13.60 -6.26 -70.84
N LYS C 561 -14.33 -7.29 -70.38
CA LYS C 561 -14.15 -8.68 -70.74
C LYS C 561 -15.27 -9.47 -70.09
N THR C 562 -15.24 -10.80 -70.21
CA THR C 562 -16.16 -11.73 -69.53
C THR C 562 -17.63 -11.33 -69.74
N TYR C 563 -17.90 -10.52 -70.75
CA TYR C 563 -19.25 -10.09 -71.09
C TYR C 563 -20.07 -11.18 -71.74
N GLN C 564 -19.49 -12.34 -72.01
CA GLN C 564 -20.09 -13.34 -72.91
C GLN C 564 -20.40 -12.68 -74.24
N ASN C 565 -19.42 -11.94 -74.75
CA ASN C 565 -19.66 -10.93 -75.77
C ASN C 565 -19.89 -11.56 -77.14
N GLU C 566 -20.97 -11.14 -77.79
CA GLU C 566 -21.23 -11.40 -79.19
C GLU C 566 -22.31 -10.40 -79.63
N ARG C 567 -22.86 -10.58 -80.83
CA ARG C 567 -23.84 -9.65 -81.33
C ARG C 567 -25.22 -9.84 -80.70
N ILE C 568 -25.44 -10.95 -79.99
CA ILE C 568 -26.73 -11.28 -79.39
C ILE C 568 -26.48 -11.68 -77.94
N ASP C 569 -27.54 -11.64 -77.14
CA ASP C 569 -27.45 -12.01 -75.72
C ASP C 569 -27.69 -13.50 -75.50
N ASP C 570 -27.49 -14.33 -76.52
CA ASP C 570 -27.67 -15.78 -76.40
C ASP C 570 -26.29 -16.43 -76.28
N THR C 571 -25.78 -16.46 -75.05
CA THR C 571 -24.49 -17.05 -74.74
C THR C 571 -24.60 -17.81 -73.42
N ASN C 572 -23.46 -18.24 -72.90
CA ASN C 572 -23.44 -18.89 -71.59
C ASN C 572 -23.82 -17.88 -70.51
N TYR C 573 -24.74 -18.29 -69.63
CA TYR C 573 -25.28 -17.40 -68.59
C TYR C 573 -25.09 -18.07 -67.24
N LYS C 574 -23.95 -17.81 -66.61
CA LYS C 574 -23.74 -18.27 -65.24
C LYS C 574 -24.17 -17.20 -64.23
N SER C 575 -23.53 -16.03 -64.27
CA SER C 575 -23.87 -14.89 -63.43
C SER C 575 -24.00 -15.32 -61.97
N MET C 576 -22.87 -15.72 -61.39
CA MET C 576 -22.86 -16.20 -60.01
C MET C 576 -23.46 -15.17 -59.06
N LYS C 577 -23.04 -13.91 -59.19
CA LYS C 577 -23.63 -12.77 -58.49
C LYS C 577 -23.68 -13.09 -56.99
N GLU C 578 -24.81 -12.91 -56.33
CA GLU C 578 -24.98 -13.24 -54.93
C GLU C 578 -26.37 -13.84 -54.74
N PRO C 579 -26.56 -14.64 -53.70
CA PRO C 579 -27.86 -15.29 -53.50
C PRO C 579 -28.98 -14.28 -53.25
N PHE C 580 -30.20 -14.70 -53.57
CA PHE C 580 -31.36 -13.82 -53.59
C PHE C 580 -32.41 -14.28 -52.61
N PHE C 581 -32.01 -14.52 -51.35
CA PHE C 581 -32.87 -15.18 -50.38
C PHE C 581 -34.19 -14.43 -50.17
N CYS C 582 -35.23 -15.21 -49.90
CA CYS C 582 -36.56 -14.64 -49.71
C CYS C 582 -36.63 -13.77 -48.47
N ASN C 583 -36.11 -14.25 -47.35
CA ASN C 583 -36.25 -13.57 -46.07
C ASN C 583 -35.11 -14.01 -45.17
N PHE C 584 -35.23 -13.70 -43.88
CA PHE C 584 -34.20 -14.09 -42.91
C PHE C 584 -34.04 -15.60 -42.88
N TYR C 585 -35.10 -16.31 -42.50
CA TYR C 585 -35.00 -17.73 -42.18
C TYR C 585 -34.47 -18.54 -43.37
N ASP C 586 -34.77 -18.10 -44.59
CA ASP C 586 -34.16 -18.74 -45.76
C ASP C 586 -32.65 -18.56 -45.72
N ALA C 587 -32.19 -17.36 -45.35
CA ALA C 587 -30.74 -17.11 -45.29
C ALA C 587 -30.10 -17.95 -44.20
N ILE C 588 -30.70 -18.02 -43.00
CA ILE C 588 -30.15 -18.89 -41.96
C ILE C 588 -30.12 -20.35 -42.41
N GLY C 589 -31.19 -20.81 -43.06
CA GLY C 589 -31.20 -22.18 -43.54
C GLY C 589 -30.09 -22.46 -44.54
N ALA C 590 -29.90 -21.55 -45.50
CA ALA C 590 -28.83 -21.72 -46.48
C ALA C 590 -27.46 -21.61 -45.83
N TYR C 591 -27.34 -20.88 -44.73
CA TYR C 591 -26.08 -20.81 -44.00
C TYR C 591 -25.81 -22.11 -43.25
N ARG C 592 -26.85 -22.77 -42.76
CA ARG C 592 -26.66 -24.02 -42.03
C ARG C 592 -26.09 -25.12 -42.92
N GLN C 593 -26.52 -25.18 -44.18
CA GLN C 593 -25.97 -26.12 -45.17
C GLN C 593 -24.55 -25.81 -45.57
N LYS C 594 -23.91 -24.78 -45.00
CA LYS C 594 -22.55 -24.39 -45.38
C LYS C 594 -22.48 -23.96 -46.85
N ARG C 595 -23.61 -23.56 -47.44
CA ARG C 595 -23.58 -23.03 -48.80
C ARG C 595 -22.83 -21.71 -48.87
N ILE C 596 -22.99 -20.86 -47.84
CA ILE C 596 -22.33 -19.57 -47.78
C ILE C 596 -21.69 -19.41 -46.41
N HIS C 597 -20.70 -18.53 -46.33
CA HIS C 597 -20.01 -18.26 -45.09
C HIS C 597 -20.71 -17.15 -44.34
N LEU C 598 -20.13 -16.74 -43.21
CA LEU C 598 -20.76 -15.71 -42.37
C LEU C 598 -20.71 -14.35 -43.04
N ASP C 599 -19.58 -14.01 -43.67
CA ASP C 599 -19.39 -12.70 -44.27
C ASP C 599 -19.60 -12.70 -45.78
N SER C 600 -20.10 -13.79 -46.34
CA SER C 600 -20.39 -13.83 -47.77
C SER C 600 -21.61 -12.97 -48.06
N PRO C 601 -21.51 -12.00 -48.97
CA PRO C 601 -22.63 -11.10 -49.20
C PRO C 601 -23.81 -11.80 -49.88
N LEU C 602 -24.99 -11.20 -49.71
CA LEU C 602 -26.21 -11.74 -50.28
C LEU C 602 -27.23 -10.62 -50.42
N TRP C 603 -28.21 -10.87 -51.28
CA TRP C 603 -29.34 -9.97 -51.48
C TRP C 603 -30.55 -10.50 -50.72
N LEU C 604 -31.19 -9.62 -49.96
CA LEU C 604 -32.36 -9.97 -49.17
C LEU C 604 -33.49 -9.02 -49.52
N ARG C 605 -34.66 -9.57 -49.87
CA ARG C 605 -35.81 -8.74 -50.17
C ARG C 605 -36.31 -8.08 -48.90
N TRP C 606 -36.78 -6.85 -49.03
CA TRP C 606 -37.24 -6.07 -47.89
C TRP C 606 -38.74 -5.79 -48.05
N GLN C 607 -39.51 -6.16 -47.03
CA GLN C 607 -40.94 -5.95 -47.02
C GLN C 607 -41.34 -5.07 -45.84
N LEU C 608 -40.56 -4.02 -45.60
CA LEU C 608 -40.80 -3.08 -44.52
C LEU C 608 -40.44 -1.69 -45.02
N ASP C 609 -40.35 -0.74 -44.09
CA ASP C 609 -39.91 0.60 -44.41
C ASP C 609 -38.39 0.67 -44.32
N GLN C 610 -37.83 1.86 -44.41
CA GLN C 610 -36.38 2.03 -44.37
C GLN C 610 -35.90 1.99 -42.92
N ARG C 611 -34.99 1.07 -42.62
CA ARG C 611 -34.45 0.92 -41.28
C ARG C 611 -32.96 1.20 -41.19
N ILE C 612 -32.18 0.82 -42.21
CA ILE C 612 -30.75 1.01 -42.16
C ILE C 612 -30.43 2.50 -42.19
N ILE C 613 -29.55 2.93 -41.29
CA ILE C 613 -29.24 4.35 -41.14
C ILE C 613 -28.52 4.83 -42.38
N ALA C 614 -29.20 5.67 -43.16
CA ALA C 614 -28.64 6.31 -44.34
C ALA C 614 -28.49 7.82 -44.08
N SER C 615 -28.05 8.54 -45.10
CA SER C 615 -27.75 9.95 -44.96
C SER C 615 -28.02 10.62 -46.30
N LYS C 616 -27.45 11.82 -46.49
CA LYS C 616 -27.66 12.56 -47.73
C LYS C 616 -27.37 11.71 -48.95
N GLU C 617 -26.27 10.95 -48.91
CA GLU C 617 -26.05 9.85 -49.84
C GLU C 617 -26.06 10.27 -51.30
N ALA C 618 -26.04 9.28 -52.21
CA ALA C 618 -26.25 9.46 -53.63
C ALA C 618 -26.40 8.09 -54.29
N PRO C 619 -27.35 7.91 -55.20
CA PRO C 619 -27.43 6.65 -55.95
C PRO C 619 -26.30 6.58 -56.97
N ILE C 620 -25.49 5.52 -56.87
CA ILE C 620 -24.30 5.43 -57.71
C ILE C 620 -24.68 5.35 -59.18
N GLU C 621 -25.69 4.53 -59.50
CA GLU C 621 -26.03 4.27 -60.90
C GLU C 621 -27.48 3.86 -60.97
N VAL C 622 -28.30 4.64 -61.67
CA VAL C 622 -29.71 4.34 -61.85
C VAL C 622 -29.94 4.05 -63.33
N HIS C 623 -30.13 2.77 -63.66
CA HIS C 623 -30.43 2.37 -65.02
C HIS C 623 -31.89 2.65 -65.34
N TYR C 624 -32.16 2.99 -66.60
CA TYR C 624 -33.51 3.32 -67.05
C TYR C 624 -33.73 2.74 -68.43
N GLU C 625 -34.55 1.71 -68.53
CA GLU C 625 -34.91 1.14 -69.81
C GLU C 625 -35.84 2.07 -70.57
N SER C 626 -36.00 1.80 -71.87
CA SER C 626 -36.94 2.59 -72.67
C SER C 626 -38.36 2.47 -72.13
N LEU C 627 -38.69 1.32 -71.54
CA LEU C 627 -39.93 1.18 -70.78
C LEU C 627 -39.65 1.50 -69.32
N GLY C 628 -40.68 1.94 -68.62
CA GLY C 628 -40.52 2.36 -67.24
C GLY C 628 -40.04 1.25 -66.31
N THR C 629 -38.78 1.32 -65.90
CA THR C 629 -38.20 0.32 -65.02
C THR C 629 -37.48 0.91 -63.81
N TYR C 630 -36.95 2.13 -63.89
CA TYR C 630 -36.44 2.86 -62.73
C TYR C 630 -35.41 2.03 -61.94
N HIS C 631 -34.54 1.34 -62.66
CA HIS C 631 -33.54 0.52 -61.97
C HIS C 631 -32.53 1.39 -61.25
N GLU C 632 -32.68 1.54 -59.94
CA GLU C 632 -31.81 2.37 -59.13
C GLU C 632 -30.89 1.50 -58.28
N ILE C 633 -29.62 1.86 -58.23
CA ILE C 633 -28.62 1.15 -57.43
C ILE C 633 -27.98 2.16 -56.50
N TYR C 634 -28.22 2.02 -55.20
CA TYR C 634 -27.65 2.90 -54.20
C TYR C 634 -26.36 2.30 -53.66
N ALA C 635 -25.84 2.87 -52.58
CA ALA C 635 -24.58 2.40 -52.00
C ALA C 635 -24.72 0.98 -51.46
N HIS C 636 -25.86 0.66 -50.84
CA HIS C 636 -26.04 -0.66 -50.25
C HIS C 636 -27.41 -1.27 -50.48
N TYR C 637 -28.29 -0.64 -51.26
CA TYR C 637 -29.57 -1.26 -51.55
C TYR C 637 -30.03 -0.87 -52.95
N LEU C 638 -30.92 -1.70 -53.50
CA LEU C 638 -31.41 -1.56 -54.86
C LEU C 638 -32.91 -1.40 -54.86
N ILE C 639 -33.41 -0.45 -55.66
CA ILE C 639 -34.82 -0.13 -55.75
C ILE C 639 -35.24 -0.23 -57.21
N ILE C 640 -36.25 -1.06 -57.48
CA ILE C 640 -36.82 -1.17 -58.82
C ILE C 640 -38.23 -0.58 -58.82
N ARG C 641 -38.34 0.69 -59.18
CA ARG C 641 -39.64 1.36 -59.28
C ARG C 641 -40.19 1.15 -60.69
N SER C 642 -41.24 1.87 -61.05
CA SER C 642 -41.83 1.76 -62.37
C SER C 642 -42.65 3.01 -62.63
N VAL C 643 -43.43 3.00 -63.72
CA VAL C 643 -44.28 4.12 -64.09
C VAL C 643 -45.74 3.84 -63.84
N LYS C 644 -46.10 2.66 -63.31
CA LYS C 644 -47.49 2.33 -63.05
C LYS C 644 -47.79 2.18 -61.56
N LYS C 645 -47.14 1.24 -60.88
CA LYS C 645 -47.50 0.91 -59.51
C LYS C 645 -46.54 -0.12 -58.92
N GLU C 646 -46.76 -0.49 -57.65
CA GLU C 646 -46.09 -1.61 -56.99
C GLU C 646 -44.57 -1.37 -56.90
N ILE C 647 -44.21 -0.38 -56.10
CA ILE C 647 -42.80 -0.17 -55.72
C ILE C 647 -42.58 -1.03 -54.48
N ILE C 648 -42.28 -2.30 -54.74
CA ILE C 648 -42.03 -3.28 -53.69
C ILE C 648 -40.64 -3.90 -53.79
N ASP C 649 -39.92 -3.62 -54.88
CA ASP C 649 -38.61 -4.23 -55.10
C ASP C 649 -37.55 -3.42 -54.37
N ILE C 650 -37.45 -3.67 -53.07
CA ILE C 650 -36.36 -3.17 -52.25
C ILE C 650 -35.48 -4.37 -51.91
N TYR C 651 -34.21 -4.30 -52.28
CA TYR C 651 -33.27 -5.38 -51.99
C TYR C 651 -32.09 -4.82 -51.23
N ILE C 652 -31.66 -5.56 -50.21
CA ILE C 652 -30.60 -5.13 -49.29
C ILE C 652 -29.41 -6.04 -49.46
N ARG C 653 -28.24 -5.46 -49.66
CA ARG C 653 -27.00 -6.22 -49.63
C ARG C 653 -26.56 -6.37 -48.18
N THR C 654 -26.40 -7.61 -47.73
CA THR C 654 -26.11 -7.85 -46.32
C THR C 654 -25.36 -9.17 -46.18
N THR C 655 -25.04 -9.50 -44.93
CA THR C 655 -24.41 -10.77 -44.58
C THR C 655 -25.25 -11.45 -43.51
N VAL C 656 -25.04 -12.76 -43.35
CA VAL C 656 -25.85 -13.55 -42.44
C VAL C 656 -25.68 -13.12 -41.00
N GLY C 657 -24.56 -12.47 -40.65
CA GLY C 657 -24.36 -12.02 -39.28
C GLY C 657 -25.36 -10.95 -38.86
N HIS C 658 -25.55 -9.94 -39.71
CA HIS C 658 -26.51 -8.89 -39.40
C HIS C 658 -27.93 -9.43 -39.34
N ILE C 659 -28.26 -10.34 -40.27
CA ILE C 659 -29.56 -10.99 -40.24
C ILE C 659 -29.75 -11.76 -38.94
N SER C 660 -28.71 -12.47 -38.50
CA SER C 660 -28.78 -13.24 -37.26
C SER C 660 -29.01 -12.33 -36.06
N LEU C 661 -28.27 -11.22 -35.98
CA LEU C 661 -28.45 -10.31 -34.84
C LEU C 661 -29.85 -9.69 -34.83
N TYR C 662 -30.31 -9.24 -36.00
CA TYR C 662 -31.64 -8.63 -36.05
C TYR C 662 -32.72 -9.65 -35.71
N ARG C 663 -32.60 -10.87 -36.22
CA ARG C 663 -33.56 -11.91 -35.89
C ARG C 663 -33.53 -12.23 -34.40
N GLU C 664 -32.34 -12.26 -33.81
CA GLU C 664 -32.22 -12.52 -32.38
C GLU C 664 -32.99 -11.49 -31.57
N ILE C 665 -32.73 -10.20 -31.85
CA ILE C 665 -33.40 -9.14 -31.10
C ILE C 665 -34.90 -9.18 -31.31
N GLU C 666 -35.32 -9.32 -32.57
CA GLU C 666 -36.74 -9.29 -32.91
C GLU C 666 -37.49 -10.44 -32.24
N GLU C 667 -36.95 -11.65 -32.34
CA GLU C 667 -37.64 -12.80 -31.76
C GLU C 667 -37.55 -12.78 -30.24
N ALA C 668 -36.51 -12.19 -29.67
CA ALA C 668 -36.47 -12.02 -28.22
C ALA C 668 -37.62 -11.13 -27.75
N ILE C 669 -37.83 -10.01 -28.44
CA ILE C 669 -38.93 -9.12 -28.09
C ILE C 669 -40.27 -9.82 -28.26
N GLN C 670 -40.48 -10.45 -29.42
CA GLN C 670 -41.78 -11.06 -29.70
C GLN C 670 -42.01 -12.34 -28.89
N GLY C 671 -40.98 -12.88 -28.27
CA GLY C 671 -41.16 -14.01 -27.38
C GLY C 671 -41.41 -13.57 -25.96
N PHE C 672 -40.74 -12.51 -25.51
CA PHE C 672 -41.04 -11.97 -24.18
C PHE C 672 -42.45 -11.41 -24.13
N TYR C 673 -42.89 -10.76 -25.21
CA TYR C 673 -44.24 -10.19 -25.21
C TYR C 673 -45.30 -11.28 -25.07
N GLN C 674 -45.16 -12.38 -25.82
CA GLN C 674 -46.19 -13.41 -25.81
C GLN C 674 -46.05 -14.37 -24.64
N ALA C 675 -44.84 -14.53 -24.10
CA ALA C 675 -44.67 -15.34 -22.90
C ALA C 675 -45.36 -14.69 -21.70
N CYS C 676 -45.26 -13.36 -21.60
CA CYS C 676 -45.91 -12.61 -20.54
C CYS C 676 -47.34 -12.20 -20.90
N SER C 677 -47.97 -12.93 -21.82
CA SER C 677 -49.36 -12.68 -22.23
C SER C 677 -49.55 -11.31 -22.86
N ARG D 4 -44.09 -6.85 -35.47
CA ARG D 4 -42.75 -7.09 -35.97
C ARG D 4 -41.76 -6.13 -35.32
N ALA D 5 -42.14 -5.61 -34.14
CA ALA D 5 -41.31 -4.70 -33.36
C ALA D 5 -40.99 -3.41 -34.09
N ASN D 6 -40.27 -2.50 -33.43
CA ASN D 6 -39.87 -1.22 -34.00
C ASN D 6 -38.37 -1.08 -33.75
N LEU D 7 -37.57 -1.60 -34.67
CA LEU D 7 -36.13 -1.67 -34.50
C LEU D 7 -35.42 -1.11 -35.71
N VAL D 8 -34.10 -1.01 -35.61
CA VAL D 8 -33.24 -0.49 -36.66
C VAL D 8 -32.31 -1.59 -37.13
N PHE D 9 -32.25 -1.81 -38.44
CA PHE D 9 -31.42 -2.85 -39.01
C PHE D 9 -30.00 -2.34 -39.12
N HIS D 10 -29.13 -2.77 -38.21
CA HIS D 10 -27.74 -2.34 -38.23
C HIS D 10 -27.02 -2.94 -39.44
N ASN D 11 -26.11 -2.15 -40.01
CA ASN D 11 -25.30 -2.60 -41.14
C ASN D 11 -23.86 -2.15 -41.00
N LYS D 12 -23.40 -1.96 -39.76
CA LYS D 12 -22.03 -1.51 -39.49
C LYS D 12 -21.47 -2.37 -38.36
N ALA D 13 -20.34 -1.94 -37.80
CA ALA D 13 -19.70 -2.65 -36.71
C ALA D 13 -20.20 -2.11 -35.39
N ILE D 14 -20.79 -2.99 -34.57
CA ILE D 14 -21.31 -2.61 -33.26
C ILE D 14 -20.14 -2.74 -32.27
N ASP D 15 -19.40 -1.65 -32.10
CA ASP D 15 -18.27 -1.62 -31.19
C ASP D 15 -18.77 -1.41 -29.76
N GLY D 16 -17.84 -1.14 -28.84
CA GLY D 16 -18.22 -1.02 -27.44
C GLY D 16 -19.16 0.14 -27.18
N THR D 17 -18.87 1.30 -27.76
CA THR D 17 -19.71 2.47 -27.54
C THR D 17 -21.05 2.37 -28.25
N ALA D 18 -21.13 1.56 -29.31
CA ALA D 18 -22.41 1.36 -29.98
C ALA D 18 -23.32 0.43 -29.19
N MET D 19 -22.75 -0.56 -28.50
CA MET D 19 -23.55 -1.45 -27.67
C MET D 19 -24.20 -0.69 -26.52
N LYS D 20 -23.44 0.22 -25.89
CA LYS D 20 -23.99 1.02 -24.79
C LYS D 20 -25.11 1.92 -25.27
N ARG D 21 -24.96 2.51 -26.47
CA ARG D 21 -26.03 3.33 -27.02
C ARG D 21 -27.27 2.50 -27.32
N LEU D 22 -27.08 1.29 -27.86
CA LEU D 22 -28.22 0.45 -28.22
C LEU D 22 -29.00 0.02 -26.98
N ILE D 23 -28.30 -0.33 -25.90
CA ILE D 23 -28.98 -0.74 -24.68
C ILE D 23 -29.79 0.41 -24.10
N SER D 24 -29.23 1.63 -24.13
CA SER D 24 -29.96 2.79 -23.62
C SER D 24 -31.24 3.03 -24.39
N ARG D 25 -31.18 2.90 -25.71
CA ARG D 25 -32.36 3.15 -26.54
C ARG D 25 -33.40 2.05 -26.38
N LEU D 26 -32.95 0.79 -26.22
CA LEU D 26 -33.88 -0.29 -25.97
C LEU D 26 -34.53 -0.15 -24.60
N ILE D 27 -33.82 0.42 -23.63
CA ILE D 27 -34.37 0.63 -22.30
C ILE D 27 -35.46 1.70 -22.33
N ASP D 28 -35.19 2.80 -23.03
CA ASP D 28 -36.15 3.90 -23.05
C ASP D 28 -37.38 3.59 -23.89
N HIS D 29 -37.24 2.70 -24.87
CA HIS D 29 -38.36 2.37 -25.76
C HIS D 29 -39.19 1.20 -25.25
N PHE D 30 -38.59 0.26 -24.53
CA PHE D 30 -39.29 -0.91 -24.05
C PHE D 30 -39.41 -0.99 -22.54
N GLY D 31 -38.43 -0.50 -21.81
CA GLY D 31 -38.41 -0.59 -20.36
C GLY D 31 -37.30 -1.50 -19.88
N MET D 32 -37.19 -1.59 -18.56
CA MET D 32 -36.17 -2.44 -17.92
C MET D 32 -36.64 -3.88 -17.76
N ALA D 33 -37.87 -4.20 -18.14
CA ALA D 33 -38.35 -5.57 -18.09
C ALA D 33 -38.14 -6.30 -19.40
N TYR D 34 -38.30 -5.61 -20.53
CA TYR D 34 -38.00 -6.21 -21.83
C TYR D 34 -36.50 -6.29 -22.09
N THR D 35 -35.75 -5.28 -21.62
CA THR D 35 -34.32 -5.24 -21.89
C THR D 35 -33.59 -6.37 -21.20
N SER D 36 -34.05 -6.77 -20.00
CA SER D 36 -33.38 -7.84 -19.27
C SER D 36 -33.37 -9.13 -20.09
N HIS D 37 -34.43 -9.38 -20.86
CA HIS D 37 -34.46 -10.57 -21.70
C HIS D 37 -33.59 -10.41 -22.93
N ILE D 38 -33.52 -9.19 -23.49
CA ILE D 38 -32.64 -8.94 -24.62
C ILE D 38 -31.19 -9.21 -24.23
N LEU D 39 -30.78 -8.73 -23.06
CA LEU D 39 -29.41 -8.88 -22.62
C LEU D 39 -29.04 -10.35 -22.44
N ASP D 40 -29.98 -11.16 -21.95
CA ASP D 40 -29.74 -12.60 -21.84
C ASP D 40 -29.54 -13.22 -23.22
N GLN D 41 -30.34 -12.81 -24.21
CA GLN D 41 -30.21 -13.38 -25.54
C GLN D 41 -28.93 -12.91 -26.22
N LEU D 42 -28.59 -11.62 -26.09
CA LEU D 42 -27.37 -11.12 -26.70
C LEU D 42 -26.14 -11.75 -26.06
N LYS D 43 -26.18 -12.02 -24.76
CA LYS D 43 -25.07 -12.71 -24.11
C LYS D 43 -24.86 -14.09 -24.69
N THR D 44 -25.95 -14.84 -24.91
CA THR D 44 -25.82 -16.17 -25.49
C THR D 44 -25.34 -16.12 -26.93
N LEU D 45 -25.90 -15.20 -27.74
CA LEU D 45 -25.47 -15.07 -29.13
C LEU D 45 -24.04 -14.55 -29.23
N GLY D 46 -23.66 -13.64 -28.34
CA GLY D 46 -22.29 -13.14 -28.36
C GLY D 46 -21.27 -14.22 -28.01
N PHE D 47 -21.60 -15.06 -27.03
CA PHE D 47 -20.70 -16.13 -26.64
C PHE D 47 -20.58 -17.19 -27.73
N GLN D 48 -21.66 -17.43 -28.48
CA GLN D 48 -21.63 -18.46 -29.52
C GLN D 48 -20.70 -18.07 -30.65
N GLN D 49 -20.85 -16.84 -31.17
CA GLN D 49 -20.06 -16.43 -32.32
C GLN D 49 -18.60 -16.15 -31.97
N ALA D 50 -18.33 -15.73 -30.73
CA ALA D 50 -16.95 -15.57 -30.30
C ALA D 50 -16.23 -16.91 -30.18
N THR D 51 -16.96 -18.00 -30.29
CA THR D 51 -16.33 -19.32 -30.28
C THR D 51 -16.19 -19.83 -31.68
N ALA D 52 -17.27 -19.91 -32.40
CA ALA D 52 -17.19 -20.49 -33.73
C ALA D 52 -16.12 -19.82 -34.58
N THR D 53 -16.06 -18.49 -34.51
CA THR D 53 -14.98 -17.78 -35.20
C THR D 53 -13.65 -18.00 -34.49
N SER D 54 -13.64 -17.84 -33.16
CA SER D 54 -12.46 -18.05 -32.31
C SER D 54 -11.38 -17.02 -32.58
N ILE D 55 -10.62 -16.67 -31.54
CA ILE D 55 -9.50 -15.75 -31.66
C ILE D 55 -8.41 -16.22 -30.71
N SER D 56 -7.17 -15.89 -31.06
CA SER D 56 -6.04 -16.29 -30.24
C SER D 56 -4.88 -15.35 -30.53
N LEU D 57 -3.91 -15.33 -29.60
CA LEU D 57 -2.77 -14.44 -29.69
C LEU D 57 -1.51 -15.28 -29.89
N GLY D 58 -0.87 -15.12 -31.04
CA GLY D 58 0.39 -15.75 -31.35
C GLY D 58 1.55 -14.79 -31.22
N ILE D 59 2.58 -15.01 -32.05
CA ILE D 59 3.75 -14.14 -32.05
C ILE D 59 3.77 -13.21 -33.26
N ASP D 60 3.23 -13.63 -34.40
CA ASP D 60 3.22 -12.79 -35.59
C ASP D 60 1.97 -11.94 -35.70
N ASP D 61 1.01 -12.09 -34.79
CA ASP D 61 -0.13 -11.17 -34.78
C ASP D 61 0.20 -9.85 -34.12
N LEU D 62 1.29 -9.78 -33.36
CA LEU D 62 1.77 -8.51 -32.81
C LEU D 62 2.52 -7.82 -33.94
N LEU D 63 1.79 -7.03 -34.72
CA LEU D 63 2.27 -6.51 -35.99
C LEU D 63 2.86 -5.12 -35.78
N THR D 64 4.18 -5.05 -35.66
CA THR D 64 4.86 -3.77 -35.61
C THR D 64 4.71 -3.06 -36.96
N ILE D 65 4.50 -1.74 -36.90
CA ILE D 65 4.27 -0.95 -38.11
C ILE D 65 5.53 -1.00 -38.98
N PRO D 66 5.39 -0.99 -40.30
CA PRO D 66 6.56 -1.21 -41.17
C PRO D 66 7.64 -0.15 -41.04
N SER D 67 7.28 1.09 -40.75
CA SER D 67 8.23 2.19 -40.80
C SER D 67 9.07 2.34 -39.54
N LYS D 68 8.88 1.46 -38.55
CA LYS D 68 9.70 1.56 -37.33
C LYS D 68 11.17 1.31 -37.62
N GLY D 69 11.47 0.53 -38.67
CA GLY D 69 12.85 0.25 -38.98
C GLY D 69 13.66 1.49 -39.34
N TRP D 70 13.02 2.46 -39.98
CA TRP D 70 13.69 3.70 -40.37
C TRP D 70 13.67 4.74 -39.26
N LEU D 71 12.52 4.89 -38.58
CA LEU D 71 12.39 5.96 -37.59
C LEU D 71 13.34 5.75 -36.42
N VAL D 72 13.46 4.51 -35.93
CA VAL D 72 14.37 4.24 -34.82
C VAL D 72 15.81 4.40 -35.26
N GLN D 73 16.13 4.00 -36.49
CA GLN D 73 17.48 4.17 -36.99
C GLN D 73 17.85 5.64 -37.13
N ASP D 74 16.92 6.45 -37.65
CA ASP D 74 17.18 7.87 -37.77
C ASP D 74 17.26 8.55 -36.41
N ALA D 75 16.41 8.12 -35.47
CA ALA D 75 16.48 8.66 -34.11
C ALA D 75 17.81 8.36 -33.45
N GLU D 76 18.40 7.21 -33.77
CA GLU D 76 19.71 6.86 -33.21
C GLU D 76 20.80 7.72 -33.82
N GLN D 77 20.68 8.06 -35.09
CA GLN D 77 21.71 8.87 -35.76
C GLN D 77 21.82 10.25 -35.14
N GLN D 78 20.69 10.90 -34.89
CA GLN D 78 20.73 12.23 -34.28
C GLN D 78 21.19 12.17 -32.84
N SER D 79 20.95 11.05 -32.15
CA SER D 79 21.48 10.89 -30.81
C SER D 79 22.98 10.61 -30.84
N LEU D 80 23.46 9.99 -31.90
CA LEU D 80 24.91 9.77 -32.04
C LEU D 80 25.63 11.05 -32.41
N ILE D 81 25.05 11.85 -33.30
CA ILE D 81 25.71 13.07 -33.76
C ILE D 81 25.75 14.10 -32.63
N LEU D 82 24.62 14.30 -31.95
CA LEU D 82 24.58 15.30 -30.89
C LEU D 82 25.48 14.91 -29.73
N GLU D 83 25.48 13.64 -29.34
CA GLU D 83 26.38 13.20 -28.27
C GLU D 83 27.84 13.25 -28.72
N LYS D 84 28.09 13.31 -30.03
CA LYS D 84 29.45 13.45 -30.53
C LYS D 84 29.86 14.91 -30.59
N HIS D 85 28.93 15.80 -30.90
CA HIS D 85 29.21 17.23 -30.86
C HIS D 85 29.20 17.77 -29.44
N HIS D 86 28.48 17.13 -28.52
CA HIS D 86 28.49 17.56 -27.13
C HIS D 86 29.88 17.44 -26.52
N HIS D 87 30.69 16.50 -27.00
CA HIS D 87 32.08 16.41 -26.59
C HIS D 87 32.97 17.42 -27.29
N TYR D 88 32.47 18.08 -28.34
CA TYR D 88 33.23 19.11 -29.05
C TYR D 88 32.94 20.51 -28.55
N GLY D 89 32.02 20.66 -27.59
CA GLY D 89 31.66 21.98 -27.11
C GLY D 89 30.64 22.71 -27.94
N ASN D 90 30.07 22.08 -28.97
CA ASN D 90 29.09 22.75 -29.80
C ASN D 90 27.80 23.04 -29.05
N VAL D 91 27.39 22.10 -28.18
CA VAL D 91 26.17 22.27 -27.39
C VAL D 91 26.53 22.05 -25.93
N HIS D 92 25.65 22.52 -25.04
CA HIS D 92 25.84 22.37 -23.62
C HIS D 92 24.96 21.25 -23.08
N ALA D 93 25.06 21.02 -21.77
CA ALA D 93 24.43 19.84 -21.16
C ALA D 93 22.91 19.90 -21.28
N VAL D 94 22.32 21.08 -21.07
CA VAL D 94 20.86 21.19 -21.10
C VAL D 94 20.33 20.85 -22.48
N GLU D 95 21.01 21.31 -23.54
CA GLU D 95 20.56 21.01 -24.90
C GLU D 95 20.58 19.52 -25.18
N LYS D 96 21.62 18.82 -24.73
CA LYS D 96 21.66 17.37 -24.88
C LYS D 96 20.52 16.71 -24.12
N LEU D 97 20.27 17.17 -22.88
CA LEU D 97 19.17 16.63 -22.11
C LEU D 97 17.82 16.95 -22.75
N ARG D 98 17.65 18.18 -23.23
CA ARG D 98 16.37 18.61 -23.80
C ARG D 98 16.07 17.95 -25.13
N GLN D 99 17.03 17.28 -25.78
CA GLN D 99 16.77 16.65 -27.06
C GLN D 99 16.60 15.14 -26.95
N SER D 100 17.43 14.47 -26.16
CA SER D 100 17.28 13.02 -25.98
C SER D 100 15.92 12.66 -25.40
N ILE D 101 15.26 13.60 -24.73
CA ILE D 101 13.90 13.37 -24.28
C ILE D 101 12.91 13.63 -25.41
N GLU D 102 13.25 14.47 -26.37
CA GLU D 102 12.28 14.92 -27.36
C GLU D 102 12.24 14.07 -28.62
N ILE D 103 13.35 13.47 -29.05
CA ILE D 103 13.29 12.58 -30.21
C ILE D 103 12.47 11.35 -29.87
N TRP D 104 12.77 10.72 -28.73
CA TRP D 104 12.12 9.46 -28.37
C TRP D 104 10.68 9.67 -27.93
N TYR D 105 10.33 10.86 -27.46
CA TYR D 105 8.92 11.16 -27.19
C TYR D 105 8.16 11.40 -28.49
N SER D 106 8.75 12.15 -29.41
CA SER D 106 8.10 12.40 -30.70
C SER D 106 8.00 11.14 -31.52
N THR D 107 9.06 10.33 -31.54
CA THR D 107 9.03 9.09 -32.31
C THR D 107 8.03 8.10 -31.73
N SER D 108 8.02 7.95 -30.40
CA SER D 108 7.07 7.02 -29.78
C SER D 108 5.63 7.45 -30.01
N GLU D 109 5.35 8.75 -29.89
CA GLU D 109 4.01 9.24 -30.12
C GLU D 109 3.64 9.28 -31.60
N TYR D 110 4.61 9.16 -32.51
CA TYR D 110 4.28 9.07 -33.92
C TYR D 110 3.93 7.64 -34.32
N LEU D 111 4.60 6.66 -33.72
CA LEU D 111 4.23 5.26 -33.95
C LEU D 111 2.86 4.95 -33.37
N ARG D 112 2.54 5.55 -32.21
CA ARG D 112 1.25 5.28 -31.57
C ARG D 112 0.10 5.80 -32.42
N GLN D 113 0.25 6.98 -33.02
CA GLN D 113 -0.81 7.54 -33.84
C GLN D 113 -0.88 6.88 -35.22
N GLU D 114 0.17 6.19 -35.64
CA GLU D 114 0.17 5.47 -36.90
C GLU D 114 -0.19 4.00 -36.73
N MET D 115 -0.52 3.57 -35.51
CA MET D 115 -0.82 2.16 -35.28
C MET D 115 -2.14 1.76 -35.91
N ASN D 116 -3.22 2.45 -35.53
CA ASN D 116 -4.53 2.12 -36.08
C ASN D 116 -4.63 2.32 -37.58
N PRO D 117 -4.14 3.41 -38.18
CA PRO D 117 -4.15 3.50 -39.64
C PRO D 117 -3.42 2.34 -40.31
N ASN D 118 -2.34 1.85 -39.70
CA ASN D 118 -1.67 0.65 -40.23
C ASN D 118 -2.57 -0.56 -40.08
N PHE D 119 -3.14 -0.77 -38.88
CA PHE D 119 -3.99 -1.92 -38.64
C PHE D 119 -5.24 -1.87 -39.50
N ARG D 120 -5.86 -0.69 -39.59
CA ARG D 120 -7.17 -0.58 -40.23
C ARG D 120 -7.11 -0.67 -41.74
N MET D 121 -5.93 -0.66 -42.34
CA MET D 121 -5.80 -0.71 -43.79
C MET D 121 -5.14 -1.97 -44.30
N THR D 122 -4.15 -2.50 -43.59
CA THR D 122 -3.45 -3.69 -44.04
C THR D 122 -4.04 -4.97 -43.44
N ASP D 123 -4.20 -5.00 -42.12
CA ASP D 123 -4.69 -6.19 -41.40
C ASP D 123 -5.88 -5.79 -40.54
N PRO D 124 -7.05 -5.59 -41.14
CA PRO D 124 -8.22 -5.17 -40.36
C PRO D 124 -8.66 -6.20 -39.33
N TYR D 125 -8.32 -7.47 -39.51
CA TYR D 125 -8.78 -8.54 -38.64
C TYR D 125 -7.66 -9.15 -37.82
N ASN D 126 -6.63 -8.36 -37.51
CA ASN D 126 -5.58 -8.83 -36.62
C ASN D 126 -6.15 -9.05 -35.22
N PRO D 127 -5.79 -10.15 -34.56
CA PRO D 127 -6.38 -10.43 -33.24
C PRO D 127 -6.15 -9.33 -32.22
N VAL D 128 -4.99 -8.67 -32.25
CA VAL D 128 -4.75 -7.56 -31.33
C VAL D 128 -5.64 -6.38 -31.68
N HIS D 129 -5.85 -6.15 -32.97
CA HIS D 129 -6.70 -5.03 -33.40
C HIS D 129 -8.15 -5.26 -32.99
N ILE D 130 -8.69 -6.44 -33.26
CA ILE D 130 -10.08 -6.73 -32.95
C ILE D 130 -10.32 -6.63 -31.44
N MET D 131 -9.36 -7.09 -30.65
CA MET D 131 -9.52 -7.09 -29.20
C MET D 131 -9.63 -5.68 -28.65
N SER D 132 -8.86 -4.74 -29.21
CA SER D 132 -8.80 -3.38 -28.69
C SER D 132 -9.70 -2.41 -29.44
N PHE D 133 -9.76 -2.49 -30.77
CA PHE D 133 -10.56 -1.54 -31.55
C PHE D 133 -12.04 -1.73 -31.28
N SER D 134 -12.49 -2.97 -31.05
CA SER D 134 -13.88 -3.23 -30.73
C SER D 134 -14.24 -2.76 -29.33
N GLY D 135 -13.26 -2.36 -28.51
CA GLY D 135 -13.53 -1.89 -27.17
C GLY D 135 -13.71 -2.97 -26.13
N ALA D 136 -13.32 -4.21 -26.44
CA ALA D 136 -13.49 -5.30 -25.49
C ALA D 136 -12.49 -5.20 -24.35
N ARG D 137 -11.20 -5.23 -24.67
CA ARG D 137 -10.15 -5.21 -23.66
C ARG D 137 -8.83 -4.81 -24.31
N GLY D 138 -8.16 -3.82 -23.73
CA GLY D 138 -6.89 -3.35 -24.24
C GLY D 138 -6.96 -1.93 -24.75
N ASN D 139 -6.23 -1.02 -24.11
CA ASN D 139 -6.17 0.35 -24.56
C ASN D 139 -5.32 0.46 -25.82
N VAL D 140 -5.39 1.63 -26.46
CA VAL D 140 -4.45 1.93 -27.54
C VAL D 140 -3.03 2.03 -26.98
N SER D 141 -2.88 2.62 -25.80
CA SER D 141 -1.57 2.68 -25.16
C SER D 141 -1.08 1.30 -24.77
N GLN D 142 -1.96 0.43 -24.27
CA GLN D 142 -1.55 -0.90 -23.86
C GLN D 142 -1.08 -1.72 -25.05
N VAL D 143 -1.78 -1.63 -26.18
CA VAL D 143 -1.34 -2.31 -27.39
C VAL D 143 0.00 -1.75 -27.86
N HIS D 144 0.22 -0.45 -27.66
CA HIS D 144 1.48 0.16 -28.04
C HIS D 144 2.68 -0.44 -27.31
N GLN D 145 2.46 -1.01 -26.13
CA GLN D 145 3.57 -1.63 -25.42
C GLN D 145 4.00 -2.94 -26.08
N LEU D 146 3.04 -3.76 -26.51
CA LEU D 146 3.39 -4.97 -27.23
C LEU D 146 3.85 -4.68 -28.65
N VAL D 147 3.33 -3.62 -29.26
CA VAL D 147 3.61 -3.27 -30.64
C VAL D 147 3.97 -1.79 -30.67
N GLY D 148 5.24 -1.49 -30.94
CA GLY D 148 5.67 -0.10 -30.94
C GLY D 148 6.87 0.17 -30.06
N MET D 149 6.67 0.98 -29.01
CA MET D 149 7.77 1.40 -28.15
C MET D 149 7.24 1.73 -26.78
N ARG D 150 8.00 1.37 -25.74
CA ARG D 150 7.66 1.67 -24.36
C ARG D 150 8.47 2.81 -23.79
N GLY D 151 9.15 3.59 -24.64
CA GLY D 151 10.16 4.54 -24.21
C GLY D 151 9.78 5.58 -23.18
N LEU D 152 10.81 6.21 -22.61
CA LEU D 152 10.69 7.36 -21.71
C LEU D 152 9.87 7.02 -20.46
N MET D 153 10.41 6.10 -19.68
CA MET D 153 9.93 5.91 -18.32
C MET D 153 10.49 7.01 -17.41
N SER D 154 9.89 7.15 -16.24
CA SER D 154 10.16 8.28 -15.36
C SER D 154 10.86 7.83 -14.08
N ASP D 155 11.85 8.61 -13.67
CA ASP D 155 12.49 8.42 -12.38
C ASP D 155 11.46 8.65 -11.27
N PRO D 156 11.53 7.90 -10.16
CA PRO D 156 10.51 8.06 -9.11
C PRO D 156 10.35 9.48 -8.59
N GLN D 157 11.43 10.23 -8.44
CA GLN D 157 11.34 11.62 -7.98
C GLN D 157 11.08 12.58 -9.14
N GLY D 158 10.12 12.22 -9.98
CA GLY D 158 9.89 12.97 -11.20
C GLY D 158 11.06 12.79 -12.16
N GLN D 159 11.02 13.57 -13.24
CA GLN D 159 12.11 13.63 -14.22
C GLN D 159 12.20 12.36 -15.05
N MET D 160 12.49 12.50 -16.34
CA MET D 160 12.62 11.36 -17.22
C MET D 160 14.06 10.82 -17.19
N ILE D 161 14.21 9.58 -17.66
CA ILE D 161 15.49 8.91 -17.73
C ILE D 161 16.04 9.04 -19.14
N ASP D 162 17.35 9.26 -19.25
CA ASP D 162 17.95 9.50 -20.56
C ASP D 162 17.82 8.29 -21.47
N LEU D 163 18.04 7.10 -20.94
CA LEU D 163 17.98 5.88 -21.74
C LEU D 163 16.54 5.58 -22.14
N PRO D 164 16.23 5.50 -23.43
CA PRO D 164 14.85 5.18 -23.84
C PRO D 164 14.66 3.70 -24.09
N ILE D 165 13.48 3.20 -23.71
CA ILE D 165 13.10 1.81 -23.95
C ILE D 165 12.60 1.74 -25.39
N GLN D 166 13.49 1.37 -26.32
CA GLN D 166 13.19 1.40 -27.74
C GLN D 166 12.79 0.03 -28.28
N SER D 167 12.32 -0.88 -27.42
CA SER D 167 11.98 -2.22 -27.83
C SER D 167 10.61 -2.60 -27.30
N ASN D 168 9.94 -3.48 -28.03
CA ASN D 168 8.62 -3.96 -27.65
C ASN D 168 8.70 -4.94 -26.50
N LEU D 169 7.54 -5.47 -26.12
CA LEU D 169 7.48 -6.66 -25.30
C LEU D 169 7.48 -7.94 -26.13
N ARG D 170 7.13 -7.84 -27.41
CA ARG D 170 7.27 -8.97 -28.31
C ARG D 170 8.74 -9.21 -28.66
N GLU D 171 9.47 -8.15 -29.00
CA GLU D 171 10.89 -8.30 -29.30
C GLU D 171 11.69 -8.67 -28.07
N GLY D 172 11.36 -8.07 -26.92
CA GLY D 172 12.04 -8.39 -25.68
C GLY D 172 12.95 -7.27 -25.22
N LEU D 173 12.72 -6.79 -24.00
CA LEU D 173 13.56 -5.73 -23.45
C LEU D 173 14.94 -6.27 -23.11
N SER D 174 15.91 -5.38 -23.09
CA SER D 174 17.25 -5.73 -22.67
C SER D 174 17.35 -5.64 -21.15
N LEU D 175 18.54 -5.91 -20.61
CA LEU D 175 18.71 -5.91 -19.16
C LEU D 175 18.52 -4.50 -18.58
N THR D 176 19.16 -3.50 -19.18
CA THR D 176 19.02 -2.14 -18.68
C THR D 176 17.62 -1.61 -18.93
N GLU D 177 17.03 -1.93 -20.09
CA GLU D 177 15.68 -1.47 -20.39
C GLU D 177 14.65 -2.11 -19.46
N TYR D 178 14.83 -3.40 -19.15
CA TYR D 178 13.90 -4.07 -18.24
C TYR D 178 13.98 -3.47 -16.84
N ILE D 179 15.20 -3.17 -16.37
CA ILE D 179 15.36 -2.59 -15.04
C ILE D 179 14.70 -1.22 -14.98
N ILE D 180 14.80 -0.44 -16.05
CA ILE D 180 14.15 0.86 -16.09
C ILE D 180 12.64 0.70 -15.96
N SER D 181 12.07 -0.30 -16.64
CA SER D 181 10.64 -0.53 -16.58
C SER D 181 10.17 -0.92 -15.18
N CYS D 182 11.09 -1.36 -14.31
CA CYS D 182 10.73 -1.69 -12.94
C CYS D 182 10.47 -0.45 -12.09
N TYR D 183 10.97 0.72 -12.51
CA TYR D 183 10.69 1.95 -11.78
C TYR D 183 9.20 2.25 -11.76
N GLY D 184 8.54 2.11 -12.91
CA GLY D 184 7.11 2.26 -12.96
C GLY D 184 6.33 1.08 -12.42
N ALA D 185 7.00 -0.05 -12.21
CA ALA D 185 6.33 -1.21 -11.64
C ALA D 185 6.10 -1.01 -10.15
N ARG D 186 7.09 -0.48 -9.43
CA ARG D 186 6.93 -0.27 -8.00
C ARG D 186 5.85 0.76 -7.71
N LYS D 187 5.86 1.89 -8.43
CA LYS D 187 4.82 2.89 -8.22
C LYS D 187 3.56 2.50 -9.02
N GLY D 188 3.20 1.23 -8.92
CA GLY D 188 1.93 0.72 -9.39
C GLY D 188 1.30 -0.10 -8.28
N VAL D 189 2.13 -0.51 -7.33
CA VAL D 189 1.69 -1.23 -6.15
C VAL D 189 1.81 -0.41 -4.87
N VAL D 190 2.53 0.71 -4.91
CA VAL D 190 2.54 1.66 -3.79
C VAL D 190 1.45 2.68 -4.06
N ASP D 191 0.62 2.40 -5.06
CA ASP D 191 -0.56 3.20 -5.38
C ASP D 191 -1.86 2.45 -5.15
N THR D 192 -1.93 1.17 -5.55
CA THR D 192 -3.10 0.36 -5.25
C THR D 192 -3.26 0.10 -3.76
N ALA D 193 -2.19 0.25 -2.98
CA ALA D 193 -2.26 0.14 -1.53
C ALA D 193 -2.42 1.49 -0.85
N VAL D 194 -2.46 2.58 -1.62
CA VAL D 194 -2.58 3.94 -1.08
C VAL D 194 -3.77 4.67 -1.69
N ARG D 195 -3.82 4.76 -3.01
CA ARG D 195 -4.86 5.54 -3.68
C ARG D 195 -6.25 4.96 -3.49
N THR D 196 -6.38 3.72 -3.01
CA THR D 196 -7.69 3.16 -2.71
C THR D 196 -8.13 3.45 -1.28
N SER D 197 -7.19 3.70 -0.36
CA SER D 197 -7.56 4.04 1.01
C SER D 197 -8.09 5.48 1.09
N ASP D 198 -7.44 6.41 0.39
CA ASP D 198 -7.91 7.79 0.39
C ASP D 198 -9.28 7.91 -0.26
N ALA D 199 -9.50 7.15 -1.33
CA ALA D 199 -10.83 7.13 -1.96
C ALA D 199 -11.88 6.58 -1.00
N GLY D 200 -11.53 5.55 -0.24
CA GLY D 200 -12.45 5.02 0.75
C GLY D 200 -12.73 6.00 1.88
N TYR D 201 -11.71 6.77 2.28
CA TYR D 201 -11.92 7.76 3.33
C TYR D 201 -12.81 8.90 2.86
N LEU D 202 -12.65 9.32 1.60
CA LEU D 202 -13.48 10.39 1.08
C LEU D 202 -14.94 9.97 0.98
N THR D 203 -15.20 8.69 0.69
CA THR D 203 -16.58 8.20 0.63
C THR D 203 -17.24 8.30 2.00
N ARG D 204 -16.49 8.02 3.07
CA ARG D 204 -17.05 8.11 4.41
C ARG D 204 -17.48 9.54 4.73
N ARG D 205 -16.65 10.52 4.34
CA ARG D 205 -16.97 11.92 4.63
C ARG D 205 -18.06 12.46 3.71
N LEU D 206 -18.08 12.03 2.46
CA LEU D 206 -19.12 12.49 1.54
C LEU D 206 -20.51 12.09 2.03
N VAL D 207 -20.66 10.85 2.49
CA VAL D 207 -21.95 10.37 2.98
C VAL D 207 -22.32 11.06 4.28
N GLU D 208 -21.34 11.37 5.13
CA GLU D 208 -21.63 11.92 6.45
C GLU D 208 -22.35 13.26 6.36
N VAL D 209 -21.94 14.12 5.43
CA VAL D 209 -22.59 15.42 5.27
C VAL D 209 -24.05 15.23 4.88
N VAL D 210 -24.32 14.36 3.92
CA VAL D 210 -25.68 14.16 3.44
C VAL D 210 -26.12 12.73 3.72
N GLN D 211 -26.75 12.52 4.88
CA GLN D 211 -27.35 11.23 5.19
C GLN D 211 -28.80 11.45 5.61
N HIS D 212 -29.09 12.61 6.15
CA HIS D 212 -30.45 12.97 6.53
C HIS D 212 -31.26 13.55 5.39
N ILE D 213 -30.65 13.76 4.23
CA ILE D 213 -31.36 14.36 3.09
C ILE D 213 -32.23 13.29 2.45
N VAL D 214 -33.54 13.41 2.62
CA VAL D 214 -34.51 12.47 2.07
C VAL D 214 -35.60 13.28 1.38
N VAL D 215 -36.12 12.76 0.28
CA VAL D 215 -37.23 13.39 -0.41
C VAL D 215 -38.49 13.18 0.45
N ARG D 216 -38.93 14.24 1.13
CA ARG D 216 -40.02 14.13 2.07
C ARG D 216 -41.36 14.63 1.55
N ARG D 217 -41.36 15.40 0.46
CA ARG D 217 -42.60 16.01 0.01
C ARG D 217 -42.52 16.32 -1.48
N ARG D 218 -43.69 16.59 -2.06
CA ARG D 218 -43.80 17.12 -3.41
C ARG D 218 -43.54 18.62 -3.34
N ASP D 219 -43.95 19.36 -4.37
CA ASP D 219 -43.65 20.78 -4.52
C ASP D 219 -43.71 21.52 -3.20
N CYS D 220 -42.60 22.16 -2.85
CA CYS D 220 -42.48 22.91 -1.61
C CYS D 220 -42.94 24.35 -1.74
N GLY D 221 -43.37 24.76 -2.93
CA GLY D 221 -43.89 26.10 -3.13
C GLY D 221 -42.82 27.16 -3.24
N THR D 222 -41.89 26.98 -4.18
CA THR D 222 -40.84 27.95 -4.43
C THR D 222 -40.97 28.49 -5.85
N ILE D 223 -40.60 29.76 -6.01
CA ILE D 223 -40.65 30.42 -7.31
C ILE D 223 -39.29 30.88 -7.80
N ARG D 224 -38.26 30.81 -6.95
CA ARG D 224 -36.91 31.13 -7.37
C ARG D 224 -36.32 29.95 -8.11
N GLY D 225 -35.90 30.16 -9.34
CA GLY D 225 -35.31 29.10 -10.15
C GLY D 225 -34.02 29.55 -10.79
N ILE D 226 -33.00 28.70 -10.70
CA ILE D 226 -31.73 28.99 -11.35
C ILE D 226 -31.94 28.99 -12.86
N SER D 227 -31.56 30.09 -13.50
CA SER D 227 -31.76 30.25 -14.94
C SER D 227 -30.42 30.15 -15.65
N VAL D 228 -30.40 29.38 -16.75
CA VAL D 228 -29.18 29.14 -17.52
C VAL D 228 -29.37 29.73 -18.91
N SER D 229 -28.27 30.13 -19.52
CA SER D 229 -28.26 30.72 -20.86
C SER D 229 -27.52 29.79 -21.81
N PRO D 230 -28.22 29.02 -22.64
CA PRO D 230 -27.53 28.11 -23.55
C PRO D 230 -26.92 28.78 -24.77
N GLN D 231 -27.39 29.97 -25.14
CA GLN D 231 -26.93 30.65 -26.33
C GLN D 231 -25.75 31.57 -26.05
N ASN D 232 -25.18 31.53 -24.84
CA ASN D 232 -23.92 32.21 -24.59
C ASN D 232 -22.76 31.58 -25.34
N SER D 233 -22.95 30.38 -25.89
CA SER D 233 -21.92 29.66 -26.65
C SER D 233 -20.69 29.38 -25.80
N THR D 234 -20.87 29.33 -24.48
CA THR D 234 -19.77 29.04 -23.56
C THR D 234 -19.69 27.55 -23.25
N MET D 235 -20.82 26.94 -22.90
CA MET D 235 -20.84 25.52 -22.58
C MET D 235 -20.96 24.69 -23.86
N PRO D 236 -20.11 23.69 -24.06
CA PRO D 236 -20.29 22.80 -25.20
C PRO D 236 -21.59 22.01 -25.10
N GLU D 237 -22.07 21.55 -26.25
CA GLU D 237 -23.33 20.81 -26.23
C GLU D 237 -23.09 19.35 -25.85
N ARG D 238 -22.31 19.16 -24.79
CA ARG D 238 -22.26 17.91 -24.04
C ARG D 238 -22.28 18.11 -22.53
N ILE D 239 -21.91 19.30 -22.05
CA ILE D 239 -21.96 19.64 -20.64
C ILE D 239 -23.25 20.41 -20.40
N LEU D 240 -23.65 21.20 -21.40
CA LEU D 240 -24.94 21.88 -21.34
C LEU D 240 -26.09 20.87 -21.33
N ILE D 241 -25.99 19.84 -22.17
CA ILE D 241 -27.06 18.85 -22.25
C ILE D 241 -27.19 18.07 -20.95
N GLN D 242 -26.05 17.65 -20.38
CA GLN D 242 -26.08 16.87 -19.15
C GLN D 242 -26.49 17.67 -17.94
N THR D 243 -26.58 19.00 -18.05
CA THR D 243 -27.02 19.83 -16.93
C THR D 243 -28.52 20.08 -16.93
N LEU D 244 -29.17 19.97 -18.09
CA LEU D 244 -30.59 20.26 -18.20
C LEU D 244 -31.48 19.03 -18.16
N ILE D 245 -30.94 17.85 -18.49
CA ILE D 245 -31.77 16.64 -18.51
C ILE D 245 -32.13 16.25 -17.09
N GLY D 246 -33.42 16.00 -16.86
CA GLY D 246 -33.93 15.62 -15.57
C GLY D 246 -34.49 16.78 -14.76
N ARG D 247 -33.92 17.97 -14.90
CA ARG D 247 -34.38 19.12 -14.14
C ARG D 247 -35.80 19.51 -14.54
N VAL D 248 -36.50 20.14 -13.60
CA VAL D 248 -37.85 20.62 -13.81
C VAL D 248 -37.80 22.13 -14.04
N LEU D 249 -38.65 22.62 -14.92
CA LEU D 249 -38.67 24.04 -15.24
C LEU D 249 -39.29 24.85 -14.12
N ALA D 250 -38.90 26.12 -14.04
CA ALA D 250 -39.42 27.05 -13.04
C ALA D 250 -40.38 28.07 -13.62
N ASP D 251 -40.21 28.40 -14.91
CA ASP D 251 -41.03 29.40 -15.57
C ASP D 251 -41.28 29.05 -17.01
N ASP D 252 -42.43 29.43 -17.57
CA ASP D 252 -42.77 29.04 -18.93
C ASP D 252 -41.74 29.56 -19.92
N ILE D 253 -41.48 28.76 -20.96
CA ILE D 253 -40.57 29.12 -22.03
C ILE D 253 -41.39 29.43 -23.27
N TYR D 254 -41.18 30.62 -23.83
CA TYR D 254 -41.99 31.10 -24.94
C TYR D 254 -41.14 31.27 -26.20
N MET D 255 -41.84 31.51 -27.31
CA MET D 255 -41.24 31.85 -28.59
C MET D 255 -42.01 33.05 -29.17
N GLY D 256 -42.25 34.04 -28.32
CA GLY D 256 -43.17 35.10 -28.67
C GLY D 256 -44.58 34.74 -28.27
N SER D 257 -45.37 34.22 -29.21
CA SER D 257 -46.73 33.79 -28.92
C SER D 257 -46.82 32.34 -28.49
N ARG D 258 -45.90 31.49 -28.94
CA ARG D 258 -45.97 30.05 -28.70
C ARG D 258 -45.15 29.68 -27.47
N CYS D 259 -45.75 28.88 -26.59
CA CYS D 259 -45.08 28.36 -25.40
C CYS D 259 -44.75 26.90 -25.62
N ILE D 260 -43.48 26.54 -25.51
CA ILE D 260 -43.02 25.19 -25.81
C ILE D 260 -42.74 24.37 -24.56
N ALA D 261 -42.66 24.99 -23.39
CA ALA D 261 -42.38 24.28 -22.15
C ALA D 261 -42.81 25.14 -20.97
N THR D 262 -43.63 24.60 -20.09
CA THR D 262 -44.24 25.34 -19.00
C THR D 262 -43.54 25.05 -17.67
N ARG D 263 -44.09 25.65 -16.62
CA ARG D 263 -43.64 25.37 -15.27
C ARG D 263 -44.02 23.96 -14.87
N ASN D 264 -43.22 23.38 -13.97
CA ASN D 264 -43.44 22.02 -13.48
C ASN D 264 -43.44 21.01 -14.62
N GLN D 265 -42.52 21.18 -15.57
CA GLN D 265 -42.37 20.28 -16.70
C GLN D 265 -40.90 19.89 -16.79
N ASP D 266 -40.62 18.61 -16.55
CA ASP D 266 -39.24 18.15 -16.56
C ASP D 266 -38.69 18.16 -17.98
N ILE D 267 -37.37 18.35 -18.09
CA ILE D 267 -36.71 18.45 -19.37
C ILE D 267 -36.28 17.06 -19.82
N GLY D 268 -36.77 16.63 -20.97
CA GLY D 268 -36.45 15.32 -21.51
C GLY D 268 -35.27 15.35 -22.45
N VAL D 269 -35.19 14.33 -23.31
CA VAL D 269 -34.09 14.23 -24.26
C VAL D 269 -34.34 15.11 -25.47
N GLY D 270 -35.51 14.95 -26.10
CA GLY D 270 -35.81 15.70 -27.31
C GLY D 270 -36.15 17.15 -27.06
N LEU D 271 -36.43 17.53 -25.82
CA LEU D 271 -36.75 18.93 -25.51
C LEU D 271 -35.52 19.82 -25.54
N VAL D 272 -34.35 19.28 -25.17
CA VAL D 272 -33.13 20.07 -25.23
C VAL D 272 -32.81 20.45 -26.68
N ASN D 273 -32.96 19.50 -27.60
CA ASN D 273 -32.73 19.80 -29.01
C ASN D 273 -33.67 20.90 -29.51
N ARG D 274 -34.87 20.97 -28.95
CA ARG D 274 -35.81 22.03 -29.28
C ARG D 274 -35.37 23.40 -28.77
N PHE D 275 -34.35 23.45 -27.91
CA PHE D 275 -33.90 24.70 -27.31
C PHE D 275 -32.74 25.32 -28.08
N ILE D 276 -31.67 24.56 -28.32
CA ILE D 276 -30.53 25.10 -29.05
C ILE D 276 -30.89 25.37 -30.50
N THR D 277 -31.71 24.51 -31.10
CA THR D 277 -32.14 24.72 -32.48
C THR D 277 -32.96 26.00 -32.62
N LEU D 278 -33.85 26.25 -31.66
CA LEU D 278 -34.73 27.41 -31.71
C LEU D 278 -34.09 28.66 -31.11
N ARG D 279 -32.87 28.54 -30.57
CA ARG D 279 -32.12 29.67 -30.03
C ARG D 279 -32.89 30.38 -28.92
N THR D 280 -33.14 29.65 -27.85
CA THR D 280 -33.74 30.21 -26.65
C THR D 280 -32.63 30.66 -25.70
N GLN D 281 -32.75 31.87 -25.17
CA GLN D 281 -31.67 32.49 -24.43
C GLN D 281 -31.77 32.34 -22.92
N LEU D 282 -32.96 32.08 -22.38
CA LEU D 282 -33.15 31.97 -20.94
C LEU D 282 -34.01 30.76 -20.64
N ILE D 283 -33.45 29.83 -19.85
CA ILE D 283 -34.18 28.66 -19.35
C ILE D 283 -33.94 28.58 -17.86
N SER D 284 -35.01 28.64 -17.06
CA SER D 284 -34.91 28.59 -15.61
C SER D 284 -35.33 27.21 -15.12
N ILE D 285 -34.50 26.61 -14.27
CA ILE D 285 -34.71 25.25 -13.80
C ILE D 285 -34.67 25.25 -12.28
N ARG D 286 -35.26 24.21 -11.70
CA ARG D 286 -35.26 24.02 -10.26
C ARG D 286 -34.16 23.02 -9.90
N THR D 287 -33.20 23.49 -9.09
CA THR D 287 -32.07 22.67 -8.69
C THR D 287 -32.13 22.46 -7.17
N PRO D 288 -31.28 21.62 -6.60
CA PRO D 288 -31.22 21.54 -5.13
C PRO D 288 -30.93 22.87 -4.46
N PHE D 289 -30.35 23.83 -5.18
CA PHE D 289 -30.07 25.14 -4.61
C PHE D 289 -31.33 25.96 -4.36
N THR D 290 -32.43 25.63 -5.02
CA THR D 290 -33.64 26.44 -4.96
C THR D 290 -34.71 25.87 -4.03
N CYS D 291 -34.42 24.79 -3.32
CA CYS D 291 -35.40 24.22 -2.41
C CYS D 291 -35.54 25.10 -1.17
N ARG D 292 -36.73 25.05 -0.56
CA ARG D 292 -37.05 25.88 0.59
C ARG D 292 -36.63 25.25 1.91
N SER D 293 -35.71 24.28 1.89
CA SER D 293 -35.26 23.65 3.12
C SER D 293 -33.84 23.13 2.91
N ALA D 294 -33.15 22.92 4.03
CA ALA D 294 -31.81 22.37 4.01
C ALA D 294 -31.72 20.99 4.66
N SER D 295 -32.74 20.59 5.43
CA SER D 295 -32.76 19.27 6.06
C SER D 295 -33.40 18.20 5.20
N TRP D 296 -34.04 18.57 4.09
CA TRP D 296 -34.63 17.61 3.18
C TRP D 296 -34.67 18.25 1.79
N ILE D 297 -35.37 17.59 0.86
CA ILE D 297 -35.49 18.04 -0.52
C ILE D 297 -36.87 17.68 -1.04
N CYS D 298 -37.26 18.29 -2.14
CA CYS D 298 -38.55 18.07 -2.78
C CYS D 298 -38.40 17.18 -4.00
N ARG D 299 -39.51 16.58 -4.42
CA ARG D 299 -39.51 15.79 -5.65
C ARG D 299 -39.23 16.67 -6.86
N LEU D 300 -39.83 17.86 -6.90
CA LEU D 300 -39.65 18.77 -8.02
C LEU D 300 -38.39 19.61 -7.91
N CYS D 301 -37.89 19.84 -6.69
CA CYS D 301 -36.62 20.52 -6.51
C CYS D 301 -35.44 19.56 -6.62
N TYR D 302 -35.68 18.32 -7.03
CA TYR D 302 -34.64 17.35 -7.30
C TYR D 302 -34.59 16.96 -8.77
N GLY D 303 -35.71 16.57 -9.34
CA GLY D 303 -35.80 16.24 -10.74
C GLY D 303 -36.04 14.77 -10.99
N ARG D 304 -35.69 14.35 -12.22
CA ARG D 304 -35.84 12.96 -12.59
C ARG D 304 -34.87 12.08 -11.81
N SER D 305 -35.35 10.93 -11.38
CA SER D 305 -34.47 9.96 -10.75
C SER D 305 -33.59 9.31 -11.81
N PRO D 306 -32.27 9.27 -11.62
CA PRO D 306 -31.39 8.75 -12.67
C PRO D 306 -31.41 7.23 -12.81
N THR D 307 -32.14 6.51 -11.95
CA THR D 307 -32.14 5.06 -11.98
C THR D 307 -33.37 4.45 -12.63
N HIS D 308 -34.50 5.16 -12.64
CA HIS D 308 -35.71 4.57 -13.21
C HIS D 308 -36.49 5.54 -14.09
N GLY D 309 -35.86 6.61 -14.56
CA GLY D 309 -36.44 7.48 -15.58
C GLY D 309 -37.78 8.09 -15.25
N GLY D 310 -37.91 8.63 -14.04
CA GLY D 310 -39.14 9.30 -13.65
C GLY D 310 -38.86 10.24 -12.49
N LEU D 311 -39.92 10.91 -12.05
CA LEU D 311 -39.82 11.76 -10.88
C LEU D 311 -39.34 10.95 -9.69
N VAL D 312 -38.45 11.55 -8.89
CA VAL D 312 -37.92 10.85 -7.72
C VAL D 312 -39.07 10.56 -6.75
N GLU D 313 -39.09 9.34 -6.24
CA GLU D 313 -40.19 8.91 -5.39
C GLU D 313 -39.97 9.39 -3.96
N LEU D 314 -41.08 9.46 -3.21
CA LEU D 314 -41.02 9.91 -1.83
C LEU D 314 -40.22 8.92 -0.99
N GLY D 315 -39.45 9.45 -0.04
CA GLY D 315 -38.69 8.60 0.85
C GLY D 315 -37.47 7.96 0.23
N GLU D 316 -36.82 8.64 -0.70
CA GLU D 316 -35.59 8.14 -1.31
C GLU D 316 -34.39 8.79 -0.63
N ALA D 317 -33.42 7.97 -0.24
CA ALA D 317 -32.21 8.47 0.42
C ALA D 317 -31.27 9.07 -0.63
N VAL D 318 -31.69 10.21 -1.16
CA VAL D 318 -30.90 10.91 -2.16
C VAL D 318 -29.59 11.43 -1.59
N GLY D 319 -29.53 11.67 -0.28
CA GLY D 319 -28.26 12.05 0.34
C GLY D 319 -27.25 10.92 0.29
N ILE D 320 -27.71 9.69 0.48
CA ILE D 320 -26.81 8.54 0.39
C ILE D 320 -26.36 8.31 -1.04
N ILE D 321 -27.29 8.46 -2.00
CA ILE D 321 -26.96 8.25 -3.41
C ILE D 321 -25.94 9.27 -3.88
N ALA D 322 -26.10 10.52 -3.46
CA ALA D 322 -25.16 11.57 -3.87
C ALA D 322 -23.76 11.30 -3.34
N GLY D 323 -23.66 10.84 -2.09
CA GLY D 323 -22.35 10.55 -1.53
C GLY D 323 -21.64 9.40 -2.22
N GLN D 324 -22.38 8.32 -2.51
CA GLN D 324 -21.77 7.17 -3.16
C GLN D 324 -21.38 7.49 -4.60
N SER D 325 -22.23 8.12 -5.37
CA SER D 325 -21.90 8.32 -6.76
C SER D 325 -20.74 9.28 -7.00
N ILE D 326 -20.31 10.01 -5.99
CA ILE D 326 -19.19 10.90 -6.16
C ILE D 326 -18.08 10.38 -5.32
N GLY D 327 -18.14 9.12 -4.95
CA GLY D 327 -17.08 8.51 -4.19
C GLY D 327 -16.57 7.33 -4.97
N GLU D 328 -17.48 6.57 -5.55
CA GLU D 328 -17.07 5.47 -6.37
C GLU D 328 -16.12 5.97 -7.43
N PRO D 329 -16.57 6.89 -8.29
CA PRO D 329 -15.64 7.29 -9.35
C PRO D 329 -14.26 7.54 -8.83
N GLY D 330 -14.15 8.03 -7.63
CA GLY D 330 -12.86 8.37 -7.08
C GLY D 330 -11.76 7.36 -7.28
N THR D 331 -12.12 6.14 -7.58
CA THR D 331 -11.12 5.10 -7.74
C THR D 331 -10.87 4.82 -9.18
N GLN D 332 -11.36 5.64 -10.09
CA GLN D 332 -11.04 5.48 -11.50
C GLN D 332 -9.90 6.41 -11.58
N LEU D 333 -9.91 7.42 -10.73
CA LEU D 333 -8.78 8.28 -10.66
C LEU D 333 -7.74 7.30 -10.19
N THR D 334 -8.15 6.06 -9.87
CA THR D 334 -7.18 5.02 -9.53
C THR D 334 -7.27 3.86 -10.54
N LEU D 335 -8.44 3.23 -10.70
CA LEU D 335 -8.61 2.14 -11.65
C LEU D 335 -8.08 2.52 -13.03
N ARG D 336 -8.34 3.75 -13.49
CA ARG D 336 -7.79 4.19 -14.76
C ARG D 336 -6.27 4.30 -14.71
N THR D 337 -5.70 4.47 -13.52
CA THR D 337 -4.25 4.38 -13.36
C THR D 337 -3.78 2.97 -13.04
N PHE D 338 -4.70 2.03 -12.86
CA PHE D 338 -4.33 0.63 -12.61
C PHE D 338 -4.18 -0.14 -13.93
N HIS D 339 -3.47 0.48 -14.87
CA HIS D 339 -3.04 -0.23 -16.07
C HIS D 339 -1.66 0.20 -16.54
N THR D 340 -0.97 1.08 -15.83
CA THR D 340 0.26 1.69 -16.33
C THR D 340 1.16 2.06 -15.15
N GLY D 341 2.41 2.34 -15.47
CA GLY D 341 3.37 2.82 -14.50
C GLY D 341 4.61 3.39 -15.17
N GLY D 342 5.01 4.59 -14.77
CA GLY D 342 6.14 5.28 -15.36
C GLY D 342 5.78 6.12 -16.57
N VAL D 343 4.75 5.74 -17.32
CA VAL D 343 4.29 6.47 -18.48
C VAL D 343 2.87 6.95 -18.21
N PHE D 344 2.63 8.24 -18.44
CA PHE D 344 1.36 8.89 -18.12
C PHE D 344 0.90 9.71 -19.32
N THR D 345 -0.23 10.40 -19.14
CA THR D 345 -0.82 11.24 -20.16
C THR D 345 -0.61 12.70 -19.81
N GLY D 346 -0.08 13.47 -20.76
CA GLY D 346 0.21 14.88 -20.55
C GLY D 346 0.12 15.67 -21.83
N GLY D 347 1.05 16.60 -22.03
CA GLY D 347 1.07 17.46 -23.18
C GLY D 347 2.12 17.03 -24.20
N THR D 348 1.98 17.59 -25.40
CA THR D 348 2.85 17.26 -26.53
C THR D 348 3.20 18.56 -27.26
N ALA D 349 3.88 18.41 -28.40
CA ALA D 349 4.15 19.53 -29.29
C ALA D 349 3.76 19.15 -30.71
N GLU D 350 3.71 20.12 -31.62
CA GLU D 350 3.31 19.89 -33.00
C GLU D 350 4.53 19.88 -33.90
N HIS D 351 4.58 18.90 -34.80
CA HIS D 351 5.68 18.73 -35.74
C HIS D 351 5.11 18.61 -37.15
N VAL D 352 5.89 19.05 -38.13
CA VAL D 352 5.55 18.93 -39.54
C VAL D 352 6.54 17.98 -40.19
N ARG D 353 6.03 16.97 -40.88
CA ARG D 353 6.84 15.98 -41.56
C ARG D 353 6.69 16.14 -43.07
N ALA D 354 7.72 15.70 -43.79
CA ALA D 354 7.70 15.82 -45.25
C ALA D 354 6.58 14.96 -45.83
N PRO D 355 5.87 15.44 -46.85
CA PRO D 355 4.88 14.58 -47.53
C PRO D 355 5.50 13.34 -48.15
N SER D 356 6.70 13.45 -48.71
CA SER D 356 7.35 12.33 -49.40
C SER D 356 8.78 12.75 -49.72
N ASN D 357 9.51 11.86 -50.38
CA ASN D 357 10.86 12.19 -50.83
C ASN D 357 10.81 13.31 -51.85
N GLY D 358 11.78 14.22 -51.76
CA GLY D 358 11.81 15.34 -52.68
C GLY D 358 12.95 16.32 -52.45
N LYS D 359 12.69 17.59 -52.72
CA LYS D 359 13.71 18.64 -52.67
C LYS D 359 13.06 19.91 -52.14
N ILE D 360 13.36 20.25 -50.88
CA ILE D 360 12.75 21.42 -50.26
C ILE D 360 13.19 22.67 -51.00
N GLN D 361 12.21 23.49 -51.41
CA GLN D 361 12.48 24.76 -52.08
C GLN D 361 11.60 25.83 -51.47
N PHE D 362 12.20 26.99 -51.19
CA PHE D 362 11.46 28.14 -50.66
C PHE D 362 12.39 29.34 -50.72
N ASN D 363 11.87 30.48 -50.26
CA ASN D 363 12.62 31.74 -50.24
C ASN D 363 13.29 31.88 -48.87
N GLU D 364 14.61 31.82 -48.85
CA GLU D 364 15.36 31.94 -47.61
C GLU D 364 15.43 33.36 -47.09
N ASP D 365 14.88 34.31 -47.83
CA ASP D 365 14.98 35.71 -47.46
C ASP D 365 13.94 36.14 -46.47
N LEU D 366 12.83 35.44 -46.41
CA LEU D 366 11.78 35.91 -45.55
C LEU D 366 11.82 35.35 -44.14
N VAL D 367 12.85 34.59 -43.82
CA VAL D 367 12.91 33.95 -42.52
C VAL D 367 14.08 34.51 -41.78
N HIS D 368 14.09 34.41 -40.47
CA HIS D 368 15.15 35.05 -39.73
C HIS D 368 15.93 34.08 -38.89
N PRO D 369 17.24 34.01 -39.08
CA PRO D 369 18.06 33.04 -38.35
C PRO D 369 17.74 32.84 -36.88
N THR D 370 17.97 31.65 -36.33
CA THR D 370 17.68 31.34 -34.93
C THR D 370 18.49 30.19 -34.41
N ARG D 371 18.31 29.84 -33.14
CA ARG D 371 18.98 28.66 -32.56
C ARG D 371 17.96 27.86 -31.79
N THR D 372 17.71 26.62 -32.17
CA THR D 372 16.68 25.83 -31.54
C THR D 372 17.08 25.41 -30.13
N ARG D 373 16.07 25.07 -29.32
CA ARG D 373 16.32 24.66 -27.94
C ARG D 373 17.10 23.35 -27.86
N HIS D 374 17.21 22.62 -28.97
CA HIS D 374 18.08 21.46 -29.05
C HIS D 374 19.49 21.81 -29.50
N GLY D 375 19.76 23.09 -29.77
CA GLY D 375 21.08 23.52 -30.18
C GLY D 375 21.35 23.50 -31.66
N HIS D 376 20.32 23.46 -32.49
CA HIS D 376 20.52 23.37 -33.93
C HIS D 376 20.14 24.69 -34.61
N PRO D 377 20.81 25.05 -35.71
CA PRO D 377 20.36 26.19 -36.50
C PRO D 377 19.00 25.90 -37.14
N ALA D 378 18.20 26.96 -37.30
CA ALA D 378 16.86 26.82 -37.83
C ALA D 378 16.44 28.16 -38.42
N PHE D 379 15.15 28.33 -38.66
CA PHE D 379 14.63 29.53 -39.32
C PHE D 379 13.28 29.88 -38.70
N LEU D 380 13.21 30.98 -37.96
CA LEU D 380 11.90 31.52 -37.57
C LEU D 380 11.24 32.20 -38.75
N CYS D 381 9.96 31.88 -38.97
CA CYS D 381 9.14 32.56 -39.95
C CYS D 381 7.98 33.24 -39.23
N TYR D 382 7.81 34.53 -39.47
CA TYR D 382 6.75 35.30 -38.85
C TYR D 382 5.55 35.48 -39.77
N ILE D 383 5.58 34.88 -40.97
CA ILE D 383 4.51 34.99 -41.94
C ILE D 383 4.22 33.60 -42.50
N ASP D 384 3.20 33.52 -43.33
CA ASP D 384 2.79 32.26 -43.95
C ASP D 384 3.68 31.99 -45.15
N LEU D 385 4.58 31.02 -45.01
CA LEU D 385 5.41 30.59 -46.13
C LEU D 385 4.74 29.43 -46.87
N TYR D 386 5.23 29.16 -48.07
CA TYR D 386 4.79 28.03 -48.88
C TYR D 386 6.03 27.28 -49.34
N VAL D 387 6.51 26.38 -48.50
CA VAL D 387 7.66 25.54 -48.84
C VAL D 387 7.18 24.43 -49.76
N THR D 388 7.79 24.32 -50.93
CA THR D 388 7.40 23.33 -51.91
C THR D 388 8.42 22.21 -51.97
N ILE D 389 7.94 21.00 -52.25
CA ILE D 389 8.78 19.82 -52.36
C ILE D 389 8.54 19.19 -53.72
N GLU D 390 9.58 19.14 -54.55
CA GLU D 390 9.48 18.55 -55.87
C GLU D 390 9.64 17.04 -55.73
N SER D 391 8.52 16.36 -55.55
CA SER D 391 8.51 14.90 -55.42
C SER D 391 8.31 14.25 -56.79
N ASP D 392 9.30 14.49 -57.66
CA ASP D 392 9.27 14.01 -59.04
C ASP D 392 8.02 14.53 -59.75
N ASP D 393 6.97 13.72 -59.78
CA ASP D 393 5.75 14.06 -60.51
C ASP D 393 4.79 14.94 -59.71
N ILE D 394 5.01 15.08 -58.41
CA ILE D 394 4.09 15.81 -57.55
C ILE D 394 4.81 17.03 -56.97
N LEU D 395 4.03 18.04 -56.62
CA LEU D 395 4.53 19.33 -56.13
C LEU D 395 3.89 19.68 -54.79
N HIS D 396 3.93 18.74 -53.85
CA HIS D 396 3.36 18.92 -52.52
C HIS D 396 3.72 20.28 -51.93
N ASN D 397 2.69 21.05 -51.58
CA ASN D 397 2.86 22.32 -50.89
C ASN D 397 2.65 22.11 -49.40
N VAL D 398 3.60 22.58 -48.60
CA VAL D 398 3.53 22.45 -47.15
C VAL D 398 3.15 23.80 -46.57
N ASN D 399 2.17 23.80 -45.67
CA ASN D 399 1.66 25.02 -45.07
C ASN D 399 2.38 25.28 -43.76
N ILE D 400 3.07 26.42 -43.67
CA ILE D 400 3.83 26.77 -42.47
C ILE D 400 3.21 28.03 -41.84
N PRO D 401 2.50 27.89 -40.73
CA PRO D 401 1.95 29.06 -40.05
C PRO D 401 3.05 29.89 -39.41
N PRO D 402 2.77 31.13 -39.03
CA PRO D 402 3.81 31.97 -38.41
C PRO D 402 4.23 31.41 -37.05
N LYS D 403 5.30 32.01 -36.52
CA LYS D 403 5.93 31.56 -35.29
C LYS D 403 6.32 30.08 -35.38
N SER D 404 6.86 29.69 -36.53
CA SER D 404 7.33 28.33 -36.75
C SER D 404 8.85 28.30 -36.72
N PHE D 405 9.40 27.09 -36.84
CA PHE D 405 10.81 26.84 -36.57
C PHE D 405 11.43 25.97 -37.67
N LEU D 406 11.26 26.38 -38.92
CA LEU D 406 11.81 25.66 -40.06
C LEU D 406 13.23 25.17 -39.79
N LEU D 407 13.42 23.84 -39.86
CA LEU D 407 14.67 23.19 -39.52
C LEU D 407 15.46 22.76 -40.74
N VAL D 408 15.07 23.21 -41.93
CA VAL D 408 15.64 22.72 -43.17
C VAL D 408 16.11 23.90 -44.00
N GLN D 409 17.03 23.68 -44.93
CA GLN D 409 17.54 24.73 -45.74
C GLN D 409 16.97 24.67 -47.10
N ASN D 410 17.40 25.55 -47.97
CA ASN D 410 16.92 25.57 -49.34
C ASN D 410 17.64 24.52 -50.18
N ASP D 411 16.91 23.90 -51.11
CA ASP D 411 17.44 22.87 -51.99
C ASP D 411 18.01 21.68 -51.22
N GLN D 412 17.40 21.36 -50.07
CA GLN D 412 17.86 20.24 -49.26
C GLN D 412 16.98 19.02 -49.51
N TYR D 413 17.63 17.89 -49.77
CA TYR D 413 16.91 16.63 -49.96
C TYR D 413 16.37 16.13 -48.63
N VAL D 414 15.10 15.73 -48.61
CA VAL D 414 14.46 15.25 -47.40
C VAL D 414 13.87 13.87 -47.67
N GLU D 415 13.76 13.08 -46.61
CA GLU D 415 13.22 11.73 -46.71
C GLU D 415 11.70 11.77 -46.53
N SER D 416 11.07 10.62 -46.53
CA SER D 416 9.63 10.61 -46.48
C SER D 416 9.15 11.23 -45.24
N GLU D 417 9.23 10.50 -44.16
CA GLU D 417 8.71 11.02 -42.90
C GLU D 417 9.89 11.46 -42.03
N GLN D 418 10.02 12.77 -41.84
CA GLN D 418 11.12 13.35 -41.09
C GLN D 418 10.79 14.80 -40.78
N VAL D 419 10.96 15.21 -39.52
CA VAL D 419 10.52 16.53 -39.09
C VAL D 419 11.33 17.61 -39.83
N ILE D 420 10.61 18.52 -40.48
CA ILE D 420 11.25 19.61 -41.20
C ILE D 420 10.93 20.98 -40.63
N ALA D 421 9.89 21.10 -39.81
CA ALA D 421 9.52 22.40 -39.25
C ALA D 421 8.62 22.20 -38.04
N GLU D 422 8.96 22.86 -36.94
CA GLU D 422 8.06 22.92 -35.79
C GLU D 422 6.92 23.90 -36.09
N ILE D 423 5.79 23.69 -35.42
CA ILE D 423 4.60 24.49 -35.70
C ILE D 423 4.56 25.71 -34.80
N ARG D 424 4.57 25.51 -33.49
CA ARG D 424 4.36 26.62 -32.57
C ARG D 424 5.09 26.37 -31.26
N ALA D 425 5.86 27.37 -30.83
CA ALA D 425 6.45 27.46 -29.49
C ALA D 425 7.38 26.26 -29.27
N GLY D 426 7.33 25.58 -28.13
CA GLY D 426 8.31 24.58 -27.77
C GLY D 426 8.23 24.17 -26.32
N THR D 427 9.37 24.20 -25.63
CA THR D 427 9.46 23.91 -24.19
C THR D 427 9.16 22.45 -23.89
N SER D 428 8.92 22.13 -22.61
CA SER D 428 8.71 20.76 -22.18
C SER D 428 7.28 20.27 -22.40
N THR D 429 6.52 20.97 -23.26
CA THR D 429 5.18 20.53 -23.67
C THR D 429 4.25 20.38 -22.46
N LEU D 430 4.07 21.48 -21.74
CA LEU D 430 3.18 21.51 -20.59
C LEU D 430 2.84 22.97 -20.29
N ASN D 431 2.27 23.23 -19.11
CA ASN D 431 1.53 24.47 -18.87
C ASN D 431 2.42 25.62 -18.38
N PHE D 432 3.05 25.47 -17.21
CA PHE D 432 3.73 26.58 -16.55
C PHE D 432 5.13 26.17 -16.11
N LYS D 433 5.95 27.18 -15.79
CA LYS D 433 7.38 27.00 -15.66
C LYS D 433 7.80 26.64 -14.23
N GLU D 434 8.92 25.92 -14.14
CA GLU D 434 9.58 25.56 -12.88
C GLU D 434 11.05 25.96 -12.94
N ARG D 435 11.86 25.45 -12.02
CA ARG D 435 13.30 25.69 -12.08
C ARG D 435 14.03 24.47 -11.53
N VAL D 436 14.88 23.85 -12.35
CA VAL D 436 15.58 22.63 -12.00
C VAL D 436 17.07 22.80 -12.33
N ARG D 437 17.91 22.08 -11.59
CA ARG D 437 19.35 22.07 -11.79
C ARG D 437 19.78 20.84 -12.57
N LYS D 438 20.98 20.91 -13.16
CA LYS D 438 21.45 19.85 -14.04
C LYS D 438 22.74 19.18 -13.57
N HIS D 439 23.76 19.97 -13.23
CA HIS D 439 25.09 19.47 -12.86
C HIS D 439 25.78 18.79 -14.05
N ILE D 440 27.10 18.64 -13.99
CA ILE D 440 27.91 18.19 -15.12
C ILE D 440 28.53 16.83 -14.88
N TYR D 441 29.20 16.64 -13.74
CA TYR D 441 29.90 15.39 -13.42
C TYR D 441 30.98 15.10 -14.48
N SER D 442 32.01 15.95 -14.47
CA SER D 442 33.10 15.88 -15.43
C SER D 442 33.70 14.48 -15.56
N ASP D 443 34.35 14.21 -16.68
CA ASP D 443 34.86 12.87 -17.00
C ASP D 443 36.34 12.89 -17.31
N SER D 444 37.11 13.62 -16.51
CA SER D 444 38.56 13.70 -16.68
C SER D 444 39.17 14.18 -15.38
N GLU D 445 40.46 14.49 -15.41
CA GLU D 445 41.19 14.93 -14.22
C GLU D 445 42.14 16.05 -14.60
N GLY D 446 42.12 17.13 -13.81
CA GLY D 446 43.16 18.14 -13.92
C GLY D 446 42.74 19.53 -14.35
N GLU D 447 42.88 20.49 -13.42
CA GLU D 447 42.76 21.93 -13.59
C GLU D 447 41.63 22.44 -14.50
N MET D 448 41.63 23.74 -14.76
CA MET D 448 40.63 24.40 -15.60
C MET D 448 41.17 25.78 -15.96
N HIS D 449 40.55 26.40 -16.97
CA HIS D 449 41.28 27.39 -17.76
C HIS D 449 40.62 28.76 -17.94
N TRP D 450 39.30 28.93 -17.77
CA TRP D 450 38.68 30.23 -18.03
C TRP D 450 38.90 30.70 -19.46
N SER D 451 39.90 31.57 -19.61
CA SER D 451 40.45 32.21 -20.80
C SER D 451 39.63 33.38 -21.32
N THR D 452 38.39 33.59 -20.88
CA THR D 452 37.62 34.78 -21.22
C THR D 452 36.23 34.69 -20.59
N ASP D 453 35.55 35.83 -20.54
CA ASP D 453 34.11 35.92 -20.32
C ASP D 453 33.65 35.21 -19.04
N VAL D 454 34.46 35.24 -18.00
CA VAL D 454 34.06 34.76 -16.68
C VAL D 454 34.54 35.78 -15.65
N TYR D 455 33.69 36.04 -14.66
CA TYR D 455 34.04 37.00 -13.62
C TYR D 455 35.20 36.46 -12.79
N HIS D 456 36.23 37.27 -12.60
CA HIS D 456 37.38 36.87 -11.80
C HIS D 456 37.19 37.22 -10.32
N ALA D 457 36.05 36.84 -9.76
CA ALA D 457 35.74 37.15 -8.38
C ALA D 457 34.70 36.18 -7.84
N PRO D 458 35.00 35.44 -6.78
CA PRO D 458 34.04 34.47 -6.25
C PRO D 458 32.94 35.17 -5.45
N GLU D 459 31.70 35.08 -5.93
CA GLU D 459 30.57 35.49 -5.12
C GLU D 459 30.47 34.59 -3.89
N PHE D 460 29.88 35.15 -2.83
CA PHE D 460 29.78 34.47 -1.53
C PHE D 460 31.17 34.08 -1.03
N THR D 461 31.94 35.11 -0.71
CA THR D 461 33.33 34.95 -0.29
C THR D 461 33.46 33.86 0.76
N TYR D 462 34.65 33.24 0.80
CA TYR D 462 34.88 31.94 1.43
C TYR D 462 34.10 30.86 0.69
N GLY D 463 34.26 30.84 -0.63
CA GLY D 463 33.58 29.88 -1.48
C GLY D 463 34.33 29.62 -2.77
N ASN D 464 33.69 28.93 -3.72
CA ASN D 464 34.34 28.55 -4.96
C ASN D 464 33.46 28.78 -6.19
N VAL D 465 32.38 29.55 -6.07
CA VAL D 465 31.40 29.68 -7.13
C VAL D 465 31.66 30.97 -7.89
N HIS D 466 31.84 30.85 -9.19
CA HIS D 466 31.98 31.99 -10.10
C HIS D 466 30.77 32.06 -11.03
N LEU D 467 30.58 33.21 -11.66
CA LEU D 467 29.47 33.43 -12.56
C LEU D 467 29.97 33.90 -13.92
N LEU D 468 29.23 33.53 -14.96
CA LEU D 468 29.61 33.80 -16.34
C LEU D 468 28.73 34.89 -16.92
N PRO D 469 29.29 36.05 -17.31
CA PRO D 469 28.45 37.09 -17.92
C PRO D 469 27.79 36.69 -19.22
N LYS D 470 28.56 36.34 -20.25
CA LYS D 470 27.95 36.06 -21.55
C LYS D 470 27.85 34.58 -21.87
N THR D 471 28.99 33.91 -21.99
CA THR D 471 29.13 32.48 -22.23
C THR D 471 30.62 32.20 -22.36
N SER D 472 31.02 30.95 -22.20
CA SER D 472 32.44 30.63 -22.37
C SER D 472 32.60 29.11 -22.53
N HIS D 473 33.86 28.68 -22.57
CA HIS D 473 34.24 27.27 -22.58
C HIS D 473 35.14 27.00 -21.39
N LEU D 474 34.86 25.93 -20.66
CA LEU D 474 35.69 25.50 -19.55
C LEU D 474 36.46 24.26 -19.97
N TRP D 475 37.79 24.35 -19.88
CA TRP D 475 38.67 23.27 -20.32
C TRP D 475 39.15 22.48 -19.11
N VAL D 476 39.45 21.21 -19.32
CA VAL D 476 39.99 20.33 -18.28
C VAL D 476 41.24 19.70 -18.86
N LEU D 477 42.40 20.29 -18.58
CA LEU D 477 43.66 19.79 -19.10
C LEU D 477 44.02 18.50 -18.37
N SER D 478 44.15 17.41 -19.13
CA SER D 478 44.35 16.10 -18.54
C SER D 478 45.66 16.04 -17.76
N GLY D 479 45.59 15.40 -16.59
CA GLY D 479 46.75 15.20 -15.73
C GLY D 479 46.38 14.21 -14.66
N LYS D 480 47.37 13.86 -13.84
CA LYS D 480 47.15 12.91 -12.75
C LYS D 480 47.27 13.63 -11.42
N PRO D 481 46.16 13.97 -10.77
CA PRO D 481 46.23 14.75 -9.53
C PRO D 481 46.51 13.88 -8.32
N TYR D 482 47.33 14.42 -7.42
CA TYR D 482 47.65 13.76 -6.17
C TYR D 482 47.63 14.79 -5.05
N ARG D 483 47.22 14.35 -3.86
CA ARG D 483 47.12 15.21 -2.68
C ARG D 483 48.30 14.94 -1.77
N SER D 484 48.98 16.00 -1.33
CA SER D 484 50.16 15.85 -0.50
C SER D 484 50.48 17.19 0.16
N SER D 485 50.69 17.18 1.47
CA SER D 485 50.97 18.39 2.22
C SER D 485 52.45 18.56 2.52
N VAL D 486 53.31 17.79 1.85
CA VAL D 486 54.75 17.87 2.03
C VAL D 486 55.45 18.41 0.79
N VAL D 487 54.67 18.87 -0.21
CA VAL D 487 55.28 19.36 -1.45
C VAL D 487 56.20 20.56 -1.25
N PRO D 488 55.88 21.57 -0.42
CA PRO D 488 56.75 22.77 -0.41
C PRO D 488 58.17 22.51 0.03
N PHE D 489 58.44 21.42 0.74
CA PHE D 489 59.79 21.11 1.22
C PHE D 489 60.20 19.68 0.88
N SER D 490 59.60 19.09 -0.15
CA SER D 490 59.93 17.74 -0.58
C SER D 490 61.14 17.78 -1.51
N LEU D 491 61.42 16.66 -2.16
CA LEU D 491 62.52 16.55 -3.10
C LEU D 491 62.08 16.63 -4.55
N SER D 492 60.80 16.40 -4.84
CA SER D 492 60.27 16.46 -6.20
C SER D 492 59.90 17.91 -6.49
N LYS D 493 60.74 18.59 -7.27
CA LYS D 493 60.53 19.99 -7.62
C LYS D 493 59.63 20.08 -8.84
N ASP D 494 59.56 21.26 -9.46
CA ASP D 494 58.54 21.58 -10.46
C ASP D 494 58.45 20.60 -11.61
N GLN D 495 59.49 20.49 -12.42
CA GLN D 495 59.46 19.67 -13.64
C GLN D 495 60.54 18.59 -13.53
N ASP D 496 60.19 17.49 -12.88
CA ASP D 496 61.12 16.38 -12.66
C ASP D 496 60.52 15.10 -13.21
N GLN D 497 61.39 14.22 -13.71
CA GLN D 497 60.97 12.96 -14.30
C GLN D 497 61.18 11.82 -13.30
N MET D 498 60.12 11.07 -13.04
CA MET D 498 60.19 9.97 -12.08
C MET D 498 59.31 8.83 -12.54
N ASN D 499 59.66 7.62 -12.12
CA ASN D 499 58.71 6.52 -12.14
C ASN D 499 57.74 6.67 -10.98
N THR D 500 56.46 6.42 -11.25
CA THR D 500 55.47 6.56 -10.18
C THR D 500 55.30 5.24 -9.42
N HIS D 501 56.43 4.61 -9.08
CA HIS D 501 56.43 3.46 -8.19
C HIS D 501 57.65 3.43 -7.28
N SER D 502 58.45 4.50 -7.25
CA SER D 502 59.77 4.48 -6.64
C SER D 502 59.76 5.20 -5.29
N LEU D 503 60.94 5.29 -4.69
CA LEU D 503 61.07 5.92 -3.37
C LEU D 503 60.72 7.40 -3.41
N SER D 504 61.14 8.10 -4.47
CA SER D 504 60.88 9.53 -4.56
C SER D 504 59.38 9.81 -4.60
N PHE D 505 58.62 9.01 -5.35
CA PHE D 505 57.18 9.17 -5.37
C PHE D 505 56.56 8.88 -4.00
N GLU D 506 57.04 7.84 -3.32
CA GLU D 506 56.46 7.48 -2.03
C GLU D 506 56.79 8.49 -0.94
N GLN D 507 57.81 9.32 -1.14
CA GLN D 507 58.06 10.43 -0.22
C GLN D 507 56.93 11.43 -0.24
N ILE D 508 56.21 11.51 -1.37
CA ILE D 508 55.13 12.47 -1.56
C ILE D 508 53.80 11.81 -1.24
N TYR D 509 53.48 10.74 -1.94
CA TYR D 509 52.19 10.08 -1.80
C TYR D 509 52.33 8.70 -1.18
N LYS D 562 49.80 -27.81 45.39
CA LYS D 562 48.46 -27.26 45.58
C LYS D 562 47.59 -28.19 46.41
N ARG D 563 48.23 -29.11 47.13
CA ARG D 563 47.49 -30.03 47.99
C ARG D 563 46.79 -29.32 49.13
N ARG D 564 47.37 -28.25 49.65
CA ARG D 564 46.78 -27.48 50.74
C ARG D 564 46.83 -26.00 50.40
N ASN D 565 45.90 -25.24 50.97
CA ASN D 565 45.82 -23.80 50.75
C ASN D 565 46.74 -23.03 51.70
N ARG D 566 48.01 -23.42 51.72
CA ARG D 566 48.99 -22.77 52.58
C ARG D 566 50.38 -22.99 51.98
N PHE D 567 51.21 -21.95 52.07
CA PHE D 567 52.58 -22.00 51.58
C PHE D 567 53.53 -21.46 52.63
N ILE D 568 54.64 -22.16 52.84
CA ILE D 568 55.66 -21.75 53.81
C ILE D 568 56.84 -21.15 53.07
N ILE D 569 57.07 -19.86 53.26
CA ILE D 569 58.20 -19.15 52.66
C ILE D 569 59.29 -19.02 53.72
N PRO D 570 60.38 -19.77 53.54
CA PRO D 570 61.45 -19.79 54.52
C PRO D 570 62.30 -18.53 54.42
N PHE D 571 62.56 -17.90 55.55
CA PHE D 571 63.43 -16.73 55.63
C PHE D 571 64.83 -17.19 56.02
N GLN D 572 65.81 -16.89 55.16
CA GLN D 572 67.17 -17.35 55.40
C GLN D 572 67.77 -16.68 56.63
N GLY D 573 68.60 -17.43 57.36
CA GLY D 573 69.24 -16.92 58.55
C GLY D 573 70.63 -16.39 58.22
N SER D 574 71.09 -15.43 59.02
CA SER D 574 72.38 -14.81 58.82
C SER D 574 73.49 -15.69 59.39
N GLN D 575 74.73 -15.33 59.07
CA GLN D 575 75.90 -16.07 59.52
C GLN D 575 76.36 -15.67 60.92
N GLU D 576 75.54 -14.91 61.66
CA GLU D 576 75.89 -14.49 63.01
C GLU D 576 75.48 -15.48 64.07
N ARG D 577 74.73 -16.52 63.72
CA ARG D 577 74.27 -17.54 64.67
C ARG D 577 74.67 -18.90 64.14
N LYS D 578 75.63 -19.55 64.83
CA LYS D 578 76.10 -20.87 64.43
C LYS D 578 76.22 -21.80 65.62
N LYS D 579 75.63 -21.45 66.77
CA LYS D 579 75.67 -22.29 67.96
C LYS D 579 74.32 -22.85 68.36
N GLU D 580 73.22 -22.22 67.93
CA GLU D 580 71.88 -22.69 68.23
C GLU D 580 71.20 -23.11 66.93
N LEU D 581 70.76 -24.35 66.87
CA LEU D 581 70.07 -24.88 65.69
C LEU D 581 68.56 -24.65 65.76
N MET D 582 68.18 -23.40 65.99
CA MET D 582 66.77 -23.04 66.05
C MET D 582 66.14 -23.14 64.66
N SER D 583 64.94 -23.72 64.61
CA SER D 583 64.24 -23.84 63.34
C SER D 583 63.71 -22.48 62.88
N LEU D 584 63.94 -22.16 61.62
CA LEU D 584 63.47 -20.90 61.06
C LEU D 584 61.99 -21.05 60.72
N SER D 585 61.14 -20.36 61.47
CA SER D 585 59.69 -20.43 61.27
C SER D 585 59.34 -19.73 59.96
N GLY D 586 59.13 -20.52 58.92
CA GLY D 586 58.79 -19.95 57.62
C GLY D 586 57.46 -19.22 57.68
N ILE D 587 57.40 -18.09 56.99
CA ILE D 587 56.15 -17.33 56.92
C ILE D 587 55.08 -18.16 56.24
N SER D 588 53.98 -18.41 56.97
CA SER D 588 52.88 -19.22 56.46
C SER D 588 51.83 -18.29 55.84
N ILE D 589 51.54 -18.50 54.56
CA ILE D 589 50.60 -17.67 53.83
C ILE D 589 49.46 -18.51 53.30
N GLU D 590 48.27 -17.91 53.26
CA GLU D 590 47.09 -18.56 52.70
C GLU D 590 47.09 -18.35 51.19
N ILE D 591 47.41 -19.40 50.44
CA ILE D 591 47.52 -19.33 48.99
C ILE D 591 46.39 -20.11 48.34
N PRO D 592 45.91 -19.61 47.21
CA PRO D 592 44.84 -20.28 46.47
C PRO D 592 45.37 -21.53 45.79
N ILE D 593 44.44 -22.35 45.28
CA ILE D 593 44.83 -23.56 44.58
C ILE D 593 45.61 -23.23 43.31
N ASN D 594 45.17 -22.22 42.57
CA ASN D 594 45.85 -21.76 41.36
C ASN D 594 46.93 -20.74 41.65
N GLY D 595 47.37 -20.63 42.90
CA GLY D 595 48.43 -19.73 43.35
C GLY D 595 48.07 -18.25 43.16
N ILE D 596 46.84 -17.94 42.76
CA ILE D 596 46.40 -16.56 42.56
C ILE D 596 45.58 -16.15 43.77
N PHE D 597 46.24 -15.51 44.73
CA PHE D 597 45.57 -15.05 45.95
C PHE D 597 45.08 -13.62 45.73
N ARG D 598 44.64 -12.98 46.81
CA ARG D 598 44.14 -11.61 46.73
C ARG D 598 44.34 -10.91 48.06
N LYS D 599 44.32 -9.59 48.01
CA LYS D 599 44.39 -8.77 49.22
C LYS D 599 43.02 -8.67 49.86
N ASN D 600 42.92 -7.90 50.94
CA ASN D 600 41.70 -7.74 51.72
C ASN D 600 41.17 -9.06 52.25
N SER D 601 42.06 -10.00 52.56
CA SER D 601 41.71 -11.32 53.07
C SER D 601 42.69 -11.70 54.16
N ILE D 602 42.59 -12.95 54.63
CA ILE D 602 43.50 -13.46 55.64
C ILE D 602 44.90 -13.58 55.07
N PHE D 603 45.79 -12.67 55.47
CA PHE D 603 47.13 -12.58 54.91
C PHE D 603 48.05 -13.60 55.58
N ALA D 604 49.34 -13.51 55.30
CA ALA D 604 50.31 -14.45 55.83
C ALA D 604 50.48 -14.27 57.33
N TYR D 605 50.84 -15.37 58.00
CA TYR D 605 51.09 -15.38 59.43
C TYR D 605 52.37 -16.15 59.72
N PHE D 606 53.08 -15.72 60.76
CA PHE D 606 54.33 -16.35 61.18
C PHE D 606 54.23 -16.70 62.65
N ASP D 607 54.60 -17.94 63.00
CA ASP D 607 54.57 -18.42 64.38
C ASP D 607 55.90 -18.05 65.03
N ASP D 608 55.86 -17.02 65.88
CA ASP D 608 57.07 -16.60 66.59
C ASP D 608 57.51 -17.65 67.60
N PRO D 609 58.82 -17.90 67.64
CA PRO D 609 59.40 -18.87 68.56
C PRO D 609 59.78 -18.25 69.91
N ARG D 610 59.55 -16.95 70.09
CA ARG D 610 59.89 -16.32 71.36
C ARG D 610 59.01 -16.83 72.49
N TYR D 611 57.72 -17.03 72.23
CA TYR D 611 56.75 -17.45 73.24
C TYR D 611 56.16 -18.82 72.92
N ARG D 612 57.01 -19.75 72.50
CA ARG D 612 56.59 -21.11 72.19
C ARG D 612 57.19 -22.07 73.22
N ARG D 613 56.32 -22.84 73.89
CA ARG D 613 56.75 -23.78 74.92
C ARG D 613 55.99 -25.08 74.77
N LYS D 614 56.70 -26.19 74.99
CA LYS D 614 56.11 -27.53 74.91
C LYS D 614 55.63 -28.06 76.25
N SER D 615 55.71 -27.25 77.31
CA SER D 615 55.29 -27.66 78.64
C SER D 615 53.97 -26.98 78.99
N SER D 616 53.04 -27.75 79.53
CA SER D 616 51.74 -27.20 79.91
C SER D 616 51.90 -26.10 80.96
N GLY D 617 51.26 -24.97 80.72
CA GLY D 617 51.41 -23.82 81.60
C GLY D 617 50.11 -23.04 81.65
N ILE D 618 49.89 -22.37 82.78
CA ILE D 618 48.75 -21.48 82.98
C ILE D 618 49.24 -20.04 82.94
N THR D 619 48.61 -19.23 82.12
CA THR D 619 49.01 -17.84 81.91
C THR D 619 47.91 -16.90 82.39
N LYS D 620 48.31 -15.83 83.07
CA LYS D 620 47.41 -14.79 83.54
C LYS D 620 48.00 -13.44 83.18
N TYR D 621 47.15 -12.54 82.67
CA TYR D 621 47.57 -11.21 82.26
C TYR D 621 47.30 -10.21 83.39
N GLY D 622 48.16 -9.20 83.48
CA GLY D 622 48.00 -8.18 84.49
C GLY D 622 46.74 -7.36 84.25
N THR D 623 46.17 -6.84 85.34
CA THR D 623 44.95 -6.06 85.25
C THR D 623 45.18 -4.81 84.40
N ILE D 624 44.25 -4.56 83.47
CA ILE D 624 44.35 -3.42 82.57
C ILE D 624 42.95 -3.07 82.10
N GLU D 625 42.88 -2.13 81.16
CA GLU D 625 41.60 -1.71 80.59
C GLU D 625 41.19 -2.69 79.50
N MET D 626 40.08 -3.39 79.74
CA MET D 626 39.56 -4.39 78.81
C MET D 626 38.22 -3.91 78.28
N HIS D 627 38.25 -3.27 77.11
CA HIS D 627 37.04 -2.80 76.42
C HIS D 627 36.97 -3.55 75.09
N SER D 628 36.11 -4.56 75.03
CA SER D 628 36.03 -5.44 73.86
C SER D 628 35.42 -4.67 72.70
N ILE D 629 36.27 -4.24 71.76
CA ILE D 629 35.82 -3.57 70.55
C ILE D 629 35.60 -4.57 69.42
N VAL D 630 34.80 -5.60 69.70
CA VAL D 630 34.51 -6.64 68.72
C VAL D 630 33.24 -7.36 69.16
N LYS D 631 32.17 -7.21 68.39
CA LYS D 631 30.93 -7.90 68.70
C LYS D 631 31.06 -9.39 68.45
N LYS D 632 30.16 -10.16 69.06
CA LYS D 632 30.18 -11.61 68.90
C LYS D 632 29.94 -12.00 67.45
N GLU D 633 30.73 -12.93 66.95
CA GLU D 633 30.62 -13.43 65.59
C GLU D 633 30.04 -14.83 65.63
N ASP D 634 29.00 -15.07 64.83
CA ASP D 634 28.35 -16.37 64.79
C ASP D 634 29.32 -17.44 64.32
N LEU D 635 29.33 -18.57 65.02
CA LEU D 635 30.28 -19.64 64.71
C LEU D 635 29.87 -20.33 63.41
N ILE D 636 30.84 -20.51 62.52
CA ILE D 636 30.65 -21.21 61.25
C ILE D 636 31.37 -22.54 61.34
N GLU D 637 30.62 -23.62 61.51
CA GLU D 637 31.22 -24.95 61.63
C GLU D 637 31.84 -25.38 60.31
N TYR D 638 33.01 -26.00 60.40
CA TYR D 638 33.73 -26.51 59.23
C TYR D 638 34.13 -27.96 59.51
N ARG D 639 33.22 -28.89 59.22
CA ARG D 639 33.46 -30.33 59.34
C ARG D 639 33.88 -30.72 60.76
N GLY D 640 33.42 -29.95 61.76
CA GLY D 640 33.73 -30.20 63.15
C GLY D 640 35.24 -30.28 63.39
N VAL D 641 35.98 -29.35 62.80
CA VAL D 641 37.43 -29.26 62.96
C VAL D 641 37.75 -28.14 63.94
N LYS D 642 38.34 -28.50 65.08
CA LYS D 642 38.64 -27.54 66.15
C LYS D 642 39.99 -26.91 65.87
N GLU D 643 40.00 -25.94 64.96
CA GLU D 643 41.21 -25.21 64.64
C GLU D 643 41.51 -24.16 65.72
N PHE D 644 42.70 -23.58 65.64
CA PHE D 644 43.13 -22.57 66.59
C PHE D 644 42.62 -21.21 66.15
N ARG D 645 41.74 -20.62 66.94
CA ARG D 645 41.16 -19.31 66.67
C ARG D 645 41.68 -18.29 67.66
N PRO D 646 42.08 -17.12 67.15
CA PRO D 646 42.61 -16.04 67.99
C PRO D 646 41.44 -15.27 68.61
N LYS D 647 40.91 -15.84 69.69
CA LYS D 647 39.77 -15.25 70.37
C LYS D 647 40.14 -14.11 71.31
N TYR D 648 41.43 -13.92 71.60
CA TYR D 648 41.89 -12.88 72.52
C TYR D 648 42.93 -12.02 71.78
N GLN D 649 42.44 -11.01 71.07
CA GLN D 649 43.31 -10.04 70.38
C GLN D 649 43.36 -8.78 71.24
N MET D 650 44.15 -8.86 72.31
CA MET D 650 44.26 -7.78 73.28
C MET D 650 45.67 -7.20 73.27
N LYS D 651 45.75 -5.87 73.45
CA LYS D 651 47.03 -5.18 73.53
C LYS D 651 47.59 -5.36 74.95
N VAL D 652 48.08 -6.56 75.21
CA VAL D 652 48.58 -6.92 76.53
C VAL D 652 50.05 -6.54 76.65
N ASP D 653 50.37 -5.72 77.65
CA ASP D 653 51.75 -5.30 77.85
C ASP D 653 52.60 -6.39 78.50
N ARG D 654 52.00 -7.20 79.38
CA ARG D 654 52.76 -8.23 80.08
C ARG D 654 51.79 -9.31 80.57
N PHE D 655 52.35 -10.49 80.82
CA PHE D 655 51.61 -11.61 81.37
C PHE D 655 52.59 -12.54 82.06
N PHE D 656 52.06 -13.41 82.93
CA PHE D 656 52.87 -14.37 83.68
C PHE D 656 52.33 -15.76 83.43
N PHE D 657 53.19 -16.66 82.96
CA PHE D 657 52.84 -18.05 82.70
C PHE D 657 53.67 -18.95 83.59
N ILE D 658 53.00 -19.81 84.34
CA ILE D 658 53.64 -20.77 85.23
C ILE D 658 53.41 -22.18 84.70
N PRO D 659 54.49 -22.95 84.58
CA PRO D 659 54.41 -24.27 83.98
C PRO D 659 53.78 -25.27 84.95
N GLU D 660 53.38 -26.41 84.40
CA GLU D 660 52.79 -27.49 85.18
C GLU D 660 53.03 -28.81 84.46
N GLU D 661 52.90 -29.90 85.21
CA GLU D 661 53.09 -31.24 84.68
C GLU D 661 51.75 -31.97 84.68
N VAL D 662 51.32 -32.44 83.52
CA VAL D 662 50.04 -33.12 83.38
C VAL D 662 50.22 -34.45 82.67
N HIS D 663 49.55 -35.48 83.19
CA HIS D 663 49.57 -36.82 82.60
C HIS D 663 48.14 -37.27 82.41
N ILE D 664 47.78 -37.59 81.17
CA ILE D 664 46.44 -38.07 80.83
C ILE D 664 46.50 -39.58 80.64
N LEU D 665 46.38 -40.30 81.76
CA LEU D 665 46.46 -41.74 81.72
C LEU D 665 45.10 -42.35 81.37
N ALA D 666 45.14 -43.61 80.96
CA ALA D 666 43.92 -44.31 80.60
C ALA D 666 43.05 -44.54 81.84
N GLY D 667 41.74 -44.67 81.60
CA GLY D 667 40.81 -44.88 82.70
C GLY D 667 41.08 -46.19 83.42
N SER D 668 41.39 -47.25 82.67
CA SER D 668 41.70 -48.55 83.23
C SER D 668 43.20 -48.75 83.48
N SER D 669 44.01 -47.72 83.24
CA SER D 669 45.45 -47.85 83.44
C SER D 669 45.79 -47.95 84.92
N SER D 670 46.97 -48.48 85.19
CA SER D 670 47.44 -48.65 86.57
C SER D 670 47.99 -47.33 87.09
N ILE D 671 47.41 -46.84 88.18
CA ILE D 671 47.84 -45.60 88.82
C ILE D 671 48.46 -45.93 90.17
N MET D 672 49.69 -45.48 90.39
CA MET D 672 50.40 -45.72 91.63
C MET D 672 50.31 -44.56 92.61
N VAL D 673 49.95 -43.36 92.14
CA VAL D 673 49.87 -42.18 92.99
C VAL D 673 48.41 -41.80 93.20
N ARG D 674 48.05 -41.56 94.45
CA ARG D 674 46.70 -41.14 94.79
C ARG D 674 46.53 -39.64 94.54
N ASN D 675 45.28 -39.19 94.53
CA ASN D 675 44.98 -37.78 94.35
C ASN D 675 45.43 -36.98 95.57
N ASN D 676 45.91 -35.76 95.32
CA ASN D 676 46.37 -34.85 96.36
C ASN D 676 47.46 -35.51 97.23
N SER D 677 48.42 -36.15 96.57
CA SER D 677 49.53 -36.80 97.24
C SER D 677 50.83 -36.12 96.83
N ILE D 678 51.66 -35.81 97.82
CA ILE D 678 52.93 -35.13 97.56
C ILE D 678 53.97 -36.17 97.11
N ILE D 679 54.46 -36.03 95.88
CA ILE D 679 55.43 -36.94 95.32
C ILE D 679 56.65 -36.17 94.83
N GLY D 680 57.81 -36.81 94.92
CA GLY D 680 59.07 -36.22 94.47
C GLY D 680 59.26 -36.52 92.99
N VAL D 681 60.45 -36.25 92.47
CA VAL D 681 60.74 -36.52 91.07
C VAL D 681 60.91 -38.01 90.84
N ASP D 682 60.80 -38.40 89.56
CA ASP D 682 60.94 -39.79 89.13
C ASP D 682 59.94 -40.70 89.84
N THR D 683 58.73 -40.20 90.04
CA THR D 683 57.65 -40.97 90.65
C THR D 683 56.87 -41.66 89.54
N TRP D 684 56.97 -42.99 89.49
CA TRP D 684 56.32 -43.77 88.44
C TRP D 684 54.82 -43.82 88.72
N ILE D 685 54.06 -42.95 88.06
CA ILE D 685 52.61 -42.94 88.23
C ILE D 685 51.94 -44.12 87.53
N THR D 686 52.60 -44.73 86.56
CA THR D 686 52.03 -45.86 85.82
C THR D 686 53.14 -46.88 85.57
N LEU D 687 52.86 -47.84 84.71
CA LEU D 687 53.86 -48.86 84.38
C LEU D 687 55.03 -48.27 83.60
N ASN D 688 54.74 -47.40 82.62
CA ASN D 688 55.79 -46.83 81.78
C ASN D 688 55.70 -45.31 81.75
N THR D 689 55.16 -44.71 82.81
CA THR D 689 55.07 -43.26 82.93
C THR D 689 55.87 -42.81 84.15
N ARG D 690 56.74 -41.83 83.96
CA ARG D 690 57.59 -41.31 85.01
C ARG D 690 57.32 -39.81 85.20
N SER D 691 57.94 -39.25 86.23
CA SER D 691 57.76 -37.85 86.59
C SER D 691 58.95 -37.01 86.12
N ARG D 692 58.79 -35.69 86.24
CA ARG D 692 59.84 -34.74 85.90
C ARG D 692 60.13 -33.72 86.99
N ILE D 693 59.21 -33.52 87.94
CA ILE D 693 59.39 -32.55 89.00
C ILE D 693 58.84 -33.14 90.30
N GLY D 694 58.83 -32.33 91.35
CA GLY D 694 58.36 -32.72 92.67
C GLY D 694 57.31 -31.74 93.14
N GLY D 695 56.12 -32.25 93.47
CA GLY D 695 55.00 -31.41 93.88
C GLY D 695 53.90 -32.31 94.43
N VAL D 696 52.77 -31.69 94.79
CA VAL D 696 51.60 -32.42 95.28
C VAL D 696 50.70 -32.71 94.08
N VAL D 697 50.78 -33.91 93.55
CA VAL D 697 50.01 -34.29 92.38
C VAL D 697 48.58 -34.65 92.78
N ARG D 698 47.62 -34.17 91.99
CA ARG D 698 46.21 -34.44 92.20
C ARG D 698 45.64 -35.15 90.98
N VAL D 699 44.82 -36.17 91.23
CA VAL D 699 44.26 -37.01 90.18
C VAL D 699 42.75 -36.87 90.15
N GLU D 700 42.20 -36.70 88.95
CA GLU D 700 40.76 -36.60 88.73
C GLU D 700 40.34 -37.60 87.66
N ARG D 701 39.21 -38.25 87.88
CA ARG D 701 38.70 -39.27 86.97
C ARG D 701 37.77 -38.64 85.95
N LYS D 702 38.05 -38.89 84.67
CA LYS D 702 37.25 -38.36 83.57
C LYS D 702 36.36 -39.45 82.99
N LYS D 703 35.65 -39.11 81.91
CA LYS D 703 34.70 -40.05 81.31
C LYS D 703 35.41 -41.27 80.73
N LYS D 704 36.53 -41.06 80.05
CA LYS D 704 37.25 -42.14 79.39
C LYS D 704 38.73 -42.21 79.77
N LYS D 705 39.16 -41.41 80.74
CA LYS D 705 40.57 -41.38 81.13
C LYS D 705 40.67 -40.77 82.54
N ILE D 706 41.90 -40.53 82.98
CA ILE D 706 42.16 -39.87 84.25
C ILE D 706 43.30 -38.90 84.05
N GLU D 707 43.31 -37.83 84.86
CA GLU D 707 44.29 -36.76 84.71
C GLU D 707 45.02 -36.54 86.02
N LEU D 708 46.35 -36.51 85.96
CA LEU D 708 47.20 -36.21 87.11
C LEU D 708 47.92 -34.89 86.84
N THR D 709 47.77 -33.93 87.75
CA THR D 709 48.31 -32.60 87.61
C THR D 709 49.20 -32.26 88.78
N ILE D 710 50.36 -31.66 88.49
CA ILE D 710 51.32 -31.27 89.52
C ILE D 710 52.18 -30.15 88.97
N PHE D 711 52.00 -28.94 89.49
CA PHE D 711 52.81 -27.80 89.12
C PHE D 711 53.93 -27.60 90.14
N SER D 712 55.14 -27.36 89.64
CA SER D 712 56.30 -27.22 90.51
C SER D 712 56.14 -26.01 91.43
N GLY D 713 56.12 -26.27 92.74
CA GLY D 713 55.94 -25.21 93.72
C GLY D 713 56.43 -25.69 95.07
N ASP D 714 56.96 -24.75 95.86
CA ASP D 714 57.33 -25.03 97.24
C ASP D 714 56.10 -25.02 98.11
N ILE D 715 56.00 -26.00 99.02
CA ILE D 715 54.87 -26.16 99.89
C ILE D 715 55.13 -25.50 101.24
N HIS D 716 54.07 -24.95 101.84
CA HIS D 716 54.19 -24.28 103.11
C HIS D 716 52.85 -24.32 103.85
N PHE D 717 52.91 -24.07 105.16
CA PHE D 717 51.73 -23.97 106.00
C PHE D 717 51.89 -22.77 106.92
N PRO D 718 50.91 -21.88 106.93
CA PRO D 718 50.98 -20.70 107.77
C PRO D 718 51.00 -21.08 109.25
N GLY D 719 51.91 -20.47 110.01
CA GLY D 719 52.09 -20.77 111.43
C GLY D 719 52.13 -19.47 112.23
N GLU D 720 50.94 -18.90 112.46
CA GLU D 720 50.73 -17.83 113.45
C GLU D 720 51.40 -16.52 113.09
N THR D 721 52.14 -16.48 111.97
CA THR D 721 52.81 -15.25 111.57
C THR D 721 52.81 -14.98 110.08
N ASP D 722 52.14 -15.81 109.28
CA ASP D 722 52.19 -15.68 107.82
C ASP D 722 51.00 -14.85 107.33
N LYS D 723 51.28 -13.88 106.46
CA LYS D 723 50.26 -13.02 105.88
C LYS D 723 49.89 -13.44 104.45
N ILE D 724 50.38 -14.59 103.99
CA ILE D 724 50.12 -15.05 102.63
C ILE D 724 48.86 -15.90 102.53
N SER D 725 48.12 -16.07 103.63
CA SER D 725 46.90 -16.88 103.60
C SER D 725 45.81 -16.24 102.74
N ARG D 726 45.72 -14.90 102.76
CA ARG D 726 44.66 -14.23 102.03
C ARG D 726 44.80 -14.40 100.51
N HIS D 727 46.01 -14.27 99.99
CA HIS D 727 46.24 -14.36 98.55
C HIS D 727 46.21 -15.82 98.14
N SER D 728 45.24 -16.18 97.30
CA SER D 728 45.07 -17.55 96.82
C SER D 728 45.04 -17.57 95.31
N GLY D 729 45.84 -18.45 94.71
CA GLY D 729 45.90 -18.65 93.26
C GLY D 729 46.16 -17.34 92.53
N ILE D 730 47.05 -16.52 93.08
CA ILE D 730 47.38 -15.23 92.50
C ILE D 730 48.88 -15.05 92.46
N LEU D 731 49.35 -14.36 91.43
CA LEU D 731 50.78 -14.12 91.23
C LEU D 731 51.14 -12.72 91.73
N ILE D 732 52.13 -12.65 92.60
CA ILE D 732 52.61 -11.39 93.16
C ILE D 732 54.04 -11.13 92.71
N PRO D 733 54.31 -9.90 92.28
CA PRO D 733 55.64 -9.53 91.87
C PRO D 733 56.56 -9.39 93.08
N PRO D 734 57.86 -9.34 92.80
CA PRO D 734 58.85 -9.21 93.86
C PRO D 734 58.66 -7.91 94.62
N SER D 735 58.70 -7.99 95.94
CA SER D 735 58.52 -6.85 96.81
C SER D 735 59.71 -6.73 97.76
N ARG D 736 60.30 -5.53 97.84
CA ARG D 736 61.42 -5.25 98.71
C ARG D 736 61.07 -4.00 99.51
N LYS D 737 60.37 -4.20 100.64
CA LYS D 737 59.94 -3.10 101.51
C LYS D 737 60.17 -3.54 102.95
N ASN D 738 61.34 -3.22 103.48
CA ASN D 738 61.73 -3.57 104.85
C ASN D 738 61.60 -5.07 105.09
N SER D 739 62.24 -5.85 104.22
CA SER D 739 62.21 -7.31 104.28
C SER D 739 63.42 -7.76 105.09
N LYS D 740 63.25 -7.84 106.40
CA LYS D 740 64.31 -8.26 107.31
C LYS D 740 64.39 -9.77 107.47
N ASP D 741 63.47 -10.51 106.86
CA ASP D 741 63.46 -11.97 106.98
C ASP D 741 63.29 -12.69 105.64
N SER D 742 62.89 -12.00 104.58
CA SER D 742 62.70 -12.61 103.27
C SER D 742 63.91 -12.33 102.40
N LYS D 743 64.44 -13.38 101.77
CA LYS D 743 65.62 -13.27 100.93
C LYS D 743 65.41 -14.04 99.64
N ASN D 744 66.16 -13.63 98.61
CA ASN D 744 66.16 -14.28 97.30
C ASN D 744 64.77 -14.23 96.64
N LEU D 745 63.97 -13.23 97.00
CA LEU D 745 62.66 -13.02 96.36
C LEU D 745 62.77 -11.96 95.28
N LYS D 746 63.57 -12.25 94.26
CA LYS D 746 63.81 -11.33 93.16
C LYS D 746 62.89 -11.57 91.96
N LYS D 747 62.03 -12.58 92.02
CA LYS D 747 61.13 -12.91 90.93
C LYS D 747 59.72 -13.09 91.45
N TRP D 748 58.74 -12.85 90.58
CA TRP D 748 57.34 -12.99 90.96
C TRP D 748 57.02 -14.44 91.29
N ILE D 749 56.15 -14.63 92.27
CA ILE D 749 55.76 -15.96 92.72
C ILE D 749 54.24 -16.06 92.78
N TYR D 750 53.71 -17.22 92.42
CA TYR D 750 52.27 -17.47 92.44
C TYR D 750 51.93 -18.27 93.69
N VAL D 751 51.06 -17.71 94.52
CA VAL D 751 50.60 -18.36 95.75
C VAL D 751 49.22 -18.96 95.51
N GLN D 752 49.09 -20.25 95.81
CA GLN D 752 47.84 -20.97 95.65
C GLN D 752 47.48 -21.64 96.97
N ARG D 753 46.24 -21.45 97.41
CA ARG D 753 45.74 -22.07 98.63
C ARG D 753 45.06 -23.38 98.27
N ILE D 754 45.80 -24.47 98.33
CA ILE D 754 45.29 -25.79 97.95
C ILE D 754 44.67 -26.47 99.16
N THR D 755 43.48 -27.03 98.97
CA THR D 755 42.74 -27.69 100.04
C THR D 755 43.20 -29.14 100.12
N PRO D 756 44.20 -29.39 100.97
CA PRO D 756 44.67 -30.75 101.19
C PRO D 756 43.63 -31.57 101.96
N THR D 757 42.98 -30.96 102.94
CA THR D 757 41.97 -31.63 103.74
C THR D 757 40.89 -30.63 104.14
N LYS D 758 39.78 -31.16 104.65
CA LYS D 758 38.66 -30.31 105.05
C LYS D 758 39.02 -29.40 106.21
N LYS D 759 40.06 -29.73 106.98
CA LYS D 759 40.50 -28.90 108.08
C LYS D 759 41.93 -28.42 107.94
N LYS D 760 42.71 -28.95 106.99
CA LYS D 760 44.09 -28.55 106.78
C LYS D 760 44.27 -28.16 105.32
N TYR D 761 44.90 -27.01 105.10
CA TYR D 761 45.16 -26.51 103.74
C TYR D 761 46.62 -26.10 103.63
N PHE D 762 47.17 -26.26 102.43
CA PHE D 762 48.55 -25.93 102.16
C PHE D 762 48.64 -24.74 101.22
N VAL D 763 49.81 -24.11 101.20
CA VAL D 763 50.10 -23.00 100.31
C VAL D 763 51.22 -23.41 99.37
N LEU D 764 51.02 -23.21 98.07
CA LEU D 764 52.00 -23.54 97.05
C LEU D 764 52.53 -22.24 96.44
N VAL D 765 53.84 -22.07 96.50
CA VAL D 765 54.53 -20.92 95.90
C VAL D 765 55.27 -21.42 94.66
N ARG D 766 54.81 -21.00 93.49
CA ARG D 766 55.32 -21.49 92.22
C ARG D 766 56.01 -20.37 91.45
N PRO D 767 57.04 -20.75 90.70
CA PRO D 767 57.74 -19.79 89.85
C PRO D 767 56.88 -19.41 88.66
N VAL D 768 57.03 -18.17 88.22
CA VAL D 768 56.28 -17.64 87.08
C VAL D 768 57.24 -17.01 86.08
N VAL D 769 56.96 -17.23 84.80
CA VAL D 769 57.79 -16.70 83.72
C VAL D 769 57.07 -15.53 83.06
N PRO D 770 57.78 -14.42 82.89
CA PRO D 770 57.20 -13.23 82.30
C PRO D 770 57.20 -13.31 80.79
N TYR D 771 56.19 -12.71 80.17
CA TYR D 771 56.09 -12.64 78.71
C TYR D 771 55.43 -11.33 78.33
N GLU D 772 56.12 -10.53 77.53
CA GLU D 772 55.65 -9.21 77.13
C GLU D 772 55.45 -9.16 75.62
N ILE D 773 54.77 -8.11 75.18
CA ILE D 773 54.50 -7.88 73.77
C ILE D 773 55.05 -6.51 73.37
N THR D 774 55.67 -6.47 72.18
CA THR D 774 56.26 -5.24 71.67
C THR D 774 55.18 -4.38 71.02
N ASP D 775 55.59 -3.33 70.33
CA ASP D 775 54.66 -2.44 69.65
C ASP D 775 54.50 -2.86 68.20
N GLY D 776 53.26 -2.98 67.76
CA GLY D 776 52.96 -3.42 66.39
C GLY D 776 53.12 -2.24 65.43
N ILE D 777 53.76 -2.50 64.30
CA ILE D 777 53.95 -1.50 63.25
C ILE D 777 53.04 -1.83 62.08
N ASN D 778 52.17 -0.90 61.71
CA ASN D 778 51.22 -1.08 60.63
C ASN D 778 51.68 -0.29 59.41
N LEU D 779 51.72 -0.95 58.26
CA LEU D 779 52.17 -0.32 57.02
C LEU D 779 50.96 0.32 56.33
N ALA D 780 50.62 1.52 56.80
CA ALA D 780 49.52 2.28 56.24
C ALA D 780 49.93 3.11 55.03
N THR D 781 51.21 3.09 54.65
CA THR D 781 51.72 3.82 53.50
C THR D 781 52.64 2.91 52.68
N LEU D 782 52.20 1.68 52.45
CA LEU D 782 52.97 0.70 51.69
C LEU D 782 52.78 0.83 50.18
N PHE D 783 52.22 1.94 49.71
CA PHE D 783 52.01 2.16 48.29
C PHE D 783 52.39 3.59 47.94
N PRO D 784 52.72 3.81 46.67
CA PRO D 784 53.12 5.12 46.19
C PRO D 784 51.90 5.96 45.83
N GLN D 785 52.10 7.27 45.81
CA GLN D 785 51.03 8.21 45.48
C GLN D 785 50.73 8.14 43.98
N ASP D 786 49.53 7.64 43.65
CA ASP D 786 49.15 7.50 42.25
C ASP D 786 48.87 8.86 41.63
N LEU D 787 49.19 8.98 40.33
CA LEU D 787 48.93 10.18 39.57
C LEU D 787 47.55 10.19 38.92
N LEU D 788 46.78 9.10 39.07
CA LEU D 788 45.44 9.01 38.50
C LEU D 788 44.35 9.28 39.55
N GLN D 789 44.74 9.76 40.73
CA GLN D 789 43.80 10.05 41.82
C GLN D 789 42.97 8.82 42.18
N GLU D 790 43.62 7.66 42.23
CA GLU D 790 42.97 6.41 42.59
C GLU D 790 43.32 6.05 44.03
N ARG D 791 42.28 5.87 44.85
CA ARG D 791 42.49 5.55 46.25
C ARG D 791 42.92 4.09 46.40
N ASP D 792 43.94 3.87 47.22
CA ASP D 792 44.43 2.52 47.50
C ASP D 792 43.53 1.89 48.55
N ASN D 793 42.80 0.84 48.16
CA ASN D 793 41.83 0.18 49.02
C ASN D 793 42.44 -0.95 49.84
N VAL D 794 43.75 -1.16 49.76
CA VAL D 794 44.43 -2.20 50.52
C VAL D 794 45.31 -1.56 51.57
N GLN D 795 45.08 -1.91 52.84
CA GLN D 795 45.90 -1.42 53.95
C GLN D 795 46.42 -2.63 54.71
N LEU D 796 47.74 -2.71 54.87
CA LEU D 796 48.39 -3.84 55.51
C LEU D 796 48.85 -3.44 56.90
N ARG D 797 48.50 -4.27 57.89
CA ARG D 797 48.87 -4.02 59.28
C ARG D 797 49.40 -5.30 59.90
N VAL D 798 50.27 -5.15 60.90
CA VAL D 798 50.84 -6.26 61.64
C VAL D 798 50.26 -6.28 63.05
N VAL D 799 49.93 -7.48 63.53
CA VAL D 799 49.36 -7.64 64.85
C VAL D 799 49.83 -8.96 65.45
N ASN D 800 49.45 -9.19 66.70
CA ASN D 800 49.78 -10.41 67.41
C ASN D 800 48.51 -11.14 67.81
N TYR D 801 48.52 -12.47 67.67
CA TYR D 801 47.40 -13.32 68.02
C TYR D 801 47.80 -14.21 69.19
N ILE D 802 47.00 -14.20 70.24
CA ILE D 802 47.27 -14.96 71.46
C ILE D 802 46.41 -16.21 71.48
N LEU D 803 47.03 -17.35 71.78
CA LEU D 803 46.31 -18.62 71.78
C LEU D 803 45.32 -18.70 72.95
N TYR D 804 45.76 -18.29 74.14
CA TYR D 804 44.94 -18.41 75.34
C TYR D 804 44.65 -17.03 75.91
N GLY D 805 43.50 -16.91 76.56
CA GLY D 805 43.09 -15.67 77.20
C GLY D 805 43.74 -15.58 78.59
N ASN D 806 43.31 -14.60 79.39
CA ASN D 806 43.86 -14.44 80.72
C ASN D 806 43.40 -15.57 81.64
N GLY D 807 44.30 -16.00 82.52
CA GLY D 807 44.05 -17.07 83.48
C GLY D 807 43.58 -18.34 82.78
N LYS D 808 44.30 -18.74 81.74
CA LYS D 808 43.98 -19.91 80.96
C LYS D 808 45.17 -20.86 80.93
N VAL D 809 44.89 -22.16 81.01
CA VAL D 809 45.91 -23.19 81.00
C VAL D 809 45.93 -23.89 79.66
N THR D 810 47.13 -24.05 79.08
CA THR D 810 47.29 -24.66 77.78
C THR D 810 47.50 -26.17 77.93
N ARG D 811 46.87 -26.93 77.05
CA ARG D 811 47.01 -28.39 77.01
C ARG D 811 47.97 -28.76 75.88
N GLY D 812 49.02 -29.50 76.23
CA GLY D 812 50.07 -29.84 75.29
C GLY D 812 50.03 -31.34 74.98
N ILE D 813 50.11 -31.67 73.70
CA ILE D 813 50.19 -33.05 73.26
C ILE D 813 51.64 -33.53 73.25
N SER D 814 51.82 -34.82 73.03
CA SER D 814 53.15 -35.40 73.00
C SER D 814 53.96 -34.85 71.84
N ASP D 815 55.19 -34.39 72.14
CA ASP D 815 56.10 -33.83 71.15
C ASP D 815 55.46 -32.66 70.39
N THR D 816 54.60 -31.92 71.06
CA THR D 816 53.90 -30.79 70.46
C THR D 816 54.29 -29.50 71.18
N SER D 817 54.69 -28.51 70.40
CA SER D 817 55.08 -27.21 70.96
C SER D 817 53.87 -26.27 70.92
N ILE D 818 53.46 -25.80 72.10
CA ILE D 818 52.34 -24.89 72.20
C ILE D 818 52.83 -23.44 72.08
N GLN D 819 52.23 -22.69 71.17
CA GLN D 819 52.61 -21.31 70.92
C GLN D 819 51.67 -20.36 71.63
N LEU D 820 52.23 -19.34 72.28
CA LEU D 820 51.43 -18.34 72.99
C LEU D 820 51.06 -17.18 72.08
N VAL D 821 52.01 -16.65 71.32
CA VAL D 821 51.79 -15.51 70.45
C VAL D 821 52.28 -15.83 69.05
N ARG D 822 51.48 -15.44 68.05
CA ARG D 822 51.82 -15.65 66.65
C ARG D 822 51.60 -14.35 65.89
N THR D 823 52.57 -13.99 65.04
CA THR D 823 52.42 -12.79 64.23
C THR D 823 51.34 -12.99 63.17
N CYS D 824 50.57 -11.94 62.91
CA CYS D 824 49.50 -11.99 61.93
C CYS D 824 49.50 -10.72 61.11
N LEU D 825 49.07 -10.84 59.86
CA LEU D 825 48.97 -9.72 58.93
C LEU D 825 47.51 -9.53 58.54
N VAL D 826 47.02 -8.30 58.67
CA VAL D 826 45.64 -7.97 58.39
C VAL D 826 45.57 -7.02 57.19
N LEU D 827 44.68 -7.31 56.25
CA LEU D 827 44.44 -6.47 55.10
C LEU D 827 43.04 -5.88 55.20
N ASN D 828 42.96 -4.55 55.19
CA ASN D 828 41.71 -3.83 55.38
C ASN D 828 41.53 -2.85 54.22
N TRP D 829 40.43 -2.07 54.29
CA TRP D 829 40.07 -1.16 53.23
C TRP D 829 39.61 0.16 53.82
N ASN D 830 39.70 1.21 53.00
CA ASN D 830 39.23 2.55 53.36
C ASN D 830 38.54 3.14 52.13
N GLN D 831 37.21 3.14 52.14
CA GLN D 831 36.40 3.57 51.00
C GLN D 831 35.66 4.86 51.34
N ASP D 832 35.67 5.80 50.40
CA ASP D 832 34.98 7.06 50.59
C ASP D 832 33.46 6.86 50.48
N LYS D 833 32.72 7.91 50.80
CA LYS D 833 31.26 7.89 50.81
C LYS D 833 30.72 8.53 49.55
N LYS D 834 29.76 7.86 48.91
CA LYS D 834 29.08 8.35 47.71
C LYS D 834 30.03 8.58 46.54
N GLY D 835 31.19 7.92 46.54
CA GLY D 835 32.15 8.05 45.45
C GLY D 835 32.32 6.73 44.70
N SER D 836 32.67 5.65 45.42
CA SER D 836 32.84 4.34 44.79
C SER D 836 32.72 3.28 45.87
N SER D 837 31.75 2.38 45.73
CA SER D 837 31.54 1.29 46.69
C SER D 837 32.53 0.19 46.37
N ILE D 838 33.71 0.28 46.96
CA ILE D 838 34.76 -0.71 46.75
C ILE D 838 34.33 -2.08 47.25
N GLU D 839 34.18 -3.03 46.33
CA GLU D 839 33.70 -4.37 46.68
C GLU D 839 34.85 -5.31 47.02
N GLU D 840 35.76 -5.53 46.07
CA GLU D 840 36.95 -6.36 46.28
C GLU D 840 37.88 -6.12 45.10
N ALA D 841 38.93 -6.94 44.99
CA ALA D 841 39.91 -6.79 43.92
C ALA D 841 40.52 -8.15 43.62
N ARG D 842 41.20 -8.23 42.48
CA ARG D 842 41.82 -9.47 42.01
C ARG D 842 43.34 -9.29 42.01
N GLY D 843 44.05 -10.27 42.54
CA GLY D 843 45.50 -10.19 42.66
C GLY D 843 46.16 -11.44 42.11
N SER D 844 47.46 -11.32 41.88
CA SER D 844 48.29 -12.42 41.39
C SER D 844 49.74 -12.07 41.70
N PHE D 845 50.66 -12.86 41.14
CA PHE D 845 52.09 -12.64 41.32
C PHE D 845 52.69 -12.17 39.99
N VAL D 846 53.36 -11.02 40.02
CA VAL D 846 53.99 -10.44 38.84
C VAL D 846 55.50 -10.35 39.08
N GLU D 847 56.27 -10.67 38.04
CA GLU D 847 57.72 -10.74 38.15
C GLU D 847 58.38 -9.86 37.10
N VAL D 848 59.57 -9.38 37.43
CA VAL D 848 60.38 -8.58 36.51
C VAL D 848 61.83 -8.69 36.95
N ARG D 849 62.70 -9.08 36.03
CA ARG D 849 64.11 -9.36 36.35
C ARG D 849 65.01 -8.54 35.43
N THR D 850 66.12 -8.07 36.00
CA THR D 850 67.16 -7.33 35.30
C THR D 850 68.34 -7.15 36.25
N ASN D 851 69.53 -7.02 35.67
CA ASN D 851 70.76 -6.80 36.43
C ASN D 851 70.96 -7.87 37.50
N GLY D 852 70.62 -9.11 37.15
CA GLY D 852 70.76 -10.27 38.02
C GLY D 852 69.90 -10.16 39.29
N MET D 853 68.85 -9.33 39.25
CA MET D 853 67.96 -9.18 40.39
C MET D 853 66.52 -9.17 39.90
N ILE D 854 65.62 -9.74 40.69
CA ILE D 854 64.22 -9.85 40.34
C ILE D 854 63.36 -9.21 41.41
N GLN D 855 62.18 -8.75 41.01
CA GLN D 855 61.22 -8.13 41.91
C GLN D 855 60.05 -9.09 42.13
N ASP D 856 59.71 -9.31 43.41
CA ASP D 856 58.63 -10.23 43.78
C ASP D 856 57.67 -9.50 44.71
N PHE D 857 56.44 -9.29 44.24
CA PHE D 857 55.41 -8.64 45.02
C PHE D 857 54.05 -9.06 44.48
N LEU D 858 53.03 -8.89 45.30
CA LEU D 858 51.67 -9.26 44.93
C LEU D 858 51.01 -8.09 44.19
N LYS D 859 50.67 -8.32 42.92
CA LYS D 859 50.03 -7.30 42.10
C LYS D 859 48.52 -7.44 42.22
N VAL D 860 47.87 -6.43 42.78
CA VAL D 860 46.43 -6.45 43.05
C VAL D 860 45.78 -5.30 42.29
N ASN D 861 44.97 -5.64 41.28
CA ASN D 861 44.20 -4.66 40.52
C ASN D 861 42.71 -4.89 40.76
N LEU D 862 41.96 -3.80 40.83
CA LEU D 862 40.52 -3.88 41.06
C LEU D 862 39.75 -3.95 39.75
N ASN D 910 56.23 3.01 -16.63
CA ASN D 910 55.30 4.02 -16.11
C ASN D 910 56.05 5.22 -15.55
N GLN D 911 56.45 6.13 -16.43
CA GLN D 911 57.17 7.33 -16.06
C GLN D 911 56.28 8.55 -16.21
N GLY D 912 56.69 9.64 -15.57
CA GLY D 912 55.92 10.86 -15.65
C GLY D 912 56.72 12.04 -15.13
N THR D 913 56.29 13.23 -15.56
CA THR D 913 56.93 14.49 -15.19
C THR D 913 56.09 15.19 -14.12
N VAL D 914 56.77 15.67 -13.08
CA VAL D 914 56.08 16.40 -12.02
C VAL D 914 55.54 17.71 -12.58
N ARG D 915 54.46 18.19 -11.98
CA ARG D 915 53.88 19.49 -12.33
C ARG D 915 53.32 20.07 -11.02
N THR D 916 54.04 21.01 -10.44
CA THR D 916 53.67 21.60 -9.16
C THR D 916 52.81 22.84 -9.42
N LEU D 917 51.57 22.82 -8.95
CA LEU D 917 50.70 23.97 -9.10
C LEU D 917 51.31 25.20 -8.44
N LEU D 918 51.45 25.15 -7.11
CA LEU D 918 52.12 26.19 -6.34
C LEU D 918 51.61 27.59 -6.68
N GLY D 919 52.35 28.31 -7.51
N GLY D 919 52.35 28.31 -7.51
CA GLY D 919 51.97 29.66 -7.87
CA GLY D 919 51.97 29.66 -7.87
C GLY D 919 52.05 30.64 -6.71
C GLY D 919 52.05 30.64 -6.71
N ILE D 920 52.90 30.36 -5.72
CA ILE D 920 53.01 31.17 -4.51
C ILE D 920 51.64 31.25 -3.85
N ASN D 921 50.97 30.10 -3.75
CA ASN D 921 49.68 29.99 -3.09
C ASN D 921 49.61 28.62 -2.43
N LYS D 922 49.04 28.57 -1.22
CA LYS D 922 49.01 27.34 -0.44
C LYS D 922 47.65 27.24 0.27
N GLU D 923 46.76 26.42 -0.27
CA GLU D 923 45.50 26.09 0.37
C GLU D 923 45.38 24.61 0.69
N CYS D 924 45.56 23.75 -0.30
CA CYS D 924 45.64 22.30 -0.07
C CYS D 924 46.78 21.61 -0.81
N GLN D 925 47.40 22.26 -1.80
CA GLN D 925 48.68 21.86 -2.36
C GLN D 925 48.61 20.45 -2.98
N PHE D 926 47.79 20.33 -4.01
CA PHE D 926 47.86 19.15 -4.87
C PHE D 926 49.07 19.27 -5.80
N PHE D 927 49.32 18.21 -6.57
CA PHE D 927 50.31 18.28 -7.63
C PHE D 927 49.98 17.23 -8.68
N LEU D 928 50.40 17.50 -9.91
CA LEU D 928 50.02 16.68 -11.06
C LEU D 928 51.22 15.89 -11.58
N ILE D 929 50.92 14.77 -12.23
CA ILE D 929 51.91 13.96 -12.93
C ILE D 929 51.47 13.88 -14.38
N LEU D 930 52.32 14.38 -15.28
CA LEU D 930 52.04 14.35 -16.71
C LEU D 930 52.77 13.18 -17.34
N SER D 931 52.03 12.25 -17.92
CA SER D 931 52.59 11.07 -18.54
C SER D 931 52.47 11.16 -20.05
N SER D 932 52.88 10.09 -20.73
CA SER D 932 52.73 10.02 -22.17
C SER D 932 51.28 9.80 -22.59
N SER D 933 50.40 9.50 -21.65
CA SER D 933 48.98 9.30 -21.93
C SER D 933 48.17 10.58 -21.83
N ASN D 934 48.76 11.67 -21.36
CA ASN D 934 48.09 12.96 -21.26
C ASN D 934 48.35 13.84 -22.48
N CYS D 935 49.53 13.73 -23.08
CA CYS D 935 49.96 14.63 -24.14
C CYS D 935 50.50 13.82 -25.31
N PHE D 936 50.16 14.25 -26.52
CA PHE D 936 50.55 13.58 -27.75
C PHE D 936 51.12 14.59 -28.73
N ARG D 937 51.63 14.09 -29.85
CA ARG D 937 52.30 14.90 -30.86
C ARG D 937 51.49 14.90 -32.14
N ILE D 938 51.31 16.07 -32.72
CA ILE D 938 50.63 16.22 -34.00
C ILE D 938 51.63 15.96 -35.12
N GLY D 939 51.23 15.19 -36.12
CA GLY D 939 52.10 14.74 -37.18
C GLY D 939 52.79 15.86 -37.93
N PRO D 940 53.76 15.50 -38.76
CA PRO D 940 54.57 16.52 -39.46
C PRO D 940 53.73 17.38 -40.38
N PHE D 941 54.12 18.66 -40.48
CA PHE D 941 53.45 19.62 -41.35
C PHE D 941 54.54 20.44 -42.05
N LYS D 942 54.12 21.50 -42.73
CA LYS D 942 55.03 22.36 -43.47
C LYS D 942 54.83 23.81 -43.06
N GLY D 943 55.93 24.53 -42.89
CA GLY D 943 55.88 25.94 -42.49
C GLY D 943 57.25 26.55 -42.72
N VAL D 944 57.31 27.88 -42.60
CA VAL D 944 58.55 28.61 -42.75
C VAL D 944 59.26 28.74 -41.40
N LYS D 945 60.59 28.60 -41.43
CA LYS D 945 61.40 28.67 -40.22
C LYS D 945 62.68 29.46 -40.44
N TYR D 946 62.64 30.48 -41.30
CA TYR D 946 63.82 31.25 -41.65
C TYR D 946 63.62 32.70 -41.20
N PRO D 947 64.38 33.11 -40.19
CA PRO D 947 64.38 34.50 -39.74
C PRO D 947 65.72 34.74 -39.06
N LYS D 948 66.66 35.37 -39.76
CA LYS D 948 68.02 35.48 -39.27
C LYS D 948 68.58 36.87 -39.58
N GLU D 949 69.67 37.19 -38.89
CA GLU D 949 70.48 38.38 -39.12
C GLU D 949 71.95 38.00 -39.14
N LEU D 950 72.28 36.96 -39.90
CA LEU D 950 73.59 36.35 -39.86
C LEU D 950 74.67 37.29 -40.37
N ILE D 951 75.91 36.99 -40.00
CA ILE D 951 77.08 37.77 -40.37
C ILE D 951 78.01 36.91 -41.22
N LYS D 952 79.15 37.50 -41.59
CA LYS D 952 80.13 36.84 -42.44
C LYS D 952 81.21 36.21 -41.58
N LYS D 953 81.53 34.95 -41.87
CA LYS D 953 82.52 34.22 -41.10
C LYS D 953 83.93 34.61 -41.51
N ASP D 954 84.87 34.38 -40.61
CA ASP D 954 86.30 34.54 -40.82
C ASP D 954 87.04 33.34 -40.25
N PRO D 955 86.64 32.14 -40.68
CA PRO D 955 87.01 30.87 -40.07
C PRO D 955 88.50 30.80 -39.75
N LEU D 956 88.80 30.59 -38.48
CA LEU D 956 90.17 30.46 -38.00
C LEU D 956 90.25 29.24 -37.08
N ILE D 957 91.02 28.24 -37.48
CA ILE D 957 91.13 26.98 -36.74
C ILE D 957 89.78 26.30 -36.56
N PRO D 958 88.86 26.53 -37.50
CA PRO D 958 87.52 25.95 -37.47
C PRO D 958 86.81 26.26 -36.15
N ILE D 959 86.95 27.49 -35.67
CA ILE D 959 86.30 27.95 -34.46
C ILE D 959 85.45 29.19 -34.67
N ARG D 960 85.47 29.77 -35.87
CA ARG D 960 84.65 30.91 -36.28
C ARG D 960 85.10 32.21 -35.61
N ASN D 961 85.17 33.28 -36.40
CA ASN D 961 85.56 34.61 -35.94
C ASN D 961 84.63 35.65 -36.56
N SER D 962 83.32 35.39 -36.46
CA SER D 962 82.32 36.11 -37.24
C SER D 962 82.42 37.62 -37.06
N PHE D 963 82.41 38.34 -38.19
CA PHE D 963 82.42 39.79 -38.21
C PHE D 963 81.77 40.23 -39.51
N GLY D 964 80.83 41.19 -39.42
CA GLY D 964 79.99 41.56 -40.55
C GLY D 964 80.45 42.82 -41.27
N PRO D 965 80.54 43.93 -40.56
CA PRO D 965 80.73 45.22 -41.22
C PRO D 965 82.19 45.48 -41.57
N LEU D 966 83.06 45.59 -40.57
CA LEU D 966 84.44 45.96 -40.80
C LEU D 966 85.26 44.73 -41.19
N GLY D 967 86.55 44.94 -41.43
CA GLY D 967 87.46 43.85 -41.74
C GLY D 967 87.78 43.08 -40.46
N THR D 968 88.64 42.07 -40.59
CA THR D 968 89.06 41.29 -39.43
C THR D 968 89.73 42.19 -38.41
N ALA D 969 89.34 42.03 -37.14
CA ALA D 969 89.79 42.92 -36.07
C ALA D 969 90.37 42.08 -34.94
N LEU D 970 91.67 41.85 -34.98
CA LEU D 970 92.38 41.22 -33.88
C LEU D 970 92.81 42.29 -32.87
N GLN D 971 93.64 41.90 -31.91
CA GLN D 971 94.15 42.85 -30.92
C GLN D 971 95.45 42.31 -30.35
N ILE D 972 96.09 43.12 -29.52
CA ILE D 972 97.39 42.80 -28.96
C ILE D 972 97.22 41.89 -27.75
N ALA D 973 98.30 41.76 -26.97
CA ALA D 973 98.33 40.90 -25.78
C ALA D 973 98.11 39.44 -26.13
N ASN D 974 98.46 39.06 -27.36
CA ASN D 974 98.57 37.67 -27.79
C ASN D 974 97.24 36.92 -27.86
N PHE D 975 96.15 37.55 -27.44
CA PHE D 975 94.85 36.88 -27.49
C PHE D 975 93.73 37.90 -27.41
N PHE D 976 92.98 38.05 -28.50
CA PHE D 976 91.71 38.78 -28.54
C PHE D 976 91.17 38.66 -29.96
N SER D 977 89.87 38.95 -30.09
CA SER D 977 89.21 38.99 -31.39
C SER D 977 88.04 39.95 -31.27
N PHE D 978 88.22 41.19 -31.74
CA PHE D 978 87.18 42.20 -31.64
C PHE D 978 86.09 41.95 -32.68
N TYR D 979 85.01 41.29 -32.28
CA TYR D 979 83.89 40.99 -33.15
C TYR D 979 82.73 41.96 -32.97
N TYR D 980 83.05 43.24 -32.71
CA TYR D 980 82.05 44.23 -32.35
C TYR D 980 80.92 44.32 -33.37
N LEU D 981 79.77 44.79 -32.90
CA LEU D 981 78.57 44.95 -33.71
C LEU D 981 77.98 46.32 -33.39
N ILE D 982 76.70 46.51 -33.74
CA ILE D 982 76.02 47.77 -33.45
C ILE D 982 76.14 48.09 -31.96
N THR D 983 76.10 49.38 -31.66
CA THR D 983 76.36 49.86 -30.30
C THR D 983 75.68 51.21 -30.13
N HIS D 984 76.09 51.96 -29.09
CA HIS D 984 75.55 53.28 -28.82
C HIS D 984 75.67 54.25 -30.00
N ASN D 985 76.41 53.87 -31.05
CA ASN D 985 76.44 54.68 -32.26
C ASN D 985 75.08 54.75 -32.93
N GLN D 986 74.16 53.84 -32.58
CA GLN D 986 72.80 53.85 -33.10
C GLN D 986 71.81 54.46 -32.11
N ILE D 987 72.31 55.12 -31.07
CA ILE D 987 71.46 55.76 -30.08
C ILE D 987 71.38 57.26 -30.35
N LEU D 988 70.33 57.88 -29.80
CA LEU D 988 70.07 59.31 -30.01
C LEU D 988 69.61 59.92 -28.68
N VAL D 989 70.58 60.42 -27.91
CA VAL D 989 70.31 61.16 -26.67
C VAL D 989 69.42 60.34 -25.72
N THR D 990 69.85 59.11 -25.44
CA THR D 990 69.12 58.24 -24.54
C THR D 990 69.63 58.45 -23.10
N ASN D 991 69.20 57.58 -22.19
CA ASN D 991 69.61 57.63 -20.80
C ASN D 991 70.17 56.27 -20.39
N TYR D 992 71.21 56.28 -19.56
CA TYR D 992 71.88 55.06 -19.13
C TYR D 992 71.65 54.88 -17.62
N LEU D 993 70.49 54.32 -17.28
CA LEU D 993 70.09 54.04 -15.92
C LEU D 993 68.71 53.38 -15.94
N GLN D 994 67.69 54.13 -15.55
CA GLN D 994 66.31 53.72 -15.76
C GLN D 994 65.89 54.19 -17.16
N LEU D 995 64.59 54.05 -17.46
CA LEU D 995 64.02 54.47 -18.75
C LEU D 995 64.60 53.67 -19.90
N ASP D 996 65.44 52.69 -19.59
CA ASP D 996 66.00 51.77 -20.57
C ASP D 996 65.67 50.32 -20.28
N ASN D 997 64.99 50.03 -19.16
CA ASN D 997 64.64 48.65 -18.83
C ASN D 997 63.79 48.03 -19.92
N LEU D 998 62.73 48.72 -20.34
CA LEU D 998 62.01 48.30 -21.54
C LEU D 998 62.92 48.47 -22.75
N LYS D 999 62.97 47.44 -23.59
CA LYS D 999 63.96 47.34 -24.65
C LYS D 999 65.38 47.52 -24.08
N GLN D 1000 65.73 46.61 -23.18
CA GLN D 1000 66.98 46.70 -22.45
C GLN D 1000 68.18 46.44 -23.37
N THR D 1001 69.35 46.86 -22.90
CA THR D 1001 70.58 46.68 -23.65
C THR D 1001 71.04 45.23 -23.53
N PHE D 1002 72.21 44.93 -24.09
CA PHE D 1002 72.74 43.57 -24.10
C PHE D 1002 74.16 43.59 -23.55
N GLN D 1003 74.53 42.49 -22.88
CA GLN D 1003 75.82 42.36 -22.22
C GLN D 1003 76.07 43.53 -21.27
N PRO D 1004 75.11 43.75 -20.38
CA PRO D 1004 75.06 44.96 -19.59
C PRO D 1004 76.12 44.98 -18.50
N PHE D 1005 77.40 45.05 -18.89
CA PHE D 1005 78.47 45.30 -17.94
C PHE D 1005 78.68 46.77 -17.66
N LYS D 1006 78.01 47.65 -18.43
CA LYS D 1006 78.06 49.10 -18.28
C LYS D 1006 79.42 49.68 -18.65
N PHE D 1007 79.43 50.67 -19.52
CA PHE D 1007 80.66 51.28 -20.01
C PHE D 1007 80.63 52.81 -19.92
N GLN D 1008 79.45 53.39 -19.73
CA GLN D 1008 79.26 54.84 -19.75
C GLN D 1008 80.22 55.60 -18.84
N TYR D 1009 80.17 55.34 -17.54
CA TYR D 1009 80.91 56.17 -16.58
C TYR D 1009 82.37 55.74 -16.49
N TYR D 1010 82.61 54.49 -16.12
CA TYR D 1010 83.98 54.03 -15.89
C TYR D 1010 84.79 54.07 -17.18
N LEU D 1011 84.14 53.88 -18.33
CA LEU D 1011 84.77 53.98 -19.65
C LEU D 1011 85.92 52.99 -19.79
N MET D 1012 85.62 51.72 -19.57
CA MET D 1012 86.61 50.65 -19.69
C MET D 1012 85.87 49.35 -20.01
N ASP D 1013 86.07 48.84 -21.22
CA ASP D 1013 85.39 47.63 -21.64
C ASP D 1013 85.93 46.42 -20.88
N GLU D 1014 85.07 45.43 -20.68
CA GLU D 1014 85.44 44.17 -20.05
C GLU D 1014 85.34 43.06 -21.10
N ASN D 1015 86.45 42.39 -21.36
CA ASN D 1015 86.50 41.38 -22.40
C ASN D 1015 85.68 40.16 -22.00
N GLY D 1016 84.70 39.80 -22.82
CA GLY D 1016 83.88 38.63 -22.57
C GLY D 1016 84.61 37.38 -23.05
N ARG D 1017 83.92 36.24 -23.06
CA ARG D 1017 84.54 34.97 -23.41
C ARG D 1017 84.29 34.63 -24.87
N ILE D 1018 84.81 33.48 -25.29
CA ILE D 1018 84.84 33.10 -26.69
C ILE D 1018 83.44 32.89 -27.25
N TYR D 1019 83.33 33.01 -28.57
CA TYR D 1019 82.06 32.80 -29.27
C TYR D 1019 82.05 31.39 -29.85
N ASN D 1020 81.84 30.41 -28.98
CA ASN D 1020 81.73 29.02 -29.38
C ASN D 1020 80.26 28.69 -29.59
N PRO D 1021 79.87 28.43 -30.83
CA PRO D 1021 78.46 28.33 -31.18
C PRO D 1021 78.35 27.67 -32.55
N ASP D 1022 77.13 27.66 -33.08
CA ASP D 1022 76.90 27.18 -34.44
C ASP D 1022 77.61 28.09 -35.44
N PRO D 1023 78.05 27.50 -36.54
CA PRO D 1023 78.78 28.24 -37.57
C PRO D 1023 77.84 28.90 -38.57
N CYS D 1024 76.83 28.15 -39.06
CA CYS D 1024 75.85 28.63 -40.02
C CYS D 1024 76.50 28.99 -41.36
N SER D 1025 75.67 29.18 -42.39
CA SER D 1025 76.18 29.53 -43.71
C SER D 1025 75.13 30.33 -44.48
N ASN D 1026 74.40 29.66 -45.38
CA ASN D 1026 73.33 30.25 -46.17
C ASN D 1026 73.83 31.47 -46.94
N ILE D 1027 74.81 31.23 -47.82
CA ILE D 1027 75.33 32.28 -48.67
C ILE D 1027 74.29 32.79 -49.66
N ILE D 1028 73.28 31.98 -49.98
CA ILE D 1028 72.22 32.36 -50.89
C ILE D 1028 70.92 32.72 -50.17
N PHE D 1029 70.97 32.85 -48.84
CA PHE D 1029 69.81 33.17 -47.99
C PHE D 1029 68.76 32.06 -48.22
N ASN D 1030 67.47 32.41 -48.31
CA ASN D 1030 66.43 31.41 -48.54
C ASN D 1030 66.24 31.13 -50.03
N PRO D 1031 67.36 30.90 -50.72
CA PRO D 1031 67.38 30.55 -52.13
C PRO D 1031 68.45 29.51 -52.43
N PHE D 1032 68.69 28.60 -51.48
CA PHE D 1032 69.85 27.70 -51.54
C PHE D 1032 69.93 26.96 -52.86
N LYS D 1033 68.85 26.30 -53.26
CA LYS D 1033 68.83 25.65 -54.57
C LYS D 1033 68.43 26.65 -55.66
N LEU D 1034 67.19 27.13 -55.61
CA LEU D 1034 66.72 28.17 -56.52
C LEU D 1034 65.44 28.74 -55.95
N ASN D 1035 65.44 30.05 -55.69
CA ASN D 1035 64.27 30.72 -55.14
C ASN D 1035 64.48 32.22 -55.28
N TRP D 1036 63.39 32.97 -55.10
CA TRP D 1036 63.43 34.42 -55.16
C TRP D 1036 62.26 34.98 -54.37
N TYR D 1037 62.42 36.21 -53.90
CA TYR D 1037 61.38 36.91 -53.15
C TYR D 1037 61.30 38.37 -53.59
N PHE D 1038 61.44 38.62 -54.89
CA PHE D 1038 61.42 39.97 -55.43
C PHE D 1038 59.97 40.34 -55.75
N LEU D 1039 59.35 41.10 -54.85
CA LEU D 1039 57.97 41.54 -54.99
C LEU D 1039 57.77 42.80 -54.15
N HIS D 1040 56.51 43.17 -53.95
CA HIS D 1040 56.21 44.33 -53.13
C HIS D 1040 56.50 44.04 -51.66
N TYR D 1041 56.59 45.12 -50.88
CA TYR D 1041 56.96 44.97 -49.47
C TYR D 1041 55.88 44.24 -48.67
N HIS D 1042 54.62 44.32 -49.09
CA HIS D 1042 53.52 43.71 -48.36
C HIS D 1042 53.46 42.22 -48.68
N PHE D 1043 52.36 41.58 -48.28
CA PHE D 1043 52.11 40.16 -48.54
C PHE D 1043 53.19 39.27 -47.93
N CYS D 1044 53.31 39.35 -46.60
CA CYS D 1044 54.25 38.52 -45.87
C CYS D 1044 53.67 38.24 -44.49
N GLU D 1045 53.56 36.96 -44.14
CA GLU D 1045 52.98 36.55 -42.86
C GLU D 1045 53.52 35.18 -42.48
N GLU D 1046 53.19 34.76 -41.27
CA GLU D 1046 53.68 33.49 -40.75
C GLU D 1046 53.01 32.31 -41.45
N THR D 1047 53.76 31.24 -41.63
CA THR D 1047 53.27 30.03 -42.27
C THR D 1047 52.57 29.13 -41.25
N SER D 1048 52.37 27.86 -41.58
CA SER D 1048 51.59 26.97 -40.73
C SER D 1048 52.40 26.44 -39.57
N THR D 1049 53.07 27.35 -38.86
CA THR D 1049 53.58 27.14 -37.51
C THR D 1049 53.05 28.24 -36.61
N LYS D 1050 52.38 29.23 -37.21
CA LYS D 1050 51.80 30.39 -36.54
C LYS D 1050 50.93 30.02 -35.35
N ILE D 1051 50.52 28.75 -35.23
CA ILE D 1051 49.92 28.27 -33.98
C ILE D 1051 50.94 28.48 -32.87
N ASP D 1052 50.63 29.37 -31.94
CA ASP D 1052 51.58 29.80 -30.93
C ASP D 1052 51.40 28.98 -29.66
N LEU D 1053 52.24 29.28 -28.67
CA LEU D 1053 52.17 28.57 -27.40
C LEU D 1053 50.87 28.87 -26.68
N GLY D 1054 50.39 27.90 -25.91
CA GLY D 1054 49.20 28.05 -25.10
C GLY D 1054 47.91 28.11 -25.86
N GLN D 1055 47.94 28.21 -27.19
CA GLN D 1055 46.70 28.30 -27.96
C GLN D 1055 45.87 27.04 -27.76
N PHE D 1056 44.58 27.23 -27.49
CA PHE D 1056 43.67 26.12 -27.27
C PHE D 1056 42.99 25.76 -28.58
N VAL D 1057 43.21 24.54 -29.04
CA VAL D 1057 42.72 24.09 -30.34
C VAL D 1057 41.50 23.21 -30.11
N CYS D 1058 40.39 23.58 -30.73
CA CYS D 1058 39.19 22.77 -30.65
C CYS D 1058 39.24 21.64 -31.67
N GLU D 1059 38.24 20.78 -31.61
CA GLU D 1059 38.20 19.62 -32.51
C GLU D 1059 37.85 20.07 -33.93
N ASN D 1060 38.28 19.26 -34.90
CA ASN D 1060 38.00 19.40 -36.33
C ASN D 1060 38.72 20.58 -36.97
N VAL D 1061 39.48 21.37 -36.21
CA VAL D 1061 40.21 22.48 -36.80
C VAL D 1061 41.32 21.95 -37.69
N CYS D 1062 41.33 22.39 -38.94
CA CYS D 1062 42.29 21.91 -39.94
C CYS D 1062 43.33 22.98 -40.21
N ILE D 1063 44.60 22.63 -40.07
CA ILE D 1063 45.68 23.58 -40.34
C ILE D 1063 45.73 23.91 -41.83
N THR D 1064 45.69 22.89 -42.67
CA THR D 1064 45.73 23.03 -44.13
C THR D 1064 44.50 22.36 -44.73
N LYS D 1065 44.40 22.45 -46.05
CA LYS D 1065 43.30 21.82 -46.78
C LYS D 1065 43.46 20.31 -46.72
N LYS D 1066 42.58 19.65 -45.95
CA LYS D 1066 42.62 18.21 -45.74
C LYS D 1066 43.99 17.78 -45.22
N GLY D 1067 44.37 18.36 -44.08
CA GLY D 1067 45.69 18.17 -43.54
C GLY D 1067 45.79 17.18 -42.39
N THR D 1068 45.89 17.70 -41.16
CA THR D 1068 46.18 16.87 -40.00
C THR D 1068 45.01 16.70 -39.05
N HIS D 1069 44.03 17.61 -39.07
CA HIS D 1069 42.82 17.51 -38.25
C HIS D 1069 43.17 17.45 -36.76
N LEU D 1070 43.69 18.58 -36.29
CA LEU D 1070 44.12 18.72 -34.90
C LEU D 1070 43.04 18.26 -33.93
N LYS D 1071 43.49 17.80 -32.75
CA LYS D 1071 42.61 17.33 -31.69
C LYS D 1071 42.42 18.44 -30.66
N SER D 1072 41.72 18.11 -29.57
CA SER D 1072 41.49 19.06 -28.49
C SER D 1072 42.69 19.12 -27.56
N GLY D 1073 42.97 20.30 -27.05
CA GLY D 1073 44.05 20.49 -26.10
C GLY D 1073 44.67 21.87 -26.24
N GLN D 1074 45.79 22.04 -25.53
CA GLN D 1074 46.53 23.30 -25.52
C GLN D 1074 47.94 23.06 -26.02
N VAL D 1075 48.36 23.85 -27.01
CA VAL D 1075 49.66 23.62 -27.65
C VAL D 1075 50.77 23.74 -26.62
N LEU D 1076 51.55 22.67 -26.48
CA LEU D 1076 52.66 22.61 -25.53
C LEU D 1076 54.01 22.88 -26.17
N ILE D 1077 54.27 22.32 -27.35
CA ILE D 1077 55.55 22.50 -28.04
C ILE D 1077 55.28 22.97 -29.46
N VAL D 1078 56.14 23.87 -29.95
CA VAL D 1078 55.93 24.56 -31.22
C VAL D 1078 57.09 24.29 -32.16
N GLN D 1079 57.60 23.06 -32.17
CA GLN D 1079 58.76 22.72 -32.98
C GLN D 1079 58.56 23.05 -34.46
N PHE D 1080 59.65 22.97 -35.23
CA PHE D 1080 59.66 23.44 -36.61
C PHE D 1080 58.53 22.82 -37.43
N ASP D 1081 58.21 21.55 -37.19
CA ASP D 1081 57.19 20.89 -37.99
C ASP D 1081 56.31 19.98 -37.14
N SER D 1082 56.13 20.28 -35.86
CA SER D 1082 55.32 19.42 -34.99
C SER D 1082 54.78 20.25 -33.84
N VAL D 1083 53.76 19.71 -33.19
CA VAL D 1083 53.07 20.37 -32.08
C VAL D 1083 52.64 19.31 -31.08
N VAL D 1084 52.79 19.62 -29.80
CA VAL D 1084 52.33 18.77 -28.71
C VAL D 1084 51.10 19.42 -28.08
N ILE D 1085 50.05 18.64 -27.89
CA ILE D 1085 48.72 19.18 -27.66
C ILE D 1085 48.24 19.07 -26.21
N ARG D 1086 48.71 18.07 -25.46
CA ARG D 1086 48.45 17.94 -24.02
C ARG D 1086 47.00 17.61 -23.69
N SER D 1087 46.13 17.61 -24.71
CA SER D 1087 44.73 17.19 -24.58
C SER D 1087 43.93 18.10 -23.64
N ALA D 1088 42.61 18.14 -23.83
CA ALA D 1088 41.70 18.91 -22.99
C ALA D 1088 40.28 18.43 -23.25
N LYS D 1089 39.31 19.14 -22.68
CA LYS D 1089 37.91 18.78 -22.84
C LYS D 1089 37.03 20.02 -22.69
N PRO D 1090 36.58 20.61 -23.79
CA PRO D 1090 35.75 21.82 -23.70
C PRO D 1090 34.40 21.54 -23.05
N TYR D 1091 33.89 22.56 -22.37
CA TYR D 1091 32.57 22.49 -21.73
C TYR D 1091 31.90 23.83 -21.95
N LEU D 1092 30.88 23.87 -22.81
CA LEU D 1092 30.21 25.12 -23.13
C LEU D 1092 29.32 25.55 -21.96
N ALA D 1093 29.44 26.82 -21.56
CA ALA D 1093 28.73 27.35 -20.40
C ALA D 1093 27.97 28.59 -20.78
N THR D 1094 26.70 28.62 -20.39
CA THR D 1094 25.73 29.65 -20.74
C THR D 1094 25.77 30.80 -19.73
N PRO D 1095 25.11 31.93 -20.02
CA PRO D 1095 25.06 33.00 -19.02
C PRO D 1095 24.26 32.58 -17.81
N GLY D 1096 24.59 33.18 -16.67
CA GLY D 1096 23.95 32.82 -15.42
C GLY D 1096 24.29 31.42 -14.95
N ALA D 1097 25.51 30.97 -15.18
CA ALA D 1097 25.97 29.65 -14.75
C ALA D 1097 26.90 29.79 -13.56
N THR D 1098 27.08 28.69 -12.84
CA THR D 1098 27.83 28.68 -11.59
C THR D 1098 29.05 27.76 -11.74
N LEU D 1099 30.19 28.36 -12.08
CA LEU D 1099 31.46 27.63 -12.08
C LEU D 1099 31.82 27.19 -10.66
N HIS D 1100 32.21 25.93 -10.52
CA HIS D 1100 32.61 25.36 -9.23
C HIS D 1100 34.12 25.23 -9.19
N GLY D 1101 34.78 26.24 -8.65
CA GLY D 1101 36.21 26.20 -8.43
C GLY D 1101 36.93 27.44 -8.96
N HIS D 1102 38.05 27.75 -8.34
CA HIS D 1102 38.89 28.86 -8.79
C HIS D 1102 39.66 28.45 -10.03
N TYR D 1103 40.51 29.35 -10.52
CA TYR D 1103 41.38 29.03 -11.64
C TYR D 1103 42.39 27.96 -11.23
N GLY D 1104 42.62 27.01 -12.12
CA GLY D 1104 43.56 25.94 -11.85
C GLY D 1104 43.13 25.02 -10.73
N GLU D 1105 41.83 24.95 -10.44
CA GLU D 1105 41.34 24.07 -9.39
C GLU D 1105 41.49 22.61 -9.82
N ILE D 1106 42.10 21.80 -8.96
CA ILE D 1106 42.33 20.39 -9.26
C ILE D 1106 40.98 19.69 -9.29
N ILE D 1107 40.57 19.26 -10.47
CA ILE D 1107 39.28 18.60 -10.67
C ILE D 1107 39.50 17.09 -10.65
N TYR D 1108 38.78 16.40 -9.79
CA TYR D 1108 38.89 14.96 -9.68
C TYR D 1108 37.96 14.28 -10.68
N GLU D 1109 37.76 12.98 -10.53
CA GLU D 1109 37.08 12.21 -11.56
C GLU D 1109 35.58 12.49 -11.58
N GLY D 1110 34.96 12.70 -10.43
CA GLY D 1110 33.51 12.78 -10.37
C GLY D 1110 32.91 14.11 -9.94
N ASP D 1111 33.74 15.02 -9.43
CA ASP D 1111 33.22 16.27 -8.90
C ASP D 1111 32.64 17.15 -10.01
N THR D 1112 31.69 17.98 -9.62
CA THR D 1112 30.94 18.81 -10.58
C THR D 1112 31.79 19.97 -11.07
N LEU D 1113 31.33 20.57 -12.17
CA LEU D 1113 31.96 21.77 -12.73
C LEU D 1113 31.01 22.96 -12.76
N VAL D 1114 29.79 22.79 -13.28
CA VAL D 1114 28.83 23.89 -13.37
C VAL D 1114 27.43 23.29 -13.30
N THR D 1115 26.51 24.06 -12.71
CA THR D 1115 25.20 23.51 -12.38
C THR D 1115 24.23 23.54 -13.56
N PHE D 1116 24.10 24.70 -14.21
CA PHE D 1116 23.10 24.96 -15.24
C PHE D 1116 21.69 25.00 -14.64
N ILE D 1117 20.82 25.84 -15.19
CA ILE D 1117 19.44 25.95 -14.73
C ILE D 1117 18.54 25.97 -15.96
N TYR D 1118 17.57 25.06 -16.01
CA TYR D 1118 16.55 25.05 -17.04
C TYR D 1118 15.18 25.06 -16.39
N GLU D 1119 14.22 25.67 -17.07
CA GLU D 1119 12.95 26.04 -16.46
C GLU D 1119 11.88 24.96 -16.53
N LYS D 1120 12.10 23.90 -17.28
CA LYS D 1120 11.07 22.88 -17.46
C LYS D 1120 9.86 23.60 -17.94
N SER D 1121 8.69 23.03 -17.76
CA SER D 1121 7.47 23.77 -18.11
C SER D 1121 6.21 23.05 -17.73
N ARG D 1122 6.30 22.16 -16.77
CA ARG D 1122 5.10 21.48 -16.30
C ARG D 1122 4.11 22.40 -15.65
N SER D 1123 4.25 22.60 -14.34
CA SER D 1123 3.31 23.43 -13.58
C SER D 1123 1.89 23.49 -14.12
N GLY D 1124 1.22 22.34 -14.23
CA GLY D 1124 -0.18 22.33 -14.64
C GLY D 1124 -0.95 22.76 -13.42
N ASP D 1125 -0.60 22.22 -12.25
CA ASP D 1125 -1.21 22.62 -10.97
C ASP D 1125 -0.73 21.69 -9.88
N ILE D 1126 -0.63 22.17 -8.65
CA ILE D 1126 -0.11 21.37 -7.54
C ILE D 1126 -0.74 19.97 -7.41
N THR D 1127 -1.93 19.88 -6.82
CA THR D 1127 -2.60 18.60 -6.69
C THR D 1127 -3.59 18.51 -7.83
N GLN D 1128 -3.84 17.31 -8.34
CA GLN D 1128 -4.71 17.25 -9.51
C GLN D 1128 -5.62 16.04 -9.60
N GLY D 1129 -5.95 15.44 -8.46
CA GLY D 1129 -6.87 14.34 -8.49
C GLY D 1129 -7.62 14.31 -7.19
N LEU D 1130 -7.82 13.13 -6.65
CA LEU D 1130 -8.44 13.08 -5.35
C LEU D 1130 -7.87 14.15 -4.43
N PRO D 1131 -6.54 14.36 -4.49
CA PRO D 1131 -6.15 15.37 -3.48
C PRO D 1131 -6.69 16.75 -3.77
N LYS D 1132 -6.81 17.14 -5.06
CA LYS D 1132 -7.41 18.44 -5.38
C LYS D 1132 -8.86 18.51 -4.93
N VAL D 1133 -9.63 17.43 -5.18
CA VAL D 1133 -11.02 17.39 -4.76
C VAL D 1133 -11.11 17.46 -3.24
N GLU D 1134 -10.23 16.72 -2.55
CA GLU D 1134 -10.21 16.79 -1.10
C GLU D 1134 -9.89 18.21 -0.61
N GLN D 1135 -8.96 18.89 -1.28
CA GLN D 1135 -8.58 20.23 -0.87
C GLN D 1135 -9.73 21.21 -1.04
N VAL D 1136 -10.41 21.16 -2.19
CA VAL D 1136 -11.49 22.12 -2.41
C VAL D 1136 -12.70 21.80 -1.53
N LEU D 1137 -13.05 20.52 -1.40
CA LEU D 1137 -14.17 20.14 -0.54
C LEU D 1137 -13.89 20.47 0.91
N GLU D 1138 -12.73 20.03 1.42
CA GLU D 1138 -12.30 20.42 2.75
C GLU D 1138 -11.84 21.86 2.75
N VAL D 1139 -12.74 22.79 3.05
CA VAL D 1139 -12.38 24.20 2.99
C VAL D 1139 -11.67 24.56 4.28
N ARG D 1140 -10.35 24.35 4.30
CA ARG D 1140 -9.55 24.73 5.46
C ARG D 1140 -9.32 26.23 5.47
N SER D 1141 -8.66 26.73 4.43
CA SER D 1141 -8.66 28.14 4.07
C SER D 1141 -9.35 28.28 2.73
N ILE D 1142 -10.11 29.36 2.56
CA ILE D 1142 -10.85 29.53 1.32
C ILE D 1142 -9.84 29.94 0.24
N ASP D 1143 -9.38 28.95 -0.53
CA ASP D 1143 -8.37 29.18 -1.56
C ASP D 1143 -8.62 28.35 -2.80
N SER D 1144 -9.88 27.98 -3.06
CA SER D 1144 -10.19 27.25 -4.28
C SER D 1144 -9.86 28.08 -5.51
N ILE D 1145 -10.56 29.21 -5.68
CA ILE D 1145 -10.24 30.17 -6.73
C ILE D 1145 -10.07 31.54 -6.07
N SER D 1146 -9.57 31.55 -4.82
CA SER D 1146 -9.50 32.77 -4.04
C SER D 1146 -8.59 33.82 -4.64
N ILE D 1147 -7.75 33.46 -5.61
CA ILE D 1147 -7.09 34.47 -6.43
C ILE D 1147 -8.13 35.34 -7.11
N ASN D 1148 -9.35 34.83 -7.25
CA ASN D 1148 -10.49 35.59 -7.77
C ASN D 1148 -11.66 35.64 -6.79
N LEU D 1149 -11.94 34.54 -6.09
CA LEU D 1149 -13.13 34.47 -5.24
C LEU D 1149 -12.98 35.31 -3.98
N GLU D 1150 -11.83 35.23 -3.31
CA GLU D 1150 -11.61 35.98 -2.08
C GLU D 1150 -11.72 37.48 -2.33
N LYS D 1151 -11.23 37.95 -3.49
CA LYS D 1151 -11.37 39.35 -3.85
C LYS D 1151 -12.84 39.76 -3.87
N ARG D 1152 -13.68 38.96 -4.54
CA ARG D 1152 -15.10 39.27 -4.59
C ARG D 1152 -15.72 39.29 -3.21
N ILE D 1153 -15.41 38.27 -2.39
CA ILE D 1153 -16.05 38.16 -1.08
C ILE D 1153 -15.67 39.34 -0.20
N ASP D 1154 -14.38 39.69 -0.18
CA ASP D 1154 -13.94 40.84 0.63
C ASP D 1154 -14.55 42.14 0.10
N SER D 1155 -14.64 42.27 -1.22
CA SER D 1155 -15.24 43.48 -1.79
C SER D 1155 -16.69 43.63 -1.34
N TRP D 1156 -17.46 42.53 -1.40
CA TRP D 1156 -18.84 42.60 -0.92
C TRP D 1156 -18.89 42.94 0.56
N ASN D 1157 -18.09 42.24 1.37
CA ASN D 1157 -18.14 42.44 2.81
C ASN D 1157 -17.74 43.85 3.22
N GLU D 1158 -16.96 44.54 2.40
CA GLU D 1158 -16.65 45.94 2.68
C GLU D 1158 -17.61 46.91 2.02
N ARG D 1159 -18.33 46.50 0.98
CA ARG D 1159 -19.23 47.40 0.25
C ARG D 1159 -20.69 47.23 0.63
N ILE D 1160 -21.00 46.38 1.61
CA ILE D 1160 -22.41 46.20 2.00
C ILE D 1160 -23.01 47.52 2.46
N THR D 1161 -22.27 48.30 3.24
CA THR D 1161 -22.76 49.57 3.75
C THR D 1161 -22.88 50.56 2.59
N ARG D 1162 -24.10 50.80 2.16
CA ARG D 1162 -24.36 51.67 1.01
C ARG D 1162 -25.68 52.40 1.22
N ILE D 1163 -26.25 52.91 0.13
CA ILE D 1163 -27.39 53.82 0.21
C ILE D 1163 -28.62 53.13 0.79
N LEU D 1164 -28.79 51.84 0.50
CA LEU D 1164 -30.02 51.15 0.86
C LEU D 1164 -30.23 51.11 2.37
N GLY D 1165 -29.36 50.42 3.08
CA GLY D 1165 -29.47 50.33 4.53
C GLY D 1165 -28.80 49.08 5.05
N SER D 1166 -28.77 48.97 6.37
CA SER D 1166 -28.13 47.82 7.01
C SER D 1166 -29.00 46.56 6.99
N PRO D 1167 -30.32 46.61 7.25
CA PRO D 1167 -31.09 45.35 7.17
C PRO D 1167 -31.18 44.79 5.76
N TRP D 1168 -31.55 45.61 4.78
CA TRP D 1168 -31.52 45.20 3.38
C TRP D 1168 -30.12 44.78 2.96
N GLY D 1169 -29.13 45.56 3.36
CA GLY D 1169 -27.82 45.50 2.72
C GLY D 1169 -27.16 44.16 2.88
N PHE D 1170 -27.14 43.64 4.11
CA PHE D 1170 -26.40 42.40 4.24
C PHE D 1170 -27.24 41.18 3.87
N LEU D 1171 -28.57 41.26 3.94
CA LEU D 1171 -29.36 40.23 3.29
C LEU D 1171 -28.91 40.08 1.85
N ILE D 1172 -28.81 41.20 1.14
CA ILE D 1172 -28.33 41.19 -0.24
C ILE D 1172 -26.92 40.62 -0.31
N GLY D 1173 -26.03 41.08 0.57
CA GLY D 1173 -24.64 40.68 0.49
C GLY D 1173 -24.42 39.19 0.76
N ALA D 1174 -25.05 38.67 1.81
CA ALA D 1174 -24.93 37.25 2.14
C ALA D 1174 -25.52 36.39 1.03
N GLU D 1175 -26.67 36.79 0.50
CA GLU D 1175 -27.27 36.01 -0.58
C GLU D 1175 -26.36 35.98 -1.80
N LEU D 1176 -25.77 37.13 -2.15
CA LEU D 1176 -24.82 37.20 -3.26
C LEU D 1176 -23.59 36.32 -3.00
N THR D 1177 -23.05 36.38 -1.78
CA THR D 1177 -21.85 35.61 -1.47
C THR D 1177 -22.12 34.12 -1.56
N ILE D 1178 -23.25 33.67 -1.02
CA ILE D 1178 -23.60 32.25 -1.09
C ILE D 1178 -23.78 31.83 -2.54
N ALA D 1179 -24.45 32.66 -3.34
CA ALA D 1179 -24.66 32.32 -4.75
C ALA D 1179 -23.33 32.18 -5.49
N GLN D 1180 -22.42 33.14 -5.29
CA GLN D 1180 -21.15 33.10 -5.97
C GLN D 1180 -20.32 31.89 -5.52
N SER D 1181 -20.35 31.60 -4.22
CA SER D 1181 -19.62 30.43 -3.72
C SER D 1181 -20.15 29.15 -4.33
N ARG D 1182 -21.48 29.02 -4.42
CA ARG D 1182 -22.06 27.83 -5.03
C ARG D 1182 -21.64 27.70 -6.49
N ILE D 1183 -21.73 28.80 -7.25
CA ILE D 1183 -21.41 28.75 -8.67
C ILE D 1183 -19.93 28.38 -8.87
N SER D 1184 -19.05 28.96 -8.05
CA SER D 1184 -17.63 28.64 -8.17
C SER D 1184 -17.35 27.18 -7.79
N LEU D 1185 -17.94 26.72 -6.68
CA LEU D 1185 -17.61 25.39 -6.16
C LEU D 1185 -18.11 24.29 -7.08
N VAL D 1186 -19.30 24.46 -7.67
CA VAL D 1186 -19.84 23.43 -8.55
C VAL D 1186 -18.90 23.21 -9.74
N ASN D 1187 -18.50 24.31 -10.39
CA ASN D 1187 -17.61 24.20 -11.54
C ASN D 1187 -16.24 23.67 -11.12
N LYS D 1188 -15.71 24.12 -9.98
CA LYS D 1188 -14.40 23.66 -9.55
C LYS D 1188 -14.40 22.16 -9.28
N ILE D 1189 -15.46 21.65 -8.65
CA ILE D 1189 -15.58 20.22 -8.42
C ILE D 1189 -15.70 19.48 -9.75
N GLN D 1190 -16.57 19.97 -10.64
CA GLN D 1190 -16.87 19.22 -11.85
C GLN D 1190 -15.70 19.21 -12.83
N LYS D 1191 -14.83 20.22 -12.76
CA LYS D 1191 -13.71 20.27 -13.71
C LYS D 1191 -12.74 19.12 -13.50
N VAL D 1192 -12.47 18.76 -12.25
CA VAL D 1192 -11.54 17.67 -11.98
C VAL D 1192 -12.05 16.36 -12.56
N TYR D 1193 -13.35 16.11 -12.44
CA TYR D 1193 -13.92 14.87 -12.97
C TYR D 1193 -14.01 14.92 -14.50
N ARG D 1194 -14.35 16.07 -15.07
CA ARG D 1194 -14.44 16.17 -16.52
C ARG D 1194 -13.08 16.13 -17.19
N SER D 1195 -12.01 16.44 -16.45
CA SER D 1195 -10.67 16.34 -17.00
C SER D 1195 -10.12 14.92 -16.98
N GLN D 1196 -10.85 13.98 -16.36
CA GLN D 1196 -10.43 12.58 -16.30
C GLN D 1196 -11.45 11.64 -16.94
N GLY D 1197 -12.39 12.17 -17.72
CA GLY D 1197 -13.40 11.34 -18.34
C GLY D 1197 -14.36 10.66 -17.39
N VAL D 1198 -14.84 11.40 -16.38
CA VAL D 1198 -15.77 10.87 -15.39
C VAL D 1198 -17.07 11.66 -15.52
N GLN D 1199 -18.19 10.95 -15.66
CA GLN D 1199 -19.49 11.57 -15.90
C GLN D 1199 -20.39 11.35 -14.68
N ILE D 1200 -20.74 12.44 -14.01
CA ILE D 1200 -21.72 12.42 -12.92
C ILE D 1200 -22.61 13.64 -13.06
N HIS D 1201 -23.93 13.44 -12.90
CA HIS D 1201 -24.87 14.53 -13.03
C HIS D 1201 -24.65 15.56 -11.92
N ASN D 1202 -25.06 16.80 -12.21
CA ASN D 1202 -24.83 17.90 -11.28
C ASN D 1202 -25.67 17.79 -10.00
N ARG D 1203 -26.67 16.90 -9.96
CA ARG D 1203 -27.49 16.76 -8.77
C ARG D 1203 -26.66 16.36 -7.56
N HIS D 1204 -25.78 15.38 -7.74
CA HIS D 1204 -24.99 14.86 -6.63
C HIS D 1204 -24.00 15.90 -6.14
N ILE D 1205 -23.44 16.70 -7.06
CA ILE D 1205 -22.55 17.78 -6.66
C ILE D 1205 -23.31 18.85 -5.90
N GLU D 1206 -24.48 19.24 -6.42
CA GLU D 1206 -25.23 20.35 -5.84
C GLU D 1206 -25.78 19.99 -4.47
N ILE D 1207 -26.15 18.73 -4.25
CA ILE D 1207 -26.67 18.33 -2.95
C ILE D 1207 -25.62 18.55 -1.86
N ILE D 1208 -24.36 18.18 -2.14
CA ILE D 1208 -23.29 18.40 -1.18
C ILE D 1208 -22.95 19.89 -1.08
N VAL D 1209 -22.92 20.59 -2.23
CA VAL D 1209 -22.52 21.99 -2.23
C VAL D 1209 -23.49 22.83 -1.40
N ARG D 1210 -24.79 22.51 -1.49
CA ARG D 1210 -25.77 23.24 -0.69
C ARG D 1210 -25.50 23.09 0.79
N GLN D 1211 -25.17 21.87 1.23
CA GLN D 1211 -24.83 21.68 2.64
C GLN D 1211 -23.53 22.38 3.01
N ILE D 1212 -22.61 22.49 2.06
CA ILE D 1212 -21.36 23.22 2.33
C ILE D 1212 -21.65 24.70 2.57
N THR D 1213 -22.49 25.31 1.73
CA THR D 1213 -22.86 26.72 1.87
C THR D 1213 -24.35 26.80 2.13
N SER D 1214 -24.74 26.69 3.41
CA SER D 1214 -26.11 26.94 3.80
C SER D 1214 -26.24 27.61 5.16
N LYS D 1215 -25.14 27.95 5.83
CA LYS D 1215 -25.19 28.47 7.18
C LYS D 1215 -24.30 29.71 7.28
N VAL D 1216 -24.81 30.73 7.98
CA VAL D 1216 -24.08 31.95 8.20
C VAL D 1216 -23.50 31.92 9.61
N LEU D 1217 -22.51 32.78 9.84
CA LEU D 1217 -21.87 32.92 11.15
C LEU D 1217 -22.14 34.33 11.67
N VAL D 1218 -22.75 34.42 12.86
CA VAL D 1218 -23.09 35.71 13.44
C VAL D 1218 -21.79 36.42 13.81
N SER D 1219 -21.47 37.49 13.09
CA SER D 1219 -20.22 38.21 13.30
C SER D 1219 -20.28 38.99 14.62
N GLU D 1220 -19.12 39.50 15.02
CA GLU D 1220 -18.99 40.24 16.26
C GLU D 1220 -19.85 41.50 16.24
N ASP D 1221 -20.09 42.04 17.43
CA ASP D 1221 -20.96 43.20 17.63
C ASP D 1221 -22.36 42.96 17.06
N GLY D 1222 -22.85 41.73 17.24
CA GLY D 1222 -24.18 41.36 16.84
C GLY D 1222 -24.92 40.67 17.98
N MET D 1223 -24.71 41.16 19.20
CA MET D 1223 -25.19 40.49 20.40
C MET D 1223 -26.71 40.36 20.46
N SER D 1224 -27.41 41.49 20.49
CA SER D 1224 -28.86 41.48 20.66
C SER D 1224 -29.25 40.62 21.85
N ASN D 1225 -30.33 39.85 21.71
CA ASN D 1225 -30.71 38.84 22.68
C ASN D 1225 -31.06 37.49 22.07
N VAL D 1226 -31.33 37.43 20.77
CA VAL D 1226 -31.72 36.17 20.13
C VAL D 1226 -30.48 35.40 19.67
N PHE D 1227 -29.60 36.06 18.93
CA PHE D 1227 -28.41 35.43 18.36
C PHE D 1227 -27.18 35.99 19.08
N LEU D 1228 -26.60 35.18 19.95
CA LEU D 1228 -25.30 35.53 20.52
C LEU D 1228 -24.25 35.56 19.40
N PRO D 1229 -23.34 36.52 19.41
CA PRO D 1229 -22.29 36.54 18.39
C PRO D 1229 -21.37 35.33 18.52
N GLY D 1230 -20.89 34.87 17.37
CA GLY D 1230 -20.20 33.60 17.28
C GLY D 1230 -21.08 32.42 16.96
N GLU D 1231 -22.40 32.60 16.96
CA GLU D 1231 -23.32 31.52 16.61
C GLU D 1231 -23.24 31.23 15.11
N LEU D 1232 -23.72 30.05 14.73
CA LEU D 1232 -23.63 29.54 13.37
C LEU D 1232 -25.01 29.11 12.88
N ILE D 1233 -25.99 29.99 13.04
CA ILE D 1233 -27.35 29.67 12.61
C ILE D 1233 -27.43 29.57 11.10
N GLY D 1234 -28.53 28.99 10.62
CA GLY D 1234 -28.71 28.75 9.20
C GLY D 1234 -29.00 30.03 8.43
N LEU D 1235 -28.90 29.91 7.10
CA LEU D 1235 -29.10 31.06 6.23
C LEU D 1235 -30.55 31.54 6.29
N PHE D 1236 -31.49 30.62 6.13
CA PHE D 1236 -32.91 30.98 6.27
C PHE D 1236 -33.21 31.45 7.67
N ARG D 1237 -32.60 30.79 8.67
CA ARG D 1237 -32.78 31.20 10.06
C ARG D 1237 -32.49 32.68 10.26
N ALA D 1238 -31.44 33.18 9.61
CA ALA D 1238 -31.06 34.58 9.75
C ALA D 1238 -31.86 35.50 8.84
N GLU D 1239 -32.09 35.10 7.59
CA GLU D 1239 -32.75 36.00 6.65
C GLU D 1239 -34.25 36.13 6.90
N ARG D 1240 -34.88 35.15 7.55
CA ARG D 1240 -36.30 35.30 7.89
C ARG D 1240 -36.48 36.24 9.07
N THR D 1241 -35.60 36.14 10.08
CA THR D 1241 -35.73 36.99 11.26
C THR D 1241 -35.22 38.40 11.01
N GLY D 1242 -34.23 38.57 10.12
CA GLY D 1242 -33.79 39.91 9.79
C GLY D 1242 -34.88 40.74 9.16
N ARG D 1243 -35.77 40.10 8.40
CA ARG D 1243 -36.93 40.76 7.83
C ARG D 1243 -37.99 41.10 8.86
N ALA D 1244 -37.84 40.62 10.10
CA ALA D 1244 -38.81 40.87 11.16
C ALA D 1244 -38.21 41.64 12.34
N LEU D 1245 -37.03 41.24 12.82
CA LEU D 1245 -36.41 41.90 13.96
C LEU D 1245 -35.66 43.15 13.52
N GLU D 1246 -35.12 43.89 14.49
CA GLU D 1246 -34.44 45.14 14.19
C GLU D 1246 -33.14 45.35 14.98
N GLU D 1247 -32.64 44.34 15.69
CA GLU D 1247 -31.36 44.47 16.38
C GLU D 1247 -30.22 44.39 15.37
N ALA D 1248 -29.00 44.33 15.90
CA ALA D 1248 -27.81 44.07 15.09
C ALA D 1248 -27.69 42.57 14.92
N ILE D 1249 -28.27 42.05 13.83
CA ILE D 1249 -28.14 40.62 13.54
C ILE D 1249 -26.68 40.29 13.23
N CYS D 1250 -26.13 40.93 12.20
CA CYS D 1250 -24.69 40.99 11.96
C CYS D 1250 -24.05 39.61 11.92
N TYR D 1251 -24.47 38.82 10.93
CA TYR D 1251 -23.76 37.63 10.50
C TYR D 1251 -22.91 37.97 9.29
N ARG D 1252 -21.98 37.09 8.92
CA ARG D 1252 -21.28 37.28 7.64
C ARG D 1252 -21.38 36.08 6.70
N ALA D 1253 -20.75 34.95 7.02
CA ALA D 1253 -20.67 33.82 6.09
C ALA D 1253 -19.87 32.66 6.67
N THR D 1254 -20.15 31.45 6.20
CA THR D 1254 -19.29 30.30 6.43
C THR D 1254 -19.39 29.35 5.24
N LEU D 1255 -18.25 29.05 4.62
CA LEU D 1255 -18.15 27.95 3.67
C LEU D 1255 -17.57 26.77 4.43
N LEU D 1256 -18.41 26.16 5.26
CA LEU D 1256 -17.95 25.07 6.12
C LEU D 1256 -17.47 23.88 5.30
N GLY D 1257 -16.40 23.25 5.77
CA GLY D 1257 -15.89 22.09 5.10
C GLY D 1257 -16.77 20.87 5.27
N ILE D 1258 -16.45 19.83 4.52
CA ILE D 1258 -17.22 18.59 4.58
C ILE D 1258 -17.10 17.93 5.95
N THR D 1259 -16.05 18.22 6.71
CA THR D 1259 -15.94 17.72 8.08
C THR D 1259 -16.68 18.61 9.07
N ARG D 1260 -16.47 19.93 8.98
CA ARG D 1260 -17.06 20.83 9.96
C ARG D 1260 -18.57 20.95 9.79
N ALA D 1261 -19.07 20.82 8.57
CA ALA D 1261 -20.52 20.92 8.35
C ALA D 1261 -21.28 19.76 8.96
N SER D 1262 -20.62 18.62 9.18
CA SER D 1262 -21.26 17.47 9.80
C SER D 1262 -21.21 17.50 11.32
N LEU D 1263 -20.26 18.23 11.90
CA LEU D 1263 -20.21 18.35 13.35
C LEU D 1263 -21.29 19.27 13.88
N ASN D 1264 -21.73 20.25 13.08
CA ASN D 1264 -22.81 21.13 13.45
C ASN D 1264 -24.12 20.62 12.85
N THR D 1265 -24.58 19.51 13.42
CA THR D 1265 -25.76 18.81 12.94
C THR D 1265 -26.87 18.89 13.98
N GLN D 1266 -28.09 18.61 13.56
CA GLN D 1266 -29.25 18.64 14.44
C GLN D 1266 -29.30 17.48 15.42
N SER D 1267 -28.50 16.44 15.21
CA SER D 1267 -28.49 15.25 16.06
C SER D 1267 -27.08 15.02 16.58
N PHE D 1268 -26.93 14.99 17.89
CA PHE D 1268 -25.61 14.78 18.49
C PHE D 1268 -25.14 13.34 18.35
N ILE D 1269 -26.07 12.38 18.20
CA ILE D 1269 -25.68 10.98 18.09
C ILE D 1269 -24.87 10.75 16.82
N SER D 1270 -25.31 11.34 15.70
CA SER D 1270 -24.59 11.18 14.45
C SER D 1270 -23.18 11.78 14.53
N GLU D 1271 -23.06 12.96 15.12
CA GLU D 1271 -21.74 13.58 15.25
C GLU D 1271 -20.84 12.78 16.18
N ALA D 1272 -21.40 12.25 17.26
CA ALA D 1272 -20.59 11.52 18.23
C ALA D 1272 -19.98 10.25 17.62
N SER D 1273 -20.62 9.69 16.60
CA SER D 1273 -20.14 8.48 15.95
C SER D 1273 -19.32 8.79 14.69
N PHE D 1274 -18.89 10.03 14.52
CA PHE D 1274 -18.07 10.42 13.38
C PHE D 1274 -16.66 10.82 13.78
N GLN D 1275 -16.52 11.83 14.65
CA GLN D 1275 -15.21 12.29 15.10
C GLN D 1275 -15.40 13.05 16.41
N GLU D 1276 -14.32 13.13 17.17
CA GLU D 1276 -14.29 13.86 18.45
C GLU D 1276 -15.45 13.41 19.34
N THR D 1277 -15.49 12.09 19.58
CA THR D 1277 -16.60 11.51 20.34
C THR D 1277 -16.67 12.07 21.75
N ALA D 1278 -15.53 12.17 22.42
CA ALA D 1278 -15.51 12.62 23.81
C ALA D 1278 -16.01 14.05 23.93
N ARG D 1279 -15.51 14.94 23.06
CA ARG D 1279 -15.93 16.34 23.13
C ARG D 1279 -17.42 16.49 22.83
N VAL D 1280 -17.91 15.79 21.81
CA VAL D 1280 -19.31 15.90 21.44
C VAL D 1280 -20.20 15.41 22.57
N LEU D 1281 -19.87 14.24 23.13
CA LEU D 1281 -20.66 13.70 24.22
C LEU D 1281 -20.62 14.59 25.45
N ALA D 1282 -19.44 15.13 25.78
CA ALA D 1282 -19.33 16.00 26.95
C ALA D 1282 -20.17 17.26 26.77
N LYS D 1283 -20.07 17.91 25.61
CA LYS D 1283 -20.82 19.13 25.38
C LYS D 1283 -22.33 18.85 25.37
N ALA D 1284 -22.74 17.75 24.73
CA ALA D 1284 -24.17 17.41 24.69
C ALA D 1284 -24.71 17.11 26.07
N ALA D 1285 -23.93 16.39 26.89
CA ALA D 1285 -24.37 16.07 28.24
C ALA D 1285 -24.44 17.31 29.11
N LEU D 1286 -23.43 18.18 29.03
CA LEU D 1286 -23.46 19.40 29.83
C LEU D 1286 -24.62 20.30 29.43
N ARG D 1287 -24.87 20.43 28.12
CA ARG D 1287 -26.00 21.23 27.67
C ARG D 1287 -27.33 20.52 27.91
N GLY D 1288 -27.33 19.19 27.91
CA GLY D 1288 -28.57 18.46 27.97
C GLY D 1288 -29.26 18.34 26.64
N ARG D 1289 -28.50 18.05 25.58
CA ARG D 1289 -29.03 18.07 24.23
C ARG D 1289 -30.10 17.00 24.03
N ILE D 1290 -30.97 17.25 23.06
CA ILE D 1290 -32.06 16.34 22.73
C ILE D 1290 -31.95 15.96 21.26
N ASP D 1291 -31.94 14.67 20.98
CA ASP D 1291 -31.95 14.15 19.62
C ASP D 1291 -33.35 13.65 19.29
N TRP D 1292 -33.91 14.13 18.18
CA TRP D 1292 -35.26 13.78 17.81
C TRP D 1292 -35.33 12.61 16.84
N LEU D 1293 -34.19 12.00 16.51
CA LEU D 1293 -34.14 10.78 15.71
C LEU D 1293 -34.83 10.96 14.36
N LYS D 1294 -34.27 11.87 13.56
CA LYS D 1294 -34.80 12.16 12.23
C LYS D 1294 -33.87 11.75 11.10
N GLY D 1295 -32.61 11.45 11.40
CA GLY D 1295 -31.66 11.03 10.40
C GLY D 1295 -31.68 9.53 10.16
N LEU D 1296 -30.63 9.04 9.53
CA LEU D 1296 -30.49 7.62 9.22
C LEU D 1296 -29.45 6.91 10.07
N LYS D 1297 -28.40 7.61 10.49
CA LYS D 1297 -27.38 6.98 11.31
C LYS D 1297 -27.85 6.76 12.75
N GLU D 1298 -28.58 7.74 13.30
CA GLU D 1298 -29.05 7.61 14.68
C GLU D 1298 -30.02 6.45 14.84
N ASN D 1299 -30.95 6.29 13.89
CA ASN D 1299 -31.90 5.19 13.99
C ASN D 1299 -31.22 3.84 13.78
N VAL D 1300 -30.14 3.79 13.01
CA VAL D 1300 -29.37 2.56 12.87
C VAL D 1300 -28.65 2.24 14.17
N VAL D 1301 -28.11 3.27 14.83
CA VAL D 1301 -27.38 3.07 16.07
C VAL D 1301 -28.30 2.47 17.14
N LEU D 1302 -29.52 2.98 17.24
CA LEU D 1302 -30.48 2.51 18.24
C LEU D 1302 -31.16 1.21 17.85
N GLY D 1303 -30.93 0.71 16.64
CA GLY D 1303 -31.60 -0.49 16.17
C GLY D 1303 -32.99 -0.28 15.65
N GLY D 1304 -33.49 0.97 15.66
CA GLY D 1304 -34.82 1.26 15.17
C GLY D 1304 -34.88 1.35 13.65
N MET D 1305 -36.11 1.42 13.14
CA MET D 1305 -36.33 1.48 11.71
C MET D 1305 -35.97 2.86 11.16
N ILE D 1306 -35.20 2.89 10.08
CA ILE D 1306 -34.84 4.14 9.42
C ILE D 1306 -36.04 4.67 8.65
N PRO D 1307 -36.25 5.99 8.63
CA PRO D 1307 -37.42 6.57 7.96
C PRO D 1307 -37.22 6.85 6.47
N VAL D 1308 -36.75 5.85 5.74
CA VAL D 1308 -36.57 5.97 4.29
C VAL D 1308 -37.16 4.74 3.61
N GLY D 1309 -37.44 4.89 2.32
CA GLY D 1309 -37.97 3.81 1.52
C GLY D 1309 -39.27 3.25 2.05
N THR D 1310 -39.26 2.01 2.51
CA THR D 1310 -40.44 1.36 3.04
C THR D 1310 -40.65 1.62 4.53
N GLY D 1311 -39.70 2.26 5.19
CA GLY D 1311 -39.88 2.65 6.58
C GLY D 1311 -40.28 4.11 6.69
N PHE D 1312 -40.71 4.68 5.57
CA PHE D 1312 -41.04 6.11 5.52
C PHE D 1312 -42.33 6.40 6.27
N LYS D 1313 -43.43 5.77 5.85
CA LYS D 1313 -44.74 6.02 6.44
C LYS D 1313 -45.29 4.81 7.18
N GLY D 1314 -45.36 3.67 6.53
CA GLY D 1314 -45.97 2.49 7.12
C GLY D 1314 -47.40 2.29 6.65
N PHE D 1315 -47.83 1.04 6.65
CA PHE D 1315 -49.16 0.69 6.15
C PHE D 1315 -50.20 0.82 7.25
N VAL D 1316 -51.45 1.03 6.83
CA VAL D 1316 -52.58 1.20 7.75
C VAL D 1316 -53.69 0.20 7.46
N HIS D 1317 -54.10 0.10 6.19
CA HIS D 1317 -55.18 -0.79 5.75
C HIS D 1317 -56.48 -0.49 6.51
N HIS D 1318 -56.99 0.72 6.24
CA HIS D 1318 -58.25 1.20 6.81
C HIS D 1318 -58.16 1.32 8.33
N ASP E 91 46.32 -43.41 -61.40
CA ASP E 91 44.94 -43.72 -61.05
C ASP E 91 43.97 -42.85 -61.85
N ASP E 92 43.41 -43.42 -62.92
CA ASP E 92 42.48 -42.71 -63.80
C ASP E 92 41.23 -43.55 -63.98
N GLY E 93 40.29 -43.42 -63.05
CA GLY E 93 38.96 -43.97 -63.25
C GLY E 93 37.88 -42.96 -62.88
N MET E 94 37.13 -42.51 -63.88
CA MET E 94 36.06 -41.53 -63.67
C MET E 94 35.29 -41.31 -64.97
N ASP E 95 33.99 -41.03 -64.86
CA ASP E 95 33.17 -40.74 -66.04
C ASP E 95 32.60 -39.33 -66.01
N PHE E 96 31.92 -38.95 -64.93
CA PHE E 96 31.26 -37.66 -64.85
C PHE E 96 32.10 -36.67 -64.04
N PRO E 97 31.90 -35.37 -64.24
CA PRO E 97 32.69 -34.37 -63.51
C PRO E 97 32.38 -34.40 -62.02
N TYR E 98 33.33 -33.90 -61.24
CA TYR E 98 33.22 -33.90 -59.79
C TYR E 98 32.10 -32.99 -59.34
N LEU E 99 31.66 -33.20 -58.09
CA LEU E 99 30.55 -32.45 -57.53
C LEU E 99 30.94 -31.00 -57.29
N ASP E 100 29.93 -30.18 -56.97
CA ASP E 100 30.12 -28.72 -56.99
C ASP E 100 31.13 -28.24 -55.95
N PRO E 101 30.98 -28.52 -54.66
CA PRO E 101 31.97 -28.04 -53.69
C PRO E 101 33.24 -28.87 -53.77
N PRO E 102 34.38 -28.23 -54.05
CA PRO E 102 35.63 -28.98 -54.15
C PRO E 102 35.98 -29.67 -52.84
N LEU E 103 36.52 -30.88 -52.95
CA LEU E 103 36.85 -31.66 -51.77
C LEU E 103 38.11 -31.12 -51.10
N ILE E 104 38.22 -31.37 -49.81
CA ILE E 104 39.35 -30.93 -49.00
C ILE E 104 40.01 -32.16 -48.40
N CYS E 105 41.33 -32.20 -48.47
CA CYS E 105 42.12 -33.34 -47.98
C CYS E 105 42.63 -33.02 -46.58
N CYS E 106 42.26 -33.85 -45.62
CA CYS E 106 42.59 -33.63 -44.21
C CYS E 106 43.44 -34.80 -43.74
N PHE E 107 44.75 -34.58 -43.65
CA PHE E 107 45.70 -35.62 -43.27
C PHE E 107 46.22 -35.36 -41.86
N GLY E 108 46.23 -36.40 -41.03
CA GLY E 108 46.71 -36.25 -39.67
C GLY E 108 46.33 -37.42 -38.79
N ALA E 109 45.95 -37.14 -37.55
CA ALA E 109 45.57 -38.14 -36.58
C ALA E 109 44.17 -37.85 -36.06
N VAL E 110 43.34 -38.88 -35.98
CA VAL E 110 41.97 -38.73 -35.50
C VAL E 110 41.97 -38.84 -33.98
N GLN E 111 41.52 -37.79 -33.31
CA GLN E 111 41.54 -37.75 -31.86
C GLN E 111 40.33 -36.96 -31.37
N LYS E 112 40.01 -37.15 -30.09
CA LYS E 112 38.83 -36.55 -29.46
C LYS E 112 39.30 -35.56 -28.40
N GLU E 113 39.00 -34.28 -28.61
CA GLU E 113 39.25 -33.22 -27.64
C GLU E 113 40.72 -33.17 -27.22
N PHE E 114 41.57 -32.85 -28.19
CA PHE E 114 43.02 -32.80 -28.00
C PHE E 114 43.50 -31.37 -28.17
N VAL E 115 44.36 -30.93 -27.26
CA VAL E 115 44.95 -29.60 -27.29
C VAL E 115 46.46 -29.73 -27.42
N PRO E 116 46.99 -29.63 -28.63
CA PRO E 116 48.44 -29.82 -28.83
C PRO E 116 49.29 -28.72 -28.22
N SER E 117 48.97 -27.46 -28.52
CA SER E 117 49.81 -26.33 -28.14
C SER E 117 49.68 -26.10 -26.63
N VAL E 118 50.71 -26.49 -25.89
CA VAL E 118 50.74 -26.34 -24.43
C VAL E 118 52.03 -25.63 -24.04
N ARG E 119 51.90 -24.60 -23.21
CA ARG E 119 53.04 -23.90 -22.64
C ARG E 119 52.77 -23.70 -21.15
N VAL E 120 53.58 -22.87 -20.51
CA VAL E 120 53.45 -22.59 -19.09
C VAL E 120 52.60 -21.33 -18.93
N SER E 121 51.38 -21.51 -18.41
CA SER E 121 50.51 -20.37 -18.15
C SER E 121 50.90 -19.72 -16.82
N GLU E 122 50.91 -18.38 -16.82
CA GLU E 122 51.33 -17.65 -15.63
C GLU E 122 50.35 -17.83 -14.48
N HIS E 123 49.06 -17.86 -14.77
CA HIS E 123 48.03 -17.92 -13.74
C HIS E 123 47.40 -19.30 -13.69
N GLN E 124 47.24 -19.82 -12.47
CA GLN E 124 46.55 -21.07 -12.22
C GLN E 124 45.43 -20.81 -11.23
N MET E 125 44.35 -21.57 -11.37
CA MET E 125 43.14 -21.37 -10.56
C MET E 125 42.81 -22.67 -9.83
N ASP E 126 43.45 -22.87 -8.67
CA ASP E 126 43.22 -23.95 -7.72
C ASP E 126 43.50 -25.34 -8.32
N PRO E 127 44.24 -26.20 -7.61
CA PRO E 127 44.58 -27.51 -8.17
C PRO E 127 43.46 -28.52 -8.13
N ASP E 128 42.46 -28.36 -7.25
CA ASP E 128 41.43 -29.37 -7.05
C ASP E 128 40.06 -28.93 -7.54
N ILE E 129 39.62 -27.72 -7.16
CA ILE E 129 38.28 -27.26 -7.49
C ILE E 129 38.21 -26.90 -8.97
N TYR E 130 37.57 -27.75 -9.77
CA TYR E 130 37.40 -27.46 -11.19
C TYR E 130 36.19 -26.58 -11.47
N SER E 131 35.43 -26.21 -10.45
CA SER E 131 34.28 -25.34 -10.67
C SER E 131 34.70 -23.92 -11.02
N GLY E 132 35.91 -23.52 -10.62
CA GLY E 132 36.42 -22.20 -10.92
C GLY E 132 37.43 -22.14 -12.05
N TRP E 133 37.67 -23.25 -12.75
CA TRP E 133 38.63 -23.24 -13.86
C TRP E 133 38.11 -22.45 -15.04
N LYS E 134 36.80 -22.27 -15.16
CA LYS E 134 36.24 -21.51 -16.27
C LYS E 134 36.69 -20.06 -16.26
N MET E 135 37.19 -19.57 -15.13
CA MET E 135 37.75 -18.22 -15.07
C MET E 135 38.99 -18.07 -15.94
N MET E 136 39.58 -19.18 -16.38
CA MET E 136 40.70 -19.13 -17.32
C MET E 136 40.25 -19.11 -18.76
N GLN E 137 38.94 -19.21 -19.02
CA GLN E 137 38.41 -19.05 -20.37
C GLN E 137 38.02 -17.62 -20.67
N TRP E 138 37.71 -16.82 -19.65
CA TRP E 138 37.49 -15.40 -19.84
C TRP E 138 38.81 -14.65 -20.03
N ASN E 139 39.89 -15.16 -19.45
CA ASN E 139 41.22 -14.53 -19.52
C ASN E 139 42.22 -15.59 -19.96
N PRO E 140 42.30 -15.85 -21.27
CA PRO E 140 43.15 -16.93 -21.76
C PRO E 140 44.62 -16.61 -21.59
N PRO E 141 45.49 -17.63 -21.63
CA PRO E 141 46.92 -17.39 -21.37
C PRO E 141 47.70 -16.88 -22.57
N GLU E 142 46.99 -16.35 -23.58
CA GLU E 142 47.50 -15.69 -24.77
C GLU E 142 48.05 -16.68 -25.80
N PHE E 143 48.14 -17.98 -25.48
CA PHE E 143 48.39 -18.99 -26.49
C PHE E 143 47.22 -19.94 -26.67
N GLY E 144 46.35 -20.05 -25.67
CA GLY E 144 45.13 -20.82 -25.79
C GLY E 144 43.95 -19.93 -26.10
N ARG E 145 44.23 -18.73 -26.60
CA ARG E 145 43.16 -17.80 -26.97
C ARG E 145 42.28 -18.38 -28.06
N ALA E 146 42.89 -18.96 -29.09
CA ALA E 146 42.19 -19.68 -30.14
C ALA E 146 42.94 -20.97 -30.41
N PRO E 147 42.82 -21.96 -29.51
CA PRO E 147 43.63 -23.17 -29.61
C PRO E 147 43.10 -24.11 -30.69
N GLY E 148 43.95 -24.41 -31.68
CA GLY E 148 43.60 -25.41 -32.66
C GLY E 148 43.70 -26.81 -32.11
N GLY E 149 43.07 -27.75 -32.82
CA GLY E 149 43.03 -29.12 -32.38
C GLY E 149 43.44 -30.10 -33.46
N PRO E 150 42.87 -31.31 -33.41
CA PRO E 150 43.20 -32.32 -34.42
C PRO E 150 42.69 -31.95 -35.81
N VAL E 151 43.04 -32.76 -36.81
CA VAL E 151 42.59 -32.50 -38.16
C VAL E 151 41.15 -32.94 -38.36
N SER E 152 40.66 -33.91 -37.59
CA SER E 152 39.26 -34.31 -37.68
C SER E 152 38.35 -33.16 -37.28
N ASN E 153 38.75 -32.37 -36.28
CA ASN E 153 37.97 -31.20 -35.90
C ASN E 153 37.88 -30.21 -37.06
N VAL E 154 38.99 -29.98 -37.75
CA VAL E 154 38.99 -29.06 -38.88
C VAL E 154 38.09 -29.57 -39.99
N ALA E 155 38.16 -30.88 -40.28
CA ALA E 155 37.31 -31.44 -41.33
C ALA E 155 35.83 -31.32 -40.97
N ILE E 156 35.49 -31.61 -39.72
CA ILE E 156 34.10 -31.51 -39.28
C ILE E 156 33.61 -30.07 -39.36
N SER E 157 34.43 -29.11 -38.91
CA SER E 157 34.03 -27.72 -38.98
C SER E 157 33.88 -27.27 -40.43
N HIS E 158 34.74 -27.77 -41.32
CA HIS E 158 34.63 -27.39 -42.72
C HIS E 158 33.37 -27.94 -43.37
N VAL E 159 33.03 -29.20 -43.10
CA VAL E 159 31.83 -29.76 -43.72
C VAL E 159 30.58 -29.15 -43.10
N ARG E 160 30.63 -28.78 -41.82
CA ARG E 160 29.49 -28.13 -41.20
C ARG E 160 29.28 -26.71 -41.69
N LEU E 161 30.29 -26.12 -42.33
CA LEU E 161 30.18 -24.78 -42.88
C LEU E 161 29.71 -24.78 -44.34
N GLY E 162 29.33 -25.94 -44.87
CA GLY E 162 28.84 -26.05 -46.22
C GLY E 162 29.81 -26.65 -47.22
N GLY E 163 30.99 -27.06 -46.79
CA GLY E 163 31.97 -27.64 -47.67
C GLY E 163 31.93 -29.17 -47.66
N ARG E 164 32.98 -29.75 -48.25
CA ARG E 164 33.15 -31.20 -48.29
C ARG E 164 34.58 -31.53 -47.90
N ALA E 165 34.75 -32.51 -47.02
CA ALA E 165 36.06 -32.86 -46.53
C ALA E 165 36.22 -34.37 -46.46
N ALA E 166 37.47 -34.83 -46.57
CA ALA E 166 37.83 -36.23 -46.42
C ALA E 166 39.04 -36.34 -45.52
N VAL E 167 39.10 -37.41 -44.75
CA VAL E 167 40.12 -37.59 -43.72
C VAL E 167 40.93 -38.86 -44.03
N ILE E 168 42.25 -38.74 -43.98
CA ILE E 168 43.16 -39.86 -44.10
C ILE E 168 43.77 -40.14 -42.74
N GLY E 169 43.63 -41.38 -42.28
CA GLY E 169 44.17 -41.76 -40.99
C GLY E 169 43.94 -43.24 -40.76
N LYS E 170 44.45 -43.72 -39.63
CA LYS E 170 44.35 -45.13 -39.28
C LYS E 170 43.84 -45.26 -37.85
N VAL E 171 42.92 -46.20 -37.64
CA VAL E 171 42.37 -46.48 -36.33
C VAL E 171 42.45 -47.97 -36.05
N GLY E 172 42.47 -48.30 -34.76
CA GLY E 172 42.50 -49.68 -34.35
C GLY E 172 41.12 -50.33 -34.36
N GLU E 173 41.12 -51.65 -34.24
CA GLU E 173 39.87 -52.42 -34.22
C GLU E 173 39.35 -52.53 -32.79
N ASP E 174 39.14 -51.38 -32.17
CA ASP E 174 38.65 -51.27 -30.81
C ASP E 174 37.24 -50.68 -30.82
N ASP E 175 36.68 -50.51 -29.62
CA ASP E 175 35.41 -49.81 -29.48
C ASP E 175 35.60 -48.30 -29.68
N PHE E 176 36.66 -47.74 -29.12
CA PHE E 176 36.93 -46.32 -29.30
C PHE E 176 37.23 -46.00 -30.77
N GLY E 177 38.00 -46.85 -31.43
CA GLY E 177 38.26 -46.64 -32.84
C GLY E 177 37.02 -46.76 -33.69
N GLU E 178 36.12 -47.66 -33.31
CA GLU E 178 34.86 -47.82 -34.04
C GLU E 178 33.86 -46.71 -33.72
N GLU E 179 34.03 -46.00 -32.61
CA GLU E 179 33.14 -44.89 -32.30
C GLU E 179 33.66 -43.56 -32.84
N LEU E 180 34.97 -43.41 -32.98
CA LEU E 180 35.51 -42.19 -33.59
C LEU E 180 35.08 -42.07 -35.04
N VAL E 181 35.18 -43.18 -35.80
CA VAL E 181 34.74 -43.17 -37.18
C VAL E 181 33.24 -42.97 -37.26
N LEU E 182 32.48 -43.50 -36.29
CA LEU E 182 31.04 -43.24 -36.26
C LEU E 182 30.74 -41.77 -36.06
N MET E 183 31.47 -41.11 -35.15
CA MET E 183 31.29 -39.69 -34.92
C MET E 183 31.61 -38.89 -36.18
N MET E 184 32.70 -39.25 -36.87
CA MET E 184 33.05 -38.54 -38.10
C MET E 184 32.03 -38.79 -39.20
N ASN E 185 31.50 -40.02 -39.28
CA ASN E 185 30.54 -40.35 -40.33
C ASN E 185 29.19 -39.68 -40.09
N LYS E 186 28.82 -39.47 -38.83
CA LYS E 186 27.51 -38.90 -38.52
C LYS E 186 27.35 -37.48 -39.06
N GLU E 187 28.45 -36.82 -39.41
CA GLU E 187 28.43 -35.42 -39.84
C GLU E 187 29.00 -35.27 -41.24
N ASN E 188 28.73 -36.26 -42.10
CA ASN E 188 29.01 -36.21 -43.54
C ASN E 188 30.48 -36.02 -43.85
N VAL E 189 31.38 -36.45 -42.97
CA VAL E 189 32.80 -36.46 -43.28
C VAL E 189 33.13 -37.77 -43.97
N GLN E 190 33.66 -37.68 -45.19
CA GLN E 190 33.99 -38.89 -45.94
C GLN E 190 35.07 -39.69 -45.21
N THR E 191 34.83 -40.98 -45.06
CA THR E 191 35.75 -41.88 -44.37
C THR E 191 36.25 -42.97 -45.30
N ARG E 192 36.27 -42.70 -46.61
CA ARG E 192 36.79 -43.67 -47.57
C ARG E 192 38.28 -43.91 -47.39
N ALA E 193 39.00 -43.01 -46.74
CA ALA E 193 40.44 -43.11 -46.58
C ALA E 193 40.87 -43.44 -45.17
N VAL E 194 39.95 -43.81 -44.30
CA VAL E 194 40.27 -44.21 -42.93
C VAL E 194 40.50 -45.71 -42.93
N LYS E 195 41.66 -46.14 -42.45
CA LYS E 195 42.07 -47.53 -42.50
C LYS E 195 41.97 -48.15 -41.10
N PHE E 196 41.25 -49.28 -41.02
CA PHE E 196 41.14 -50.03 -39.78
C PHE E 196 42.23 -51.09 -39.74
N ASP E 197 42.91 -51.20 -38.60
CA ASP E 197 43.90 -52.26 -38.43
C ASP E 197 43.82 -52.80 -37.01
N SER E 198 44.28 -54.03 -36.83
CA SER E 198 44.18 -54.73 -35.56
C SER E 198 45.50 -54.84 -34.82
N ASN E 199 46.63 -54.49 -35.45
CA ASN E 199 47.92 -54.62 -34.79
C ASN E 199 48.04 -53.67 -33.60
N VAL E 200 47.53 -52.46 -33.73
CA VAL E 200 47.71 -51.43 -32.71
C VAL E 200 46.34 -50.99 -32.19
N LYS E 201 46.36 -50.40 -31.00
CA LYS E 201 45.16 -49.93 -30.33
C LYS E 201 45.01 -48.42 -30.48
N THR E 202 43.76 -47.96 -30.57
CA THR E 202 43.50 -46.55 -30.80
C THR E 202 43.90 -45.72 -29.58
N ALA E 203 44.65 -44.65 -29.83
CA ALA E 203 45.02 -43.67 -28.82
C ALA E 203 45.89 -44.25 -27.71
N CYS E 204 46.30 -45.50 -27.85
CA CYS E 204 47.13 -46.18 -26.85
C CYS E 204 48.50 -46.48 -27.46
N SER E 205 49.56 -46.03 -26.78
CA SER E 205 50.92 -46.25 -27.22
C SER E 205 51.73 -46.84 -26.08
N TYR E 206 52.53 -47.85 -26.37
CA TYR E 206 53.33 -48.55 -25.37
C TYR E 206 54.69 -47.89 -25.26
N MET E 207 55.04 -47.41 -24.08
CA MET E 207 56.32 -46.79 -23.79
C MET E 207 57.07 -47.62 -22.75
N ARG E 208 58.29 -47.19 -22.42
CA ARG E 208 59.12 -47.92 -21.47
C ARG E 208 59.85 -46.92 -20.58
N VAL E 209 59.87 -47.21 -19.27
CA VAL E 209 60.55 -46.32 -18.32
C VAL E 209 62.06 -46.52 -18.45
N LYS E 210 62.79 -45.40 -18.53
CA LYS E 210 64.20 -45.39 -18.88
C LYS E 210 64.98 -44.48 -17.94
N PHE E 211 64.86 -44.72 -16.63
CA PHE E 211 65.56 -43.92 -15.62
C PHE E 211 66.99 -43.61 -16.04
N SER E 212 67.29 -42.32 -16.17
CA SER E 212 68.59 -41.84 -16.60
C SER E 212 69.44 -41.48 -15.39
N ASP E 213 70.56 -40.79 -15.64
CA ASP E 213 71.42 -40.28 -14.58
C ASP E 213 70.57 -39.35 -13.72
N ASP E 214 70.99 -39.14 -12.48
CA ASP E 214 70.16 -38.50 -11.43
C ASP E 214 68.94 -39.40 -11.23
N GLY E 215 67.74 -38.85 -11.13
CA GLY E 215 66.55 -39.66 -10.96
C GLY E 215 65.41 -39.20 -11.86
N LYS E 216 65.75 -38.60 -13.00
CA LYS E 216 64.77 -38.08 -13.94
C LYS E 216 64.34 -39.18 -14.88
N MET E 217 63.07 -39.57 -14.82
CA MET E 217 62.57 -40.62 -15.68
C MET E 217 62.37 -40.12 -17.10
N LYS E 218 62.38 -41.06 -18.04
CA LYS E 218 62.12 -40.78 -19.44
C LYS E 218 61.18 -41.85 -19.97
N MET E 219 60.70 -41.64 -21.19
CA MET E 219 59.87 -42.64 -21.87
C MET E 219 60.28 -42.71 -23.34
N GLU E 220 60.39 -43.93 -23.84
CA GLU E 220 60.70 -44.19 -25.24
C GLU E 220 59.56 -44.99 -25.85
N THR E 221 59.08 -44.55 -27.01
CA THR E 221 57.94 -45.19 -27.64
C THR E 221 58.34 -46.59 -28.14
N VAL E 222 57.88 -47.61 -27.44
CA VAL E 222 58.15 -48.99 -27.86
C VAL E 222 57.22 -49.39 -29.00
N LYS E 223 55.92 -49.22 -28.79
CA LYS E 223 54.93 -49.50 -29.81
C LYS E 223 54.10 -48.24 -30.03
N GLU E 224 53.97 -47.82 -31.30
CA GLU E 224 53.31 -46.58 -31.62
C GLU E 224 51.79 -46.72 -31.50
N ALA E 225 51.12 -45.58 -31.32
CA ALA E 225 49.67 -45.57 -31.26
C ALA E 225 49.08 -45.83 -32.64
N ALA E 226 47.79 -46.18 -32.64
CA ALA E 226 47.13 -46.54 -33.90
C ALA E 226 47.05 -45.34 -34.83
N GLU E 227 46.83 -44.14 -34.28
CA GLU E 227 46.65 -42.97 -35.14
C GLU E 227 47.92 -42.67 -35.95
N ASP E 228 49.09 -42.74 -35.32
CA ASP E 228 50.35 -42.45 -35.99
C ASP E 228 51.04 -43.71 -36.50
N SER E 229 50.32 -44.54 -37.26
CA SER E 229 50.89 -45.77 -37.78
C SER E 229 50.44 -46.00 -39.22
N LEU E 230 50.40 -44.94 -40.01
CA LEU E 230 49.96 -45.02 -41.40
C LEU E 230 51.18 -45.10 -42.31
N VAL E 231 51.21 -46.11 -43.16
CA VAL E 231 52.31 -46.30 -44.09
C VAL E 231 51.88 -45.84 -45.48
N ALA E 232 52.86 -45.55 -46.32
CA ALA E 232 52.59 -44.96 -47.63
C ALA E 232 51.86 -45.91 -48.57
N SER E 233 51.91 -47.21 -48.32
CA SER E 233 51.22 -48.15 -49.20
C SER E 233 49.71 -47.98 -49.14
N GLU E 234 49.16 -47.78 -47.94
CA GLU E 234 47.72 -47.66 -47.75
C GLU E 234 47.29 -46.20 -47.77
N LEU E 235 47.59 -45.53 -48.88
CA LEU E 235 47.12 -44.17 -49.14
C LEU E 235 46.06 -44.24 -50.23
N ASN E 236 44.88 -43.71 -49.93
CA ASN E 236 43.75 -43.77 -50.86
C ASN E 236 44.04 -42.86 -52.05
N LEU E 237 44.39 -43.48 -53.19
CA LEU E 237 44.66 -42.68 -54.38
C LEU E 237 43.37 -42.34 -55.10
N ALA E 238 42.40 -41.85 -54.37
CA ALA E 238 41.19 -41.25 -54.90
C ALA E 238 40.85 -39.94 -54.22
N VAL E 239 41.07 -39.85 -52.91
CA VAL E 239 40.94 -38.57 -52.21
C VAL E 239 42.00 -37.60 -52.70
N LEU E 240 43.24 -38.07 -52.83
CA LEU E 240 44.34 -37.18 -53.23
C LEU E 240 44.12 -36.63 -54.64
N LYS E 241 43.63 -37.47 -55.56
CA LYS E 241 43.37 -37.01 -56.92
C LYS E 241 42.25 -35.97 -56.94
N GLU E 242 41.17 -36.22 -56.20
CA GLU E 242 40.01 -35.34 -56.25
C GLU E 242 40.22 -34.06 -55.46
N ALA E 243 40.88 -34.15 -54.30
CA ALA E 243 40.97 -33.01 -53.40
C ALA E 243 41.77 -31.87 -54.03
N ARG E 244 41.30 -30.65 -53.82
CA ARG E 244 41.95 -29.46 -54.35
C ARG E 244 42.80 -28.73 -53.33
N ILE E 245 42.66 -29.05 -52.05
CA ILE E 245 43.49 -28.47 -51.00
C ILE E 245 43.90 -29.59 -50.05
N PHE E 246 45.20 -29.71 -49.78
CA PHE E 246 45.73 -30.71 -48.87
C PHE E 246 46.06 -30.01 -47.56
N HIS E 247 45.35 -30.36 -46.50
CA HIS E 247 45.52 -29.73 -45.20
C HIS E 247 46.11 -30.73 -44.22
N PHE E 248 47.16 -30.31 -43.51
CA PHE E 248 47.78 -31.13 -42.48
C PHE E 248 48.36 -30.22 -41.42
N ASN E 249 48.57 -30.78 -40.24
CA ASN E 249 49.13 -30.04 -39.12
C ASN E 249 50.49 -30.63 -38.74
N SER E 250 51.21 -29.91 -37.88
CA SER E 250 52.60 -30.23 -37.59
C SER E 250 52.78 -31.45 -36.70
N GLU E 251 51.70 -31.99 -36.12
CA GLU E 251 51.83 -33.14 -35.22
C GLU E 251 52.45 -34.33 -35.93
N VAL E 252 52.11 -34.55 -37.20
CA VAL E 252 52.65 -35.66 -37.96
C VAL E 252 54.15 -35.55 -38.15
N LEU E 253 54.75 -34.40 -37.85
CA LEU E 253 56.19 -34.25 -37.91
C LEU E 253 56.90 -34.76 -36.67
N THR E 254 56.17 -35.25 -35.67
CA THR E 254 56.76 -35.76 -34.44
C THR E 254 56.93 -37.28 -34.46
N SER E 255 56.61 -37.95 -35.56
CA SER E 255 56.76 -39.39 -35.66
C SER E 255 57.50 -39.75 -36.93
N PRO E 256 58.30 -40.82 -36.91
CA PRO E 256 59.14 -41.14 -38.07
C PRO E 256 58.37 -41.59 -39.29
N SER E 257 57.48 -42.57 -39.13
CA SER E 257 56.80 -43.15 -40.28
C SER E 257 55.87 -42.15 -40.96
N MET E 258 55.13 -41.37 -40.17
CA MET E 258 54.26 -40.37 -40.76
C MET E 258 55.02 -39.27 -41.48
N ASN E 259 56.28 -39.04 -41.15
CA ASN E 259 57.05 -38.08 -41.93
C ASN E 259 57.13 -38.52 -43.39
N THR E 260 57.56 -39.77 -43.62
CA THR E 260 57.64 -40.30 -44.97
C THR E 260 56.26 -40.40 -45.61
N THR E 261 55.27 -40.87 -44.85
CA THR E 261 53.92 -41.01 -45.41
C THR E 261 53.35 -39.66 -45.84
N LEU E 262 53.53 -38.63 -45.00
CA LEU E 262 53.06 -37.29 -45.32
C LEU E 262 53.77 -36.74 -46.54
N PHE E 263 55.08 -36.95 -46.63
CA PHE E 263 55.80 -36.40 -47.79
C PHE E 263 55.38 -37.11 -49.07
N ARG E 264 55.14 -38.42 -49.00
CA ARG E 264 54.63 -39.14 -50.18
C ARG E 264 53.25 -38.63 -50.58
N ALA E 265 52.38 -38.40 -49.60
CA ALA E 265 51.05 -37.86 -49.90
C ALA E 265 51.14 -36.47 -50.52
N ILE E 266 52.04 -35.64 -50.00
CA ILE E 266 52.24 -34.30 -50.55
C ILE E 266 52.70 -34.39 -51.99
N LYS E 267 53.66 -35.29 -52.27
CA LYS E 267 54.14 -35.45 -53.63
C LYS E 267 53.02 -35.90 -54.56
N LEU E 268 52.20 -36.84 -54.12
CA LEU E 268 51.08 -37.31 -54.95
C LEU E 268 50.09 -36.19 -55.22
N SER E 269 49.70 -35.45 -54.17
CA SER E 269 48.72 -34.39 -54.34
C SER E 269 49.24 -33.29 -55.26
N LYS E 270 50.51 -32.92 -55.10
CA LYS E 270 51.10 -31.92 -55.98
C LYS E 270 51.20 -32.43 -57.42
N LYS E 271 51.47 -33.73 -57.59
CA LYS E 271 51.46 -34.31 -58.92
C LYS E 271 50.07 -34.22 -59.54
N PHE E 272 49.02 -34.30 -58.73
CA PHE E 272 47.67 -34.19 -59.23
C PHE E 272 47.15 -32.75 -59.24
N GLY E 273 47.97 -31.78 -58.84
CA GLY E 273 47.62 -30.38 -58.99
C GLY E 273 46.92 -29.74 -57.82
N GLY E 274 46.93 -30.36 -56.65
CA GLY E 274 46.26 -29.81 -55.49
C GLY E 274 47.16 -28.91 -54.67
N LEU E 275 46.55 -27.91 -54.03
CA LEU E 275 47.28 -27.03 -53.14
C LEU E 275 47.62 -27.74 -51.83
N VAL E 276 48.49 -27.11 -51.06
CA VAL E 276 48.93 -27.65 -49.77
C VAL E 276 48.69 -26.59 -48.71
N PHE E 277 47.82 -26.89 -47.76
CA PHE E 277 47.51 -26.00 -46.65
C PHE E 277 48.23 -26.52 -45.40
N PHE E 278 49.07 -25.68 -44.82
CA PHE E 278 49.86 -26.05 -43.65
C PHE E 278 49.33 -25.31 -42.43
N ASP E 279 48.95 -26.05 -41.41
CA ASP E 279 48.54 -25.51 -40.12
C ASP E 279 49.60 -25.85 -39.09
N LEU E 280 50.02 -24.86 -38.32
CA LEU E 280 51.19 -24.99 -37.45
C LEU E 280 50.80 -25.17 -35.99
N ASN E 281 49.77 -25.96 -35.70
CA ASN E 281 49.41 -26.20 -34.30
C ASN E 281 50.52 -27.04 -33.66
N LEU E 282 51.48 -26.35 -33.04
CA LEU E 282 52.70 -27.01 -32.59
C LEU E 282 52.43 -27.86 -31.35
N PRO E 283 52.87 -29.12 -31.33
CA PRO E 283 52.76 -29.91 -30.10
C PRO E 283 53.71 -29.39 -29.03
N LEU E 284 53.55 -29.94 -27.83
CA LEU E 284 54.39 -29.52 -26.70
C LEU E 284 55.88 -29.70 -26.98
N PRO E 285 56.38 -30.85 -27.44
CA PRO E 285 57.83 -30.99 -27.63
C PRO E 285 58.41 -29.99 -28.61
N LEU E 286 57.62 -29.50 -29.56
CA LEU E 286 58.13 -28.53 -30.54
C LEU E 286 58.22 -27.12 -29.98
N TRP E 287 57.74 -26.88 -28.76
CA TRP E 287 57.89 -25.58 -28.12
C TRP E 287 59.18 -25.46 -27.31
N LYS E 288 60.18 -26.30 -27.61
CA LYS E 288 61.40 -26.32 -26.81
C LYS E 288 62.33 -25.16 -27.20
N SER E 289 62.78 -25.14 -28.44
CA SER E 289 63.66 -24.09 -28.92
C SER E 289 63.30 -23.73 -30.35
N ARG E 290 63.61 -22.48 -30.73
CA ARG E 290 63.26 -22.01 -32.06
C ARG E 290 64.05 -22.73 -33.14
N ASP E 291 65.35 -22.91 -32.93
CA ASP E 291 66.20 -23.49 -33.97
C ASP E 291 65.82 -24.93 -34.26
N GLU E 292 65.56 -25.73 -33.22
CA GLU E 292 65.20 -27.13 -33.43
C GLU E 292 63.87 -27.24 -34.17
N THR E 293 62.89 -26.42 -33.80
CA THR E 293 61.60 -26.45 -34.49
C THR E 293 61.74 -26.02 -35.94
N ARG E 294 62.53 -24.98 -36.19
CA ARG E 294 62.73 -24.53 -37.57
C ARG E 294 63.43 -25.59 -38.40
N GLU E 295 64.38 -26.31 -37.81
CA GLU E 295 65.00 -27.43 -38.50
C GLU E 295 63.99 -28.53 -38.78
N VAL E 296 63.10 -28.80 -37.81
CA VAL E 296 62.14 -29.89 -37.97
C VAL E 296 61.12 -29.57 -39.06
N ILE E 297 60.57 -28.36 -39.05
CA ILE E 297 59.46 -28.02 -39.92
C ILE E 297 59.89 -27.45 -41.27
N LYS E 298 61.19 -27.31 -41.51
CA LYS E 298 61.66 -26.69 -42.75
C LYS E 298 61.22 -27.47 -43.97
N GLN E 299 61.35 -28.80 -43.92
CA GLN E 299 60.97 -29.61 -45.08
C GLN E 299 59.49 -29.48 -45.40
N ALA E 300 58.64 -29.48 -44.37
CA ALA E 300 57.22 -29.29 -44.60
C ALA E 300 56.89 -27.85 -44.97
N TRP E 301 57.60 -26.89 -44.36
CA TRP E 301 57.34 -25.48 -44.64
C TRP E 301 57.61 -25.14 -46.10
N GLU E 302 58.70 -25.65 -46.66
CA GLU E 302 59.05 -25.31 -48.03
C GLU E 302 58.11 -25.92 -49.06
N GLU E 303 57.30 -26.91 -48.68
CA GLU E 303 56.36 -27.55 -49.59
C GLU E 303 54.96 -26.95 -49.54
N ALA E 304 54.70 -26.02 -48.63
CA ALA E 304 53.36 -25.51 -48.42
C ALA E 304 53.07 -24.36 -49.38
N ASN E 305 51.81 -24.31 -49.84
CA ASN E 305 51.32 -23.19 -50.62
C ASN E 305 50.56 -22.15 -49.80
N ILE E 306 49.90 -22.58 -48.73
CA ILE E 306 49.21 -21.69 -47.79
C ILE E 306 49.61 -22.11 -46.38
N ILE E 307 49.93 -21.13 -45.55
CA ILE E 307 50.39 -21.38 -44.18
C ILE E 307 49.56 -20.53 -43.24
N GLU E 308 49.09 -21.15 -42.15
CA GLU E 308 48.33 -20.47 -41.11
C GLU E 308 49.03 -20.70 -39.78
N VAL E 309 49.40 -19.60 -39.11
CA VAL E 309 50.05 -19.66 -37.81
C VAL E 309 49.36 -18.69 -36.88
N SER E 310 49.50 -18.93 -35.58
CA SER E 310 48.96 -18.02 -34.58
C SER E 310 49.93 -16.86 -34.37
N ARG E 311 49.56 -15.94 -33.47
CA ARG E 311 50.44 -14.81 -33.18
C ARG E 311 51.67 -15.26 -32.39
N GLU E 312 51.49 -16.20 -31.46
CA GLU E 312 52.62 -16.67 -30.69
C GLU E 312 53.50 -17.63 -31.50
N GLU E 313 52.90 -18.40 -32.40
CA GLU E 313 53.66 -19.34 -33.22
C GLU E 313 54.49 -18.64 -34.29
N LEU E 314 54.30 -17.35 -34.52
CA LEU E 314 55.13 -16.57 -35.42
C LEU E 314 56.23 -15.81 -34.69
N GLU E 315 55.89 -15.17 -33.58
CA GLU E 315 56.89 -14.50 -32.78
C GLU E 315 57.89 -15.51 -32.20
N PHE E 316 57.41 -16.71 -31.87
CA PHE E 316 58.34 -17.76 -31.45
C PHE E 316 59.29 -18.15 -32.58
N LEU E 317 58.78 -18.22 -33.80
CA LEU E 317 59.59 -18.61 -34.95
C LEU E 317 60.51 -17.50 -35.43
N LEU E 318 60.30 -16.26 -35.03
CA LEU E 318 61.20 -15.18 -35.43
C LEU E 318 62.03 -14.65 -34.27
N ASP E 319 61.40 -14.10 -33.23
CA ASP E 319 62.11 -13.69 -32.02
C ASP E 319 61.11 -13.44 -30.89
N GLU E 320 61.16 -14.25 -29.83
CA GLU E 320 60.20 -14.05 -28.74
C GLU E 320 60.57 -12.84 -27.89
N ASP E 321 61.84 -12.70 -27.55
CA ASP E 321 62.26 -11.60 -26.66
C ASP E 321 62.05 -10.24 -27.33
N HIS E 322 62.44 -10.11 -28.59
CA HIS E 322 62.30 -8.84 -29.28
C HIS E 322 60.83 -8.45 -29.44
N TYR E 323 59.99 -9.39 -29.88
CA TYR E 323 58.59 -9.11 -30.09
C TYR E 323 57.79 -9.03 -28.81
N GLU E 324 58.37 -9.44 -27.68
CA GLU E 324 57.74 -9.19 -26.39
C GLU E 324 58.18 -7.87 -25.78
N ARG E 325 59.42 -7.44 -26.05
CA ARG E 325 59.85 -6.13 -25.61
C ARG E 325 59.17 -5.03 -26.41
N ARG E 326 58.96 -5.25 -27.70
CA ARG E 326 58.32 -4.26 -28.55
C ARG E 326 56.86 -4.04 -28.17
N LYS E 327 56.17 -5.10 -27.74
CA LYS E 327 54.76 -4.98 -27.40
C LYS E 327 54.55 -4.13 -26.16
N ASN E 328 55.35 -4.38 -25.11
CA ASN E 328 55.23 -3.64 -23.85
C ASN E 328 56.22 -2.48 -23.86
N TYR E 329 55.82 -1.39 -24.51
CA TYR E 329 56.66 -0.21 -24.60
C TYR E 329 55.77 1.02 -24.64
N ARG E 330 56.03 1.97 -23.73
CA ARG E 330 55.34 3.24 -23.71
C ARG E 330 56.37 4.36 -23.66
N PRO E 331 56.14 5.46 -24.38
CA PRO E 331 57.15 6.52 -24.46
C PRO E 331 57.38 7.20 -23.12
N GLN E 332 58.63 7.61 -22.91
CA GLN E 332 59.00 8.28 -21.67
C GLN E 332 58.40 9.68 -21.60
N TYR E 333 58.53 10.46 -22.67
CA TYR E 333 57.93 11.78 -22.77
C TYR E 333 57.03 11.81 -23.99
N TYR E 334 55.75 12.08 -23.78
CA TYR E 334 54.78 12.36 -24.85
C TYR E 334 54.53 11.14 -25.74
N SER E 335 53.32 11.00 -26.24
CA SER E 335 53.03 9.95 -27.21
C SER E 335 53.49 10.42 -28.58
N GLU E 336 53.12 9.68 -29.62
CA GLU E 336 53.59 9.98 -30.97
C GLU E 336 52.48 10.52 -31.87
N ASN E 337 51.33 9.85 -31.94
CA ASN E 337 50.24 10.28 -32.81
C ASN E 337 49.01 10.72 -32.02
N TYR E 338 48.45 9.82 -31.20
CA TYR E 338 47.26 10.02 -30.37
C TYR E 338 46.77 8.66 -29.91
N GLU E 339 46.77 7.69 -30.83
CA GLU E 339 46.41 6.33 -30.46
C GLU E 339 47.38 5.76 -29.44
N GLN E 340 48.67 6.10 -29.57
CA GLN E 340 49.65 5.72 -28.56
C GLN E 340 49.35 6.35 -27.21
N SER E 341 48.57 7.43 -27.18
CA SER E 341 48.21 8.10 -25.94
C SER E 341 46.95 7.51 -25.30
N LYS E 342 46.43 6.42 -25.84
CA LYS E 342 45.28 5.74 -25.26
C LYS E 342 45.59 4.38 -24.68
N ASN E 343 46.80 3.86 -24.89
CA ASN E 343 47.25 2.60 -24.30
C ASN E 343 46.31 1.45 -24.63
N ARG E 344 45.85 1.42 -25.89
CA ARG E 344 45.01 0.33 -26.36
C ARG E 344 45.86 -0.93 -26.53
N ARG E 345 45.22 -2.03 -26.94
CA ARG E 345 45.93 -3.26 -27.15
C ARG E 345 46.85 -3.15 -28.36
N ASP E 346 47.86 -4.00 -28.40
CA ASP E 346 48.89 -3.95 -29.44
C ASP E 346 48.54 -4.95 -30.54
N TYR E 347 48.04 -4.42 -31.65
CA TYR E 347 47.79 -5.20 -32.87
C TYR E 347 48.82 -4.76 -33.90
N TYR E 348 49.98 -5.40 -33.88
CA TYR E 348 51.08 -5.03 -34.75
C TYR E 348 50.98 -5.77 -36.07
N HIS E 349 51.02 -5.04 -37.18
CA HIS E 349 51.00 -5.62 -38.51
C HIS E 349 52.44 -5.76 -38.99
N TYR E 350 52.94 -6.99 -39.00
CA TYR E 350 54.34 -7.23 -39.33
C TYR E 350 54.60 -6.86 -40.79
N THR E 351 55.72 -6.17 -41.02
CA THR E 351 56.07 -5.77 -42.38
C THR E 351 56.65 -6.96 -43.14
N ARG E 352 56.63 -6.84 -44.47
CA ARG E 352 57.09 -7.91 -45.34
C ARG E 352 58.58 -8.18 -45.20
N GLU E 353 59.35 -7.27 -44.61
CA GLU E 353 60.77 -7.50 -44.39
C GLU E 353 61.07 -8.22 -43.09
N GLU E 354 60.07 -8.40 -42.22
CA GLU E 354 60.25 -9.18 -41.00
C GLU E 354 59.85 -10.63 -41.21
N ILE E 355 58.80 -10.88 -41.99
CA ILE E 355 58.40 -12.25 -42.32
C ILE E 355 59.16 -12.81 -43.52
N SER E 356 60.12 -12.06 -44.06
CA SER E 356 60.88 -12.55 -45.20
C SER E 356 61.61 -13.86 -44.93
N PRO E 357 62.24 -14.10 -43.77
CA PRO E 357 62.86 -15.41 -43.54
C PRO E 357 61.89 -16.58 -43.62
N LEU E 358 60.60 -16.36 -43.40
CA LEU E 358 59.60 -17.40 -43.49
C LEU E 358 58.86 -17.37 -44.83
N TRP E 359 59.37 -16.65 -45.81
CA TRP E 359 58.72 -16.50 -47.11
C TRP E 359 59.54 -17.20 -48.19
N HIS E 360 58.84 -17.80 -49.15
CA HIS E 360 59.50 -18.45 -50.28
C HIS E 360 58.63 -18.28 -51.52
N ASP E 361 59.17 -18.69 -52.67
CA ASP E 361 58.53 -18.42 -53.95
C ASP E 361 57.20 -19.15 -54.07
N GLY E 362 57.12 -20.39 -53.60
CA GLY E 362 55.92 -21.19 -53.78
C GLY E 362 54.75 -20.77 -52.93
N LEU E 363 54.97 -19.92 -51.93
CA LEU E 363 53.90 -19.49 -51.05
C LEU E 363 52.87 -18.68 -51.80
N LYS E 364 51.59 -18.93 -51.51
CA LYS E 364 50.50 -18.15 -52.05
C LYS E 364 49.79 -17.29 -51.01
N PHE E 365 49.94 -17.61 -49.73
CA PHE E 365 49.25 -16.88 -48.68
C PHE E 365 49.92 -17.20 -47.34
N LEU E 366 50.07 -16.18 -46.50
CA LEU E 366 50.50 -16.37 -45.13
C LEU E 366 49.48 -15.71 -44.21
N PHE E 367 48.93 -16.49 -43.28
CA PHE E 367 47.89 -16.02 -42.37
C PHE E 367 48.40 -16.07 -40.94
N VAL E 368 48.28 -14.95 -40.23
CA VAL E 368 48.64 -14.85 -38.83
C VAL E 368 47.40 -14.40 -38.08
N THR E 369 46.88 -15.26 -37.21
CA THR E 369 45.63 -15.00 -36.50
C THR E 369 45.94 -14.68 -35.05
N ASP E 370 45.50 -13.50 -34.60
CA ASP E 370 45.61 -13.12 -33.19
C ASP E 370 44.31 -13.50 -32.49
N GLY E 371 44.11 -14.81 -32.32
CA GLY E 371 42.81 -15.28 -31.90
C GLY E 371 41.79 -14.99 -32.99
N THR E 372 40.58 -14.64 -32.58
CA THR E 372 39.58 -14.15 -33.52
C THR E 372 39.62 -12.64 -33.67
N LEU E 373 40.53 -11.97 -32.96
CA LEU E 373 40.57 -10.50 -32.98
C LEU E 373 40.97 -9.97 -34.35
N ARG E 374 42.07 -10.47 -34.91
CA ARG E 374 42.58 -9.92 -36.16
C ARG E 374 43.25 -11.03 -36.97
N ILE E 375 43.22 -10.88 -38.28
CA ILE E 375 43.85 -11.83 -39.20
C ILE E 375 44.73 -11.04 -40.16
N HIS E 376 46.04 -11.22 -40.06
CA HIS E 376 46.98 -10.59 -40.96
C HIS E 376 47.24 -11.53 -42.14
N TYR E 377 46.98 -11.04 -43.35
CA TYR E 377 47.17 -11.82 -44.56
C TYR E 377 48.29 -11.22 -45.40
N TYR E 378 49.21 -12.06 -45.85
CA TYR E 378 50.32 -11.66 -46.68
C TYR E 378 50.28 -12.42 -47.99
N ALA E 379 50.31 -11.70 -49.10
CA ALA E 379 50.25 -12.27 -50.44
C ALA E 379 51.52 -11.90 -51.20
N PRO E 380 51.78 -12.49 -52.36
CA PRO E 380 52.98 -12.08 -53.12
C PRO E 380 53.02 -10.62 -53.49
N SER E 381 51.87 -9.99 -53.73
CA SER E 381 51.84 -8.61 -54.21
C SER E 381 51.16 -7.63 -53.27
N PHE E 382 50.56 -8.10 -52.19
CA PHE E 382 49.88 -7.20 -51.25
C PHE E 382 49.81 -7.86 -49.89
N ASP E 383 49.46 -7.07 -48.89
CA ASP E 383 49.27 -7.57 -47.53
C ASP E 383 48.33 -6.62 -46.79
N GLY E 384 47.75 -7.13 -45.72
CA GLY E 384 46.82 -6.32 -44.94
C GLY E 384 46.37 -7.05 -43.70
N VAL E 385 45.46 -6.41 -42.98
CA VAL E 385 44.91 -6.93 -41.74
C VAL E 385 43.40 -6.82 -41.77
N VAL E 386 42.72 -7.89 -41.38
CA VAL E 386 41.27 -7.93 -41.25
C VAL E 386 40.92 -7.83 -39.78
N VAL E 387 40.02 -6.90 -39.46
CA VAL E 387 39.69 -6.56 -38.07
C VAL E 387 38.47 -7.35 -37.64
N GLY E 388 38.53 -7.95 -36.45
CA GLY E 388 37.41 -8.65 -35.88
C GLY E 388 37.33 -8.43 -34.39
N THR E 389 36.44 -9.15 -33.71
CA THR E 389 36.27 -9.01 -32.27
C THR E 389 36.09 -10.38 -31.64
N GLU E 390 35.83 -10.39 -30.34
CA GLU E 390 35.54 -11.63 -29.63
C GLU E 390 34.65 -11.28 -28.43
N ASP E 391 33.92 -12.29 -27.96
CA ASP E 391 33.09 -12.10 -26.77
C ASP E 391 32.83 -13.47 -26.14
N VAL E 392 33.50 -13.73 -25.02
CA VAL E 392 33.24 -14.93 -24.22
C VAL E 392 32.52 -14.61 -22.92
N LEU E 393 32.46 -13.34 -22.53
CA LEU E 393 31.69 -12.94 -21.35
C LEU E 393 30.22 -12.75 -21.67
N ILE E 394 29.81 -12.90 -22.92
CA ILE E 394 28.40 -12.89 -23.27
C ILE E 394 27.69 -14.10 -22.65
N THR E 395 28.42 -15.18 -22.43
CA THR E 395 27.90 -16.37 -21.75
C THR E 395 29.00 -16.95 -20.88
N PRO E 396 29.19 -16.39 -19.68
CA PRO E 396 30.36 -16.75 -18.87
C PRO E 396 30.34 -18.19 -18.39
N PHE E 397 29.20 -18.87 -18.40
CA PHE E 397 29.11 -20.22 -17.86
C PHE E 397 29.21 -21.31 -18.93
N THR E 398 29.06 -20.99 -20.20
CA THR E 398 29.15 -21.96 -21.28
C THR E 398 30.16 -21.49 -22.33
N CYS E 399 31.26 -20.91 -21.89
CA CYS E 399 32.31 -20.44 -22.78
C CYS E 399 33.50 -21.39 -22.72
N ASP E 400 34.01 -21.79 -23.88
CA ASP E 400 35.10 -22.74 -23.95
C ASP E 400 35.83 -22.49 -25.27
N ARG E 401 36.99 -21.86 -25.19
CA ARG E 401 37.72 -21.42 -26.38
C ARG E 401 38.26 -22.56 -27.23
N THR E 402 38.27 -23.79 -26.72
CA THR E 402 38.87 -24.90 -27.45
C THR E 402 38.10 -25.16 -28.74
N GLY E 403 38.84 -25.29 -29.84
CA GLY E 403 38.26 -25.60 -31.13
C GLY E 403 37.95 -24.41 -32.02
N SER E 404 38.21 -23.19 -31.56
CA SER E 404 37.87 -22.03 -32.37
C SER E 404 38.85 -21.85 -33.53
N GLY E 405 40.13 -22.15 -33.30
CA GLY E 405 41.11 -22.04 -34.38
C GLY E 405 40.80 -22.98 -35.53
N ASP E 406 40.32 -24.19 -35.20
CA ASP E 406 39.92 -25.12 -36.24
C ASP E 406 38.79 -24.55 -37.08
N ALA E 407 37.82 -23.90 -36.44
CA ALA E 407 36.72 -23.28 -37.18
C ALA E 407 37.22 -22.14 -38.05
N VAL E 408 38.16 -21.34 -37.54
CA VAL E 408 38.72 -20.25 -38.34
C VAL E 408 39.40 -20.80 -39.59
N VAL E 409 40.23 -21.82 -39.42
CA VAL E 409 40.94 -22.41 -40.55
C VAL E 409 39.95 -23.05 -41.53
N ALA E 410 38.92 -23.72 -41.00
CA ALA E 410 37.94 -24.35 -41.87
C ALA E 410 37.16 -23.33 -42.69
N GLY E 411 36.78 -22.21 -42.06
CA GLY E 411 36.13 -21.16 -42.81
C GLY E 411 37.03 -20.55 -43.86
N ILE E 412 38.32 -20.39 -43.53
CA ILE E 412 39.28 -19.87 -44.51
C ILE E 412 39.34 -20.81 -45.72
N MET E 413 39.45 -22.11 -45.47
CA MET E 413 39.51 -23.08 -46.56
C MET E 413 38.22 -23.10 -47.38
N ARG E 414 37.08 -23.03 -46.70
CA ARG E 414 35.79 -23.06 -47.40
C ARG E 414 35.64 -21.86 -48.31
N LYS E 415 36.01 -20.66 -47.83
CA LYS E 415 35.90 -19.49 -48.69
C LYS E 415 36.97 -19.46 -49.76
N LEU E 416 38.13 -20.08 -49.51
CA LEU E 416 39.15 -20.20 -50.54
C LEU E 416 38.67 -21.07 -51.69
N THR E 417 38.04 -22.20 -51.37
CA THR E 417 37.58 -23.10 -52.43
C THR E 417 36.30 -22.58 -53.11
N SER E 418 35.42 -21.92 -52.37
CA SER E 418 34.19 -21.42 -52.96
C SER E 418 34.47 -20.26 -53.91
N HIS E 419 35.29 -19.31 -53.48
CA HIS E 419 35.60 -18.14 -54.30
C HIS E 419 37.04 -18.22 -54.79
N PRO E 420 37.28 -18.53 -56.06
CA PRO E 420 38.66 -18.65 -56.55
C PRO E 420 39.30 -17.32 -56.95
N GLU E 421 38.59 -16.20 -56.82
CA GLU E 421 39.15 -14.90 -57.19
C GLU E 421 39.74 -14.16 -56.00
N MET E 422 39.75 -14.76 -54.81
CA MET E 422 40.33 -14.12 -53.64
C MET E 422 41.84 -14.02 -53.71
N TYR E 423 42.48 -14.76 -54.61
CA TYR E 423 43.94 -14.81 -54.62
C TYR E 423 44.57 -13.51 -55.08
N GLU E 424 43.92 -12.80 -56.00
CA GLU E 424 44.49 -11.58 -56.58
C GLU E 424 43.52 -10.41 -56.49
N ASP E 425 42.71 -10.36 -55.43
CA ASP E 425 41.76 -9.26 -55.23
C ASP E 425 41.70 -8.97 -53.73
N GLN E 426 42.33 -7.86 -53.32
CA GLN E 426 42.43 -7.55 -51.90
C GLN E 426 41.06 -7.23 -51.30
N ASP E 427 40.20 -6.54 -52.05
CA ASP E 427 38.88 -6.20 -51.53
C ASP E 427 38.05 -7.44 -51.27
N VAL E 428 38.00 -8.35 -52.26
CA VAL E 428 37.28 -9.60 -52.08
C VAL E 428 37.91 -10.43 -50.97
N LEU E 429 39.24 -10.39 -50.87
CA LEU E 429 39.93 -11.12 -49.81
C LEU E 429 39.50 -10.63 -48.44
N GLU E 430 39.45 -9.32 -48.26
CA GLU E 430 39.03 -8.76 -46.98
C GLU E 430 37.57 -9.07 -46.68
N ARG E 431 36.72 -8.99 -47.71
CA ARG E 431 35.30 -9.24 -47.49
C ARG E 431 35.04 -10.70 -47.11
N GLN E 432 35.73 -11.64 -47.76
CA GLN E 432 35.49 -13.05 -47.50
C GLN E 432 36.21 -13.57 -46.27
N LEU E 433 37.09 -12.78 -45.66
CA LEU E 433 37.83 -13.21 -44.48
C LEU E 433 37.11 -12.88 -43.18
N ARG E 434 35.96 -12.23 -43.24
CA ARG E 434 35.16 -11.97 -42.05
C ARG E 434 34.23 -13.13 -41.71
N PHE E 435 33.93 -13.99 -42.70
CA PHE E 435 33.20 -15.21 -42.43
C PHE E 435 33.95 -16.11 -41.46
N SER E 436 35.27 -16.24 -41.66
CA SER E 436 36.08 -17.02 -40.74
C SER E 436 36.07 -16.42 -39.34
N ILE E 437 36.13 -15.09 -39.25
CA ILE E 437 36.09 -14.44 -37.94
C ILE E 437 34.76 -14.70 -37.25
N ALA E 438 33.65 -14.64 -37.99
CA ALA E 438 32.35 -14.93 -37.40
C ALA E 438 32.28 -16.37 -36.92
N ALA E 439 32.81 -17.32 -37.71
CA ALA E 439 32.81 -18.72 -37.29
C ALA E 439 33.63 -18.90 -36.02
N GLY E 440 34.80 -18.27 -35.95
CA GLY E 440 35.62 -18.36 -34.76
C GLY E 440 34.97 -17.74 -33.55
N ILE E 441 34.22 -16.66 -33.73
CA ILE E 441 33.49 -16.05 -32.61
C ILE E 441 32.41 -17.00 -32.12
N ILE E 442 31.65 -17.61 -33.04
CA ILE E 442 30.58 -18.50 -32.61
C ILE E 442 31.13 -19.74 -31.91
N SER E 443 32.29 -20.23 -32.36
CA SER E 443 32.81 -21.49 -31.83
C SER E 443 33.23 -21.40 -30.36
N GLN E 444 33.32 -20.21 -29.79
CA GLN E 444 33.76 -20.05 -28.40
C GLN E 444 32.60 -19.94 -27.43
N TRP E 445 31.37 -20.17 -27.88
CA TRP E 445 30.18 -19.96 -27.06
C TRP E 445 29.61 -21.25 -26.49
N THR E 446 30.36 -22.35 -26.54
CA THR E 446 29.84 -23.63 -26.07
C THR E 446 30.98 -24.51 -25.62
N ILE E 447 30.66 -25.50 -24.79
CA ILE E 447 31.64 -26.41 -24.22
C ILE E 447 31.77 -27.62 -25.13
N GLY E 448 33.00 -27.92 -25.54
CA GLY E 448 33.25 -29.03 -26.44
C GLY E 448 33.70 -28.55 -27.80
N ALA E 449 34.79 -29.13 -28.31
CA ALA E 449 35.31 -28.69 -29.60
C ALA E 449 34.35 -29.03 -30.73
N VAL E 450 33.88 -30.28 -30.78
CA VAL E 450 33.02 -30.72 -31.89
C VAL E 450 31.54 -30.53 -31.59
N ARG E 451 31.17 -30.27 -30.33
CA ARG E 451 29.76 -30.16 -29.99
C ARG E 451 29.12 -28.94 -30.64
N GLY E 452 29.82 -27.81 -30.66
CA GLY E 452 29.20 -26.57 -31.08
C GLY E 452 29.87 -25.83 -32.22
N PHE E 453 30.37 -26.56 -33.21
CA PHE E 453 30.88 -25.89 -34.40
C PHE E 453 29.72 -25.20 -35.13
N PRO E 454 29.91 -23.98 -35.61
CA PRO E 454 28.80 -23.22 -36.18
C PRO E 454 28.39 -23.72 -37.55
N THR E 455 27.14 -23.41 -37.91
CA THR E 455 26.61 -23.67 -39.23
C THR E 455 26.96 -22.51 -40.16
N GLU E 456 26.77 -22.72 -41.46
CA GLU E 456 27.03 -21.65 -42.42
C GLU E 456 26.04 -20.50 -42.26
N SER E 457 24.76 -20.83 -42.06
CA SER E 457 23.74 -19.79 -41.91
C SER E 457 23.98 -18.98 -40.64
N ALA E 458 24.31 -19.65 -39.54
CA ALA E 458 24.60 -18.93 -38.30
C ALA E 458 25.84 -18.05 -38.45
N THR E 459 26.87 -18.56 -39.13
CA THR E 459 28.07 -17.77 -39.36
C THR E 459 27.76 -16.52 -40.19
N GLN E 460 26.97 -16.68 -41.25
CA GLN E 460 26.59 -15.52 -42.05
C GLN E 460 25.76 -14.54 -41.25
N ASN E 461 24.85 -15.06 -40.41
CA ASN E 461 24.03 -14.20 -39.58
C ASN E 461 24.89 -13.36 -38.64
N LEU E 462 25.85 -13.99 -37.97
CA LEU E 462 26.71 -13.23 -37.08
C LEU E 462 27.59 -12.25 -37.84
N LYS E 463 28.09 -12.65 -39.01
CA LYS E 463 28.91 -11.74 -39.80
C LYS E 463 28.12 -10.49 -40.18
N GLU E 464 26.87 -10.68 -40.60
CA GLU E 464 26.05 -9.54 -40.98
C GLU E 464 25.59 -8.73 -39.78
N GLN E 465 25.44 -9.34 -38.61
CA GLN E 465 25.01 -8.61 -37.44
C GLN E 465 26.13 -7.82 -36.77
N VAL E 466 27.38 -8.27 -36.93
CA VAL E 466 28.50 -7.57 -36.31
C VAL E 466 29.07 -6.51 -37.23
N TYR E 467 29.14 -6.79 -38.53
CA TYR E 467 29.81 -5.92 -39.49
C TYR E 467 28.82 -4.99 -40.17
N VAL E 468 29.25 -3.74 -40.37
CA VAL E 468 28.47 -2.70 -41.04
C VAL E 468 28.19 -3.16 -42.47
N PRO E 469 27.03 -2.82 -43.04
CA PRO E 469 26.72 -3.28 -44.41
C PRO E 469 27.79 -2.98 -45.44
N SER E 470 28.55 -1.89 -45.28
CA SER E 470 29.62 -1.60 -46.22
C SER E 470 30.70 -2.66 -46.20
N MET E 471 31.06 -3.19 -45.01
CA MET E 471 32.07 -4.23 -44.95
C MET E 471 31.59 -5.57 -45.51
N TRP E 472 30.40 -6.02 -45.13
CA TRP E 472 30.01 -7.41 -45.34
C TRP E 472 29.93 -7.75 -46.83
N ALA F 66 40.04 -34.11 8.61
CA ALA F 66 40.68 -34.90 9.66
C ALA F 66 39.72 -35.91 10.28
N LYS F 67 39.22 -36.81 9.44
CA LYS F 67 38.39 -37.95 9.86
C LYS F 67 37.00 -37.49 10.32
N HIS F 68 36.80 -36.17 10.40
CA HIS F 68 35.50 -35.65 10.79
C HIS F 68 34.60 -35.36 9.59
N VAL F 69 35.16 -34.76 8.54
CA VAL F 69 34.44 -34.54 7.28
C VAL F 69 35.25 -35.19 6.17
N ARG F 70 34.56 -35.92 5.30
CA ARG F 70 35.22 -36.63 4.23
C ARG F 70 35.75 -35.66 3.18
N GLU F 71 36.86 -36.05 2.54
CA GLU F 71 37.46 -35.22 1.51
C GLU F 71 36.56 -35.18 0.27
N ASP F 72 36.44 -33.99 -0.31
CA ASP F 72 35.62 -33.83 -1.51
C ASP F 72 36.27 -34.45 -2.73
N TYR F 73 37.59 -34.43 -2.80
CA TYR F 73 38.33 -34.90 -3.97
C TYR F 73 39.30 -36.00 -3.55
N LEU F 74 39.28 -37.12 -4.28
CA LEU F 74 40.09 -38.27 -3.94
C LEU F 74 41.45 -38.25 -4.62
N VAL F 75 41.54 -37.75 -5.85
CA VAL F 75 42.81 -37.71 -6.55
C VAL F 75 43.75 -36.74 -5.86
N LYS F 76 44.97 -37.19 -5.57
CA LYS F 76 45.95 -36.39 -4.85
C LYS F 76 47.00 -35.88 -5.83
N LYS F 77 47.29 -34.59 -5.74
CA LYS F 77 48.28 -33.98 -6.62
C LYS F 77 49.68 -34.20 -6.06
N LEU F 78 50.56 -34.73 -6.90
CA LEU F 78 51.93 -35.03 -6.49
C LEU F 78 52.91 -34.32 -7.40
N SER F 79 54.10 -34.05 -6.86
CA SER F 79 55.15 -33.36 -7.61
C SER F 79 55.80 -34.34 -8.58
N ALA F 80 56.85 -33.89 -9.26
CA ALA F 80 57.57 -34.78 -10.18
C ALA F 80 58.39 -35.82 -9.41
N ASN F 81 59.09 -35.39 -8.36
CA ASN F 81 59.95 -36.31 -7.62
C ASN F 81 59.14 -37.40 -6.94
N GLU F 82 57.97 -37.06 -6.39
CA GLU F 82 57.12 -38.09 -5.78
C GLU F 82 56.66 -39.11 -6.81
N ILE F 83 56.34 -38.65 -8.02
CA ILE F 83 55.95 -39.58 -9.09
C ILE F 83 57.13 -40.47 -9.47
N THR F 84 58.34 -39.90 -9.53
CA THR F 84 59.52 -40.71 -9.82
C THR F 84 59.72 -41.78 -8.76
N GLU F 85 59.56 -41.41 -7.48
CA GLU F 85 59.69 -42.38 -6.41
C GLU F 85 58.62 -43.47 -6.52
N LEU F 86 57.39 -43.08 -6.83
CA LEU F 86 56.31 -44.05 -6.94
C LEU F 86 56.57 -45.04 -8.07
N VAL F 87 57.02 -44.55 -9.22
CA VAL F 87 57.25 -45.44 -10.36
C VAL F 87 58.46 -46.33 -10.10
N ARG F 88 59.53 -45.77 -9.52
CA ARG F 88 60.72 -46.55 -9.24
C ARG F 88 60.48 -47.57 -8.14
N GLY F 89 59.78 -47.19 -7.08
CA GLY F 89 59.58 -48.07 -5.96
C GLY F 89 58.66 -49.23 -6.27
N GLU F 90 58.65 -50.20 -5.36
CA GLU F 90 57.82 -51.39 -5.54
C GLU F 90 56.34 -51.03 -5.44
N ARG F 91 55.54 -51.63 -6.33
CA ARG F 91 54.11 -51.40 -6.36
C ARG F 91 53.39 -52.74 -6.51
N ASN F 92 52.15 -52.80 -6.02
CA ASN F 92 51.31 -53.98 -6.15
C ASN F 92 49.98 -53.70 -6.82
N VAL F 93 49.71 -52.45 -7.19
CA VAL F 93 48.44 -52.08 -7.80
C VAL F 93 48.72 -51.20 -9.02
N PRO F 94 47.85 -51.18 -10.02
CA PRO F 94 48.08 -50.32 -11.18
C PRO F 94 48.09 -48.84 -10.80
N LEU F 95 48.91 -48.07 -11.50
CA LEU F 95 49.08 -46.65 -11.22
C LEU F 95 48.54 -45.82 -12.38
N ILE F 96 47.87 -44.72 -12.06
CA ILE F 96 47.32 -43.80 -13.05
C ILE F 96 47.94 -42.43 -12.83
N ILE F 97 48.51 -41.87 -13.90
CA ILE F 97 49.13 -40.56 -13.86
C ILE F 97 48.35 -39.66 -14.82
N ASP F 98 47.82 -38.55 -14.30
CA ASP F 98 47.00 -37.63 -15.09
C ASP F 98 47.78 -36.36 -15.33
N PHE F 99 47.84 -35.92 -16.59
CA PHE F 99 48.46 -34.65 -16.93
C PHE F 99 47.35 -33.64 -17.24
N TYR F 100 47.42 -32.48 -16.60
CA TYR F 100 46.33 -31.51 -16.68
C TYR F 100 46.87 -30.12 -16.39
N ALA F 101 46.07 -29.13 -16.79
CA ALA F 101 46.35 -27.73 -16.49
C ALA F 101 45.02 -27.02 -16.25
N THR F 102 45.08 -25.90 -15.51
CA THR F 102 43.86 -25.18 -15.19
C THR F 102 43.26 -24.49 -16.40
N TRP F 103 44.10 -23.89 -17.24
CA TRP F 103 43.61 -23.21 -18.44
C TRP F 103 43.07 -24.19 -19.47
N CYS F 104 43.30 -25.48 -19.29
CA CYS F 104 42.84 -26.49 -20.25
C CYS F 104 41.33 -26.48 -20.37
N GLY F 105 40.85 -26.65 -21.59
CA GLY F 105 39.43 -26.70 -21.86
C GLY F 105 38.81 -28.04 -21.53
N PRO F 106 39.21 -29.10 -22.23
CA PRO F 106 38.61 -30.42 -22.01
C PRO F 106 39.07 -31.12 -20.74
N CYS F 107 39.94 -30.51 -19.95
CA CYS F 107 40.50 -31.21 -18.79
C CYS F 107 39.55 -31.22 -17.59
N ILE F 108 38.53 -30.36 -17.59
CA ILE F 108 37.53 -30.41 -16.52
C ILE F 108 36.76 -31.74 -16.60
N LEU F 109 36.37 -32.13 -17.80
CA LEU F 109 35.66 -33.40 -17.98
C LEU F 109 36.55 -34.58 -17.60
N MET F 110 37.83 -34.52 -17.97
CA MET F 110 38.76 -35.57 -17.58
C MET F 110 38.90 -35.65 -16.07
N ALA F 111 38.98 -34.50 -15.40
CA ALA F 111 39.06 -34.49 -13.95
C ALA F 111 37.82 -35.12 -13.33
N GLN F 112 36.64 -34.79 -13.84
CA GLN F 112 35.41 -35.37 -13.32
C GLN F 112 35.39 -36.88 -13.52
N GLU F 113 35.78 -37.34 -14.71
CA GLU F 113 35.76 -38.78 -14.97
C GLU F 113 36.78 -39.52 -14.11
N LEU F 114 37.95 -38.93 -13.90
CA LEU F 114 38.94 -39.55 -13.02
C LEU F 114 38.44 -39.58 -11.58
N GLU F 115 37.76 -38.53 -11.14
CA GLU F 115 37.19 -38.52 -9.80
C GLU F 115 36.16 -39.62 -9.64
N MET F 116 35.33 -39.82 -10.66
CA MET F 116 34.36 -40.93 -10.61
C MET F 116 35.07 -42.28 -10.59
N LEU F 117 36.10 -42.44 -11.41
CA LEU F 117 36.81 -43.71 -11.48
C LEU F 117 37.53 -44.03 -10.18
N ALA F 118 38.01 -43.01 -9.47
CA ALA F 118 38.73 -43.24 -8.22
C ALA F 118 37.83 -43.75 -7.10
N VAL F 119 36.52 -43.72 -7.28
CA VAL F 119 35.60 -44.21 -6.26
C VAL F 119 35.30 -45.69 -6.44
N GLU F 120 35.07 -46.13 -7.67
CA GLU F 120 34.81 -47.54 -7.92
C GLU F 120 36.00 -48.40 -7.53
N TYR F 121 37.21 -47.95 -7.87
CA TYR F 121 38.44 -48.66 -7.51
C TYR F 121 38.93 -48.08 -6.19
N GLU F 122 38.37 -48.60 -5.09
CA GLU F 122 38.62 -48.03 -3.77
C GLU F 122 40.09 -48.15 -3.40
N LYS F 123 40.59 -49.37 -3.24
CA LYS F 123 41.97 -49.62 -2.84
C LYS F 123 42.74 -50.45 -3.85
N ASN F 124 42.12 -50.86 -4.95
CA ASN F 124 42.77 -51.70 -5.96
C ASN F 124 43.57 -50.90 -6.97
N ALA F 125 43.57 -49.58 -6.88
CA ALA F 125 44.34 -48.75 -7.79
C ALA F 125 44.70 -47.44 -7.11
N MET F 126 45.76 -46.81 -7.60
CA MET F 126 46.22 -45.52 -7.10
C MET F 126 46.18 -44.51 -8.24
N ILE F 127 45.51 -43.39 -8.02
CA ILE F 127 45.31 -42.37 -9.03
C ILE F 127 45.94 -41.07 -8.54
N VAL F 128 46.82 -40.48 -9.35
CA VAL F 128 47.47 -39.22 -9.04
C VAL F 128 47.46 -38.34 -10.29
N LYS F 129 47.69 -37.05 -10.07
CA LYS F 129 47.69 -36.08 -11.16
C LYS F 129 48.90 -35.17 -11.04
N VAL F 130 49.36 -34.67 -12.18
CA VAL F 130 50.50 -33.77 -12.27
C VAL F 130 50.08 -32.53 -13.05
N ASP F 131 50.44 -31.35 -12.53
CA ASP F 131 50.08 -30.09 -13.15
C ASP F 131 51.24 -29.64 -14.01
N THR F 132 51.02 -29.56 -15.34
CA THR F 132 52.07 -29.18 -16.25
C THR F 132 52.51 -27.73 -16.08
N ASP F 133 51.67 -26.88 -15.50
CA ASP F 133 52.09 -25.51 -15.20
C ASP F 133 53.18 -25.49 -14.13
N ASP F 134 53.21 -26.50 -13.28
CA ASP F 134 54.24 -26.61 -12.24
C ASP F 134 55.47 -27.38 -12.73
N GLU F 135 55.26 -28.56 -13.29
CA GLU F 135 56.34 -29.42 -13.77
C GLU F 135 56.20 -29.53 -15.29
N TYR F 136 56.80 -28.59 -16.01
CA TYR F 136 56.73 -28.55 -17.46
C TYR F 136 57.79 -29.43 -18.11
N GLU F 137 59.03 -29.32 -17.65
CA GLU F 137 60.11 -30.13 -18.21
C GLU F 137 59.88 -31.61 -17.95
N PHE F 138 59.38 -31.95 -16.76
CA PHE F 138 59.09 -33.35 -16.46
C PHE F 138 58.00 -33.88 -17.38
N ALA F 139 56.96 -33.08 -17.63
CA ALA F 139 55.91 -33.50 -18.56
C ALA F 139 56.45 -33.66 -19.98
N ARG F 140 57.35 -32.76 -20.39
CA ARG F 140 57.95 -32.87 -21.72
C ARG F 140 58.79 -34.14 -21.83
N ASP F 141 59.52 -34.48 -20.77
CA ASP F 141 60.37 -35.67 -20.80
C ASP F 141 59.54 -36.95 -20.92
N MET F 142 58.35 -36.98 -20.35
CA MET F 142 57.46 -38.14 -20.42
C MET F 142 56.80 -38.30 -21.78
N GLN F 143 57.23 -37.57 -22.80
CA GLN F 143 56.65 -37.65 -24.15
C GLN F 143 55.17 -37.30 -24.13
N VAL F 144 54.87 -36.12 -23.63
CA VAL F 144 53.51 -35.59 -23.59
C VAL F 144 53.41 -34.51 -24.66
N ARG F 145 52.51 -34.72 -25.62
CA ARG F 145 52.31 -33.80 -26.74
C ARG F 145 50.85 -33.38 -26.81
N GLY F 146 50.29 -33.04 -25.65
CA GLY F 146 48.90 -32.70 -25.53
C GLY F 146 48.44 -32.83 -24.09
N LEU F 147 47.49 -32.00 -23.67
CA LEU F 147 47.19 -31.90 -22.25
C LEU F 147 46.36 -33.08 -21.73
N PRO F 148 45.22 -33.44 -22.35
CA PRO F 148 44.44 -34.56 -21.79
C PRO F 148 45.13 -35.89 -21.97
N THR F 149 46.15 -36.15 -21.16
CA THR F 149 46.99 -37.33 -21.27
C THR F 149 46.95 -38.15 -19.98
N LEU F 150 46.84 -39.46 -20.14
CA LEU F 150 46.85 -40.40 -19.03
C LEU F 150 47.92 -41.45 -19.24
N TYR F 151 48.59 -41.81 -18.15
CA TYR F 151 49.63 -42.84 -18.15
C TYR F 151 49.20 -43.97 -17.24
N PHE F 152 49.18 -45.18 -17.78
CA PHE F 152 48.86 -46.39 -17.03
C PHE F 152 50.16 -47.15 -16.77
N ILE F 153 50.45 -47.42 -15.51
CA ILE F 153 51.69 -48.08 -15.09
C ILE F 153 51.32 -49.41 -14.45
N SER F 154 51.86 -50.50 -15.00
CA SER F 154 51.60 -51.82 -14.47
C SER F 154 52.29 -51.99 -13.11
N PRO F 155 51.73 -52.80 -12.22
CA PRO F 155 52.37 -53.03 -10.92
C PRO F 155 53.66 -53.83 -11.00
N ASP F 156 53.96 -54.44 -12.14
CA ASP F 156 55.17 -55.22 -12.32
C ASP F 156 56.12 -54.53 -13.30
N PRO F 157 57.43 -54.72 -13.13
CA PRO F 157 58.39 -54.06 -14.04
C PRO F 157 58.54 -54.74 -15.39
N ASN F 158 57.99 -55.94 -15.56
CA ASN F 158 58.10 -56.63 -16.85
C ASN F 158 57.22 -55.95 -17.89
N LYS F 159 55.99 -55.61 -17.51
CA LYS F 159 55.04 -55.03 -18.46
C LYS F 159 55.31 -53.54 -18.66
N ASP F 160 55.16 -53.09 -19.89
CA ASP F 160 55.42 -51.71 -20.24
C ASP F 160 54.20 -50.82 -19.96
N ALA F 161 54.43 -49.51 -19.97
CA ALA F 161 53.40 -48.54 -19.64
C ALA F 161 52.55 -48.22 -20.86
N ILE F 162 51.42 -47.54 -20.61
CA ILE F 162 50.46 -47.17 -21.64
C ILE F 162 50.25 -45.66 -21.58
N ARG F 163 50.26 -45.02 -22.74
CA ARG F 163 49.96 -43.60 -22.85
C ARG F 163 48.69 -43.42 -23.67
N THR F 164 47.71 -42.72 -23.11
CA THR F 164 46.45 -42.44 -23.78
C THR F 164 46.28 -40.94 -23.92
N GLU F 165 45.91 -40.50 -25.12
CA GLU F 165 45.76 -39.09 -25.43
C GLU F 165 44.30 -38.80 -25.80
N GLY F 166 43.81 -37.65 -25.36
CA GLY F 166 42.47 -37.21 -25.68
C GLY F 166 41.48 -37.54 -24.57
N LEU F 167 40.24 -37.09 -24.78
CA LEU F 167 39.16 -37.30 -23.83
C LEU F 167 38.55 -38.68 -24.07
N ILE F 168 39.21 -39.69 -23.52
CA ILE F 168 38.80 -41.07 -23.69
C ILE F 168 37.61 -41.36 -22.78
N PRO F 169 36.70 -42.26 -23.18
CA PRO F 169 35.59 -42.62 -22.28
C PRO F 169 36.07 -43.39 -21.07
N ILE F 170 35.27 -43.30 -20.00
CA ILE F 170 35.63 -43.96 -18.75
C ILE F 170 35.61 -45.48 -18.91
N GLN F 171 34.70 -46.01 -19.74
CA GLN F 171 34.63 -47.45 -19.92
C GLN F 171 35.91 -48.00 -20.54
N MET F 172 36.48 -47.29 -21.51
CA MET F 172 37.74 -47.74 -22.07
C MET F 172 38.87 -47.65 -21.06
N MET F 173 38.80 -46.67 -20.15
CA MET F 173 39.76 -46.64 -19.04
C MET F 173 39.65 -47.88 -18.17
N ARG F 174 38.42 -48.27 -17.83
CA ARG F 174 38.22 -49.49 -17.06
C ARG F 174 38.78 -50.70 -17.78
N ASP F 175 38.49 -50.81 -19.08
CA ASP F 175 39.04 -51.91 -19.88
C ASP F 175 40.56 -51.88 -19.86
N ILE F 176 41.15 -50.69 -19.89
CA ILE F 176 42.60 -50.56 -19.95
C ILE F 176 43.23 -51.07 -18.65
N LEU F 177 42.72 -50.62 -17.50
CA LEU F 177 43.40 -51.03 -16.27
C LEU F 177 42.86 -52.34 -15.71
N ASP F 178 41.91 -52.98 -16.40
CA ASP F 178 41.46 -54.31 -16.00
C ASP F 178 42.01 -55.39 -16.92
N ASN F 179 41.77 -55.28 -18.23
CA ASN F 179 42.16 -56.34 -19.16
C ASN F 179 43.58 -56.17 -19.69
N ASP F 180 44.26 -55.07 -19.38
CA ASP F 180 45.62 -54.84 -19.86
C ASP F 180 46.58 -54.41 -18.77
N MET F 181 46.22 -54.50 -17.51
CA MET F 181 47.09 -54.08 -16.42
C MET F 181 46.84 -54.91 -15.17
N GLU G 187 -5.01 4.98 -78.08
CA GLU G 187 -5.14 3.91 -77.11
C GLU G 187 -4.85 4.41 -75.69
N LEU G 188 -4.49 3.50 -74.79
CA LEU G 188 -4.28 3.82 -73.38
C LEU G 188 -2.83 3.52 -73.01
N SER G 189 -1.94 4.47 -73.33
CA SER G 189 -0.54 4.45 -72.89
C SER G 189 0.19 3.17 -73.26
N GLU G 190 1.40 3.01 -72.72
CA GLU G 190 2.12 1.74 -72.79
C GLU G 190 1.80 0.84 -71.60
N TYR G 191 1.24 1.42 -70.54
CA TYR G 191 0.70 0.63 -69.45
C TYR G 191 -0.33 -0.38 -69.93
N GLU G 192 -1.04 -0.06 -71.02
CA GLU G 192 -2.37 -0.60 -71.28
C GLU G 192 -3.29 -0.28 -70.09
N LYS G 193 -2.96 0.81 -69.40
CA LYS G 193 -3.58 1.19 -68.14
C LYS G 193 -3.74 -0.02 -67.22
N ASP G 194 -2.59 -0.57 -66.83
CA ASP G 194 -2.58 -1.65 -65.84
C ASP G 194 -3.27 -1.21 -64.55
N LYS G 195 -3.25 0.08 -64.23
CA LYS G 195 -4.05 0.59 -63.13
C LYS G 195 -5.53 0.33 -63.37
N LYS G 196 -5.99 0.53 -64.60
CA LYS G 196 -7.40 0.29 -64.92
C LYS G 196 -7.74 -1.19 -64.84
N PHE G 197 -6.78 -2.08 -65.10
CA PHE G 197 -7.05 -3.51 -65.04
C PHE G 197 -6.67 -4.10 -63.68
N GLY G 198 -5.49 -3.78 -63.17
CA GLY G 198 -5.08 -4.27 -61.87
C GLY G 198 -3.84 -5.16 -61.91
N ARG G 199 -3.21 -5.27 -63.06
CA ARG G 199 -1.99 -6.05 -63.18
C ARG G 199 -0.87 -5.38 -62.40
N PRO G 200 0.15 -6.15 -62.00
CA PRO G 200 1.31 -5.54 -61.33
C PRO G 200 1.96 -4.49 -62.20
N HIS G 201 2.30 -3.36 -61.59
CA HIS G 201 2.88 -2.22 -62.30
C HIS G 201 3.48 -1.24 -61.28
N PRO G 202 4.57 -0.57 -61.63
CA PRO G 202 5.18 0.37 -60.69
C PRO G 202 4.22 1.50 -60.32
N PHE G 203 4.32 1.94 -59.07
CA PHE G 203 3.46 3.02 -58.59
C PHE G 203 3.71 4.31 -59.35
N VAL G 204 4.99 4.64 -59.58
CA VAL G 204 5.36 5.83 -60.35
C VAL G 204 5.26 5.49 -61.83
N ASP G 205 5.26 6.52 -62.67
CA ASP G 205 5.13 6.34 -64.10
C ASP G 205 6.51 6.13 -64.72
N PRO G 206 6.79 4.99 -65.36
CA PRO G 206 8.09 4.83 -66.03
C PRO G 206 8.10 5.46 -67.40
N LYS G 207 7.57 6.67 -67.49
CA LYS G 207 7.67 7.49 -68.70
C LYS G 207 8.17 8.89 -68.43
N VAL G 208 8.13 9.37 -67.19
CA VAL G 208 8.73 10.64 -66.83
C VAL G 208 9.96 10.38 -65.95
N LYS G 209 9.75 9.84 -64.75
CA LYS G 209 10.80 9.45 -63.81
C LYS G 209 11.96 10.44 -63.82
N LYS G 210 11.64 11.72 -63.74
CA LYS G 210 12.65 12.76 -63.82
C LYS G 210 13.56 12.70 -62.60
N PRO G 211 14.87 12.62 -62.78
CA PRO G 211 15.76 12.48 -61.62
C PRO G 211 15.86 13.76 -60.79
N ILE G 212 16.67 13.72 -59.75
CA ILE G 212 16.84 14.85 -58.84
C ILE G 212 17.59 15.97 -59.57
N GLU G 213 17.58 17.16 -59.00
CA GLU G 213 18.21 18.32 -59.63
C GLU G 213 19.40 18.79 -58.81
N GLU G 214 20.25 17.84 -58.41
CA GLU G 214 21.47 18.11 -57.66
C GLU G 214 21.19 18.93 -56.40
N PRO G 215 20.57 18.34 -55.37
CA PRO G 215 20.31 19.09 -54.15
C PRO G 215 21.59 19.41 -53.38
N LEU G 216 21.45 20.01 -52.20
CA LEU G 216 22.62 20.34 -51.39
C LEU G 216 23.40 19.07 -51.06
N THR G 217 24.71 19.19 -51.16
CA THR G 217 25.52 18.05 -50.85
C THR G 217 25.94 18.08 -49.40
N SER G 218 26.74 17.12 -48.96
CA SER G 218 27.02 16.98 -47.53
C SER G 218 27.67 18.23 -46.97
N GLU G 219 28.57 18.87 -47.74
CA GLU G 219 29.29 20.02 -47.23
C GLU G 219 28.35 21.19 -46.93
N GLU G 220 27.40 21.45 -47.82
CA GLU G 220 26.52 22.62 -47.69
C GLU G 220 25.36 22.39 -46.73
N LEU G 221 25.46 21.40 -45.85
CA LEU G 221 24.41 21.09 -44.90
C LEU G 221 24.88 21.41 -43.48
N TRP G 222 23.92 21.81 -42.63
CA TRP G 222 24.23 22.03 -41.23
C TRP G 222 24.62 20.71 -40.57
N TRP G 223 25.34 20.82 -39.44
CA TRP G 223 25.98 19.66 -38.85
C TRP G 223 24.99 18.61 -38.36
N ASN G 224 23.72 18.97 -38.20
CA ASN G 224 22.72 18.00 -37.75
C ASN G 224 22.30 17.03 -38.85
N TRP G 225 22.28 17.46 -40.10
CA TRP G 225 22.02 16.58 -41.24
C TRP G 225 23.33 16.42 -42.00
N ARG G 226 24.13 15.41 -41.64
CA ARG G 226 25.42 15.27 -42.30
C ARG G 226 25.77 13.86 -42.77
N LYS G 227 25.18 12.79 -42.20
CA LYS G 227 25.54 11.42 -42.58
C LYS G 227 27.06 11.25 -42.48
N PRO G 228 27.62 11.16 -41.27
CA PRO G 228 29.04 11.47 -41.08
C PRO G 228 30.00 10.48 -41.73
N ASP G 229 29.88 10.31 -43.05
CA ASP G 229 30.87 9.77 -43.98
C ASP G 229 31.57 8.52 -43.46
N LYS G 230 30.92 7.80 -42.54
CA LYS G 230 31.43 6.53 -42.05
C LYS G 230 30.23 5.78 -41.48
N GLU G 231 29.72 4.81 -42.24
CA GLU G 231 28.47 4.15 -41.87
C GLU G 231 28.54 3.61 -40.45
N GLN G 232 27.53 3.95 -39.67
CA GLN G 232 27.51 3.68 -38.24
C GLN G 232 26.77 2.38 -37.95
N TRP G 233 27.36 1.54 -37.09
CA TRP G 233 26.72 0.31 -36.69
C TRP G 233 25.44 0.61 -35.94
N SER G 234 24.37 -0.09 -36.29
CA SER G 234 23.09 0.06 -35.60
C SER G 234 22.41 -1.29 -35.55
N ARG G 235 21.70 -1.55 -34.45
CA ARG G 235 21.00 -2.82 -34.31
C ARG G 235 19.94 -3.00 -35.39
N TRP G 236 19.35 -1.89 -35.84
CA TRP G 236 18.32 -1.93 -36.88
C TRP G 236 18.93 -1.74 -38.27
N GLN G 237 19.95 -2.54 -38.60
CA GLN G 237 20.60 -2.45 -39.90
C GLN G 237 20.28 -3.63 -40.81
N ARG G 238 19.73 -4.71 -40.27
CA ARG G 238 19.29 -5.85 -41.06
C ARG G 238 17.77 -5.87 -41.11
N ARG G 239 17.23 -6.11 -42.31
CA ARG G 239 15.79 -6.09 -42.47
C ARG G 239 15.13 -7.18 -41.64
N LYS G 240 13.95 -6.87 -41.11
CA LYS G 240 13.24 -7.83 -40.27
C LYS G 240 12.87 -9.04 -41.10
N PRO G 241 13.05 -10.27 -40.58
CA PRO G 241 12.82 -11.47 -41.39
C PRO G 241 11.42 -11.55 -41.96
N ASP G 242 10.41 -11.56 -41.08
CA ASP G 242 9.00 -11.43 -41.48
C ASP G 242 8.52 -12.65 -42.26
N VAL G 243 7.21 -12.80 -42.38
CA VAL G 243 6.60 -13.95 -43.07
C VAL G 243 6.24 -13.62 -44.51
N GLU G 244 5.56 -12.48 -44.74
CA GLU G 244 5.07 -12.19 -46.08
C GLU G 244 6.22 -11.88 -47.06
N THR G 245 7.37 -11.43 -46.56
CA THR G 245 8.52 -11.27 -47.44
C THR G 245 9.02 -12.59 -47.98
N VAL G 246 8.64 -13.70 -47.35
CA VAL G 246 9.00 -15.01 -47.87
C VAL G 246 8.03 -15.44 -48.96
N PHE G 247 6.73 -15.24 -48.75
CA PHE G 247 5.74 -15.62 -49.75
C PHE G 247 5.87 -14.77 -51.01
N LEU G 248 6.11 -13.46 -50.84
CA LEU G 248 6.26 -12.59 -52.01
C LEU G 248 7.43 -13.04 -52.87
N LYS G 249 8.54 -13.43 -52.24
CA LYS G 249 9.66 -13.97 -52.99
C LYS G 249 9.35 -15.37 -53.52
N ALA G 250 8.45 -16.10 -52.85
CA ALA G 250 8.17 -17.47 -53.24
C ALA G 250 7.36 -17.53 -54.53
N MET G 251 6.32 -16.71 -54.65
CA MET G 251 5.53 -16.75 -55.87
C MET G 251 5.99 -15.73 -56.91
N ALA G 252 7.03 -14.95 -56.61
CA ALA G 252 7.65 -14.14 -57.65
C ALA G 252 8.33 -15.02 -58.68
N GLU G 253 8.86 -16.17 -58.26
CA GLU G 253 9.49 -17.10 -59.18
C GLU G 253 8.49 -17.86 -60.03
N THR G 254 7.27 -18.06 -59.52
CA THR G 254 6.27 -18.86 -60.22
C THR G 254 5.41 -18.02 -61.16
N GLY G 255 5.67 -16.72 -61.28
CA GLY G 255 4.96 -15.89 -62.21
C GLY G 255 3.69 -15.25 -61.69
N GLN G 256 3.24 -15.63 -60.50
CA GLN G 256 2.05 -15.01 -59.92
C GLN G 256 2.33 -13.63 -59.36
N VAL G 257 3.59 -13.22 -59.30
CA VAL G 257 3.98 -11.94 -58.71
C VAL G 257 5.04 -11.31 -59.61
N LYS G 258 4.89 -10.03 -59.88
CA LYS G 258 5.89 -9.25 -60.62
C LYS G 258 6.40 -8.15 -59.68
N LEU G 259 7.53 -8.41 -59.04
CA LEU G 259 8.15 -7.44 -58.15
C LEU G 259 8.96 -6.42 -58.92
N TYR G 260 9.15 -5.26 -58.31
CA TYR G 260 9.92 -4.20 -58.97
C TYR G 260 11.37 -4.62 -59.19
N GLY G 261 11.98 -5.26 -58.19
CA GLY G 261 13.36 -5.69 -58.31
C GLY G 261 13.59 -7.12 -57.88
N GLU G 262 14.57 -7.32 -56.99
CA GLU G 262 14.93 -8.66 -56.53
C GLU G 262 14.28 -9.00 -55.20
N GLN G 263 14.30 -8.07 -54.24
CA GLN G 263 13.71 -8.30 -52.93
C GLN G 263 12.42 -7.51 -52.78
N PRO G 264 11.44 -8.04 -52.04
CA PRO G 264 10.23 -7.26 -51.78
C PRO G 264 10.54 -5.99 -51.00
N THR G 265 9.82 -4.92 -51.33
CA THR G 265 9.97 -3.67 -50.63
C THR G 265 8.98 -3.59 -49.47
N LEU G 266 9.18 -2.60 -48.61
CA LEU G 266 8.34 -2.46 -47.43
C LEU G 266 6.93 -2.01 -47.76
N THR G 267 6.65 -1.62 -49.00
CA THR G 267 5.29 -1.31 -49.41
C THR G 267 4.62 -2.50 -50.08
N GLU G 268 5.37 -3.27 -50.86
CA GLU G 268 4.81 -4.48 -51.46
C GLU G 268 4.41 -5.49 -50.39
N THR G 269 5.23 -5.63 -49.34
CA THR G 269 4.89 -6.55 -48.26
C THR G 269 3.63 -6.10 -47.53
N SER G 270 3.51 -4.79 -47.25
CA SER G 270 2.35 -4.27 -46.55
C SER G 270 1.10 -4.22 -47.43
N LEU G 271 1.23 -4.48 -48.73
CA LEU G 271 0.09 -4.60 -49.62
C LEU G 271 -0.34 -6.05 -49.79
N TYR G 272 0.64 -6.95 -49.92
CA TYR G 272 0.32 -8.37 -49.90
C TYR G 272 -0.26 -8.79 -48.55
N ARG G 273 0.13 -8.10 -47.47
CA ARG G 273 -0.51 -8.38 -46.19
C ARG G 273 -1.99 -8.08 -46.25
N ALA G 274 -2.39 -7.09 -47.04
CA ALA G 274 -3.81 -6.78 -47.21
C ALA G 274 -4.49 -7.76 -48.15
N ARG G 275 -3.80 -8.22 -49.19
CA ARG G 275 -4.42 -9.03 -50.24
C ARG G 275 -3.96 -10.49 -50.24
N ARG G 276 -3.54 -11.00 -49.08
CA ARG G 276 -3.13 -12.40 -48.96
C ARG G 276 -4.21 -13.37 -49.45
N HIS G 277 -5.43 -13.21 -48.94
CA HIS G 277 -6.45 -14.22 -49.12
C HIS G 277 -6.82 -14.40 -50.58
N LEU G 278 -6.72 -13.35 -51.39
CA LEU G 278 -7.05 -13.47 -52.82
C LEU G 278 -6.07 -14.41 -53.51
N PHE G 279 -4.77 -14.23 -53.28
CA PHE G 279 -3.78 -15.11 -53.88
C PHE G 279 -3.92 -16.53 -53.34
N LYS G 280 -4.21 -16.66 -52.04
CA LYS G 280 -4.39 -18.00 -51.48
C LYS G 280 -5.58 -18.70 -52.11
N GLU G 281 -6.67 -17.97 -52.33
CA GLU G 281 -7.84 -18.56 -52.98
C GLU G 281 -7.54 -18.94 -54.42
N GLU G 282 -6.77 -18.12 -55.14
CA GLU G 282 -6.38 -18.49 -56.50
C GLU G 282 -5.56 -19.78 -56.50
N ARG G 283 -4.61 -19.90 -55.57
CA ARG G 283 -3.80 -21.10 -55.50
C ARG G 283 -4.66 -22.32 -55.19
N LEU G 284 -5.58 -22.19 -54.23
CA LEU G 284 -6.44 -23.31 -53.87
C LEU G 284 -7.36 -23.69 -55.03
N LYS G 285 -7.89 -22.69 -55.75
CA LYS G 285 -8.74 -22.98 -56.90
C LYS G 285 -7.96 -23.72 -57.97
N ALA G 286 -6.73 -23.31 -58.24
CA ALA G 286 -5.90 -24.02 -59.21
C ALA G 286 -5.65 -25.46 -58.77
N GLU G 287 -5.35 -25.65 -57.49
CA GLU G 287 -5.10 -27.00 -56.97
C GLU G 287 -6.33 -27.88 -57.12
N GLN G 288 -7.50 -27.34 -56.81
CA GLN G 288 -8.73 -28.12 -56.99
C GLN G 288 -9.01 -28.41 -58.45
N GLU G 289 -8.76 -27.42 -59.33
CA GLU G 289 -8.98 -27.62 -60.76
C GLU G 289 -8.03 -28.68 -61.32
N ARG G 290 -6.86 -28.85 -60.71
CA ARG G 290 -5.96 -29.91 -61.14
C ARG G 290 -6.57 -31.30 -60.93
N LEU G 291 -7.39 -31.45 -59.89
CA LEU G 291 -7.97 -32.75 -59.59
C LEU G 291 -8.89 -33.23 -60.71
N GLU G 292 -9.63 -32.30 -61.33
CA GLU G 292 -10.57 -32.69 -62.38
C GLU G 292 -9.86 -33.31 -63.57
N LYS G 293 -8.83 -32.64 -64.09
CA LYS G 293 -8.11 -33.17 -65.24
C LYS G 293 -7.26 -34.38 -64.85
N ILE G 294 -6.52 -34.28 -63.74
CA ILE G 294 -5.60 -35.35 -63.36
C ILE G 294 -6.37 -36.59 -62.93
N GLY G 295 -7.41 -36.42 -62.11
CA GLY G 295 -8.11 -37.53 -61.51
C GLY G 295 -7.56 -37.84 -60.13
N PRO G 296 -8.41 -38.37 -59.26
CA PRO G 296 -7.96 -38.66 -57.88
C PRO G 296 -6.81 -39.65 -57.83
N MET G 297 -6.78 -40.61 -58.75
CA MET G 297 -5.78 -41.67 -58.69
C MET G 297 -4.37 -41.10 -58.78
N ALA G 298 -4.11 -40.29 -59.80
CA ALA G 298 -2.78 -39.71 -59.97
C ALA G 298 -2.53 -38.56 -59.01
N PHE G 299 -3.58 -37.79 -58.68
CA PHE G 299 -3.40 -36.65 -57.78
C PHE G 299 -2.95 -37.11 -56.40
N TYR G 300 -3.58 -38.18 -55.89
CA TYR G 300 -3.17 -38.73 -54.59
C TYR G 300 -2.11 -39.81 -54.76
N SER G 301 -1.05 -39.47 -55.49
CA SER G 301 0.11 -40.33 -55.64
C SER G 301 1.42 -39.63 -55.35
N GLU G 302 1.44 -38.30 -55.30
CA GLU G 302 2.65 -37.59 -54.90
C GLU G 302 3.03 -37.93 -53.47
N TRP G 303 2.05 -38.02 -52.58
CA TRP G 303 2.31 -38.35 -51.19
C TRP G 303 2.41 -39.84 -50.93
N VAL G 304 1.96 -40.67 -51.87
CA VAL G 304 2.08 -42.12 -51.74
C VAL G 304 3.31 -42.52 -52.56
N LYS G 305 4.46 -42.54 -51.91
CA LYS G 305 5.66 -43.04 -52.55
C LYS G 305 5.65 -44.57 -52.57
N ALA G 306 6.63 -45.14 -53.26
CA ALA G 306 6.77 -46.59 -53.37
C ALA G 306 5.53 -47.24 -53.97
N TRP G 307 4.93 -46.56 -54.95
CA TRP G 307 3.87 -47.14 -55.79
C TRP G 307 4.19 -46.74 -57.22
N LYS G 308 4.96 -47.57 -57.91
CA LYS G 308 5.40 -47.28 -59.28
C LYS G 308 4.39 -47.84 -60.28
N GLY G 309 3.23 -47.21 -60.30
CA GLY G 309 2.15 -47.58 -61.19
C GLY G 309 2.07 -46.68 -62.41
N ASP G 310 0.86 -46.54 -62.94
CA ASP G 310 0.61 -45.69 -64.10
C ASP G 310 0.11 -44.32 -63.72
N THR G 311 -0.89 -44.25 -62.84
CA THR G 311 -1.44 -42.99 -62.33
C THR G 311 -1.86 -42.06 -63.47
N SER G 312 -2.87 -42.50 -64.21
CA SER G 312 -3.44 -41.73 -65.30
C SER G 312 -4.77 -42.35 -65.68
N ARG G 313 -5.79 -41.52 -65.92
CA ARG G 313 -7.10 -42.05 -66.27
C ARG G 313 -7.21 -42.44 -67.74
N GLU G 314 -6.19 -43.12 -68.25
CA GLU G 314 -6.17 -43.76 -69.57
C GLU G 314 -5.88 -45.25 -69.47
N ALA G 315 -4.92 -45.64 -68.62
CA ALA G 315 -4.67 -47.05 -68.34
C ALA G 315 -5.52 -47.56 -67.18
N ILE G 316 -6.12 -46.67 -66.41
CA ILE G 316 -7.07 -47.10 -65.38
C ILE G 316 -8.26 -47.79 -66.03
N GLN G 317 -8.77 -47.22 -67.12
CA GLN G 317 -9.85 -47.85 -67.87
C GLN G 317 -9.40 -49.18 -68.45
N LYS G 318 -8.15 -49.27 -68.91
CA LYS G 318 -7.64 -50.54 -69.40
C LYS G 318 -7.61 -51.59 -68.30
N HIS G 319 -7.18 -51.22 -67.10
CA HIS G 319 -7.20 -52.15 -65.98
C HIS G 319 -8.62 -52.56 -65.62
N PHE G 320 -9.56 -51.60 -65.65
CA PHE G 320 -10.96 -51.92 -65.38
C PHE G 320 -11.55 -52.85 -66.43
N GLU G 321 -11.04 -52.77 -67.66
CA GLU G 321 -11.44 -53.73 -68.68
C GLU G 321 -10.78 -55.09 -68.48
N GLU G 322 -9.55 -55.12 -67.99
CA GLU G 322 -8.89 -56.38 -67.71
C GLU G 322 -9.48 -57.08 -66.49
N THR G 323 -9.73 -56.33 -65.43
CA THR G 323 -10.24 -56.88 -64.18
C THR G 323 -11.37 -56.01 -63.67
N GLY G 324 -12.25 -56.62 -62.87
CA GLY G 324 -13.47 -55.96 -62.42
C GLY G 324 -13.24 -54.75 -61.53
N GLU G 325 -12.01 -54.54 -61.05
CA GLU G 325 -11.73 -53.39 -60.22
C GLU G 325 -11.87 -52.09 -61.01
N ASP G 326 -12.65 -51.16 -60.48
CA ASP G 326 -12.96 -49.90 -61.13
C ASP G 326 -11.98 -48.83 -60.64
N GLU G 327 -12.27 -47.57 -60.98
CA GLU G 327 -11.43 -46.48 -60.51
C GLU G 327 -11.85 -46.09 -59.09
N ASN G 328 -12.04 -47.09 -58.24
CA ASN G 328 -12.17 -46.91 -56.80
C ASN G 328 -11.38 -47.92 -55.98
N THR G 329 -11.14 -49.13 -56.51
CA THR G 329 -10.38 -50.15 -55.80
C THR G 329 -8.89 -50.04 -56.09
N GLN G 330 -8.52 -49.57 -57.28
CA GLN G 330 -7.12 -49.26 -57.54
C GLN G 330 -6.63 -48.13 -56.66
N LEU G 331 -7.48 -47.11 -56.47
CA LEU G 331 -7.14 -46.02 -55.55
C LEU G 331 -6.96 -46.55 -54.13
N ILE G 332 -7.88 -47.41 -53.67
CA ILE G 332 -7.76 -47.98 -52.34
C ILE G 332 -6.49 -48.81 -52.22
N GLU G 333 -6.17 -49.56 -53.27
CA GLU G 333 -4.97 -50.40 -53.24
C GLU G 333 -3.70 -49.57 -53.15
N MET G 334 -3.63 -48.46 -53.90
CA MET G 334 -2.48 -47.59 -53.74
C MET G 334 -2.45 -46.99 -52.34
N LEU G 335 -3.60 -46.56 -51.83
CA LEU G 335 -3.66 -46.00 -50.49
C LEU G 335 -3.62 -47.14 -49.47
N SER G 336 -2.65 -48.05 -49.63
CA SER G 336 -2.43 -49.12 -48.67
C SER G 336 -0.96 -49.37 -48.38
N HIS G 337 -0.05 -48.67 -49.06
CA HIS G 337 1.38 -48.71 -48.79
C HIS G 337 1.88 -47.31 -48.46
N GLN G 338 1.02 -46.51 -47.82
CA GLN G 338 1.25 -45.09 -47.66
C GLN G 338 2.32 -44.75 -46.62
N THR G 339 2.43 -45.56 -45.56
CA THR G 339 3.27 -45.25 -44.39
C THR G 339 2.70 -44.08 -43.62
N ASP G 340 2.92 -44.06 -42.30
CA ASP G 340 2.25 -43.10 -41.43
C ASP G 340 2.64 -41.67 -41.77
N ARG G 341 3.93 -41.41 -41.94
CA ARG G 341 4.40 -40.04 -42.14
C ARG G 341 3.84 -39.45 -43.43
N GLU G 342 3.83 -40.24 -44.50
CA GLU G 342 3.31 -39.74 -45.77
C GLU G 342 1.83 -39.41 -45.67
N TYR G 343 1.05 -40.25 -44.98
CA TYR G 343 -0.36 -39.93 -44.78
C TYR G 343 -0.53 -38.67 -43.96
N ARG G 344 0.27 -38.52 -42.90
CA ARG G 344 0.15 -37.34 -42.05
C ARG G 344 0.45 -36.08 -42.83
N ILE G 345 1.45 -36.12 -43.71
CA ILE G 345 1.75 -34.97 -44.56
C ILE G 345 0.64 -34.76 -45.59
N MET G 346 0.11 -35.84 -46.16
CA MET G 346 -0.93 -35.73 -47.17
C MET G 346 -2.20 -35.14 -46.60
N MET G 347 -2.43 -35.31 -45.30
CA MET G 347 -3.64 -34.79 -44.65
C MET G 347 -3.81 -33.29 -44.85
N GLY G 348 -2.76 -32.58 -45.28
CA GLY G 348 -2.88 -31.15 -45.53
C GLY G 348 -3.83 -30.80 -46.66
N THR G 349 -4.12 -31.75 -47.55
CA THR G 349 -5.09 -31.55 -48.61
C THR G 349 -6.51 -31.83 -48.15
N ASP G 350 -6.77 -31.80 -46.85
CA ASP G 350 -8.10 -32.07 -46.32
C ASP G 350 -9.07 -30.99 -46.79
N ILE G 351 -10.34 -31.38 -46.91
CA ILE G 351 -11.36 -30.47 -47.44
C ILE G 351 -11.68 -29.34 -46.48
N ARG G 352 -11.33 -29.47 -45.21
CA ARG G 352 -11.62 -28.43 -44.23
C ARG G 352 -10.40 -27.90 -43.49
N ILE G 353 -9.21 -28.44 -43.76
CA ILE G 353 -7.98 -27.84 -43.25
C ILE G 353 -7.45 -26.78 -44.19
N ARG G 354 -7.41 -27.11 -45.49
CA ARG G 354 -7.14 -26.15 -46.56
C ARG G 354 -5.80 -25.43 -46.36
N ARG G 355 -4.73 -26.20 -46.37
CA ARG G 355 -3.40 -25.63 -46.44
C ARG G 355 -3.11 -25.20 -47.88
N ASP G 356 -2.68 -23.96 -48.05
CA ASP G 356 -2.41 -23.46 -49.39
C ASP G 356 -1.27 -24.26 -50.01
N PRO G 357 -1.35 -24.58 -51.30
CA PRO G 357 -0.33 -25.46 -51.91
C PRO G 357 1.08 -24.91 -51.81
N LEU G 358 1.25 -23.59 -51.78
CA LEU G 358 2.60 -23.04 -51.70
C LEU G 358 3.25 -23.34 -50.36
N ALA G 359 2.46 -23.46 -49.29
CA ALA G 359 3.03 -23.65 -47.96
C ALA G 359 3.62 -25.05 -47.80
N MET G 360 2.88 -26.08 -48.22
CA MET G 360 3.30 -27.46 -48.04
C MET G 360 4.23 -27.95 -49.13
N ARG G 361 4.77 -27.05 -49.95
CA ARG G 361 5.75 -27.41 -50.96
C ARG G 361 6.97 -26.50 -50.96
N MET G 362 7.05 -25.55 -50.04
CA MET G 362 8.21 -24.67 -49.96
C MET G 362 9.45 -25.46 -49.56
N ARG G 363 10.58 -25.10 -50.14
CA ARG G 363 11.83 -25.74 -49.79
C ARG G 363 12.27 -25.35 -48.39
N GLU G 364 13.23 -26.10 -47.86
CA GLU G 364 13.75 -25.80 -46.53
C GLU G 364 14.39 -24.43 -46.48
N ASP G 365 15.05 -24.02 -47.57
CA ASP G 365 15.69 -22.72 -47.62
C ASP G 365 14.67 -21.59 -47.47
N GLN G 366 13.53 -21.70 -48.15
CA GLN G 366 12.53 -20.66 -48.07
C GLN G 366 11.89 -20.59 -46.69
N ILE G 367 11.65 -21.75 -46.07
CA ILE G 367 11.04 -21.78 -44.74
C ILE G 367 12.01 -21.21 -43.71
N LYS G 368 13.31 -21.49 -43.87
CA LYS G 368 14.30 -20.96 -42.93
C LYS G 368 14.36 -19.44 -42.94
N GLU G 369 13.86 -18.79 -43.99
CA GLU G 369 13.90 -17.34 -44.06
C GLU G 369 12.77 -16.68 -43.29
N ILE G 370 11.83 -17.45 -42.75
CA ILE G 370 10.74 -16.86 -41.98
C ILE G 370 11.28 -16.22 -40.70
N TRP G 371 12.16 -16.93 -40.00
CA TRP G 371 12.80 -16.39 -38.81
C TRP G 371 14.24 -15.97 -39.05
N GLY G 372 14.75 -16.15 -40.27
CA GLY G 372 16.05 -15.62 -40.63
C GLY G 372 17.23 -16.52 -40.31
N GLY G 373 17.17 -17.77 -40.72
CA GLY G 373 18.30 -18.67 -40.57
C GLY G 373 18.47 -19.19 -39.15
N ASP G 374 19.55 -19.92 -38.97
CA ASP G 374 19.83 -20.53 -37.67
C ASP G 374 20.19 -19.46 -36.64
N PRO G 375 19.92 -19.71 -35.36
CA PRO G 375 20.35 -18.79 -34.32
C PRO G 375 21.86 -18.73 -34.22
N VAL G 376 22.38 -17.55 -33.88
CA VAL G 376 23.83 -17.40 -33.74
C VAL G 376 24.32 -18.14 -32.50
N TYR G 377 23.57 -18.06 -31.40
CA TYR G 377 23.89 -18.83 -30.22
C TYR G 377 23.35 -20.25 -30.38
N PRO G 378 24.20 -21.28 -30.34
CA PRO G 378 23.73 -22.64 -30.63
C PRO G 378 22.67 -23.10 -29.66
N THR G 379 21.69 -23.83 -30.18
CA THR G 379 20.61 -24.36 -29.36
C THR G 379 21.05 -25.55 -28.52
N ILE G 380 22.20 -26.16 -28.86
CA ILE G 380 22.68 -27.32 -28.13
C ILE G 380 23.04 -26.95 -26.69
N ASN G 381 23.20 -25.66 -26.39
CA ASN G 381 23.45 -25.23 -25.02
C ASN G 381 22.20 -25.30 -24.17
N TYR G 382 21.02 -25.22 -24.77
CA TYR G 382 19.76 -25.26 -24.04
C TYR G 382 19.20 -26.67 -23.90
N ILE G 383 19.48 -27.54 -24.87
CA ILE G 383 18.81 -28.84 -24.93
C ILE G 383 19.33 -29.74 -23.82
N GLN G 384 18.41 -30.29 -23.03
CA GLN G 384 18.69 -31.30 -22.01
C GLN G 384 18.06 -32.62 -22.42
N ASP G 385 18.18 -33.60 -21.54
CA ASP G 385 17.59 -34.92 -21.76
C ASP G 385 16.55 -35.16 -20.67
N PRO G 386 15.30 -35.46 -21.01
CA PRO G 386 14.25 -35.52 -19.98
C PRO G 386 14.39 -36.69 -19.01
N ASP G 387 15.41 -37.52 -19.13
CA ASP G 387 15.56 -38.70 -18.29
C ASP G 387 16.95 -38.73 -17.66
N ILE G 388 17.38 -37.60 -17.10
CA ILE G 388 18.65 -37.51 -16.41
C ILE G 388 18.42 -37.05 -14.98
N VAL G 389 19.34 -37.44 -14.12
CA VAL G 389 19.44 -36.89 -12.77
C VAL G 389 20.53 -35.83 -12.79
N ILE G 390 20.20 -34.64 -12.26
CA ILE G 390 21.12 -33.52 -12.33
C ILE G 390 22.39 -33.86 -11.58
N ASP G 391 23.49 -33.99 -12.31
CA ASP G 391 24.77 -34.34 -11.71
C ASP G 391 25.31 -33.13 -10.93
N TYR G 392 25.29 -33.23 -9.61
CA TYR G 392 25.90 -32.22 -8.77
C TYR G 392 27.42 -32.39 -8.85
N ARG G 393 28.15 -31.66 -8.02
CA ARG G 393 29.57 -31.40 -8.24
C ARG G 393 29.64 -30.64 -9.57
N GLY G 394 30.38 -31.11 -10.57
CA GLY G 394 30.37 -30.46 -11.86
C GLY G 394 31.02 -29.09 -11.83
N PRO G 395 30.99 -28.40 -12.96
CA PRO G 395 31.68 -27.10 -13.04
C PRO G 395 30.84 -25.92 -12.58
N ASP G 396 29.52 -26.04 -12.63
CA ASP G 396 28.63 -24.91 -12.37
C ASP G 396 27.83 -25.08 -11.07
N PHE G 397 28.36 -25.83 -10.12
CA PHE G 397 27.74 -25.96 -8.80
C PHE G 397 28.78 -25.70 -7.73
N HIS G 398 28.34 -25.10 -6.62
CA HIS G 398 29.26 -24.79 -5.53
C HIS G 398 29.76 -26.06 -4.86
N GLU G 399 30.69 -25.89 -3.93
CA GLU G 399 31.20 -27.01 -3.18
C GLU G 399 30.11 -27.60 -2.29
N PRO G 400 30.17 -28.90 -2.00
CA PRO G 400 29.10 -29.52 -1.21
C PRO G 400 28.94 -28.87 0.15
N THR G 401 27.69 -28.73 0.56
CA THR G 401 27.39 -28.09 1.84
C THR G 401 27.73 -29.05 2.98
N PRO G 402 28.56 -28.65 3.93
CA PRO G 402 28.93 -29.56 5.03
C PRO G 402 27.87 -29.58 6.12
N ASN G 403 27.70 -30.77 6.71
CA ASN G 403 26.84 -30.91 7.86
C ASN G 403 27.34 -30.00 8.97
N MET G 404 26.44 -29.18 9.52
CA MET G 404 26.88 -28.10 10.40
C MET G 404 27.48 -28.64 11.69
N LEU G 405 26.88 -29.68 12.27
CA LEU G 405 27.45 -30.31 13.45
C LEU G 405 28.79 -30.94 13.14
N ALA G 406 28.88 -31.67 12.02
CA ALA G 406 30.13 -32.30 11.64
C ALA G 406 31.17 -31.26 11.23
N HIS G 407 30.73 -30.13 10.67
CA HIS G 407 31.66 -29.08 10.27
C HIS G 407 32.36 -28.47 11.48
N LEU G 408 31.70 -28.46 12.64
CA LEU G 408 32.28 -27.92 13.86
C LEU G 408 33.27 -28.94 14.41
N LYS G 409 34.44 -28.99 13.77
CA LYS G 409 35.48 -29.93 14.16
C LYS G 409 36.06 -29.57 15.52
N GLU G 410 36.34 -28.28 15.75
CA GLU G 410 37.10 -27.84 16.91
C GLU G 410 36.19 -27.52 18.11
N HIS G 411 35.24 -26.61 17.93
CA HIS G 411 34.39 -26.15 19.02
C HIS G 411 33.22 -27.13 19.20
N GLY G 412 33.58 -28.36 19.54
CA GLY G 412 32.61 -29.40 19.81
C GLY G 412 33.27 -30.68 20.26
N LYS G 413 32.77 -31.28 21.32
CA LYS G 413 33.36 -32.50 21.87
C LYS G 413 32.26 -33.50 22.20
N ILE G 414 32.63 -34.78 22.19
CA ILE G 414 31.67 -35.82 22.52
C ILE G 414 31.42 -35.85 24.03
N ILE G 415 30.35 -36.55 24.41
CA ILE G 415 29.95 -36.59 25.82
C ILE G 415 31.01 -37.29 26.67
N SER G 416 31.64 -38.33 26.11
CA SER G 416 32.62 -39.09 26.87
C SER G 416 33.82 -38.24 27.27
N ARG G 417 34.36 -37.47 26.32
CA ARG G 417 35.51 -36.61 26.64
C ARG G 417 35.12 -35.52 27.61
N GLU G 418 33.91 -34.95 27.46
CA GLU G 418 33.43 -33.94 28.39
C GLU G 418 33.33 -34.49 29.81
N ASP G 419 32.81 -35.72 29.94
CA ASP G 419 32.75 -36.35 31.26
C ASP G 419 34.14 -36.60 31.80
N LEU G 420 35.07 -37.05 30.94
CA LEU G 420 36.42 -37.35 31.39
C LEU G 420 37.13 -36.11 31.91
N GLU G 421 36.99 -34.99 31.20
CA GLU G 421 37.71 -33.77 31.57
C GLU G 421 37.14 -33.07 32.80
N LYS G 422 35.96 -33.47 33.27
CA LYS G 422 35.38 -32.87 34.46
C LYS G 422 35.96 -33.42 35.76
N LEU G 423 36.70 -34.52 35.70
CA LEU G 423 37.29 -35.11 36.89
C LEU G 423 38.76 -35.42 36.67
N SER H 63 -113.49 -3.09 -1.93
CA SER H 63 -112.64 -2.41 -2.90
C SER H 63 -112.43 -0.95 -2.53
N ALA H 64 -113.02 -0.04 -3.31
CA ALA H 64 -112.88 1.38 -3.04
C ALA H 64 -113.48 1.75 -1.68
N ALA H 65 -114.63 1.16 -1.34
CA ALA H 65 -115.23 1.41 -0.03
C ALA H 65 -114.33 0.90 1.09
N GLU H 66 -113.73 -0.27 0.89
CA GLU H 66 -112.84 -0.82 1.91
C GLU H 66 -111.64 0.10 2.17
N LYS H 67 -111.03 0.61 1.09
CA LYS H 67 -109.98 1.60 1.24
C LYS H 67 -110.53 2.98 1.57
N GLY H 68 -111.76 3.27 1.13
CA GLY H 68 -112.39 4.53 1.52
C GLY H 68 -112.67 4.61 3.01
N LEU H 69 -113.04 3.48 3.61
CA LEU H 69 -113.20 3.43 5.06
C LEU H 69 -111.85 3.39 5.77
N ARG H 70 -110.84 2.81 5.12
CA ARG H 70 -109.51 2.70 5.74
C ARG H 70 -108.92 4.08 6.02
N LEU H 71 -109.03 5.00 5.06
CA LEU H 71 -108.48 6.34 5.26
C LEU H 71 -109.25 7.13 6.30
N VAL H 72 -110.47 6.73 6.63
CA VAL H 72 -111.24 7.42 7.66
C VAL H 72 -110.58 7.26 9.02
N PHE H 73 -110.22 6.02 9.37
CA PHE H 73 -109.49 5.80 10.61
C PHE H 73 -108.05 6.24 10.49
N MET H 74 -107.49 6.18 9.27
CA MET H 74 -106.08 6.51 9.08
C MET H 74 -105.81 7.97 9.41
N GLU H 75 -106.68 8.87 8.97
CA GLU H 75 -106.49 10.29 9.26
C GLU H 75 -106.53 10.57 10.76
N GLU H 76 -107.43 9.91 11.49
CA GLU H 76 -107.50 10.09 12.93
C GLU H 76 -106.56 9.16 13.70
N LEU H 77 -106.04 8.12 13.05
CA LEU H 77 -105.08 7.25 13.73
C LEU H 77 -103.84 8.02 14.13
N MET H 78 -103.27 8.78 13.20
CA MET H 78 -102.10 9.59 13.52
C MET H 78 -102.47 10.73 14.45
N SER H 79 -103.74 11.14 14.47
CA SER H 79 -104.20 12.13 15.43
C SER H 79 -104.12 11.61 16.86
N LYS H 80 -104.18 10.29 17.03
CA LYS H 80 -103.93 9.71 18.35
C LYS H 80 -102.47 9.83 18.74
N ALA H 81 -101.57 10.02 17.77
CA ALA H 81 -100.20 10.41 18.06
C ALA H 81 -100.04 11.92 18.12
N ARG H 82 -101.00 12.68 17.59
CA ARG H 82 -100.96 14.14 17.71
C ARG H 82 -101.06 14.57 19.17
N ASN H 83 -101.98 13.96 19.92
CA ASN H 83 -102.15 14.24 21.33
C ASN H 83 -101.32 13.33 22.22
N ARG H 84 -100.50 12.45 21.64
CA ARG H 84 -99.60 11.57 22.39
C ARG H 84 -100.39 10.62 23.29
N ASP H 85 -101.29 9.87 22.68
CA ASP H 85 -102.12 8.91 23.40
C ASP H 85 -101.50 7.52 23.35
N ALA H 86 -101.68 6.78 24.44
CA ALA H 86 -101.14 5.43 24.57
C ALA H 86 -102.16 4.36 24.18
N ILE H 87 -103.32 4.36 24.85
CA ILE H 87 -104.37 3.39 24.52
C ILE H 87 -105.39 3.96 23.54
N GLY H 88 -105.39 5.27 23.32
CA GLY H 88 -106.28 5.84 22.31
C GLY H 88 -105.93 5.36 20.91
N VAL H 89 -104.62 5.31 20.60
CA VAL H 89 -104.20 4.76 19.32
C VAL H 89 -104.48 3.26 19.26
N SER H 90 -104.36 2.57 20.38
CA SER H 90 -104.63 1.13 20.40
C SER H 90 -106.07 0.84 20.05
N ASP H 91 -107.02 1.60 20.61
CA ASP H 91 -108.42 1.39 20.30
C ASP H 91 -108.71 1.64 18.83
N VAL H 92 -108.00 2.60 18.23
CA VAL H 92 -108.13 2.83 16.79
C VAL H 92 -107.67 1.59 16.01
N ILE H 93 -106.54 1.01 16.43
CA ILE H 93 -106.12 -0.26 15.85
C ILE H 93 -107.11 -1.37 16.22
N TYR H 94 -107.66 -1.31 17.43
CA TYR H 94 -108.68 -2.28 17.83
C TYR H 94 -109.95 -2.12 17.01
N ASP H 95 -110.20 -0.92 16.46
CA ASP H 95 -111.36 -0.73 15.61
C ASP H 95 -111.27 -1.59 14.36
N MET H 96 -110.10 -1.66 13.75
CA MET H 96 -109.90 -2.45 12.53
C MET H 96 -109.53 -3.89 12.81
N ILE H 97 -108.92 -4.17 13.97
CA ILE H 97 -108.64 -5.56 14.34
C ILE H 97 -109.92 -6.33 14.57
N VAL H 98 -110.99 -5.59 14.83
CA VAL H 98 -112.28 -6.21 15.04
C VAL H 98 -112.97 -6.44 13.70
N ALA H 99 -112.84 -5.47 12.80
CA ALA H 99 -113.48 -5.58 11.49
C ALA H 99 -112.56 -6.21 10.47
N GLY H 100 -111.42 -6.72 10.91
CA GLY H 100 -110.49 -7.37 10.00
C GLY H 100 -109.80 -6.42 9.04
N LEU H 101 -109.03 -5.48 9.56
CA LEU H 101 -108.26 -4.59 8.68
C LEU H 101 -106.80 -4.59 9.07
N THR H 102 -106.02 -5.47 8.46
CA THR H 102 -104.61 -5.59 8.84
C THR H 102 -103.96 -4.23 8.82
N PRO H 103 -103.50 -3.77 9.97
CA PRO H 103 -102.96 -2.43 9.99
C PRO H 103 -101.65 -2.37 9.21
N GLY H 104 -101.63 -1.64 8.09
CA GLY H 104 -100.43 -1.48 7.29
C GLY H 104 -99.30 -0.98 8.15
N PRO H 105 -98.11 -1.50 7.93
CA PRO H 105 -97.02 -1.11 8.84
C PRO H 105 -96.97 0.39 9.12
N ARG H 106 -97.41 1.26 8.21
CA ARG H 106 -97.42 2.67 8.58
C ARG H 106 -98.37 2.93 9.74
N SER H 107 -99.53 2.28 9.74
CA SER H 107 -100.42 2.35 10.89
C SER H 107 -99.79 1.70 12.10
N TYR H 108 -99.10 0.57 11.90
CA TYR H 108 -98.40 -0.09 12.99
C TYR H 108 -97.32 0.81 13.57
N HIS H 109 -96.69 1.63 12.73
CA HIS H 109 -95.62 2.51 13.21
C HIS H 109 -96.15 3.72 13.97
N GLY H 110 -97.36 4.17 13.65
CA GLY H 110 -97.90 5.36 14.29
C GLY H 110 -98.01 5.23 15.81
N LEU H 111 -98.28 4.02 16.29
CA LEU H 111 -98.32 3.80 17.73
C LEU H 111 -96.93 3.91 18.34
N VAL H 112 -95.89 3.51 17.60
CA VAL H 112 -94.52 3.65 18.10
C VAL H 112 -94.16 5.12 18.25
N VAL H 113 -94.64 5.97 17.34
CA VAL H 113 -94.40 7.40 17.45
C VAL H 113 -95.09 7.97 18.68
N ALA H 114 -96.26 7.43 19.02
CA ALA H 114 -97.02 7.96 20.15
C ALA H 114 -96.23 7.86 21.44
N HIS H 115 -95.60 6.70 21.69
CA HIS H 115 -94.84 6.53 22.91
C HIS H 115 -93.48 7.23 22.86
N VAL H 116 -92.86 7.30 21.68
CA VAL H 116 -91.55 7.94 21.60
C VAL H 116 -91.65 9.45 21.79
N LEU H 117 -92.82 10.04 21.50
CA LEU H 117 -93.03 11.45 21.78
C LEU H 117 -93.28 11.72 23.26
N ASN H 118 -93.54 10.69 24.05
CA ASN H 118 -93.67 10.81 25.49
C ASN H 118 -92.37 10.50 26.22
N ALA H 119 -91.28 10.28 25.48
CA ALA H 119 -89.99 9.88 26.05
C ALA H 119 -90.12 8.59 26.87
N ASP H 120 -90.91 7.64 26.34
CA ASP H 120 -91.11 6.36 26.99
C ASP H 120 -90.05 5.38 26.49
N GLU H 121 -89.07 5.08 27.34
CA GLU H 121 -87.97 4.20 26.98
C GLU H 121 -88.44 2.80 26.66
N GLU H 122 -89.01 2.11 27.65
CA GLU H 122 -89.48 0.75 27.45
C GLU H 122 -90.89 0.69 26.89
N GLY H 123 -91.67 1.77 27.02
CA GLY H 123 -92.97 1.82 26.37
C GLY H 123 -92.86 1.73 24.87
N ALA H 124 -91.88 2.43 24.30
CA ALA H 124 -91.64 2.33 22.85
C ALA H 124 -91.09 0.96 22.48
N MET H 125 -90.28 0.36 23.35
CA MET H 125 -89.78 -0.99 23.08
C MET H 125 -90.92 -1.99 23.03
N LYS H 126 -91.84 -1.91 23.99
CA LYS H 126 -93.05 -2.73 23.93
C LYS H 126 -93.89 -2.35 22.72
N SER H 127 -93.93 -1.06 22.39
CA SER H 127 -94.62 -0.61 21.19
C SER H 127 -94.05 -1.25 19.93
N LEU H 128 -92.77 -1.62 19.95
CA LEU H 128 -92.16 -2.34 18.84
C LEU H 128 -92.01 -3.83 19.11
N ARG H 129 -92.10 -4.27 20.37
CA ARG H 129 -91.93 -5.68 20.68
C ARG H 129 -92.98 -6.54 19.97
N ARG H 130 -94.16 -5.98 19.72
CA ARG H 130 -95.22 -6.71 19.04
C ARG H 130 -95.03 -6.76 17.52
N GLU H 131 -94.16 -5.91 16.96
CA GLU H 131 -93.96 -5.89 15.52
C GLU H 131 -93.39 -7.21 15.02
N LEU H 132 -92.37 -7.74 15.71
CA LEU H 132 -91.80 -9.02 15.31
C LEU H 132 -92.71 -10.18 15.69
N SER H 133 -93.49 -10.03 16.76
CA SER H 133 -94.43 -11.08 17.15
C SER H 133 -95.49 -11.28 16.08
N VAL H 134 -96.05 -10.19 15.55
CA VAL H 134 -97.03 -10.30 14.47
C VAL H 134 -96.37 -10.84 13.22
N GLY H 135 -95.18 -10.37 12.89
CA GLY H 135 -94.47 -10.75 11.69
C GLY H 135 -94.33 -9.65 10.66
N LEU H 136 -94.98 -8.51 10.88
CA LEU H 136 -94.85 -7.39 9.96
C LEU H 136 -93.45 -6.79 10.05
N VAL H 137 -92.85 -6.55 8.88
CA VAL H 137 -91.53 -5.91 8.85
C VAL H 137 -91.69 -4.43 9.13
N PRO H 138 -91.00 -3.88 10.13
CA PRO H 138 -91.18 -2.46 10.47
C PRO H 138 -90.66 -1.55 9.37
N LEU H 139 -91.13 -0.31 9.41
CA LEU H 139 -90.81 0.67 8.39
C LEU H 139 -89.40 1.22 8.58
N HIS H 140 -88.89 1.85 7.52
CA HIS H 140 -87.62 2.57 7.62
C HIS H 140 -87.72 3.71 8.63
N GLU H 141 -88.83 4.44 8.60
CA GLU H 141 -89.06 5.50 9.57
C GLU H 141 -89.15 4.94 10.99
N THR H 142 -89.63 3.69 11.12
CA THR H 142 -89.79 3.09 12.44
C THR H 142 -88.47 3.00 13.19
N PHE H 143 -87.45 2.42 12.54
CA PHE H 143 -86.14 2.35 13.18
C PHE H 143 -85.50 3.73 13.31
N VAL H 144 -85.78 4.63 12.37
CA VAL H 144 -85.21 5.96 12.41
C VAL H 144 -85.71 6.72 13.64
N ALA H 145 -86.99 6.57 13.97
CA ALA H 145 -87.57 7.29 15.10
C ALA H 145 -86.95 6.85 16.41
N LEU H 146 -86.78 5.54 16.61
CA LEU H 146 -86.31 5.04 17.90
C LEU H 146 -84.86 5.44 18.17
N VAL H 147 -84.00 5.30 17.16
CA VAL H 147 -82.58 5.59 17.37
C VAL H 147 -82.38 7.06 17.72
N ARG H 148 -83.27 7.93 17.25
CA ARG H 148 -83.19 9.35 17.63
C ARG H 148 -83.43 9.52 19.13
N LEU H 149 -84.40 8.79 19.68
CA LEU H 149 -84.68 8.88 21.11
C LEU H 149 -83.54 8.32 21.94
N PHE H 150 -83.04 7.13 21.57
CA PHE H 150 -82.00 6.49 22.35
C PHE H 150 -80.72 7.32 22.35
N GLY H 151 -80.37 7.91 21.21
CA GLY H 151 -79.24 8.83 21.19
C GLY H 151 -79.48 10.09 22.00
N SER H 152 -80.73 10.59 21.96
CA SER H 152 -81.05 11.80 22.71
C SER H 152 -80.97 11.58 24.22
N LYS H 153 -81.42 10.43 24.69
CA LYS H 153 -81.37 10.12 26.12
C LYS H 153 -80.01 9.64 26.58
N GLY H 154 -79.20 9.08 25.69
CA GLY H 154 -77.88 8.60 26.03
C GLY H 154 -77.70 7.10 25.99
N ARG H 155 -78.63 6.37 25.36
CA ARG H 155 -78.52 4.92 25.31
C ARG H 155 -77.32 4.50 24.46
N ALA H 156 -76.35 3.84 25.08
CA ALA H 156 -75.13 3.47 24.38
C ALA H 156 -75.33 2.21 23.54
N THR H 157 -75.65 1.09 24.19
CA THR H 157 -75.80 -0.17 23.48
C THR H 157 -77.18 -0.37 22.89
N ARG H 158 -78.17 0.41 23.31
CA ARG H 158 -79.52 0.24 22.77
C ARG H 158 -79.57 0.60 21.30
N GLY H 159 -78.87 1.66 20.89
CA GLY H 159 -78.85 2.02 19.48
C GLY H 159 -78.29 0.93 18.60
N LEU H 160 -77.23 0.27 19.07
CA LEU H 160 -76.65 -0.84 18.32
C LEU H 160 -77.61 -2.01 18.20
N GLU H 161 -78.51 -2.17 19.17
CA GLU H 161 -79.49 -3.26 19.11
C GLU H 161 -80.38 -3.11 17.89
N ILE H 162 -80.85 -1.89 17.61
CA ILE H 162 -81.61 -1.65 16.39
C ILE H 162 -80.73 -1.82 15.16
N LEU H 163 -79.48 -1.36 15.25
CA LEU H 163 -78.58 -1.44 14.10
C LEU H 163 -78.44 -2.86 13.57
N ALA H 164 -78.56 -3.86 14.46
CA ALA H 164 -78.55 -5.25 14.00
C ALA H 164 -79.81 -5.59 13.21
N ALA H 165 -80.93 -4.94 13.50
CA ALA H 165 -82.19 -5.28 12.85
C ALA H 165 -82.12 -5.00 11.34
N MET H 166 -81.72 -3.79 10.96
CA MET H 166 -81.55 -3.51 9.54
C MET H 166 -80.41 -4.31 8.92
N GLU H 167 -79.47 -4.80 9.72
CA GLU H 167 -78.48 -5.71 9.20
C GLU H 167 -79.07 -7.07 8.83
N LYS H 168 -80.29 -7.36 9.28
CA LYS H 168 -81.00 -8.58 8.90
C LYS H 168 -82.18 -8.32 7.98
N LEU H 169 -82.72 -7.11 7.97
CA LEU H 169 -83.90 -6.77 7.17
C LEU H 169 -83.55 -6.12 5.84
N ASN H 170 -82.31 -6.29 5.37
CA ASN H 170 -81.85 -5.74 4.10
C ASN H 170 -82.07 -4.23 4.03
N TYR H 171 -81.73 -3.52 5.11
CA TYR H 171 -81.82 -2.07 5.17
C TYR H 171 -80.46 -1.51 5.53
N ASP H 172 -80.05 -0.46 4.84
CA ASP H 172 -78.78 0.18 5.14
C ASP H 172 -78.87 0.97 6.44
N ILE H 173 -77.78 0.95 7.21
CA ILE H 173 -77.74 1.63 8.50
C ILE H 173 -77.10 3.00 8.39
N ARG H 174 -76.79 3.47 7.17
CA ARG H 174 -76.05 4.72 7.02
C ARG H 174 -76.82 5.90 7.58
N LYS H 175 -78.08 6.07 7.16
CA LYS H 175 -78.88 7.17 7.67
C LYS H 175 -79.13 7.02 9.17
N ALA H 176 -79.45 5.81 9.61
CA ALA H 176 -79.69 5.58 11.03
C ALA H 176 -78.45 5.84 11.86
N TRP H 177 -77.28 5.37 11.39
CA TRP H 177 -76.05 5.59 12.12
C TRP H 177 -75.62 7.05 12.06
N LEU H 178 -75.98 7.77 10.99
CA LEU H 178 -75.67 9.19 10.91
C LEU H 178 -76.47 9.99 11.92
N VAL H 179 -77.78 9.76 11.98
CA VAL H 179 -78.62 10.49 12.93
C VAL H 179 -78.32 10.05 14.36
N LEU H 180 -78.02 8.78 14.57
CA LEU H 180 -77.64 8.31 15.90
C LEU H 180 -76.36 8.97 16.38
N VAL H 181 -75.36 9.08 15.51
CA VAL H 181 -74.11 9.73 15.88
C VAL H 181 -74.34 11.21 16.16
N GLU H 182 -75.09 11.89 15.29
CA GLU H 182 -75.32 13.31 15.46
C GLU H 182 -76.12 13.61 16.72
N GLU H 183 -77.13 12.79 17.00
CA GLU H 183 -77.96 13.03 18.18
C GLU H 183 -77.16 12.85 19.47
N LEU H 184 -76.23 11.89 19.49
CA LEU H 184 -75.42 11.66 20.68
C LEU H 184 -74.55 12.86 21.00
N VAL H 185 -74.15 13.63 19.99
CA VAL H 185 -73.39 14.85 20.24
C VAL H 185 -74.31 15.99 20.67
N ARG H 186 -75.57 15.96 20.25
CA ARG H 186 -76.51 17.01 20.64
C ARG H 186 -76.79 16.99 22.14
N SER H 187 -76.55 15.87 22.80
CA SER H 187 -76.46 15.79 24.25
C SER H 187 -75.00 15.63 24.64
N ASN H 188 -74.71 15.79 25.93
CA ASN H 188 -73.32 15.72 26.37
C ASN H 188 -72.85 14.30 26.58
N HIS H 189 -73.07 13.45 25.57
CA HIS H 189 -72.51 12.09 25.55
C HIS H 189 -71.34 11.99 24.59
N LEU H 190 -70.28 12.73 24.91
CA LEU H 190 -69.13 12.81 24.00
C LEU H 190 -68.43 11.47 23.86
N GLU H 191 -68.25 10.75 24.97
CA GLU H 191 -67.61 9.44 24.90
C GLU H 191 -68.42 8.47 24.05
N ASP H 192 -69.76 8.52 24.18
CA ASP H 192 -70.61 7.67 23.37
C ASP H 192 -70.52 8.00 21.89
N ALA H 193 -70.40 9.30 21.57
CA ALA H 193 -70.39 9.72 20.17
C ALA H 193 -69.18 9.15 19.43
N ASN H 194 -68.01 9.18 20.06
CA ASN H 194 -66.82 8.64 19.41
C ASN H 194 -66.92 7.14 19.20
N LYS H 195 -67.45 6.42 20.19
CA LYS H 195 -67.51 4.97 20.09
C LYS H 195 -68.42 4.52 18.96
N VAL H 196 -69.59 5.16 18.83
CA VAL H 196 -70.53 4.77 17.79
C VAL H 196 -69.99 5.10 16.40
N PHE H 197 -69.41 6.29 16.24
CA PHE H 197 -68.89 6.69 14.93
C PHE H 197 -67.70 5.83 14.52
N LEU H 198 -66.77 5.58 15.44
CA LEU H 198 -65.57 4.82 15.10
C LEU H 198 -65.93 3.38 14.72
N LYS H 199 -66.85 2.76 15.45
CA LYS H 199 -67.23 1.39 15.16
C LYS H 199 -67.86 1.27 13.78
N GLY H 200 -68.77 2.20 13.44
CA GLY H 200 -69.43 2.15 12.15
C GLY H 200 -68.51 2.53 11.01
N ALA H 201 -67.67 3.55 11.22
CA ALA H 201 -66.80 4.03 10.16
C ALA H 201 -65.52 3.22 10.01
N LYS H 202 -65.24 2.29 10.93
CA LYS H 202 -64.10 1.40 10.76
C LYS H 202 -64.27 0.54 9.52
N GLY H 203 -65.48 0.04 9.29
CA GLY H 203 -65.82 -0.62 8.05
C GLY H 203 -66.13 0.38 6.96
N GLY H 204 -66.81 -0.10 5.93
CA GLY H 204 -67.17 0.77 4.83
C GLY H 204 -68.45 1.54 5.11
N LEU H 205 -68.30 2.81 5.50
CA LEU H 205 -69.45 3.66 5.82
C LEU H 205 -69.03 5.11 5.58
N ARG H 206 -69.40 5.64 4.42
CA ARG H 206 -69.11 7.04 4.11
C ARG H 206 -70.00 7.95 4.95
N ALA H 207 -69.42 9.03 5.45
CA ALA H 207 -70.13 9.98 6.30
C ALA H 207 -70.20 11.34 5.62
N THR H 208 -71.27 12.07 5.89
CA THR H 208 -71.42 13.41 5.35
C THR H 208 -70.37 14.34 5.93
N ASP H 209 -69.95 15.32 5.13
CA ASP H 209 -68.88 16.23 5.53
C ASP H 209 -69.27 17.05 6.76
N GLU H 210 -70.56 17.25 6.99
CA GLU H 210 -70.99 18.00 8.17
C GLU H 210 -70.64 17.26 9.45
N ILE H 211 -70.80 15.94 9.45
CA ILE H 211 -70.45 15.14 10.63
C ILE H 211 -68.96 15.22 10.91
N TYR H 212 -68.14 15.13 9.86
CA TYR H 212 -66.69 15.21 10.04
C TYR H 212 -66.28 16.53 10.69
N ASP H 213 -66.86 17.63 10.23
CA ASP H 213 -66.55 18.92 10.84
C ASP H 213 -67.00 18.98 12.29
N LEU H 214 -68.15 18.38 12.59
CA LEU H 214 -68.69 18.47 13.94
C LEU H 214 -67.81 17.74 14.96
N MET H 215 -67.46 16.48 14.68
CA MET H 215 -66.78 15.68 15.69
C MET H 215 -65.32 16.11 15.86
N ILE H 216 -64.67 16.52 14.77
CA ILE H 216 -63.29 16.99 14.89
C ILE H 216 -63.22 18.23 15.77
N GLU H 217 -64.15 19.17 15.57
CA GLU H 217 -64.20 20.36 16.40
C GLU H 217 -64.63 20.02 17.82
N GLU H 218 -65.67 19.19 17.96
CA GLU H 218 -66.21 18.89 19.29
C GLU H 218 -65.20 18.13 20.15
N ASP H 219 -64.53 17.14 19.56
CA ASP H 219 -63.54 16.39 20.33
C ASP H 219 -62.37 17.28 20.76
N CYS H 220 -61.93 18.17 19.88
CA CYS H 220 -60.86 19.09 20.24
C CYS H 220 -61.33 20.16 21.21
N LYS H 221 -62.63 20.41 21.28
CA LYS H 221 -63.14 21.41 22.24
C LYS H 221 -63.01 20.91 23.67
N SER H 222 -63.24 19.63 23.92
CA SER H 222 -63.15 19.05 25.25
C SER H 222 -61.78 18.43 25.53
N GLY H 223 -60.85 18.48 24.58
CA GLY H 223 -59.55 17.89 24.78
C GLY H 223 -59.53 16.39 24.56
N ASP H 224 -59.87 15.97 23.34
CA ASP H 224 -59.93 14.57 22.97
C ASP H 224 -59.10 14.32 21.71
N HIS H 225 -57.85 14.79 21.74
CA HIS H 225 -56.98 14.69 20.56
C HIS H 225 -56.88 13.25 20.06
N SER H 226 -56.85 12.28 20.97
CA SER H 226 -56.76 10.88 20.56
C SER H 226 -57.96 10.48 19.71
N ASN H 227 -59.16 10.90 20.11
CA ASN H 227 -60.35 10.59 19.31
C ASN H 227 -60.41 11.45 18.05
N ALA H 228 -60.02 12.72 18.15
CA ALA H 228 -60.08 13.60 17.00
C ALA H 228 -59.10 13.17 15.90
N LEU H 229 -57.88 12.81 16.30
CA LEU H 229 -56.88 12.41 15.30
C LEU H 229 -57.30 11.15 14.56
N THR H 230 -57.89 10.19 15.28
CA THR H 230 -58.33 8.96 14.64
C THR H 230 -59.43 9.24 13.61
N ILE H 231 -60.36 10.15 13.93
CA ILE H 231 -61.40 10.50 12.98
C ILE H 231 -60.80 11.19 11.76
N ALA H 232 -59.85 12.10 11.98
CA ALA H 232 -59.20 12.78 10.86
C ALA H 232 -58.47 11.79 9.97
N TYR H 233 -57.76 10.83 10.56
CA TYR H 233 -57.13 9.78 9.77
C TYR H 233 -58.17 8.96 9.04
N GLU H 234 -59.29 8.65 9.71
CA GLU H 234 -60.36 7.89 9.08
C GLU H 234 -61.03 8.71 7.97
N MET H 235 -61.16 10.02 8.16
CA MET H 235 -61.78 10.86 7.14
C MET H 235 -60.99 10.84 5.84
N GLU H 236 -59.66 10.94 5.93
CA GLU H 236 -58.83 10.96 4.73
C GLU H 236 -58.81 9.62 4.02
N ALA H 237 -59.10 8.53 4.72
CA ALA H 237 -59.20 7.23 4.05
C ALA H 237 -60.35 7.23 3.04
N ALA H 238 -61.46 7.85 3.38
CA ALA H 238 -62.63 7.89 2.51
C ALA H 238 -62.65 9.14 1.63
N GLY H 239 -61.55 9.38 0.91
CA GLY H 239 -61.51 10.45 -0.07
C GLY H 239 -61.37 11.88 0.41
N ARG H 240 -62.17 12.28 1.39
CA ARG H 240 -62.17 13.67 1.84
C ARG H 240 -60.79 14.06 2.37
N MET H 241 -60.31 15.23 1.96
CA MET H 241 -58.98 15.70 2.30
C MET H 241 -59.08 16.78 3.37
N ALA H 242 -58.27 16.65 4.42
CA ALA H 242 -58.32 17.58 5.53
C ALA H 242 -57.83 18.96 5.09
N THR H 243 -58.62 19.99 5.38
CA THR H 243 -58.28 21.37 5.04
C THR H 243 -57.74 22.08 6.28
N THR H 244 -57.53 23.39 6.15
CA THR H 244 -56.98 24.17 7.26
C THR H 244 -57.90 24.20 8.47
N PHE H 245 -59.20 24.05 8.27
CA PHE H 245 -60.13 24.07 9.40
C PHE H 245 -59.86 22.91 10.34
N HIS H 246 -59.66 21.71 9.80
CA HIS H 246 -59.41 20.54 10.64
C HIS H 246 -58.06 20.65 11.35
N PHE H 247 -57.04 21.14 10.65
CA PHE H 247 -55.74 21.32 11.28
C PHE H 247 -55.80 22.36 12.39
N ASN H 248 -56.62 23.40 12.21
CA ASN H 248 -56.76 24.43 13.24
C ASN H 248 -57.38 23.85 14.50
N CYS H 249 -58.36 22.96 14.35
CA CYS H 249 -58.97 22.33 15.51
C CYS H 249 -57.95 21.48 16.27
N LEU H 250 -57.13 20.72 15.54
CA LEU H 250 -56.13 19.87 16.18
C LEU H 250 -55.08 20.70 16.91
N LEU H 251 -54.66 21.81 16.30
CA LEU H 251 -53.62 22.64 16.89
C LEU H 251 -54.08 23.29 18.19
N SER H 252 -55.38 23.34 18.46
CA SER H 252 -55.87 23.94 19.69
C SER H 252 -55.38 23.16 20.92
N VAL H 253 -55.40 21.83 20.84
CA VAL H 253 -55.01 21.01 21.98
C VAL H 253 -53.53 20.66 21.94
N GLN H 254 -52.93 20.60 20.74
CA GLN H 254 -51.50 20.32 20.66
C GLN H 254 -50.68 21.50 21.16
N ALA H 255 -51.21 22.72 21.07
CA ALA H 255 -50.53 23.87 21.64
C ALA H 255 -50.44 23.77 23.15
N ASN H 256 -51.52 23.32 23.79
CA ASN H 256 -51.56 23.16 25.24
C ASN H 256 -51.19 21.73 25.64
N CYS H 257 -49.95 21.36 25.30
CA CYS H 257 -49.43 20.05 25.65
C CYS H 257 -48.04 20.10 26.25
N GLY H 258 -47.48 21.27 26.47
CA GLY H 258 -46.14 21.39 27.05
C GLY H 258 -44.99 21.22 26.08
N ILE H 259 -45.00 20.16 25.29
CA ILE H 259 -43.95 19.90 24.32
C ILE H 259 -44.18 20.78 23.09
N PRO H 260 -43.25 21.64 22.73
CA PRO H 260 -43.48 22.52 21.56
C PRO H 260 -43.49 21.78 20.24
N GLU H 261 -42.54 20.87 20.04
CA GLU H 261 -42.41 20.20 18.75
C GLU H 261 -43.38 19.05 18.60
N VAL H 262 -44.66 19.31 18.87
CA VAL H 262 -45.73 18.38 18.54
C VAL H 262 -46.74 19.16 17.70
N ALA H 263 -46.78 20.47 17.91
CA ALA H 263 -47.57 21.38 17.08
C ALA H 263 -46.80 21.87 15.87
N PHE H 264 -45.48 22.00 15.99
CA PHE H 264 -44.67 22.40 14.83
C PHE H 264 -44.72 21.36 13.74
N ALA H 265 -44.68 20.07 14.11
CA ALA H 265 -44.79 19.01 13.11
C ALA H 265 -46.10 19.11 12.34
N THR H 266 -47.18 19.47 13.03
CA THR H 266 -48.45 19.74 12.35
C THR H 266 -48.32 20.94 11.43
N PHE H 267 -47.66 22.00 11.90
CA PHE H 267 -47.51 23.22 11.09
C PHE H 267 -46.71 22.95 9.82
N GLU H 268 -45.62 22.19 9.93
CA GLU H 268 -44.84 21.87 8.75
C GLU H 268 -45.61 21.01 7.76
N ASN H 269 -46.63 20.28 8.23
CA ASN H 269 -47.49 19.53 7.34
C ASN H 269 -48.41 20.44 6.54
N MET H 270 -48.57 21.69 6.96
CA MET H 270 -49.42 22.66 6.28
C MET H 270 -48.64 23.69 5.48
N GLU H 271 -47.49 24.15 6.00
CA GLU H 271 -46.71 25.15 5.29
C GLU H 271 -46.24 24.62 3.94
N PHE H 272 -45.74 23.38 3.91
CA PHE H 272 -45.33 22.74 2.67
C PHE H 272 -46.41 21.82 2.10
N GLY H 273 -47.67 22.08 2.44
CA GLY H 273 -48.77 21.27 1.98
C GLY H 273 -49.34 21.76 0.66
N GLU H 274 -50.58 21.35 0.40
CA GLU H 274 -51.26 21.66 -0.85
C GLU H 274 -51.93 23.02 -0.74
N ASP H 275 -52.78 23.35 -1.72
CA ASP H 275 -53.40 24.66 -1.79
C ASP H 275 -54.37 24.85 -0.62
N TYR H 276 -55.27 23.89 -0.42
CA TYR H 276 -56.32 24.07 0.57
C TYR H 276 -55.79 24.02 2.01
N MET H 277 -54.80 23.18 2.26
CA MET H 277 -54.27 22.99 3.61
C MET H 277 -53.17 23.99 3.96
N LYS H 278 -53.12 25.14 3.29
CA LYS H 278 -52.14 26.14 3.61
C LYS H 278 -52.43 26.75 4.98
N PRO H 279 -51.40 27.20 5.69
CA PRO H 279 -51.62 27.77 7.03
C PRO H 279 -52.48 29.02 6.97
N ASP H 280 -53.29 29.20 8.02
CA ASP H 280 -54.14 30.38 8.16
C ASP H 280 -53.59 31.28 9.26
N THR H 281 -54.23 32.43 9.42
CA THR H 281 -53.81 33.35 10.47
C THR H 281 -54.06 32.78 11.85
N GLU H 282 -55.08 31.93 12.00
CA GLU H 282 -55.29 31.25 13.28
C GLU H 282 -54.23 30.19 13.53
N THR H 283 -53.77 29.53 12.46
CA THR H 283 -52.75 28.49 12.61
C THR H 283 -51.46 29.05 13.18
N TYR H 284 -51.02 30.21 12.69
CA TYR H 284 -49.80 30.82 13.21
C TYR H 284 -49.94 31.20 14.67
N ASN H 285 -51.14 31.59 15.09
CA ASN H 285 -51.36 31.92 16.50
C ASN H 285 -51.12 30.71 17.39
N TRP H 286 -51.62 29.54 16.97
CA TRP H 286 -51.48 28.33 17.79
C TRP H 286 -50.02 27.93 17.93
N VAL H 287 -49.27 27.93 16.82
CA VAL H 287 -47.87 27.53 16.87
C VAL H 287 -47.04 28.56 17.63
N ILE H 288 -47.37 29.84 17.48
CA ILE H 288 -46.70 30.87 18.27
C ILE H 288 -46.98 30.67 19.75
N GLN H 289 -48.22 30.36 20.10
CA GLN H 289 -48.57 30.13 21.49
C GLN H 289 -47.85 28.89 22.05
N ALA H 290 -47.77 27.83 21.25
CA ALA H 290 -47.15 26.59 21.71
C ALA H 290 -45.67 26.76 22.00
N TYR H 291 -45.01 27.73 21.40
CA TYR H 291 -43.57 27.91 21.59
C TYR H 291 -43.23 28.88 22.70
N THR H 292 -44.11 29.82 23.03
CA THR H 292 -43.80 30.86 24.00
C THR H 292 -44.00 30.41 25.45
N ARG H 293 -44.67 29.30 25.69
CA ARG H 293 -44.91 28.80 27.05
C ARG H 293 -44.33 27.41 27.24
N ALA H 294 -43.15 27.17 26.66
CA ALA H 294 -42.44 25.93 26.89
C ALA H 294 -41.80 25.93 28.28
N GLU H 295 -41.68 24.74 28.86
CA GLU H 295 -41.17 24.61 30.22
C GLU H 295 -39.65 24.62 30.31
N SER H 296 -38.94 24.48 29.18
CA SER H 296 -37.48 24.40 29.23
C SER H 296 -36.92 24.78 27.88
N TYR H 297 -35.61 25.05 27.87
CA TYR H 297 -34.82 25.33 26.68
C TYR H 297 -35.18 26.67 26.04
N ASP H 298 -34.22 27.28 25.35
CA ASP H 298 -34.45 28.54 24.68
C ASP H 298 -35.41 28.37 23.53
N ARG H 299 -36.37 29.29 23.42
CA ARG H 299 -37.40 29.19 22.39
C ARG H 299 -37.65 30.51 21.67
N VAL H 300 -36.78 31.51 21.82
CA VAL H 300 -37.05 32.81 21.20
C VAL H 300 -36.68 32.78 19.71
N GLN H 301 -35.69 31.99 19.32
CA GLN H 301 -35.28 31.97 17.91
C GLN H 301 -36.35 31.34 17.04
N ASP H 302 -37.04 30.31 17.53
CA ASP H 302 -38.08 29.68 16.74
C ASP H 302 -39.28 30.60 16.55
N VAL H 303 -39.53 31.49 17.51
CA VAL H 303 -40.56 32.50 17.33
C VAL H 303 -40.16 33.47 16.23
N ALA H 304 -38.86 33.76 16.11
CA ALA H 304 -38.39 34.64 15.05
C ALA H 304 -38.64 34.05 13.67
N GLU H 305 -38.45 32.74 13.51
CA GLU H 305 -38.75 32.10 12.23
C GLU H 305 -40.23 32.26 11.87
N LEU H 306 -41.11 31.99 12.84
CA LEU H 306 -42.54 32.01 12.55
C LEU H 306 -43.01 33.39 12.14
N LEU H 307 -42.50 34.43 12.80
CA LEU H 307 -42.80 35.79 12.39
C LEU H 307 -42.27 36.07 10.99
N GLY H 308 -41.05 35.60 10.70
CA GLY H 308 -40.48 35.81 9.37
C GLY H 308 -41.29 35.14 8.28
N LEU H 309 -41.72 33.89 8.52
CA LEU H 309 -42.55 33.21 7.55
C LEU H 309 -43.90 33.90 7.39
N MET H 310 -44.47 34.38 8.50
CA MET H 310 -45.72 35.13 8.43
C MET H 310 -45.53 36.44 7.68
N VAL H 311 -44.38 37.11 7.88
CA VAL H 311 -44.11 38.36 7.20
C VAL H 311 -44.00 38.14 5.69
N GLU H 312 -43.27 37.09 5.28
CA GLU H 312 -43.07 36.84 3.86
C GLU H 312 -44.37 36.48 3.16
N ASP H 313 -45.23 35.69 3.80
CA ASP H 313 -46.53 35.33 3.23
C ASP H 313 -47.57 36.27 3.81
N HIS H 314 -47.63 37.47 3.23
CA HIS H 314 -48.41 38.57 3.79
C HIS H 314 -49.60 39.01 2.94
N LYS H 315 -49.54 38.83 1.62
CA LYS H 315 -50.67 39.20 0.78
C LYS H 315 -51.87 38.27 0.97
N ARG H 316 -51.71 37.16 1.67
CA ARG H 316 -52.82 36.29 2.03
C ARG H 316 -53.07 36.22 3.52
N LEU H 317 -52.09 36.53 4.36
CA LEU H 317 -52.20 36.43 5.80
C LEU H 317 -52.01 37.81 6.42
N GLN H 318 -52.95 38.21 7.28
CA GLN H 318 -52.85 39.46 8.00
C GLN H 318 -52.97 39.20 9.50
N PRO H 319 -52.17 39.90 10.32
CA PRO H 319 -52.20 39.67 11.76
C PRO H 319 -53.51 40.10 12.39
N ASN H 320 -53.81 39.48 13.54
CA ASN H 320 -55.01 39.82 14.30
C ASN H 320 -54.65 40.17 15.73
N MET H 321 -55.66 40.29 16.60
CA MET H 321 -55.43 40.74 17.97
C MET H 321 -54.54 39.75 18.74
N ARG H 322 -54.81 38.45 18.60
CA ARG H 322 -54.08 37.47 19.38
C ARG H 322 -52.62 37.37 18.96
N THR H 323 -52.32 37.60 17.68
CA THR H 323 -50.93 37.54 17.22
C THR H 323 -50.08 38.59 17.92
N HIS H 324 -50.58 39.82 18.02
CA HIS H 324 -49.87 40.86 18.75
C HIS H 324 -49.81 40.55 20.24
N VAL H 325 -50.89 39.98 20.78
CA VAL H 325 -50.93 39.66 22.20
C VAL H 325 -49.86 38.63 22.56
N LEU H 326 -49.79 37.55 21.79
CA LEU H 326 -48.80 36.52 22.07
C LEU H 326 -47.37 37.02 21.84
N LEU H 327 -47.19 37.83 20.79
CA LEU H 327 -45.86 38.37 20.52
C LEU H 327 -45.42 39.32 21.63
N VAL H 328 -46.35 40.09 22.19
CA VAL H 328 -46.02 40.93 23.33
C VAL H 328 -45.59 40.07 24.51
N GLU H 329 -46.33 38.99 24.77
CA GLU H 329 -45.97 38.11 25.87
C GLU H 329 -44.63 37.42 25.64
N CYS H 330 -44.46 36.84 24.45
CA CYS H 330 -43.23 36.09 24.17
C CYS H 330 -42.01 36.99 24.18
N PHE H 331 -42.11 38.18 23.59
CA PHE H 331 -40.95 39.07 23.53
C PHE H 331 -40.65 39.75 24.86
N THR H 332 -41.57 39.69 25.82
CA THR H 332 -41.33 40.29 27.13
C THR H 332 -40.78 39.30 28.14
N LYS H 333 -41.13 38.02 28.01
CA LYS H 333 -40.59 37.02 28.94
C LYS H 333 -39.07 36.95 28.85
N TYR H 334 -38.58 36.91 27.62
CA TYR H 334 -37.16 36.97 27.41
C TYR H 334 -37.01 38.44 27.22
N CYS H 335 -35.84 38.98 27.49
CA CYS H 335 -35.67 40.42 27.42
C CYS H 335 -35.48 40.95 26.00
N VAL H 336 -36.56 41.00 25.23
CA VAL H 336 -36.50 41.55 23.89
C VAL H 336 -37.51 42.63 24.02
N ILE H 337 -37.31 43.50 25.00
CA ILE H 337 -38.32 44.52 25.28
C ILE H 337 -38.56 45.43 24.09
N ARG H 338 -37.51 45.96 23.51
CA ARG H 338 -37.70 46.77 22.32
C ARG H 338 -38.71 46.09 21.42
N GLU H 339 -38.45 44.84 21.06
CA GLU H 339 -39.33 44.11 20.15
C GLU H 339 -40.72 44.04 20.65
N ALA H 340 -40.93 44.38 21.89
CA ALA H 340 -42.24 44.25 22.43
C ALA H 340 -42.92 45.56 22.27
N ILE H 341 -42.26 46.61 22.73
CA ILE H 341 -42.88 47.92 22.69
C ILE H 341 -43.44 48.14 21.33
N ARG H 342 -42.67 47.75 20.33
CA ARG H 342 -43.13 47.93 18.98
C ARG H 342 -44.46 47.24 18.85
N HIS H 343 -44.48 45.95 19.10
CA HIS H 343 -45.70 45.23 18.90
C HIS H 343 -46.80 45.79 19.76
N PHE H 344 -46.49 46.21 20.98
CA PHE H 344 -47.57 46.66 21.85
C PHE H 344 -48.38 47.67 21.11
N ARG H 345 -47.69 48.58 20.46
CA ARG H 345 -48.38 49.61 19.73
C ARG H 345 -49.50 49.05 18.88
N ALA H 346 -49.20 48.04 18.12
CA ALA H 346 -50.21 47.48 17.28
C ALA H 346 -51.38 47.13 18.15
N LEU H 347 -51.14 46.42 19.24
CA LEU H 347 -52.26 45.97 20.04
C LEU H 347 -53.06 47.21 20.35
N LYS H 348 -52.38 48.27 20.72
CA LYS H 348 -53.06 49.52 21.09
C LYS H 348 -54.27 49.83 20.24
N ASN H 349 -54.21 49.55 18.95
CA ASN H 349 -55.32 49.92 18.11
C ASN H 349 -56.24 48.76 17.92
N PHE H 350 -56.51 48.02 18.98
CA PHE H 350 -57.46 46.93 18.89
C PHE H 350 -58.49 47.16 19.96
N GLU H 351 -59.76 46.88 19.71
CA GLU H 351 -60.72 47.25 20.74
C GLU H 351 -60.68 46.34 21.96
N GLY H 352 -60.02 45.18 21.87
CA GLY H 352 -59.91 44.32 23.03
C GLY H 352 -58.98 44.84 24.11
N GLY H 353 -58.09 45.75 23.76
CA GLY H 353 -57.17 46.32 24.72
C GLY H 353 -56.20 45.28 25.26
N THR H 354 -55.71 45.55 26.46
CA THR H 354 -54.82 44.64 27.16
C THR H 354 -55.56 43.65 28.05
N ARG H 355 -56.89 43.68 28.05
CA ARG H 355 -57.67 42.73 28.85
C ARG H 355 -57.42 41.30 28.38
N LEU H 356 -57.43 41.08 27.06
CA LEU H 356 -57.10 39.76 26.54
C LEU H 356 -55.61 39.46 26.74
N LEU H 357 -54.76 40.47 26.57
CA LEU H 357 -53.33 40.27 26.82
C LEU H 357 -53.10 39.92 28.28
N HIS H 358 -53.79 40.60 29.19
CA HIS H 358 -53.78 40.18 30.59
C HIS H 358 -54.44 38.81 30.75
N SER H 359 -55.53 38.57 30.04
CA SER H 359 -56.33 37.35 30.15
C SER H 359 -56.77 37.24 31.60
N GLN H 360 -56.63 36.08 32.25
CA GLN H 360 -56.83 35.98 33.68
C GLN H 360 -55.47 36.12 34.37
N GLY H 361 -55.42 35.82 35.67
CA GLY H 361 -54.15 35.87 36.37
C GLY H 361 -53.19 34.76 36.04
N ASN H 362 -53.60 33.82 35.17
CA ASN H 362 -52.79 32.65 34.85
C ASN H 362 -51.75 33.00 33.79
N PHE H 363 -51.02 31.99 33.31
CA PHE H 363 -49.99 32.12 32.29
C PHE H 363 -48.91 33.11 32.67
N GLY H 364 -48.73 33.36 33.96
CA GLY H 364 -47.74 34.32 34.41
C GLY H 364 -48.20 35.76 34.38
N ASP H 365 -49.47 36.03 34.08
CA ASP H 365 -50.01 37.38 34.03
C ASP H 365 -49.17 38.26 33.10
N PRO H 366 -49.28 38.07 31.79
CA PRO H 366 -48.40 38.82 30.86
C PRO H 366 -48.51 40.33 30.97
N LEU H 367 -49.69 40.86 31.31
CA LEU H 367 -49.82 42.30 31.46
C LEU H 367 -48.96 42.82 32.61
N SER H 368 -48.83 42.02 33.68
CA SER H 368 -47.91 42.39 34.75
C SER H 368 -46.48 42.44 34.24
N LEU H 369 -46.11 41.51 33.35
CA LEU H 369 -44.76 41.49 32.80
C LEU H 369 -44.47 42.78 32.04
N TYR H 370 -45.39 43.19 31.17
CA TYR H 370 -45.14 44.38 30.34
C TYR H 370 -44.99 45.62 31.21
N LEU H 371 -45.85 45.77 32.22
CA LEU H 371 -45.76 46.93 33.10
C LEU H 371 -44.48 46.89 33.93
N ARG H 372 -44.19 45.74 34.56
CA ARG H 372 -43.00 45.63 35.39
C ARG H 372 -41.74 45.79 34.57
N ALA H 373 -41.63 45.05 33.45
CA ALA H 373 -40.39 45.03 32.68
C ALA H 373 -40.09 46.38 32.04
N LEU H 374 -41.12 47.15 31.70
CA LEU H 374 -40.89 48.50 31.19
C LEU H 374 -40.22 49.37 32.24
N CYS H 375 -40.65 49.26 33.50
CA CYS H 375 -40.10 50.10 34.56
C CYS H 375 -38.65 49.74 34.85
N ARG H 376 -38.36 48.44 35.04
CA ARG H 376 -37.02 48.04 35.48
C ARG H 376 -35.95 48.22 34.41
N GLU H 377 -36.33 48.45 33.15
CA GLU H 377 -35.32 48.62 32.11
C GLU H 377 -34.98 50.08 31.86
N GLY H 378 -35.97 50.97 31.91
CA GLY H 378 -35.72 52.38 31.65
C GLY H 378 -36.84 53.04 30.86
N ARG H 379 -37.61 52.24 30.14
CA ARG H 379 -38.71 52.74 29.33
C ARG H 379 -39.85 53.18 30.24
N ILE H 380 -39.96 54.48 30.49
CA ILE H 380 -40.97 55.01 31.39
C ILE H 380 -42.05 55.82 30.67
N GLU H 381 -41.71 56.54 29.59
CA GLU H 381 -42.70 57.31 28.88
C GLU H 381 -43.77 56.40 28.26
N GLU H 382 -43.35 55.27 27.68
CA GLU H 382 -44.30 54.29 27.17
C GLU H 382 -45.04 53.57 28.28
N LEU H 383 -44.47 53.52 29.49
CA LEU H 383 -45.21 52.98 30.63
C LEU H 383 -46.44 53.83 30.91
N LEU H 384 -46.31 55.15 30.82
CA LEU H 384 -47.48 56.02 30.89
C LEU H 384 -48.45 55.73 29.75
N ASP H 385 -47.91 55.53 28.55
CA ASP H 385 -48.75 55.18 27.41
C ASP H 385 -49.50 53.88 27.66
N ALA H 386 -48.84 52.91 28.31
CA ALA H 386 -49.52 51.68 28.68
C ALA H 386 -50.64 51.96 29.67
N LEU H 387 -50.38 52.80 30.68
CA LEU H 387 -51.37 53.06 31.71
C LEU H 387 -52.60 53.76 31.14
N GLU H 388 -52.42 54.66 30.16
CA GLU H 388 -53.58 55.25 29.51
C GLU H 388 -54.39 54.21 28.74
N THR H 389 -53.72 53.19 28.20
CA THR H 389 -54.44 52.19 27.40
C THR H 389 -55.28 51.27 28.27
N MET H 390 -54.79 50.91 29.46
CA MET H 390 -55.61 50.11 30.37
C MET H 390 -56.83 50.87 30.84
N ALA H 391 -56.69 52.18 31.06
CA ALA H 391 -57.80 52.99 31.54
C ALA H 391 -58.92 53.12 30.53
N LYS H 392 -58.70 52.72 29.27
CA LYS H 392 -59.75 52.84 28.27
C LYS H 392 -60.83 51.78 28.49
N ASP H 393 -60.44 50.51 28.56
CA ASP H 393 -61.40 49.42 28.74
C ASP H 393 -61.02 48.41 29.81
N ASN H 394 -59.74 48.23 30.12
CA ASN H 394 -59.29 47.15 30.97
C ASN H 394 -59.67 47.41 32.44
N GLN H 395 -59.68 46.33 33.21
CA GLN H 395 -59.81 46.39 34.65
C GLN H 395 -58.45 46.82 35.19
N PRO H 396 -58.27 46.99 36.54
CA PRO H 396 -57.16 47.81 37.00
C PRO H 396 -55.79 47.17 36.80
N ILE H 397 -54.74 47.88 37.18
CA ILE H 397 -53.40 47.28 37.18
C ILE H 397 -53.40 46.07 38.11
N PRO H 398 -52.89 44.92 37.69
CA PRO H 398 -52.94 43.73 38.55
C PRO H 398 -52.19 43.96 39.85
N PRO H 399 -52.70 43.44 40.96
CA PRO H 399 -51.96 43.57 42.23
C PRO H 399 -50.60 42.93 42.18
N ARG H 400 -50.46 41.84 41.42
CA ARG H 400 -49.16 41.19 41.25
C ARG H 400 -48.18 42.11 40.54
N ALA H 401 -48.68 43.01 39.69
CA ALA H 401 -47.84 44.00 39.03
C ALA H 401 -47.36 45.11 39.97
N MET H 402 -47.89 45.17 41.19
CA MET H 402 -47.53 46.17 42.18
C MET H 402 -46.85 45.46 43.36
N ILE H 403 -45.55 45.22 43.23
CA ILE H 403 -44.75 44.63 44.30
C ILE H 403 -43.34 45.18 44.23
N LEU H 404 -42.86 45.73 45.33
CA LEU H 404 -41.54 46.37 45.38
C LEU H 404 -40.92 46.14 46.74
N SER H 405 -39.60 46.28 46.81
CA SER H 405 -38.86 46.10 48.05
C SER H 405 -38.86 47.36 48.91
N GLY H 426 -36.94 59.55 58.85
CA GLY H 426 -38.37 59.73 58.99
C GLY H 426 -39.07 58.49 59.55
N TYR H 427 -40.04 57.98 58.82
CA TYR H 427 -40.75 56.79 59.24
C TYR H 427 -39.84 55.57 59.15
N GLU H 428 -40.18 54.56 59.96
CA GLU H 428 -39.42 53.31 59.98
C GLU H 428 -39.74 52.50 58.72
N VAL H 429 -38.77 52.43 57.80
CA VAL H 429 -38.93 51.58 56.62
C VAL H 429 -39.10 50.13 57.04
N ASP H 430 -38.45 49.74 58.14
CA ASP H 430 -38.74 48.49 58.84
C ASP H 430 -39.90 48.79 59.78
N TYR H 431 -41.12 48.49 59.32
CA TYR H 431 -42.33 49.22 59.74
C TYR H 431 -42.82 48.87 61.14
N MET H 432 -42.86 47.58 61.49
CA MET H 432 -43.54 47.02 62.66
C MET H 432 -45.05 46.98 62.45
N ALA H 433 -45.53 47.59 61.37
CA ALA H 433 -46.97 47.58 61.10
C ALA H 433 -47.33 46.58 60.01
N ARG H 434 -46.49 46.45 58.99
CA ARG H 434 -46.75 45.49 57.92
C ARG H 434 -46.61 44.05 58.42
N TYR H 435 -45.69 43.81 59.34
CA TYR H 435 -45.38 42.46 59.82
C TYR H 435 -46.51 41.79 60.59
N ILE H 436 -47.70 42.37 60.63
CA ILE H 436 -48.88 41.66 61.11
C ILE H 436 -49.69 41.09 59.92
N SER H 437 -49.34 41.51 58.69
CA SER H 437 -50.17 41.18 57.54
C SER H 437 -49.47 40.41 56.43
N GLU H 438 -48.31 39.80 56.69
CA GLU H 438 -47.69 38.97 55.67
C GLU H 438 -47.13 37.64 56.16
N GLY H 439 -47.21 37.34 57.46
CA GLY H 439 -46.76 36.06 57.95
C GLY H 439 -45.87 36.10 59.17
N GLY H 440 -45.00 37.11 59.26
CA GLY H 440 -44.17 37.26 60.44
C GLY H 440 -44.94 37.83 61.61
N LEU H 441 -46.02 37.16 61.98
CA LEU H 441 -47.00 37.69 62.92
C LEU H 441 -47.43 36.58 63.86
N THR H 442 -48.56 36.78 64.53
CA THR H 442 -49.09 35.76 65.44
C THR H 442 -49.28 34.43 64.73
N GLY H 443 -49.61 34.45 63.44
CA GLY H 443 -49.66 33.23 62.66
C GLY H 443 -48.25 32.69 62.45
N GLU H 444 -48.04 31.42 62.79
CA GLU H 444 -46.71 30.83 62.69
C GLU H 444 -46.23 30.66 61.25
N ARG H 445 -47.13 30.75 60.27
CA ARG H 445 -46.75 30.61 58.87
C ARG H 445 -46.04 31.89 58.43
N LYS H 446 -44.75 31.96 58.75
CA LYS H 446 -43.93 33.14 58.44
C LYS H 446 -43.63 33.14 56.95
N ARG H 447 -44.56 33.70 56.19
CA ARG H 447 -44.43 33.78 54.74
C ARG H 447 -43.59 34.96 54.28
N TRP H 448 -43.10 35.78 55.20
CA TRP H 448 -42.24 36.89 54.80
C TRP H 448 -40.94 36.35 54.23
N VAL H 449 -40.39 37.09 53.27
CA VAL H 449 -39.33 36.53 52.42
C VAL H 449 -38.06 36.29 53.24
N PRO H 450 -37.46 35.11 53.14
CA PRO H 450 -36.08 34.94 53.60
C PRO H 450 -35.11 35.34 52.51
N ARG H 451 -33.80 35.15 52.73
CA ARG H 451 -32.81 35.47 51.71
C ARG H 451 -31.73 34.40 51.68
N ARG H 452 -31.09 34.26 50.52
CA ARG H 452 -29.96 33.36 50.29
C ARG H 452 -30.37 31.91 50.59
N GLY H 453 -31.30 31.41 49.79
CA GLY H 453 -31.78 30.04 49.89
C GLY H 453 -31.16 29.05 48.94
N LYS H 454 -30.16 29.46 48.16
CA LYS H 454 -29.45 28.61 47.19
C LYS H 454 -30.46 28.06 46.19
N THR H 455 -30.17 26.87 45.62
CA THR H 455 -31.00 26.16 44.66
C THR H 455 -31.15 26.94 43.36
N PRO H 456 -31.54 26.29 42.24
CA PRO H 456 -31.81 27.01 40.99
C PRO H 456 -33.17 27.70 40.99
N LEU H 457 -33.43 28.46 42.05
CA LEU H 457 -34.67 29.22 42.22
C LEU H 457 -34.35 30.71 42.26
N ASP H 458 -35.39 31.51 42.47
CA ASP H 458 -35.24 32.96 42.51
C ASP H 458 -35.40 33.50 43.93
N PRO H 459 -34.36 34.09 44.52
CA PRO H 459 -34.55 34.68 45.85
C PRO H 459 -35.26 36.03 45.84
N ASP H 460 -35.23 36.75 44.72
CA ASP H 460 -36.07 37.94 44.55
C ASP H 460 -37.46 37.49 44.11
N VAL H 461 -38.29 38.46 43.71
CA VAL H 461 -39.62 38.15 43.23
C VAL H 461 -39.74 38.35 41.71
N GLU H 462 -39.05 39.33 41.14
CA GLU H 462 -38.99 39.61 39.70
C GLU H 462 -40.37 39.46 39.05
N GLY H 463 -41.30 40.27 39.52
CA GLY H 463 -42.70 40.09 39.17
C GLY H 463 -43.38 39.23 40.20
N PHE H 464 -43.68 37.97 39.86
CA PHE H 464 -44.02 36.98 40.88
C PHE H 464 -43.03 35.82 40.90
N ILE H 465 -42.93 35.05 39.82
CA ILE H 465 -41.90 34.01 39.71
C ILE H 465 -41.34 33.97 38.29
N TYR H 466 -42.03 34.62 37.36
CA TYR H 466 -41.90 34.35 35.92
C TYR H 466 -40.70 35.05 35.29
N SER H 467 -40.69 35.12 33.97
CA SER H 467 -39.67 35.84 33.20
C SER H 467 -38.28 35.27 33.49
N ASN H 468 -38.09 34.03 33.03
CA ASN H 468 -36.97 33.14 33.35
C ASN H 468 -35.59 33.81 33.34
N PRO H 469 -35.36 34.88 32.57
CA PRO H 469 -34.17 35.70 32.80
C PRO H 469 -34.18 36.40 34.15
N VAL H 470 -33.19 37.26 34.38
CA VAL H 470 -33.14 38.07 35.59
C VAL H 470 -33.61 39.49 35.26
N GLU H 471 -34.26 40.12 36.23
CA GLU H 471 -34.66 41.51 36.09
C GLU H 471 -33.43 42.41 36.12
N THR H 472 -33.37 43.35 35.17
CA THR H 472 -32.31 44.35 35.18
C THR H 472 -32.75 45.53 36.03
N SER H 473 -31.76 46.27 36.54
CA SER H 473 -31.99 47.31 37.53
C SER H 473 -32.03 48.67 36.85
N PHE H 474 -33.21 49.29 36.82
CA PHE H 474 -33.32 50.70 36.51
C PHE H 474 -32.94 51.51 37.74
N LYS H 475 -31.97 52.40 37.60
CA LYS H 475 -31.40 53.12 38.73
C LYS H 475 -32.38 54.18 39.21
N GLN H 476 -33.29 53.75 40.11
CA GLN H 476 -34.18 54.66 40.83
C GLN H 476 -34.98 55.55 39.87
N ARG H 477 -35.30 55.00 38.70
CA ARG H 477 -35.93 55.78 37.63
C ARG H 477 -35.10 57.02 37.28
N CYS H 478 -33.78 56.86 37.33
CA CYS H 478 -32.78 57.88 37.05
C CYS H 478 -31.85 57.33 35.97
N LEU H 479 -30.66 57.93 35.82
CA LEU H 479 -29.89 57.88 34.58
C LEU H 479 -29.89 56.51 33.92
N GLU H 480 -30.64 56.39 32.83
CA GLU H 480 -30.59 55.32 31.84
C GLU H 480 -31.63 55.65 30.77
N GLU H 481 -31.39 55.26 29.52
CA GLU H 481 -32.30 55.40 28.40
C GLU H 481 -32.60 56.85 28.02
N TRP H 482 -32.06 57.82 28.76
CA TRP H 482 -31.99 59.20 28.29
C TRP H 482 -30.59 59.55 27.82
N LYS H 483 -29.57 59.16 28.58
CA LYS H 483 -28.21 59.16 28.07
C LYS H 483 -27.99 58.04 27.07
N ILE H 484 -28.79 56.97 27.17
CA ILE H 484 -28.66 55.86 26.23
C ILE H 484 -29.39 56.15 24.93
N ARG H 485 -30.53 56.84 25.01
CA ARG H 485 -31.16 57.31 23.78
C ARG H 485 -30.22 58.22 23.00
N HIS H 486 -29.45 59.05 23.71
CA HIS H 486 -28.62 60.06 23.04
C HIS H 486 -27.60 59.44 22.10
N ARG H 487 -27.33 58.13 22.25
CA ARG H 487 -26.43 57.45 21.33
C ARG H 487 -26.96 57.49 19.90
N LYS H 488 -28.28 57.58 19.72
CA LYS H 488 -28.83 57.76 18.38
C LYS H 488 -28.36 59.08 17.77
N LEU H 489 -28.37 60.15 18.57
CA LEU H 489 -27.83 61.43 18.11
C LEU H 489 -26.34 61.30 17.83
N LEU H 490 -25.61 60.61 18.70
CA LEU H 490 -24.18 60.40 18.49
C LEU H 490 -23.89 59.36 17.41
N ARG H 491 -24.85 58.48 17.10
CA ARG H 491 -24.64 57.50 16.05
C ARG H 491 -24.43 58.17 14.70
N HIS H 492 -25.23 59.20 14.41
CA HIS H 492 -25.16 59.86 13.11
C HIS H 492 -23.85 60.61 12.93
N LEU H 493 -23.38 61.26 13.99
CA LEU H 493 -22.15 62.05 13.91
C LEU H 493 -20.92 61.15 13.83
N ARG H 494 -20.93 60.01 14.54
CA ARG H 494 -19.80 59.09 14.43
C ARG H 494 -19.81 58.27 13.14
N ASN H 495 -20.88 58.33 12.36
CA ASN H 495 -21.00 57.57 11.13
C ASN H 495 -20.76 58.49 9.93
N GLU H 496 -20.01 58.00 8.94
CA GLU H 496 -19.67 58.83 7.79
C GLU H 496 -20.75 58.77 6.71
N GLY H 497 -21.03 57.57 6.20
CA GLY H 497 -21.98 57.43 5.11
C GLY H 497 -23.39 57.96 5.42
N PRO H 498 -23.99 57.73 6.59
CA PRO H 498 -25.35 58.22 6.82
C PRO H 498 -25.49 59.73 6.75
N ALA H 499 -24.41 60.48 6.92
CA ALA H 499 -24.46 61.94 6.93
C ALA H 499 -23.89 62.48 5.61
N VAL H 500 -24.66 63.35 4.96
CA VAL H 500 -24.23 64.03 3.75
C VAL H 500 -23.84 65.46 4.01
N LEU H 501 -24.63 66.19 4.80
CA LEU H 501 -24.39 67.59 5.17
C LEU H 501 -24.27 68.39 3.88
N GLY H 502 -23.25 69.22 3.71
CA GLY H 502 -23.02 69.93 2.46
C GLY H 502 -21.57 69.82 2.04
N ALA H 503 -20.97 70.96 1.69
CA ALA H 503 -19.53 70.98 1.43
C ALA H 503 -18.75 71.37 2.69
N ASN H 504 -19.00 72.58 3.20
CA ASN H 504 -18.46 73.10 4.46
C ASN H 504 -16.96 72.81 4.51
N ALA H 505 -16.41 72.33 5.63
CA ALA H 505 -14.98 72.05 5.74
C ALA H 505 -14.72 70.57 5.47
N SER H 506 -14.92 70.19 4.21
CA SER H 506 -14.69 68.83 3.72
C SER H 506 -15.53 67.86 4.55
N GLU H 507 -14.95 66.96 5.33
CA GLU H 507 -15.69 65.99 6.12
C GLU H 507 -15.22 66.00 7.56
N SER H 508 -15.09 67.21 8.13
CA SER H 508 -14.65 67.36 9.51
C SER H 508 -15.50 68.31 10.33
N ASP H 509 -16.55 68.90 9.75
CA ASP H 509 -17.41 69.80 10.50
C ASP H 509 -18.19 69.04 11.56
N TYR H 510 -19.00 68.07 11.12
CA TYR H 510 -19.82 67.26 12.01
C TYR H 510 -19.01 66.27 12.84
N ILE H 511 -17.82 65.87 12.38
CA ILE H 511 -16.99 64.95 13.15
C ILE H 511 -16.56 65.59 14.48
N ARG H 512 -16.16 66.87 14.42
CA ARG H 512 -15.75 67.56 15.64
C ARG H 512 -16.89 67.68 16.64
N VAL H 513 -18.14 67.76 16.16
CA VAL H 513 -19.28 67.79 17.06
C VAL H 513 -19.37 66.48 17.83
N GLU H 514 -19.12 65.36 17.16
CA GLU H 514 -19.11 64.06 17.83
C GLU H 514 -18.00 63.99 18.88
N GLU H 515 -16.84 64.57 18.56
CA GLU H 515 -15.70 64.49 19.47
C GLU H 515 -16.01 65.15 20.81
N ARG H 516 -16.66 66.30 20.78
CA ARG H 516 -17.01 67.00 22.02
C ARG H 516 -18.26 66.43 22.68
N LEU H 517 -19.15 65.80 21.91
CA LEU H 517 -20.37 65.26 22.50
C LEU H 517 -20.10 63.99 23.29
N LYS H 518 -19.02 63.27 22.96
CA LYS H 518 -18.68 62.06 23.69
C LYS H 518 -18.31 62.37 25.13
N LYS H 519 -17.55 63.44 25.36
CA LYS H 519 -17.05 63.77 26.70
C LYS H 519 -18.07 64.66 27.40
N ILE H 520 -19.18 64.04 27.81
CA ILE H 520 -20.27 64.67 28.55
C ILE H 520 -20.74 65.91 27.80
N ILE H 521 -20.82 67.05 28.49
CA ILE H 521 -21.32 68.29 27.92
C ILE H 521 -20.42 69.44 28.35
N LYS H 522 -19.93 70.22 27.38
CA LYS H 522 -19.18 71.45 27.67
C LYS H 522 -19.73 72.54 26.75
N GLY H 523 -20.78 73.23 27.21
CA GLY H 523 -21.40 74.32 26.47
C GLY H 523 -21.60 74.06 24.99
N ARG H 524 -21.14 75.01 24.16
CA ARG H 524 -21.11 74.87 22.70
C ARG H 524 -22.51 74.62 22.14
N GLU H 525 -23.35 75.62 22.33
CA GLU H 525 -24.71 75.65 21.78
C GLU H 525 -24.79 76.50 20.52
N LYS H 526 -23.77 76.42 19.66
CA LYS H 526 -23.64 77.31 18.52
C LYS H 526 -24.89 77.31 17.64
N ASN H 527 -25.19 76.17 17.02
CA ASN H 527 -26.33 76.08 16.10
C ASN H 527 -26.62 74.60 15.86
N ILE H 528 -27.61 74.35 15.00
CA ILE H 528 -28.00 72.99 14.61
C ILE H 528 -27.15 72.57 13.42
N LEU H 529 -25.96 72.06 13.72
CA LEU H 529 -25.02 71.70 12.66
C LEU H 529 -25.38 70.38 11.99
N LYS H 530 -26.06 69.48 12.69
CA LYS H 530 -26.32 68.15 12.11
C LYS H 530 -27.45 68.20 11.09
N PRO H 531 -28.66 68.53 11.53
CA PRO H 531 -29.84 68.71 10.67
C PRO H 531 -29.93 67.65 9.58
N LYS H 532 -30.01 66.39 10.02
CA LYS H 532 -29.97 65.25 9.11
C LYS H 532 -31.10 64.28 9.42
N ALA H 533 -31.39 63.42 8.44
CA ALA H 533 -32.40 62.38 8.54
C ALA H 533 -31.74 61.01 8.67
N ALA H 534 -32.54 60.02 9.04
CA ALA H 534 -32.04 58.68 9.35
C ALA H 534 -32.45 57.72 8.24
N SER H 535 -31.67 57.72 7.15
CA SER H 535 -31.65 56.68 6.13
C SER H 535 -32.90 56.65 5.25
N LYS H 536 -33.92 57.43 5.60
CA LYS H 536 -35.08 57.68 4.75
C LYS H 536 -35.87 56.42 4.39
N MET H 537 -35.43 55.25 4.87
CA MET H 537 -36.06 53.97 4.55
C MET H 537 -36.24 53.80 3.05
N VAL H 538 -35.20 54.14 2.29
CA VAL H 538 -35.24 54.13 0.85
C VAL H 538 -34.31 53.05 0.29
N VAL H 539 -34.74 52.41 -0.77
CA VAL H 539 -33.97 51.34 -1.43
C VAL H 539 -33.95 51.63 -2.93
N SER H 540 -32.97 52.41 -3.37
CA SER H 540 -32.79 52.73 -4.78
C SER H 540 -31.93 51.65 -5.43
N GLU H 541 -32.39 51.12 -6.56
CA GLU H 541 -31.77 49.97 -7.19
C GLU H 541 -30.38 50.26 -7.74
N LEU H 542 -30.29 51.21 -8.68
CA LEU H 542 -29.09 51.32 -9.51
C LEU H 542 -27.90 51.88 -8.73
N LYS H 543 -28.00 53.12 -8.26
CA LYS H 543 -26.89 53.80 -7.58
C LYS H 543 -27.40 55.14 -7.05
N GLU H 544 -26.52 55.86 -6.38
CA GLU H 544 -26.81 57.19 -5.86
C GLU H 544 -28.03 57.19 -4.94
N ARG H 720 0.62 30.59 -4.02
CA ARG H 720 0.67 29.23 -3.51
C ARG H 720 -0.17 28.30 -4.36
N ALA H 721 -0.67 28.79 -5.49
CA ALA H 721 -1.56 27.98 -6.32
C ALA H 721 -1.44 28.28 -7.79
N ALA H 722 -1.52 27.24 -8.63
CA ALA H 722 -1.47 27.43 -10.07
C ALA H 722 -2.66 28.25 -10.49
N GLU H 723 -2.43 29.54 -10.66
CA GLU H 723 -3.52 30.43 -10.96
C GLU H 723 -3.97 30.28 -12.39
N ASN H 724 -4.62 29.18 -12.68
CA ASN H 724 -5.16 29.03 -14.00
C ASN H 724 -6.00 30.27 -14.24
N ASP H 725 -6.66 30.74 -13.20
CA ASP H 725 -7.49 31.93 -13.31
C ASP H 725 -8.56 31.66 -14.31
N ASP H 726 -8.23 31.74 -15.58
CA ASP H 726 -9.19 31.38 -16.61
C ASP H 726 -10.58 31.83 -16.30
N ASP H 727 -10.73 33.05 -15.84
CA ASP H 727 -12.04 33.58 -15.58
C ASP H 727 -13.11 32.94 -16.44
N ASP H 728 -14.05 32.21 -15.82
CA ASP H 728 -15.07 31.49 -16.59
C ASP H 728 -16.45 32.10 -16.46
N ASP H 729 -16.97 32.26 -15.24
CA ASP H 729 -18.33 32.74 -15.03
C ASP H 729 -18.37 33.70 -13.85
N TRP H 730 -17.38 34.57 -13.77
CA TRP H 730 -17.28 35.55 -12.69
C TRP H 730 -18.12 36.78 -13.02
N PHE H 731 -18.19 37.72 -12.10
CA PHE H 731 -18.95 38.95 -12.24
C PHE H 731 -18.21 40.10 -11.58
N PRO H 732 -18.44 41.33 -12.04
CA PRO H 732 -17.59 42.45 -11.63
C PRO H 732 -17.87 42.90 -10.21
N LEU H 733 -16.89 43.64 -9.67
CA LEU H 733 -16.96 44.17 -8.32
C LEU H 733 -17.53 45.59 -8.31
N ASP H 734 -18.69 45.77 -8.93
CA ASP H 734 -19.31 47.08 -9.07
C ASP H 734 -20.81 46.93 -8.79
N LEU H 735 -21.56 47.99 -9.05
CA LEU H 735 -23.00 48.01 -8.84
C LEU H 735 -23.78 47.51 -10.06
N TYR H 736 -23.14 46.73 -10.94
CA TYR H 736 -23.80 46.26 -12.14
C TYR H 736 -24.91 45.26 -11.80
N GLU H 737 -25.94 45.24 -12.66
CA GLU H 737 -27.06 44.31 -12.53
C GLU H 737 -27.78 44.50 -11.19
N ALA H 738 -28.36 45.69 -11.05
CA ALA H 738 -29.07 46.04 -9.83
C ALA H 738 -30.43 45.33 -9.76
N PHE H 739 -31.30 45.60 -10.74
CA PHE H 739 -32.66 45.07 -10.68
C PHE H 739 -32.65 43.55 -10.73
N GLU H 740 -31.94 42.97 -11.69
CA GLU H 740 -31.72 41.54 -11.75
C GLU H 740 -30.30 41.27 -11.27
N GLU H 741 -30.20 40.67 -10.07
CA GLU H 741 -28.90 40.59 -9.40
C GLU H 741 -27.94 39.66 -10.16
N MET H 742 -28.41 38.48 -10.56
CA MET H 742 -27.55 37.46 -11.16
C MET H 742 -28.47 36.63 -12.05
N ARG H 743 -28.54 36.99 -13.32
CA ARG H 743 -29.69 36.59 -14.15
C ARG H 743 -30.96 37.00 -13.38
N LYS H 744 -32.03 36.22 -13.46
CA LYS H 744 -33.28 36.51 -12.74
C LYS H 744 -33.22 35.89 -11.36
N ARG H 745 -32.47 36.53 -10.47
CA ARG H 745 -32.24 35.93 -9.15
C ARG H 745 -33.01 36.63 -8.03
N ASN H 746 -32.81 37.95 -7.88
CA ASN H 746 -33.41 38.66 -6.75
C ASN H 746 -33.75 40.06 -7.21
N ILE H 747 -35.00 40.26 -7.62
CA ILE H 747 -35.48 41.58 -7.96
C ILE H 747 -35.68 42.38 -6.67
N PHE H 748 -35.38 43.67 -6.73
CA PHE H 748 -35.63 44.54 -5.57
C PHE H 748 -37.14 44.59 -5.33
N ASP H 749 -37.59 43.89 -4.29
CA ASP H 749 -39.00 43.53 -4.16
C ASP H 749 -39.89 44.76 -4.00
N VAL H 750 -39.57 45.62 -3.03
CA VAL H 750 -40.39 46.73 -2.54
C VAL H 750 -41.88 46.42 -2.55
N GLU H 751 -42.26 45.15 -2.32
CA GLU H 751 -43.63 44.85 -1.92
C GLU H 751 -43.73 43.80 -0.82
N ASN H 752 -42.65 43.09 -0.49
CA ASN H 752 -42.67 42.04 0.50
C ASN H 752 -42.54 42.57 1.92
N MET H 753 -42.13 43.83 2.08
CA MET H 753 -41.61 44.33 3.35
C MET H 753 -42.03 45.75 3.71
N TYR H 754 -42.87 46.41 2.91
CA TYR H 754 -43.64 47.53 3.45
C TYR H 754 -44.70 47.03 4.40
N THR H 755 -45.24 45.83 4.14
CA THR H 755 -46.20 45.22 5.06
C THR H 755 -45.56 44.91 6.42
N LEU H 756 -44.24 44.79 6.46
CA LEU H 756 -43.54 44.70 7.73
C LEU H 756 -43.91 45.88 8.63
N ALA H 757 -44.12 47.05 8.03
CA ALA H 757 -44.56 48.24 8.73
C ALA H 757 -46.01 48.59 8.47
N ASP H 758 -46.68 47.86 7.57
CA ASP H 758 -48.09 48.11 7.23
C ASP H 758 -49.03 47.11 7.87
N ALA H 759 -48.71 45.82 7.85
CA ALA H 759 -49.56 44.83 8.50
C ALA H 759 -49.62 45.08 10.00
N TRP H 760 -48.49 45.40 10.62
CA TRP H 760 -48.45 45.78 12.02
C TRP H 760 -47.56 47.00 12.16
N GLY H 761 -47.27 47.40 13.39
CA GLY H 761 -46.74 48.73 13.62
C GLY H 761 -45.24 48.93 13.56
N TRP H 762 -44.81 49.61 12.49
CA TRP H 762 -43.42 49.97 12.29
C TRP H 762 -43.56 51.40 11.73
N THR H 763 -44.37 51.59 10.68
CA THR H 763 -44.65 52.92 10.14
C THR H 763 -45.59 53.70 11.05
N TRP H 764 -46.42 53.01 11.82
CA TRP H 764 -47.24 53.67 12.84
C TRP H 764 -46.39 54.59 13.72
N GLU H 765 -45.11 54.27 13.87
CA GLU H 765 -44.12 55.14 14.48
C GLU H 765 -42.96 55.39 13.52
N ARG H 766 -43.28 55.62 12.24
CA ARG H 766 -42.23 55.95 11.27
C ARG H 766 -41.54 57.26 11.63
N GLU H 767 -42.31 58.26 12.05
CA GLU H 767 -41.72 59.53 12.45
C GLU H 767 -40.86 59.39 13.70
N LEU H 768 -41.08 58.36 14.50
CA LEU H 768 -40.33 58.18 15.74
C LEU H 768 -38.84 57.96 15.49
N LYS H 769 -38.45 57.57 14.28
CA LYS H 769 -37.07 57.20 14.00
C LYS H 769 -36.11 58.38 14.04
N ASN H 770 -36.60 59.63 14.06
CA ASN H 770 -35.71 60.78 14.05
C ASN H 770 -36.06 61.87 15.06
N ARG H 771 -37.28 61.91 15.59
CA ARG H 771 -37.68 63.00 16.46
C ARG H 771 -36.86 63.01 17.74
N PRO H 772 -36.37 64.15 18.19
CA PRO H 772 -35.82 64.24 19.54
C PRO H 772 -36.92 64.48 20.55
N PRO H 773 -37.19 63.49 21.43
CA PRO H 773 -38.29 63.66 22.39
C PRO H 773 -38.09 64.85 23.30
N ARG H 774 -37.01 64.83 24.09
CA ARG H 774 -36.65 65.92 24.98
C ARG H 774 -35.35 65.63 25.71
N ARG H 775 -34.84 66.60 26.45
CA ARG H 775 -33.74 66.40 27.38
C ARG H 775 -34.33 66.05 28.75
N TRP H 776 -33.51 66.07 29.80
CA TRP H 776 -34.06 65.87 31.14
C TRP H 776 -35.00 67.01 31.51
N SER H 777 -36.23 66.67 31.88
CA SER H 777 -37.21 67.65 32.32
C SER H 777 -38.22 66.94 33.20
N GLN H 778 -38.35 67.39 34.44
CA GLN H 778 -39.22 66.76 35.43
C GLN H 778 -40.43 67.66 35.67
N GLU H 779 -41.45 67.49 34.84
CA GLU H 779 -42.73 68.17 35.02
C GLU H 779 -43.92 67.21 35.00
N TRP H 780 -43.87 66.17 34.17
CA TRP H 780 -44.96 65.19 34.13
C TRP H 780 -44.65 63.95 34.96
N GLU H 781 -43.38 63.58 35.07
CA GLU H 781 -43.00 62.51 36.00
C GLU H 781 -43.28 62.92 37.45
N VAL H 782 -43.11 64.21 37.76
CA VAL H 782 -43.54 64.71 39.05
C VAL H 782 -45.06 64.65 39.16
N GLU H 783 -45.76 64.91 38.06
CA GLU H 783 -47.20 64.80 38.01
C GLU H 783 -47.68 63.36 37.84
N LEU H 784 -46.77 62.41 37.66
CA LEU H 784 -47.17 61.01 37.51
C LEU H 784 -47.89 60.49 38.74
N ALA H 785 -47.45 60.91 39.93
CA ALA H 785 -48.04 60.39 41.16
C ALA H 785 -49.55 60.66 41.21
N ILE H 786 -49.95 61.88 40.85
CA ILE H 786 -51.38 62.15 40.70
C ILE H 786 -51.92 61.59 39.38
N LYS H 787 -51.04 61.37 38.39
CA LYS H 787 -51.48 60.77 37.13
C LYS H 787 -51.78 59.29 37.31
N ILE H 788 -50.87 58.55 37.96
CA ILE H 788 -51.12 57.14 38.21
C ILE H 788 -52.28 56.97 39.16
N MET H 789 -52.42 57.87 40.13
CA MET H 789 -53.58 57.87 41.01
C MET H 789 -54.87 57.92 40.21
N SER H 790 -54.92 58.82 39.21
CA SER H 790 -56.07 58.84 38.32
C SER H 790 -56.16 57.55 37.52
N LYS H 791 -55.05 57.14 36.89
CA LYS H 791 -55.07 56.00 35.98
C LYS H 791 -55.29 54.67 36.69
N VAL H 792 -55.20 54.60 38.01
CA VAL H 792 -55.39 53.36 38.75
C VAL H 792 -56.70 53.37 39.53
N ILE H 793 -57.09 54.51 40.10
CA ILE H 793 -58.34 54.61 40.83
C ILE H 793 -59.50 54.99 39.90
N GLU H 794 -59.28 54.96 38.59
CA GLU H 794 -60.41 54.76 37.67
C GLU H 794 -61.00 53.38 37.81
N LEU H 795 -60.31 52.49 38.52
CA LEU H 795 -60.68 51.10 38.74
C LEU H 795 -60.22 50.73 40.14
N GLY H 796 -60.18 49.44 40.44
CA GLY H 796 -59.82 49.01 41.79
C GLY H 796 -58.33 48.90 42.03
N GLY H 797 -57.75 49.93 42.63
CA GLY H 797 -56.34 49.94 42.96
C GLY H 797 -55.93 51.22 43.66
N ILE H 798 -55.07 51.12 44.67
CA ILE H 798 -54.68 52.25 45.51
C ILE H 798 -53.17 52.42 45.42
N PRO H 799 -52.66 53.58 45.04
CA PRO H 799 -51.21 53.82 45.04
C PRO H 799 -50.69 53.97 46.48
N THR H 800 -49.99 52.94 46.95
CA THR H 800 -49.47 52.93 48.30
C THR H 800 -48.09 52.27 48.27
N ILE H 801 -47.56 51.95 49.45
CA ILE H 801 -46.23 51.37 49.68
C ILE H 801 -45.21 51.86 48.65
N GLY H 802 -45.12 51.19 47.51
CA GLY H 802 -44.21 51.59 46.46
C GLY H 802 -44.63 52.79 45.67
N ASP H 803 -45.85 53.28 45.91
CA ASP H 803 -46.32 54.52 45.31
C ASP H 803 -46.70 55.56 46.34
N CYS H 804 -46.54 55.26 47.63
CA CYS H 804 -46.70 56.22 48.72
C CYS H 804 -45.39 56.49 49.44
N ALA H 805 -44.67 55.44 49.83
CA ALA H 805 -43.32 55.61 50.38
C ALA H 805 -42.31 55.99 49.31
N ILE H 806 -42.69 55.95 48.03
CA ILE H 806 -41.85 56.52 46.99
C ILE H 806 -42.16 58.01 46.79
N ILE H 807 -43.31 58.48 47.26
CA ILE H 807 -43.66 59.89 47.11
C ILE H 807 -42.71 60.76 47.92
N LEU H 808 -42.37 60.33 49.13
CA LEU H 808 -41.47 61.11 49.98
C LEU H 808 -40.09 61.29 49.35
N ARG H 809 -39.67 60.37 48.47
CA ARG H 809 -38.45 60.57 47.70
C ARG H 809 -38.70 61.18 46.34
N ALA H 810 -39.95 61.20 45.87
CA ALA H 810 -40.32 61.85 44.62
C ALA H 810 -41.00 63.19 44.84
N ALA H 811 -41.12 63.64 46.09
CA ALA H 811 -41.80 64.91 46.36
C ALA H 811 -40.95 66.10 45.95
N ILE H 812 -39.66 66.08 46.28
CA ILE H 812 -38.78 67.25 46.07
C ILE H 812 -38.20 67.10 44.66
N LYS H 813 -38.95 67.59 43.67
CA LYS H 813 -38.47 67.63 42.30
C LYS H 813 -38.49 69.05 41.73
N ALA H 814 -39.59 69.77 41.90
CA ALA H 814 -39.77 71.11 41.36
C ALA H 814 -40.51 71.95 42.39
N PRO H 815 -40.40 73.30 42.29
CA PRO H 815 -41.15 74.18 43.20
C PRO H 815 -42.63 74.26 42.89
N LEU H 816 -43.27 73.11 42.75
CA LEU H 816 -44.71 73.01 42.51
C LEU H 816 -45.32 72.13 43.59
N PRO H 817 -46.17 72.68 44.47
CA PRO H 817 -46.72 71.86 45.55
C PRO H 817 -47.63 70.73 45.09
N SER H 818 -48.17 70.82 43.88
CA SER H 818 -49.15 69.86 43.40
C SER H 818 -48.56 68.45 43.39
N ALA H 819 -49.46 67.47 43.48
CA ALA H 819 -49.14 66.05 43.57
C ALA H 819 -48.37 65.69 44.84
N PHE H 820 -48.23 66.63 45.77
CA PHE H 820 -47.64 66.36 47.08
C PHE H 820 -48.60 66.66 48.21
N LEU H 821 -49.25 67.83 48.22
CA LEU H 821 -50.21 68.13 49.27
C LEU H 821 -51.49 67.33 49.10
N ILE H 822 -51.71 66.73 47.93
CA ILE H 822 -52.92 65.97 47.67
C ILE H 822 -52.76 64.49 47.98
N ILE H 823 -51.54 64.03 48.29
CA ILE H 823 -51.32 62.61 48.59
C ILE H 823 -52.01 62.22 49.89
N LEU H 824 -52.28 63.19 50.76
CA LEU H 824 -52.87 62.91 52.07
C LEU H 824 -54.39 62.79 52.02
N GLN H 825 -55.00 62.77 50.83
CA GLN H 825 -56.46 62.76 50.78
C GLN H 825 -57.01 61.42 51.27
N THR H 826 -56.34 60.31 50.98
CA THR H 826 -56.84 59.02 51.43
C THR H 826 -56.39 58.69 52.85
N THR H 827 -55.10 58.49 53.05
CA THR H 827 -54.64 58.01 54.36
C THR H 827 -53.43 58.75 54.90
N HIS H 828 -52.48 59.13 54.04
CA HIS H 828 -51.10 59.39 54.48
C HIS H 828 -51.00 60.43 55.57
N SER H 829 -51.28 61.70 55.24
CA SER H 829 -51.25 62.81 56.19
C SER H 829 -49.96 62.85 57.00
N LEU H 830 -48.88 62.29 56.48
CA LEU H 830 -47.61 62.26 57.19
C LEU H 830 -46.44 62.77 56.37
N GLY H 831 -46.38 62.44 55.08
CA GLY H 831 -45.20 62.77 54.30
C GLY H 831 -43.97 62.11 54.88
N TYR H 832 -42.87 62.86 54.93
CA TYR H 832 -41.65 62.42 55.61
C TYR H 832 -41.61 63.00 57.03
N ARG H 833 -42.69 62.67 57.76
CA ARG H 833 -42.80 62.98 59.21
C ARG H 833 -43.03 64.41 59.60
N PHE H 834 -42.54 65.36 58.80
CA PHE H 834 -42.83 66.79 59.05
C PHE H 834 -43.06 67.49 57.71
N GLY H 835 -43.89 68.51 57.70
CA GLY H 835 -44.18 69.18 56.45
C GLY H 835 -43.62 70.56 56.44
N SER H 836 -42.33 70.68 56.18
CA SER H 836 -41.68 71.99 56.12
C SER H 836 -41.78 72.72 54.76
N PRO H 837 -41.89 71.97 53.63
CA PRO H 837 -42.07 72.61 52.33
C PRO H 837 -43.13 73.69 52.27
N LEU H 838 -43.27 74.38 51.15
CA LEU H 838 -44.19 75.52 51.03
C LEU H 838 -43.58 76.68 51.78
N TYR H 839 -42.95 76.39 52.92
CA TYR H 839 -42.35 77.41 53.73
C TYR H 839 -40.85 77.32 53.49
N ASP H 840 -40.47 77.00 52.26
CA ASP H 840 -39.07 76.86 51.93
C ASP H 840 -38.89 77.04 50.44
N GLU H 841 -39.58 78.01 49.85
CA GLU H 841 -39.45 78.27 48.42
C GLU H 841 -39.79 79.71 48.06
N ILE H 842 -38.77 80.52 47.77
CA ILE H 842 -39.00 81.91 47.37
C ILE H 842 -39.97 81.85 46.25
N ILE H 843 -39.53 81.32 45.11
CA ILE H 843 -40.41 81.32 43.95
C ILE H 843 -41.54 82.33 44.08
N THR H 844 -42.75 81.82 44.24
CA THR H 844 -43.88 82.58 44.73
C THR H 844 -44.16 82.17 46.17
N LEU H 845 -44.68 83.10 46.97
CA LEU H 845 -44.96 82.81 48.37
C LEU H 845 -45.97 81.68 48.49
N CYS H 846 -46.12 81.16 49.71
CA CYS H 846 -47.04 80.06 49.97
C CYS H 846 -48.44 80.42 49.50
N LEU H 847 -48.92 79.70 48.47
CA LEU H 847 -50.17 80.04 47.80
C LEU H 847 -51.37 79.47 48.58
N ASP H 848 -51.46 79.89 49.84
CA ASP H 848 -52.55 79.50 50.73
C ASP H 848 -52.69 77.98 50.80
N LEU H 849 -51.66 77.32 51.33
CA LEU H 849 -51.70 75.88 51.49
C LEU H 849 -52.90 75.45 52.33
N GLY H 850 -52.93 75.87 53.59
CA GLY H 850 -54.08 75.68 54.49
C GLY H 850 -54.62 74.26 54.43
N GLU H 851 -53.79 73.32 54.86
CA GLU H 851 -54.19 71.91 54.82
C GLU H 851 -55.42 71.65 55.67
N LEU H 852 -55.47 72.25 56.87
CA LEU H 852 -56.61 72.13 57.77
C LEU H 852 -56.98 70.67 58.05
N MET I 78 -76.22 -6.05 -34.60
CA MET I 78 -75.21 -6.38 -33.61
C MET I 78 -74.01 -7.04 -34.25
N ASN I 79 -73.88 -6.88 -35.56
CA ASN I 79 -72.74 -7.44 -36.28
C ASN I 79 -71.45 -6.71 -35.90
N LEU I 80 -70.35 -7.47 -35.83
CA LEU I 80 -69.08 -6.90 -35.45
C LEU I 80 -68.56 -5.95 -36.53
N ALA I 81 -67.64 -5.08 -36.13
CA ALA I 81 -67.08 -4.10 -37.04
C ALA I 81 -66.14 -4.77 -38.05
N ASP I 82 -65.74 -4.00 -39.06
CA ASP I 82 -64.83 -4.51 -40.07
C ASP I 82 -63.46 -4.78 -39.45
N PRO I 83 -62.71 -5.74 -40.01
CA PRO I 83 -61.38 -6.04 -39.45
C PRO I 83 -60.44 -4.86 -39.44
N ASP I 84 -60.57 -3.94 -40.41
CA ASP I 84 -59.72 -2.76 -40.43
C ASP I 84 -59.94 -1.86 -39.21
N PHE I 85 -61.09 -1.95 -38.56
CA PHE I 85 -61.36 -1.11 -37.40
C PHE I 85 -60.39 -1.41 -36.26
N TYR I 86 -60.28 -2.69 -35.90
CA TYR I 86 -59.37 -3.05 -34.81
C TYR I 86 -57.92 -2.75 -35.17
N LYS I 87 -57.53 -3.05 -36.40
CA LYS I 87 -56.19 -2.77 -36.87
C LYS I 87 -56.07 -1.25 -37.11
N ILE I 88 -54.94 -0.84 -37.70
CA ILE I 88 -54.57 0.56 -37.91
C ILE I 88 -54.29 1.21 -36.55
N GLY I 89 -55.13 0.93 -35.55
CA GLY I 89 -54.87 1.34 -34.20
C GLY I 89 -54.14 0.26 -33.42
N TYR I 90 -54.47 -1.01 -33.70
CA TYR I 90 -53.76 -2.11 -33.05
C TYR I 90 -52.29 -2.12 -33.42
N VAL I 91 -51.98 -1.81 -34.69
CA VAL I 91 -50.59 -1.73 -35.12
C VAL I 91 -49.84 -0.65 -34.35
N ARG I 92 -50.55 0.33 -33.80
CA ARG I 92 -49.96 1.40 -33.01
C ARG I 92 -50.17 1.17 -31.52
N SER I 93 -50.09 -0.09 -31.08
CA SER I 93 -50.11 -0.47 -29.66
C SER I 93 -51.43 -0.08 -28.99
N PHE I 94 -52.50 -0.68 -29.49
CA PHE I 94 -53.82 -0.62 -28.84
C PHE I 94 -54.31 -2.05 -28.65
N ARG I 95 -54.62 -2.41 -27.41
CA ARG I 95 -55.00 -3.78 -27.07
C ARG I 95 -56.35 -3.78 -26.38
N ALA I 96 -57.29 -4.56 -26.91
CA ALA I 96 -58.59 -4.78 -26.30
C ALA I 96 -58.76 -6.27 -26.05
N TYR I 97 -59.08 -6.63 -24.82
CA TYR I 97 -59.02 -8.02 -24.37
C TYR I 97 -60.37 -8.74 -24.48
N GLY I 98 -61.40 -8.24 -23.79
CA GLY I 98 -62.67 -8.92 -23.75
C GLY I 98 -63.83 -8.13 -24.33
N VAL I 99 -63.57 -7.35 -25.38
CA VAL I 99 -64.60 -6.55 -26.03
C VAL I 99 -64.50 -6.77 -27.53
N GLU I 100 -65.55 -6.36 -28.24
CA GLU I 100 -65.54 -6.41 -29.71
C GLU I 100 -66.56 -5.39 -30.20
N PHE I 101 -66.08 -4.32 -30.84
CA PHE I 101 -66.97 -3.27 -31.29
C PHE I 101 -67.86 -3.76 -32.42
N ARG I 102 -69.11 -3.32 -32.41
CA ARG I 102 -70.11 -3.75 -33.39
C ARG I 102 -70.22 -2.73 -34.52
N GLU I 103 -71.04 -3.06 -35.52
CA GLU I 103 -71.10 -2.26 -36.74
C GLU I 103 -72.51 -1.79 -37.05
N GLY I 104 -73.52 -2.45 -36.47
CA GLY I 104 -74.91 -2.12 -36.72
C GLY I 104 -75.19 -0.63 -36.61
N PRO I 105 -76.23 -0.16 -37.31
CA PRO I 105 -76.37 1.30 -37.48
C PRO I 105 -76.71 2.00 -36.18
N ASP I 106 -75.67 2.58 -35.57
CA ASP I 106 -75.74 3.38 -34.35
C ASP I 106 -74.33 3.91 -34.08
N GLY I 107 -74.13 4.56 -32.94
CA GLY I 107 -72.76 4.72 -32.47
C GLY I 107 -72.15 3.35 -32.34
N PHE I 108 -70.97 3.15 -32.94
CA PHE I 108 -70.39 1.82 -33.18
C PHE I 108 -70.62 0.85 -32.03
N GLY I 109 -70.41 1.31 -30.80
CA GLY I 109 -70.77 0.52 -29.63
C GLY I 109 -69.71 -0.48 -29.22
N VAL I 110 -69.57 -0.66 -27.91
CA VAL I 110 -68.61 -1.59 -27.34
C VAL I 110 -69.39 -2.64 -26.55
N PHE I 111 -69.41 -3.87 -27.06
CA PHE I 111 -70.06 -4.99 -26.40
C PHE I 111 -69.05 -6.10 -26.15
N ALA I 112 -69.17 -6.74 -25.00
CA ALA I 112 -68.17 -7.69 -24.55
C ALA I 112 -68.43 -9.08 -25.11
N SER I 113 -67.53 -10.00 -24.79
CA SER I 113 -67.68 -11.41 -25.09
C SER I 113 -67.22 -12.20 -23.87
N LYS I 114 -67.73 -13.44 -23.75
CA LYS I 114 -67.41 -14.31 -22.64
C LYS I 114 -67.93 -13.67 -21.33
N ASP I 115 -67.61 -14.27 -20.18
CA ASP I 115 -68.05 -13.76 -18.89
C ASP I 115 -66.83 -13.50 -18.02
N ILE I 116 -66.93 -12.48 -17.17
CA ILE I 116 -65.81 -12.06 -16.35
C ILE I 116 -65.96 -12.48 -14.89
N GLU I 117 -67.19 -12.61 -14.38
CA GLU I 117 -67.49 -12.93 -12.98
C GLU I 117 -67.01 -11.81 -12.06
N PRO I 118 -67.55 -11.71 -10.84
CA PRO I 118 -67.14 -10.61 -9.95
C PRO I 118 -65.66 -10.66 -9.63
N LEU I 119 -65.05 -9.48 -9.50
CA LEU I 119 -63.62 -9.36 -9.22
C LEU I 119 -63.40 -8.49 -7.99
N ARG I 120 -62.15 -8.12 -7.72
CA ARG I 120 -61.81 -7.41 -6.49
C ARG I 120 -61.66 -5.91 -6.69
N ARG I 121 -60.76 -5.47 -7.57
CA ARG I 121 -60.46 -4.05 -7.71
C ARG I 121 -60.93 -3.48 -9.03
N ALA I 122 -60.45 -4.02 -10.15
CA ALA I 122 -60.82 -3.56 -11.49
C ALA I 122 -60.16 -4.45 -12.54
N ARG I 123 -60.81 -4.61 -13.68
CA ARG I 123 -60.22 -5.28 -14.83
C ARG I 123 -59.96 -4.23 -15.90
N MET I 124 -58.70 -4.14 -16.33
CA MET I 124 -58.31 -3.13 -17.31
C MET I 124 -58.68 -3.59 -18.72
N ILE I 125 -59.04 -2.63 -19.57
CA ILE I 125 -59.50 -2.91 -20.91
C ILE I 125 -59.22 -1.67 -21.77
N MET I 126 -59.16 -1.87 -23.08
CA MET I 126 -59.01 -0.78 -24.06
C MET I 126 -57.75 0.05 -23.77
N GLU I 127 -56.62 -0.63 -23.90
CA GLU I 127 -55.31 0.02 -23.76
C GLU I 127 -55.14 1.02 -24.90
N ILE I 128 -55.24 2.32 -24.60
CA ILE I 128 -55.16 3.37 -25.60
C ILE I 128 -53.94 4.23 -25.28
N PRO I 129 -52.95 4.30 -26.17
CA PRO I 129 -51.76 5.12 -25.89
C PRO I 129 -52.04 6.60 -26.06
N LEU I 130 -51.04 7.40 -25.68
CA LEU I 130 -51.15 8.85 -25.77
C LEU I 130 -50.99 9.35 -27.20
N GLU I 131 -50.21 8.65 -28.03
CA GLU I 131 -49.91 9.14 -29.37
C GLU I 131 -51.17 9.27 -30.21
N LEU I 132 -52.20 8.49 -29.92
CA LEU I 132 -53.46 8.56 -30.65
C LEU I 132 -54.47 9.45 -29.91
N MET I 133 -54.15 10.73 -29.79
CA MET I 133 -55.00 11.71 -29.13
C MET I 133 -54.72 13.09 -29.70
N LEU I 134 -55.43 14.08 -29.17
CA LEU I 134 -55.20 15.49 -29.49
C LEU I 134 -54.86 16.33 -28.26
N THR I 135 -55.61 16.16 -27.17
CA THR I 135 -55.31 16.66 -25.83
C THR I 135 -54.76 18.08 -25.82
N ILE I 136 -55.57 19.02 -26.31
CA ILE I 136 -55.29 20.43 -26.06
C ILE I 136 -55.45 20.72 -24.58
N SER I 137 -54.61 21.60 -24.05
CA SER I 137 -54.68 21.95 -22.64
C SER I 137 -55.95 22.74 -22.34
N LYS I 138 -56.35 22.72 -21.07
CA LYS I 138 -57.58 23.38 -20.64
C LYS I 138 -57.36 24.83 -20.20
N ARG I 139 -56.10 25.27 -20.08
CA ARG I 139 -55.82 26.62 -19.64
C ARG I 139 -54.56 27.12 -20.34
N LEU I 140 -54.38 28.43 -20.32
CA LEU I 140 -53.22 29.03 -20.97
C LEU I 140 -51.95 28.57 -20.28
N PRO I 141 -50.87 28.30 -21.03
CA PRO I 141 -50.77 28.28 -22.49
C PRO I 141 -51.28 26.99 -23.12
N TRP I 142 -51.62 26.99 -24.40
CA TRP I 142 -52.12 25.78 -25.06
C TRP I 142 -50.95 24.89 -25.44
N MET I 143 -51.03 23.62 -25.07
CA MET I 143 -50.00 22.63 -25.41
C MET I 143 -50.65 21.33 -25.85
N PHE I 144 -50.00 20.64 -26.78
CA PHE I 144 -50.53 19.44 -27.42
C PHE I 144 -49.44 18.38 -27.36
N PHE I 145 -49.59 17.40 -26.49
CA PHE I 145 -48.46 16.53 -26.18
C PHE I 145 -48.15 15.57 -27.32
N PRO I 146 -49.15 15.00 -28.01
CA PRO I 146 -48.90 14.53 -29.37
C PRO I 146 -48.82 15.73 -30.31
N ASP I 147 -47.63 16.35 -30.40
CA ASP I 147 -47.45 17.59 -31.14
C ASP I 147 -47.96 17.48 -32.56
N ILE I 148 -49.01 18.23 -32.87
CA ILE I 148 -49.56 18.29 -34.22
C ILE I 148 -49.14 19.57 -34.93
N VAL I 149 -49.29 20.71 -34.26
CA VAL I 149 -48.93 21.99 -34.88
C VAL I 149 -47.42 22.09 -35.02
N PRO I 150 -46.89 22.34 -36.21
CA PRO I 150 -45.45 22.57 -36.35
C PRO I 150 -45.05 23.91 -35.77
N VAL I 151 -43.74 24.09 -35.65
CA VAL I 151 -43.19 25.35 -35.14
C VAL I 151 -43.38 26.44 -36.19
N GLY I 152 -44.02 27.54 -35.77
CA GLY I 152 -44.29 28.64 -36.67
C GLY I 152 -45.47 28.45 -37.59
N HIS I 153 -46.20 27.36 -37.46
CA HIS I 153 -47.36 27.13 -38.33
C HIS I 153 -48.41 28.19 -38.06
N PRO I 154 -49.04 28.75 -39.09
CA PRO I 154 -49.98 29.85 -38.87
C PRO I 154 -51.38 29.38 -38.50
N ILE I 155 -51.47 28.37 -37.64
CA ILE I 155 -52.73 27.96 -37.04
C ILE I 155 -52.71 28.04 -35.53
N PHE I 156 -51.53 28.13 -34.92
CA PHE I 156 -51.46 28.45 -33.50
C PHE I 156 -51.92 29.86 -33.21
N ASP I 157 -51.80 30.77 -34.17
CA ASP I 157 -52.30 32.12 -33.99
C ASP I 157 -53.83 32.15 -33.94
N ILE I 158 -54.47 31.25 -34.70
CA ILE I 158 -55.92 31.13 -34.63
C ILE I 158 -56.35 30.69 -33.23
N ILE I 159 -55.64 29.69 -32.68
CA ILE I 159 -56.00 29.14 -31.38
C ILE I 159 -55.69 30.14 -30.27
N ASN I 160 -54.53 30.80 -30.34
CA ASN I 160 -54.13 31.75 -29.31
C ASN I 160 -54.98 33.02 -29.32
N SER I 161 -55.74 33.26 -30.38
CA SER I 161 -56.68 34.36 -30.44
C SER I 161 -58.08 33.95 -30.03
N THR I 162 -58.27 32.69 -29.64
CA THR I 162 -59.57 32.20 -29.23
C THR I 162 -59.84 32.56 -27.77
N ASP I 163 -61.08 32.95 -27.49
CA ASP I 163 -61.49 33.28 -26.14
C ASP I 163 -61.43 32.04 -25.25
N PRO I 164 -60.69 32.07 -24.15
CA PRO I 164 -60.64 30.90 -23.25
C PRO I 164 -61.93 30.75 -22.46
N LYS I 165 -62.01 29.63 -21.75
CA LYS I 165 -62.99 29.33 -20.70
C LYS I 165 -64.43 29.42 -21.18
N THR I 166 -64.64 29.68 -22.46
CA THR I 166 -65.98 29.76 -23.02
C THR I 166 -66.22 28.76 -24.14
N ASP I 167 -65.34 28.70 -25.14
CA ASP I 167 -65.50 27.83 -26.29
C ASP I 167 -64.25 26.96 -26.42
N TRP I 168 -64.26 25.83 -25.72
CA TRP I 168 -63.19 24.85 -25.83
C TRP I 168 -63.32 23.97 -27.06
N ASP I 169 -64.50 23.98 -27.69
CA ASP I 169 -64.78 23.13 -28.85
C ASP I 169 -64.30 23.74 -30.17
N LEU I 170 -63.80 24.97 -30.14
CA LEU I 170 -63.33 25.63 -31.36
C LEU I 170 -61.87 25.24 -31.67
N ARG I 171 -60.97 25.48 -30.72
CA ARG I 171 -59.57 25.10 -30.91
C ARG I 171 -59.46 23.58 -31.08
N LEU I 172 -60.29 22.83 -30.38
CA LEU I 172 -60.34 21.37 -30.57
C LEU I 172 -60.76 21.03 -31.99
N ALA I 173 -61.73 21.76 -32.53
CA ALA I 173 -62.12 21.55 -33.92
C ALA I 173 -60.98 21.90 -34.87
N CYS I 174 -60.22 22.96 -34.55
CA CYS I 174 -59.06 23.30 -35.37
C CYS I 174 -58.02 22.18 -35.35
N LEU I 175 -57.77 21.60 -34.18
CA LEU I 175 -56.83 20.48 -34.08
C LEU I 175 -57.33 19.28 -34.88
N LEU I 176 -58.63 18.98 -34.79
CA LEU I 176 -59.18 17.87 -35.55
C LEU I 176 -59.06 18.10 -37.05
N LEU I 177 -59.33 19.33 -37.50
CA LEU I 177 -59.17 19.64 -38.93
C LEU I 177 -57.72 19.54 -39.35
N LEU I 178 -56.79 19.97 -38.50
CA LEU I 178 -55.38 19.85 -38.81
C LEU I 178 -54.97 18.38 -38.92
N ALA I 179 -55.51 17.53 -38.05
CA ALA I 179 -55.22 16.11 -38.13
C ALA I 179 -56.11 15.44 -39.17
N PHE I 180 -56.21 16.05 -40.35
CA PHE I 180 -56.82 15.43 -41.52
C PHE I 180 -56.06 15.69 -42.81
N ASP I 181 -55.12 16.64 -42.84
CA ASP I 181 -54.40 16.97 -44.06
C ASP I 181 -52.91 17.17 -43.82
N GLN I 182 -52.39 16.78 -42.66
CA GLN I 182 -50.97 17.00 -42.37
C GLN I 182 -50.10 15.93 -43.01
N GLU I 183 -50.28 14.67 -42.59
CA GLU I 183 -49.51 13.53 -43.07
C GLU I 183 -50.43 12.32 -43.05
N ASP I 184 -49.84 11.12 -43.08
CA ASP I 184 -50.61 9.91 -42.82
C ASP I 184 -50.82 9.76 -41.32
N ASN I 185 -51.38 10.77 -40.69
CA ASN I 185 -51.67 10.71 -39.26
C ASN I 185 -52.79 9.72 -39.00
N PHE I 186 -52.83 9.20 -37.77
CA PHE I 186 -53.83 8.21 -37.42
C PHE I 186 -55.24 8.71 -37.64
N TRP I 187 -55.48 10.00 -37.39
CA TRP I 187 -56.81 10.56 -37.56
C TRP I 187 -57.17 10.76 -39.03
N GLN I 188 -56.20 10.75 -39.93
CA GLN I 188 -56.51 10.76 -41.35
C GLN I 188 -57.26 9.49 -41.75
N LEU I 189 -56.91 8.37 -41.15
CA LEU I 189 -57.61 7.11 -41.39
C LEU I 189 -58.82 6.93 -40.48
N TYR I 190 -58.73 7.40 -39.24
CA TYR I 190 -59.84 7.23 -38.30
C TYR I 190 -61.04 8.11 -38.64
N GLY I 191 -60.89 9.07 -39.54
CA GLY I 191 -62.00 9.94 -39.87
C GLY I 191 -63.17 9.21 -40.51
N ASP I 192 -62.89 8.15 -41.27
CA ASP I 192 -63.95 7.44 -41.97
C ASP I 192 -64.95 6.81 -40.99
N PHE I 193 -64.45 6.23 -39.89
CA PHE I 193 -65.34 5.61 -38.92
C PHE I 193 -66.16 6.62 -38.15
N LEU I 194 -65.76 7.89 -38.15
CA LEU I 194 -66.52 8.92 -37.47
C LEU I 194 -67.81 9.21 -38.24
N PRO I 195 -68.89 9.58 -37.54
CA PRO I 195 -70.13 9.93 -38.23
C PRO I 195 -69.94 11.16 -39.11
N SER I 196 -70.61 11.14 -40.27
CA SER I 196 -70.50 12.21 -41.24
C SER I 196 -71.60 13.25 -41.01
N ALA I 197 -71.71 14.22 -41.93
CA ALA I 197 -72.71 15.27 -41.79
C ALA I 197 -74.12 14.70 -41.83
N ASP I 198 -74.39 13.76 -42.74
CA ASP I 198 -75.69 13.11 -42.77
C ASP I 198 -75.94 12.31 -41.50
N GLU I 199 -74.88 11.79 -40.88
CA GLU I 199 -74.98 11.14 -39.59
C GLU I 199 -74.98 12.19 -38.49
N CYS I 200 -74.76 11.76 -37.25
CA CYS I 200 -74.63 12.62 -36.07
C CYS I 200 -75.96 13.21 -35.65
N THR I 201 -76.10 13.50 -34.36
CA THR I 201 -77.35 13.97 -33.78
C THR I 201 -77.22 15.36 -33.15
N SER I 202 -76.01 15.89 -33.04
CA SER I 202 -75.80 17.18 -32.40
C SER I 202 -76.58 18.28 -33.12
N LEU I 203 -77.15 19.18 -32.33
CA LEU I 203 -78.02 20.23 -32.86
C LEU I 203 -77.26 21.31 -33.64
N LEU I 204 -75.93 21.35 -33.55
CA LEU I 204 -75.17 22.32 -34.32
C LEU I 204 -75.23 22.04 -35.81
N LEU I 205 -75.66 20.85 -36.21
CA LEU I 205 -75.82 20.50 -37.61
C LEU I 205 -77.27 20.55 -38.08
N ALA I 206 -78.20 20.93 -37.21
CA ALA I 206 -79.60 21.01 -37.58
C ALA I 206 -79.88 22.32 -38.32
N THR I 207 -81.13 22.50 -38.74
CA THR I 207 -81.55 23.67 -39.50
C THR I 207 -82.50 24.52 -38.67
N GLU I 208 -82.97 25.60 -39.29
CA GLU I 208 -83.79 26.58 -38.58
C GLU I 208 -85.13 25.98 -38.16
N GLU I 209 -85.89 25.45 -39.12
CA GLU I 209 -87.20 24.88 -38.78
C GLU I 209 -87.07 23.59 -37.99
N ASP I 210 -85.93 22.90 -38.08
CA ASP I 210 -85.73 21.72 -37.25
C ASP I 210 -85.46 22.11 -35.80
N LEU I 211 -84.72 23.20 -35.58
CA LEU I 211 -84.57 23.73 -34.23
C LEU I 211 -85.89 24.27 -33.70
N LEU I 212 -86.71 24.87 -34.58
CA LEU I 212 -88.04 25.31 -34.17
C LEU I 212 -88.92 24.14 -33.76
N GLU I 213 -88.72 22.96 -34.36
CA GLU I 213 -89.46 21.78 -33.95
C GLU I 213 -88.88 21.26 -32.65
N LEU I 214 -89.14 21.99 -31.56
CA LEU I 214 -88.61 21.65 -30.24
C LEU I 214 -89.42 22.43 -29.21
N GLN I 215 -90.03 21.71 -28.26
CA GLN I 215 -90.86 22.35 -27.24
C GLN I 215 -89.97 22.97 -26.17
N ASP I 216 -89.22 23.98 -26.59
CA ASP I 216 -88.32 24.72 -25.71
C ASP I 216 -87.87 25.99 -26.42
N GLU I 217 -87.82 27.10 -25.68
CA GLU I 217 -87.37 28.37 -26.22
C GLU I 217 -86.01 28.80 -25.69
N SER I 218 -85.69 28.49 -24.43
CA SER I 218 -84.36 28.76 -23.91
C SER I 218 -83.32 27.91 -24.65
N LEU I 219 -83.61 26.62 -24.83
CA LEU I 219 -82.72 25.77 -25.61
C LEU I 219 -82.67 26.23 -27.06
N GLU I 220 -83.81 26.65 -27.62
CA GLU I 220 -83.83 27.17 -28.98
C GLU I 220 -82.95 28.40 -29.11
N LEU I 221 -83.05 29.33 -28.17
CA LEU I 221 -82.24 30.54 -28.20
C LEU I 221 -80.76 30.20 -28.08
N THR I 222 -80.41 29.32 -27.13
CA THR I 222 -79.01 28.98 -26.92
C THR I 222 -78.43 28.29 -28.14
N MET I 223 -79.19 27.38 -28.77
CA MET I 223 -78.67 26.68 -29.94
C MET I 223 -78.62 27.57 -31.17
N ARG I 224 -79.55 28.52 -31.29
CA ARG I 224 -79.47 29.47 -32.40
C ARG I 224 -78.26 30.38 -32.23
N GLU I 225 -77.93 30.74 -30.99
CA GLU I 225 -76.72 31.51 -30.77
C GLU I 225 -75.47 30.68 -30.99
N GLN I 226 -75.50 29.39 -30.61
CA GLN I 226 -74.35 28.52 -30.75
C GLN I 226 -74.10 28.08 -32.19
N GLN I 227 -75.13 28.09 -33.04
CA GLN I 227 -74.89 27.93 -34.46
C GLN I 227 -74.15 29.15 -35.01
N HIS I 228 -74.39 30.32 -34.44
CA HIS I 228 -73.50 31.46 -34.62
C HIS I 228 -72.33 31.30 -33.66
N ARG I 229 -71.46 32.31 -33.57
CA ARG I 229 -70.26 32.28 -32.74
C ARG I 229 -69.26 31.27 -33.31
N CYS I 230 -69.67 30.56 -34.35
CA CYS I 230 -68.82 29.71 -35.15
C CYS I 230 -68.83 30.08 -36.62
N LEU I 231 -69.95 30.59 -37.14
CA LEU I 231 -69.88 31.39 -38.36
C LEU I 231 -68.97 32.58 -38.18
N GLU I 232 -69.08 33.25 -37.03
CA GLU I 232 -68.22 34.39 -36.74
C GLU I 232 -66.76 33.96 -36.66
N PHE I 233 -66.49 32.84 -35.99
CA PHE I 233 -65.13 32.30 -35.97
C PHE I 233 -64.91 31.35 -37.14
N TRP I 234 -65.32 31.78 -38.32
CA TRP I 234 -64.96 31.19 -39.59
C TRP I 234 -64.53 32.24 -40.61
N GLU I 235 -65.16 33.41 -40.60
CA GLU I 235 -64.79 34.51 -41.47
C GLU I 235 -63.67 35.37 -40.89
N LYS I 236 -63.34 35.20 -39.62
CA LYS I 236 -62.23 35.94 -39.04
C LYS I 236 -60.88 35.30 -39.36
N ASN I 237 -60.87 34.05 -39.85
CA ASN I 237 -59.62 33.37 -40.13
C ASN I 237 -59.63 32.60 -41.46
N TRP I 238 -60.68 32.76 -42.27
CA TRP I 238 -60.76 32.12 -43.58
C TRP I 238 -61.31 33.10 -44.60
N HIS I 239 -60.84 34.35 -44.57
CA HIS I 239 -61.44 35.44 -45.33
C HIS I 239 -60.50 35.89 -46.44
N SER I 240 -60.51 35.13 -47.55
CA SER I 240 -59.99 35.59 -48.84
C SER I 240 -58.48 35.83 -48.83
N ALA I 241 -57.84 35.74 -47.67
CA ALA I 241 -56.38 35.77 -47.59
C ALA I 241 -55.83 34.38 -47.40
N ALA I 242 -56.20 33.72 -46.29
CA ALA I 242 -56.22 32.27 -46.12
C ALA I 242 -55.03 31.56 -46.75
N PRO I 243 -53.84 31.63 -46.15
CA PRO I 243 -52.71 30.86 -46.68
C PRO I 243 -53.11 29.41 -46.90
N LEU I 244 -52.57 28.81 -47.96
CA LEU I 244 -53.03 27.49 -48.38
C LEU I 244 -52.89 26.45 -47.28
N LYS I 245 -51.97 26.66 -46.34
CA LYS I 245 -51.95 25.84 -45.14
C LYS I 245 -53.24 26.02 -44.34
N ILE I 246 -53.61 27.28 -44.08
CA ILE I 246 -54.85 27.55 -43.34
C ILE I 246 -56.06 27.24 -44.20
N LYS I 247 -56.02 27.58 -45.48
CA LYS I 247 -57.05 27.15 -46.40
C LYS I 247 -56.95 25.64 -46.60
N ARG I 248 -57.89 25.10 -47.40
CA ARG I 248 -57.95 23.68 -47.77
C ARG I 248 -58.25 22.80 -46.55
N LEU I 249 -58.35 23.41 -45.37
CA LEU I 249 -58.80 22.71 -44.18
C LEU I 249 -60.31 22.84 -43.99
N ALA I 250 -60.86 24.00 -44.31
CA ALA I 250 -62.30 24.22 -44.25
C ALA I 250 -62.66 25.20 -45.36
N ARG I 251 -63.03 24.68 -46.53
CA ARG I 251 -63.38 25.50 -47.68
C ARG I 251 -64.80 26.06 -47.59
N ASP I 252 -65.59 25.64 -46.60
CA ASP I 252 -66.97 26.06 -46.49
C ASP I 252 -67.44 25.89 -45.06
N PRO I 253 -68.37 26.71 -44.57
CA PRO I 253 -68.79 26.64 -43.17
C PRO I 253 -69.87 25.60 -42.88
N LYS I 254 -69.69 24.39 -43.40
CA LYS I 254 -70.46 23.25 -42.95
C LYS I 254 -69.62 22.03 -42.60
N ILE I 255 -68.36 21.96 -43.04
CA ILE I 255 -67.46 20.94 -42.51
C ILE I 255 -66.82 21.39 -41.21
N PHE I 256 -66.60 22.71 -41.04
CA PHE I 256 -66.19 23.23 -39.75
C PHE I 256 -67.25 22.98 -38.69
N MET I 257 -68.52 22.99 -39.08
CA MET I 257 -69.57 22.63 -38.15
C MET I 257 -69.50 21.15 -37.78
N TRP I 258 -69.13 20.31 -38.74
CA TRP I 258 -68.94 18.88 -38.43
C TRP I 258 -67.82 18.70 -37.41
N ALA I 259 -66.70 19.40 -37.60
CA ALA I 259 -65.60 19.31 -36.65
C ALA I 259 -66.00 19.86 -35.28
N ALA I 260 -66.74 20.97 -35.26
CA ALA I 260 -67.18 21.54 -33.99
C ALA I 260 -68.14 20.60 -33.26
N SER I 261 -69.06 19.98 -34.00
CA SER I 261 -69.98 19.02 -33.38
C SER I 261 -69.23 17.81 -32.86
N ILE I 262 -68.23 17.32 -33.60
CA ILE I 262 -67.45 16.19 -33.15
C ILE I 262 -66.69 16.55 -31.87
N ALA I 263 -66.11 17.75 -31.84
CA ALA I 263 -65.39 18.19 -30.65
C ALA I 263 -66.33 18.31 -29.45
N GLN I 264 -67.54 18.85 -29.67
CA GLN I 264 -68.50 18.95 -28.57
C GLN I 264 -68.90 17.57 -28.06
N THR I 265 -69.14 16.63 -28.98
CA THR I 265 -69.68 15.34 -28.58
C THR I 265 -68.64 14.42 -27.94
N ARG I 266 -67.39 14.45 -28.44
CA ARG I 266 -66.41 13.42 -28.08
C ARG I 266 -65.23 13.96 -27.28
N CYS I 267 -65.32 15.19 -26.78
CA CYS I 267 -64.29 15.70 -25.88
C CYS I 267 -64.52 15.22 -24.46
N ILE I 268 -63.44 14.92 -23.76
CA ILE I 268 -63.52 14.64 -22.33
C ILE I 268 -62.41 15.39 -21.60
N ASN I 269 -62.75 16.00 -20.48
CA ASN I 269 -61.79 16.76 -19.67
C ASN I 269 -61.25 15.84 -18.58
N MET I 270 -59.93 15.66 -18.56
CA MET I 270 -59.29 14.77 -17.60
C MET I 270 -58.03 15.42 -17.06
N GLU I 271 -57.36 14.71 -16.16
CA GLU I 271 -56.06 15.10 -15.63
C GLU I 271 -55.00 14.17 -16.21
N MET I 272 -53.94 14.76 -16.76
CA MET I 272 -52.90 14.01 -17.45
C MET I 272 -51.56 14.29 -16.79
N ARG I 273 -51.01 13.28 -16.11
CA ARG I 273 -49.65 13.39 -15.56
C ARG I 273 -48.68 12.85 -16.59
N ILE I 274 -48.03 13.75 -17.33
CA ILE I 274 -47.13 13.34 -18.39
C ILE I 274 -45.76 12.99 -17.83
N GLY I 275 -45.11 13.95 -17.19
CA GLY I 275 -43.88 13.69 -16.47
C GLY I 275 -44.00 14.14 -15.03
N ALA I 276 -43.37 15.27 -14.71
CA ALA I 276 -43.58 15.96 -13.45
C ALA I 276 -44.71 16.98 -13.55
N LEU I 277 -45.57 16.86 -14.56
CA LEU I 277 -46.60 17.85 -14.86
C LEU I 277 -47.97 17.20 -14.73
N ILE I 278 -48.73 17.63 -13.73
CA ILE I 278 -50.14 17.29 -13.62
C ILE I 278 -50.93 18.45 -14.22
N GLN I 279 -51.69 18.16 -15.27
CA GLN I 279 -52.44 19.19 -15.96
C GLN I 279 -53.84 18.68 -16.27
N ASP I 280 -54.77 19.63 -16.42
CA ASP I 280 -56.13 19.33 -16.84
C ASP I 280 -56.25 19.68 -18.32
N ALA I 281 -56.84 18.78 -19.09
CA ALA I 281 -56.87 18.95 -20.53
C ALA I 281 -58.14 18.35 -21.12
N ASN I 282 -58.61 18.96 -22.21
CA ASN I 282 -59.69 18.41 -23.02
C ASN I 282 -59.08 17.53 -24.09
N VAL I 283 -59.47 16.26 -24.13
CA VAL I 283 -58.82 15.28 -24.98
C VAL I 283 -59.86 14.58 -25.84
N LEU I 284 -59.38 14.02 -26.95
CA LEU I 284 -60.16 13.19 -27.86
C LEU I 284 -59.55 11.80 -27.89
N VAL I 285 -60.37 10.79 -27.64
CA VAL I 285 -59.87 9.42 -27.50
C VAL I 285 -60.52 8.51 -28.54
N PRO I 286 -59.80 8.09 -29.57
CA PRO I 286 -60.32 7.06 -30.46
C PRO I 286 -60.44 5.72 -29.74
N TYR I 287 -61.40 4.92 -30.18
CA TYR I 287 -61.73 3.60 -29.65
C TYR I 287 -62.34 3.66 -28.26
N ALA I 288 -62.43 4.85 -27.65
CA ALA I 288 -63.06 5.02 -26.34
C ALA I 288 -64.35 5.82 -26.40
N ASP I 289 -64.48 6.73 -27.36
CA ASP I 289 -65.75 7.43 -27.56
C ASP I 289 -66.85 6.48 -28.03
N MET I 290 -66.49 5.32 -28.59
CA MET I 290 -67.47 4.33 -28.99
C MET I 290 -68.21 3.73 -27.81
N LEU I 291 -67.72 3.93 -26.59
CA LEU I 291 -68.42 3.48 -25.39
C LEU I 291 -69.70 4.29 -25.24
N ASN I 292 -70.84 3.63 -25.41
CA ASN I 292 -72.12 4.33 -25.36
C ASN I 292 -72.40 4.81 -23.94
N HIS I 293 -73.53 5.50 -23.78
CA HIS I 293 -73.87 6.15 -22.52
C HIS I 293 -75.03 5.44 -21.84
N SER I 294 -74.96 5.37 -20.52
CA SER I 294 -76.08 4.93 -19.69
C SER I 294 -75.85 5.47 -18.29
N PHE I 295 -76.89 6.05 -17.70
CA PHE I 295 -76.74 6.70 -16.39
C PHE I 295 -76.45 5.69 -15.28
N GLN I 296 -76.60 4.40 -15.54
CA GLN I 296 -76.16 3.35 -14.63
C GLN I 296 -74.88 2.76 -15.20
N PRO I 297 -73.71 3.30 -14.87
CA PRO I 297 -72.48 2.94 -15.57
C PRO I 297 -71.74 1.78 -14.90
N ASN I 298 -70.82 1.20 -15.67
CA ASN I 298 -69.95 0.16 -15.16
C ASN I 298 -68.51 0.29 -15.66
N CYS I 299 -68.08 1.51 -16.01
CA CYS I 299 -66.76 1.71 -16.59
C CYS I 299 -66.12 2.98 -16.03
N PHE I 300 -64.85 2.86 -15.66
CA PHE I 300 -64.02 3.98 -15.21
C PHE I 300 -63.04 4.35 -16.30
N PHE I 301 -62.58 5.60 -16.27
CA PHE I 301 -61.49 6.09 -17.10
C PHE I 301 -60.28 6.33 -16.19
N HIS I 302 -59.15 5.69 -16.52
CA HIS I 302 -57.94 5.83 -15.74
C HIS I 302 -56.77 6.17 -16.67
N TRP I 303 -55.78 6.86 -16.11
CA TRP I 303 -54.61 7.31 -16.85
C TRP I 303 -53.37 6.75 -16.18
N ARG I 304 -52.76 5.73 -16.77
CA ARG I 304 -51.55 5.14 -16.22
C ARG I 304 -50.39 6.12 -16.30
N PHE I 305 -49.83 6.46 -15.15
CA PHE I 305 -48.89 7.57 -15.06
C PHE I 305 -47.57 7.27 -15.79
N LYS I 306 -47.09 6.04 -15.69
CA LYS I 306 -45.75 5.72 -16.19
C LYS I 306 -45.72 5.68 -17.71
N ASP I 307 -46.48 4.77 -18.32
CA ASP I 307 -46.37 4.50 -19.75
C ASP I 307 -47.31 5.36 -20.58
N ARG I 308 -48.03 6.30 -19.97
CA ARG I 308 -48.87 7.27 -20.68
C ARG I 308 -49.93 6.58 -21.54
N MET I 309 -50.83 5.88 -20.85
CA MET I 309 -51.89 5.14 -21.52
C MET I 309 -53.22 5.37 -20.82
N LEU I 310 -54.27 5.58 -21.62
CA LEU I 310 -55.62 5.71 -21.11
C LEU I 310 -56.31 4.34 -21.16
N GLU I 311 -56.96 3.98 -20.06
CA GLU I 311 -57.55 2.64 -19.95
C GLU I 311 -58.96 2.75 -19.40
N VAL I 312 -59.85 1.92 -19.93
CA VAL I 312 -61.18 1.75 -19.36
C VAL I 312 -61.08 0.63 -18.32
N MET I 313 -61.85 0.75 -17.25
CA MET I 313 -61.77 -0.19 -16.15
C MET I 313 -63.16 -0.70 -15.81
N ILE I 314 -63.30 -2.03 -15.74
CA ILE I 314 -64.56 -2.62 -15.29
C ILE I 314 -64.70 -2.43 -13.79
N ASN I 315 -65.89 -2.07 -13.34
CA ASN I 315 -66.12 -1.75 -11.95
C ASN I 315 -65.87 -2.97 -11.06
N PRO I 316 -65.38 -2.78 -9.85
CA PRO I 316 -65.23 -3.90 -8.92
C PRO I 316 -66.57 -4.48 -8.52
N GLY I 317 -66.60 -5.79 -8.35
CA GLY I 317 -67.80 -6.48 -7.92
C GLY I 317 -69.00 -6.30 -8.83
N SER I 318 -68.78 -6.44 -10.14
CA SER I 318 -69.86 -6.27 -11.12
C SER I 318 -69.75 -7.39 -12.15
N ARG I 319 -70.79 -8.24 -12.20
CA ARG I 319 -70.83 -9.32 -13.18
C ARG I 319 -71.10 -8.77 -14.57
N ILE I 320 -70.49 -9.39 -15.57
CA ILE I 320 -70.59 -8.95 -16.96
C ILE I 320 -71.07 -10.14 -17.80
N LYS I 321 -72.10 -9.90 -18.61
CA LYS I 321 -72.67 -10.93 -19.47
C LYS I 321 -71.86 -11.12 -20.75
N LYS I 322 -72.45 -11.81 -21.73
CA LYS I 322 -71.74 -12.25 -22.92
C LYS I 322 -72.17 -11.48 -24.15
N GLY I 323 -72.21 -10.15 -24.05
CA GLY I 323 -72.61 -9.32 -25.16
C GLY I 323 -73.49 -8.15 -24.79
N GLU I 324 -73.73 -7.96 -23.50
CA GLU I 324 -74.55 -6.84 -23.05
C GLU I 324 -73.73 -5.55 -23.09
N GLU I 325 -74.43 -4.43 -22.95
CA GLU I 325 -73.80 -3.13 -23.05
C GLU I 325 -72.90 -2.85 -21.85
N MET I 326 -71.71 -2.32 -22.15
CA MET I 326 -70.83 -1.75 -21.14
C MET I 326 -70.75 -0.24 -21.38
N THR I 327 -71.11 0.53 -20.36
CA THR I 327 -71.35 1.96 -20.54
C THR I 327 -70.51 2.76 -19.55
N VAL I 328 -70.15 3.97 -19.96
CA VAL I 328 -69.51 4.96 -19.10
C VAL I 328 -70.33 6.24 -19.17
N ASN I 329 -70.65 6.80 -18.02
CA ASN I 329 -71.48 7.99 -17.98
C ASN I 329 -70.76 9.19 -18.56
N TYR I 330 -71.52 10.09 -19.19
CA TYR I 330 -70.99 11.34 -19.73
C TYR I 330 -71.01 12.44 -18.68
N LEU I 331 -72.19 12.73 -18.13
CA LEU I 331 -72.36 13.76 -17.11
C LEU I 331 -73.01 13.16 -15.88
N SER I 332 -72.51 13.54 -14.71
CA SER I 332 -73.09 13.14 -13.44
C SER I 332 -73.03 14.32 -12.48
N GLY I 333 -74.08 14.47 -11.68
CA GLY I 333 -74.21 15.63 -10.82
C GLY I 333 -74.68 16.87 -11.54
N GLN I 334 -75.07 16.76 -12.81
CA GLN I 334 -75.53 17.89 -13.59
C GLN I 334 -76.28 17.31 -14.79
N GLN I 335 -77.47 17.84 -15.08
CA GLN I 335 -78.31 17.23 -16.10
C GLN I 335 -79.36 18.19 -16.64
N ASN I 336 -80.59 18.08 -16.11
CA ASN I 336 -81.73 18.91 -16.49
C ASN I 336 -82.14 18.73 -17.95
N ASN I 337 -81.47 17.83 -18.67
CA ASN I 337 -81.78 17.45 -20.05
C ASN I 337 -81.73 18.62 -21.02
N ILE I 338 -81.22 19.77 -20.59
CA ILE I 338 -81.01 20.89 -21.50
C ILE I 338 -79.55 21.06 -21.89
N PHE I 339 -78.62 20.44 -21.17
CA PHE I 339 -77.21 20.40 -21.55
C PHE I 339 -76.78 19.04 -22.07
N MET I 340 -77.33 17.95 -21.54
CA MET I 340 -77.07 16.63 -22.10
C MET I 340 -77.61 16.54 -23.52
N GLN I 341 -78.84 17.03 -23.74
CA GLN I 341 -79.41 17.07 -25.09
C GLN I 341 -78.56 17.92 -26.01
N ARG I 342 -78.00 19.01 -25.49
CA ARG I 342 -77.10 19.85 -26.27
C ARG I 342 -75.86 19.07 -26.70
N PHE I 343 -75.42 18.12 -25.88
CA PHE I 343 -74.21 17.37 -26.15
C PHE I 343 -74.44 16.10 -26.98
N GLY I 344 -75.66 15.85 -27.41
CA GLY I 344 -75.97 14.70 -28.24
C GLY I 344 -77.25 14.01 -27.83
N PHE I 345 -77.92 13.40 -28.81
CA PHE I 345 -79.20 12.69 -28.66
C PHE I 345 -80.12 13.36 -27.66
N SER I 346 -80.74 12.57 -26.78
CA SER I 346 -81.65 13.10 -25.79
C SER I 346 -81.68 12.16 -24.60
N SER I 347 -82.15 12.69 -23.46
CA SER I 347 -82.26 11.89 -22.25
C SER I 347 -83.33 10.82 -22.41
N ALA I 348 -83.14 9.69 -21.71
CA ALA I 348 -84.10 8.61 -21.70
C ALA I 348 -84.71 8.41 -20.31
N VAL I 349 -83.88 8.21 -19.30
CA VAL I 349 -84.35 8.10 -17.93
C VAL I 349 -84.05 9.34 -17.10
N ASN I 350 -82.95 10.06 -17.40
CA ASN I 350 -82.54 11.33 -16.81
C ASN I 350 -82.72 11.35 -15.30
N PRO I 351 -81.86 10.65 -14.54
CA PRO I 351 -82.07 10.54 -13.09
C PRO I 351 -81.75 11.80 -12.31
N TRP I 352 -81.51 12.93 -12.99
CA TRP I 352 -81.14 14.17 -12.30
C TRP I 352 -81.91 15.37 -12.83
N ASP I 353 -83.08 15.16 -13.43
CA ASP I 353 -83.86 16.23 -14.00
C ASP I 353 -85.30 16.16 -13.51
N ALA I 354 -85.90 17.33 -13.30
CA ALA I 354 -87.31 17.42 -12.95
C ALA I 354 -87.80 18.82 -13.28
N ILE I 355 -89.12 18.98 -13.24
CA ILE I 355 -89.78 20.24 -13.56
C ILE I 355 -90.23 20.90 -12.26
N CYS I 356 -89.94 22.20 -12.13
CA CYS I 356 -90.34 22.94 -10.94
C CYS I 356 -91.85 22.95 -10.82
N PHE I 357 -92.35 22.63 -9.63
CA PHE I 357 -93.78 22.48 -9.39
C PHE I 357 -94.41 23.74 -8.83
N SER I 358 -93.98 24.18 -7.65
CA SER I 358 -94.59 25.29 -6.91
C SER I 358 -96.09 25.02 -6.82
N GLY I 359 -96.90 26.08 -6.80
CA GLY I 359 -98.34 25.94 -6.93
C GLY I 359 -99.08 25.41 -5.72
N ASP I 360 -98.38 24.67 -4.86
CA ASP I 360 -98.96 24.07 -3.67
C ASP I 360 -98.10 24.45 -2.47
N SER I 361 -98.48 23.93 -1.29
CA SER I 361 -97.70 24.25 -0.09
C SER I 361 -96.46 23.38 0.01
N ARG I 362 -96.64 22.08 0.21
CA ARG I 362 -95.56 21.11 0.34
C ARG I 362 -96.09 19.68 0.44
N ILE I 363 -95.26 18.71 0.04
CA ILE I 363 -95.55 17.30 0.21
C ILE I 363 -94.56 16.71 1.22
N HIS I 364 -94.89 15.54 1.74
CA HIS I 364 -94.01 14.92 2.72
C HIS I 364 -92.74 14.38 2.05
N LEU I 365 -91.68 14.27 2.85
CA LEU I 365 -90.39 13.80 2.35
C LEU I 365 -90.19 12.31 2.61
N ASP I 366 -90.33 11.88 3.86
CA ASP I 366 -90.05 10.47 4.19
C ASP I 366 -91.27 9.58 3.98
N THR I 367 -91.92 9.74 2.82
CA THR I 367 -92.87 8.76 2.32
C THR I 367 -92.73 8.45 0.84
N PHE I 368 -92.24 9.39 0.02
CA PHE I 368 -92.01 9.12 -1.39
C PHE I 368 -90.90 8.09 -1.57
N LEU I 369 -89.82 8.22 -0.81
CA LEU I 369 -88.72 7.26 -0.84
C LEU I 369 -89.00 6.04 0.03
N SER I 370 -90.06 6.06 0.83
CA SER I 370 -90.40 4.93 1.69
C SER I 370 -91.35 3.94 1.02
N VAL I 371 -92.26 4.42 0.18
CA VAL I 371 -93.17 3.51 -0.52
C VAL I 371 -92.40 2.66 -1.52
N PHE I 372 -91.41 3.25 -2.19
CA PHE I 372 -90.57 2.53 -3.13
C PHE I 372 -89.25 2.07 -2.52
N ASN I 373 -89.07 2.27 -1.22
CA ASN I 373 -87.85 1.87 -0.51
C ASN I 373 -86.61 2.50 -1.13
N ILE I 374 -86.75 3.74 -1.57
CA ILE I 374 -85.64 4.49 -2.14
C ILE I 374 -84.76 5.01 -1.01
N THR I 375 -83.45 4.80 -1.12
CA THR I 375 -82.53 5.29 -0.11
C THR I 375 -82.33 6.79 -0.24
N GLY I 376 -82.17 7.47 0.90
CA GLY I 376 -82.02 8.90 0.93
C GLY I 376 -80.63 9.35 0.50
N LEU I 377 -80.14 10.41 1.15
CA LEU I 377 -78.80 10.95 0.88
C LEU I 377 -78.65 11.36 -0.58
N ARG I 378 -79.34 12.46 -0.90
CA ARG I 378 -79.57 12.98 -2.25
C ARG I 378 -78.43 12.72 -3.23
N GLN I 379 -77.19 12.94 -2.80
CA GLN I 379 -76.05 12.73 -3.69
C GLN I 379 -75.97 11.27 -4.15
N GLU I 380 -76.48 10.35 -3.34
CA GLU I 380 -76.42 8.91 -3.64
C GLU I 380 -77.77 8.27 -3.29
N TYR I 381 -78.58 8.03 -4.30
CA TYR I 381 -79.92 7.45 -4.14
C TYR I 381 -79.93 6.01 -4.64
N TYR I 382 -80.42 5.10 -3.80
CA TYR I 382 -80.41 3.68 -4.08
C TYR I 382 -81.82 3.12 -3.92
N TYR I 383 -82.08 2.00 -4.58
CA TYR I 383 -83.41 1.40 -4.60
C TYR I 383 -83.54 0.19 -3.68
N ASN I 384 -82.43 -0.48 -3.34
CA ASN I 384 -82.44 -1.66 -2.47
C ASN I 384 -83.31 -2.77 -3.06
N SER I 385 -82.82 -3.32 -4.17
CA SER I 385 -83.52 -4.37 -4.91
C SER I 385 -84.05 -5.48 -4.00
N LYS I 386 -83.43 -5.71 -2.86
CA LYS I 386 -83.96 -6.64 -1.85
C LYS I 386 -85.07 -5.94 -1.05
N SER I 387 -86.12 -5.57 -1.77
CA SER I 387 -87.20 -4.77 -1.20
C SER I 387 -88.35 -5.64 -0.69
N ALA I 388 -88.97 -6.39 -1.58
CA ALA I 388 -90.15 -7.17 -1.24
C ALA I 388 -90.29 -8.31 -2.25
N LYS I 389 -91.45 -8.97 -2.25
CA LYS I 389 -91.73 -10.04 -3.21
C LYS I 389 -92.02 -9.48 -4.60
N GLU I 390 -91.02 -8.77 -5.12
CA GLU I 390 -91.15 -8.03 -6.39
C GLU I 390 -92.36 -7.11 -6.34
N GLY I 391 -92.27 -6.12 -5.44
CA GLY I 391 -93.42 -5.25 -5.19
C GLY I 391 -93.91 -4.53 -6.43
N ASP I 392 -93.00 -4.08 -7.28
CA ASP I 392 -93.39 -3.39 -8.50
C ASP I 392 -92.24 -3.41 -9.48
N SER I 393 -92.57 -3.14 -10.75
CA SER I 393 -91.60 -2.91 -11.81
C SER I 393 -91.69 -1.46 -12.28
N PHE I 394 -91.88 -0.54 -11.34
CA PHE I 394 -92.15 0.86 -11.66
C PHE I 394 -91.11 1.78 -11.03
N VAL I 395 -89.83 1.43 -11.16
CA VAL I 395 -88.73 2.30 -10.77
C VAL I 395 -87.92 2.63 -12.02
N ASP I 396 -87.52 3.89 -12.13
CA ASP I 396 -86.77 4.37 -13.28
C ASP I 396 -85.96 5.59 -12.84
N GLY I 397 -85.26 6.19 -13.81
CA GLY I 397 -84.60 7.45 -13.54
C GLY I 397 -85.58 8.56 -13.18
N ALA I 398 -86.77 8.53 -13.78
CA ALA I 398 -87.77 9.53 -13.46
C ALA I 398 -88.19 9.45 -12.00
N VAL I 399 -88.37 8.24 -11.47
CA VAL I 399 -88.76 8.09 -10.07
C VAL I 399 -87.66 8.60 -9.16
N ILE I 400 -86.42 8.18 -9.42
CA ILE I 400 -85.30 8.57 -8.57
C ILE I 400 -84.98 10.05 -8.69
N ALA I 401 -85.41 10.69 -9.78
CA ALA I 401 -85.21 12.12 -9.94
C ALA I 401 -86.31 12.94 -9.27
N ALA I 402 -87.57 12.61 -9.58
CA ALA I 402 -88.71 13.27 -8.97
C ALA I 402 -88.91 12.87 -7.52
N ALA I 403 -88.06 12.00 -6.97
CA ALA I 403 -88.08 11.72 -5.54
C ALA I 403 -87.27 12.72 -4.74
N ARG I 404 -86.56 13.64 -5.40
CA ARG I 404 -85.76 14.62 -4.68
C ARG I 404 -85.88 16.04 -5.23
N THR I 405 -86.65 16.27 -6.30
CA THR I 405 -86.86 17.60 -6.85
C THR I 405 -88.37 17.86 -6.83
N LEU I 406 -88.86 18.28 -5.67
CA LEU I 406 -90.26 18.50 -5.36
C LEU I 406 -90.34 19.08 -3.97
N PRO I 407 -91.51 19.60 -3.52
CA PRO I 407 -91.57 20.28 -2.21
C PRO I 407 -90.94 19.53 -1.05
N THR I 408 -91.39 18.31 -0.77
CA THR I 408 -90.78 17.42 0.24
C THR I 408 -90.55 18.14 1.57
N TRP I 409 -91.65 18.49 2.23
CA TRP I 409 -91.54 18.98 3.60
C TRP I 409 -91.04 17.88 4.51
N SER I 410 -90.14 18.24 5.43
CA SER I 410 -89.59 17.32 6.41
C SER I 410 -89.78 17.77 7.84
N ASP I 411 -89.76 19.08 8.10
CA ASP I 411 -90.03 19.66 9.43
C ASP I 411 -88.98 19.12 10.40
N ARG I 412 -89.38 18.60 11.56
CA ARG I 412 -88.43 18.13 12.56
C ARG I 412 -87.77 16.81 12.18
N ASP I 413 -88.23 16.16 11.11
CA ASP I 413 -87.76 14.88 10.61
C ASP I 413 -88.13 13.72 11.53
N VAL I 414 -88.75 13.98 12.67
CA VAL I 414 -89.30 12.93 13.53
C VAL I 414 -90.74 13.30 13.91
N PRO I 415 -91.61 13.55 12.93
CA PRO I 415 -92.97 13.94 13.28
C PRO I 415 -93.82 12.72 13.59
N ILE I 416 -95.13 12.91 13.79
CA ILE I 416 -96.03 11.77 13.91
C ILE I 416 -96.30 11.12 12.56
N ILE I 417 -95.66 11.59 11.50
CA ILE I 417 -96.00 11.23 10.12
C ILE I 417 -97.50 11.46 9.96
N PRO I 418 -97.96 12.70 9.98
CA PRO I 418 -99.41 12.96 9.99
C PRO I 418 -100.09 12.44 8.74
N SER I 419 -100.93 11.43 8.89
CA SER I 419 -101.68 10.90 7.76
C SER I 419 -102.90 11.78 7.52
N VAL I 420 -102.69 13.09 7.44
CA VAL I 420 -103.75 14.04 7.13
C VAL I 420 -103.81 14.13 5.60
N GLU I 421 -104.61 13.25 5.01
CA GLU I 421 -104.71 13.20 3.56
C GLU I 421 -105.31 14.47 2.98
N ARG I 422 -105.95 15.30 3.81
CA ARG I 422 -106.42 16.59 3.33
C ARG I 422 -105.26 17.54 3.07
N LYS I 423 -104.19 17.43 3.87
CA LYS I 423 -103.03 18.31 3.77
C LYS I 423 -101.77 17.57 3.37
N ALA I 424 -101.44 16.47 4.05
CA ALA I 424 -100.20 15.76 3.77
C ALA I 424 -100.29 14.88 2.53
N ALA I 425 -101.46 14.76 1.91
CA ALA I 425 -101.63 13.87 0.77
C ALA I 425 -102.77 14.40 -0.10
N LYS I 426 -103.20 13.57 -1.05
CA LYS I 426 -104.36 13.83 -1.89
C LYS I 426 -104.31 15.19 -2.58
N GLU I 427 -105.13 16.13 -2.11
CA GLU I 427 -105.36 17.37 -2.83
C GLU I 427 -104.05 18.06 -3.19
N LEU I 428 -103.10 18.08 -2.27
CA LEU I 428 -101.82 18.74 -2.54
C LEU I 428 -101.15 18.16 -3.78
N GLN I 429 -100.98 16.84 -3.82
CA GLN I 429 -100.45 16.25 -5.06
C GLN I 429 -101.47 16.33 -6.18
N GLU I 430 -102.77 16.33 -5.85
CA GLU I 430 -103.77 16.65 -6.86
C GLU I 430 -103.53 18.05 -7.40
N GLN I 431 -103.13 18.98 -6.52
CA GLN I 431 -102.72 20.30 -6.99
C GLN I 431 -101.53 20.18 -7.94
N CYS I 432 -100.57 19.29 -7.60
CA CYS I 432 -99.51 18.99 -8.55
C CYS I 432 -100.09 18.41 -9.84
N HIS I 433 -101.07 17.51 -9.71
CA HIS I 433 -101.79 17.04 -10.89
C HIS I 433 -102.45 18.21 -11.62
N GLU I 434 -102.89 19.22 -10.87
CA GLU I 434 -103.37 20.45 -11.49
C GLU I 434 -102.20 21.27 -12.05
N ILE I 435 -101.08 21.30 -11.31
CA ILE I 435 -99.90 22.02 -11.81
C ILE I 435 -99.39 21.35 -13.08
N LEU I 436 -99.31 20.02 -13.07
CA LEU I 436 -99.02 19.26 -14.29
C LEU I 436 -100.34 18.82 -14.93
N ALA I 437 -101.06 19.82 -15.44
CA ALA I 437 -102.40 19.61 -16.00
C ALA I 437 -102.31 19.00 -17.40
N LYS I 438 -101.63 17.87 -17.48
CA LYS I 438 -101.46 17.12 -18.72
C LYS I 438 -100.89 18.02 -19.82
N TYR I 439 -99.69 18.52 -19.58
CA TYR I 439 -98.96 19.42 -20.46
C TYR I 439 -99.77 20.70 -20.67
N PRO I 440 -99.91 21.55 -19.66
CA PRO I 440 -100.73 22.76 -19.80
C PRO I 440 -99.96 23.97 -20.31
N THR I 441 -98.64 23.92 -20.39
CA THR I 441 -97.85 25.08 -20.79
C THR I 441 -98.19 25.53 -22.20
N THR I 442 -97.95 24.68 -23.18
CA THR I 442 -98.30 25.02 -24.56
C THR I 442 -99.07 23.91 -25.26
N ALA I 443 -98.77 22.64 -24.98
CA ALA I 443 -99.45 21.49 -25.57
C ALA I 443 -99.49 21.60 -27.09
N LYS I 444 -98.33 21.93 -27.67
CA LYS I 444 -98.24 22.05 -29.12
C LYS I 444 -98.63 20.75 -29.82
N GLN I 445 -98.43 19.61 -29.15
CA GLN I 445 -98.85 18.33 -29.68
C GLN I 445 -99.08 17.41 -28.48
N ASP I 446 -99.54 16.20 -28.75
CA ASP I 446 -100.01 15.28 -27.72
C ASP I 446 -99.66 13.87 -28.17
N GLN I 447 -100.35 12.87 -27.61
CA GLN I 447 -100.08 11.46 -27.87
C GLN I 447 -99.84 11.14 -29.34
N GLN I 448 -100.37 11.96 -30.25
CA GLN I 448 -100.21 11.69 -31.69
C GLN I 448 -98.75 11.71 -32.11
N ILE I 449 -97.89 12.47 -31.42
CA ILE I 449 -96.53 12.68 -31.91
C ILE I 449 -95.71 11.40 -31.81
N LEU I 450 -95.92 10.61 -30.75
CA LEU I 450 -95.05 9.47 -30.49
C LEU I 450 -95.18 8.42 -31.59
N ASP I 451 -94.03 7.93 -32.05
CA ASP I 451 -93.95 6.94 -33.14
C ASP I 451 -94.72 7.41 -34.37
N ALA I 452 -94.29 8.56 -34.91
CA ALA I 452 -94.80 9.02 -36.19
C ALA I 452 -94.30 8.17 -37.35
N THR I 453 -93.32 7.29 -37.11
CA THR I 453 -92.79 6.35 -38.11
C THR I 453 -92.25 7.11 -39.33
N GLU I 454 -91.26 7.95 -39.08
CA GLU I 454 -90.57 8.68 -40.14
C GLU I 454 -89.17 9.01 -39.66
N ASP I 455 -88.17 8.29 -40.16
CA ASP I 455 -86.78 8.51 -39.82
C ASP I 455 -86.06 9.21 -40.96
N GLY I 456 -85.37 10.30 -40.65
CA GLY I 456 -84.69 11.06 -41.67
C GLY I 456 -83.75 12.14 -41.15
N ARG I 457 -82.64 12.33 -41.87
CA ARG I 457 -81.68 13.42 -41.65
C ARG I 457 -80.89 13.26 -40.34
N ARG I 458 -81.25 12.26 -39.53
CA ARG I 458 -80.51 11.88 -38.33
C ARG I 458 -80.53 12.97 -37.25
N THR I 459 -81.12 14.12 -37.56
CA THR I 459 -81.35 15.16 -36.57
C THR I 459 -82.82 15.46 -36.36
N LEU I 460 -83.63 15.41 -37.41
CA LEU I 460 -85.07 15.28 -37.23
C LEU I 460 -85.38 13.89 -36.66
N GLU I 461 -86.53 13.80 -35.98
CA GLU I 461 -86.96 12.61 -35.26
C GLU I 461 -86.12 12.46 -33.98
N ALA I 462 -85.09 13.30 -33.85
CA ALA I 462 -84.30 13.39 -32.62
C ALA I 462 -84.78 14.52 -31.71
N ALA I 463 -85.10 15.68 -32.28
CA ALA I 463 -85.83 16.69 -31.53
C ALA I 463 -87.21 16.17 -31.16
N ILE I 464 -87.86 15.46 -32.09
CA ILE I 464 -89.10 14.77 -31.77
C ILE I 464 -88.87 13.76 -30.66
N LYS I 465 -87.72 13.07 -30.67
CA LYS I 465 -87.40 12.14 -29.59
C LYS I 465 -87.25 12.86 -28.26
N TYR I 466 -86.64 14.04 -28.27
CA TYR I 466 -86.51 14.83 -27.04
C TYR I 466 -87.89 15.24 -26.51
N ARG I 467 -88.78 15.66 -27.40
CA ARG I 467 -90.14 15.98 -26.98
C ARG I 467 -90.83 14.76 -26.41
N LEU I 468 -90.68 13.61 -27.08
CA LEU I 468 -91.27 12.37 -26.59
C LEU I 468 -90.76 12.03 -25.20
N HIS I 469 -89.46 12.18 -24.98
CA HIS I 469 -88.88 11.78 -23.70
C HIS I 469 -89.25 12.75 -22.59
N ARG I 470 -89.32 14.05 -22.87
CA ARG I 470 -89.81 14.98 -21.86
C ARG I 470 -91.26 14.69 -21.50
N LYS I 471 -92.10 14.44 -22.51
CA LYS I 471 -93.50 14.11 -22.24
C LYS I 471 -93.61 12.82 -21.44
N LEU I 472 -92.79 11.83 -21.78
CA LEU I 472 -92.79 10.56 -21.06
C LEU I 472 -92.34 10.76 -19.62
N PHE I 473 -91.32 11.58 -19.40
CA PHE I 473 -90.86 11.86 -18.05
C PHE I 473 -91.97 12.52 -17.22
N ILE I 474 -92.65 13.51 -17.80
CA ILE I 474 -93.72 14.18 -17.06
C ILE I 474 -94.86 13.21 -16.77
N GLY I 475 -95.23 12.38 -17.76
CA GLY I 475 -96.31 11.42 -17.55
C GLY I 475 -95.97 10.39 -16.50
N LYS I 476 -94.75 9.87 -16.52
CA LYS I 476 -94.35 8.89 -15.51
C LYS I 476 -94.18 9.52 -14.14
N VAL I 477 -93.80 10.80 -14.07
CA VAL I 477 -93.77 11.50 -12.80
C VAL I 477 -95.17 11.60 -12.23
N ILE I 478 -96.15 11.97 -13.07
CA ILE I 478 -97.54 12.03 -12.63
C ILE I 478 -98.01 10.66 -12.16
N ASP I 479 -97.68 9.61 -12.92
CA ASP I 479 -98.09 8.26 -12.57
C ASP I 479 -97.49 7.84 -11.24
N ALA I 480 -96.20 8.10 -11.03
CA ALA I 480 -95.56 7.76 -9.77
C ALA I 480 -96.17 8.54 -8.61
N LEU I 481 -96.49 9.81 -8.84
CA LEU I 481 -97.10 10.62 -7.79
C LEU I 481 -98.46 10.06 -7.40
N GLU I 482 -99.27 9.64 -8.38
CA GLU I 482 -100.59 9.13 -8.03
C GLU I 482 -100.52 7.72 -7.45
N ILE I 483 -99.53 6.91 -7.85
CA ILE I 483 -99.29 5.64 -7.14
C ILE I 483 -98.92 5.91 -5.69
N TYR I 484 -98.05 6.88 -5.45
CA TYR I 484 -97.64 7.20 -4.08
C TYR I 484 -98.85 7.67 -3.26
N GLN I 485 -99.64 8.59 -3.81
CA GLN I 485 -100.80 9.09 -3.10
C GLN I 485 -101.88 8.02 -2.90
N ASP I 486 -101.93 7.01 -3.78
CA ASP I 486 -102.85 5.90 -3.56
C ASP I 486 -102.35 4.97 -2.46
N ARG I 487 -101.05 4.67 -2.46
CA ARG I 487 -100.48 3.72 -1.50
C ARG I 487 -99.76 4.49 -0.40
N ILE I 488 -100.54 4.95 0.58
CA ILE I 488 -100.01 5.51 1.82
C ILE I 488 -100.48 4.71 3.03
N LEU I 489 -101.23 3.63 2.82
CA LEU I 489 -101.84 2.90 3.91
C LEU I 489 -101.57 1.41 3.85
N PHE I 490 -100.91 0.93 2.78
CA PHE I 490 -100.70 -0.49 2.51
C PHE I 490 -102.01 -1.23 2.26
N VAL J 111 -44.08 36.59 -68.69
CA VAL J 111 -43.90 35.34 -67.96
C VAL J 111 -43.72 34.19 -68.93
N SER J 112 -42.99 34.43 -70.01
CA SER J 112 -42.74 33.41 -71.02
C SER J 112 -41.59 32.51 -70.56
N THR J 113 -41.11 31.65 -71.45
CA THR J 113 -39.97 30.77 -71.16
C THR J 113 -38.65 31.45 -71.42
N GLN J 114 -38.46 32.63 -70.82
CA GLN J 114 -37.24 33.40 -70.95
C GLN J 114 -36.34 33.16 -69.74
N GLY J 115 -35.16 33.77 -69.77
CA GLY J 115 -34.18 33.63 -68.71
C GLY J 115 -34.01 34.90 -67.91
N TRP J 116 -32.83 35.03 -67.31
CA TRP J 116 -31.78 34.03 -67.43
C TRP J 116 -31.47 33.39 -66.07
N ASN J 117 -31.19 34.23 -65.08
CA ASN J 117 -30.89 33.77 -63.74
C ASN J 117 -31.59 34.63 -62.70
N SER J 118 -32.84 35.01 -62.97
CA SER J 118 -33.63 35.84 -62.09
C SER J 118 -34.92 35.14 -61.75
N GLU J 119 -35.17 34.95 -60.45
CA GLU J 119 -36.43 34.36 -59.97
C GLU J 119 -37.40 35.50 -59.63
N LEU J 120 -37.95 36.09 -60.70
CA LEU J 120 -38.84 37.23 -60.53
C LEU J 120 -40.08 36.85 -59.73
N VAL J 121 -40.41 37.68 -58.74
CA VAL J 121 -41.51 37.38 -57.83
C VAL J 121 -42.84 37.78 -58.48
N VAL J 122 -43.91 37.18 -57.99
CA VAL J 122 -45.26 37.47 -58.46
C VAL J 122 -46.14 37.75 -57.25
N ASP J 123 -46.91 38.84 -57.32
CA ASP J 123 -47.79 39.24 -56.24
C ASP J 123 -49.22 38.76 -56.43
N TYR J 124 -49.47 37.91 -57.42
CA TYR J 124 -50.80 37.41 -57.73
C TYR J 124 -50.87 35.92 -57.41
N ARG J 125 -51.86 35.54 -56.61
CA ARG J 125 -52.11 34.13 -56.34
C ARG J 125 -52.77 33.48 -57.55
N ILE J 126 -52.26 32.31 -57.93
CA ILE J 126 -52.72 31.59 -59.11
C ILE J 126 -53.22 30.23 -58.68
N ASN J 127 -54.41 29.86 -59.14
CA ASN J 127 -55.02 28.59 -58.77
C ASN J 127 -54.12 27.43 -59.21
N GLU J 128 -53.89 26.50 -58.29
CA GLU J 128 -53.03 25.35 -58.54
C GLU J 128 -53.81 24.10 -58.89
N ASP J 129 -55.13 24.17 -59.00
CA ASP J 129 -55.92 23.02 -59.41
C ASP J 129 -55.82 22.75 -60.91
N GLU J 130 -55.24 23.68 -61.67
CA GLU J 130 -54.96 23.49 -63.08
C GLU J 130 -53.47 23.42 -63.37
N PHE J 131 -52.63 23.42 -62.34
CA PHE J 131 -51.19 23.34 -62.46
C PHE J 131 -50.73 21.90 -62.19
N HIS J 132 -49.42 21.70 -62.14
CA HIS J 132 -48.82 20.43 -61.76
C HIS J 132 -48.11 20.61 -60.43
N LYS J 133 -48.46 19.78 -59.45
CA LYS J 133 -47.86 19.84 -58.12
C LYS J 133 -46.62 18.96 -58.13
N ILE J 134 -45.45 19.59 -58.16
CA ILE J 134 -44.17 18.90 -58.21
C ILE J 134 -43.46 19.17 -56.89
N CYS J 135 -43.57 18.22 -55.96
CA CYS J 135 -43.02 18.40 -54.63
C CYS J 135 -41.52 18.10 -54.62
N LEU J 136 -40.74 19.05 -54.12
CA LEU J 136 -39.30 18.87 -53.99
C LEU J 136 -38.85 19.16 -52.56
N PHE J 137 -37.54 19.21 -52.34
CA PHE J 137 -37.04 19.39 -50.98
C PHE J 137 -37.07 20.86 -50.55
N ASP J 138 -36.33 21.71 -51.26
CA ASP J 138 -36.21 23.12 -50.90
C ASP J 138 -37.02 24.03 -51.82
N CYS J 139 -37.92 23.48 -52.62
CA CYS J 139 -38.70 24.29 -53.55
C CYS J 139 -39.94 23.51 -53.96
N ASP J 140 -40.79 24.15 -54.77
CA ASP J 140 -41.99 23.53 -55.29
C ASP J 140 -42.27 24.15 -56.66
N PHE J 141 -41.83 23.47 -57.72
CA PHE J 141 -42.04 23.96 -59.07
C PHE J 141 -43.47 23.73 -59.52
N PHE J 142 -43.97 24.64 -60.35
CA PHE J 142 -45.34 24.56 -60.86
C PHE J 142 -45.30 24.66 -62.37
N ILE J 143 -45.95 23.71 -63.05
CA ILE J 143 -46.09 23.71 -64.50
C ILE J 143 -47.57 23.52 -64.82
N ARG J 144 -48.06 24.29 -65.79
CA ARG J 144 -49.47 24.24 -66.12
C ARG J 144 -49.85 22.85 -66.63
N LYS J 145 -51.07 22.42 -66.29
CA LYS J 145 -51.59 21.12 -66.70
C LYS J 145 -52.79 21.30 -67.60
N PRO J 146 -52.64 21.18 -68.91
CA PRO J 146 -53.80 21.21 -69.79
C PRO J 146 -54.70 20.02 -69.51
N PRO J 147 -55.99 20.15 -69.77
CA PRO J 147 -56.90 19.02 -69.54
C PRO J 147 -56.54 17.81 -70.39
N ASP J 148 -56.64 16.63 -69.80
CA ASP J 148 -56.32 15.38 -70.48
C ASP J 148 -56.91 14.24 -69.67
N PRO J 149 -57.23 13.10 -70.30
CA PRO J 149 -57.84 12.00 -69.54
C PRO J 149 -56.98 11.42 -68.45
N ASP J 150 -55.65 11.42 -68.60
CA ASP J 150 -54.80 10.72 -67.63
C ASP J 150 -53.62 11.56 -67.16
N ASN J 151 -53.76 12.88 -67.16
CA ASN J 151 -52.77 13.82 -66.63
C ASN J 151 -51.40 13.50 -67.24
N ASP J 152 -51.33 13.74 -68.55
CA ASP J 152 -50.11 13.45 -69.31
C ASP J 152 -49.82 14.54 -70.34
N VAL J 153 -49.96 15.81 -69.96
CA VAL J 153 -49.50 16.92 -70.78
C VAL J 153 -48.88 17.96 -69.88
N TYR J 154 -47.78 18.57 -70.35
CA TYR J 154 -47.02 19.56 -69.58
C TYR J 154 -46.77 20.76 -70.48
N ASP J 155 -47.67 21.74 -70.43
CA ASP J 155 -47.47 23.00 -71.16
C ASP J 155 -46.54 23.86 -70.32
N PHE J 156 -45.28 23.94 -70.74
CA PHE J 156 -44.27 24.57 -69.90
C PHE J 156 -44.52 26.07 -69.76
N ARG J 157 -44.45 26.81 -70.87
CA ARG J 157 -44.66 28.26 -70.97
C ARG J 157 -44.48 29.01 -69.65
N GLU J 158 -45.49 28.95 -68.79
CA GLU J 158 -45.49 29.67 -67.53
C GLU J 158 -45.16 28.69 -66.40
N MET J 159 -44.12 29.01 -65.63
CA MET J 159 -43.74 28.22 -64.47
C MET J 159 -43.63 29.15 -63.27
N TYR J 160 -43.80 28.57 -62.08
CA TYR J 160 -43.65 29.32 -60.84
C TYR J 160 -43.07 28.40 -59.76
N VAL J 161 -42.05 28.89 -59.06
CA VAL J 161 -41.36 28.13 -58.02
C VAL J 161 -41.58 28.84 -56.69
N THR J 162 -41.90 28.06 -55.66
CA THR J 162 -42.16 28.58 -54.33
C THR J 162 -41.43 27.73 -53.30
N PRO J 163 -41.07 28.32 -52.15
CA PRO J 163 -40.56 27.52 -51.04
C PRO J 163 -41.57 26.46 -50.64
N PRO J 164 -41.13 25.37 -50.00
CA PRO J 164 -42.03 24.24 -49.72
C PRO J 164 -43.30 24.64 -48.98
N ASP J 165 -44.44 24.47 -49.64
CA ASP J 165 -45.75 24.78 -49.09
C ASP J 165 -45.84 26.26 -48.67
N THR J 166 -45.69 27.14 -49.66
CA THR J 166 -45.82 28.57 -49.46
C THR J 166 -46.62 29.17 -50.60
N ASP J 167 -47.37 30.22 -50.29
CA ASP J 167 -48.22 30.88 -51.28
C ASP J 167 -47.48 31.93 -52.09
N VAL J 168 -46.27 32.30 -51.70
CA VAL J 168 -45.50 33.30 -52.43
C VAL J 168 -44.94 32.66 -53.70
N TYR J 169 -45.36 33.16 -54.85
CA TYR J 169 -44.99 32.59 -56.14
C TYR J 169 -43.89 33.41 -56.81
N ALA J 170 -43.15 32.76 -57.70
CA ALA J 170 -42.08 33.39 -58.44
C ALA J 170 -41.68 32.46 -59.58
N ILE J 171 -41.45 33.03 -60.76
CA ILE J 171 -41.05 32.24 -61.91
C ILE J 171 -39.64 31.72 -61.69
N PRO J 172 -39.33 30.50 -62.14
CA PRO J 172 -38.01 29.92 -61.90
C PRO J 172 -36.97 30.48 -62.87
N LYS J 173 -35.76 29.93 -62.76
CA LYS J 173 -34.65 30.30 -63.63
C LYS J 173 -34.56 29.29 -64.76
N VAL J 174 -34.53 29.79 -66.00
CA VAL J 174 -34.46 28.94 -67.19
C VAL J 174 -33.04 28.99 -67.72
N LEU J 175 -32.41 27.82 -67.83
CA LEU J 175 -31.03 27.70 -68.27
C LEU J 175 -30.91 27.05 -69.65
N ALA J 176 -32.03 26.79 -70.31
CA ALA J 176 -32.02 26.13 -71.61
C ALA J 176 -33.39 26.34 -72.26
N PRO J 177 -33.48 26.27 -73.57
CA PRO J 177 -34.79 26.39 -74.24
C PRO J 177 -35.73 25.29 -73.78
N MET J 178 -37.00 25.65 -73.64
CA MET J 178 -38.06 24.75 -73.25
C MET J 178 -39.11 24.63 -74.35
N PRO J 179 -39.86 23.53 -74.38
CA PRO J 179 -40.85 23.34 -75.45
C PRO J 179 -41.95 24.38 -75.39
N ASP J 180 -42.49 24.68 -76.57
CA ASP J 180 -43.61 25.60 -76.74
C ASP J 180 -44.89 24.89 -77.18
N LYS J 181 -44.92 23.55 -77.07
CA LYS J 181 -46.09 22.78 -77.46
C LYS J 181 -46.53 21.88 -76.31
N TYR J 182 -47.51 21.02 -76.57
CA TYR J 182 -47.98 20.06 -75.58
C TYR J 182 -47.18 18.77 -75.72
N ILE J 183 -46.40 18.44 -74.69
CA ILE J 183 -45.54 17.26 -74.70
C ILE J 183 -46.02 16.31 -73.62
N ARG J 184 -46.25 15.06 -73.99
CA ARG J 184 -46.60 14.01 -73.03
C ARG J 184 -45.30 13.40 -72.52
N CYS J 185 -44.98 13.64 -71.25
CA CYS J 185 -43.73 13.18 -70.67
C CYS J 185 -44.02 12.47 -69.35
N ALA J 186 -42.96 11.95 -68.74
CA ALA J 186 -43.05 11.20 -67.49
C ALA J 186 -42.26 11.92 -66.39
N LYS J 187 -42.72 11.75 -65.15
CA LYS J 187 -42.14 12.42 -64.00
C LYS J 187 -41.30 11.44 -63.20
N THR J 188 -40.06 11.83 -62.93
CA THR J 188 -39.12 11.01 -62.16
C THR J 188 -38.74 11.77 -60.87
N ASP J 189 -37.79 11.20 -60.13
CA ASP J 189 -37.31 11.81 -58.91
C ASP J 189 -35.94 11.24 -58.56
N TYR J 190 -35.27 11.90 -57.62
CA TYR J 190 -33.91 11.54 -57.20
C TYR J 190 -33.85 11.76 -55.69
N GLY J 191 -34.10 10.71 -54.92
CA GLY J 191 -34.21 10.84 -53.49
C GLY J 191 -33.26 9.96 -52.70
N TRP J 192 -33.08 10.27 -51.41
CA TRP J 192 -32.10 9.58 -50.58
C TRP J 192 -32.69 8.75 -49.45
N TYR J 193 -33.86 9.11 -48.92
CA TYR J 193 -34.45 8.43 -47.77
C TYR J 193 -33.54 8.49 -46.54
N ASN J 194 -33.40 9.71 -46.02
CA ASN J 194 -32.70 9.90 -44.76
C ASN J 194 -33.33 9.06 -43.65
N VAL J 195 -32.49 8.34 -42.88
CA VAL J 195 -32.96 7.42 -41.87
C VAL J 195 -32.39 7.80 -40.49
N THR J 196 -32.24 9.09 -40.24
CA THR J 196 -31.70 9.54 -38.96
C THR J 196 -32.51 8.97 -37.80
N GLU J 197 -31.85 8.79 -36.66
CA GLU J 197 -32.46 8.17 -35.48
C GLU J 197 -32.78 9.24 -34.44
N PRO J 198 -34.06 9.52 -34.19
CA PRO J 198 -34.42 10.61 -33.29
C PRO J 198 -34.29 10.19 -31.83
N PRO J 199 -34.29 11.15 -30.91
CA PRO J 199 -34.24 10.80 -29.48
C PRO J 199 -35.53 10.14 -29.02
N ILE J 200 -35.40 9.39 -27.91
CA ILE J 200 -36.52 8.70 -27.29
C ILE J 200 -36.87 9.44 -26.01
N ASP J 201 -38.10 9.95 -25.93
CA ASP J 201 -38.58 10.68 -24.76
C ASP J 201 -39.45 9.80 -23.86
N ALA J 202 -40.50 9.21 -24.42
CA ALA J 202 -41.43 8.37 -23.68
C ALA J 202 -41.37 6.95 -24.21
N PRO J 203 -41.92 5.97 -23.50
CA PRO J 203 -41.98 4.62 -24.06
C PRO J 203 -42.79 4.59 -25.35
N ARG J 204 -42.43 3.66 -26.23
CA ARG J 204 -43.03 3.45 -27.55
C ARG J 204 -42.74 4.58 -28.52
N ASP J 205 -41.80 5.46 -28.21
CA ASP J 205 -41.38 6.47 -29.18
C ASP J 205 -40.62 5.81 -30.32
N PRO J 206 -40.75 6.33 -31.54
CA PRO J 206 -40.10 5.69 -32.69
C PRO J 206 -38.58 5.65 -32.55
N MET J 207 -38.00 4.55 -33.01
CA MET J 207 -36.57 4.33 -32.95
C MET J 207 -35.83 4.82 -34.19
N TYR J 208 -36.55 5.28 -35.22
CA TYR J 208 -35.91 5.76 -36.44
C TYR J 208 -36.87 6.68 -37.16
N LYS J 209 -36.32 7.50 -38.05
CA LYS J 209 -37.09 8.42 -38.88
C LYS J 209 -36.86 8.07 -40.35
N SER J 210 -37.69 8.67 -41.21
CA SER J 210 -37.60 8.44 -42.64
C SER J 210 -38.38 9.51 -43.37
N GLU J 211 -37.74 10.15 -44.35
CA GLU J 211 -38.42 11.09 -45.22
C GLU J 211 -37.63 11.23 -46.51
N ARG J 212 -38.34 11.27 -47.63
CA ARG J 212 -37.69 11.41 -48.93
C ARG J 212 -37.08 12.79 -49.07
N GLU J 213 -35.97 12.86 -49.80
CA GLU J 213 -35.24 14.10 -50.04
C GLU J 213 -35.02 14.29 -51.54
N VAL J 214 -36.12 14.23 -52.29
CA VAL J 214 -36.07 14.45 -53.73
C VAL J 214 -35.29 15.70 -54.05
N SER J 215 -34.28 15.57 -54.92
CA SER J 215 -33.41 16.67 -55.28
C SER J 215 -33.33 16.94 -56.77
N LYS J 216 -33.93 16.11 -57.60
CA LYS J 216 -33.88 16.29 -59.05
C LYS J 216 -35.04 15.53 -59.67
N VAL J 217 -35.83 16.23 -60.48
CA VAL J 217 -37.03 15.66 -61.11
C VAL J 217 -36.80 15.72 -62.61
N PHE J 218 -36.31 14.63 -63.19
CA PHE J 218 -36.15 14.53 -64.63
C PHE J 218 -37.51 14.28 -65.28
N LEU J 219 -37.72 14.87 -66.45
CA LEU J 219 -38.96 14.69 -67.20
C LEU J 219 -38.59 14.18 -68.59
N THR J 220 -38.97 12.94 -68.88
CA THR J 220 -38.61 12.29 -70.13
C THR J 220 -39.81 12.29 -71.08
N LYS J 221 -39.61 12.85 -72.27
CA LYS J 221 -40.67 12.93 -73.27
C LYS J 221 -41.02 11.55 -73.80
N HIS J 222 -42.30 11.36 -74.14
CA HIS J 222 -42.73 10.16 -74.83
C HIS J 222 -42.26 10.18 -76.27
N TYR J 223 -42.21 9.00 -76.89
CA TYR J 223 -41.83 8.90 -78.29
C TYR J 223 -42.97 9.44 -79.15
N ARG J 224 -42.81 10.67 -79.63
CA ARG J 224 -43.82 11.34 -80.45
C ARG J 224 -45.16 11.46 -79.73
N ASN J 225 -45.12 11.51 -78.40
CA ASN J 225 -46.30 11.73 -77.56
C ASN J 225 -47.39 10.68 -77.84
N ARG J 226 -47.05 9.42 -77.58
CA ARG J 226 -48.01 8.34 -77.70
C ARG J 226 -48.87 8.28 -76.44
N ARG J 227 -49.65 7.20 -76.30
CA ARG J 227 -50.57 7.06 -75.19
C ARG J 227 -49.92 6.24 -74.08
N LEU J 228 -50.61 6.08 -72.95
CA LEU J 228 -50.12 5.27 -71.84
C LEU J 228 -50.37 3.78 -72.02
N ASN J 229 -51.45 3.41 -72.71
CA ASN J 229 -51.86 2.01 -72.83
C ASN J 229 -51.69 1.45 -74.22
N ASP J 230 -51.42 2.30 -75.22
CA ASP J 230 -51.29 1.82 -76.58
C ASP J 230 -50.09 0.88 -76.70
N PRO J 231 -50.16 -0.17 -77.52
CA PRO J 231 -49.07 -1.14 -77.66
C PRO J 231 -47.88 -0.63 -78.48
N GLU J 232 -47.48 0.61 -78.21
CA GLU J 232 -46.28 1.18 -78.83
C GLU J 232 -45.51 2.04 -77.84
N PHE J 233 -45.60 1.74 -76.55
CA PHE J 233 -45.04 2.60 -75.52
C PHE J 233 -43.51 2.59 -75.57
N VAL J 234 -42.93 3.75 -75.80
CA VAL J 234 -41.48 3.94 -75.78
C VAL J 234 -41.19 5.34 -75.25
N LEU J 235 -40.29 5.44 -74.28
CA LEU J 235 -39.82 6.74 -73.83
C LEU J 235 -38.86 7.34 -74.84
N ASP J 236 -39.00 8.63 -75.07
CA ASP J 236 -38.08 9.36 -75.95
C ASP J 236 -37.00 9.93 -75.03
N PHE J 237 -35.87 9.24 -74.96
CA PHE J 237 -34.79 9.60 -74.04
C PHE J 237 -33.94 10.75 -74.57
N GLU J 238 -34.16 11.21 -75.80
CA GLU J 238 -33.37 12.31 -76.33
C GLU J 238 -33.61 13.60 -75.55
N GLU J 239 -34.86 13.88 -75.20
CA GLU J 239 -35.22 15.12 -74.52
C GLU J 239 -35.57 14.81 -73.06
N ILE J 240 -34.76 15.32 -72.14
CA ILE J 240 -35.00 15.16 -70.71
C ILE J 240 -34.71 16.50 -70.04
N TYR J 241 -35.60 16.94 -69.16
CA TYR J 241 -35.48 18.23 -68.49
C TYR J 241 -35.29 18.01 -66.99
N VAL J 242 -34.32 18.70 -66.42
CA VAL J 242 -33.90 18.48 -65.04
C VAL J 242 -34.41 19.63 -64.19
N ILE J 243 -35.13 19.31 -63.13
CA ILE J 243 -35.59 20.29 -62.15
C ILE J 243 -34.71 20.14 -60.92
N ASP J 244 -33.83 21.11 -60.69
CA ASP J 244 -32.98 21.08 -59.51
C ASP J 244 -33.75 21.58 -58.29
N SER J 245 -33.17 21.34 -57.11
CA SER J 245 -33.81 21.75 -55.86
C SER J 245 -32.87 22.64 -55.05
N ARG J 246 -31.57 22.35 -55.11
CA ARG J 246 -30.60 23.16 -54.38
C ARG J 246 -30.58 24.59 -54.91
N THR J 247 -30.62 24.75 -56.23
CA THR J 247 -30.74 26.06 -56.88
C THR J 247 -31.88 25.94 -57.88
N LYS J 248 -33.03 26.55 -57.54
CA LYS J 248 -34.24 26.43 -58.34
C LYS J 248 -33.99 26.82 -59.80
N SER J 249 -34.04 25.84 -60.70
CA SER J 249 -33.75 26.05 -62.10
C SER J 249 -34.15 24.80 -62.88
N VAL J 250 -34.48 25.00 -64.16
CA VAL J 250 -34.82 23.92 -65.06
C VAL J 250 -33.80 23.90 -66.18
N THR J 251 -33.24 22.71 -66.46
CA THR J 251 -32.24 22.55 -67.50
C THR J 251 -32.60 21.34 -68.35
N ARG J 252 -32.26 21.42 -69.64
CA ARG J 252 -32.40 20.28 -70.54
C ARG J 252 -31.17 19.39 -70.42
N ALA J 253 -31.39 18.09 -70.41
CA ALA J 253 -30.30 17.14 -70.27
C ALA J 253 -29.46 17.11 -71.55
N ARG J 254 -28.29 16.49 -71.44
CA ARG J 254 -27.35 16.35 -72.56
C ARG J 254 -27.00 14.88 -72.76
N VAL J 255 -28.04 14.05 -72.84
CA VAL J 255 -27.91 12.61 -72.98
C VAL J 255 -26.97 12.25 -74.12
N LEU J 256 -26.25 11.14 -73.96
CA LEU J 256 -25.29 10.66 -74.94
C LEU J 256 -25.65 9.25 -75.36
N VAL J 257 -25.41 8.94 -76.63
CA VAL J 257 -25.76 7.65 -77.21
C VAL J 257 -24.49 7.00 -77.76
N THR J 258 -24.12 5.85 -77.18
CA THR J 258 -22.99 5.07 -77.66
C THR J 258 -23.42 3.91 -78.55
N VAL J 259 -24.71 3.76 -78.82
CA VAL J 259 -25.19 2.66 -79.65
C VAL J 259 -24.65 2.84 -81.07
N PRO J 260 -24.08 1.80 -81.70
CA PRO J 260 -23.55 1.97 -83.06
C PRO J 260 -24.61 2.30 -84.09
N GLU J 261 -25.89 1.99 -83.83
CA GLU J 261 -26.94 2.29 -84.79
C GLU J 261 -27.11 3.79 -84.98
N GLY J 262 -26.78 4.59 -83.97
CA GLY J 262 -26.85 6.04 -84.12
C GLY J 262 -28.28 6.53 -84.24
N ARG J 263 -28.49 7.43 -85.19
CA ARG J 263 -29.81 8.07 -85.34
C ARG J 263 -30.88 7.05 -85.73
N ASN J 264 -30.56 6.15 -86.65
CA ASN J 264 -31.51 5.12 -87.10
C ASN J 264 -31.34 3.89 -86.21
N ARG J 265 -32.34 3.61 -85.39
CA ARG J 265 -32.27 2.48 -84.47
C ARG J 265 -33.68 2.12 -84.03
N ASP J 266 -33.79 1.01 -83.31
CA ASP J 266 -35.04 0.59 -82.68
C ASP J 266 -35.13 1.24 -81.32
N ARG J 267 -36.21 1.97 -81.08
CA ARG J 267 -36.44 2.63 -79.80
C ARG J 267 -37.07 1.72 -78.77
N LYS J 268 -37.45 0.49 -79.15
CA LYS J 268 -38.06 -0.46 -78.21
C LYS J 268 -36.95 -1.11 -77.37
N GLY J 269 -36.37 -0.27 -76.51
CA GLY J 269 -35.33 -0.71 -75.60
C GLY J 269 -33.97 -0.14 -75.92
N ASP J 270 -33.61 0.94 -75.23
CA ASP J 270 -32.28 1.55 -75.29
C ASP J 270 -31.99 2.02 -73.86
N LEU J 271 -31.32 1.17 -73.10
CA LEU J 271 -31.15 1.42 -71.67
C LEU J 271 -30.40 2.72 -71.43
N LEU J 272 -30.94 3.53 -70.52
CA LEU J 272 -30.36 4.82 -70.18
C LEU J 272 -29.68 4.72 -68.82
N VAL J 273 -28.48 5.27 -68.73
CA VAL J 273 -27.68 5.23 -67.51
C VAL J 273 -27.50 6.65 -67.01
N ILE J 274 -27.90 6.89 -65.77
CA ILE J 274 -27.62 8.15 -65.09
C ILE J 274 -26.54 7.86 -64.06
N ARG J 275 -25.87 8.93 -63.62
CA ARG J 275 -24.65 8.79 -62.82
C ARG J 275 -24.60 9.94 -61.83
N ASP J 276 -23.40 10.22 -61.32
CA ASP J 276 -23.15 11.07 -60.17
C ASP J 276 -23.99 12.35 -60.16
N ASN J 277 -24.82 12.49 -59.13
CA ASN J 277 -25.55 13.72 -58.83
C ASN J 277 -26.40 14.19 -60.01
N GLY J 278 -26.88 13.25 -60.82
CA GLY J 278 -27.74 13.59 -61.93
C GLY J 278 -27.08 14.49 -62.96
N ASN J 279 -25.83 14.22 -63.30
CA ASN J 279 -25.09 15.02 -64.28
C ASN J 279 -24.81 14.22 -65.55
N SER J 280 -24.16 13.06 -65.43
CA SER J 280 -23.88 12.24 -66.59
C SER J 280 -25.15 11.60 -67.12
N PHE J 281 -25.18 11.37 -68.44
CA PHE J 281 -26.34 10.79 -69.09
C PHE J 281 -25.87 10.03 -70.32
N LYS J 282 -26.12 8.72 -70.33
CA LYS J 282 -25.72 7.87 -71.45
C LYS J 282 -26.87 6.94 -71.80
N ILE J 283 -26.91 6.52 -73.07
CA ILE J 283 -27.89 5.57 -73.57
C ILE J 283 -27.15 4.39 -74.16
N THR J 284 -27.52 3.18 -73.74
CA THR J 284 -26.84 1.96 -74.15
C THR J 284 -27.89 0.91 -74.49
N HIS J 285 -27.51 -0.02 -75.36
CA HIS J 285 -28.41 -1.11 -75.73
C HIS J 285 -28.78 -1.92 -74.49
N ALA J 286 -30.05 -2.32 -74.42
CA ALA J 286 -30.57 -2.98 -73.22
C ALA J 286 -29.95 -4.33 -72.95
N SER J 287 -29.23 -4.91 -73.92
CA SER J 287 -28.59 -6.20 -73.68
C SER J 287 -27.40 -6.05 -72.73
N LYS J 288 -26.64 -4.97 -72.88
CA LYS J 288 -25.45 -4.75 -72.05
C LYS J 288 -25.77 -3.92 -70.82
N ARG J 289 -26.74 -4.37 -70.02
CA ARG J 289 -27.05 -3.72 -68.76
C ARG J 289 -26.19 -4.30 -67.65
N ASP J 290 -25.66 -3.42 -66.81
CA ASP J 290 -24.74 -3.84 -65.76
C ASP J 290 -25.50 -4.49 -64.60
N ASP J 291 -24.90 -5.52 -64.02
CA ASP J 291 -25.50 -6.20 -62.88
C ASP J 291 -25.50 -5.30 -61.66
N PRO J 292 -26.44 -5.48 -60.74
CA PRO J 292 -26.44 -4.67 -59.51
C PRO J 292 -25.15 -4.80 -58.71
N THR J 293 -24.58 -6.01 -58.64
CA THR J 293 -23.36 -6.20 -57.86
C THR J 293 -22.16 -5.56 -58.53
N THR J 294 -22.11 -5.60 -59.87
CA THR J 294 -20.95 -5.07 -60.58
C THR J 294 -20.80 -3.57 -60.38
N VAL J 295 -21.92 -2.84 -60.42
CA VAL J 295 -21.88 -1.39 -60.22
C VAL J 295 -21.38 -1.06 -58.82
N ILE J 296 -21.89 -1.76 -57.81
CA ILE J 296 -21.47 -1.51 -56.44
C ILE J 296 -19.99 -1.86 -56.26
N GLU J 297 -19.58 -3.00 -56.80
CA GLU J 297 -18.19 -3.42 -56.69
C GLU J 297 -17.26 -2.51 -57.48
N ARG J 298 -17.77 -1.87 -58.54
CA ARG J 298 -16.93 -1.00 -59.36
C ARG J 298 -16.48 0.22 -58.59
N GLU J 299 -17.42 0.93 -57.96
CA GLU J 299 -17.06 2.14 -57.21
C GLU J 299 -16.27 1.79 -55.96
N GLU J 300 -16.58 0.67 -55.32
CA GLU J 300 -15.81 0.24 -54.16
C GLU J 300 -14.37 -0.02 -54.52
N TRP J 301 -14.13 -0.70 -55.65
CA TRP J 301 -12.76 -0.98 -56.08
C TRP J 301 -12.01 0.31 -56.40
N THR J 302 -12.65 1.23 -57.12
CA THR J 302 -11.97 2.46 -57.50
C THR J 302 -11.71 3.37 -56.31
N ARG J 303 -12.69 3.51 -55.41
CA ARG J 303 -12.55 4.45 -54.31
C ARG J 303 -11.59 3.93 -53.25
N THR J 304 -11.45 2.62 -53.11
CA THR J 304 -10.54 2.06 -52.11
C THR J 304 -9.14 1.83 -52.65
N ARG J 305 -8.96 1.83 -53.98
CA ARG J 305 -7.62 1.76 -54.54
C ARG J 305 -6.89 3.09 -54.41
N GLN J 306 -7.63 4.20 -54.41
CA GLN J 306 -7.03 5.49 -54.14
C GLN J 306 -6.60 5.62 -52.69
N ASP J 307 -7.44 5.17 -51.76
CA ASP J 307 -7.10 5.25 -50.35
C ASP J 307 -5.87 4.40 -50.02
N MET J 308 -5.79 3.20 -50.60
CA MET J 308 -4.63 2.36 -50.37
C MET J 308 -3.37 3.00 -50.95
N GLU J 309 -3.46 3.57 -52.14
CA GLU J 309 -2.32 4.25 -52.73
C GLU J 309 -1.95 5.49 -51.93
N ARG J 310 -2.95 6.24 -51.45
CA ARG J 310 -2.68 7.41 -50.63
C ARG J 310 -2.00 7.03 -49.32
N HIS J 311 -2.47 5.93 -48.70
CA HIS J 311 -1.86 5.48 -47.45
C HIS J 311 -0.42 5.02 -47.67
N LEU J 312 -0.16 4.32 -48.76
CA LEU J 312 1.18 3.81 -49.03
C LEU J 312 2.13 4.86 -49.58
N ARG J 313 1.62 6.04 -49.95
CA ARG J 313 2.48 7.06 -50.55
C ARG J 313 3.51 7.58 -49.57
N LYS J 314 3.21 7.53 -48.27
CA LYS J 314 4.12 8.09 -47.27
C LYS J 314 5.31 7.19 -46.97
N LEU J 315 5.33 5.96 -47.47
CA LEU J 315 6.47 5.08 -47.22
C LEU J 315 7.65 5.46 -48.10
N ARG J 316 8.86 5.22 -47.57
CA ARG J 316 10.07 5.63 -48.27
C ARG J 316 10.31 4.88 -49.57
N ASP J 317 9.71 3.69 -49.72
CA ASP J 317 9.94 2.85 -50.89
C ASP J 317 8.79 2.92 -51.89
N PHE J 318 7.95 3.96 -51.81
CA PHE J 318 6.79 4.04 -52.69
C PHE J 318 7.20 4.18 -54.15
N SER J 319 8.29 4.90 -54.42
CA SER J 319 8.73 5.05 -55.81
C SER J 319 9.12 3.72 -56.42
N ILE J 320 9.84 2.89 -55.68
CA ILE J 320 10.25 1.56 -56.14
C ILE J 320 9.28 0.56 -55.52
N SER J 321 8.18 0.29 -56.21
CA SER J 321 7.15 -0.60 -55.70
C SER J 321 6.33 -1.14 -56.87
N ASN J 322 5.26 -1.86 -56.56
CA ASN J 322 4.48 -2.55 -57.59
C ASN J 322 3.10 -2.87 -57.03
N TRP J 323 2.38 -3.75 -57.74
CA TRP J 323 1.36 -4.63 -57.19
C TRP J 323 0.00 -4.08 -56.81
N ILE J 324 -0.57 -3.18 -57.60
CA ILE J 324 -2.02 -2.97 -57.53
C ILE J 324 -2.54 -2.24 -58.77
N LYS K 56 81.00 49.26 38.37
CA LYS K 56 82.20 50.08 38.41
C LYS K 56 83.47 49.30 38.14
N PHE K 57 83.92 49.36 36.90
CA PHE K 57 85.15 48.68 36.51
C PHE K 57 86.17 49.71 36.06
N ASP K 58 87.41 49.54 36.48
CA ASP K 58 88.47 50.50 36.22
C ASP K 58 89.40 49.99 35.13
N LEU K 59 90.09 50.94 34.50
CA LEU K 59 91.08 50.65 33.45
C LEU K 59 92.46 50.62 34.10
N ASN K 60 92.87 49.43 34.53
CA ASN K 60 94.16 49.29 35.19
C ASN K 60 95.29 49.51 34.18
N PRO K 61 96.25 50.36 34.48
CA PRO K 61 97.36 50.60 33.55
C PRO K 61 98.25 49.38 33.44
N PRO K 62 99.00 49.25 32.35
CA PRO K 62 99.91 48.10 32.21
C PRO K 62 100.91 48.06 33.33
N PRO K 63 101.25 46.86 33.83
CA PRO K 63 102.18 46.72 34.96
C PRO K 63 103.65 46.90 34.56
N TYR K 64 103.93 47.92 33.75
CA TYR K 64 105.26 48.25 33.27
C TYR K 64 105.22 49.55 32.50
N PRO K 65 106.32 50.31 32.46
CA PRO K 65 106.35 51.51 31.61
C PRO K 65 106.30 51.12 30.13
N ILE K 66 105.54 51.91 29.36
CA ILE K 66 105.37 51.60 27.95
C ILE K 66 106.66 51.86 27.18
N ASP K 67 107.37 52.95 27.51
CA ASP K 67 108.57 53.30 26.77
C ASP K 67 109.66 52.24 26.94
N ALA K 68 109.84 51.74 28.15
CA ALA K 68 110.90 50.77 28.42
C ALA K 68 110.65 49.43 27.73
N LEU K 69 109.45 49.21 27.20
CA LEU K 69 109.11 47.99 26.46
C LEU K 69 109.06 48.28 24.97
N GLU K 70 110.01 49.07 24.47
CA GLU K 70 110.08 49.45 23.05
C GLU K 70 111.46 49.19 22.47
N PRO K 71 111.91 47.92 22.43
CA PRO K 71 113.01 47.59 21.53
C PRO K 71 112.50 47.21 20.15
N HIS K 72 111.30 46.63 20.11
CA HIS K 72 110.64 46.28 18.87
C HIS K 72 109.14 46.58 18.86
N MET K 73 108.56 46.92 20.00
CA MET K 73 107.11 47.15 20.12
C MET K 73 106.92 48.64 20.39
N SER K 74 106.38 49.34 19.40
CA SER K 74 106.33 50.80 19.45
C SER K 74 105.37 51.28 20.53
N LYS K 75 105.64 52.48 21.04
CA LYS K 75 104.79 53.07 22.07
C LYS K 75 103.40 53.39 21.53
N GLN K 76 103.30 53.72 20.24
CA GLN K 76 101.99 54.01 19.66
C GLN K 76 101.07 52.80 19.73
N THR K 77 101.62 51.60 19.64
CA THR K 77 100.80 50.40 19.83
C THR K 77 100.23 50.35 21.24
N PHE K 78 101.05 50.68 22.24
CA PHE K 78 100.55 50.73 23.62
C PHE K 78 99.48 51.79 23.78
N GLU K 79 99.67 52.95 23.15
CA GLU K 79 98.69 54.03 23.28
C GLU K 79 97.38 53.71 22.58
N TYR K 80 97.43 52.99 21.45
CA TYR K 80 96.25 52.76 20.65
C TYR K 80 95.49 51.50 21.07
N HIS K 81 96.17 50.38 21.25
CA HIS K 81 95.43 49.17 21.60
C HIS K 81 94.85 49.32 22.98
N TRP K 82 95.61 49.86 23.91
CA TRP K 82 95.08 50.16 25.24
C TRP K 82 94.96 51.67 25.38
N GLY K 83 93.76 52.13 25.74
CA GLY K 83 93.45 53.54 25.79
C GLY K 83 92.50 54.00 24.71
N LYS K 84 92.35 53.22 23.65
CA LYS K 84 91.34 53.46 22.62
C LYS K 84 90.43 52.26 22.43
N HIS K 85 90.95 51.04 22.52
CA HIS K 85 90.13 49.84 22.60
C HIS K 85 89.79 49.49 24.04
N HIS K 86 90.83 49.36 24.88
CA HIS K 86 90.61 49.02 26.28
C HIS K 86 89.78 50.08 26.99
N ARG K 87 90.09 51.37 26.75
CA ARG K 87 89.31 52.44 27.34
C ARG K 87 87.86 52.37 26.89
N ALA K 88 87.64 52.18 25.59
CA ALA K 88 86.28 52.06 25.08
C ALA K 88 85.59 50.83 25.66
N TYR K 89 86.29 49.71 25.76
CA TYR K 89 85.70 48.49 26.31
C TYR K 89 85.23 48.73 27.75
N VAL K 90 86.11 49.29 28.58
CA VAL K 90 85.77 49.49 29.99
C VAL K 90 84.64 50.50 30.12
N ASP K 91 84.71 51.62 29.38
CA ASP K 91 83.69 52.65 29.49
C ASP K 91 82.33 52.13 29.04
N ASN K 92 82.29 51.40 27.92
CA ASN K 92 81.02 50.84 27.45
C ASN K 92 80.49 49.79 28.42
N LEU K 93 81.38 48.97 28.99
CA LEU K 93 80.94 48.02 30.01
C LEU K 93 80.28 48.75 31.17
N ASN K 94 80.95 49.77 31.70
CA ASN K 94 80.42 50.52 32.82
C ASN K 94 79.07 51.12 32.48
N LYS K 95 78.96 51.74 31.30
CA LYS K 95 77.70 52.33 30.89
C LYS K 95 76.61 51.27 30.77
N GLN K 96 76.98 50.04 30.38
CA GLN K 96 76.00 48.96 30.36
C GLN K 96 75.55 48.59 31.76
N ILE K 97 76.46 48.60 32.74
CA ILE K 97 76.06 48.22 34.09
C ILE K 97 76.10 49.41 35.03
N VAL K 98 75.80 50.61 34.52
CA VAL K 98 75.59 51.75 35.42
C VAL K 98 74.42 51.46 36.36
N GLY K 99 73.32 50.95 35.81
CA GLY K 99 72.21 50.53 36.63
C GLY K 99 72.53 49.24 37.37
N THR K 100 71.57 48.78 38.15
CA THR K 100 71.75 47.56 38.93
C THR K 100 72.01 46.37 38.01
N GLU K 101 71.01 46.02 37.18
CA GLU K 101 71.12 44.92 36.22
C GLU K 101 71.54 43.61 36.87
N LEU K 102 71.36 43.49 38.18
CA LEU K 102 71.84 42.36 38.98
C LEU K 102 73.34 42.14 38.81
N ASP K 103 74.05 43.11 38.26
CA ASP K 103 75.48 43.00 37.97
C ASP K 103 76.20 44.27 38.41
N GLY K 104 75.91 44.74 39.62
CA GLY K 104 76.51 45.97 40.10
C GLY K 104 78.02 45.91 40.20
N LEU K 105 78.54 45.16 41.16
CA LEU K 105 79.98 44.95 41.32
C LEU K 105 80.28 43.48 41.55
N PRO K 106 80.09 42.64 40.53
CA PRO K 106 80.47 41.23 40.64
C PRO K 106 81.93 41.03 40.24
N LEU K 107 82.46 39.89 40.65
CA LEU K 107 83.82 39.51 40.32
C LEU K 107 83.85 38.83 38.95
N GLU K 108 85.04 38.85 38.33
CA GLU K 108 85.28 38.23 37.03
C GLU K 108 84.47 38.88 35.90
N GLU K 109 84.03 40.12 36.11
CA GLU K 109 83.32 40.90 35.09
C GLU K 109 82.13 40.13 34.53
N VAL K 110 81.38 39.48 35.42
CA VAL K 110 80.20 38.71 35.06
C VAL K 110 80.60 37.60 34.08
N VAL K 111 80.58 37.93 32.79
CA VAL K 111 81.05 37.05 31.70
C VAL K 111 80.21 35.77 31.65
N ARG K 112 80.29 34.95 32.70
CA ARG K 112 79.61 33.66 32.67
C ARG K 112 78.10 33.82 32.71
N ILE K 113 77.59 34.78 33.49
CA ILE K 113 76.15 34.98 33.58
C ILE K 113 75.61 35.54 32.27
N THR K 114 76.34 36.48 31.65
CA THR K 114 75.92 37.01 30.36
C THR K 114 75.90 35.93 29.30
N TYR K 115 76.90 35.06 29.29
CA TYR K 115 76.92 33.91 28.38
C TYR K 115 75.92 32.86 28.86
N ASN K 116 74.71 32.91 28.33
CA ASN K 116 73.64 32.01 28.77
C ASN K 116 73.63 30.73 27.94
N LYS K 117 74.76 30.02 27.98
CA LYS K 117 74.97 28.83 27.15
C LYS K 117 74.68 29.14 25.69
N GLY K 118 75.38 30.14 25.18
CA GLY K 118 74.99 30.78 23.93
C GLY K 118 74.07 31.94 24.22
N ASP K 119 73.48 32.47 23.15
CA ASP K 119 72.55 33.59 23.25
C ASP K 119 73.18 34.75 24.01
N MET K 120 74.43 35.07 23.63
CA MET K 120 75.24 36.02 24.39
C MET K 120 74.52 37.35 24.56
N LEU K 121 74.44 37.81 25.82
CA LEU K 121 73.85 39.09 26.12
C LEU K 121 74.79 40.22 25.70
N PRO K 122 74.26 41.43 25.50
CA PRO K 122 75.09 42.51 24.98
C PRO K 122 76.32 42.82 25.82
N ALA K 123 76.28 42.56 27.13
CA ALA K 123 77.41 42.87 27.98
C ALA K 123 78.57 41.89 27.81
N PHE K 124 78.32 40.72 27.22
CA PHE K 124 79.36 39.70 27.10
C PHE K 124 80.49 40.15 26.19
N ASN K 125 80.13 40.64 24.99
CA ASN K 125 81.15 41.00 24.00
C ASN K 125 82.09 42.08 24.52
N ASN K 126 81.68 42.84 25.53
CA ASN K 126 82.52 43.86 26.13
C ASN K 126 83.26 43.35 27.36
N ALA K 127 82.57 42.65 28.26
CA ALA K 127 83.21 42.17 29.49
C ALA K 127 84.29 41.14 29.18
N ALA K 128 83.99 40.18 28.31
CA ALA K 128 84.98 39.18 27.95
C ALA K 128 86.20 39.80 27.31
N GLN K 129 85.99 40.77 26.41
CA GLN K 129 87.11 41.41 25.74
C GLN K 129 87.95 42.23 26.72
N ALA K 130 87.30 42.93 27.66
CA ALA K 130 88.05 43.67 28.66
C ALA K 130 88.89 42.73 29.52
N TRP K 131 88.31 41.61 29.95
CA TRP K 131 89.07 40.63 30.71
C TRP K 131 90.24 40.09 29.90
N ASN K 132 90.01 39.82 28.62
CA ASN K 132 91.07 39.27 27.78
C ASN K 132 92.21 40.25 27.63
N HIS K 133 91.91 41.54 27.45
CA HIS K 133 92.96 42.54 27.35
C HIS K 133 93.72 42.67 28.67
N GLU K 134 93.01 42.63 29.80
CA GLU K 134 93.69 42.69 31.09
C GLU K 134 94.60 41.49 31.28
N PHE K 135 94.14 40.30 30.90
CA PHE K 135 94.97 39.10 31.00
C PHE K 135 96.19 39.19 30.10
N PHE K 136 96.00 39.71 28.88
CA PHE K 136 97.11 39.83 27.95
C PHE K 136 98.16 40.80 28.46
N TRP K 137 97.74 41.93 29.02
CA TRP K 137 98.70 42.91 29.51
C TRP K 137 99.54 42.36 30.66
N GLU K 138 98.92 41.58 31.55
CA GLU K 138 99.66 41.01 32.67
C GLU K 138 100.62 39.91 32.22
N SER K 139 100.34 39.28 31.08
CA SER K 139 101.16 38.19 30.57
C SER K 139 102.33 38.67 29.72
N MET K 140 102.77 39.91 29.91
CA MET K 140 103.89 40.47 29.16
C MET K 140 104.85 41.13 30.14
N LYS K 141 106.13 41.11 29.80
CA LYS K 141 107.18 41.66 30.66
C LYS K 141 108.18 42.43 29.81
N PRO K 142 108.80 43.47 30.37
CA PRO K 142 109.88 44.17 29.64
C PRO K 142 111.13 43.31 29.54
N GLY K 143 111.12 42.40 28.56
CA GLY K 143 112.16 41.40 28.44
C GLY K 143 111.58 40.04 28.79
N GLY K 144 111.21 39.26 27.78
CA GLY K 144 110.43 38.07 28.01
C GLY K 144 110.96 36.81 27.35
N GLY K 145 112.28 36.65 27.32
CA GLY K 145 112.85 35.45 26.75
C GLY K 145 112.84 34.29 27.74
N GLY K 146 113.94 33.55 27.81
CA GLY K 146 114.03 32.50 28.79
C GLY K 146 113.20 31.27 28.44
N LYS K 147 112.95 30.47 29.46
CA LYS K 147 112.27 29.19 29.32
C LYS K 147 111.54 28.90 30.61
N PRO K 148 110.61 27.92 30.61
CA PRO K 148 109.98 27.52 31.88
C PRO K 148 110.98 26.91 32.84
N SER K 149 110.53 26.56 34.04
CA SER K 149 111.42 26.02 35.05
C SER K 149 110.63 25.15 36.02
N GLY K 150 111.20 24.01 36.37
CA GLY K 150 110.63 23.13 37.38
C GLY K 150 109.32 22.49 36.98
N GLU K 151 108.25 22.87 37.68
CA GLU K 151 106.94 22.25 37.45
C GLU K 151 106.42 22.54 36.05
N LEU K 152 106.58 23.78 35.58
CA LEU K 152 106.11 24.15 34.26
C LEU K 152 106.81 23.33 33.18
N LEU K 153 108.14 23.22 33.27
CA LEU K 153 108.88 22.44 32.28
C LEU K 153 108.48 20.97 32.34
N ALA K 154 108.28 20.43 33.55
CA ALA K 154 107.89 19.04 33.68
C ALA K 154 106.53 18.79 33.04
N GLN K 155 105.56 19.67 33.29
CA GLN K 155 104.24 19.51 32.70
C GLN K 155 104.28 19.66 31.19
N ILE K 156 105.06 20.63 30.70
CA ILE K 156 105.18 20.83 29.26
C ILE K 156 105.79 19.60 28.59
N GLU K 157 106.84 19.04 29.19
CA GLU K 157 107.45 17.84 28.64
C GLU K 157 106.49 16.65 28.69
N LYS K 158 105.72 16.53 29.77
CA LYS K 158 104.76 15.44 29.87
C LYS K 158 103.69 15.54 28.79
N ASP K 159 103.19 16.75 28.53
CA ASP K 159 102.09 16.92 27.59
C ASP K 159 102.57 17.18 26.17
N PHE K 160 103.30 18.28 25.96
CA PHE K 160 103.65 18.73 24.61
C PHE K 160 105.06 18.27 24.22
N GLY K 161 105.30 16.97 24.31
CA GLY K 161 106.56 16.42 23.87
C GLY K 161 107.76 17.04 24.56
N SER K 162 108.48 17.88 23.85
CA SER K 162 109.53 18.72 24.43
C SER K 162 109.16 20.18 24.20
N PHE K 163 109.82 21.06 24.97
CA PHE K 163 109.54 22.50 24.83
C PHE K 163 109.92 23.03 23.46
N GLU K 164 110.79 22.31 22.73
CA GLU K 164 111.08 22.69 21.36
C GLU K 164 109.89 22.48 20.43
N ALA K 165 108.92 21.68 20.85
CA ALA K 165 107.72 21.43 20.05
C ALA K 165 106.50 22.22 20.51
N PHE K 166 106.40 22.52 21.81
CA PHE K 166 105.25 23.28 22.29
C PHE K 166 105.24 24.68 21.69
N THR K 167 106.40 25.33 21.60
CA THR K 167 106.43 26.67 21.03
C THR K 167 106.01 26.66 19.56
N THR K 168 106.42 25.64 18.81
CA THR K 168 105.98 25.52 17.42
C THR K 168 104.48 25.28 17.35
N GLU K 169 103.95 24.42 18.21
CA GLU K 169 102.53 24.14 18.21
C GLU K 169 101.73 25.39 18.54
N PHE K 170 102.17 26.17 19.52
CA PHE K 170 101.46 27.39 19.89
C PHE K 170 101.57 28.45 18.79
N LYS K 171 102.74 28.54 18.15
CA LYS K 171 102.89 29.47 17.04
C LYS K 171 101.95 29.13 15.90
N THR K 172 101.84 27.84 15.57
CA THR K 172 100.92 27.44 14.51
C THR K 172 99.47 27.64 14.93
N ALA K 173 99.15 27.41 16.20
CA ALA K 173 97.79 27.63 16.68
C ALA K 173 97.40 29.10 16.58
N ALA K 174 98.32 30.00 16.93
CA ALA K 174 98.04 31.42 16.84
C ALA K 174 98.26 31.99 15.45
N ALA K 175 98.80 31.20 14.52
CA ALA K 175 99.09 31.67 13.18
C ALA K 175 98.02 31.31 12.16
N THR K 176 97.27 30.23 12.38
CA THR K 176 96.23 29.77 11.46
C THR K 176 94.84 30.00 12.03
N GLN K 177 94.65 31.12 12.72
CA GLN K 177 93.33 31.55 13.17
C GLN K 177 92.81 32.59 12.19
N PHE K 178 91.65 32.34 11.60
CA PHE K 178 91.11 33.21 10.57
C PHE K 178 90.16 34.22 11.20
N GLY K 179 90.43 35.50 10.95
CA GLY K 179 89.66 36.57 11.54
C GLY K 179 90.46 37.30 12.60
N SER K 180 89.81 37.63 13.71
CA SER K 180 90.48 38.28 14.84
C SER K 180 90.04 37.58 16.11
N GLY K 181 90.96 36.85 16.75
CA GLY K 181 90.64 36.11 17.94
C GLY K 181 91.71 36.12 19.00
N TRP K 182 91.86 34.99 19.68
CA TRP K 182 92.82 34.86 20.77
C TRP K 182 93.40 33.45 20.76
N ALA K 183 94.64 33.33 21.23
CA ALA K 183 95.27 32.03 21.45
C ALA K 183 95.52 31.85 22.94
N TRP K 184 95.32 30.64 23.43
CA TRP K 184 95.47 30.37 24.86
C TRP K 184 96.17 29.04 25.08
N LEU K 185 97.03 29.02 26.09
CA LEU K 185 97.42 27.80 26.78
C LEU K 185 96.61 27.73 28.07
N VAL K 186 95.84 26.65 28.22
CA VAL K 186 94.87 26.53 29.31
C VAL K 186 95.03 25.17 29.97
N TYR K 187 94.48 25.07 31.17
CA TYR K 187 94.57 23.89 32.02
C TYR K 187 93.26 23.11 31.92
N LYS K 188 93.37 21.81 31.64
CA LYS K 188 92.18 20.98 31.46
C LYS K 188 91.40 20.86 32.76
N ALA K 189 90.13 20.50 32.63
CA ALA K 189 89.25 20.36 33.78
C ALA K 189 88.23 19.26 33.49
N ASN K 190 87.19 19.20 34.31
CA ASN K 190 86.18 18.14 34.24
C ASN K 190 84.85 18.74 34.69
N LYS K 191 83.89 17.87 35.02
CA LYS K 191 82.58 18.27 35.53
C LYS K 191 81.80 19.10 34.51
N LEU K 192 81.46 18.46 33.39
CA LEU K 192 80.75 19.14 32.31
C LEU K 192 79.38 19.63 32.74
N ASP K 193 78.45 18.71 33.00
CA ASP K 193 77.06 19.03 33.31
C ASP K 193 76.24 17.77 33.63
N VAL K 194 74.96 17.97 33.95
CA VAL K 194 74.06 16.90 34.36
C VAL K 194 73.95 15.84 33.27
N GLY K 195 73.53 14.64 33.62
CA GLY K 195 73.40 13.57 32.66
C GLY K 195 74.81 13.07 32.52
N ASN K 196 75.11 11.91 33.07
CA ASN K 196 76.50 11.49 33.03
C ASN K 196 76.63 10.02 32.96
N ALA K 197 77.86 9.58 33.07
CA ALA K 197 78.15 8.19 33.42
C ALA K 197 79.13 8.11 34.62
N VAL K 198 80.07 7.15 34.64
CA VAL K 198 81.10 7.11 35.69
C VAL K 198 81.92 8.35 35.61
N ASN K 199 81.32 9.46 35.22
CA ASN K 199 82.01 10.72 35.00
C ASN K 199 83.10 11.03 36.04
N PRO K 200 82.90 10.76 37.35
CA PRO K 200 84.04 10.76 38.27
C PRO K 200 85.25 9.98 37.75
N LYS K 201 85.04 9.12 36.73
CA LYS K 201 86.05 8.43 35.93
C LYS K 201 87.18 7.88 36.79
N PRO K 202 86.81 6.82 37.54
CA PRO K 202 87.84 6.22 38.32
C PRO K 202 88.87 5.84 37.35
N SER K 203 89.90 6.65 37.25
CA SER K 203 90.96 6.29 36.39
C SER K 203 92.21 6.89 36.95
N GLU K 204 92.61 8.03 36.41
CA GLU K 204 93.86 8.58 36.87
C GLU K 204 94.00 10.05 36.64
N ASP K 205 95.13 10.57 37.07
CA ASP K 205 95.41 11.95 36.91
C ASP K 205 95.35 12.37 35.49
N ASP K 206 94.25 13.00 35.02
CA ASP K 206 94.37 13.42 33.63
C ASP K 206 94.92 14.83 33.54
N LYS K 207 94.15 15.84 33.95
CA LYS K 207 94.61 17.20 34.25
C LYS K 207 95.76 17.67 33.36
N LYS K 208 95.53 17.70 32.06
CA LYS K 208 96.56 18.05 31.10
C LYS K 208 96.53 19.55 30.78
N LEU K 209 97.50 19.98 29.97
CA LEU K 209 97.58 21.33 29.45
C LEU K 209 97.28 21.29 27.95
N VAL K 210 96.45 22.22 27.47
CA VAL K 210 96.02 22.20 26.07
C VAL K 210 96.08 23.60 25.49
N VAL K 211 96.39 23.67 24.19
CA VAL K 211 96.41 24.92 23.43
C VAL K 211 95.11 25.03 22.67
N VAL K 212 94.39 26.14 22.85
CA VAL K 212 93.10 26.34 22.24
C VAL K 212 93.00 27.77 21.71
N LYS K 213 92.41 27.92 20.53
CA LYS K 213 92.19 29.23 19.92
C LYS K 213 90.71 29.53 19.91
N SER K 214 90.36 30.80 20.13
CA SER K 214 88.97 31.20 20.19
C SER K 214 88.74 32.41 19.29
N PRO K 215 87.56 32.50 18.69
CA PRO K 215 87.25 33.65 17.82
C PRO K 215 86.56 34.78 18.56
N ASN K 216 87.00 36.00 18.27
CA ASN K 216 86.40 37.23 18.79
C ASN K 216 86.52 37.25 20.30
N ALA K 217 85.42 37.35 21.06
CA ALA K 217 85.47 37.50 22.50
C ALA K 217 85.23 36.19 23.24
N VAL K 218 85.18 35.06 22.54
CA VAL K 218 84.94 33.78 23.18
C VAL K 218 86.10 33.45 24.11
N ASN K 219 85.78 32.96 25.31
CA ASN K 219 86.75 32.85 26.39
C ASN K 219 86.91 31.42 26.86
N PRO K 220 88.07 31.08 27.43
CA PRO K 220 88.30 29.68 27.85
C PRO K 220 87.42 29.21 28.99
N LEU K 221 87.29 30.00 30.06
CA LEU K 221 86.53 29.52 31.22
C LEU K 221 85.06 29.36 30.92
N VAL K 222 84.58 29.86 29.78
CA VAL K 222 83.16 29.76 29.45
C VAL K 222 82.71 28.32 29.49
N TRP K 223 83.47 27.42 28.86
CA TRP K 223 83.06 26.01 28.87
C TRP K 223 83.54 25.29 30.12
N ASP K 224 84.86 25.07 30.24
CA ASP K 224 85.42 24.42 31.41
C ASP K 224 86.78 24.96 31.87
N TYR K 225 87.54 25.62 31.01
CA TYR K 225 89.00 25.60 31.12
C TYR K 225 89.53 26.71 32.03
N TYR K 226 90.82 26.63 32.32
CA TYR K 226 91.52 27.61 33.16
C TYR K 226 92.67 28.22 32.38
N PRO K 227 92.57 29.48 31.96
CA PRO K 227 93.65 30.08 31.16
C PRO K 227 94.91 30.27 31.98
N ILE K 228 96.05 29.93 31.37
CA ILE K 228 97.35 30.23 31.97
C ILE K 228 98.23 31.08 31.07
N LEU K 229 97.94 31.19 29.77
CA LEU K 229 98.69 32.08 28.90
C LEU K 229 97.80 32.47 27.73
N THR K 230 97.94 33.71 27.27
CA THR K 230 97.18 34.20 26.13
C THR K 230 98.06 35.02 25.22
N VAL K 231 97.65 35.06 23.95
CA VAL K 231 98.25 35.91 22.92
C VAL K 231 97.12 36.51 22.10
N ASP K 232 97.15 37.84 21.95
CA ASP K 232 96.19 38.54 21.12
C ASP K 232 96.64 38.49 19.66
N VAL K 233 95.73 38.08 18.78
CA VAL K 233 96.00 38.02 17.34
C VAL K 233 95.07 38.92 16.55
N TRP K 234 94.38 39.84 17.21
CA TRP K 234 93.59 40.83 16.49
C TRP K 234 94.51 41.71 15.65
N GLU K 235 93.97 42.18 14.51
CA GLU K 235 94.80 42.92 13.56
C GLU K 235 95.37 44.20 14.15
N HIS K 236 94.76 44.74 15.20
CA HIS K 236 95.24 45.98 15.79
C HIS K 236 96.41 45.77 16.75
N ALA K 237 96.74 44.52 17.09
CA ALA K 237 97.81 44.25 18.02
C ALA K 237 99.18 44.17 17.34
N TYR K 238 99.23 44.07 16.01
CA TYR K 238 100.50 43.95 15.31
C TYR K 238 100.58 44.77 14.03
N TYR K 239 99.52 45.50 13.66
CA TYR K 239 99.52 46.19 12.37
C TYR K 239 100.57 47.28 12.31
N LEU K 240 100.72 48.08 13.37
CA LEU K 240 101.67 49.18 13.35
C LEU K 240 103.09 48.67 13.20
N ASP K 241 103.43 47.58 13.88
CA ASP K 241 104.79 47.06 13.86
C ASP K 241 105.03 46.01 12.78
N PHE K 242 103.98 45.34 12.30
CA PHE K 242 104.19 44.22 11.37
C PHE K 242 103.20 44.22 10.22
N GLN K 243 102.47 45.31 9.99
CA GLN K 243 101.53 45.40 8.88
C GLN K 243 100.56 44.23 8.89
N ASN K 244 100.85 43.20 8.08
CA ASN K 244 99.93 42.08 7.91
C ASN K 244 100.67 40.75 7.89
N ARG K 245 101.67 40.59 8.75
CA ARG K 245 102.39 39.32 8.88
C ARG K 245 102.32 38.87 10.34
N ARG K 246 101.37 37.98 10.63
CA ARG K 246 101.27 37.40 11.97
C ARG K 246 102.49 36.59 12.37
N PRO K 247 103.05 35.69 11.53
CA PRO K 247 104.12 34.81 12.02
C PRO K 247 105.31 35.53 12.62
N ASP K 248 105.73 36.66 12.03
CA ASP K 248 106.84 37.41 12.60
C ASP K 248 106.51 37.91 14.00
N TYR K 249 105.30 38.48 14.16
CA TYR K 249 104.86 38.97 15.45
C TYR K 249 104.86 37.85 16.48
N LEU K 250 104.27 36.70 16.14
CA LEU K 250 104.23 35.58 17.07
C LEU K 250 105.64 35.08 17.39
N SER K 251 106.50 34.97 16.39
CA SER K 251 107.83 34.42 16.59
C SER K 251 108.64 35.28 17.54
N ILE K 252 108.65 36.60 17.32
CA ILE K 252 109.47 37.44 18.19
C ILE K 252 108.78 37.71 19.53
N PHE K 253 107.45 37.63 19.60
CA PHE K 253 106.77 37.68 20.87
C PHE K 253 107.16 36.49 21.75
N MET K 254 107.20 35.29 21.17
CA MET K 254 107.67 34.13 21.91
C MET K 254 109.18 34.20 22.14
N GLU K 255 109.90 34.89 21.26
CA GLU K 255 111.34 35.07 21.43
C GLU K 255 111.60 35.83 22.72
N ASN K 256 111.19 37.09 22.80
CA ASN K 256 111.25 37.77 24.11
C ASN K 256 110.15 38.83 24.18
N LEU K 257 108.97 38.42 24.65
CA LEU K 257 108.00 39.39 25.15
C LEU K 257 107.13 38.86 26.30
N VAL K 258 107.34 37.64 26.78
CA VAL K 258 106.40 36.97 27.67
C VAL K 258 107.07 36.62 28.99
N SER K 259 106.35 36.78 30.08
CA SER K 259 106.84 36.51 31.42
C SER K 259 106.39 35.11 31.85
N TRP K 260 107.35 34.21 32.05
CA TRP K 260 107.03 32.85 32.46
C TRP K 260 106.62 32.76 33.93
N ASP K 261 107.00 33.73 34.75
CA ASP K 261 106.60 33.71 36.16
C ASP K 261 105.09 33.88 36.31
N ALA K 262 104.49 34.73 35.48
CA ALA K 262 103.03 34.87 35.51
C ALA K 262 102.36 33.57 35.09
N VAL K 263 102.91 32.89 34.08
CA VAL K 263 102.36 31.61 33.67
C VAL K 263 102.47 30.60 34.81
N ASN K 264 103.60 30.58 35.51
CA ASN K 264 103.77 29.68 36.65
C ASN K 264 102.76 29.99 37.75
N ALA K 265 102.56 31.27 38.04
CA ALA K 265 101.60 31.65 39.07
C ALA K 265 100.19 31.22 38.71
N ARG K 266 99.80 31.44 37.45
CA ARG K 266 98.48 31.00 36.99
C ARG K 266 98.35 29.49 37.06
N TYR K 267 99.42 28.78 36.71
CA TYR K 267 99.40 27.32 36.76
C TYR K 267 99.21 26.82 38.19
N GLU K 268 99.95 27.40 39.14
CA GLU K 268 99.80 26.99 40.53
C GLU K 268 98.40 27.33 41.06
N ALA K 269 97.87 28.50 40.69
CA ALA K 269 96.52 28.86 41.11
C ALA K 269 95.51 27.88 40.55
N ALA K 270 95.67 27.48 39.28
CA ALA K 270 94.76 26.51 38.68
C ALA K 270 94.83 25.17 39.39
N LYS K 271 96.04 24.71 39.71
CA LYS K 271 96.18 23.43 40.41
C LYS K 271 95.54 23.50 41.80
N ALA K 272 95.76 24.60 42.52
CA ALA K 272 95.15 24.75 43.84
C ALA K 272 93.63 24.79 43.75
N PHE K 273 93.10 25.50 42.76
CA PHE K 273 91.65 25.55 42.59
C PHE K 273 91.09 24.18 42.23
N ALA K 274 91.82 23.42 41.40
CA ALA K 274 91.40 22.06 41.07
C ALA K 274 91.34 21.18 42.32
N THR K 275 92.38 21.27 43.16
CA THR K 275 92.36 20.51 44.41
C THR K 275 91.19 20.93 45.29
N GLU K 276 90.87 22.22 45.29
CA GLU K 276 89.71 22.69 46.04
C GLU K 276 88.41 22.10 45.49
N ARG K 277 88.30 21.99 44.17
CA ARG K 277 87.12 21.36 43.57
C ARG K 277 87.04 19.89 43.97
N GLU K 278 88.17 19.18 43.98
CA GLU K 278 88.17 17.76 44.27
C GLU K 278 87.82 17.45 45.72
N GLU K 279 87.79 18.44 46.60
CA GLU K 279 87.43 18.22 48.00
C GLU K 279 86.09 18.86 48.33
N TYR L 59 93.17 29.88 -13.03
CA TYR L 59 94.01 30.27 -11.91
C TYR L 59 93.62 31.64 -11.37
N TYR L 60 92.77 32.34 -12.11
CA TYR L 60 92.15 33.60 -11.66
C TYR L 60 93.20 34.64 -11.28
N GLY L 61 93.99 35.03 -12.28
CA GLY L 61 94.98 36.09 -12.08
C GLY L 61 94.39 37.36 -11.51
N LEU L 62 95.23 38.21 -10.92
CA LEU L 62 94.73 39.39 -10.22
C LEU L 62 93.96 40.31 -11.16
N LYS L 63 92.78 40.74 -10.70
CA LYS L 63 91.99 41.74 -11.40
C LYS L 63 92.35 43.12 -10.85
N LYS L 64 92.92 43.97 -11.70
CA LYS L 64 93.35 45.27 -11.25
C LYS L 64 92.16 46.14 -10.87
N PRO L 65 92.27 46.96 -9.83
CA PRO L 65 91.22 47.94 -9.56
C PRO L 65 91.13 48.93 -10.69
N PRO L 66 89.94 49.52 -10.92
CA PRO L 66 89.74 50.35 -12.10
C PRO L 66 90.39 51.72 -12.01
N TYR L 67 91.26 51.92 -11.03
CA TYR L 67 91.94 53.19 -10.85
C TYR L 67 93.36 52.93 -10.34
N ASN L 68 94.21 53.93 -10.49
CA ASN L 68 95.57 53.83 -9.99
C ASN L 68 95.59 53.84 -8.48
N LEU L 69 96.73 53.40 -7.91
CA LEU L 69 96.84 53.24 -6.46
C LEU L 69 96.85 54.57 -5.72
N ASP L 70 97.00 55.70 -6.42
CA ASP L 70 97.00 57.01 -5.79
C ASP L 70 95.76 57.83 -6.14
N ALA L 71 94.74 57.20 -6.73
CA ALA L 71 93.54 57.93 -7.14
C ALA L 71 92.79 58.49 -5.93
N LEU L 72 92.69 57.71 -4.85
CA LEU L 72 91.92 58.09 -3.68
C LEU L 72 92.80 58.59 -2.54
N GLU L 73 93.93 59.21 -2.87
CA GLU L 73 94.90 59.63 -1.85
C GLU L 73 94.32 60.52 -0.76
N PRO L 74 93.48 61.53 -1.03
CA PRO L 74 92.92 62.33 0.06
C PRO L 74 92.03 61.53 1.01
N TYR L 75 91.52 60.38 0.58
CA TYR L 75 90.64 59.58 1.41
C TYR L 75 91.20 58.20 1.77
N MET L 76 91.91 57.55 0.84
CA MET L 76 92.56 56.28 1.10
C MET L 76 94.01 56.36 0.64
N SER L 77 94.94 56.23 1.59
CA SER L 77 96.35 56.48 1.30
C SER L 77 96.89 55.50 0.27
N GLN L 78 97.92 55.94 -0.45
CA GLN L 78 98.55 55.10 -1.47
C GLN L 78 99.18 53.86 -0.84
N LYS L 79 99.79 54.00 0.34
CA LYS L 79 100.35 52.85 1.02
C LYS L 79 99.26 51.87 1.44
N THR L 80 98.09 52.39 1.81
CA THR L 80 96.98 51.51 2.15
C THR L 80 96.54 50.67 0.94
N LEU L 81 96.47 51.29 -0.24
CA LEU L 81 96.14 50.54 -1.44
C LEU L 81 97.24 49.54 -1.78
N GLU L 82 98.50 49.92 -1.58
CA GLU L 82 99.61 49.02 -1.88
C GLU L 82 99.61 47.81 -0.96
N SER L 83 99.24 47.98 0.31
CA SER L 83 99.23 46.87 1.24
C SER L 83 97.97 46.02 1.10
N HIS L 84 96.81 46.65 0.92
CA HIS L 84 95.56 45.90 0.82
C HIS L 84 95.54 45.02 -0.42
N TRP L 85 95.98 45.55 -1.56
CA TRP L 85 95.91 44.84 -2.83
C TRP L 85 97.22 44.16 -3.20
N GLY L 86 98.35 44.82 -2.99
CA GLY L 86 99.62 44.24 -3.38
C GLY L 86 99.99 43.01 -2.58
N VAL L 87 99.66 43.00 -1.29
CA VAL L 87 100.07 41.94 -0.38
C VAL L 87 98.90 41.06 0.03
N GLN L 88 97.88 41.63 0.66
CA GLN L 88 96.80 40.83 1.24
C GLN L 88 96.02 40.08 0.18
N HIS L 89 95.43 40.80 -0.78
CA HIS L 89 94.65 40.16 -1.82
C HIS L 89 95.50 39.19 -2.63
N ARG L 90 96.73 39.58 -2.95
CA ARG L 90 97.63 38.69 -3.68
C ARG L 90 97.95 37.44 -2.87
N ASN L 91 98.11 37.58 -1.56
CA ASN L 91 98.38 36.41 -0.72
C ASN L 91 97.18 35.48 -0.70
N TYR L 92 95.96 36.02 -0.58
CA TYR L 92 94.77 35.18 -0.62
C TYR L 92 94.68 34.45 -1.95
N LEU L 93 94.95 35.15 -3.05
CA LEU L 93 94.85 34.52 -4.36
C LEU L 93 95.94 33.47 -4.55
N GLU L 94 97.15 33.73 -4.04
CA GLU L 94 98.22 32.74 -4.14
C GLU L 94 97.89 31.48 -3.36
N ALA L 95 97.31 31.63 -2.15
CA ALA L 95 96.88 30.47 -1.40
C ALA L 95 95.78 29.71 -2.14
N LEU L 96 94.83 30.45 -2.74
CA LEU L 96 93.79 29.79 -3.53
C LEU L 96 94.40 29.06 -4.72
N ASN L 97 95.43 29.62 -5.33
CA ASN L 97 96.08 28.98 -6.48
C ASN L 97 96.78 27.69 -6.06
N ARG L 98 97.51 27.72 -4.95
CA ARG L 98 98.15 26.51 -4.44
C ARG L 98 97.09 25.45 -4.13
N HIS L 99 95.97 25.87 -3.56
CA HIS L 99 94.91 24.91 -3.23
C HIS L 99 94.23 24.36 -4.48
N LEU L 100 94.12 25.19 -5.52
CA LEU L 100 93.49 24.76 -6.76
C LEU L 100 94.39 23.83 -7.57
N SER L 101 95.72 23.95 -7.38
CA SER L 101 96.63 23.10 -8.13
C SER L 101 96.39 21.62 -7.83
N ARG L 102 96.21 21.28 -6.55
CA ARG L 102 96.02 19.90 -6.15
C ARG L 102 94.73 19.30 -6.70
N SER L 103 93.59 19.85 -6.28
CA SER L 103 92.29 19.31 -6.67
C SER L 103 91.97 19.69 -8.11
N ASP L 104 91.38 18.73 -8.84
CA ASP L 104 90.95 18.97 -10.21
C ASP L 104 89.44 19.02 -10.36
N THR L 105 88.68 18.60 -9.35
CA THR L 105 87.24 18.81 -9.37
C THR L 105 86.85 20.21 -8.91
N LEU L 106 87.78 20.93 -8.28
CA LEU L 106 87.56 22.33 -7.91
C LEU L 106 88.12 23.30 -8.93
N TYR L 107 88.98 22.84 -9.84
CA TYR L 107 89.43 23.67 -10.95
C TYR L 107 88.38 23.80 -12.04
N GLY L 108 87.43 22.87 -12.10
CA GLY L 108 86.38 22.93 -13.09
C GLY L 108 85.14 23.65 -12.58
N HIS L 109 85.31 24.41 -11.51
CA HIS L 109 84.23 25.16 -10.88
C HIS L 109 84.42 26.65 -11.14
N THR L 110 83.32 27.33 -11.47
CA THR L 110 83.35 28.78 -11.59
C THR L 110 83.70 29.40 -10.23
N MET L 111 84.02 30.69 -10.28
CA MET L 111 84.35 31.40 -9.04
C MET L 111 83.15 31.39 -8.08
N ASP L 112 81.96 31.68 -8.60
CA ASP L 112 80.77 31.61 -7.77
C ASP L 112 80.48 30.19 -7.31
N GLU L 113 80.63 29.22 -8.20
CA GLU L 113 80.43 27.82 -7.81
C GLU L 113 81.47 27.38 -6.79
N LEU L 114 82.73 27.80 -6.96
CA LEU L 114 83.77 27.47 -6.00
C LEU L 114 83.43 28.05 -4.63
N VAL L 115 82.99 29.31 -4.60
CA VAL L 115 82.62 29.94 -3.33
C VAL L 115 81.44 29.22 -2.69
N LYS L 116 80.44 28.86 -3.50
CA LYS L 116 79.22 28.25 -2.96
C LYS L 116 79.40 26.79 -2.59
N VAL L 117 80.40 26.11 -3.13
CA VAL L 117 80.62 24.69 -2.86
C VAL L 117 81.65 24.48 -1.75
N THR L 118 82.77 25.20 -1.80
CA THR L 118 83.75 25.08 -0.73
C THR L 118 83.19 25.52 0.61
N TYR L 119 82.16 26.36 0.60
CA TYR L 119 81.34 26.60 1.78
C TYR L 119 80.18 25.60 1.75
N ASN L 120 80.25 24.59 2.60
CA ASN L 120 79.22 23.57 2.65
C ASN L 120 77.95 24.18 3.25
N TYR L 121 76.94 23.36 3.51
CA TYR L 121 75.72 23.87 4.09
C TYR L 121 75.95 24.18 5.57
N GLY L 122 76.91 25.07 5.85
CA GLY L 122 77.26 25.46 7.20
C GLY L 122 78.61 24.98 7.69
N ASN L 123 79.31 24.14 6.92
CA ASN L 123 80.56 23.51 7.37
C ASN L 123 81.66 23.74 6.33
N PRO L 124 82.32 24.89 6.38
CA PRO L 124 83.31 25.23 5.35
C PRO L 124 84.44 24.20 5.26
N LEU L 125 84.86 23.94 4.03
CA LEU L 125 86.02 23.10 3.75
C LEU L 125 87.28 23.93 3.98
N PRO L 126 88.47 23.31 3.87
CA PRO L 126 89.70 24.12 3.93
C PRO L 126 89.95 24.85 2.62
N GLU L 127 88.91 25.48 2.10
CA GLU L 127 88.98 26.29 0.88
C GLU L 127 88.13 27.55 0.95
N PHE L 128 87.12 27.61 1.82
CA PHE L 128 86.15 28.70 1.77
C PHE L 128 86.78 30.05 2.07
N ASN L 129 87.70 30.10 3.02
CA ASN L 129 88.27 31.38 3.45
C ASN L 129 88.94 32.09 2.29
N ASP L 130 89.86 31.41 1.60
CA ASP L 130 90.66 32.07 0.56
C ASP L 130 89.79 32.47 -0.63
N ALA L 131 88.95 31.55 -1.10
CA ALA L 131 88.11 31.85 -2.27
C ALA L 131 87.13 32.97 -1.96
N ALA L 132 86.47 32.91 -0.80
CA ALA L 132 85.53 33.95 -0.43
C ALA L 132 86.23 35.29 -0.24
N GLN L 133 87.44 35.28 0.32
CA GLN L 133 88.19 36.52 0.46
C GLN L 133 88.53 37.11 -0.89
N VAL L 134 88.95 36.27 -1.84
CA VAL L 134 89.29 36.76 -3.17
C VAL L 134 88.06 37.38 -3.84
N TRP L 135 86.92 36.69 -3.76
CA TRP L 135 85.70 37.22 -4.36
C TRP L 135 85.28 38.53 -3.68
N ASN L 136 85.33 38.58 -2.35
CA ASN L 136 84.93 39.77 -1.63
C ASN L 136 85.83 40.94 -1.97
N HIS L 137 87.13 40.71 -2.11
CA HIS L 137 88.04 41.80 -2.43
C HIS L 137 87.88 42.26 -3.87
N ASP L 138 87.57 41.34 -4.80
CA ASP L 138 87.21 41.77 -6.15
C ASP L 138 86.00 42.70 -6.12
N PHE L 139 84.97 42.29 -5.38
CA PHE L 139 83.77 43.12 -5.26
C PHE L 139 84.10 44.47 -4.63
N PHE L 140 84.93 44.47 -3.59
CA PHE L 140 85.29 45.70 -2.88
C PHE L 140 86.04 46.66 -3.80
N TRP L 141 87.00 46.15 -4.56
CA TRP L 141 87.73 47.01 -5.49
C TRP L 141 86.81 47.55 -6.57
N GLU L 142 85.89 46.73 -7.08
CA GLU L 142 84.98 47.23 -8.10
C GLU L 142 83.87 48.09 -7.53
N SER L 143 83.77 48.23 -6.20
CA SER L 143 82.72 49.02 -5.57
C SER L 143 83.20 50.42 -5.16
N MET L 144 84.10 51.02 -5.93
CA MET L 144 84.55 52.39 -5.69
C MET L 144 84.75 53.10 -7.02
N GLN L 145 85.04 54.40 -6.93
CA GLN L 145 85.37 55.22 -8.09
C GLN L 145 86.06 56.48 -7.60
N PRO L 146 87.01 57.01 -8.35
CA PRO L 146 87.74 58.21 -7.89
C PRO L 146 86.82 59.43 -7.83
N GLY L 147 86.78 60.06 -6.66
CA GLY L 147 85.97 61.26 -6.49
C GLY L 147 84.49 61.05 -6.68
N GLY L 148 83.98 59.89 -6.29
CA GLY L 148 82.58 59.57 -6.42
C GLY L 148 81.80 59.83 -5.14
N GLY L 149 80.63 59.21 -5.06
CA GLY L 149 79.80 59.35 -3.88
C GLY L 149 78.60 60.25 -4.09
N GLU L 150 78.26 61.02 -3.05
CA GLU L 150 77.13 61.95 -3.09
C GLU L 150 75.82 61.24 -3.37
N SER L 151 74.85 61.97 -3.91
CA SER L 151 73.54 61.41 -4.17
C SER L 151 73.59 60.38 -5.30
N PRO L 152 72.66 59.42 -5.31
CA PRO L 152 72.65 58.41 -6.39
C PRO L 152 72.10 58.98 -7.69
N THR L 153 71.92 58.10 -8.66
CA THR L 153 71.42 58.46 -9.98
C THR L 153 70.04 57.81 -10.20
N LEU L 154 69.54 57.91 -11.43
CA LEU L 154 68.25 57.33 -11.76
C LEU L 154 68.28 55.81 -11.60
N GLY L 155 67.09 55.23 -11.52
CA GLY L 155 66.97 53.79 -11.38
C GLY L 155 67.18 53.30 -9.96
N LEU L 156 68.38 53.48 -9.43
CA LEU L 156 68.67 53.03 -8.08
C LEU L 156 67.93 53.87 -7.04
N LEU L 157 67.79 55.17 -7.29
CA LEU L 157 67.19 56.06 -6.29
C LEU L 157 65.73 55.68 -6.02
N GLN L 158 64.96 55.38 -7.06
CA GLN L 158 63.58 54.99 -6.85
C GLN L 158 63.47 53.71 -6.05
N GLN L 159 64.33 52.72 -6.34
CA GLN L 159 64.30 51.47 -5.57
C GLN L 159 64.65 51.72 -4.11
N ILE L 160 65.67 52.53 -3.85
CA ILE L 160 66.06 52.81 -2.48
C ILE L 160 64.94 53.54 -1.73
N GLU L 161 64.32 54.52 -2.38
CA GLU L 161 63.25 55.26 -1.75
C GLU L 161 62.03 54.37 -1.49
N LYS L 162 61.71 53.49 -2.43
CA LYS L 162 60.57 52.59 -2.23
C LYS L 162 60.84 51.60 -1.11
N ASP L 163 62.06 51.07 -1.01
CA ASP L 163 62.32 50.01 -0.06
C ASP L 163 62.84 50.52 1.28
N PHE L 164 63.43 51.70 1.32
CA PHE L 164 63.96 52.27 2.55
C PHE L 164 63.23 53.53 3.00
N GLY L 165 62.91 54.44 2.08
CA GLY L 165 62.17 55.63 2.42
C GLY L 165 62.80 56.91 1.90
N SER L 166 64.12 56.98 1.90
CA SER L 166 64.87 58.14 1.42
C SER L 166 66.36 57.82 1.51
N PHE L 167 67.16 58.61 0.79
CA PHE L 167 68.61 58.45 0.88
C PHE L 167 69.12 58.63 2.30
N PRO L 168 68.75 59.66 3.06
CA PRO L 168 69.24 59.76 4.44
C PRO L 168 68.86 58.55 5.29
N ASN L 169 67.69 57.97 5.07
CA ASN L 169 67.31 56.76 5.79
C ASN L 169 68.27 55.62 5.47
N PHE L 170 68.60 55.44 4.19
CA PHE L 170 69.56 54.41 3.81
C PHE L 170 70.92 54.67 4.43
N LYS L 171 71.35 55.94 4.43
CA LYS L 171 72.66 56.27 4.99
C LYS L 171 72.70 55.96 6.47
N GLU L 172 71.66 56.34 7.20
CA GLU L 172 71.63 56.06 8.64
C GLU L 172 71.60 54.55 8.91
N LYS L 173 70.78 53.82 8.16
CA LYS L 173 70.71 52.37 8.37
C LYS L 173 72.04 51.69 8.04
N PHE L 174 72.69 52.12 6.95
CA PHE L 174 73.98 51.56 6.58
C PHE L 174 75.04 51.85 7.64
N ILE L 175 75.09 53.08 8.13
CA ILE L 175 76.05 53.42 9.17
C ILE L 175 75.79 52.61 10.43
N GLU L 176 74.51 52.49 10.82
CA GLU L 176 74.19 51.75 12.04
C GLU L 176 74.56 50.28 11.91
N ALA L 177 74.21 49.66 10.77
CA ALA L 177 74.53 48.25 10.56
C ALA L 177 76.02 48.02 10.40
N ALA L 178 76.78 49.03 9.97
CA ALA L 178 78.23 48.91 9.99
C ALA L 178 78.80 49.03 11.38
N MET L 179 78.16 49.83 12.24
CA MET L 179 78.66 50.04 13.59
C MET L 179 78.39 48.85 14.51
N THR L 180 77.35 48.07 14.23
CA THR L 180 76.98 46.94 15.08
C THR L 180 77.68 45.65 14.70
N LEU L 181 78.85 45.73 14.05
CA LEU L 181 79.65 44.55 13.74
C LEU L 181 80.79 44.44 14.74
N PHE L 182 80.96 43.24 15.29
CA PHE L 182 82.05 42.95 16.22
C PHE L 182 83.07 42.06 15.53
N GLY L 183 84.34 42.41 15.68
CA GLY L 183 85.42 41.64 15.11
C GLY L 183 85.76 42.02 13.68
N SER L 184 85.98 41.03 12.83
CA SER L 184 86.33 41.24 11.44
C SER L 184 85.21 40.73 10.55
N GLY L 185 84.77 41.56 9.62
CA GLY L 185 83.69 41.18 8.74
C GLY L 185 83.46 42.21 7.67
N TRP L 186 82.31 42.09 7.01
CA TRP L 186 81.91 42.98 5.93
C TRP L 186 80.47 43.43 6.13
N VAL L 187 80.15 44.59 5.57
CA VAL L 187 78.76 45.04 5.52
C VAL L 187 78.35 45.14 4.07
N TRP L 188 77.06 44.91 3.80
CA TRP L 188 76.61 44.79 2.43
C TRP L 188 75.26 45.47 2.26
N LEU L 189 75.02 45.96 1.05
CA LEU L 189 73.70 46.39 0.60
C LEU L 189 73.37 45.50 -0.59
N VAL L 190 72.42 44.58 -0.41
CA VAL L 190 72.16 43.52 -1.36
C VAL L 190 70.68 43.47 -1.70
N LEU L 191 70.38 42.89 -2.86
CA LEU L 191 69.02 42.54 -3.21
C LEU L 191 68.63 41.23 -2.50
N LYS L 192 67.36 40.88 -2.61
CA LYS L 192 66.84 39.69 -1.96
C LYS L 192 65.81 39.03 -2.86
N ARG L 193 66.11 37.82 -3.32
CA ARG L 193 65.18 37.09 -4.17
C ARG L 193 63.97 36.63 -3.36
N LYS L 194 62.90 36.30 -4.08
CA LYS L 194 61.65 35.79 -3.52
C LYS L 194 60.92 36.87 -2.72
N GLU L 195 61.52 38.05 -2.62
CA GLU L 195 60.85 39.22 -2.06
C GLU L 195 61.17 40.52 -2.77
N LYS L 196 62.24 40.58 -3.57
CA LYS L 196 62.54 41.71 -4.45
C LYS L 196 62.56 43.03 -3.67
N GLN L 197 63.50 43.11 -2.73
CA GLN L 197 63.60 44.26 -1.84
C GLN L 197 65.06 44.48 -1.47
N LEU L 198 65.53 45.70 -1.64
CA LEU L 198 66.89 46.04 -1.21
C LEU L 198 66.98 45.98 0.31
N ALA L 199 68.10 45.45 0.82
CA ALA L 199 68.27 45.30 2.25
C ALA L 199 69.74 45.45 2.61
N VAL L 200 69.98 46.02 3.78
CA VAL L 200 71.32 46.13 4.35
C VAL L 200 71.56 44.91 5.24
N VAL L 201 72.67 44.21 5.00
CA VAL L 201 72.98 42.96 5.68
C VAL L 201 74.42 43.02 6.18
N LYS L 202 74.73 42.11 7.09
CA LYS L 202 76.03 42.06 7.74
C LYS L 202 76.57 40.64 7.67
N THR L 203 77.88 40.50 7.51
CA THR L 203 78.51 39.19 7.50
C THR L 203 79.82 39.25 8.27
N SER L 204 80.20 38.11 8.85
CA SER L 204 81.40 38.02 9.66
C SER L 204 82.48 37.24 8.94
N ASN L 205 83.73 37.58 9.24
CA ASN L 205 84.91 36.92 8.66
C ASN L 205 84.89 36.99 7.15
N ALA L 206 84.63 35.87 6.48
CA ALA L 206 84.67 35.79 5.03
C ALA L 206 83.35 35.30 4.44
N VAL L 207 82.26 35.44 5.17
CA VAL L 207 80.95 35.01 4.66
C VAL L 207 80.42 36.05 3.69
N THR L 208 79.82 35.58 2.60
CA THR L 208 79.23 36.44 1.58
C THR L 208 77.72 36.24 1.52
N PRO L 209 76.96 37.27 1.12
CA PRO L 209 75.51 37.10 0.98
C PRO L 209 75.11 36.24 -0.22
N ILE L 210 76.07 35.83 -1.05
CA ILE L 210 75.78 34.97 -2.19
C ILE L 210 75.29 33.61 -1.72
N LEU L 211 75.79 33.13 -0.58
CA LEU L 211 75.55 31.75 -0.15
C LEU L 211 74.09 31.44 0.11
N TRP L 212 73.23 32.45 0.24
CA TRP L 212 71.80 32.24 0.40
C TRP L 212 71.01 33.03 -0.65
N ASP L 213 71.47 32.95 -1.90
CA ASP L 213 70.70 33.43 -3.06
C ASP L 213 70.38 34.92 -2.96
N ASP L 214 71.36 35.71 -2.56
CA ASP L 214 71.23 37.16 -2.55
C ASP L 214 72.30 37.76 -3.45
N ILE L 215 71.90 38.70 -4.30
CA ILE L 215 72.81 39.35 -5.23
C ILE L 215 73.41 40.56 -4.53
N PRO L 216 74.72 40.57 -4.27
CA PRO L 216 75.32 41.76 -3.65
C PRO L 216 75.37 42.92 -4.64
N ILE L 217 75.13 44.12 -4.14
CA ILE L 217 75.15 45.33 -4.93
C ILE L 217 76.25 46.28 -4.46
N ILE L 218 76.36 46.49 -3.15
CA ILE L 218 77.42 47.29 -2.57
C ILE L 218 78.03 46.50 -1.41
N CYS L 219 79.36 46.50 -1.34
CA CYS L 219 80.05 45.83 -0.24
C CYS L 219 81.08 46.78 0.36
N LEU L 220 81.23 46.71 1.68
CA LEU L 220 82.18 47.53 2.41
C LEU L 220 82.99 46.66 3.35
N ASP L 221 84.32 46.81 3.28
CA ASP L 221 85.25 46.07 4.11
C ASP L 221 85.28 46.67 5.51
N LEU L 222 85.02 45.83 6.51
CA LEU L 222 85.07 46.25 7.90
C LEU L 222 86.18 45.56 8.67
N TRP L 223 87.02 44.78 8.00
CA TRP L 223 88.19 44.19 8.64
C TRP L 223 89.14 45.28 9.11
N GLU L 224 89.84 45.01 10.22
CA GLU L 224 90.78 45.98 10.76
C GLU L 224 91.99 46.18 9.87
N HIS L 225 92.23 45.29 8.91
CA HIS L 225 93.36 45.45 8.01
C HIS L 225 93.12 46.49 6.92
N ALA L 226 91.90 47.01 6.82
CA ALA L 226 91.59 48.06 5.85
C ALA L 226 91.86 49.45 6.43
N TYR L 227 91.24 49.76 7.57
CA TYR L 227 91.33 51.09 8.17
C TYR L 227 92.25 51.05 9.39
N TYR L 228 93.55 50.94 9.14
CA TYR L 228 94.53 51.13 10.22
C TYR L 228 95.72 51.98 9.84
N LEU L 229 95.98 52.26 8.57
CA LEU L 229 97.13 53.07 8.20
C LEU L 229 96.85 54.56 8.35
N ASP L 230 95.59 54.96 8.25
CA ASP L 230 95.22 56.37 8.34
C ASP L 230 94.16 56.68 9.38
N TYR L 231 93.30 55.73 9.74
CA TYR L 231 92.20 56.00 10.66
C TYR L 231 92.36 55.30 12.01
N LYS L 232 93.37 54.43 12.16
CA LYS L 232 93.67 53.76 13.43
C LYS L 232 92.47 53.00 13.98
N ASN L 233 91.86 53.51 15.05
CA ASN L 233 90.91 52.71 15.81
C ASN L 233 89.54 53.36 15.92
N ASP L 234 89.01 53.86 14.80
CA ASP L 234 87.65 54.38 14.77
C ASP L 234 87.05 54.10 13.40
N ARG L 235 85.85 53.53 13.40
CA ARG L 235 85.16 53.21 12.15
C ARG L 235 84.22 54.32 11.70
N ALA L 236 83.96 55.31 12.56
CA ALA L 236 83.07 56.41 12.17
C ALA L 236 83.63 57.17 10.98
N GLU L 237 84.89 57.61 11.09
CA GLU L 237 85.53 58.35 10.00
C GLU L 237 85.60 57.49 8.75
N TYR L 238 85.98 56.21 8.89
CA TYR L 238 86.17 55.35 7.73
C TYR L 238 84.85 55.14 6.98
N VAL L 239 83.79 54.79 7.69
CA VAL L 239 82.51 54.52 7.03
C VAL L 239 81.91 55.81 6.49
N ASN L 240 82.06 56.93 7.22
CA ASN L 240 81.56 58.20 6.71
C ASN L 240 82.29 58.60 5.42
N VAL L 241 83.61 58.42 5.38
CA VAL L 241 84.37 58.73 4.18
C VAL L 241 83.95 57.83 3.03
N PHE L 242 83.74 56.54 3.31
CA PHE L 242 83.33 55.61 2.26
C PHE L 242 81.98 56.01 1.68
N MET L 243 81.03 56.34 2.54
CA MET L 243 79.69 56.69 2.06
C MET L 243 79.64 58.08 1.44
N ASN L 244 80.58 58.96 1.77
CA ASN L 244 80.57 60.31 1.22
C ASN L 244 81.32 60.39 -0.11
N HIS L 245 82.60 60.02 -0.12
CA HIS L 245 83.45 60.26 -1.28
C HIS L 245 84.16 59.02 -1.80
N LEU L 246 83.63 57.82 -1.52
CA LEU L 246 84.27 56.60 -1.99
C LEU L 246 83.32 55.60 -2.63
N VAL L 247 82.01 55.66 -2.36
CA VAL L 247 81.08 54.76 -3.00
C VAL L 247 80.98 55.08 -4.49
N SER L 248 80.60 54.09 -5.29
CA SER L 248 80.45 54.24 -6.73
C SER L 248 79.01 53.92 -7.08
N TRP L 249 78.15 54.94 -7.08
CA TRP L 249 76.77 54.74 -7.49
C TRP L 249 76.67 54.26 -8.94
N HIS L 250 77.67 54.54 -9.76
CA HIS L 250 77.71 53.94 -11.10
C HIS L 250 77.87 52.43 -11.02
N ALA L 251 78.78 51.95 -10.16
CA ALA L 251 78.97 50.51 -10.00
C ALA L 251 77.73 49.86 -9.42
N ALA L 252 77.11 50.48 -8.42
CA ALA L 252 75.90 49.92 -7.85
C ALA L 252 74.76 49.91 -8.88
N THR L 253 74.67 50.96 -9.70
CA THR L 253 73.65 50.99 -10.73
C THR L 253 73.88 49.89 -11.76
N ALA L 254 75.13 49.68 -12.16
CA ALA L 254 75.44 48.61 -13.10
C ALA L 254 75.11 47.24 -12.51
N ARG L 255 75.45 47.03 -11.25
CA ARG L 255 75.17 45.75 -10.61
C ARG L 255 73.67 45.52 -10.47
N LEU L 256 72.92 46.56 -10.14
CA LEU L 256 71.46 46.41 -10.08
C LEU L 256 70.88 46.12 -11.46
N ALA L 257 71.41 46.77 -12.49
CA ALA L 257 70.94 46.50 -13.86
C ALA L 257 71.23 45.05 -14.24
N ARG L 258 72.41 44.55 -13.89
CA ARG L 258 72.72 43.14 -14.19
C ARG L 258 71.83 42.20 -13.39
N ALA L 259 71.61 42.51 -12.11
CA ALA L 259 70.75 41.68 -11.27
C ALA L 259 69.30 41.70 -11.74
N GLN L 260 68.88 42.74 -12.47
CA GLN L 260 67.54 42.77 -13.03
C GLN L 260 67.30 41.60 -13.98
N ALA L 261 68.36 40.99 -14.51
CA ALA L 261 68.19 39.81 -15.36
C ALA L 261 67.64 38.64 -14.56
N PHE L 262 68.11 38.45 -13.32
CA PHE L 262 67.69 37.33 -12.51
C PHE L 262 66.55 37.65 -11.55
N VAL L 263 66.32 38.93 -11.23
CA VAL L 263 65.23 39.34 -10.37
C VAL L 263 64.45 40.42 -11.09
N ASN L 264 63.12 40.28 -11.12
CA ASN L 264 62.24 41.21 -11.82
C ASN L 264 61.62 42.16 -10.80
N LEU L 265 62.05 43.42 -10.84
CA LEU L 265 61.48 44.46 -9.99
C LEU L 265 60.51 45.27 -10.82
N GLY L 266 59.30 44.74 -10.97
CA GLY L 266 58.28 45.39 -11.78
C GLY L 266 56.95 44.68 -11.62
N GLU L 267 55.97 45.17 -12.37
CA GLU L 267 54.63 44.63 -12.31
C GLU L 267 54.22 44.08 -13.69
N PRO L 268 53.53 42.94 -13.72
CA PRO L 268 53.20 42.33 -15.01
C PRO L 268 52.17 43.13 -15.78
N LYS L 269 52.22 42.99 -17.11
CA LYS L 269 51.27 43.64 -18.00
C LYS L 269 50.06 42.74 -18.15
N ILE L 270 49.09 42.90 -17.25
CA ILE L 270 47.91 42.06 -17.22
C ILE L 270 46.95 42.50 -18.33
N PRO L 271 46.52 41.60 -19.22
CA PRO L 271 45.59 42.00 -20.28
C PRO L 271 44.25 42.42 -19.71
N VAL L 272 43.59 43.34 -20.42
CA VAL L 272 42.28 43.81 -20.01
C VAL L 272 41.25 42.70 -20.16
N ALA L 273 41.36 41.90 -21.23
CA ALA L 273 40.45 40.79 -21.51
C ALA L 273 38.99 41.26 -21.63
N GLU M 74 37.70 41.81 -4.60
CA GLU M 74 37.56 43.23 -4.89
C GLU M 74 37.02 43.40 -6.30
N THR M 75 37.22 44.58 -6.89
CA THR M 75 36.73 44.86 -8.23
C THR M 75 37.53 44.08 -9.27
N GLU M 76 37.05 44.12 -10.50
CA GLU M 76 37.70 43.39 -11.59
C GLU M 76 38.88 44.17 -12.16
N GLU M 77 39.77 44.64 -11.29
CA GLU M 77 41.04 45.23 -11.73
C GLU M 77 42.16 44.69 -10.85
N GLU M 78 41.82 44.34 -9.61
CA GLU M 78 42.74 43.67 -8.69
C GLU M 78 42.43 42.19 -8.56
N ALA M 79 41.14 41.83 -8.60
CA ALA M 79 40.78 40.41 -8.59
C ALA M 79 41.27 39.71 -9.84
N ARG M 80 41.18 40.37 -11.00
CA ARG M 80 41.79 39.83 -12.21
C ARG M 80 43.31 39.77 -12.07
N LYS M 81 43.89 40.79 -11.44
CA LYS M 81 45.34 40.78 -11.18
C LYS M 81 45.72 39.59 -10.32
N ARG M 82 44.87 39.21 -9.36
CA ARG M 82 45.17 38.09 -8.48
C ARG M 82 45.29 36.78 -9.26
N ASN M 83 44.41 36.57 -10.24
CA ASN M 83 44.45 35.33 -11.01
C ASN M 83 45.74 35.21 -11.81
N TRP M 84 46.23 36.32 -12.36
CA TRP M 84 47.45 36.27 -13.17
C TRP M 84 48.68 36.02 -12.30
N VAL M 85 48.90 36.87 -11.29
CA VAL M 85 50.15 36.80 -10.53
C VAL M 85 50.23 35.53 -9.71
N GLU M 86 49.11 35.05 -9.16
CA GLU M 86 49.13 33.92 -8.25
C GLU M 86 48.75 32.61 -8.93
N ARG M 87 47.58 32.54 -9.53
CA ARG M 87 47.05 31.31 -10.09
C ARG M 87 47.44 31.10 -11.55
N GLY M 88 48.24 31.99 -12.12
CA GLY M 88 48.76 31.77 -13.45
C GLY M 88 47.77 31.91 -14.58
N TRP M 89 46.70 32.68 -14.38
CA TRP M 89 45.72 32.87 -15.44
C TRP M 89 46.31 33.64 -16.61
N ALA M 90 45.83 33.32 -17.81
CA ALA M 90 46.24 34.02 -19.02
C ALA M 90 45.21 33.77 -20.11
N PRO M 91 44.75 34.80 -20.81
CA PRO M 91 43.70 34.61 -21.84
C PRO M 91 44.27 34.06 -23.14
N TRP M 92 44.65 32.78 -23.10
CA TRP M 92 45.10 32.10 -24.30
C TRP M 92 43.94 32.01 -25.31
N GLU M 93 44.24 32.31 -26.57
CA GLU M 93 43.19 32.35 -27.58
C GLU M 93 42.78 30.93 -27.96
N GLU M 94 41.48 30.74 -28.18
CA GLU M 94 40.92 29.45 -28.54
C GLU M 94 40.54 29.44 -30.01
N ILE M 95 40.93 28.39 -30.72
CA ILE M 95 40.66 28.26 -32.15
C ILE M 95 39.36 27.46 -32.26
N LEU M 96 38.24 28.18 -32.29
CA LEU M 96 36.94 27.54 -32.34
C LEU M 96 36.54 27.21 -33.78
N SER M 97 36.01 26.01 -33.96
CA SER M 97 35.46 25.62 -35.25
C SER M 97 34.21 26.42 -35.54
N PRO M 98 33.84 26.58 -36.81
CA PRO M 98 32.66 27.39 -37.13
C PRO M 98 31.38 26.87 -36.49
N GLU M 99 31.30 25.58 -36.20
CA GLU M 99 30.14 25.06 -35.47
C GLU M 99 30.18 25.47 -34.01
N ALA M 100 31.37 25.49 -33.41
CA ALA M 100 31.51 25.95 -32.04
C ALA M 100 31.57 27.46 -31.94
N ASP M 101 31.98 28.15 -33.00
CA ASP M 101 31.98 29.61 -33.00
C ASP M 101 30.56 30.16 -32.93
N PHE M 102 29.62 29.53 -33.65
CA PHE M 102 28.25 29.99 -33.64
C PHE M 102 27.60 29.82 -32.28
N ALA M 103 28.01 28.80 -31.53
CA ALA M 103 27.39 28.55 -30.22
C ALA M 103 27.66 29.69 -29.25
N ARG M 104 28.90 30.20 -29.24
CA ARG M 104 29.24 31.24 -28.28
C ARG M 104 28.64 32.59 -28.65
N LYS M 105 28.43 32.84 -29.94
CA LYS M 105 27.92 34.13 -30.41
C LYS M 105 26.41 34.14 -30.59
N SER M 106 25.72 33.06 -30.23
CA SER M 106 24.27 33.01 -30.35
C SER M 106 23.56 32.60 -29.07
N LEU M 107 24.28 32.30 -28.00
CA LEU M 107 23.67 31.96 -26.73
C LEU M 107 23.47 33.16 -25.83
N ASN M 108 24.00 34.33 -26.21
CA ASN M 108 23.83 35.51 -25.38
C ASN M 108 22.41 36.06 -25.47
N GLU M 109 21.81 36.02 -26.67
CA GLU M 109 20.51 36.63 -26.89
C GLU M 109 19.43 35.95 -26.06
N GLY M 110 19.19 34.67 -26.30
CA GLY M 110 18.14 33.97 -25.58
C GLY M 110 18.05 32.53 -26.04
N GLU M 111 17.04 31.85 -25.51
CA GLU M 111 16.83 30.43 -25.82
C GLU M 111 16.52 30.24 -27.30
N GLU M 112 15.40 30.77 -27.77
CA GLU M 112 14.98 30.66 -29.17
C GLU M 112 14.40 32.02 -29.57
N VAL M 113 15.26 32.90 -30.08
CA VAL M 113 14.85 34.24 -30.49
C VAL M 113 15.45 34.53 -31.85
N ALA M 114 14.85 35.51 -32.53
CA ALA M 114 15.37 35.94 -33.82
C ALA M 114 16.77 36.53 -33.65
N LEU M 115 17.68 36.11 -34.52
CA LEU M 115 19.08 36.53 -34.44
C LEU M 115 19.24 37.80 -35.27
N LYS M 116 19.26 38.95 -34.61
CA LYS M 116 19.46 40.23 -35.26
C LYS M 116 20.80 40.88 -34.92
N ASN M 117 21.55 40.32 -33.99
CA ASN M 117 22.81 40.91 -33.58
C ASN M 117 23.85 40.75 -34.69
N PRO M 118 24.51 41.84 -35.09
CA PRO M 118 25.60 41.71 -36.07
C PRO M 118 26.76 40.91 -35.49
N ASP M 119 27.53 40.29 -36.38
CA ASP M 119 28.66 39.43 -36.08
C ASP M 119 28.19 38.10 -35.51
N THR M 120 26.87 37.98 -35.30
CA THR M 120 26.23 36.70 -35.01
C THR M 120 25.58 36.11 -36.24
N ILE M 121 24.97 36.95 -37.09
CA ILE M 121 24.48 36.49 -38.39
C ILE M 121 25.64 35.97 -39.22
N GLU M 122 26.81 36.62 -39.12
CA GLU M 122 27.99 36.13 -39.83
C GLU M 122 28.35 34.73 -39.38
N ALA M 123 28.32 34.47 -38.08
CA ALA M 123 28.61 33.13 -37.57
C ALA M 123 27.59 32.12 -38.08
N PHE M 124 26.31 32.50 -38.08
CA PHE M 124 25.28 31.63 -38.65
C PHE M 124 25.49 31.46 -40.15
N LYS M 125 25.84 32.53 -40.85
CA LYS M 125 26.04 32.47 -42.29
C LYS M 125 27.32 31.74 -42.67
N MET M 126 28.30 31.66 -41.76
CA MET M 126 29.58 31.02 -42.04
C MET M 126 29.55 29.51 -41.85
N LEU M 127 28.43 28.96 -41.36
CA LEU M 127 28.34 27.50 -41.23
C LEU M 127 28.34 26.80 -42.58
N LYS M 128 28.07 27.52 -43.67
CA LYS M 128 28.12 26.93 -45.00
C LYS M 128 29.52 27.09 -45.56
N PRO M 129 30.22 26.01 -45.90
CA PRO M 129 31.59 26.15 -46.44
C PRO M 129 31.64 26.96 -47.73
N SER M 130 30.61 26.86 -48.57
CA SER M 130 30.59 27.64 -49.80
C SER M 130 30.58 29.14 -49.52
N TYR M 131 30.01 29.55 -48.39
CA TYR M 131 30.06 30.96 -48.01
C TYR M 131 31.43 31.36 -47.51
N ARG M 132 32.13 30.45 -46.82
CA ARG M 132 33.51 30.74 -46.41
C ARG M 132 34.40 30.93 -47.63
N LYS M 133 34.20 30.11 -48.66
CA LYS M 133 34.94 30.31 -49.91
C LYS M 133 34.65 31.68 -50.51
N LYS M 134 33.38 32.08 -50.52
CA LYS M 134 33.04 33.40 -51.03
C LYS M 134 33.69 34.50 -50.21
N LYS M 135 33.69 34.36 -48.88
CA LYS M 135 34.27 35.38 -48.02
C LYS M 135 35.77 35.52 -48.26
N MET M 136 36.49 34.40 -48.39
CA MET M 136 37.94 34.48 -48.53
C MET M 136 38.33 34.97 -49.92
N GLU M 137 37.66 34.49 -50.98
CA GLU M 137 38.01 34.93 -52.33
C GLU M 137 37.68 36.40 -52.54
N GLU M 138 36.60 36.88 -51.94
CA GLU M 138 36.27 38.30 -52.04
C GLU M 138 37.27 39.17 -51.29
N MET M 139 37.93 38.62 -50.27
CA MET M 139 39.08 39.27 -49.64
C MET M 139 40.41 38.87 -50.24
N GLY M 140 40.47 37.75 -50.95
CA GLY M 140 41.71 37.29 -51.54
C GLY M 140 42.42 36.23 -50.70
N LEU M 141 43.73 36.38 -50.54
CA LEU M 141 44.52 35.52 -49.66
C LEU M 141 44.57 34.07 -50.14
N THR M 142 43.87 33.77 -51.24
CA THR M 142 43.78 32.42 -51.79
C THR M 142 43.41 31.40 -50.72
N GLU M 143 43.77 30.15 -50.95
CA GLU M 143 43.67 29.11 -49.92
C GLU M 143 45.04 28.87 -49.29
N ASP M 144 45.04 28.09 -48.22
CA ASP M 144 46.20 27.76 -47.39
C ASP M 144 46.69 28.97 -46.60
N GLU M 145 46.08 30.14 -46.79
CA GLU M 145 46.34 31.31 -45.97
C GLU M 145 45.11 31.77 -45.19
N TYR M 146 43.91 31.53 -45.73
CA TYR M 146 42.69 31.75 -44.96
C TYR M 146 42.60 30.80 -43.77
N TYR M 147 43.25 29.65 -43.85
CA TYR M 147 43.31 28.74 -42.70
C TYR M 147 44.29 29.23 -41.65
N ALA M 148 45.39 29.84 -42.07
CA ALA M 148 46.46 30.22 -41.15
C ALA M 148 46.23 31.58 -40.50
N ARG M 149 45.19 32.32 -40.88
CA ARG M 149 44.93 33.62 -40.29
C ARG M 149 44.06 33.55 -39.05
N GLN M 150 43.58 32.36 -38.67
CA GLN M 150 42.83 32.21 -37.44
C GLN M 150 43.72 31.88 -36.24
N PHE M 151 44.99 31.59 -36.46
CA PHE M 151 45.94 31.32 -35.39
C PHE M 151 46.66 32.57 -34.90
N ASP M 152 46.33 33.74 -35.44
CA ASP M 152 47.00 34.96 -35.05
C ASP M 152 46.66 35.35 -33.61
N ILE M 153 47.63 35.93 -32.92
CA ILE M 153 47.40 36.41 -31.57
C ILE M 153 46.36 37.52 -31.60
N LYS M 154 45.40 37.46 -30.68
CA LYS M 154 44.37 38.47 -30.54
C LYS M 154 44.56 39.23 -29.24
N GLY M 155 44.42 40.55 -29.30
CA GLY M 155 44.64 41.38 -28.14
C GLY M 155 45.62 42.50 -28.40
N GLU M 156 46.38 42.89 -27.38
CA GLU M 156 47.36 43.97 -27.50
C GLU M 156 48.59 43.42 -28.23
N ILE M 157 48.64 43.64 -29.53
CA ILE M 157 49.80 43.24 -30.32
C ILE M 157 50.96 44.16 -29.97
N LEU M 158 52.02 43.59 -29.40
CA LEU M 158 53.12 44.39 -28.92
C LEU M 158 53.97 44.93 -30.06
N ASP M 159 54.51 46.13 -29.86
CA ASP M 159 55.44 46.70 -30.81
C ASP M 159 56.71 45.84 -30.85
N PRO M 160 57.42 45.80 -31.98
CA PRO M 160 58.45 44.79 -32.16
C PRO M 160 59.71 45.09 -31.37
N LEU M 161 60.51 44.05 -31.20
CA LEU M 161 61.70 44.12 -30.36
C LEU M 161 62.77 45.01 -30.99
N GLU M 162 63.57 45.62 -30.12
CA GLU M 162 64.75 46.38 -30.54
C GLU M 162 65.86 46.11 -29.55
N THR M 163 66.99 45.61 -30.04
CA THR M 163 68.09 45.17 -29.18
C THR M 163 69.26 46.11 -29.37
N TYR M 164 69.58 46.88 -28.33
CA TYR M 164 70.78 47.70 -28.30
C TYR M 164 71.97 46.82 -27.91
N TRP M 165 73.11 47.45 -27.62
CA TRP M 165 74.27 46.75 -27.11
C TRP M 165 74.91 47.63 -26.05
N ASP M 166 76.11 47.25 -25.62
CA ASP M 166 76.83 47.99 -24.58
C ASP M 166 78.28 48.21 -24.97
N GLY M 167 78.58 48.19 -26.26
CA GLY M 167 79.92 48.41 -26.73
C GLY M 167 80.44 47.25 -27.55
N PRO M 168 81.73 47.29 -27.88
CA PRO M 168 82.32 46.22 -28.69
C PRO M 168 82.32 44.89 -27.96
N LEU M 169 82.20 43.82 -28.73
CA LEU M 169 82.23 42.46 -28.19
C LEU M 169 83.65 41.89 -28.24
N VAL M 170 84.58 42.58 -27.58
CA VAL M 170 85.95 42.09 -27.50
C VAL M 170 85.95 40.83 -26.64
N VAL M 171 86.50 39.75 -27.19
CA VAL M 171 86.45 38.44 -26.54
C VAL M 171 87.83 37.81 -26.54
N ARG M 172 88.05 36.93 -25.57
CA ARG M 172 89.23 36.09 -25.53
C ARG M 172 88.89 34.73 -26.15
N HIS M 173 89.86 33.82 -26.16
CA HIS M 173 89.63 32.44 -26.60
C HIS M 173 90.47 31.54 -25.69
N VAL M 174 89.84 31.05 -24.63
CA VAL M 174 90.50 30.23 -23.63
C VAL M 174 89.77 28.90 -23.51
N ALA M 175 90.52 27.86 -23.17
CA ALA M 175 89.93 26.54 -23.01
C ALA M 175 89.01 26.51 -21.80
N PRO M 176 87.95 25.70 -21.85
CA PRO M 176 87.09 25.54 -20.68
C PRO M 176 87.86 25.01 -19.48
N ARG M 177 87.48 25.49 -18.30
CA ARG M 177 88.17 25.09 -17.08
C ARG M 177 88.02 23.61 -16.80
N ASP M 178 86.85 23.04 -17.04
CA ASP M 178 86.58 21.64 -16.75
C ASP M 178 87.19 20.73 -17.82
N TRP M 179 88.51 20.84 -17.95
CA TRP M 179 89.27 20.02 -18.87
C TRP M 179 90.50 19.49 -18.14
N PRO M 180 90.83 18.20 -18.28
CA PRO M 180 90.12 17.17 -19.06
C PRO M 180 88.94 16.61 -18.29
N PRO M 181 88.04 15.88 -18.96
CA PRO M 181 86.97 15.22 -18.23
C PRO M 181 87.53 14.20 -17.27
N PRO M 182 86.86 13.96 -16.14
CA PRO M 182 87.36 12.99 -15.16
C PRO M 182 87.45 11.60 -15.78
N GLY M 183 88.64 11.00 -15.67
CA GLY M 183 88.90 9.72 -16.29
C GLY M 183 89.87 9.84 -17.44
N TRP M 184 89.77 10.93 -18.18
CA TRP M 184 90.69 11.17 -19.29
C TRP M 184 92.08 11.52 -18.76
N GLU M 185 93.11 11.04 -19.44
CA GLU M 185 94.49 11.22 -19.03
C GLU M 185 95.22 12.07 -20.06
N VAL M 186 95.85 13.14 -19.58
CA VAL M 186 96.61 14.06 -20.43
C VAL M 186 97.92 14.40 -19.74
N ASP M 187 98.97 14.59 -20.53
CA ASP M 187 100.24 15.08 -19.99
C ASP M 187 100.03 16.39 -19.26
N ARG M 188 100.39 16.42 -17.98
CA ARG M 188 100.11 17.59 -17.15
C ARG M 188 100.92 18.81 -17.59
N LYS M 189 102.09 18.59 -18.20
CA LYS M 189 102.86 19.73 -18.70
C LYS M 189 102.11 20.46 -19.80
N GLU M 190 101.40 19.71 -20.65
CA GLU M 190 100.61 20.32 -21.70
C GLU M 190 99.50 21.20 -21.13
N LEU M 191 98.84 20.72 -20.07
CA LEU M 191 97.78 21.51 -19.44
C LEU M 191 98.35 22.70 -18.69
N GLU M 192 99.52 22.54 -18.05
CA GLU M 192 100.13 23.65 -17.33
C GLU M 192 100.42 24.82 -18.27
N PHE M 193 100.67 24.53 -19.55
CA PHE M 193 100.76 25.59 -20.55
C PHE M 193 99.38 26.11 -20.92
N ILE M 194 98.38 25.23 -20.99
CA ILE M 194 97.03 25.64 -21.32
C ILE M 194 96.45 26.53 -20.23
N ARG M 195 96.66 26.17 -18.97
CA ARG M 195 96.00 26.84 -17.86
C ARG M 195 96.46 28.28 -17.67
N GLU M 196 97.56 28.69 -18.31
CA GLU M 196 97.93 30.10 -18.27
C GLU M 196 96.92 30.98 -18.97
N GLY M 197 96.17 30.42 -19.92
CA GLY M 197 95.13 31.19 -20.59
C GLY M 197 94.01 31.59 -19.65
N HIS M 198 93.65 30.70 -18.73
CA HIS M 198 92.64 31.03 -17.72
C HIS M 198 93.12 32.18 -16.84
N LYS M 199 94.39 32.16 -16.44
CA LYS M 199 94.94 33.19 -15.57
C LYS M 199 95.04 34.55 -16.24
N MET M 200 94.93 34.62 -17.56
CA MET M 200 95.00 35.88 -18.29
C MET M 200 93.65 36.55 -18.44
N MET M 201 92.57 35.91 -18.00
CA MET M 201 91.23 36.49 -18.07
C MET M 201 90.95 37.40 -16.87
N ALA M 202 91.82 38.35 -16.64
CA ALA M 202 91.67 39.32 -15.56
C ALA M 202 91.92 40.75 -16.00
N GLU M 203 92.87 40.97 -16.92
CA GLU M 203 93.15 42.31 -17.41
C GLU M 203 91.97 42.84 -18.22
N ARG M 204 91.76 44.15 -18.13
CA ARG M 204 90.67 44.81 -18.84
C ARG M 204 91.22 45.57 -20.05
N VAL M 205 90.30 45.95 -20.93
CA VAL M 205 90.64 46.57 -22.21
C VAL M 205 89.90 47.90 -22.32
N ASP M 206 90.63 48.94 -22.70
CA ASP M 206 90.07 50.27 -22.90
C ASP M 206 89.76 50.49 -24.38
N MET M 207 88.96 51.52 -24.66
CA MET M 207 88.76 51.93 -26.05
C MET M 207 90.06 52.39 -26.67
N LYS M 208 90.90 53.09 -25.90
CA LYS M 208 92.29 53.21 -26.27
C LYS M 208 92.94 51.84 -26.24
N GLU M 209 93.73 51.54 -27.28
CA GLU M 209 94.27 50.23 -27.64
C GLU M 209 93.20 49.38 -28.31
N LEU M 210 91.95 49.84 -28.38
CA LEU M 210 90.95 49.21 -29.22
C LEU M 210 90.77 49.92 -30.55
N ASP M 211 91.18 51.19 -30.64
CA ASP M 211 91.31 51.84 -31.94
C ASP M 211 92.52 51.35 -32.69
N ASN M 212 93.52 50.79 -31.99
CA ASN M 212 94.71 50.24 -32.61
C ASN M 212 94.45 48.79 -33.05
N VAL M 213 93.43 48.63 -33.89
CA VAL M 213 93.12 47.32 -34.44
C VAL M 213 94.18 46.94 -35.46
N ILE M 214 94.78 45.76 -35.29
CA ILE M 214 95.85 45.33 -36.18
C ILE M 214 95.33 45.16 -37.60
N ARG M 215 94.21 44.45 -37.75
CA ARG M 215 93.46 44.38 -39.01
C ARG M 215 94.33 43.84 -40.14
N GLU M 216 94.72 42.56 -39.99
CA GLU M 216 95.54 41.89 -41.00
C GLU M 216 95.00 40.51 -41.38
N LYS M 217 93.85 40.11 -40.84
CA LYS M 217 93.09 38.95 -41.30
C LYS M 217 93.75 37.62 -40.91
N GLU M 218 94.96 37.66 -40.36
CA GLU M 218 95.67 36.45 -39.99
C GLU M 218 96.70 36.81 -38.92
N GLY M 219 97.63 35.88 -38.67
CA GLY M 219 98.66 36.08 -37.67
C GLY M 219 98.12 36.16 -36.25
N MET M 220 97.07 35.40 -35.95
CA MET M 220 96.51 35.38 -34.61
C MET M 220 97.39 34.56 -33.68
N CYS M 221 97.68 35.11 -32.51
CA CYS M 221 98.62 34.50 -31.57
C CYS M 221 97.96 33.45 -30.68
N MET M 222 96.78 32.94 -31.06
CA MET M 222 96.12 31.89 -30.27
C MET M 222 96.96 30.62 -30.35
N ASP M 223 97.59 30.26 -29.23
CA ASP M 223 98.43 29.07 -29.17
C ASP M 223 97.93 28.06 -28.15
N ARG M 224 97.59 28.50 -26.93
CA ARG M 224 97.07 27.58 -25.93
C ARG M 224 95.74 26.98 -26.37
N TYR M 225 94.88 27.78 -26.99
CA TYR M 225 93.63 27.25 -27.53
C TYR M 225 93.88 26.20 -28.60
N LYS M 226 94.94 26.38 -29.39
CA LYS M 226 95.28 25.38 -30.41
C LYS M 226 95.66 24.06 -29.77
N VAL M 227 96.41 24.10 -28.67
CA VAL M 227 96.78 22.86 -27.96
C VAL M 227 95.53 22.18 -27.42
N PHE M 228 94.60 22.96 -26.86
CA PHE M 228 93.36 22.38 -26.35
C PHE M 228 92.53 21.76 -27.47
N LEU M 229 92.53 22.39 -28.64
CA LEU M 229 91.77 21.84 -29.76
C LEU M 229 92.30 20.47 -30.17
N LYS M 230 93.63 20.32 -30.20
CA LYS M 230 94.22 19.02 -30.54
C LYS M 230 93.82 17.96 -29.52
N GLN M 231 93.93 18.30 -28.23
CA GLN M 231 93.55 17.34 -27.19
C GLN M 231 92.06 17.03 -27.25
N TYR M 232 91.22 18.06 -27.46
CA TYR M 232 89.79 17.83 -27.54
C TYR M 232 89.43 17.00 -28.77
N GLN M 233 90.11 17.25 -29.89
CA GLN M 233 89.80 16.53 -31.12
C GLN M 233 90.03 15.03 -30.97
N GLU M 234 91.14 14.64 -30.32
CA GLU M 234 91.39 13.23 -30.10
C GLU M 234 90.36 12.65 -29.15
N TRP M 235 89.95 13.42 -28.13
CA TRP M 235 88.95 12.96 -27.19
C TRP M 235 87.64 12.62 -27.87
N VAL M 236 87.22 13.44 -28.84
CA VAL M 236 85.96 13.20 -29.54
C VAL M 236 86.05 11.91 -30.35
N GLU M 237 87.17 11.70 -31.05
CA GLU M 237 87.26 10.56 -31.95
C GLU M 237 87.37 9.24 -31.18
N PHE M 238 87.74 9.28 -29.90
CA PHE M 238 87.93 8.06 -29.14
C PHE M 238 86.68 7.67 -28.37
N ASN M 239 86.11 8.60 -27.60
CA ASN M 239 85.01 8.29 -26.70
C ASN M 239 83.63 8.47 -27.31
N LYS M 240 83.55 8.85 -28.59
CA LYS M 240 82.24 9.07 -29.20
C LYS M 240 81.41 7.79 -29.22
N ASP M 241 82.02 6.66 -29.58
CA ASP M 241 81.30 5.41 -29.61
C ASP M 241 80.83 5.00 -28.22
N LYS M 242 81.67 5.24 -27.21
CA LYS M 242 81.29 4.93 -25.83
C LYS M 242 80.12 5.80 -25.38
N LEU M 243 80.20 7.10 -25.65
CA LEU M 243 79.18 8.03 -25.16
C LEU M 243 77.81 7.74 -25.77
N GLU M 244 77.78 7.47 -27.08
CA GLU M 244 76.51 7.20 -27.74
C GLU M 244 75.87 5.92 -27.19
N GLU M 245 76.68 4.91 -26.88
CA GLU M 245 76.15 3.68 -26.33
C GLU M 245 75.51 3.91 -24.97
N GLU M 246 76.15 4.73 -24.13
CA GLU M 246 75.60 4.99 -22.80
C GLU M 246 74.28 5.75 -22.89
N SER M 247 74.18 6.73 -23.79
CA SER M 247 72.93 7.47 -23.93
C SER M 247 71.79 6.56 -24.38
N TYR M 248 72.11 5.52 -25.16
CA TYR M 248 71.12 4.52 -25.51
C TYR M 248 70.75 3.63 -24.32
N GLU M 249 71.60 3.58 -23.29
CA GLU M 249 71.40 2.72 -22.15
C GLU M 249 70.64 3.41 -21.02
N HIS M 250 71.04 4.64 -20.66
CA HIS M 250 70.39 5.34 -19.58
C HIS M 250 69.04 5.91 -20.01
N ASP M 251 69.05 6.76 -21.03
CA ASP M 251 67.84 7.46 -21.46
C ASP M 251 67.16 6.70 -22.59
N GLN M 252 65.87 6.42 -22.42
CA GLN M 252 65.14 5.63 -23.41
C GLN M 252 64.85 6.43 -24.67
N ASP M 253 64.10 7.52 -24.53
CA ASP M 253 63.67 8.32 -25.66
C ASP M 253 64.42 9.65 -25.70
N TYR M 254 64.19 10.41 -26.76
CA TYR M 254 64.85 11.68 -26.98
C TYR M 254 63.93 12.83 -26.58
N HIS M 255 64.49 13.79 -25.84
CA HIS M 255 63.85 15.03 -25.47
C HIS M 255 64.89 16.13 -25.58
N PRO M 256 64.48 17.37 -25.88
CA PRO M 256 65.45 18.46 -25.93
C PRO M 256 66.27 18.54 -24.65
N GLY M 257 67.58 18.66 -24.82
CA GLY M 257 68.51 18.58 -23.71
C GLY M 257 69.17 17.23 -23.52
N ARG M 258 68.83 16.24 -24.34
CA ARG M 258 69.45 14.93 -24.27
C ARG M 258 70.52 14.80 -25.35
N ARG M 259 71.21 13.67 -25.33
CA ARG M 259 72.27 13.41 -26.31
C ARG M 259 71.66 13.27 -27.70
N LYS M 260 72.28 13.92 -28.69
CA LYS M 260 71.82 13.85 -30.08
C LYS M 260 72.41 12.60 -30.72
N ARG M 261 71.73 11.48 -30.48
CA ARG M 261 72.21 10.16 -30.89
C ARG M 261 71.49 9.70 -32.16
N GLY M 262 72.02 8.64 -32.75
CA GLY M 262 71.34 8.00 -33.86
C GLY M 262 71.43 8.81 -35.15
N LYS M 263 70.33 8.78 -35.90
CA LYS M 263 70.28 9.43 -37.21
C LYS M 263 70.46 10.95 -37.12
N ASP M 264 70.17 11.54 -35.98
CA ASP M 264 70.27 12.99 -35.81
C ASP M 264 71.67 13.45 -35.46
N TYR M 265 72.64 12.54 -35.35
CA TYR M 265 74.01 12.90 -35.05
C TYR M 265 74.73 13.20 -36.38
N GLU M 266 74.96 14.48 -36.63
CA GLU M 266 75.77 14.90 -37.78
C GLU M 266 77.21 15.07 -37.33
N GLU M 267 78.13 14.42 -38.04
CA GLU M 267 79.53 14.45 -37.65
C GLU M 267 80.05 15.89 -37.61
N GLY M 268 80.72 16.25 -36.52
CA GLY M 268 81.24 17.58 -36.34
C GLY M 268 80.58 18.38 -35.23
N MET M 269 79.54 17.86 -34.59
CA MET M 269 78.90 18.57 -33.50
C MET M 269 79.85 18.69 -32.31
N TYR M 270 79.82 19.84 -31.65
CA TYR M 270 80.62 20.04 -30.46
C TYR M 270 80.13 19.16 -29.33
N GLU M 271 81.04 18.79 -28.43
CA GLU M 271 80.71 18.00 -27.26
C GLU M 271 80.52 18.89 -26.04
N LEU M 272 80.04 18.30 -24.96
CA LEU M 272 79.83 19.06 -23.73
C LEU M 272 81.10 19.71 -23.18
N PRO M 273 82.27 19.07 -23.15
CA PRO M 273 83.47 19.76 -22.63
C PRO M 273 83.84 21.01 -23.40
N PHE M 274 83.35 21.17 -24.63
CA PHE M 274 83.64 22.37 -25.41
C PHE M 274 82.98 23.62 -24.84
N TYR M 275 82.07 23.49 -23.90
CA TYR M 275 81.32 24.62 -23.36
C TYR M 275 81.75 24.93 -21.93
N TYR M 276 81.45 26.14 -21.50
CA TYR M 276 81.74 26.63 -20.16
C TYR M 276 81.00 27.93 -19.92
N PRO M 277 80.56 28.22 -18.69
CA PRO M 277 79.91 29.50 -18.43
C PRO M 277 80.82 30.67 -18.74
N GLY M 278 80.22 31.76 -19.22
CA GLY M 278 80.93 32.93 -19.69
C GLY M 278 80.95 33.06 -21.20
N GLN M 279 80.99 31.94 -21.92
CA GLN M 279 80.99 31.97 -23.37
C GLN M 279 79.68 32.53 -23.90
N ILE M 280 79.77 33.31 -24.97
CA ILE M 280 78.62 33.90 -25.64
C ILE M 280 78.42 33.17 -26.96
N CYS M 281 77.25 32.60 -27.16
CA CYS M 281 76.97 31.78 -28.32
C CYS M 281 75.89 32.39 -29.19
N LEU M 282 75.67 31.78 -30.35
CA LEU M 282 74.59 32.11 -31.25
C LEU M 282 74.00 30.82 -31.79
N GLY M 283 72.67 30.79 -31.90
CA GLY M 283 72.00 29.59 -32.37
C GLY M 283 70.59 29.93 -32.82
N LYS M 284 69.89 28.90 -33.29
CA LYS M 284 68.54 29.05 -33.80
C LYS M 284 67.54 28.43 -32.83
N VAL M 285 66.38 29.04 -32.71
CA VAL M 285 65.33 28.59 -31.79
C VAL M 285 64.56 27.46 -32.48
N THR M 286 64.74 26.23 -31.99
CA THR M 286 64.15 25.06 -32.62
C THR M 286 63.00 24.45 -31.83
N THR M 287 62.73 24.92 -30.61
CA THR M 287 61.70 24.30 -29.78
C THR M 287 61.26 25.26 -28.70
N LEU M 288 59.96 25.48 -28.59
CA LEU M 288 59.36 26.26 -27.52
C LEU M 288 58.52 25.34 -26.66
N HIS M 289 58.78 25.35 -25.35
CA HIS M 289 58.01 24.55 -24.40
C HIS M 289 57.32 25.46 -23.41
N LEU M 290 56.02 25.20 -23.18
CA LEU M 290 55.23 26.08 -22.33
C LEU M 290 55.70 26.02 -20.87
N TYR M 291 56.14 24.84 -20.41
CA TYR M 291 56.53 24.66 -19.02
C TYR M 291 58.03 24.60 -18.82
N GLN M 292 58.83 24.69 -19.88
CA GLN M 292 60.27 24.53 -19.73
C GLN M 292 61.04 25.70 -20.32
N GLY M 293 60.58 26.23 -21.45
CA GLY M 293 61.24 27.36 -22.06
C GLY M 293 61.52 27.11 -23.52
N ALA M 294 62.52 27.82 -24.04
CA ALA M 294 62.93 27.72 -25.43
C ALA M 294 64.25 26.98 -25.51
N PHE M 295 64.34 26.04 -26.45
CA PHE M 295 65.53 25.22 -26.64
C PHE M 295 66.21 25.66 -27.93
N VAL M 296 67.39 26.26 -27.80
CA VAL M 296 68.11 26.85 -28.92
C VAL M 296 69.27 25.93 -29.28
N ASP M 297 69.36 25.55 -30.55
CA ASP M 297 70.46 24.73 -31.03
C ASP M 297 71.74 25.56 -31.05
N VAL M 298 72.59 25.36 -30.04
CA VAL M 298 73.83 26.12 -29.96
C VAL M 298 74.86 25.62 -30.97
N GLY M 299 74.93 24.32 -31.21
CA GLY M 299 75.89 23.78 -32.14
C GLY M 299 76.59 22.54 -31.62
N GLY M 300 76.07 22.00 -30.51
CA GLY M 300 76.62 20.82 -29.89
C GLY M 300 75.62 19.67 -29.85
N VAL M 301 76.09 18.54 -29.32
CA VAL M 301 75.23 17.37 -29.18
C VAL M 301 74.11 17.64 -28.21
N TYR M 302 74.30 18.58 -27.28
CA TYR M 302 73.30 18.93 -26.28
C TYR M 302 72.77 20.32 -26.57
N GLU M 303 71.44 20.45 -26.62
CA GLU M 303 70.81 21.72 -26.90
C GLU M 303 70.86 22.64 -25.70
N GLY M 304 70.62 23.92 -25.95
CA GLY M 304 70.52 24.90 -24.88
C GLY M 304 69.13 24.91 -24.25
N TRP M 305 69.00 25.70 -23.20
CA TRP M 305 67.73 25.77 -22.47
C TRP M 305 67.66 27.10 -21.75
N VAL M 306 66.73 27.96 -22.16
CA VAL M 306 66.46 29.22 -21.49
C VAL M 306 65.18 29.04 -20.69
N PRO M 307 65.23 29.07 -19.36
CA PRO M 307 64.05 28.73 -18.55
C PRO M 307 62.96 29.79 -18.59
N ILE M 308 61.88 29.51 -19.32
CA ILE M 308 60.69 30.35 -19.35
C ILE M 308 59.48 29.44 -19.14
N LYS M 309 58.59 29.82 -18.22
CA LYS M 309 57.49 28.96 -17.84
C LYS M 309 56.23 29.79 -17.61
N GLY M 310 55.10 29.09 -17.54
CA GLY M 310 53.84 29.70 -17.15
C GLY M 310 53.24 30.64 -18.16
N ASN M 311 52.68 31.74 -17.68
CA ASN M 311 52.00 32.71 -18.52
C ASN M 311 52.93 33.80 -19.02
N ASP M 312 54.22 33.74 -18.69
CA ASP M 312 55.17 34.68 -19.28
C ASP M 312 55.22 34.53 -20.79
N TRP M 313 54.88 33.35 -21.32
CA TRP M 313 54.86 33.13 -22.75
C TRP M 313 53.75 33.90 -23.45
N TYR M 314 52.79 34.46 -22.71
CA TYR M 314 51.73 35.23 -23.34
C TYR M 314 52.28 36.46 -24.05
N TRP M 315 53.34 37.05 -23.50
CA TRP M 315 54.01 38.19 -24.13
C TRP M 315 55.31 37.79 -24.82
N ILE M 316 56.03 36.80 -24.29
CA ILE M 316 57.31 36.42 -24.85
C ILE M 316 57.14 35.79 -26.22
N ARG M 317 56.06 35.02 -26.42
CA ARG M 317 55.85 34.35 -27.70
C ARG M 317 55.69 35.33 -28.85
N GLN M 318 55.41 36.60 -28.56
CA GLN M 318 55.34 37.62 -29.60
C GLN M 318 56.70 38.18 -29.97
N HIS M 319 57.76 37.72 -29.30
CA HIS M 319 59.11 38.15 -29.61
C HIS M 319 60.01 37.01 -30.07
N ILE M 320 59.83 35.80 -29.54
CA ILE M 320 60.65 34.64 -29.89
C ILE M 320 59.79 33.70 -30.73
N LYS M 321 60.25 33.40 -31.94
CA LYS M 321 59.53 32.51 -32.84
C LYS M 321 60.50 31.48 -33.40
N VAL M 322 59.93 30.37 -33.87
CA VAL M 322 60.74 29.25 -34.33
C VAL M 322 61.63 29.67 -35.50
N GLY M 323 62.89 29.21 -35.46
CA GLY M 323 63.84 29.52 -36.51
C GLY M 323 64.64 30.78 -36.31
N MET M 324 64.31 31.58 -35.30
CA MET M 324 65.03 32.82 -35.07
C MET M 324 66.47 32.55 -34.66
N HIS M 325 67.39 33.32 -35.22
CA HIS M 325 68.79 33.26 -34.83
C HIS M 325 69.03 34.25 -33.70
N VAL M 326 69.55 33.76 -32.57
CA VAL M 326 69.70 34.54 -31.36
C VAL M 326 71.11 34.41 -30.85
N MET M 327 71.51 35.35 -29.99
CA MET M 327 72.79 35.32 -29.31
C MET M 327 72.57 35.06 -27.83
N VAL M 328 73.25 34.03 -27.29
CA VAL M 328 73.02 33.57 -25.94
C VAL M 328 74.36 33.48 -25.21
N GLU M 329 74.28 33.43 -23.89
CA GLU M 329 75.44 33.27 -23.02
C GLU M 329 75.18 32.13 -22.04
N ILE M 330 76.18 31.29 -21.82
CA ILE M 330 76.03 30.17 -20.90
C ILE M 330 76.03 30.68 -19.47
N LEU M 331 75.04 30.28 -18.70
CA LEU M 331 75.04 30.58 -17.27
C LEU M 331 75.65 29.46 -16.45
N ALA M 332 75.32 28.21 -16.76
CA ALA M 332 75.88 27.06 -16.05
C ALA M 332 75.63 25.77 -16.81
N LYS M 333 76.69 25.00 -17.08
CA LYS M 333 76.54 23.67 -17.64
C LYS M 333 76.50 22.64 -16.53
N ARG M 334 75.69 21.60 -16.73
CA ARG M 334 75.41 20.63 -15.69
C ARG M 334 75.57 19.21 -16.22
N ASP M 335 75.57 18.26 -15.30
CA ASP M 335 75.75 16.85 -15.65
C ASP M 335 74.52 16.32 -16.38
N PRO M 336 74.66 15.81 -17.61
CA PRO M 336 73.48 15.29 -18.32
C PRO M 336 72.84 14.08 -17.67
N TYR M 337 73.58 13.32 -16.87
CA TYR M 337 73.00 12.13 -16.25
C TYR M 337 72.01 12.49 -15.16
N ARG M 338 72.35 13.46 -14.31
CA ARG M 338 71.50 13.84 -13.19
C ARG M 338 70.49 14.91 -13.58
N PHE M 339 70.98 16.06 -14.04
CA PHE M 339 70.12 17.18 -14.37
C PHE M 339 69.49 16.97 -15.75
N ARG M 340 68.20 17.31 -15.85
CA ARG M 340 67.45 17.02 -17.07
C ARG M 340 67.99 17.83 -18.25
N PHE M 341 68.14 19.14 -18.08
CA PHE M 341 68.65 20.00 -19.13
C PHE M 341 70.05 20.49 -18.75
N PRO M 342 71.10 19.98 -19.38
CA PRO M 342 72.46 20.27 -18.88
C PRO M 342 72.98 21.66 -19.21
N LEU M 343 72.39 22.36 -20.19
CA LEU M 343 72.87 23.66 -20.60
C LEU M 343 71.82 24.72 -20.28
N GLU M 344 72.22 25.74 -19.54
CA GLU M 344 71.36 26.85 -19.17
C GLU M 344 71.91 28.13 -19.80
N LEU M 345 71.05 28.86 -20.50
CA LEU M 345 71.45 30.06 -21.22
C LEU M 345 70.46 31.18 -20.96
N ARG M 346 70.90 32.41 -21.24
CA ARG M 346 70.03 33.57 -21.22
C ARG M 346 70.13 34.28 -22.56
N PHE M 347 69.03 34.92 -22.95
CA PHE M 347 68.94 35.57 -24.25
C PHE M 347 69.68 36.91 -24.19
N VAL M 348 70.79 37.00 -24.91
CA VAL M 348 71.50 38.27 -25.03
C VAL M 348 71.04 39.05 -26.26
N ASP M 349 70.38 38.40 -27.21
CA ASP M 349 69.82 39.07 -28.38
C ASP M 349 68.65 38.22 -28.87
N PRO M 350 67.41 38.60 -28.54
CA PRO M 350 66.99 39.83 -27.85
C PRO M 350 67.18 39.78 -26.33
N ASN M 351 66.62 40.76 -25.63
CA ASN M 351 66.67 40.81 -24.17
C ASN M 351 65.24 40.86 -23.65
N ILE M 352 64.81 39.80 -22.99
CA ILE M 352 63.45 39.69 -22.48
C ILE M 352 63.46 39.66 -20.96
N ASP M 353 64.49 40.29 -20.36
CA ASP M 353 64.60 40.29 -18.91
C ASP M 353 63.52 41.11 -18.23
N HIS M 354 62.86 42.01 -18.96
CA HIS M 354 61.77 42.80 -18.40
C HIS M 354 60.44 42.05 -18.42
N LEU M 355 60.37 40.90 -19.07
CA LEU M 355 59.13 40.15 -19.19
C LEU M 355 59.11 38.88 -18.34
N LEU M 356 60.25 38.46 -17.80
CA LEU M 356 60.33 37.22 -17.03
C LEU M 356 59.96 37.49 -15.57
N PHE M 357 59.00 36.74 -15.07
CA PHE M 357 58.52 36.93 -13.71
C PHE M 357 58.56 35.64 -12.88
N GLN M 358 58.25 34.50 -13.48
CA GLN M 358 58.35 33.21 -12.80
C GLN M 358 59.66 32.53 -13.19
N ARG M 359 60.43 32.13 -12.18
CA ARG M 359 61.73 31.54 -12.40
C ARG M 359 61.86 30.24 -11.60
N PHE M 360 62.64 29.31 -12.14
CA PHE M 360 62.82 28.03 -11.48
C PHE M 360 63.68 28.20 -10.22
N GLU M 361 63.20 27.68 -9.10
CA GLU M 361 63.95 27.77 -7.85
C GLU M 361 65.10 26.78 -7.82
N TYR M 362 64.91 25.60 -8.41
CA TYR M 362 65.91 24.56 -8.44
C TYR M 362 65.88 23.91 -9.82
N PRO M 363 67.03 23.74 -10.47
CA PRO M 363 67.05 23.15 -11.81
C PRO M 363 66.49 21.75 -11.81
N PRO M 364 65.75 21.38 -12.86
CA PRO M 364 65.16 20.04 -12.91
C PRO M 364 66.20 18.95 -12.95
N ILE M 365 65.85 17.78 -12.40
CA ILE M 365 66.76 16.65 -12.25
C ILE M 365 66.04 15.38 -12.69
N PHE M 366 66.74 14.25 -12.53
CA PHE M 366 66.24 12.94 -12.91
C PHE M 366 66.13 12.06 -11.67
N HIS M 367 65.00 11.39 -11.52
CA HIS M 367 64.77 10.44 -10.42
C HIS M 367 64.79 9.04 -11.00
N ARG M 368 65.98 8.45 -11.07
CA ARG M 368 66.16 7.14 -11.69
C ARG M 368 66.05 6.03 -10.64
N ASP M 369 65.83 4.81 -11.13
CA ASP M 369 65.71 3.66 -10.25
C ASP M 369 67.02 3.28 -9.59
N GLU M 370 68.16 3.65 -10.19
CA GLU M 370 69.45 3.31 -9.61
C GLU M 370 69.71 4.05 -8.30
N ASP M 371 69.00 5.13 -8.04
CA ASP M 371 69.17 5.90 -6.80
C ASP M 371 68.37 5.22 -5.70
N THR M 372 69.05 4.45 -4.87
CA THR M 372 68.39 3.70 -3.80
C THR M 372 68.17 4.52 -2.54
N ASN M 373 69.05 5.48 -2.26
CA ASN M 373 68.96 6.30 -1.07
C ASN M 373 68.53 7.71 -1.45
N LEU M 374 67.48 8.20 -0.79
CA LEU M 374 66.99 9.54 -1.05
C LEU M 374 67.81 10.62 -0.38
N ASP M 375 68.78 10.25 0.45
CA ASP M 375 69.69 11.22 1.04
C ASP M 375 71.01 11.35 0.27
N GLU M 376 71.28 10.44 -0.66
CA GLU M 376 72.37 10.62 -1.60
C GLU M 376 71.94 11.42 -2.82
N LEU M 377 70.66 11.30 -3.20
CA LEU M 377 70.15 12.04 -4.34
C LEU M 377 70.26 13.55 -4.12
N ARG M 378 69.91 13.99 -2.91
CA ARG M 378 69.96 15.42 -2.61
C ARG M 378 71.38 15.96 -2.66
N ARG M 379 72.35 15.20 -2.16
CA ARG M 379 73.74 15.66 -2.20
C ARG M 379 74.25 15.74 -3.64
N ASP M 380 73.66 14.96 -4.55
CA ASP M 380 74.06 15.02 -5.95
C ASP M 380 73.59 16.31 -6.61
N CYS M 381 72.34 16.70 -6.35
CA CYS M 381 71.74 17.87 -6.97
C CYS M 381 71.87 19.13 -6.12
N ARG M 382 72.43 19.03 -4.92
CA ARG M 382 72.59 20.17 -4.01
C ARG M 382 71.22 20.79 -3.69
N ARG M 383 70.35 19.96 -3.12
CA ARG M 383 69.02 20.34 -2.69
C ARG M 383 68.90 20.23 -1.17
N PRO M 384 68.00 21.01 -0.55
CA PRO M 384 67.84 20.91 0.90
C PRO M 384 67.29 19.55 1.29
N PRO M 385 67.69 19.01 2.44
CA PRO M 385 67.22 17.68 2.84
C PRO M 385 65.76 17.68 3.25
N PHE M 386 65.23 16.50 3.55
CA PHE M 386 63.87 16.40 4.04
C PHE M 386 63.80 16.91 5.47
N PRO M 387 63.01 17.94 5.77
CA PRO M 387 62.98 18.46 7.13
C PRO M 387 62.37 17.46 8.11
N ARG M 388 62.86 17.50 9.34
CA ARG M 388 62.35 16.69 10.43
C ARG M 388 61.71 17.60 11.47
N LYS M 389 60.62 17.12 12.07
CA LYS M 389 59.97 17.88 13.13
C LYS M 389 60.96 18.11 14.27
N ASP M 390 61.00 19.33 14.77
CA ASP M 390 61.99 19.70 15.78
C ASP M 390 61.71 18.94 17.07
N PRO M 391 62.66 18.13 17.56
CA PRO M 391 62.42 17.43 18.84
C PRO M 391 62.23 18.36 20.01
N GLY M 392 62.87 19.53 19.99
CA GLY M 392 62.79 20.48 21.08
C GLY M 392 63.89 20.35 22.10
N VAL M 393 64.58 19.20 22.15
CA VAL M 393 65.69 19.04 23.08
C VAL M 393 66.91 19.79 22.56
N LYS M 394 67.79 20.16 23.50
CA LYS M 394 68.96 20.95 23.14
C LYS M 394 70.04 20.13 22.44
N VAL M 395 70.10 18.82 22.74
CA VAL M 395 71.12 17.91 22.20
C VAL M 395 72.50 18.44 22.62
N GLU M 396 72.52 19.29 23.64
CA GLU M 396 73.74 19.77 24.25
C GLU M 396 73.86 19.34 25.70
N GLU M 397 72.75 19.37 26.45
CA GLU M 397 72.66 18.72 27.75
C GLU M 397 71.83 17.46 27.61
N GLU M 398 72.45 16.31 27.84
CA GLU M 398 71.81 15.03 27.59
C GLU M 398 72.62 13.91 28.24
N PRO M 399 71.99 12.81 28.65
CA PRO M 399 72.76 11.68 29.18
C PRO M 399 73.83 11.22 28.21
N LEU M 400 75.04 11.00 28.73
CA LEU M 400 76.15 10.51 27.94
C LEU M 400 76.01 9.01 27.74
N LEU M 401 76.29 8.55 26.52
CA LEU M 401 76.19 7.14 26.21
C LEU M 401 77.32 6.37 26.87
N SER M 402 76.96 5.25 27.51
CA SER M 402 77.94 4.40 28.20
C SER M 402 77.97 2.97 27.71
N ASP M 403 76.99 2.53 26.92
CA ASP M 403 76.99 1.18 26.41
C ASP M 403 78.10 1.00 25.37
N HIS M 404 78.46 -0.25 25.12
CA HIS M 404 79.43 -0.59 24.10
C HIS M 404 78.85 -1.68 23.21
N PRO M 405 79.06 -1.59 21.90
CA PRO M 405 78.49 -2.62 21.00
C PRO M 405 79.04 -4.02 21.26
N TYR M 406 80.30 -4.13 21.67
CA TYR M 406 80.91 -5.44 21.82
C TYR M 406 80.43 -6.16 23.08
N VAL M 407 79.89 -5.42 24.05
CA VAL M 407 79.43 -6.02 25.29
C VAL M 407 78.29 -7.00 25.02
N ASP M 408 77.39 -6.65 24.10
CA ASP M 408 76.30 -7.55 23.75
C ASP M 408 76.78 -8.85 23.12
N LYS M 409 78.04 -8.91 22.66
CA LYS M 409 78.63 -10.18 22.25
C LYS M 409 79.43 -10.82 23.37
N LEU M 410 79.98 -10.01 24.28
CA LEU M 410 80.64 -10.57 25.46
C LEU M 410 79.67 -11.34 26.33
N TRP M 411 78.45 -10.81 26.47
CA TRP M 411 77.41 -11.52 27.22
C TRP M 411 77.12 -12.88 26.58
N GLN M 412 77.15 -12.96 25.26
CA GLN M 412 76.97 -14.23 24.58
C GLN M 412 78.22 -15.09 24.67
N ILE M 413 79.40 -14.48 24.64
CA ILE M 413 80.64 -15.23 24.76
C ILE M 413 80.80 -15.77 26.18
N ASN M 414 80.54 -14.92 27.19
CA ASN M 414 80.71 -15.33 28.57
C ASN M 414 79.73 -16.44 28.94
N VAL M 415 78.49 -16.33 28.49
CA VAL M 415 77.49 -17.36 28.81
C VAL M 415 77.89 -18.69 28.20
N ALA M 416 78.39 -18.67 26.96
CA ALA M 416 78.78 -19.91 26.30
C ALA M 416 79.94 -20.59 27.01
N GLU M 417 80.88 -19.80 27.57
CA GLU M 417 81.98 -20.39 28.32
C GLU M 417 81.47 -21.18 29.52
N GLN M 418 80.64 -20.55 30.35
CA GLN M 418 80.12 -21.22 31.54
C GLN M 418 79.13 -22.33 31.17
N MET M 419 78.42 -22.18 30.06
CA MET M 419 77.52 -23.23 29.62
C MET M 419 78.27 -24.49 29.22
N ILE M 420 79.51 -24.34 28.75
CA ILE M 420 80.34 -25.48 28.39
C ILE M 420 81.24 -25.87 29.56
N LEU M 421 81.74 -24.90 30.31
CA LEU M 421 82.59 -25.19 31.45
C LEU M 421 81.88 -26.06 32.47
N ASP M 422 80.76 -25.57 33.03
CA ASP M 422 80.04 -26.31 34.06
C ASP M 422 79.53 -27.65 33.54
N ASP M 423 79.45 -27.84 32.23
CA ASP M 423 79.12 -29.13 31.65
C ASP M 423 80.37 -29.94 31.32
N MET M 424 81.54 -29.49 31.74
CA MET M 424 82.81 -30.15 31.45
C MET M 424 83.62 -30.48 32.69
N GLU M 425 83.61 -29.61 33.71
CA GLU M 425 84.35 -29.84 34.94
C GLU M 425 83.47 -30.34 36.07
N ALA M 426 82.29 -29.74 36.26
CA ALA M 426 81.38 -30.23 37.29
C ALA M 426 80.89 -31.63 36.98
N ASN M 427 80.86 -32.00 35.69
CA ASN M 427 80.47 -33.33 35.25
C ASN M 427 81.52 -33.84 34.26
N PRO M 428 82.72 -34.17 34.76
CA PRO M 428 83.81 -34.53 33.84
C PRO M 428 83.55 -35.79 33.03
N ASP M 429 82.78 -36.74 33.55
CA ASP M 429 82.57 -38.00 32.85
C ASP M 429 81.66 -37.87 31.64
N LYS M 430 80.99 -36.71 31.47
CA LYS M 430 80.12 -36.55 30.33
C LYS M 430 80.90 -36.58 29.01
N TYR M 431 82.07 -35.95 28.98
CA TYR M 431 82.91 -35.88 27.80
C TYR M 431 84.28 -36.49 28.06
N LYS M 432 84.29 -37.62 28.75
CA LYS M 432 85.50 -38.33 29.21
C LYS M 432 86.64 -37.40 29.60
N GLY M 433 87.32 -36.82 28.62
CA GLY M 433 88.48 -35.98 28.85
C GLY M 433 88.17 -34.51 28.60
N LYS M 434 88.70 -33.64 29.47
CA LYS M 434 88.51 -32.20 29.38
C LYS M 434 89.77 -31.59 28.78
N LYS M 435 89.84 -31.60 27.45
CA LYS M 435 90.98 -31.02 26.73
C LYS M 435 90.62 -29.64 26.20
N LEU M 436 90.36 -28.72 27.14
CA LEU M 436 89.95 -27.37 26.76
C LEU M 436 91.10 -26.51 26.26
N SER M 437 92.35 -26.94 26.41
CA SER M 437 93.47 -26.17 25.90
C SER M 437 93.50 -26.18 24.37
N GLU M 438 92.92 -27.21 23.76
CA GLU M 438 92.89 -27.31 22.30
C GLU M 438 91.53 -27.81 21.79
N LEU M 439 90.46 -27.66 22.57
CA LEU M 439 89.17 -28.23 22.23
C LEU M 439 88.68 -27.72 20.89
N THR M 440 88.24 -28.64 20.03
CA THR M 440 87.68 -28.32 18.75
C THR M 440 86.16 -28.21 18.84
N ASP M 441 85.54 -27.82 17.73
CA ASP M 441 84.10 -27.62 17.71
C ASP M 441 83.37 -28.96 17.57
N GLU M 442 82.10 -28.94 17.95
CA GLU M 442 81.25 -30.13 17.89
C GLU M 442 80.33 -30.14 16.66
N GLU M 443 79.66 -29.02 16.39
CA GLU M 443 78.73 -28.92 15.29
C GLU M 443 79.25 -27.91 14.27
N GLU M 444 78.89 -28.14 13.01
CA GLU M 444 79.26 -27.20 11.95
C GLU M 444 78.53 -25.88 12.16
N PHE M 445 79.25 -24.77 12.03
CA PHE M 445 78.72 -23.45 12.30
C PHE M 445 78.93 -22.54 11.10
N ASP M 446 77.96 -21.67 10.86
CA ASP M 446 78.05 -20.67 9.80
C ASP M 446 77.67 -19.32 10.38
N GLU M 447 78.35 -18.27 9.91
CA GLU M 447 78.26 -16.97 10.57
C GLU M 447 76.94 -16.26 10.32
N GLU M 448 76.31 -16.50 9.17
CA GLU M 448 75.21 -15.65 8.71
C GLU M 448 73.83 -16.26 8.96
N HIS M 449 73.65 -17.00 10.05
CA HIS M 449 72.32 -17.46 10.44
C HIS M 449 72.21 -17.47 11.96
N SER M 450 71.25 -16.69 12.48
CA SER M 450 70.93 -16.71 13.90
C SER M 450 69.48 -16.25 14.04
N VAL M 451 68.57 -17.20 14.24
CA VAL M 451 67.13 -16.92 14.29
C VAL M 451 66.60 -17.37 15.65
N GLU M 452 67.45 -17.30 16.67
CA GLU M 452 67.21 -17.94 17.96
C GLU M 452 66.21 -17.12 18.78
N TYR M 453 64.96 -17.56 18.77
CA TYR M 453 63.89 -17.05 19.63
C TYR M 453 63.12 -18.17 20.33
N THR M 454 62.96 -19.33 19.68
CA THR M 454 62.70 -20.63 20.31
C THR M 454 61.35 -20.79 21.00
N LYS M 455 60.52 -19.74 21.04
CA LYS M 455 59.19 -19.82 21.64
C LYS M 455 59.25 -20.34 23.08
N VAL M 456 59.90 -19.58 23.94
CA VAL M 456 60.10 -19.98 25.33
C VAL M 456 58.83 -19.75 26.12
N GLN M 457 58.40 -20.76 26.87
CA GLN M 457 57.13 -20.74 27.59
C GLN M 457 57.35 -20.45 29.07
N TYR M 458 56.48 -19.61 29.62
CA TYR M 458 56.50 -19.25 31.04
C TYR M 458 55.25 -19.78 31.74
N LYS M 459 54.82 -20.99 31.38
CA LYS M 459 53.60 -21.63 31.86
C LYS M 459 52.35 -20.83 31.55
N LYS M 460 52.46 -19.79 30.72
CA LYS M 460 51.32 -18.97 30.31
C LYS M 460 51.09 -19.02 28.81
N SER M 461 52.12 -18.72 28.02
CA SER M 461 52.05 -18.71 26.56
C SER M 461 53.47 -18.71 26.03
N LEU M 462 53.62 -18.58 24.72
CA LEU M 462 54.92 -18.68 24.05
C LEU M 462 55.41 -17.28 23.69
N LEU M 463 56.48 -16.84 24.35
CA LEU M 463 57.08 -15.54 24.13
C LEU M 463 58.57 -15.71 23.82
N PRO M 464 59.10 -14.92 22.88
CA PRO M 464 60.49 -15.12 22.47
C PRO M 464 61.49 -14.91 23.60
N LYS M 465 62.57 -15.68 23.56
CA LYS M 465 63.72 -15.53 24.43
C LYS M 465 64.99 -15.64 23.58
N THR M 466 66.14 -15.73 24.24
CA THR M 466 67.43 -15.68 23.56
C THR M 466 68.30 -16.88 23.96
N ILE M 467 68.49 -17.82 23.03
CA ILE M 467 69.53 -18.83 23.14
C ILE M 467 70.26 -18.92 21.80
N LEU M 468 71.35 -18.17 21.66
CA LEU M 468 71.99 -17.99 20.36
C LEU M 468 73.22 -18.87 20.21
N LYS M 469 73.69 -18.98 18.96
CA LYS M 469 74.82 -19.84 18.64
C LYS M 469 76.13 -19.09 18.88
N THR M 470 77.03 -19.71 19.63
CA THR M 470 78.29 -19.10 20.03
C THR M 470 79.42 -20.12 19.85
N SER M 471 79.50 -20.70 18.65
CA SER M 471 80.48 -21.73 18.33
C SER M 471 81.86 -21.40 18.88
N VAL M 472 82.56 -22.44 19.34
CA VAL M 472 83.80 -22.29 20.08
C VAL M 472 84.91 -21.62 19.28
N LYS M 473 84.73 -21.46 17.97
CA LYS M 473 85.73 -20.79 17.16
C LYS M 473 86.07 -19.42 17.70
N GLU M 474 85.07 -18.70 18.22
CA GLU M 474 85.27 -17.40 18.84
C GLU M 474 85.48 -17.50 20.35
N LEU M 475 85.55 -18.71 20.90
CA LEU M 475 85.59 -18.92 22.33
C LEU M 475 87.02 -19.23 22.77
N ASP M 476 87.49 -18.53 23.79
CA ASP M 476 88.81 -18.76 24.37
C ASP M 476 88.61 -19.44 25.72
N LEU M 477 88.72 -20.77 25.73
CA LEU M 477 88.41 -21.54 26.93
C LEU M 477 89.59 -21.59 27.90
N GLU M 478 90.82 -21.41 27.41
CA GLU M 478 91.99 -21.59 28.25
C GLU M 478 92.02 -20.58 29.39
N SER M 479 91.62 -19.34 29.12
CA SER M 479 91.65 -18.30 30.14
C SER M 479 90.71 -18.63 31.30
N ALA M 480 89.49 -19.08 30.98
CA ALA M 480 88.53 -19.44 32.02
C ALA M 480 88.83 -20.80 32.64
N PHE M 481 89.47 -21.70 31.88
CA PHE M 481 89.76 -23.03 32.39
C PHE M 481 90.66 -22.98 33.62
N ALA M 482 91.73 -22.19 33.55
CA ALA M 482 92.62 -22.08 34.70
C ALA M 482 92.01 -21.24 35.81
N GLU M 483 91.16 -20.28 35.47
CA GLU M 483 90.62 -19.36 36.48
C GLU M 483 89.58 -20.03 37.37
N ARG M 484 88.72 -20.87 36.78
CA ARG M 484 87.64 -21.48 37.55
C ARG M 484 88.19 -22.41 38.63
N GLN M 485 89.22 -23.19 38.31
CA GLN M 485 89.84 -24.06 39.31
C GLN M 485 90.40 -23.24 40.46
N LEU M 486 91.01 -22.09 40.15
CA LEU M 486 91.51 -21.21 41.21
C LEU M 486 90.37 -20.71 42.09
N HIS M 487 89.24 -20.35 41.48
CA HIS M 487 88.08 -19.92 42.26
C HIS M 487 87.46 -21.09 43.02
N ASN M 488 87.46 -22.28 42.40
CA ASN M 488 86.89 -23.45 43.07
C ASN M 488 87.74 -23.88 44.26
N ARG M 489 89.05 -23.67 44.19
CA ARG M 489 89.91 -23.98 45.33
C ARG M 489 89.59 -23.08 46.51
N LEU M 490 89.32 -21.81 46.26
CA LEU M 490 89.06 -20.88 47.35
C LEU M 490 87.76 -21.20 48.07
N GLN M 491 86.71 -21.58 47.35
CA GLN M 491 85.43 -21.88 48.00
C GLN M 491 85.50 -23.15 48.82
N LYS M 492 86.26 -24.15 48.37
CA LYS M 492 86.39 -25.39 49.13
C LYS M 492 87.27 -25.22 50.36
N GLU M 493 88.23 -24.29 50.31
CA GLU M 493 89.09 -24.03 51.47
C GLU M 493 88.47 -23.01 52.42
N ALA M 494 87.40 -22.32 52.02
CA ALA M 494 86.73 -21.36 52.87
C ALA M 494 85.60 -21.96 53.68
N GLU M 495 85.27 -23.23 53.47
CA GLU M 495 84.24 -23.87 54.28
C GLU M 495 84.69 -24.05 55.73
N GLU M 496 86.01 -24.12 55.96
CA GLU M 496 86.53 -24.41 57.29
C GLU M 496 86.58 -23.15 58.15
N ARG M 497 87.35 -22.15 57.73
CA ARG M 497 87.50 -20.95 58.53
C ARG M 497 86.29 -20.03 58.44
N GLY M 498 85.61 -20.00 57.29
CA GLY M 498 84.46 -19.13 57.12
C GLY M 498 84.78 -17.75 56.62
N GLU M 499 85.95 -17.54 56.02
CA GLU M 499 86.27 -16.25 55.43
C GLU M 499 85.32 -15.95 54.27
N ASP M 500 84.98 -14.67 54.12
CA ASP M 500 84.01 -14.27 53.12
C ASP M 500 84.54 -14.53 51.72
N TYR M 501 83.79 -15.32 50.95
CA TYR M 501 84.17 -15.66 49.58
C TYR M 501 84.00 -14.44 48.69
N LYS M 502 85.11 -13.80 48.34
CA LYS M 502 85.08 -12.56 47.57
C LYS M 502 85.34 -12.87 46.10
N VAL M 503 84.28 -13.31 45.42
CA VAL M 503 84.32 -13.58 43.99
C VAL M 503 83.08 -12.93 43.39
N ASP M 504 83.28 -11.84 42.64
CA ASP M 504 82.16 -11.12 42.04
C ASP M 504 82.37 -10.89 40.55
N LYS M 505 83.62 -10.72 40.14
CA LYS M 505 83.95 -10.42 38.75
C LYS M 505 85.00 -11.40 38.25
N LEU M 506 84.74 -12.02 37.11
CA LEU M 506 85.69 -12.88 36.43
C LEU M 506 86.30 -12.12 35.26
N ARG M 507 87.05 -12.84 34.42
CA ARG M 507 87.77 -12.19 33.32
C ARG M 507 86.81 -11.47 32.37
N ARG M 508 85.70 -12.11 32.01
CA ARG M 508 84.76 -11.50 31.07
C ARG M 508 84.09 -10.27 31.67
N ASN M 509 83.66 -10.35 32.93
CA ASN M 509 82.95 -9.23 33.55
C ASN M 509 83.85 -8.04 33.84
N ILE M 510 85.17 -8.21 33.75
CA ILE M 510 86.07 -7.06 33.82
C ILE M 510 86.15 -6.38 32.47
N GLU M 511 86.11 -7.16 31.38
CA GLU M 511 86.09 -6.58 30.04
C GLU M 511 84.82 -5.79 29.79
N MET M 512 83.71 -6.21 30.39
CA MET M 512 82.45 -5.49 30.23
C MET M 512 82.57 -4.06 30.76
N ASP M 513 83.15 -3.90 31.95
CA ASP M 513 83.32 -2.57 32.51
C ASP M 513 84.42 -1.79 31.81
N GLU M 514 85.46 -2.48 31.34
CA GLU M 514 86.54 -1.80 30.62
C GLU M 514 86.05 -1.24 29.29
N TYR M 515 85.29 -2.04 28.53
CA TYR M 515 84.81 -1.57 27.23
C TYR M 515 83.76 -0.49 27.40
N ASP M 516 82.90 -0.60 28.42
CA ASP M 516 81.98 0.49 28.73
C ASP M 516 82.72 1.75 29.11
N PHE M 517 83.93 1.61 29.67
CA PHE M 517 84.74 2.79 29.99
C PHE M 517 85.33 3.40 28.72
N ILE M 518 85.72 2.58 27.76
CA ILE M 518 86.27 3.09 26.50
C ILE M 518 85.21 3.86 25.74
N HIS M 519 84.01 3.30 25.63
CA HIS M 519 82.92 4.00 24.96
C HIS M 519 82.53 5.27 25.69
N TRP M 520 82.73 5.31 27.01
CA TRP M 520 82.48 6.53 27.76
C TRP M 520 83.43 7.65 27.34
N ARG M 521 84.70 7.32 27.09
CA ARG M 521 85.65 8.33 26.67
C ARG M 521 85.26 8.95 25.34
N ARG M 522 84.76 8.12 24.41
CA ARG M 522 84.29 8.65 23.13
C ARG M 522 83.13 9.60 23.32
N SER M 523 82.13 9.21 24.11
CA SER M 523 81.00 10.08 24.37
C SER M 523 81.38 11.26 25.25
N PHE M 524 82.46 11.15 26.02
CA PHE M 524 82.89 12.26 26.86
C PHE M 524 83.40 13.43 26.02
N GLU M 525 84.29 13.16 25.07
CA GLU M 525 84.91 14.24 24.31
C GLU M 525 83.98 14.76 23.23
N GLU M 526 83.09 13.92 22.70
CA GLU M 526 82.13 14.40 21.72
C GLU M 526 81.22 15.46 22.32
N ARG M 527 80.76 15.25 23.56
CA ARG M 527 80.01 16.28 24.25
C ARG M 527 80.90 17.42 24.70
N GLU M 528 82.19 17.14 24.90
CA GLU M 528 83.12 18.18 25.32
C GLU M 528 83.45 19.12 24.16
N ALA M 529 83.58 18.58 22.94
CA ALA M 529 83.89 19.42 21.80
C ALA M 529 82.70 20.27 21.38
N LEU M 530 81.48 19.84 21.70
CA LEU M 530 80.30 20.64 21.39
C LEU M 530 80.30 21.96 22.15
N LEU M 531 80.88 21.99 23.36
CA LEU M 531 80.92 23.22 24.13
C LEU M 531 81.70 24.31 23.42
N ARG M 532 82.84 23.96 22.84
CA ARG M 532 83.62 24.92 22.06
C ARG M 532 82.97 25.18 20.70
N ASP M 533 82.34 24.16 20.12
CA ASP M 533 81.76 24.31 18.78
C ASP M 533 80.54 25.22 18.82
N ILE M 534 79.68 25.07 19.82
CA ILE M 534 78.50 25.91 19.94
C ILE M 534 78.90 27.37 20.12
N SER M 535 79.90 27.62 20.97
CA SER M 535 80.34 28.99 21.20
C SER M 535 80.90 29.62 19.94
N CYS M 536 81.71 28.87 19.18
CA CYS M 536 82.31 29.42 17.96
C CYS M 536 81.26 29.76 16.92
N ARG M 537 80.30 28.85 16.70
CA ARG M 537 79.29 29.07 15.67
C ARG M 537 78.25 30.11 16.07
N GLN M 538 78.24 30.55 17.34
CA GLN M 538 77.39 31.65 17.76
C GLN M 538 78.10 32.99 17.79
N ALA M 539 79.43 32.99 17.93
CA ALA M 539 80.17 34.24 17.88
C ALA M 539 80.30 34.76 16.46
N LEU M 540 80.19 33.88 15.47
CA LEU M 540 80.34 34.25 14.06
C LEU M 540 79.02 34.28 13.31
N GLY M 541 78.24 33.22 13.38
CA GLY M 541 76.93 33.22 12.75
C GLY M 541 76.60 31.95 12.00
N LEU M 542 77.51 30.98 12.00
CA LEU M 542 77.28 29.74 11.29
C LEU M 542 76.13 28.96 11.95
N PRO M 543 75.39 28.17 11.18
CA PRO M 543 74.24 27.46 11.74
C PRO M 543 74.66 26.40 12.74
N LEU M 544 73.77 26.14 13.71
CA LEU M 544 73.99 25.09 14.70
C LEU M 544 73.38 23.77 14.24
N GLN M 545 72.11 23.78 13.89
CA GLN M 545 71.46 22.62 13.28
C GLN M 545 71.62 22.70 11.77
N GLU M 546 71.84 21.55 11.14
CA GLU M 546 72.02 21.51 9.71
C GLU M 546 70.74 21.96 9.02
N PRO M 547 70.83 22.76 7.93
CA PRO M 547 69.62 23.32 7.31
C PRO M 547 68.58 22.27 6.96
N GLY M 548 67.32 22.54 7.29
CA GLY M 548 66.22 21.61 7.09
C GLY M 548 66.50 20.26 7.76
N SER N 9 -30.88 -51.13 -16.87
CA SER N 9 -31.52 -52.42 -17.09
C SER N 9 -33.01 -52.25 -17.36
N THR N 10 -33.71 -51.63 -16.41
CA THR N 10 -35.13 -51.40 -16.54
C THR N 10 -35.40 -50.19 -17.45
N GLN N 11 -36.65 -50.08 -17.90
CA GLN N 11 -37.12 -48.96 -18.71
C GLN N 11 -36.30 -48.83 -20.00
N THR N 12 -36.45 -49.85 -20.84
CA THR N 12 -35.75 -49.88 -22.12
C THR N 12 -36.06 -48.63 -22.95
N LEU N 13 -35.23 -48.40 -23.96
CA LEU N 13 -35.27 -47.14 -24.70
C LEU N 13 -36.55 -47.00 -25.51
N GLN N 14 -37.12 -45.80 -25.48
CA GLN N 14 -38.29 -45.45 -26.28
C GLN N 14 -38.35 -43.94 -26.39
N TRP N 15 -39.16 -43.46 -27.34
CA TRP N 15 -39.36 -42.04 -27.56
C TRP N 15 -40.84 -41.72 -27.40
N LYS N 16 -41.14 -40.53 -26.89
CA LYS N 16 -42.51 -40.09 -26.68
C LYS N 16 -42.61 -38.61 -27.00
N CYS N 17 -43.68 -38.23 -27.70
CA CYS N 17 -43.93 -36.85 -28.09
C CYS N 17 -45.02 -36.25 -27.23
N VAL N 18 -44.76 -35.05 -26.68
CA VAL N 18 -45.76 -34.34 -25.91
C VAL N 18 -46.37 -33.18 -26.67
N GLU N 19 -45.56 -32.42 -27.42
CA GLU N 19 -46.03 -31.25 -28.16
C GLU N 19 -45.90 -31.54 -29.64
N SER N 20 -47.01 -31.42 -30.36
CA SER N 20 -47.01 -31.62 -31.80
C SER N 20 -48.13 -30.74 -32.36
N ARG N 21 -47.77 -29.58 -32.87
CA ARG N 21 -48.74 -28.57 -33.27
C ARG N 21 -48.48 -28.14 -34.71
N THR N 22 -49.55 -28.13 -35.52
CA THR N 22 -49.50 -27.61 -36.88
C THR N 22 -50.13 -26.22 -36.86
N ASP N 23 -49.30 -25.19 -37.04
CA ASP N 23 -49.79 -23.82 -36.96
C ASP N 23 -50.55 -23.43 -38.23
N SER N 24 -49.87 -23.46 -39.37
CA SER N 24 -50.46 -23.11 -40.64
C SER N 24 -50.33 -24.30 -41.60
N LYS N 25 -50.72 -24.06 -42.86
CA LYS N 25 -50.66 -25.13 -43.85
C LYS N 25 -49.23 -25.54 -44.16
N CYS N 26 -48.27 -24.62 -44.02
CA CYS N 26 -46.87 -24.88 -44.30
C CYS N 26 -46.00 -24.61 -43.08
N LEU N 27 -46.52 -24.90 -41.89
CA LEU N 27 -45.74 -24.85 -40.66
C LEU N 27 -46.06 -26.08 -39.82
N HIS N 28 -45.04 -26.64 -39.20
CA HIS N 28 -45.19 -27.87 -38.43
C HIS N 28 -44.15 -27.85 -37.31
N TYR N 29 -44.61 -28.00 -36.07
CA TYR N 29 -43.73 -27.97 -34.91
C TYR N 29 -43.91 -29.24 -34.09
N GLY N 30 -42.79 -29.83 -33.67
CA GLY N 30 -42.84 -31.02 -32.84
C GLY N 30 -41.71 -31.03 -31.83
N ARG N 31 -41.98 -31.66 -30.69
CA ARG N 31 -40.98 -31.86 -29.65
C ARG N 31 -41.09 -33.28 -29.12
N PHE N 32 -39.93 -33.88 -28.85
CA PHE N 32 -39.84 -35.30 -28.54
C PHE N 32 -38.89 -35.54 -27.37
N ILE N 33 -39.26 -36.50 -26.52
CA ILE N 33 -38.50 -36.89 -25.34
C ILE N 33 -38.03 -38.32 -25.50
N LEU N 34 -36.78 -38.59 -25.12
CA LEU N 34 -36.23 -39.93 -25.16
C LEU N 34 -36.43 -40.63 -23.82
N SER N 35 -35.76 -41.76 -23.64
CA SER N 35 -35.92 -42.63 -22.49
C SER N 35 -34.73 -42.45 -21.56
N PRO N 36 -34.70 -43.11 -20.39
CA PRO N 36 -33.48 -43.09 -19.57
C PRO N 36 -32.22 -43.41 -20.35
N LEU N 37 -31.34 -42.42 -20.47
CA LEU N 37 -30.06 -42.56 -21.15
C LEU N 37 -28.93 -42.35 -20.14
N MET N 38 -27.86 -43.10 -20.29
CA MET N 38 -26.72 -42.99 -19.38
C MET N 38 -26.01 -41.66 -19.63
N LYS N 39 -24.97 -41.41 -18.83
CA LYS N 39 -24.24 -40.16 -18.94
C LYS N 39 -23.46 -40.11 -20.24
N GLY N 40 -23.65 -39.02 -20.99
CA GLY N 40 -22.94 -38.81 -22.24
C GLY N 40 -23.67 -39.26 -23.49
N GLN N 41 -24.69 -40.11 -23.35
CA GLN N 41 -25.39 -40.60 -24.53
C GLN N 41 -26.19 -39.48 -25.19
N ALA N 42 -26.79 -38.62 -24.37
CA ALA N 42 -27.71 -37.60 -24.88
C ALA N 42 -26.99 -36.62 -25.80
N ASP N 43 -25.79 -36.19 -25.43
CA ASP N 43 -25.06 -35.25 -26.27
C ASP N 43 -24.80 -35.85 -27.64
N THR N 44 -24.24 -37.06 -27.70
CA THR N 44 -23.91 -37.68 -28.97
C THR N 44 -25.15 -37.88 -29.81
N ILE N 45 -26.24 -38.36 -29.20
CA ILE N 45 -27.47 -38.59 -29.95
C ILE N 45 -28.02 -37.28 -30.50
N GLY N 46 -28.07 -36.24 -29.67
CA GLY N 46 -28.57 -34.97 -30.14
C GLY N 46 -27.76 -34.41 -31.29
N ILE N 47 -26.44 -34.48 -31.18
CA ILE N 47 -25.57 -33.94 -32.24
C ILE N 47 -25.77 -34.71 -33.54
N ALA N 48 -25.74 -36.05 -33.46
CA ALA N 48 -25.87 -36.85 -34.67
C ALA N 48 -27.24 -36.66 -35.32
N MET N 49 -28.31 -36.65 -34.51
CA MET N 49 -29.64 -36.51 -35.07
C MET N 49 -29.87 -35.11 -35.63
N ARG N 50 -29.31 -34.08 -34.99
CA ARG N 50 -29.43 -32.73 -35.54
C ARG N 50 -28.68 -32.61 -36.86
N ARG N 51 -27.46 -33.18 -36.93
CA ARG N 51 -26.71 -33.14 -38.18
C ARG N 51 -27.45 -33.87 -39.29
N ALA N 52 -28.11 -34.98 -38.96
CA ALA N 52 -28.89 -35.70 -39.96
C ALA N 52 -30.13 -34.91 -40.36
N LEU N 53 -30.84 -34.34 -39.38
CA LEU N 53 -32.09 -33.65 -39.66
C LEU N 53 -31.86 -32.40 -40.52
N LEU N 54 -30.79 -31.66 -40.25
CA LEU N 54 -30.55 -30.41 -40.95
C LEU N 54 -30.50 -30.64 -42.46
N GLY N 55 -29.49 -31.35 -42.95
CA GLY N 55 -29.63 -31.92 -44.28
C GLY N 55 -29.27 -33.38 -44.38
N GLU N 56 -30.30 -34.24 -44.47
CA GLU N 56 -30.19 -35.57 -45.06
C GLU N 56 -31.38 -35.96 -45.89
N ILE N 57 -32.53 -35.32 -45.70
CA ILE N 57 -33.77 -35.73 -46.34
C ILE N 57 -33.84 -35.13 -47.74
N GLU N 58 -34.16 -35.96 -48.72
CA GLU N 58 -34.35 -35.47 -50.08
C GLU N 58 -35.51 -34.49 -50.13
N GLY N 59 -35.28 -33.36 -50.80
CA GLY N 59 -36.33 -32.36 -50.95
C GLY N 59 -36.66 -32.11 -52.40
N THR N 60 -37.94 -32.10 -52.73
CA THR N 60 -38.39 -31.94 -54.10
C THR N 60 -38.80 -30.49 -54.33
N CYS N 61 -38.19 -29.86 -55.33
CA CYS N 61 -38.46 -28.47 -55.64
C CYS N 61 -38.10 -28.20 -57.10
N ILE N 62 -38.57 -27.06 -57.61
CA ILE N 62 -38.22 -26.67 -58.96
C ILE N 62 -36.75 -26.27 -59.02
N THR N 63 -36.17 -26.37 -60.23
CA THR N 63 -34.79 -25.96 -60.42
C THR N 63 -34.63 -24.99 -61.58
N ARG N 64 -35.48 -25.13 -62.60
CA ARG N 64 -35.38 -24.29 -63.79
C ARG N 64 -36.77 -23.78 -64.17
N ALA N 65 -36.78 -22.85 -65.12
CA ALA N 65 -38.01 -22.31 -65.69
C ALA N 65 -37.69 -21.79 -67.09
N LYS N 66 -38.49 -22.21 -68.07
CA LYS N 66 -38.30 -21.82 -69.46
C LYS N 66 -39.36 -20.77 -69.79
N SER N 67 -38.97 -19.51 -69.73
CA SER N 67 -39.85 -18.41 -70.12
C SER N 67 -39.67 -18.12 -71.60
N GLU N 68 -40.79 -17.97 -72.31
CA GLU N 68 -40.76 -17.75 -73.75
C GLU N 68 -40.78 -16.26 -74.06
N LYS N 69 -39.90 -15.85 -74.97
CA LYS N 69 -39.78 -14.47 -75.44
C LYS N 69 -39.24 -13.53 -74.35
N ILE N 70 -38.41 -14.05 -73.45
CA ILE N 70 -37.73 -13.24 -72.45
C ILE N 70 -36.24 -13.54 -72.54
N PRO N 71 -35.40 -12.56 -72.87
CA PRO N 71 -33.96 -12.84 -73.03
C PRO N 71 -33.12 -12.57 -71.79
N HIS N 72 -33.71 -11.93 -70.77
CA HIS N 72 -32.97 -11.62 -69.56
C HIS N 72 -33.94 -11.51 -68.40
N GLU N 73 -33.42 -11.72 -67.19
CA GLU N 73 -34.27 -11.77 -66.00
C GLU N 73 -34.92 -10.43 -65.71
N TYR N 74 -34.28 -9.32 -66.09
CA TYR N 74 -34.83 -7.98 -65.86
C TYR N 74 -35.60 -7.50 -67.10
N SER N 75 -36.57 -8.31 -67.50
CA SER N 75 -37.39 -8.07 -68.69
C SER N 75 -38.87 -8.28 -68.38
N THR N 76 -39.34 -7.64 -67.31
CA THR N 76 -40.72 -7.81 -66.89
C THR N 76 -41.69 -7.48 -68.02
N ILE N 77 -42.70 -8.33 -68.17
CA ILE N 77 -43.65 -8.25 -69.28
C ILE N 77 -44.88 -7.48 -68.83
N LEU N 78 -45.47 -6.73 -69.75
CA LEU N 78 -46.71 -6.02 -69.46
C LEU N 78 -47.82 -7.01 -69.15
N GLY N 79 -48.69 -6.63 -68.22
CA GLY N 79 -49.77 -7.48 -67.78
C GLY N 79 -49.46 -8.33 -66.56
N ILE N 80 -48.20 -8.43 -66.18
CA ILE N 80 -47.78 -9.18 -64.99
C ILE N 80 -47.17 -8.20 -64.02
N GLN N 81 -47.78 -8.07 -62.84
CA GLN N 81 -47.30 -7.11 -61.84
C GLN N 81 -45.99 -7.53 -61.20
N GLU N 82 -45.54 -8.76 -61.42
CA GLU N 82 -44.28 -9.25 -60.87
C GLU N 82 -43.27 -9.40 -62.01
N SER N 83 -42.06 -8.92 -61.78
CA SER N 83 -41.01 -9.04 -62.78
C SER N 83 -40.59 -10.50 -62.92
N VAL N 84 -39.89 -10.80 -64.02
CA VAL N 84 -39.45 -12.17 -64.29
C VAL N 84 -38.63 -12.69 -63.11
N HIS N 85 -37.75 -11.86 -62.58
CA HIS N 85 -37.04 -12.21 -61.35
C HIS N 85 -38.02 -12.49 -60.22
N GLU N 86 -39.09 -11.70 -60.12
CA GLU N 86 -40.09 -11.96 -59.10
C GLU N 86 -40.90 -13.20 -59.41
N ILE N 87 -41.11 -13.53 -60.69
CA ILE N 87 -41.76 -14.79 -61.02
C ILE N 87 -40.94 -15.97 -60.53
N LEU N 88 -39.62 -15.92 -60.75
CA LEU N 88 -38.76 -16.98 -60.22
C LEU N 88 -38.78 -16.99 -58.69
N MET N 89 -38.74 -15.81 -58.08
CA MET N 89 -38.77 -15.71 -56.62
C MET N 89 -40.02 -16.36 -56.05
N ASN N 90 -41.17 -16.14 -56.70
CA ASN N 90 -42.40 -16.83 -56.30
C ASN N 90 -42.29 -18.33 -56.56
N LEU N 91 -41.76 -18.71 -57.73
CA LEU N 91 -41.54 -20.12 -58.01
C LEU N 91 -40.20 -20.57 -57.46
N LYS N 92 -39.90 -20.16 -56.24
CA LYS N 92 -38.81 -20.74 -55.47
C LYS N 92 -39.26 -21.35 -54.15
N GLU N 93 -40.30 -20.82 -53.52
CA GLU N 93 -40.75 -21.26 -52.21
C GLU N 93 -41.96 -22.18 -52.26
N ILE N 94 -42.31 -22.69 -53.43
CA ILE N 94 -43.41 -23.64 -53.53
C ILE N 94 -43.02 -24.94 -52.86
N VAL N 95 -43.99 -25.60 -52.22
CA VAL N 95 -43.75 -26.80 -51.44
C VAL N 95 -44.40 -27.98 -52.16
N LEU N 96 -43.63 -29.03 -52.40
CA LEU N 96 -44.09 -30.22 -53.09
C LEU N 96 -43.71 -31.46 -52.29
N ARG N 97 -44.63 -32.43 -52.25
CA ARG N 97 -44.37 -33.72 -51.62
C ARG N 97 -44.28 -34.79 -52.71
N SER N 98 -43.27 -35.64 -52.61
CA SER N 98 -43.00 -36.60 -53.67
C SER N 98 -42.05 -37.68 -53.18
N ASN N 99 -41.84 -38.67 -54.05
CA ASN N 99 -40.83 -39.71 -53.90
C ASN N 99 -40.09 -39.93 -55.22
N LEU N 100 -39.88 -38.83 -55.94
CA LEU N 100 -39.29 -38.88 -57.27
C LEU N 100 -37.80 -39.22 -57.21
N TYR N 101 -37.28 -39.69 -58.35
CA TYR N 101 -35.84 -39.77 -58.59
C TYR N 101 -35.58 -39.07 -59.92
N GLY N 102 -34.77 -38.01 -59.89
CA GLY N 102 -34.36 -37.35 -61.10
C GLY N 102 -35.09 -36.05 -61.39
N THR N 103 -35.96 -36.07 -62.39
CA THR N 103 -36.61 -34.86 -62.86
C THR N 103 -37.96 -35.20 -63.49
N CYS N 104 -38.65 -34.17 -63.97
CA CYS N 104 -39.87 -34.31 -64.76
C CYS N 104 -40.07 -33.00 -65.50
N GLU N 105 -41.25 -32.83 -66.10
CA GLU N 105 -41.60 -31.62 -66.81
C GLU N 105 -42.91 -31.07 -66.28
N ALA N 106 -43.13 -29.78 -66.52
CA ALA N 106 -44.34 -29.08 -66.10
C ALA N 106 -44.55 -27.90 -67.05
N SER N 107 -45.69 -27.24 -66.90
CA SER N 107 -46.01 -26.11 -67.75
C SER N 107 -47.04 -25.23 -67.07
N ILE N 108 -47.09 -23.97 -67.51
CA ILE N 108 -48.09 -23.01 -67.06
C ILE N 108 -48.59 -22.33 -68.34
N CYS N 109 -49.72 -22.80 -68.86
CA CYS N 109 -50.28 -22.30 -70.11
C CYS N 109 -51.73 -21.89 -69.86
N VAL N 110 -51.91 -20.64 -69.44
CA VAL N 110 -53.24 -20.05 -69.21
C VAL N 110 -53.24 -18.65 -69.78
N ARG N 111 -54.45 -18.09 -69.91
CA ARG N 111 -54.61 -16.74 -70.46
C ARG N 111 -55.84 -16.13 -69.80
N GLY N 112 -55.63 -15.35 -68.75
CA GLY N 112 -56.73 -14.71 -68.03
C GLY N 112 -56.22 -13.55 -67.18
N PRO N 113 -56.82 -12.38 -67.28
CA PRO N 113 -56.43 -11.27 -66.39
C PRO N 113 -56.90 -11.51 -64.97
N ARG N 114 -56.26 -12.46 -64.28
CA ARG N 114 -56.67 -12.87 -62.96
C ARG N 114 -55.45 -13.39 -62.21
N GLY N 115 -55.66 -13.81 -60.97
CA GLY N 115 -54.58 -14.36 -60.18
C GLY N 115 -54.24 -15.79 -60.59
N VAL N 116 -53.00 -16.17 -60.28
CA VAL N 116 -52.49 -17.50 -60.57
C VAL N 116 -51.98 -18.10 -59.27
N THR N 117 -52.29 -19.38 -59.05
CA THR N 117 -51.88 -20.07 -57.83
C THR N 117 -51.11 -21.33 -58.17
N ALA N 118 -50.82 -22.15 -57.15
CA ALA N 118 -50.04 -23.36 -57.36
C ALA N 118 -50.78 -24.41 -58.17
N GLN N 119 -52.12 -24.34 -58.23
CA GLN N 119 -52.89 -25.33 -58.98
C GLN N 119 -52.55 -25.31 -60.46
N ASP N 120 -52.05 -24.19 -60.96
CA ASP N 120 -51.72 -24.06 -62.38
C ASP N 120 -50.57 -24.96 -62.79
N ILE N 121 -49.78 -25.44 -61.82
CA ILE N 121 -48.61 -26.27 -62.12
C ILE N 121 -49.08 -27.67 -62.50
N ILE N 122 -48.93 -28.02 -63.78
CA ILE N 122 -49.26 -29.37 -64.22
C ILE N 122 -48.20 -30.33 -63.68
N LEU N 123 -48.64 -31.34 -62.96
CA LEU N 123 -47.72 -32.24 -62.29
C LEU N 123 -48.09 -33.69 -62.54
N PRO N 124 -47.10 -34.57 -62.65
CA PRO N 124 -47.37 -36.01 -62.64
C PRO N 124 -47.93 -36.44 -61.29
N PRO N 125 -48.62 -37.58 -61.21
CA PRO N 125 -49.33 -37.91 -59.97
C PRO N 125 -48.44 -38.14 -58.76
N TYR N 126 -47.14 -38.41 -58.95
CA TYR N 126 -46.25 -38.67 -57.83
C TYR N 126 -45.63 -37.41 -57.24
N VAL N 127 -45.97 -36.23 -57.74
CA VAL N 127 -45.63 -34.96 -57.11
C VAL N 127 -46.93 -34.24 -56.79
N GLU N 128 -47.14 -33.93 -55.51
CA GLU N 128 -48.38 -33.32 -55.06
C GLU N 128 -48.09 -32.00 -54.36
N ILE N 129 -48.93 -31.01 -54.63
CA ILE N 129 -48.75 -29.69 -54.02
C ILE N 129 -49.14 -29.76 -52.56
N VAL N 130 -48.43 -28.98 -51.73
CA VAL N 130 -48.68 -29.00 -50.29
C VAL N 130 -49.68 -27.94 -49.87
N ASP N 131 -49.55 -26.73 -50.41
CA ASP N 131 -50.50 -25.65 -50.15
C ASP N 131 -51.24 -25.29 -51.42
N ASN N 132 -52.37 -24.62 -51.25
CA ASN N 132 -53.16 -24.15 -52.38
C ASN N 132 -53.33 -22.64 -52.40
N THR N 133 -52.89 -21.94 -51.35
CA THR N 133 -53.03 -20.50 -51.26
C THR N 133 -51.80 -19.74 -51.71
N GLN N 134 -50.76 -20.44 -52.19
CA GLN N 134 -49.55 -19.76 -52.62
C GLN N 134 -49.79 -19.03 -53.95
N HIS N 135 -49.20 -17.85 -54.06
CA HIS N 135 -49.35 -17.01 -55.24
C HIS N 135 -48.11 -17.12 -56.13
N ILE N 136 -48.33 -16.99 -57.43
CA ILE N 136 -47.24 -17.10 -58.40
C ILE N 136 -47.03 -15.76 -59.11
N ALA N 137 -48.08 -15.29 -59.79
CA ALA N 137 -48.01 -14.03 -60.51
C ALA N 137 -49.37 -13.34 -60.42
N SER N 138 -49.43 -12.13 -60.96
CA SER N 138 -50.64 -11.32 -60.96
C SER N 138 -50.91 -10.85 -62.39
N LEU N 139 -51.73 -11.60 -63.11
CA LEU N 139 -52.07 -11.25 -64.48
C LEU N 139 -53.17 -10.20 -64.51
N THR N 140 -53.00 -9.19 -65.37
CA THR N 140 -54.01 -8.17 -65.54
C THR N 140 -54.28 -7.85 -67.00
N GLU N 141 -53.70 -8.61 -67.93
CA GLU N 141 -53.89 -8.40 -69.35
C GLU N 141 -54.24 -9.72 -70.02
N PRO N 142 -55.07 -9.69 -71.07
CA PRO N 142 -55.40 -10.94 -71.77
C PRO N 142 -54.24 -11.44 -72.62
N ILE N 143 -53.17 -11.87 -71.97
CA ILE N 143 -51.97 -12.32 -72.66
C ILE N 143 -51.72 -13.79 -72.31
N ASP N 144 -51.01 -14.48 -73.20
CA ASP N 144 -50.66 -15.88 -72.98
C ASP N 144 -49.24 -15.97 -72.44
N LEU N 145 -49.08 -16.71 -71.35
CA LEU N 145 -47.78 -16.91 -70.73
C LEU N 145 -47.45 -18.40 -70.72
N CYS N 146 -46.16 -18.71 -70.87
CA CYS N 146 -45.70 -20.09 -70.91
C CYS N 146 -44.38 -20.19 -70.17
N ILE N 147 -44.37 -20.95 -69.09
CA ILE N 147 -43.17 -21.19 -68.28
C ILE N 147 -43.05 -22.69 -68.08
N GLY N 148 -42.06 -23.30 -68.71
CA GLY N 148 -41.86 -24.73 -68.59
C GLY N 148 -40.98 -25.08 -67.39
N LEU N 149 -41.60 -25.50 -66.30
CA LEU N 149 -40.87 -25.79 -65.07
C LEU N 149 -40.04 -27.06 -65.25
N GLN N 150 -39.22 -27.35 -64.23
CA GLN N 150 -38.46 -28.59 -64.21
C GLN N 150 -38.18 -28.93 -62.74
N LEU N 151 -38.86 -29.94 -62.22
CA LEU N 151 -38.70 -30.34 -60.84
C LEU N 151 -37.44 -31.17 -60.66
N GLU N 152 -37.04 -31.35 -59.40
CA GLU N 152 -35.86 -32.13 -59.07
C GLU N 152 -35.92 -32.48 -57.60
N ARG N 153 -35.16 -33.50 -57.21
CA ARG N 153 -35.16 -33.97 -55.82
C ARG N 153 -33.77 -34.45 -55.49
N ASN N 154 -33.06 -33.71 -54.63
CA ASN N 154 -31.73 -34.06 -54.16
C ASN N 154 -31.72 -34.19 -52.65
N ARG N 155 -30.53 -34.35 -52.09
CA ARG N 155 -30.35 -34.52 -50.66
C ARG N 155 -30.19 -33.15 -50.00
N GLY N 156 -29.78 -33.13 -48.74
CA GLY N 156 -29.64 -31.89 -48.00
C GLY N 156 -28.52 -31.00 -48.51
N TYR N 157 -27.28 -31.43 -48.34
CA TYR N 157 -26.12 -30.64 -48.79
C TYR N 157 -25.72 -31.07 -50.20
N HIS N 158 -26.52 -30.63 -51.17
CA HIS N 158 -26.24 -30.85 -52.58
C HIS N 158 -25.84 -29.53 -53.22
N ILE N 159 -24.74 -29.55 -53.95
CA ILE N 159 -24.24 -28.36 -54.66
C ILE N 159 -24.30 -28.66 -56.15
N LYS N 160 -25.03 -27.81 -56.88
CA LYS N 160 -25.28 -28.01 -58.30
C LYS N 160 -24.83 -26.80 -59.09
N ALA N 161 -24.20 -27.04 -60.25
CA ALA N 161 -23.68 -25.99 -61.11
C ALA N 161 -24.70 -25.61 -62.17
N PRO N 162 -24.75 -24.34 -62.57
CA PRO N 162 -25.69 -23.94 -63.63
C PRO N 162 -25.36 -24.62 -64.95
N ASN N 163 -26.40 -24.98 -65.69
CA ASN N 163 -26.26 -25.66 -66.97
C ASN N 163 -27.46 -25.32 -67.84
N ASN N 164 -27.46 -25.87 -69.06
CA ASN N 164 -28.58 -25.76 -70.00
C ASN N 164 -28.92 -24.28 -70.27
N PHE N 165 -27.94 -23.57 -70.83
CA PHE N 165 -28.11 -22.17 -71.20
C PHE N 165 -28.65 -21.99 -72.61
N GLN N 166 -28.84 -23.08 -73.35
CA GLN N 166 -29.18 -22.97 -74.77
C GLN N 166 -30.59 -22.43 -74.97
N ASP N 167 -31.56 -22.95 -74.23
CA ASP N 167 -32.96 -22.61 -74.43
C ASP N 167 -33.40 -21.40 -73.61
N GLY N 168 -32.47 -20.72 -72.95
CA GLY N 168 -32.84 -19.55 -72.17
C GLY N 168 -33.52 -19.86 -70.85
N SER N 169 -33.30 -21.05 -70.30
CA SER N 169 -33.86 -21.38 -69.00
C SER N 169 -33.19 -20.57 -67.90
N PHE N 170 -33.98 -20.15 -66.91
CA PHE N 170 -33.48 -19.35 -65.81
C PHE N 170 -33.31 -20.22 -64.58
N PRO N 171 -32.09 -20.39 -64.06
CA PRO N 171 -31.92 -21.19 -62.84
C PRO N 171 -32.67 -20.59 -61.66
N ILE N 172 -33.27 -21.47 -60.87
CA ILE N 172 -34.07 -21.06 -59.72
C ILE N 172 -33.46 -21.75 -58.50
N ASP N 173 -32.13 -21.84 -58.48
CA ASP N 173 -31.38 -22.60 -57.48
C ASP N 173 -31.99 -22.47 -56.09
N ALA N 174 -32.34 -23.61 -55.51
CA ALA N 174 -33.17 -23.66 -54.30
C ALA N 174 -32.40 -24.33 -53.16
N LEU N 175 -33.09 -24.51 -52.04
CA LEU N 175 -32.49 -25.02 -50.81
C LEU N 175 -32.65 -26.53 -50.64
N PHE N 176 -33.72 -27.12 -51.16
CA PHE N 176 -34.08 -28.52 -50.90
C PHE N 176 -34.21 -28.78 -49.40
N MET N 177 -34.80 -27.82 -48.69
CA MET N 177 -35.19 -27.97 -47.29
C MET N 177 -36.62 -28.45 -47.13
N PRO N 178 -36.84 -29.64 -46.55
CA PRO N 178 -38.11 -29.88 -45.85
C PRO N 178 -38.09 -29.38 -44.42
N VAL N 179 -36.91 -29.22 -43.83
CA VAL N 179 -36.78 -28.76 -42.47
C VAL N 179 -36.51 -27.25 -42.49
N ARG N 180 -36.75 -26.60 -41.35
CA ARG N 180 -36.50 -25.17 -41.22
C ARG N 180 -35.69 -24.80 -39.98
N ASN N 181 -35.72 -25.62 -38.93
CA ASN N 181 -34.90 -25.37 -37.74
C ASN N 181 -34.97 -26.60 -36.85
N VAL N 182 -33.84 -26.96 -36.24
CA VAL N 182 -33.77 -28.06 -35.30
C VAL N 182 -33.09 -27.56 -34.04
N ASN N 183 -33.62 -27.97 -32.89
CA ASN N 183 -33.12 -27.50 -31.60
C ASN N 183 -33.08 -28.68 -30.63
N HIS N 184 -31.89 -29.06 -30.18
CA HIS N 184 -31.73 -30.19 -29.27
C HIS N 184 -31.31 -29.69 -27.90
N SER N 185 -31.84 -30.33 -26.86
CA SER N 185 -31.50 -29.99 -25.49
C SER N 185 -31.41 -31.28 -24.68
N ILE N 186 -30.75 -31.20 -23.52
CA ILE N 186 -30.61 -32.35 -22.65
C ILE N 186 -31.08 -31.99 -21.25
N HIS N 187 -31.53 -33.00 -20.52
CA HIS N 187 -31.87 -32.89 -19.11
C HIS N 187 -31.21 -34.05 -18.38
N SER N 188 -30.98 -33.86 -17.09
CA SER N 188 -30.34 -34.93 -16.32
C SER N 188 -30.93 -34.96 -14.92
N TYR N 189 -30.89 -36.14 -14.32
CA TYR N 189 -31.46 -36.36 -13.01
C TYR N 189 -30.59 -37.33 -12.23
N GLY N 190 -30.48 -37.13 -10.93
CA GLY N 190 -29.69 -38.01 -10.09
C GLY N 190 -30.45 -38.51 -8.88
N ASN N 191 -30.67 -39.82 -8.80
CA ASN N 191 -31.35 -40.43 -7.67
C ASN N 191 -30.42 -40.67 -6.49
N GLY N 192 -29.22 -40.09 -6.51
CA GLY N 192 -28.21 -40.30 -5.50
C GLY N 192 -27.13 -41.26 -5.91
N ASN N 193 -27.42 -42.20 -6.82
CA ASN N 193 -26.42 -43.13 -7.31
C ASN N 193 -26.54 -43.41 -8.81
N GLU N 194 -27.45 -42.76 -9.53
CA GLU N 194 -27.63 -43.01 -10.94
C GLU N 194 -27.92 -41.70 -11.66
N LYS N 195 -27.15 -41.41 -12.70
CA LYS N 195 -27.29 -40.16 -13.45
C LYS N 195 -28.11 -40.41 -14.71
N GLN N 196 -29.40 -40.67 -14.50
CA GLN N 196 -30.31 -40.85 -15.62
C GLN N 196 -30.52 -39.52 -16.34
N GLU N 197 -30.51 -39.57 -17.68
CA GLU N 197 -30.61 -38.38 -18.51
C GLU N 197 -31.76 -38.53 -19.50
N ILE N 198 -32.06 -37.42 -20.17
CA ILE N 198 -33.23 -37.30 -21.05
C ILE N 198 -32.86 -36.38 -22.20
N LEU N 199 -33.35 -36.69 -23.40
CA LEU N 199 -33.12 -35.87 -24.58
C LEU N 199 -34.41 -35.17 -24.98
N PHE N 200 -34.27 -33.95 -25.50
CA PHE N 200 -35.38 -33.18 -26.04
C PHE N 200 -35.01 -32.74 -27.46
N LEU N 201 -35.87 -33.06 -28.42
CA LEU N 201 -35.68 -32.63 -29.79
C LEU N 201 -36.84 -31.76 -30.24
N GLU N 202 -36.54 -30.66 -30.91
CA GLU N 202 -37.54 -29.74 -31.44
C GLU N 202 -37.32 -29.59 -32.93
N ILE N 203 -38.34 -29.89 -33.72
CA ILE N 203 -38.25 -29.93 -35.17
C ILE N 203 -39.34 -29.05 -35.76
N TRP N 204 -38.93 -28.13 -36.63
CA TRP N 204 -39.83 -27.45 -37.57
C TRP N 204 -39.73 -28.14 -38.92
N THR N 205 -40.73 -27.92 -39.77
CA THR N 205 -40.75 -28.62 -41.05
C THR N 205 -41.53 -27.79 -42.05
N ASN N 206 -41.22 -27.99 -43.34
CA ASN N 206 -41.81 -27.18 -44.40
C ASN N 206 -43.31 -27.43 -44.51
N GLY N 207 -43.72 -28.69 -44.57
CA GLY N 207 -45.11 -29.02 -44.75
C GLY N 207 -45.34 -30.24 -45.63
N SER N 208 -44.38 -30.53 -46.51
CA SER N 208 -44.42 -31.73 -47.33
C SER N 208 -44.00 -32.97 -46.56
N LEU N 209 -43.89 -32.86 -45.24
CA LEU N 209 -43.38 -33.95 -44.41
C LEU N 209 -43.83 -33.69 -42.99
N THR N 210 -44.64 -34.59 -42.44
CA THR N 210 -45.08 -34.44 -41.06
C THR N 210 -43.86 -34.48 -40.14
N PRO N 211 -43.76 -33.57 -39.15
CA PRO N 211 -42.54 -33.53 -38.34
C PRO N 211 -42.47 -34.64 -37.32
N LYS N 212 -42.89 -35.83 -37.75
CA LYS N 212 -42.67 -37.07 -37.00
C LYS N 212 -42.08 -38.07 -37.98
N GLU N 213 -42.44 -37.92 -39.26
CA GLU N 213 -41.77 -38.66 -40.31
C GLU N 213 -40.31 -38.23 -40.43
N ALA N 214 -40.00 -36.99 -40.03
CA ALA N 214 -38.61 -36.56 -39.98
C ALA N 214 -37.82 -37.38 -38.98
N LEU N 215 -38.42 -37.69 -37.83
CA LEU N 215 -37.74 -38.50 -36.82
C LEU N 215 -37.35 -39.86 -37.39
N TYR N 216 -38.26 -40.49 -38.14
CA TYR N 216 -37.98 -41.78 -38.74
C TYR N 216 -36.97 -41.69 -39.87
N GLU N 217 -37.11 -40.68 -40.74
CA GLU N 217 -36.28 -40.60 -41.93
C GLU N 217 -34.84 -40.22 -41.59
N ALA N 218 -34.66 -39.23 -40.71
CA ALA N 218 -33.32 -38.81 -40.33
C ALA N 218 -32.60 -39.81 -39.46
N SER N 219 -33.30 -40.82 -38.94
CA SER N 219 -32.65 -41.91 -38.23
C SER N 219 -32.33 -43.07 -39.18
N ARG N 220 -33.24 -43.36 -40.10
CA ARG N 220 -32.97 -44.39 -41.10
C ARG N 220 -31.80 -43.99 -41.99
N ASN N 221 -31.73 -42.73 -42.40
CA ASN N 221 -30.66 -42.28 -43.28
C ASN N 221 -29.31 -42.23 -42.59
N LEU N 222 -29.28 -42.26 -41.26
CA LEU N 222 -28.03 -42.32 -40.51
C LEU N 222 -27.64 -43.77 -40.22
N ILE N 223 -28.63 -44.61 -39.94
CA ILE N 223 -28.36 -46.04 -39.77
C ILE N 223 -27.85 -46.64 -41.07
N ASP N 224 -28.37 -46.16 -42.21
CA ASP N 224 -27.89 -46.64 -43.50
C ASP N 224 -26.41 -46.34 -43.69
N LEU N 225 -25.95 -45.20 -43.19
CA LEU N 225 -24.53 -44.87 -43.29
C LEU N 225 -23.69 -45.64 -42.29
N LEU N 226 -24.22 -45.86 -41.09
CA LEU N 226 -23.45 -46.55 -40.05
C LEU N 226 -23.39 -48.07 -40.25
N ILE N 227 -24.32 -48.64 -41.02
CA ILE N 227 -24.36 -50.09 -41.19
C ILE N 227 -23.12 -50.66 -41.88
N PRO N 228 -22.64 -50.09 -43.00
CA PRO N 228 -21.55 -50.76 -43.74
C PRO N 228 -20.27 -51.00 -42.94
N PHE N 229 -20.16 -50.48 -41.72
CA PHE N 229 -19.02 -50.81 -40.88
C PHE N 229 -19.08 -52.22 -40.32
N LEU N 230 -20.24 -52.88 -40.42
CA LEU N 230 -20.37 -54.27 -40.02
C LEU N 230 -20.16 -55.24 -41.17
N HIS N 231 -20.01 -54.72 -42.39
CA HIS N 231 -19.92 -55.55 -43.58
C HIS N 231 -18.62 -56.34 -43.56
N LYS O 63 -55.76 2.03 -47.09
CA LYS O 63 -55.07 2.98 -47.95
C LYS O 63 -53.57 2.95 -47.70
N ASP O 64 -53.17 2.96 -46.44
CA ASP O 64 -51.76 2.87 -46.08
C ASP O 64 -51.30 1.43 -46.27
N VAL O 65 -50.35 1.22 -47.18
CA VAL O 65 -49.91 -0.15 -47.51
C VAL O 65 -48.78 -0.48 -46.55
N PHE O 66 -49.15 -0.78 -45.31
CA PHE O 66 -48.29 -1.51 -44.38
C PHE O 66 -49.13 -2.41 -43.46
N MET O 67 -50.35 -2.75 -43.87
CA MET O 67 -51.30 -3.41 -42.98
C MET O 67 -50.78 -4.74 -42.47
N GLU O 68 -50.22 -5.55 -43.37
CA GLU O 68 -49.76 -6.89 -43.02
C GLU O 68 -48.25 -7.02 -42.98
N ALA O 69 -47.51 -6.14 -43.64
CA ALA O 69 -46.06 -6.19 -43.58
C ALA O 69 -45.55 -5.97 -42.16
N LYS O 70 -46.28 -5.19 -41.36
CA LYS O 70 -45.95 -4.98 -39.97
C LYS O 70 -46.69 -5.94 -39.05
N LEU O 71 -47.51 -6.84 -39.60
CA LEU O 71 -48.33 -7.74 -38.80
C LEU O 71 -48.06 -9.21 -39.08
N GLU O 72 -47.15 -9.54 -40.00
CA GLU O 72 -46.83 -10.94 -40.25
C GLU O 72 -46.30 -11.58 -38.97
N ARG O 73 -46.85 -12.74 -38.64
CA ARG O 73 -46.48 -13.42 -37.40
C ARG O 73 -45.05 -13.95 -37.52
N VAL O 74 -44.24 -13.65 -36.51
CA VAL O 74 -42.87 -14.16 -36.46
C VAL O 74 -42.95 -15.63 -36.05
N PRO O 75 -42.44 -16.55 -36.87
CA PRO O 75 -42.46 -17.96 -36.48
C PRO O 75 -41.25 -18.35 -35.65
N PHE O 76 -41.09 -19.64 -35.36
CA PHE O 76 -39.98 -20.18 -34.58
C PHE O 76 -39.93 -19.60 -33.18
N LEU O 77 -41.05 -19.09 -32.67
CA LEU O 77 -41.08 -18.46 -31.36
C LEU O 77 -41.30 -19.44 -30.22
N GLU O 78 -41.57 -20.72 -30.52
CA GLU O 78 -41.92 -21.66 -29.47
C GLU O 78 -40.78 -21.88 -28.50
N GLU O 79 -39.54 -21.94 -29.00
CA GLU O 79 -38.41 -22.07 -28.10
C GLU O 79 -38.13 -20.76 -27.36
N GLN O 80 -38.47 -19.62 -27.96
CA GLN O 80 -38.42 -18.35 -27.23
C GLN O 80 -39.77 -18.03 -26.59
N MET O 81 -40.30 -19.05 -25.93
CA MET O 81 -41.45 -18.92 -25.04
C MET O 81 -41.18 -19.65 -23.73
N ARG O 82 -40.29 -20.63 -23.74
CA ARG O 82 -39.99 -21.47 -22.58
C ARG O 82 -38.91 -20.86 -21.71
N LYS O 83 -37.75 -20.52 -22.27
CA LYS O 83 -36.64 -20.00 -21.47
C LYS O 83 -37.06 -18.79 -20.64
N VAL O 84 -38.14 -18.12 -21.01
CA VAL O 84 -38.72 -17.09 -20.15
C VAL O 84 -39.30 -17.71 -18.88
N ASN O 85 -39.88 -18.90 -19.00
CA ASN O 85 -40.69 -19.46 -17.92
C ASN O 85 -39.90 -20.09 -16.79
N GLU O 86 -38.73 -20.71 -17.05
CA GLU O 86 -37.91 -21.19 -15.94
C GLU O 86 -36.90 -20.16 -15.45
N GLY O 87 -36.62 -19.13 -16.23
CA GLY O 87 -35.70 -18.10 -15.79
C GLY O 87 -36.31 -17.06 -14.88
N GLY O 88 -37.60 -17.19 -14.56
CA GLY O 88 -38.28 -16.17 -13.79
C GLY O 88 -38.70 -14.96 -14.60
N GLY O 89 -38.64 -15.06 -15.93
CA GLY O 89 -38.96 -13.92 -16.76
C GLY O 89 -40.42 -13.50 -16.67
N VAL O 90 -41.33 -14.46 -16.51
CA VAL O 90 -42.74 -14.11 -16.44
C VAL O 90 -43.04 -13.30 -15.18
N MET O 91 -42.48 -13.69 -14.04
CA MET O 91 -42.66 -12.92 -12.82
C MET O 91 -42.04 -11.53 -12.94
N ALA O 92 -40.84 -11.44 -13.53
CA ALA O 92 -40.19 -10.16 -13.68
C ALA O 92 -40.98 -9.22 -14.58
N GLY O 93 -41.52 -9.76 -15.67
CA GLY O 93 -42.35 -8.96 -16.56
C GLY O 93 -43.75 -8.72 -16.08
N ASP O 94 -44.18 -9.42 -15.03
CA ASP O 94 -45.46 -9.15 -14.41
C ASP O 94 -45.35 -8.13 -13.29
N ILE O 95 -44.22 -8.13 -12.58
CA ILE O 95 -44.02 -7.18 -11.48
C ILE O 95 -44.04 -5.75 -12.00
N ASP O 96 -43.36 -5.50 -13.11
CA ASP O 96 -43.31 -4.14 -13.66
C ASP O 96 -44.68 -3.71 -14.19
N ARG O 97 -45.44 -4.64 -14.76
CA ARG O 97 -46.77 -4.29 -15.23
C ARG O 97 -47.71 -4.00 -14.08
N LEU O 98 -47.53 -4.68 -12.94
CA LEU O 98 -48.28 -4.33 -11.74
C LEU O 98 -47.85 -2.99 -11.19
N MET O 99 -46.56 -2.66 -11.32
CA MET O 99 -46.02 -1.39 -10.84
C MET O 99 -46.10 -0.29 -11.89
N LYS O 100 -46.74 -0.55 -13.03
CA LYS O 100 -46.81 0.44 -14.09
C LYS O 100 -47.72 1.62 -13.72
N SER O 101 -48.64 1.42 -12.78
CA SER O 101 -49.57 2.48 -12.37
C SER O 101 -49.27 3.04 -10.99
N GLU O 102 -48.46 2.35 -10.18
CA GLU O 102 -48.18 2.82 -8.83
C GLU O 102 -47.31 4.07 -8.87
N ASP O 103 -47.57 4.99 -7.93
CA ASP O 103 -46.79 6.22 -7.85
C ASP O 103 -45.51 6.01 -7.04
N ASN O 104 -45.65 5.51 -5.82
CA ASN O 104 -44.52 5.22 -4.94
C ASN O 104 -44.35 3.72 -4.82
N ARG O 105 -43.18 3.21 -5.19
CA ARG O 105 -42.96 1.77 -5.18
C ARG O 105 -42.89 1.21 -3.76
N PHE O 106 -42.42 2.01 -2.80
CA PHE O 106 -42.33 1.53 -1.43
C PHE O 106 -43.70 1.23 -0.85
N ALA O 107 -44.69 2.08 -1.14
CA ALA O 107 -46.05 1.81 -0.69
C ALA O 107 -46.59 0.53 -1.30
N PHE O 108 -46.32 0.31 -2.59
CA PHE O 108 -46.75 -0.93 -3.24
C PHE O 108 -46.12 -2.15 -2.58
N VAL O 109 -44.81 -2.07 -2.27
CA VAL O 109 -44.12 -3.18 -1.62
C VAL O 109 -44.70 -3.44 -0.25
N ASN O 110 -44.96 -2.37 0.52
CA ASN O 110 -45.52 -2.54 1.85
C ASN O 110 -46.92 -3.13 1.80
N GLU O 111 -47.73 -2.71 0.84
CA GLU O 111 -49.06 -3.29 0.68
C GLU O 111 -48.97 -4.78 0.34
N ILE O 112 -48.05 -5.14 -0.55
CA ILE O 112 -47.87 -6.55 -0.90
C ILE O 112 -47.45 -7.34 0.34
N ALA O 113 -46.52 -6.80 1.13
CA ALA O 113 -46.06 -7.51 2.31
C ALA O 113 -47.17 -7.68 3.34
N ALA O 114 -47.98 -6.64 3.54
CA ALA O 114 -49.11 -6.76 4.47
C ALA O 114 -50.13 -7.77 3.99
N GLU O 115 -50.44 -7.79 2.69
CA GLU O 115 -51.38 -8.76 2.17
C GLU O 115 -50.84 -10.18 2.32
N ALA O 116 -49.53 -10.37 2.09
CA ALA O 116 -48.93 -11.68 2.30
C ALA O 116 -48.96 -12.09 3.76
N THR O 117 -48.74 -11.14 4.68
CA THR O 117 -48.84 -11.46 6.10
C THR O 117 -50.25 -11.90 6.47
N ALA O 118 -51.26 -11.21 5.93
CA ALA O 118 -52.64 -11.63 6.17
C ALA O 118 -52.89 -13.02 5.60
N TYR O 119 -52.36 -13.31 4.40
CA TYR O 119 -52.50 -14.63 3.80
C TYR O 119 -51.90 -15.71 4.70
N VAL O 120 -50.71 -15.44 5.25
CA VAL O 120 -50.07 -16.41 6.13
C VAL O 120 -50.91 -16.60 7.39
N ASN O 121 -51.47 -15.52 7.92
CA ASN O 121 -52.23 -15.63 9.17
C ASN O 121 -53.52 -16.41 8.99
N ASN O 122 -54.27 -16.16 7.90
CA ASN O 122 -55.61 -16.73 7.82
C ASN O 122 -55.57 -18.23 7.54
N ASN O 123 -54.63 -18.68 6.71
CA ASN O 123 -54.55 -20.08 6.27
C ASN O 123 -53.12 -20.59 6.49
N ARG O 124 -52.68 -20.56 7.76
CA ARG O 124 -51.29 -20.88 8.09
C ARG O 124 -50.79 -22.17 7.46
N ASP O 125 -51.55 -23.26 7.57
CA ASP O 125 -50.97 -24.59 7.42
C ASP O 125 -50.81 -24.98 5.95
N GLU O 126 -50.67 -24.00 5.07
CA GLU O 126 -50.42 -24.24 3.66
C GLU O 126 -49.11 -23.67 3.15
N TYR O 127 -48.56 -22.65 3.79
CA TYR O 127 -47.41 -21.94 3.25
C TYR O 127 -46.11 -22.46 3.84
N GLY O 128 -45.04 -22.33 3.07
CA GLY O 128 -43.76 -22.97 3.34
C GLY O 128 -43.23 -23.48 2.02
N HIS O 129 -44.14 -23.84 1.12
CA HIS O 129 -43.86 -24.17 -0.27
C HIS O 129 -44.41 -23.13 -1.22
N LYS O 130 -45.60 -22.63 -0.93
CA LYS O 130 -46.34 -21.80 -1.88
C LYS O 130 -45.80 -20.38 -1.96
N LYS O 131 -45.04 -19.93 -0.96
CA LYS O 131 -44.38 -18.63 -0.98
C LYS O 131 -45.40 -17.50 -1.16
N ALA O 132 -46.22 -17.33 -0.13
CA ALA O 132 -47.42 -16.50 -0.14
C ALA O 132 -47.26 -15.16 -0.85
N ILE O 133 -46.04 -14.62 -0.89
CA ILE O 133 -45.80 -13.42 -1.71
C ILE O 133 -46.07 -13.73 -3.17
N HIS O 134 -45.58 -14.87 -3.66
CA HIS O 134 -45.94 -15.30 -5.00
C HIS O 134 -47.45 -15.52 -5.12
N HIS O 135 -48.09 -15.98 -4.04
CA HIS O 135 -49.54 -16.19 -4.07
C HIS O 135 -50.28 -14.89 -4.28
N VAL O 136 -49.92 -13.85 -3.53
CA VAL O 136 -50.63 -12.57 -3.67
C VAL O 136 -50.31 -11.92 -5.01
N LEU O 137 -49.07 -12.06 -5.48
CA LEU O 137 -48.75 -11.53 -6.80
C LEU O 137 -49.57 -12.22 -7.89
N SER O 138 -49.70 -13.55 -7.81
CA SER O 138 -50.52 -14.27 -8.78
C SER O 138 -51.99 -13.88 -8.66
N ASN O 139 -52.47 -13.68 -7.43
CA ASN O 139 -53.85 -13.26 -7.24
C ASN O 139 -54.11 -11.91 -7.89
N ARG O 140 -53.20 -10.96 -7.71
CA ARG O 140 -53.36 -9.65 -8.32
C ARG O 140 -53.23 -9.71 -9.83
N MET O 141 -52.40 -10.60 -10.36
CA MET O 141 -52.24 -10.69 -11.80
C MET O 141 -53.35 -11.50 -12.46
N ASN O 142 -54.10 -12.28 -11.69
CA ASN O 142 -55.12 -13.16 -12.25
C ASN O 142 -56.50 -12.53 -12.34
N ASP O 143 -56.67 -11.28 -11.93
CA ASP O 143 -57.97 -10.63 -11.97
C ASP O 143 -58.17 -9.78 -13.22
N ALA O 144 -57.22 -9.77 -14.14
CA ALA O 144 -57.32 -9.04 -15.39
C ALA O 144 -56.83 -9.90 -16.54
N GLY O 145 -57.32 -11.14 -16.61
CA GLY O 145 -56.76 -12.12 -17.52
C GLY O 145 -55.46 -12.64 -16.95
N PHE O 146 -54.48 -12.90 -17.82
CA PHE O 146 -53.11 -13.20 -17.36
C PHE O 146 -53.11 -14.41 -16.43
N ALA O 147 -53.39 -15.57 -17.04
CA ALA O 147 -53.67 -16.82 -16.32
C ALA O 147 -52.80 -17.01 -15.08
N ARG O 148 -51.48 -17.03 -15.26
CA ARG O 148 -50.53 -17.01 -14.14
C ARG O 148 -50.83 -18.08 -13.09
N PRO O 149 -50.48 -19.35 -13.35
CA PRO O 149 -50.84 -20.44 -12.42
C PRO O 149 -50.58 -20.14 -10.96
N GLU O 150 -51.32 -20.81 -10.08
CA GLU O 150 -51.38 -20.45 -8.67
C GLU O 150 -49.99 -20.42 -8.04
N ALA O 151 -49.69 -19.30 -7.37
CA ALA O 151 -48.43 -19.10 -6.64
C ALA O 151 -47.20 -19.25 -7.52
N TYR O 152 -47.38 -19.18 -8.85
CA TYR O 152 -46.28 -19.35 -9.80
C TYR O 152 -45.54 -20.66 -9.55
N LEU O 153 -46.31 -21.70 -9.21
CA LEU O 153 -45.72 -22.98 -8.85
C LEU O 153 -45.12 -23.66 -10.08
N GLU O 154 -43.93 -24.23 -9.91
CA GLU O 154 -43.24 -24.93 -10.98
C GLU O 154 -43.33 -26.43 -10.76
N THR O 155 -43.53 -27.17 -11.84
CA THR O 155 -43.65 -28.61 -11.83
C THR O 155 -42.48 -29.25 -12.56
N GLU O 156 -42.43 -30.57 -12.52
CA GLU O 156 -41.44 -31.36 -13.24
C GLU O 156 -42.18 -32.40 -14.06
N PRO O 157 -42.70 -32.00 -15.23
CA PRO O 157 -43.53 -32.94 -16.02
C PRO O 157 -42.81 -34.23 -16.39
N PHE O 158 -41.52 -34.16 -16.68
CA PHE O 158 -40.73 -35.33 -17.08
C PHE O 158 -39.61 -35.51 -16.05
N SER O 159 -39.90 -36.25 -14.99
CA SER O 159 -38.92 -36.46 -13.92
C SER O 159 -39.22 -37.77 -13.22
N PRO O 160 -38.71 -38.88 -13.75
CA PRO O 160 -38.68 -40.12 -12.95
C PRO O 160 -37.45 -40.14 -12.06
N GLY O 161 -37.22 -39.02 -11.38
CA GLY O 161 -36.11 -38.87 -10.47
C GLY O 161 -36.41 -37.77 -9.46
N PRO O 162 -35.60 -37.70 -8.40
CA PRO O 162 -35.91 -36.74 -7.33
C PRO O 162 -35.44 -35.32 -7.61
N THR O 163 -34.30 -35.14 -8.26
CA THR O 163 -33.70 -33.82 -8.37
C THR O 163 -33.08 -33.61 -9.75
N TYR O 164 -33.32 -32.43 -10.31
CA TYR O 164 -32.62 -31.98 -11.51
C TYR O 164 -31.20 -31.52 -11.13
N LEU O 165 -30.31 -31.57 -12.13
CA LEU O 165 -28.93 -31.17 -11.88
C LEU O 165 -28.78 -29.66 -11.77
N LYS O 166 -29.63 -28.91 -12.45
CA LYS O 166 -29.60 -27.44 -12.45
C LYS O 166 -28.24 -26.91 -12.91
N GLU O 167 -27.88 -27.29 -14.13
CA GLU O 167 -26.63 -26.85 -14.77
C GLU O 167 -25.41 -27.13 -13.89
N ARG P 39 80.90 5.52 -17.50
CA ARG P 39 80.54 6.52 -16.52
C ARG P 39 80.85 6.05 -15.11
N ILE P 40 81.62 6.84 -14.37
CA ILE P 40 82.02 6.51 -13.01
C ILE P 40 81.17 7.31 -12.05
N GLU P 41 80.44 6.61 -11.18
CA GLU P 41 79.66 7.26 -10.15
C GLU P 41 80.61 7.87 -9.11
N LYS P 42 80.25 9.06 -8.62
CA LYS P 42 81.10 9.76 -7.66
C LYS P 42 81.24 8.92 -6.41
N PRO P 43 82.48 8.58 -6.00
CA PRO P 43 82.66 7.72 -4.82
C PRO P 43 81.93 8.22 -3.59
N LEU P 44 81.25 7.31 -2.90
CA LEU P 44 80.49 7.65 -1.69
C LEU P 44 81.42 8.28 -0.65
N GLU P 45 82.71 7.97 -0.75
CA GLU P 45 83.75 8.58 0.07
C GLU P 45 83.70 10.11 0.04
N GLU P 46 83.55 10.71 -1.15
CA GLU P 46 83.62 12.15 -1.27
C GLU P 46 82.25 12.83 -1.23
N LEU P 47 81.21 12.09 -1.57
CA LEU P 47 79.85 12.63 -1.64
C LEU P 47 79.46 13.36 -0.36
N TYR P 48 79.75 12.78 0.80
CA TYR P 48 79.43 13.41 2.07
C TYR P 48 80.57 14.33 2.52
N LYS P 49 81.52 14.58 1.63
CA LYS P 49 82.67 15.45 1.89
C LYS P 49 83.60 14.86 2.94
N ILE P 50 83.62 13.52 3.05
CA ILE P 50 84.59 12.86 3.91
C ILE P 50 85.94 12.88 3.22
N ARG P 51 86.93 13.46 3.88
CA ARG P 51 88.27 13.62 3.31
C ARG P 51 89.19 12.57 3.92
N VAL P 52 89.47 11.52 3.15
CA VAL P 52 90.30 10.41 3.62
C VAL P 52 91.68 10.54 3.00
N GLU P 53 92.72 10.32 3.80
CA GLU P 53 94.09 10.28 3.33
C GLU P 53 94.61 8.87 3.50
N ARG P 54 94.41 8.05 2.47
CA ARG P 54 94.85 6.66 2.53
C ARG P 54 96.37 6.58 2.54
N LYS P 55 96.89 5.65 3.34
CA LYS P 55 98.33 5.38 3.47
C LYS P 55 99.10 6.61 3.94
N VAL P 56 98.83 7.09 5.16
CA VAL P 56 99.40 8.34 5.64
C VAL P 56 100.91 8.21 5.81
N SER P 57 101.65 9.22 5.37
CA SER P 57 103.09 9.32 5.56
C SER P 57 103.38 9.60 7.04
N PRO P 58 104.57 9.26 7.54
CA PRO P 58 104.84 9.46 8.97
C PRO P 58 105.14 10.91 9.35
N GLU P 59 105.62 11.71 8.39
CA GLU P 59 105.89 13.12 8.66
C GLU P 59 104.61 13.87 8.94
N ARG P 60 103.52 13.46 8.28
CA ARG P 60 102.20 14.07 8.46
C ARG P 60 101.72 13.94 9.91
N LEU P 61 101.95 12.75 10.49
CA LEU P 61 101.42 12.44 11.81
C LEU P 61 102.04 13.29 12.90
N ASN P 62 103.36 13.45 12.86
CA ASN P 62 104.06 14.21 13.89
C ASN P 62 103.63 15.67 13.92
N GLU P 63 103.39 16.25 12.74
CA GLU P 63 102.84 17.61 12.70
C GLU P 63 101.43 17.62 13.28
N LEU P 64 100.65 16.57 13.04
CA LEU P 64 99.28 16.47 13.50
C LEU P 64 99.17 15.90 14.91
N GLY P 65 100.23 15.24 15.40
CA GLY P 65 100.26 14.74 16.76
C GLY P 65 99.23 13.67 17.06
N VAL P 66 99.19 12.62 16.23
CA VAL P 66 98.21 11.55 16.42
C VAL P 66 98.54 10.72 17.65
N SER P 67 99.75 10.82 18.17
CA SER P 67 100.18 10.01 19.30
C SER P 67 99.31 10.24 20.54
N ARG P 68 98.99 11.50 20.82
CA ARG P 68 98.23 11.86 22.02
C ARG P 68 96.74 11.90 21.69
N TRP P 69 96.24 10.79 21.16
CA TRP P 69 94.84 10.67 20.76
C TRP P 69 94.22 9.50 21.52
N THR P 70 93.01 9.72 22.05
CA THR P 70 92.34 8.69 22.84
C THR P 70 91.98 7.49 21.97
N THR P 71 92.25 6.30 22.47
CA THR P 71 92.11 5.05 21.74
C THR P 71 90.67 4.53 21.86
N TRP P 72 90.26 3.72 20.89
CA TRP P 72 88.94 3.11 20.88
C TRP P 72 89.06 1.77 20.17
N LYS P 73 88.34 0.77 20.67
CA LYS P 73 88.51 -0.59 20.19
C LYS P 73 87.18 -1.32 20.25
N THR P 74 87.06 -2.37 19.43
CA THR P 74 85.85 -3.17 19.37
C THR P 74 86.12 -4.44 18.57
N GLY P 75 85.15 -5.34 18.59
CA GLY P 75 85.16 -6.52 17.77
C GLY P 75 84.02 -6.54 16.78
N LYS P 76 83.41 -7.73 16.62
CA LYS P 76 82.21 -7.85 15.81
C LYS P 76 81.10 -6.97 16.40
N CYS P 77 80.72 -5.91 15.69
CA CYS P 77 79.85 -4.89 16.26
C CYS P 77 79.04 -4.23 15.16
N ARG P 78 78.16 -3.32 15.58
CA ARG P 78 77.43 -2.44 14.68
C ARG P 78 77.08 -1.16 15.43
N LEU P 79 77.83 -0.09 15.21
CA LEU P 79 77.66 1.13 15.98
C LEU P 79 76.99 2.20 15.14
N PRO P 80 75.73 2.56 15.41
CA PRO P 80 75.13 3.71 14.73
C PRO P 80 75.43 5.02 15.45
N TRP P 81 75.97 5.99 14.74
CA TRP P 81 76.34 7.25 15.38
C TRP P 81 75.84 8.46 14.58
N ASP P 82 75.69 9.59 15.26
CA ASP P 82 75.08 10.79 14.72
C ASP P 82 75.97 12.01 14.96
N TRP P 83 77.23 11.94 14.51
CA TRP P 83 78.27 12.91 14.86
C TRP P 83 77.77 14.35 14.91
N HIS P 84 77.97 15.01 16.05
CA HIS P 84 77.73 16.44 16.18
C HIS P 84 79.01 17.25 16.01
N VAL P 85 80.16 16.58 15.90
CA VAL P 85 81.45 17.25 15.83
C VAL P 85 82.34 16.46 14.87
N ASP P 86 83.24 17.16 14.17
CA ASP P 86 84.17 16.53 13.25
C ASP P 86 85.09 15.58 14.00
N GLN P 87 85.47 14.48 13.34
CA GLN P 87 86.26 13.44 13.98
C GLN P 87 87.35 13.00 13.02
N LEU P 88 88.60 13.13 13.45
CA LEU P 88 89.74 12.66 12.68
C LEU P 88 90.19 11.31 13.20
N VAL P 89 90.14 10.29 12.36
CA VAL P 89 90.34 8.91 12.78
C VAL P 89 91.64 8.38 12.15
N TYR P 90 92.31 7.49 12.90
CA TYR P 90 93.56 6.82 12.53
C TYR P 90 93.43 5.33 12.85
N ILE P 91 92.48 4.67 12.18
CA ILE P 91 92.40 3.22 12.23
C ILE P 91 93.78 2.60 12.19
N GLU P 92 94.07 1.74 13.16
CA GLU P 92 95.38 1.13 13.33
C GLU P 92 95.43 -0.32 12.88
N GLU P 93 94.31 -1.04 12.98
CA GLU P 93 94.22 -2.43 12.54
C GLU P 93 92.76 -2.82 12.41
N GLY P 94 92.36 -3.33 11.25
CA GLY P 94 91.00 -3.81 11.08
C GLY P 94 90.27 -3.27 9.86
N GLU P 95 88.99 -2.96 10.04
CA GLU P 95 88.12 -2.51 8.96
C GLU P 95 86.95 -1.76 9.59
N VAL P 96 86.19 -1.03 8.77
CA VAL P 96 85.07 -0.25 9.29
C VAL P 96 83.76 -0.56 8.57
N ARG P 97 83.83 -0.75 7.25
CA ARG P 97 82.65 -0.93 6.40
C ARG P 97 81.55 0.04 6.80
N VAL P 98 81.81 1.34 6.65
CA VAL P 98 80.85 2.35 7.07
C VAL P 98 79.70 2.42 6.07
N VAL P 99 78.48 2.48 6.60
CA VAL P 99 77.26 2.60 5.79
C VAL P 99 76.51 3.85 6.25
N PRO P 100 76.31 4.83 5.39
CA PRO P 100 75.49 5.99 5.78
C PRO P 100 74.04 5.58 5.93
N GLU P 101 73.31 6.35 6.75
CA GLU P 101 71.91 6.04 7.04
C GLU P 101 71.08 6.02 5.77
N GLY P 102 70.33 4.93 5.58
CA GLY P 102 69.47 4.77 4.43
C GLY P 102 70.16 4.25 3.19
N SER P 103 71.48 4.20 3.18
CA SER P 103 72.21 3.77 2.00
C SER P 103 72.13 2.26 1.81
N LYS P 104 72.24 1.84 0.55
CA LYS P 104 72.34 0.42 0.21
C LYS P 104 73.72 0.06 -0.30
N HIS P 105 74.70 0.95 -0.14
CA HIS P 105 76.09 0.74 -0.51
C HIS P 105 76.96 0.90 0.75
N TYR P 106 78.27 0.88 0.58
CA TYR P 106 79.17 1.03 1.73
C TYR P 106 80.53 1.56 1.30
N MET P 107 81.21 2.27 2.19
CA MET P 107 82.62 2.54 2.04
C MET P 107 83.40 1.54 2.90
N SER P 108 84.72 1.46 2.71
CA SER P 108 85.53 0.55 3.48
C SER P 108 86.85 1.24 3.79
N PHE P 109 87.44 0.85 4.92
CA PHE P 109 88.65 1.47 5.41
C PHE P 109 89.56 0.37 5.96
N LYS P 110 90.79 0.76 6.34
CA LYS P 110 91.74 -0.18 6.95
C LYS P 110 92.90 0.58 7.55
N ALA P 111 93.91 -0.14 8.03
CA ALA P 111 95.05 0.46 8.72
C ALA P 111 95.76 1.49 7.86
N GLY P 112 96.03 2.66 8.44
CA GLY P 112 96.74 3.70 7.72
C GLY P 112 95.86 4.74 7.06
N ASP P 113 94.65 4.97 7.56
CA ASP P 113 93.74 5.94 6.99
C ASP P 113 93.61 7.14 7.93
N LEU P 114 93.06 8.24 7.40
CA LEU P 114 92.92 9.49 8.14
C LEU P 114 91.51 10.05 7.91
N VAL P 115 90.51 9.19 8.11
CA VAL P 115 89.12 9.57 7.84
C VAL P 115 88.72 10.81 8.64
N ARG P 116 87.79 11.58 8.06
CA ARG P 116 87.37 12.89 8.58
C ARG P 116 85.84 12.95 8.59
N TYR P 117 85.23 11.97 9.26
CA TYR P 117 83.79 11.94 9.45
C TYR P 117 83.29 13.35 9.81
N PRO P 118 82.36 13.91 9.05
CA PRO P 118 82.01 15.33 9.21
C PRO P 118 80.86 15.58 10.17
N LYS P 119 80.60 16.86 10.45
CA LYS P 119 79.46 17.24 11.28
C LYS P 119 78.15 16.80 10.65
N TRP P 120 77.17 16.50 11.50
CA TRP P 120 75.81 16.14 11.11
C TRP P 120 75.75 14.85 10.31
N PHE P 121 76.83 14.09 10.24
CA PHE P 121 76.81 12.80 9.55
C PHE P 121 75.96 11.80 10.33
N GLU P 122 75.37 10.85 9.60
CA GLU P 122 74.56 9.79 10.20
C GLU P 122 74.95 8.47 9.52
N ALA P 123 75.91 7.77 10.12
CA ALA P 123 76.44 6.55 9.54
C ALA P 123 76.10 5.35 10.42
N ASP P 124 76.44 4.15 9.95
CA ASP P 124 76.06 2.89 10.56
C ASP P 124 77.25 1.94 10.60
N LEU P 125 78.37 2.39 11.19
CA LEU P 125 79.59 1.61 11.30
C LEU P 125 79.32 0.14 11.63
N TRP P 126 79.79 -0.75 10.77
CA TRP P 126 79.64 -2.20 10.91
C TRP P 126 81.03 -2.82 11.08
N PHE P 127 81.42 -3.11 12.31
CA PHE P 127 82.76 -3.60 12.57
C PHE P 127 82.80 -5.12 12.52
N ASN P 128 83.89 -5.65 11.96
CA ASN P 128 84.13 -7.08 11.93
C ASN P 128 85.55 -7.35 12.42
N ALA P 129 85.71 -8.42 13.20
CA ALA P 129 86.98 -8.77 13.84
C ALA P 129 87.47 -7.63 14.73
N PHE P 130 88.72 -7.67 15.15
CA PHE P 130 89.24 -6.63 16.02
C PHE P 130 89.45 -5.33 15.23
N TYR P 131 89.42 -4.22 15.96
CA TYR P 131 89.59 -2.91 15.35
C TYR P 131 90.12 -1.96 16.42
N GLN P 132 91.16 -1.20 16.09
CA GLN P 132 91.69 -0.17 16.96
C GLN P 132 91.71 1.17 16.20
N GLU P 133 91.74 2.28 16.94
CA GLU P 133 91.71 3.59 16.32
C GLU P 133 92.18 4.68 17.27
N ARG P 134 92.52 5.84 16.72
CA ARG P 134 92.84 7.04 17.50
C ARG P 134 92.03 8.19 16.93
N TYR P 135 91.19 8.80 17.77
CA TYR P 135 90.28 9.85 17.33
C TYR P 135 90.56 11.15 18.11
N SER P 136 90.35 12.27 17.43
CA SER P 136 90.73 13.58 17.95
C SER P 136 89.68 14.66 17.72
N PHE P 137 88.43 14.42 18.14
CA PHE P 137 87.29 15.31 17.83
C PHE P 137 87.67 16.78 17.78
N ARG P 138 87.34 17.45 16.68
CA ARG P 138 87.75 18.82 16.42
C ARG P 138 86.54 19.70 16.12
N ALA P 139 86.58 20.91 16.68
CA ALA P 139 85.54 21.91 16.46
C ALA P 139 85.98 22.85 15.35
N TYR P 140 85.23 23.94 15.18
CA TYR P 140 85.54 24.92 14.14
C TYR P 140 86.94 25.49 14.32
N GLY P 141 87.82 25.23 13.36
CA GLY P 141 89.21 25.64 13.48
C GLY P 141 90.13 24.45 13.69
N ASP P 142 91.24 24.43 12.95
CA ASP P 142 92.20 23.33 13.00
C ASP P 142 91.54 21.99 12.68
N ALA Q 66 -30.20 -81.47 -5.72
CA ALA Q 66 -30.85 -82.70 -5.29
C ALA Q 66 -31.49 -82.54 -3.91
N LYS Q 67 -32.03 -83.63 -3.38
CA LYS Q 67 -32.65 -83.66 -2.06
C LYS Q 67 -33.80 -82.67 -1.97
N HIS Q 68 -33.52 -81.43 -1.54
CA HIS Q 68 -34.52 -80.40 -1.45
C HIS Q 68 -34.42 -79.36 -2.56
N VAL Q 69 -33.28 -79.26 -3.24
CA VAL Q 69 -33.13 -78.39 -4.40
C VAL Q 69 -32.65 -79.24 -5.58
N ARG Q 70 -33.61 -79.73 -6.37
CA ARG Q 70 -33.32 -80.67 -7.44
C ARG Q 70 -33.41 -80.00 -8.80
N GLU Q 71 -33.29 -80.79 -9.86
CA GLU Q 71 -33.43 -80.29 -11.21
C GLU Q 71 -34.82 -79.72 -11.42
N ASP Q 72 -34.88 -78.44 -11.76
CA ASP Q 72 -36.15 -77.71 -11.87
C ASP Q 72 -36.68 -77.78 -13.31
N TYR Q 73 -36.97 -79.01 -13.75
CA TYR Q 73 -37.52 -79.22 -15.08
C TYR Q 73 -38.34 -80.50 -15.06
N LEU Q 74 -39.66 -80.37 -15.17
CA LEU Q 74 -40.52 -81.55 -15.26
C LEU Q 74 -40.43 -82.18 -16.65
N VAL Q 75 -40.39 -81.33 -17.69
CA VAL Q 75 -40.28 -81.82 -19.05
C VAL Q 75 -38.84 -82.29 -19.29
N LYS Q 76 -38.67 -83.59 -19.54
CA LYS Q 76 -37.37 -84.18 -19.80
C LYS Q 76 -37.08 -84.34 -21.29
N LYS Q 77 -37.96 -83.80 -22.14
CA LYS Q 77 -37.82 -83.80 -23.61
C LYS Q 77 -37.42 -85.19 -24.13
N LEU Q 78 -38.37 -86.11 -23.96
CA LEU Q 78 -38.21 -87.48 -24.43
C LEU Q 78 -37.78 -87.52 -25.89
N SER Q 79 -36.59 -88.07 -26.13
CA SER Q 79 -36.00 -88.12 -27.46
C SER Q 79 -35.78 -89.55 -27.91
N ALA Q 80 -35.36 -90.41 -26.98
CA ALA Q 80 -35.09 -91.82 -27.24
C ALA Q 80 -36.38 -92.62 -27.30
N ASN Q 81 -36.26 -93.95 -27.17
CA ASN Q 81 -37.39 -94.87 -27.19
C ASN Q 81 -38.61 -94.34 -26.44
N GLU Q 82 -38.38 -93.55 -25.39
CA GLU Q 82 -39.44 -92.88 -24.65
C GLU Q 82 -40.49 -92.26 -25.57
N ILE Q 83 -40.10 -91.28 -26.38
CA ILE Q 83 -41.05 -90.60 -27.25
C ILE Q 83 -41.57 -91.54 -28.34
N THR Q 84 -40.77 -92.52 -28.74
CA THR Q 84 -41.20 -93.48 -29.75
C THR Q 84 -42.36 -94.33 -29.25
N GLU Q 85 -42.31 -94.76 -28.00
CA GLU Q 85 -43.37 -95.58 -27.42
C GLU Q 85 -44.56 -94.75 -26.93
N LEU Q 86 -44.46 -93.42 -27.01
CA LEU Q 86 -45.60 -92.56 -26.70
C LEU Q 86 -46.76 -92.76 -27.67
N VAL Q 87 -46.46 -92.97 -28.95
CA VAL Q 87 -47.49 -93.25 -29.95
C VAL Q 87 -47.77 -94.74 -29.92
N ARG Q 88 -47.08 -95.46 -29.06
CA ARG Q 88 -47.21 -96.91 -28.94
C ARG Q 88 -47.61 -97.29 -27.51
N GLY Q 89 -48.59 -96.58 -26.96
CA GLY Q 89 -48.99 -96.81 -25.59
C GLY Q 89 -50.47 -96.66 -25.37
N GLU Q 90 -50.93 -97.19 -24.24
CA GLU Q 90 -52.32 -97.13 -23.83
C GLU Q 90 -52.47 -96.09 -22.72
N ARG Q 91 -53.41 -95.17 -22.89
CA ARG Q 91 -53.60 -94.06 -21.97
C ARG Q 91 -55.09 -93.75 -21.87
N ASN Q 92 -55.41 -92.65 -21.19
CA ASN Q 92 -56.79 -92.20 -21.09
C ASN Q 92 -56.93 -90.69 -21.17
N VAL Q 93 -55.86 -89.94 -21.42
CA VAL Q 93 -55.87 -88.49 -21.36
C VAL Q 93 -55.00 -87.92 -22.47
N PRO Q 94 -55.22 -86.67 -22.91
CA PRO Q 94 -54.43 -86.13 -24.02
C PRO Q 94 -52.99 -85.80 -23.66
N LEU Q 95 -52.05 -86.30 -24.46
CA LEU Q 95 -50.63 -86.04 -24.31
C LEU Q 95 -50.14 -85.05 -25.38
N ILE Q 96 -48.91 -84.57 -25.23
CA ILE Q 96 -48.33 -83.62 -26.17
C ILE Q 96 -46.84 -83.88 -26.30
N ILE Q 97 -46.35 -83.89 -27.54
CA ILE Q 97 -44.91 -83.88 -27.81
C ILE Q 97 -44.65 -82.81 -28.87
N ASP Q 98 -43.38 -82.44 -29.06
CA ASP Q 98 -43.04 -81.26 -29.86
C ASP Q 98 -41.70 -81.50 -30.54
N PHE Q 99 -41.50 -80.83 -31.67
CA PHE Q 99 -40.25 -80.87 -32.41
C PHE Q 99 -39.71 -79.45 -32.55
N TYR Q 100 -38.65 -79.14 -31.82
CA TYR Q 100 -38.00 -77.84 -31.77
C TYR Q 100 -36.56 -77.97 -32.23
N ALA Q 101 -35.89 -76.82 -32.38
CA ALA Q 101 -34.53 -76.78 -32.90
C ALA Q 101 -33.63 -76.05 -31.90
N THR Q 102 -32.40 -75.77 -32.33
CA THR Q 102 -31.44 -75.06 -31.49
C THR Q 102 -31.85 -73.60 -31.36
N TRP Q 103 -31.89 -72.87 -32.47
CA TRP Q 103 -32.40 -71.51 -32.48
C TRP Q 103 -33.88 -71.47 -32.09
N CYS Q 104 -34.67 -72.40 -32.64
CA CYS Q 104 -36.06 -72.62 -32.25
C CYS Q 104 -36.91 -71.35 -32.34
N GLY Q 105 -36.60 -70.50 -33.32
CA GLY Q 105 -37.56 -69.57 -33.89
C GLY Q 105 -38.59 -69.05 -32.91
N PRO Q 106 -39.87 -69.31 -33.20
CA PRO Q 106 -40.92 -69.03 -32.23
C PRO Q 106 -41.30 -70.24 -31.39
N CYS Q 107 -40.71 -71.40 -31.66
CA CYS Q 107 -41.12 -72.60 -30.93
C CYS Q 107 -40.68 -72.57 -29.47
N ILE Q 108 -39.76 -71.67 -29.10
CA ILE Q 108 -39.48 -71.46 -27.68
C ILE Q 108 -40.60 -70.68 -27.03
N LEU Q 109 -41.12 -69.67 -27.73
CA LEU Q 109 -42.34 -69.01 -27.27
C LEU Q 109 -43.46 -70.04 -27.13
N MET Q 110 -43.47 -71.05 -27.99
CA MET Q 110 -44.30 -72.22 -27.75
C MET Q 110 -43.80 -73.02 -26.56
N ALA Q 111 -42.48 -73.20 -26.45
CA ALA Q 111 -41.93 -74.01 -25.37
C ALA Q 111 -42.16 -73.35 -24.02
N GLN Q 112 -42.35 -72.03 -23.98
CA GLN Q 112 -42.71 -71.36 -22.74
C GLN Q 112 -44.06 -71.85 -22.23
N GLU Q 113 -45.03 -71.94 -23.12
CA GLU Q 113 -46.37 -72.35 -22.71
C GLU Q 113 -46.46 -73.87 -22.52
N LEU Q 114 -45.59 -74.61 -23.18
CA LEU Q 114 -45.59 -76.07 -23.03
C LEU Q 114 -45.19 -76.49 -21.62
N GLU Q 115 -44.01 -76.04 -21.17
CA GLU Q 115 -43.52 -76.43 -19.85
C GLU Q 115 -44.42 -75.89 -18.75
N MET Q 116 -45.15 -74.80 -19.01
CA MET Q 116 -46.05 -74.25 -18.01
C MET Q 116 -47.26 -75.18 -17.80
N LEU Q 117 -47.87 -75.63 -18.89
CA LEU Q 117 -49.03 -76.52 -18.77
C LEU Q 117 -48.60 -77.94 -18.40
N ALA Q 118 -47.40 -78.35 -18.79
CA ALA Q 118 -46.89 -79.65 -18.37
C ALA Q 118 -46.86 -79.70 -16.85
N VAL Q 119 -46.35 -78.63 -16.23
CA VAL Q 119 -46.32 -78.49 -14.78
C VAL Q 119 -47.75 -78.39 -14.25
N GLU Q 120 -48.59 -77.61 -14.93
CA GLU Q 120 -49.94 -77.35 -14.45
C GLU Q 120 -50.76 -78.64 -14.35
N TYR Q 121 -50.79 -79.41 -15.43
CA TYR Q 121 -51.48 -80.69 -15.40
C TYR Q 121 -50.64 -81.71 -14.63
N GLU Q 122 -51.20 -82.23 -13.55
CA GLU Q 122 -50.41 -82.96 -12.57
C GLU Q 122 -50.01 -84.35 -13.05
N LYS Q 123 -50.99 -85.23 -13.26
CA LYS Q 123 -50.75 -86.61 -13.65
C LYS Q 123 -51.40 -86.97 -14.98
N ASN Q 124 -52.29 -86.11 -15.49
CA ASN Q 124 -53.05 -86.46 -16.68
C ASN Q 124 -52.22 -86.22 -17.94
N ALA Q 125 -51.90 -84.96 -18.23
CA ALA Q 125 -51.31 -84.63 -19.51
C ALA Q 125 -49.79 -84.61 -19.42
N MET Q 126 -49.15 -85.34 -20.33
CA MET Q 126 -47.69 -85.41 -20.41
C MET Q 126 -47.23 -84.62 -21.64
N ILE Q 127 -46.81 -83.39 -21.39
CA ILE Q 127 -46.51 -82.41 -22.43
C ILE Q 127 -44.99 -82.33 -22.56
N VAL Q 128 -44.47 -82.89 -23.65
CA VAL Q 128 -43.02 -83.00 -23.83
C VAL Q 128 -42.61 -82.51 -25.21
N LYS Q 129 -41.34 -82.67 -25.55
CA LYS Q 129 -40.76 -82.14 -26.79
C LYS Q 129 -39.56 -83.01 -27.18
N VAL Q 130 -38.93 -82.64 -28.29
CA VAL Q 130 -37.71 -83.29 -28.77
C VAL Q 130 -37.08 -82.42 -29.85
N ASP Q 131 -35.75 -82.48 -29.96
CA ASP Q 131 -35.02 -81.59 -30.87
C ASP Q 131 -34.84 -82.26 -32.23
N THR Q 132 -34.82 -81.45 -33.27
CA THR Q 132 -34.76 -81.95 -34.64
C THR Q 132 -33.34 -82.00 -35.19
N ASP Q 133 -32.65 -80.86 -35.25
CA ASP Q 133 -31.36 -80.79 -35.92
C ASP Q 133 -30.29 -81.58 -35.15
N ASP Q 134 -30.58 -81.96 -33.91
CA ASP Q 134 -29.69 -82.81 -33.13
C ASP Q 134 -29.47 -84.13 -33.86
N GLU Q 135 -30.56 -84.75 -34.31
CA GLU Q 135 -30.51 -85.94 -35.16
C GLU Q 135 -31.47 -85.70 -36.32
N TYR Q 136 -30.92 -85.50 -37.52
CA TYR Q 136 -31.73 -85.00 -38.64
C TYR Q 136 -32.89 -85.95 -38.96
N GLU Q 137 -32.76 -87.23 -38.59
CA GLU Q 137 -33.88 -88.15 -38.74
C GLU Q 137 -35.14 -87.58 -38.11
N PHE Q 138 -35.01 -87.08 -36.88
CA PHE Q 138 -36.17 -86.60 -36.13
C PHE Q 138 -36.80 -85.38 -36.78
N ALA Q 139 -36.07 -84.74 -37.70
CA ALA Q 139 -36.62 -83.63 -38.48
C ALA Q 139 -37.61 -84.13 -39.53
N ARG Q 140 -37.17 -85.06 -40.38
CA ARG Q 140 -38.04 -85.55 -41.44
C ARG Q 140 -39.03 -86.59 -40.92
N ASP Q 141 -38.74 -87.19 -39.76
CA ASP Q 141 -39.48 -88.36 -39.27
C ASP Q 141 -40.98 -88.08 -39.12
N MET Q 142 -41.34 -86.82 -38.89
CA MET Q 142 -42.74 -86.41 -38.70
C MET Q 142 -43.26 -85.56 -39.85
N GLN Q 143 -42.62 -85.65 -41.02
CA GLN Q 143 -42.83 -84.68 -42.12
C GLN Q 143 -42.78 -83.25 -41.61
N VAL Q 144 -41.90 -82.99 -40.64
CA VAL Q 144 -41.85 -81.70 -39.99
C VAL Q 144 -41.40 -80.67 -41.02
N ARG Q 145 -42.33 -79.84 -41.48
CA ARG Q 145 -42.02 -78.79 -42.43
C ARG Q 145 -41.76 -77.45 -41.74
N GLY Q 146 -42.35 -77.22 -40.58
CA GLY Q 146 -42.09 -76.01 -39.83
C GLY Q 146 -41.74 -76.26 -38.39
N LEU Q 147 -41.50 -75.19 -37.64
CA LEU Q 147 -41.04 -75.27 -36.26
C LEU Q 147 -42.16 -75.66 -35.29
N PRO Q 148 -43.31 -74.94 -35.24
CA PRO Q 148 -44.37 -75.35 -34.31
C PRO Q 148 -44.91 -76.73 -34.66
N THR Q 149 -44.68 -77.72 -33.80
CA THR Q 149 -44.94 -79.12 -34.12
C THR Q 149 -45.58 -79.87 -32.95
N LEU Q 150 -46.59 -79.30 -32.33
CA LEU Q 150 -47.21 -79.92 -31.17
C LEU Q 150 -48.21 -80.99 -31.59
N TYR Q 151 -48.75 -81.70 -30.60
CA TYR Q 151 -49.57 -82.88 -30.86
C TYR Q 151 -50.53 -83.09 -29.69
N PHE Q 152 -51.77 -82.64 -29.84
CA PHE Q 152 -52.82 -83.06 -28.91
C PHE Q 152 -53.11 -84.54 -29.14
N ILE Q 153 -52.61 -85.40 -28.24
CA ILE Q 153 -52.67 -86.84 -28.45
C ILE Q 153 -53.32 -87.51 -27.26
N SER Q 154 -54.61 -87.80 -27.37
CA SER Q 154 -55.22 -88.90 -26.65
C SER Q 154 -54.73 -90.19 -27.29
N PRO Q 155 -54.63 -91.31 -26.55
CA PRO Q 155 -54.02 -92.53 -27.10
C PRO Q 155 -54.43 -92.86 -28.53
N ASP Q 156 -53.45 -92.92 -29.43
CA ASP Q 156 -53.66 -93.29 -30.83
C ASP Q 156 -52.68 -94.37 -31.26
N PRO Q 157 -52.76 -95.57 -30.66
CA PRO Q 157 -51.81 -96.63 -31.03
C PRO Q 157 -51.87 -96.99 -32.51
N ASN Q 158 -53.05 -96.90 -33.12
CA ASN Q 158 -53.15 -97.10 -34.56
C ASN Q 158 -54.12 -96.10 -35.17
N LYS Q 159 -54.26 -94.92 -34.57
CA LYS Q 159 -55.27 -93.97 -35.04
C LYS Q 159 -54.73 -92.54 -35.08
N ASP Q 160 -55.63 -91.57 -35.23
CA ASP Q 160 -55.28 -90.19 -35.50
C ASP Q 160 -55.16 -89.36 -34.21
N ALA Q 161 -54.65 -88.15 -34.37
CA ALA Q 161 -54.52 -87.18 -33.29
C ALA Q 161 -54.56 -85.78 -33.90
N ILE Q 162 -54.61 -84.76 -33.03
CA ILE Q 162 -54.65 -83.38 -33.49
C ILE Q 162 -53.28 -82.73 -33.27
N ARG Q 163 -52.49 -82.65 -34.34
CA ARG Q 163 -51.17 -82.02 -34.30
C ARG Q 163 -51.27 -80.50 -34.29
N THR Q 164 -51.00 -79.87 -33.15
CA THR Q 164 -51.18 -78.43 -32.97
C THR Q 164 -49.96 -77.70 -33.52
N GLU Q 165 -50.18 -76.65 -34.30
CA GLU Q 165 -49.09 -75.88 -34.87
C GLU Q 165 -49.33 -74.38 -34.66
N GLY Q 166 -48.50 -73.55 -35.29
CA GLY Q 166 -48.66 -72.11 -35.14
C GLY Q 166 -48.15 -71.61 -33.79
N LEU Q 167 -48.71 -70.47 -33.36
CA LEU Q 167 -48.42 -69.93 -32.05
C LEU Q 167 -49.72 -69.54 -31.37
N ILE Q 168 -49.94 -70.08 -30.17
CA ILE Q 168 -51.25 -69.97 -29.50
C ILE Q 168 -51.03 -69.51 -28.07
N PRO Q 169 -51.83 -68.55 -27.62
CA PRO Q 169 -51.78 -68.15 -26.21
C PRO Q 169 -52.17 -69.31 -25.30
N ILE Q 170 -51.55 -69.35 -24.12
CA ILE Q 170 -51.73 -70.48 -23.21
C ILE Q 170 -53.15 -70.59 -22.68
N GLN Q 171 -53.89 -69.47 -22.61
CA GLN Q 171 -55.25 -69.53 -22.08
C GLN Q 171 -56.20 -70.18 -23.07
N MET Q 172 -56.04 -69.87 -24.36
CA MET Q 172 -56.87 -70.50 -25.38
C MET Q 172 -56.60 -72.00 -25.49
N MET Q 173 -55.33 -72.41 -25.36
CA MET Q 173 -54.99 -73.82 -25.47
C MET Q 173 -55.56 -74.62 -24.29
N ARG Q 174 -55.96 -73.92 -23.23
CA ARG Q 174 -56.78 -74.57 -22.21
C ARG Q 174 -58.12 -74.99 -22.78
N ASP Q 175 -58.82 -74.04 -23.41
CA ASP Q 175 -60.22 -74.23 -23.81
C ASP Q 175 -60.39 -75.39 -24.77
N ILE Q 176 -59.58 -75.42 -25.83
CA ILE Q 176 -59.73 -76.44 -26.87
C ILE Q 176 -59.49 -77.82 -26.29
N LEU Q 177 -58.47 -77.94 -25.45
CA LEU Q 177 -58.16 -79.23 -24.82
C LEU Q 177 -59.21 -79.59 -23.78
N ASP Q 178 -60.02 -78.62 -23.36
CA ASP Q 178 -61.10 -78.87 -22.43
C ASP Q 178 -62.49 -78.70 -23.04
N ASN Q 179 -62.58 -78.21 -24.27
CA ASN Q 179 -63.84 -78.20 -25.01
C ASN Q 179 -63.88 -79.26 -26.08
N ASP Q 180 -62.76 -79.91 -26.38
CA ASP Q 180 -62.71 -80.95 -27.40
C ASP Q 180 -61.66 -82.00 -27.06
N MET Q 181 -61.34 -82.85 -28.04
CA MET Q 181 -60.27 -83.84 -27.97
C MET Q 181 -60.58 -84.96 -26.96
N GLY R 206 -57.55 -49.69 -56.55
CA GLY R 206 -56.32 -50.37 -56.21
C GLY R 206 -55.40 -50.56 -57.40
N TRP R 207 -54.71 -49.53 -57.84
CA TRP R 207 -53.76 -49.67 -58.96
C TRP R 207 -52.52 -50.52 -58.73
N PRO R 208 -52.00 -50.59 -57.50
CA PRO R 208 -50.75 -51.34 -57.37
C PRO R 208 -50.88 -52.82 -57.55
N PRO R 209 -50.18 -53.36 -58.55
CA PRO R 209 -50.16 -54.81 -58.67
C PRO R 209 -50.02 -55.37 -57.27
N LEU R 210 -50.95 -56.20 -56.82
CA LEU R 210 -50.88 -56.68 -55.45
C LEU R 210 -50.15 -58.00 -55.35
N VAL R 211 -49.95 -58.46 -54.13
CA VAL R 211 -49.19 -59.66 -53.89
C VAL R 211 -50.01 -60.73 -53.22
N CYS R 212 -50.67 -61.60 -53.98
CA CYS R 212 -51.36 -62.71 -53.36
C CYS R 212 -50.40 -63.48 -52.43
N CYS R 213 -50.97 -64.14 -51.43
CA CYS R 213 -50.19 -64.72 -50.35
C CYS R 213 -50.72 -66.11 -50.03
N PHE R 214 -50.14 -67.12 -50.65
CA PHE R 214 -50.54 -68.51 -50.48
C PHE R 214 -49.66 -69.16 -49.42
N GLY R 215 -49.61 -70.49 -49.31
CA GLY R 215 -48.85 -71.17 -48.30
C GLY R 215 -49.78 -71.67 -47.23
N ALA R 216 -49.81 -70.93 -46.13
CA ALA R 216 -50.87 -71.04 -45.15
C ALA R 216 -51.15 -69.65 -44.59
N ALA R 217 -52.10 -69.55 -43.67
CA ALA R 217 -52.46 -68.27 -43.06
C ALA R 217 -52.25 -68.39 -41.57
N GLN R 218 -51.23 -67.71 -41.06
CA GLN R 218 -50.92 -67.74 -39.64
C GLN R 218 -49.90 -66.66 -39.28
N HIS R 219 -49.38 -66.68 -38.05
CA HIS R 219 -48.35 -65.71 -37.69
C HIS R 219 -47.19 -66.45 -37.03
N ALA R 220 -45.97 -65.93 -37.23
CA ALA R 220 -44.76 -66.45 -36.60
C ALA R 220 -44.46 -67.90 -36.98
N PHE R 221 -44.18 -68.15 -38.26
CA PHE R 221 -43.80 -69.48 -38.74
C PHE R 221 -42.44 -69.41 -39.42
N VAL R 222 -41.39 -69.73 -38.67
CA VAL R 222 -40.01 -69.80 -39.14
C VAL R 222 -39.86 -71.03 -40.05
N PRO R 223 -39.09 -70.93 -41.15
CA PRO R 223 -39.03 -72.05 -42.10
C PRO R 223 -37.96 -73.10 -41.79
N SER R 224 -36.88 -73.09 -42.57
CA SER R 224 -35.93 -74.21 -42.61
C SER R 224 -35.36 -74.54 -41.24
N GLY R 225 -35.22 -75.85 -40.97
CA GLY R 225 -34.56 -76.33 -39.79
C GLY R 225 -33.54 -77.42 -40.06
N ARG R 226 -32.26 -77.15 -39.79
CA ARG R 226 -31.20 -78.11 -40.08
C ARG R 226 -29.98 -77.60 -39.31
N PRO R 227 -28.78 -78.26 -39.33
CA PRO R 227 -27.79 -77.93 -38.31
C PRO R 227 -27.17 -76.55 -38.50
N ALA R 228 -27.28 -75.71 -37.49
CA ALA R 228 -26.68 -74.39 -37.49
C ALA R 228 -25.19 -74.48 -37.20
N ASN R 229 -24.56 -73.32 -36.98
CA ASN R 229 -23.15 -73.28 -36.67
C ASN R 229 -22.82 -74.04 -35.39
N ARG R 230 -23.60 -73.82 -34.34
CA ARG R 230 -23.36 -74.44 -33.04
C ARG R 230 -24.71 -74.80 -32.42
N LEU R 231 -24.66 -75.38 -31.23
CA LEU R 231 -25.86 -75.82 -30.53
C LEU R 231 -25.98 -75.05 -29.22
N ILE R 232 -27.18 -75.06 -28.65
CA ILE R 232 -27.44 -74.36 -27.39
C ILE R 232 -28.07 -75.37 -26.42
N ASP R 233 -28.01 -75.07 -25.13
CA ASP R 233 -28.33 -76.03 -24.08
C ASP R 233 -29.82 -76.03 -23.78
N HIS R 234 -30.30 -77.14 -23.21
CA HIS R 234 -31.70 -77.29 -22.80
C HIS R 234 -31.89 -77.14 -21.29
N GLN R 235 -30.90 -76.62 -20.59
CA GLN R 235 -31.02 -76.26 -19.18
C GLN R 235 -31.65 -74.86 -19.10
N ILE R 236 -31.57 -74.15 -17.97
CA ILE R 236 -32.26 -72.87 -17.79
C ILE R 236 -32.08 -71.97 -19.02
N HIS R 237 -33.19 -71.54 -19.60
CA HIS R 237 -33.21 -70.84 -20.88
C HIS R 237 -33.21 -69.33 -20.76
N GLU R 238 -34.13 -68.77 -19.97
CA GLU R 238 -34.43 -67.34 -20.03
C GLU R 238 -34.72 -66.95 -21.49
N ALA R 239 -33.74 -66.34 -22.14
CA ALA R 239 -33.80 -66.12 -23.58
C ALA R 239 -32.89 -67.15 -24.24
N LEU R 240 -33.48 -68.28 -24.66
CA LEU R 240 -32.69 -69.36 -25.24
C LEU R 240 -32.21 -69.03 -26.65
N LYS R 241 -32.72 -67.95 -27.24
CA LYS R 241 -32.28 -67.58 -28.59
C LYS R 241 -30.86 -67.03 -28.53
N GLU R 242 -29.89 -67.88 -28.18
CA GLU R 242 -28.49 -67.51 -28.34
C GLU R 242 -28.07 -67.60 -29.79
N ALA R 243 -28.88 -68.26 -30.63
CA ALA R 243 -28.59 -68.41 -32.05
C ALA R 243 -29.11 -67.24 -32.87
N LEU R 244 -29.25 -66.07 -32.26
CA LEU R 244 -29.26 -64.81 -33.00
C LEU R 244 -27.85 -64.40 -33.41
N TRP R 245 -26.83 -65.15 -33.02
CA TRP R 245 -25.49 -64.92 -33.54
C TRP R 245 -24.72 -66.22 -33.77
N ALA R 246 -25.35 -67.38 -33.59
CA ALA R 246 -24.75 -68.60 -34.12
C ALA R 246 -25.70 -69.44 -34.97
N PRO R 247 -26.49 -68.86 -35.91
CA PRO R 247 -27.22 -69.69 -36.87
C PRO R 247 -26.48 -69.87 -38.20
N ASP R 248 -27.12 -70.53 -39.17
CA ASP R 248 -26.48 -70.81 -40.46
C ASP R 248 -27.17 -70.13 -41.65
N LYS R 249 -27.52 -68.85 -41.51
CA LYS R 249 -28.02 -67.99 -42.58
C LYS R 249 -29.45 -68.34 -42.97
N PHE R 250 -29.89 -69.55 -42.60
CA PHE R 250 -31.25 -70.00 -42.88
C PHE R 250 -32.04 -69.55 -41.71
N ILE R 251 -31.36 -69.38 -40.59
CA ILE R 251 -31.99 -68.85 -39.39
C ILE R 251 -31.23 -67.60 -39.06
N ARG R 252 -30.32 -67.21 -39.93
CA ARG R 252 -29.66 -65.93 -39.72
C ARG R 252 -30.60 -64.89 -40.30
N ALA R 253 -31.76 -65.33 -40.78
CA ALA R 253 -32.77 -64.40 -41.27
C ALA R 253 -34.16 -65.01 -41.12
N PRO R 254 -34.58 -65.43 -39.91
CA PRO R 254 -35.94 -65.95 -39.78
C PRO R 254 -36.97 -64.87 -40.03
N GLY R 255 -37.69 -64.97 -41.15
CA GLY R 255 -38.64 -63.95 -41.52
C GLY R 255 -39.98 -64.12 -40.83
N GLY R 256 -41.05 -63.90 -41.57
CA GLY R 256 -42.39 -64.07 -41.05
C GLY R 256 -43.29 -64.77 -42.03
N SER R 257 -44.59 -64.71 -41.81
CA SER R 257 -45.55 -65.38 -42.69
C SER R 257 -45.89 -64.50 -43.89
N ALA R 258 -46.82 -64.96 -44.71
CA ALA R 258 -47.24 -64.23 -45.90
C ALA R 258 -48.12 -63.03 -45.59
N GLY R 259 -48.89 -63.09 -44.50
CA GLY R 259 -49.71 -61.97 -44.10
C GLY R 259 -49.03 -60.95 -43.20
N GLY R 260 -47.91 -61.32 -42.58
CA GLY R 260 -47.18 -60.37 -41.75
C GLY R 260 -46.34 -59.41 -42.58
N VAL R 261 -46.08 -59.76 -43.83
CA VAL R 261 -45.32 -58.92 -44.74
C VAL R 261 -46.12 -57.65 -45.01
N ALA R 262 -47.44 -57.80 -45.09
CA ALA R 262 -48.35 -56.71 -45.41
C ALA R 262 -48.15 -55.52 -44.47
N ILE R 263 -48.05 -55.79 -43.17
CA ILE R 263 -47.92 -54.74 -42.16
C ILE R 263 -46.60 -53.99 -42.38
N ALA R 264 -45.57 -54.71 -42.80
CA ALA R 264 -44.26 -54.12 -43.04
C ALA R 264 -44.34 -53.02 -44.10
N LEU R 265 -45.04 -53.29 -45.19
CA LEU R 265 -45.21 -52.27 -46.22
C LEU R 265 -46.31 -51.29 -45.87
N ALA R 266 -47.48 -51.79 -45.46
CA ALA R 266 -48.64 -50.93 -45.27
C ALA R 266 -48.41 -49.87 -44.21
N SER R 267 -47.39 -50.11 -43.38
CA SER R 267 -47.05 -49.12 -42.39
C SER R 267 -46.71 -47.90 -43.22
N LEU R 268 -45.68 -47.95 -44.05
CA LEU R 268 -45.43 -46.84 -44.96
C LEU R 268 -46.71 -46.44 -45.68
N GLY R 269 -47.46 -47.42 -46.15
CA GLY R 269 -48.66 -47.18 -46.92
C GLY R 269 -48.66 -47.98 -48.21
N GLY R 270 -49.86 -48.14 -48.76
CA GLY R 270 -50.03 -48.88 -49.99
C GLY R 270 -51.15 -49.89 -49.91
N ARG R 271 -51.16 -50.78 -50.91
CA ARG R 271 -52.20 -51.78 -51.00
C ARG R 271 -51.67 -53.21 -51.07
N VAL R 272 -51.84 -53.99 -50.01
CA VAL R 272 -51.37 -55.37 -49.95
C VAL R 272 -52.52 -56.21 -49.42
N ALA R 273 -52.58 -57.48 -49.81
CA ALA R 273 -53.68 -58.34 -49.37
C ALA R 273 -53.24 -59.79 -49.23
N PHE R 274 -54.13 -60.64 -48.74
CA PHE R 274 -53.91 -62.06 -48.57
C PHE R 274 -54.99 -62.81 -49.32
N MET R 275 -54.62 -63.92 -49.93
CA MET R 275 -55.61 -64.84 -50.48
C MET R 275 -55.42 -66.21 -49.84
N GLY R 276 -56.53 -66.91 -49.61
CA GLY R 276 -56.50 -68.21 -48.99
C GLY R 276 -57.69 -68.37 -48.06
N LYS R 277 -57.60 -69.34 -47.17
CA LYS R 277 -58.72 -69.59 -46.27
C LYS R 277 -58.23 -69.60 -44.83
N LEU R 278 -59.20 -69.52 -43.92
CA LEU R 278 -59.03 -69.64 -42.49
C LEU R 278 -59.69 -70.92 -42.01
N GLY R 279 -59.64 -71.18 -40.71
CA GLY R 279 -60.26 -72.40 -40.21
C GLY R 279 -61.77 -72.36 -40.19
N ASN R 280 -62.34 -71.58 -39.25
CA ASN R 280 -63.76 -71.41 -38.93
C ASN R 280 -63.93 -71.33 -37.42
N ASP R 281 -63.46 -72.36 -36.71
CA ASP R 281 -63.81 -72.59 -35.32
C ASP R 281 -62.99 -71.66 -34.43
N ASP R 282 -62.91 -71.96 -33.13
CA ASP R 282 -62.20 -71.15 -32.14
C ASP R 282 -60.87 -70.60 -32.66
N TYR R 283 -60.00 -71.50 -33.16
CA TYR R 283 -58.77 -71.03 -33.78
C TYR R 283 -59.05 -70.27 -35.07
N GLY R 284 -59.98 -70.76 -35.89
CA GLY R 284 -60.34 -70.14 -37.15
C GLY R 284 -61.04 -68.80 -37.04
N GLN R 285 -61.85 -68.59 -36.01
CA GLN R 285 -62.50 -67.30 -35.85
C GLN R 285 -61.55 -66.27 -35.25
N THR R 286 -60.69 -66.67 -34.31
CA THR R 286 -59.62 -65.78 -33.89
C THR R 286 -58.67 -65.49 -35.04
N MET R 287 -58.58 -66.40 -36.00
CA MET R 287 -57.87 -66.11 -37.23
C MET R 287 -58.48 -64.89 -37.91
N LEU R 288 -59.82 -64.84 -37.96
CA LEU R 288 -60.54 -63.68 -38.49
C LEU R 288 -60.33 -62.42 -37.67
N TYR R 289 -60.18 -62.53 -36.35
CA TYR R 289 -59.92 -61.35 -35.52
C TYR R 289 -58.55 -60.76 -35.85
N TYR R 290 -57.51 -61.59 -35.86
CA TYR R 290 -56.14 -61.11 -36.00
C TYR R 290 -55.82 -60.68 -37.42
N LEU R 291 -56.24 -61.44 -38.43
CA LEU R 291 -55.95 -61.05 -39.81
C LEU R 291 -56.78 -59.84 -40.23
N ASN R 292 -57.76 -59.44 -39.44
CA ASN R 292 -58.48 -58.21 -39.65
C ASN R 292 -58.09 -57.11 -38.68
N VAL R 293 -57.48 -57.46 -37.54
CA VAL R 293 -56.74 -56.49 -36.73
C VAL R 293 -55.50 -55.99 -37.46
N LYS R 294 -54.84 -56.86 -38.23
CA LYS R 294 -53.71 -56.47 -39.05
C LYS R 294 -54.23 -55.76 -40.30
N SER R 295 -53.34 -55.49 -41.27
CA SER R 295 -53.78 -54.75 -42.46
C SER R 295 -53.62 -55.70 -43.66
N VAL R 296 -54.63 -56.55 -43.86
CA VAL R 296 -54.62 -57.46 -44.99
C VAL R 296 -56.08 -57.73 -45.37
N GLN R 297 -56.30 -58.47 -46.46
CA GLN R 297 -57.65 -58.70 -46.96
C GLN R 297 -58.02 -60.17 -46.83
N THR R 298 -59.29 -60.42 -46.46
CA THR R 298 -59.81 -61.78 -46.32
C THR R 298 -61.24 -61.88 -46.86
N ARG R 299 -61.64 -60.93 -47.70
CA ARG R 299 -63.00 -60.90 -48.24
C ARG R 299 -63.29 -62.00 -49.26
N SER R 300 -62.29 -62.81 -49.60
CA SER R 300 -62.41 -63.88 -50.60
C SER R 300 -62.26 -65.25 -49.94
N VAL R 301 -62.99 -65.46 -48.84
CA VAL R 301 -62.81 -66.67 -48.06
C VAL R 301 -63.86 -67.70 -48.43
N CYS R 302 -63.43 -68.96 -48.52
CA CYS R 302 -64.27 -70.12 -48.80
C CYS R 302 -63.84 -71.31 -47.95
N VAL R 303 -63.81 -71.09 -46.64
CA VAL R 303 -63.37 -72.08 -45.67
C VAL R 303 -64.14 -73.38 -45.83
N ASP R 304 -63.53 -74.48 -45.36
CA ASP R 304 -64.21 -75.74 -45.17
C ASP R 304 -64.80 -75.77 -43.76
N ASP R 305 -65.42 -76.87 -43.37
CA ASP R 305 -66.04 -76.92 -42.05
C ASP R 305 -65.86 -78.28 -41.36
N LYS R 306 -64.75 -78.97 -41.63
CA LYS R 306 -64.64 -80.35 -41.16
C LYS R 306 -63.33 -80.68 -40.46
N ARG R 307 -62.27 -79.90 -40.70
CA ARG R 307 -60.98 -80.19 -40.08
C ARG R 307 -60.86 -79.41 -38.77
N TRP R 308 -59.69 -79.46 -38.14
CA TRP R 308 -59.39 -78.73 -36.91
C TRP R 308 -58.41 -77.61 -37.22
N THR R 309 -58.78 -76.38 -36.86
CA THR R 309 -57.94 -75.23 -37.14
C THR R 309 -56.73 -75.17 -36.21
N ALA R 310 -55.65 -74.58 -36.72
CA ALA R 310 -54.35 -74.48 -36.05
C ALA R 310 -53.77 -75.84 -35.72
N MET R 311 -54.32 -76.90 -36.31
CA MET R 311 -53.80 -78.25 -36.08
C MET R 311 -53.73 -79.04 -37.37
N SER R 312 -52.52 -79.34 -37.80
CA SER R 312 -52.32 -80.12 -39.02
C SER R 312 -52.88 -81.53 -38.90
N GLN R 313 -52.83 -82.10 -37.69
CA GLN R 313 -53.25 -83.49 -37.44
C GLN R 313 -52.29 -84.45 -38.13
N MET R 314 -51.67 -85.36 -37.39
CA MET R 314 -50.49 -86.05 -37.88
C MET R 314 -50.47 -87.53 -37.50
N LYS R 315 -51.66 -88.16 -37.45
CA LYS R 315 -51.80 -89.58 -37.00
C LYS R 315 -50.63 -90.49 -37.16
N ILE R 316 -50.63 -91.28 -38.23
CA ILE R 316 -49.56 -92.24 -38.41
C ILE R 316 -49.46 -92.71 -39.82
N ALA R 317 -48.28 -93.12 -40.21
CA ALA R 317 -48.08 -93.69 -41.54
C ALA R 317 -46.66 -94.09 -41.45
N LYS R 318 -46.38 -95.14 -40.70
CA LYS R 318 -45.02 -95.50 -40.48
C LYS R 318 -44.91 -96.97 -40.23
N ARG R 319 -43.73 -97.52 -40.41
CA ARG R 319 -43.53 -98.90 -40.06
C ARG R 319 -43.01 -98.95 -38.63
N GLY R 320 -42.98 -97.78 -37.96
CA GLY R 320 -42.56 -97.73 -36.57
C GLY R 320 -42.20 -96.42 -35.89
N ALA R 321 -42.21 -96.42 -34.55
CA ALA R 321 -41.84 -95.22 -33.77
C ALA R 321 -42.54 -93.96 -34.19
N LEU R 322 -41.88 -93.17 -35.03
CA LEU R 322 -42.47 -91.89 -35.39
C LEU R 322 -42.19 -91.35 -36.79
N ARG R 323 -42.23 -92.21 -37.80
CA ARG R 323 -42.10 -91.74 -39.19
C ARG R 323 -43.44 -91.43 -39.76
N ALA R 324 -44.06 -90.36 -39.34
CA ALA R 324 -45.42 -90.16 -39.81
C ALA R 324 -45.70 -88.94 -40.68
N THR R 325 -46.67 -89.09 -41.60
CA THR R 325 -47.02 -88.02 -42.54
C THR R 325 -48.43 -87.49 -42.40
N THR R 326 -48.79 -86.51 -43.22
CA THR R 326 -50.11 -85.87 -43.07
C THR R 326 -51.33 -86.75 -43.08
N VAL R 327 -52.42 -86.27 -42.48
CA VAL R 327 -53.69 -86.99 -42.55
C VAL R 327 -54.64 -86.01 -43.24
N LYS R 328 -55.30 -85.15 -42.49
CA LYS R 328 -56.11 -84.11 -43.06
C LYS R 328 -55.50 -82.91 -42.38
N PRO R 329 -54.77 -82.06 -43.12
CA PRO R 329 -54.04 -80.98 -42.46
C PRO R 329 -54.91 -79.91 -41.80
N CYS R 330 -54.36 -78.73 -41.53
CA CYS R 330 -55.08 -77.67 -40.83
C CYS R 330 -56.35 -77.28 -41.57
N ALA R 331 -57.34 -76.81 -40.81
CA ALA R 331 -58.62 -76.40 -41.38
C ALA R 331 -58.43 -75.23 -42.34
N GLU R 332 -57.30 -74.53 -42.23
CA GLU R 332 -56.91 -73.50 -43.18
C GLU R 332 -56.11 -74.05 -44.36
N ASP R 333 -55.64 -75.29 -44.28
CA ASP R 333 -54.83 -75.88 -45.33
C ASP R 333 -55.73 -76.77 -46.19
N SER R 334 -56.50 -76.13 -47.08
CA SER R 334 -57.46 -76.88 -47.89
C SER R 334 -57.45 -76.45 -49.35
N LEU R 335 -56.65 -75.45 -49.70
CA LEU R 335 -56.66 -74.93 -51.06
C LEU R 335 -56.38 -76.03 -52.07
N SER R 336 -57.31 -76.23 -53.01
CA SER R 336 -57.18 -77.24 -54.05
C SER R 336 -57.43 -76.60 -55.41
N LYS R 337 -57.51 -77.44 -56.44
CA LYS R 337 -57.79 -76.95 -57.78
C LYS R 337 -59.18 -76.32 -57.85
N SER R 338 -60.11 -76.79 -57.03
CA SER R 338 -61.46 -76.25 -57.03
C SER R 338 -61.62 -75.17 -55.96
N GLU R 339 -60.87 -75.27 -54.86
CA GLU R 339 -61.00 -74.31 -53.78
C GLU R 339 -60.28 -73.01 -54.10
N ILE R 340 -59.58 -72.98 -55.23
CA ILE R 340 -58.92 -71.78 -55.76
C ILE R 340 -59.88 -70.61 -55.81
N ASN R 341 -59.41 -69.43 -55.40
CA ASN R 341 -60.21 -68.22 -55.55
C ASN R 341 -60.17 -67.70 -56.98
N ILE R 342 -61.25 -67.07 -57.41
CA ILE R 342 -61.34 -66.50 -58.75
C ILE R 342 -60.47 -65.25 -58.83
N ASP R 343 -60.56 -64.39 -57.81
CA ASP R 343 -59.87 -63.10 -57.85
C ASP R 343 -58.35 -63.26 -57.99
N VAL R 344 -57.70 -63.79 -56.95
CA VAL R 344 -56.25 -63.96 -56.84
C VAL R 344 -55.49 -63.06 -57.79
N LEU R 345 -55.23 -63.57 -58.99
CA LEU R 345 -54.48 -62.85 -60.02
C LEU R 345 -55.41 -62.14 -61.01
N LYS R 346 -56.31 -61.30 -60.48
CA LYS R 346 -57.10 -60.40 -61.30
C LYS R 346 -56.97 -58.94 -60.90
N GLU R 347 -56.75 -58.64 -59.62
CA GLU R 347 -56.52 -57.30 -59.12
C GLU R 347 -55.08 -57.19 -58.63
N ALA R 348 -54.22 -58.02 -59.20
CA ALA R 348 -52.88 -58.22 -58.68
C ALA R 348 -51.96 -58.61 -59.82
N LYS R 349 -50.66 -58.35 -59.63
CA LYS R 349 -49.63 -58.87 -60.51
C LYS R 349 -48.46 -59.49 -59.76
N MET R 350 -48.61 -59.77 -58.46
CA MET R 350 -47.52 -60.30 -57.66
C MET R 350 -48.11 -61.35 -56.73
N PHE R 351 -47.26 -62.22 -56.16
CA PHE R 351 -47.79 -63.36 -55.41
C PHE R 351 -46.71 -63.94 -54.51
N TYR R 352 -46.82 -63.75 -53.19
CA TYR R 352 -45.87 -64.31 -52.24
C TYR R 352 -46.16 -65.79 -51.99
N LEU R 353 -45.09 -66.56 -51.77
CA LEU R 353 -45.22 -67.94 -51.33
C LEU R 353 -44.07 -68.29 -50.40
N ASN R 354 -44.34 -68.27 -49.10
CA ASN R 354 -43.59 -69.14 -48.20
C ASN R 354 -43.86 -70.57 -48.62
N THR R 355 -42.82 -71.24 -49.11
CA THR R 355 -43.01 -72.40 -49.97
C THR R 355 -43.51 -73.63 -49.20
N SER R 356 -43.95 -73.42 -47.96
CA SER R 356 -44.62 -74.48 -47.22
C SER R 356 -45.76 -75.11 -48.03
N SER R 357 -46.27 -74.37 -49.02
CA SER R 357 -47.26 -74.87 -49.96
C SER R 357 -46.67 -75.93 -50.89
N LEU R 358 -45.36 -76.20 -50.76
CA LEU R 358 -44.70 -77.16 -51.63
C LEU R 358 -44.37 -78.48 -50.94
N VAL R 359 -44.37 -78.53 -49.61
CA VAL R 359 -44.42 -79.82 -48.93
C VAL R 359 -45.79 -80.45 -49.14
N ASP R 360 -46.82 -79.62 -49.32
CA ASP R 360 -48.17 -80.10 -49.57
C ASP R 360 -48.35 -80.38 -51.06
N ALA R 361 -48.87 -81.56 -51.39
CA ALA R 361 -48.94 -81.98 -52.78
C ALA R 361 -49.94 -81.12 -53.57
N ASN R 362 -51.12 -80.88 -53.01
CA ASN R 362 -52.18 -80.22 -53.76
C ASN R 362 -52.13 -78.71 -53.68
N MET R 363 -51.39 -78.14 -52.72
CA MET R 363 -51.19 -76.69 -52.72
C MET R 363 -50.38 -76.27 -53.93
N ARG R 364 -49.61 -77.20 -54.49
CA ARG R 364 -48.92 -76.98 -55.76
C ARG R 364 -49.93 -76.76 -56.87
N LYS R 365 -50.70 -77.82 -57.17
CA LYS R 365 -51.66 -77.76 -58.28
C LYS R 365 -52.63 -76.61 -58.09
N THR R 366 -52.79 -76.15 -56.84
CA THR R 366 -53.52 -74.93 -56.57
C THR R 366 -52.89 -73.74 -57.30
N THR R 367 -51.58 -73.54 -57.15
CA THR R 367 -50.89 -72.42 -57.79
C THR R 367 -50.62 -72.61 -59.27
N MET R 368 -50.48 -73.83 -59.77
CA MET R 368 -50.25 -74.01 -61.19
C MET R 368 -51.54 -73.95 -62.00
N ARG R 369 -52.68 -74.25 -61.38
CA ARG R 369 -53.94 -73.89 -62.02
C ARG R 369 -54.15 -72.38 -61.96
N ALA R 370 -53.44 -71.72 -61.03
CA ALA R 370 -53.37 -70.26 -60.98
C ALA R 370 -52.40 -69.68 -61.99
N LEU R 371 -51.52 -70.51 -62.57
CA LEU R 371 -50.71 -70.04 -63.69
C LEU R 371 -51.59 -69.67 -64.88
N LYS R 372 -52.63 -70.47 -65.14
CA LYS R 372 -53.66 -70.08 -66.09
C LYS R 372 -54.49 -68.90 -65.55
N ILE R 373 -54.52 -68.72 -64.23
CA ILE R 373 -55.07 -67.49 -63.68
C ILE R 373 -54.03 -66.38 -63.74
N SER R 374 -52.75 -66.73 -63.74
CA SER R 374 -51.69 -65.74 -63.94
C SER R 374 -51.71 -65.20 -65.37
N LYS R 375 -52.14 -66.03 -66.32
CA LYS R 375 -52.12 -65.62 -67.72
C LYS R 375 -53.50 -65.35 -68.29
N LYS R 376 -54.58 -65.56 -67.53
CA LYS R 376 -55.89 -65.11 -68.01
C LYS R 376 -55.94 -63.59 -68.11
N LEU R 377 -55.53 -62.92 -67.04
CA LEU R 377 -55.18 -61.50 -67.10
C LEU R 377 -53.67 -61.37 -67.03
N GLY R 378 -53.16 -60.15 -66.91
CA GLY R 378 -51.73 -59.97 -66.80
C GLY R 378 -51.25 -59.94 -65.36
N SER R 379 -50.34 -60.85 -65.00
CA SER R 379 -49.81 -60.91 -63.65
C SER R 379 -48.51 -61.71 -63.59
N VAL R 380 -47.88 -61.71 -62.41
CA VAL R 380 -46.55 -62.27 -62.19
C VAL R 380 -46.52 -62.77 -60.75
N ILE R 381 -45.58 -63.67 -60.41
CA ILE R 381 -45.52 -64.27 -59.08
C ILE R 381 -44.33 -63.70 -58.32
N PHE R 382 -44.46 -63.62 -57.00
CA PHE R 382 -43.47 -63.06 -56.07
C PHE R 382 -42.93 -64.12 -55.12
N TYR R 383 -42.52 -65.29 -55.61
CA TYR R 383 -42.15 -66.36 -54.69
C TYR R 383 -40.95 -65.96 -53.82
N ASP R 384 -41.23 -65.58 -52.57
CA ASP R 384 -40.17 -65.43 -51.58
C ASP R 384 -39.91 -66.81 -50.98
N LEU R 385 -39.00 -67.54 -51.63
CA LEU R 385 -38.82 -68.96 -51.38
C LEU R 385 -38.64 -69.27 -49.90
N ASN R 386 -37.55 -68.79 -49.30
CA ASN R 386 -37.26 -68.99 -47.88
C ASN R 386 -37.65 -70.38 -47.44
N LEU R 387 -37.06 -71.39 -48.09
CA LEU R 387 -37.65 -72.73 -48.08
C LEU R 387 -37.67 -73.31 -46.67
N PRO R 388 -38.82 -73.71 -46.14
CA PRO R 388 -38.83 -74.49 -44.90
C PRO R 388 -38.12 -75.82 -45.04
N LEU R 389 -38.07 -76.54 -43.91
CA LEU R 389 -37.24 -77.72 -43.66
C LEU R 389 -37.18 -78.68 -44.85
N PRO R 390 -38.30 -79.19 -45.38
CA PRO R 390 -38.21 -80.22 -46.42
C PRO R 390 -37.77 -79.70 -47.78
N LEU R 391 -38.09 -78.45 -48.13
CA LEU R 391 -37.57 -77.90 -49.39
C LEU R 391 -36.12 -77.47 -49.26
N TRP R 392 -35.62 -77.24 -48.04
CA TRP R 392 -34.23 -76.85 -47.84
C TRP R 392 -33.29 -78.05 -47.92
N LYS R 393 -33.74 -79.14 -48.54
CA LYS R 393 -33.08 -80.43 -48.42
C LYS R 393 -31.84 -80.54 -49.32
N SER R 394 -32.04 -80.49 -50.63
CA SER R 394 -30.97 -80.78 -51.57
C SER R 394 -31.34 -80.23 -52.95
N GLY R 395 -30.48 -80.51 -53.93
CA GLY R 395 -30.68 -80.05 -55.29
C GLY R 395 -31.83 -80.74 -56.01
N GLU R 396 -31.70 -82.04 -56.24
CA GLU R 396 -32.72 -82.80 -56.97
C GLU R 396 -34.06 -82.74 -56.27
N GLU R 397 -34.07 -82.45 -54.97
CA GLU R 397 -35.29 -82.37 -54.19
C GLU R 397 -36.25 -81.33 -54.75
N THR R 398 -35.77 -80.11 -54.99
CA THR R 398 -36.69 -79.06 -55.46
C THR R 398 -36.35 -78.63 -56.89
N LYS R 399 -35.58 -79.43 -57.61
CA LYS R 399 -35.37 -79.18 -59.03
C LYS R 399 -36.46 -79.83 -59.88
N SER R 400 -36.89 -81.03 -59.48
CA SER R 400 -37.80 -81.81 -60.29
C SER R 400 -39.05 -82.25 -59.53
N LEU R 401 -38.89 -82.54 -58.23
CA LEU R 401 -40.02 -83.03 -57.44
C LEU R 401 -41.13 -81.98 -57.37
N ILE R 402 -40.75 -80.70 -57.17
CA ILE R 402 -41.74 -79.63 -57.29
C ILE R 402 -41.85 -79.11 -58.72
N GLN R 403 -40.79 -79.29 -59.51
CA GLN R 403 -40.70 -78.88 -60.91
C GLN R 403 -41.27 -77.48 -61.12
N GLN R 404 -42.59 -77.34 -61.06
CA GLN R 404 -43.30 -76.15 -61.51
C GLN R 404 -42.91 -74.85 -60.83
N VAL R 405 -42.93 -74.80 -59.50
CA VAL R 405 -42.54 -73.58 -58.81
C VAL R 405 -41.07 -73.29 -59.06
N TRP R 406 -40.21 -74.33 -59.06
CA TRP R 406 -38.74 -74.12 -59.22
C TRP R 406 -38.31 -73.59 -60.59
N SER R 407 -39.23 -73.56 -61.55
CA SER R 407 -38.92 -73.10 -62.91
C SER R 407 -40.19 -72.75 -63.65
N LEU R 408 -40.74 -71.57 -63.39
CA LEU R 408 -41.98 -71.11 -64.03
C LEU R 408 -42.24 -69.75 -63.42
N ALA R 409 -41.54 -69.44 -62.34
CA ALA R 409 -41.79 -68.20 -61.62
C ALA R 409 -41.38 -66.96 -62.40
N ASP R 410 -41.53 -65.76 -61.80
CA ASP R 410 -41.10 -64.50 -62.44
C ASP R 410 -40.28 -63.62 -61.48
N VAL R 411 -40.91 -62.65 -60.81
CA VAL R 411 -40.20 -61.81 -59.84
C VAL R 411 -39.96 -62.74 -58.69
N ILE R 412 -39.08 -63.69 -58.88
CA ILE R 412 -38.85 -64.71 -57.88
C ILE R 412 -37.83 -64.31 -56.84
N GLU R 413 -37.82 -65.02 -55.72
CA GLU R 413 -36.82 -64.73 -54.69
C GLU R 413 -36.21 -66.06 -54.23
N VAL R 414 -35.19 -66.50 -54.96
CA VAL R 414 -34.34 -67.60 -54.51
C VAL R 414 -33.31 -67.05 -53.53
N THR R 415 -32.63 -67.94 -52.83
CA THR R 415 -31.51 -67.53 -52.00
C THR R 415 -30.29 -68.31 -52.48
N LYS R 416 -29.10 -67.78 -52.19
CA LYS R 416 -27.88 -68.46 -52.61
C LYS R 416 -27.76 -69.83 -51.97
N GLN R 417 -28.09 -69.95 -50.68
CA GLN R 417 -28.12 -71.26 -50.05
C GLN R 417 -29.10 -72.18 -50.76
N GLU R 418 -30.23 -71.65 -51.20
CA GLU R 418 -31.18 -72.40 -52.03
C GLU R 418 -30.81 -72.30 -53.51
N LEU R 419 -29.53 -72.08 -53.76
CA LEU R 419 -28.93 -72.35 -55.07
C LEU R 419 -27.61 -73.08 -54.83
N GLU R 420 -27.07 -72.95 -53.62
CA GLU R 420 -25.82 -73.61 -53.26
C GLU R 420 -26.00 -75.12 -53.19
N PHE R 421 -26.83 -75.60 -52.26
CA PHE R 421 -27.16 -77.02 -52.28
C PHE R 421 -28.11 -77.33 -53.42
N LEU R 422 -28.76 -76.30 -53.97
CA LEU R 422 -29.73 -76.45 -55.04
C LEU R 422 -29.05 -76.29 -56.39
N CYS R 423 -27.95 -77.02 -56.59
CA CYS R 423 -27.04 -77.05 -57.73
C CYS R 423 -25.68 -77.60 -57.30
N GLY R 424 -24.62 -76.83 -57.55
CA GLY R 424 -23.28 -77.27 -57.19
C GLY R 424 -23.05 -77.38 -55.69
N MET R 425 -22.96 -78.61 -55.19
CA MET R 425 -22.84 -78.85 -53.76
C MET R 425 -21.49 -78.44 -53.18
N ASN R 426 -20.45 -78.29 -54.01
CA ASN R 426 -19.13 -78.06 -53.47
C ASN R 426 -18.27 -77.17 -54.37
N PRO R 427 -18.10 -77.46 -55.66
CA PRO R 427 -17.17 -76.66 -56.48
C PRO R 427 -17.49 -75.18 -56.49
N PRO R 428 -18.77 -74.76 -56.65
CA PRO R 428 -19.04 -73.30 -56.67
C PRO R 428 -18.96 -72.67 -55.30
N GLU R 429 -17.76 -72.58 -54.73
CA GLU R 429 -17.53 -71.91 -53.46
C GLU R 429 -16.90 -70.54 -53.74
N GLU R 430 -17.72 -69.50 -53.61
CA GLU R 430 -17.42 -68.11 -53.98
C GLU R 430 -17.03 -68.10 -55.47
N PHE R 431 -16.70 -66.94 -56.01
CA PHE R 431 -15.89 -66.89 -57.21
C PHE R 431 -14.85 -65.78 -57.12
N ASP R 432 -15.15 -64.69 -56.40
CA ASP R 432 -14.15 -63.64 -56.25
C ASP R 432 -13.39 -63.75 -54.94
N THR R 433 -14.09 -63.49 -53.82
CA THR R 433 -13.59 -63.40 -52.44
C THR R 433 -12.08 -63.50 -52.24
N LYS R 434 -11.69 -64.11 -51.12
CA LYS R 434 -10.35 -64.60 -50.85
C LYS R 434 -9.23 -63.63 -51.27
N LYS R 435 -9.51 -62.33 -51.27
CA LYS R 435 -8.48 -61.39 -51.70
C LYS R 435 -8.03 -60.45 -50.59
N ASN R 436 -8.94 -59.68 -49.99
CA ASN R 436 -8.46 -58.83 -48.91
C ASN R 436 -9.11 -59.13 -47.56
N GLN R 437 -10.39 -58.81 -47.38
CA GLN R 437 -11.08 -59.18 -46.15
C GLN R 437 -12.59 -59.35 -46.36
N ARG R 438 -13.03 -59.99 -47.43
CA ARG R 438 -14.45 -60.05 -47.72
C ARG R 438 -14.99 -61.44 -47.39
N PHE R 439 -16.12 -61.47 -46.69
CA PHE R 439 -16.79 -62.70 -46.28
C PHE R 439 -17.13 -63.55 -47.49
N LYS R 440 -16.95 -64.87 -47.34
CA LYS R 440 -17.13 -65.82 -48.44
C LYS R 440 -18.61 -66.13 -48.61
N PHE R 441 -19.34 -65.32 -49.38
CA PHE R 441 -20.74 -65.67 -49.61
C PHE R 441 -20.87 -66.48 -50.89
N GLU R 442 -20.71 -65.81 -52.03
CA GLU R 442 -20.69 -66.34 -53.40
C GLU R 442 -20.51 -65.17 -54.36
N HIS R 443 -19.94 -65.44 -55.52
CA HIS R 443 -20.14 -64.58 -56.69
C HIS R 443 -21.14 -65.22 -57.65
N TYR R 444 -22.36 -65.39 -57.17
CA TYR R 444 -23.40 -66.03 -57.97
C TYR R 444 -24.04 -65.04 -58.92
N GLU R 445 -23.96 -65.36 -60.21
CA GLU R 445 -24.55 -64.51 -61.24
C GLU R 445 -24.99 -65.35 -62.45
N ALA R 446 -25.18 -64.71 -63.60
CA ALA R 446 -25.80 -65.27 -64.79
C ALA R 446 -25.42 -66.72 -65.07
N ASP R 447 -24.13 -67.02 -65.03
CA ASP R 447 -23.67 -68.38 -65.28
C ASP R 447 -24.04 -69.35 -64.16
N ILE R 448 -24.54 -68.86 -63.02
CA ILE R 448 -24.93 -69.74 -61.93
C ILE R 448 -26.44 -69.67 -61.73
N ILE R 449 -27.13 -68.99 -62.64
CA ILE R 449 -28.58 -69.11 -62.72
C ILE R 449 -28.91 -69.69 -64.08
N ALA R 450 -27.91 -69.70 -64.97
CA ALA R 450 -28.04 -70.33 -66.27
C ALA R 450 -28.61 -71.74 -66.20
N PRO R 451 -28.35 -72.55 -65.16
CA PRO R 451 -29.10 -73.81 -65.01
C PRO R 451 -30.61 -73.64 -64.94
N LEU R 452 -31.10 -72.56 -64.33
CA LEU R 452 -32.46 -72.56 -63.78
C LEU R 452 -33.26 -71.29 -64.08
N TRP R 453 -32.92 -70.53 -65.11
CA TRP R 453 -33.72 -69.35 -65.40
C TRP R 453 -34.99 -69.74 -66.13
N HIS R 454 -35.88 -68.76 -66.28
CA HIS R 454 -37.16 -68.99 -66.97
C HIS R 454 -37.61 -67.66 -67.55
N GLU R 455 -38.66 -67.65 -68.37
CA GLU R 455 -38.91 -66.52 -69.26
C GLU R 455 -40.24 -65.87 -68.87
N ASN R 456 -40.68 -64.90 -69.67
CA ASN R 456 -41.93 -64.18 -69.43
C ASN R 456 -41.93 -63.50 -68.05
N LEU R 457 -40.86 -62.72 -67.82
CA LEU R 457 -40.72 -62.01 -66.55
C LEU R 457 -40.47 -60.52 -66.78
N LYS R 458 -40.27 -59.78 -65.68
CA LYS R 458 -39.79 -58.41 -65.78
C LYS R 458 -38.41 -58.30 -65.13
N VAL R 459 -38.31 -58.62 -63.85
CA VAL R 459 -37.03 -58.69 -63.16
C VAL R 459 -37.15 -59.60 -61.93
N LEU R 460 -36.28 -60.61 -61.82
CA LEU R 460 -36.32 -61.45 -60.63
C LEU R 460 -35.19 -61.06 -59.67
N PHE R 461 -35.30 -61.54 -58.43
CA PHE R 461 -34.43 -61.11 -57.34
C PHE R 461 -33.85 -62.31 -56.63
N VAL R 462 -32.52 -62.39 -56.54
CA VAL R 462 -31.89 -63.41 -55.72
C VAL R 462 -31.69 -62.86 -54.32
N THR R 463 -32.20 -63.56 -53.31
CA THR R 463 -32.29 -62.95 -51.99
C THR R 463 -31.07 -63.24 -51.13
N ASN R 464 -30.80 -64.51 -50.85
CA ASN R 464 -29.72 -64.91 -49.93
C ASN R 464 -29.79 -64.14 -48.62
N GLY R 465 -31.00 -64.05 -48.07
CA GLY R 465 -31.18 -63.23 -46.89
C GLY R 465 -30.88 -61.78 -47.20
N THR R 466 -30.37 -61.06 -46.20
CA THR R 466 -29.94 -59.69 -46.36
C THR R 466 -28.50 -59.59 -46.82
N SER R 467 -28.04 -60.67 -47.48
CA SER R 467 -26.70 -60.67 -48.03
C SER R 467 -26.75 -60.42 -49.52
N LYS R 468 -25.67 -60.70 -50.21
CA LYS R 468 -25.57 -60.43 -51.64
C LYS R 468 -26.86 -60.73 -52.39
N ILE R 469 -27.38 -59.74 -53.11
CA ILE R 469 -28.63 -59.86 -53.86
C ILE R 469 -28.34 -59.56 -55.32
N HIS R 470 -28.84 -60.40 -56.22
CA HIS R 470 -28.74 -60.16 -57.65
C HIS R 470 -30.13 -59.99 -58.25
N TYR R 471 -30.24 -59.02 -59.16
CA TYR R 471 -31.46 -58.78 -59.92
C TYR R 471 -31.20 -59.21 -61.35
N TYR R 472 -32.27 -59.47 -62.10
CA TYR R 472 -32.15 -60.16 -63.40
C TYR R 472 -33.13 -59.56 -64.40
N THR R 473 -32.60 -58.81 -65.36
CA THR R 473 -33.37 -58.17 -66.41
C THR R 473 -32.99 -58.75 -67.78
N LYS R 474 -33.66 -58.26 -68.83
CA LYS R 474 -33.42 -58.72 -70.19
C LYS R 474 -32.35 -57.89 -70.88
N GLU R 475 -31.68 -57.02 -70.13
CA GLU R 475 -30.66 -56.15 -70.69
C GLU R 475 -29.38 -56.18 -69.87
N HIS R 476 -29.50 -56.51 -68.58
CA HIS R 476 -28.36 -56.36 -67.69
C HIS R 476 -28.68 -57.03 -66.35
N ASN R 477 -27.69 -57.77 -65.83
CA ASN R 477 -27.86 -58.50 -64.58
C ASN R 477 -27.57 -57.63 -63.35
N GLY R 478 -26.33 -57.19 -63.20
CA GLY R 478 -25.90 -56.43 -62.04
C GLY R 478 -25.90 -57.26 -60.77
N ALA R 479 -25.17 -56.75 -59.77
CA ALA R 479 -25.04 -57.45 -58.49
C ALA R 479 -24.88 -56.45 -57.36
N VAL R 480 -25.49 -56.75 -56.22
CA VAL R 480 -25.41 -55.92 -55.01
C VAL R 480 -24.98 -56.80 -53.84
N LEU R 481 -24.73 -56.20 -52.68
CA LEU R 481 -24.26 -56.95 -51.52
C LEU R 481 -25.06 -56.60 -50.26
N GLY R 482 -24.65 -57.14 -49.11
CA GLY R 482 -25.37 -56.91 -47.86
C GLY R 482 -24.67 -57.61 -46.70
N VAL R 483 -25.38 -57.68 -45.57
CA VAL R 483 -24.80 -58.23 -44.35
C VAL R 483 -25.89 -58.82 -43.46
N GLU R 484 -25.48 -59.60 -42.46
CA GLU R 484 -26.37 -60.13 -41.44
C GLU R 484 -25.96 -59.55 -40.09
N ASP R 485 -26.93 -59.03 -39.33
CA ASP R 485 -26.58 -58.13 -38.24
C ASP R 485 -27.74 -58.00 -37.25
N ALA R 486 -27.49 -58.39 -35.98
CA ALA R 486 -28.44 -58.12 -34.90
C ALA R 486 -27.84 -58.27 -33.49
N PRO R 487 -26.80 -57.49 -33.10
CA PRO R 487 -26.26 -57.65 -31.74
C PRO R 487 -26.64 -56.60 -30.71
N MET R 488 -27.29 -55.49 -31.13
CA MET R 488 -27.17 -54.23 -30.41
C MET R 488 -27.33 -54.40 -28.90
N SER R 489 -28.51 -54.87 -28.50
CA SER R 489 -28.78 -55.20 -27.12
C SER R 489 -29.26 -56.63 -27.31
N PRO R 490 -28.53 -57.62 -26.74
CA PRO R 490 -28.86 -59.02 -27.05
C PRO R 490 -30.19 -59.51 -26.51
N PHE R 491 -30.86 -58.72 -25.68
CA PHE R 491 -32.10 -59.13 -25.03
C PHE R 491 -33.32 -58.46 -25.66
N THR R 492 -33.17 -58.00 -26.91
CA THR R 492 -34.19 -57.18 -27.55
C THR R 492 -34.37 -57.60 -29.01
N GLN R 493 -34.12 -58.87 -29.32
CA GLN R 493 -33.96 -59.26 -30.71
C GLN R 493 -34.51 -60.66 -30.92
N ASP R 494 -34.87 -60.95 -32.17
CA ASP R 494 -34.92 -62.35 -32.64
C ASP R 494 -34.37 -62.47 -34.06
N MET R 495 -33.78 -61.41 -34.61
CA MET R 495 -33.35 -61.35 -36.00
C MET R 495 -34.52 -61.77 -36.90
N SER R 496 -35.63 -61.05 -36.76
CA SER R 496 -36.93 -61.50 -37.27
C SER R 496 -37.35 -60.68 -38.48
N ALA R 497 -38.23 -61.25 -39.29
CA ALA R 497 -38.93 -60.52 -40.35
C ALA R 497 -37.98 -60.04 -41.46
N SER R 498 -36.89 -60.76 -41.70
CA SER R 498 -36.09 -60.50 -42.89
C SER R 498 -36.92 -60.73 -44.14
N GLY R 499 -37.68 -61.82 -44.16
CA GLY R 499 -38.60 -62.08 -45.23
C GLY R 499 -39.66 -60.99 -45.33
N ASP R 500 -40.04 -60.45 -44.19
CA ASP R 500 -41.00 -59.35 -44.17
C ASP R 500 -40.37 -58.03 -44.60
N GLY R 501 -39.31 -57.63 -43.91
CA GLY R 501 -38.72 -56.33 -44.17
C GLY R 501 -38.12 -56.19 -45.55
N LEU R 502 -37.35 -57.19 -45.98
CA LEU R 502 -36.69 -57.12 -47.29
C LEU R 502 -37.72 -57.09 -48.40
N VAL R 503 -38.66 -58.05 -48.39
CA VAL R 503 -39.59 -58.21 -49.50
C VAL R 503 -40.47 -56.96 -49.65
N ALA R 504 -40.94 -56.43 -48.52
CA ALA R 504 -41.79 -55.25 -48.54
C ALA R 504 -41.10 -54.06 -49.19
N ALA R 505 -39.79 -53.94 -48.97
CA ALA R 505 -39.05 -52.78 -49.49
C ALA R 505 -39.05 -52.75 -51.01
N LEU R 506 -38.81 -53.90 -51.66
CA LEU R 506 -38.87 -53.94 -53.12
C LEU R 506 -40.29 -53.67 -53.61
N MET R 507 -41.29 -54.18 -52.88
CA MET R 507 -42.68 -53.90 -53.20
C MET R 507 -42.99 -52.41 -53.06
N ARG R 508 -42.49 -51.77 -51.99
CA ARG R 508 -42.75 -50.35 -51.78
C ARG R 508 -42.25 -49.51 -52.96
N MET R 509 -40.99 -49.70 -53.33
CA MET R 509 -40.44 -48.93 -54.44
C MET R 509 -41.15 -49.25 -55.74
N LEU R 510 -41.52 -50.53 -55.94
CA LEU R 510 -42.24 -50.88 -57.17
C LEU R 510 -43.57 -50.14 -57.25
N ALA R 511 -44.11 -49.69 -56.11
CA ALA R 511 -45.41 -49.04 -56.08
C ALA R 511 -45.32 -47.52 -56.24
N VAL R 512 -44.38 -46.87 -55.54
CA VAL R 512 -44.31 -45.40 -55.59
C VAL R 512 -43.86 -44.93 -56.97
N GLN R 513 -42.99 -45.70 -57.61
CA GLN R 513 -42.41 -45.35 -58.91
C GLN R 513 -42.65 -46.47 -59.91
N PRO R 514 -43.88 -46.57 -60.44
CA PRO R 514 -44.04 -47.71 -61.34
C PRO R 514 -43.47 -47.46 -62.70
N HIS R 515 -42.17 -47.25 -62.77
CA HIS R 515 -41.51 -47.08 -64.05
C HIS R 515 -40.19 -47.76 -63.81
N LEU R 516 -40.18 -48.68 -62.84
CA LEU R 516 -38.98 -49.41 -62.50
C LEU R 516 -38.37 -50.03 -63.70
N ILE R 517 -39.05 -51.02 -64.25
CA ILE R 517 -38.58 -51.69 -65.45
C ILE R 517 -37.12 -52.07 -65.33
N THR R 518 -36.47 -52.26 -66.47
CA THR R 518 -35.07 -52.69 -66.46
C THR R 518 -34.12 -51.49 -66.40
N ASP R 519 -34.19 -50.76 -65.30
CA ASP R 519 -33.38 -49.56 -65.09
C ASP R 519 -32.31 -49.89 -64.05
N LYS R 520 -31.04 -49.62 -64.40
CA LYS R 520 -29.93 -49.82 -63.47
C LYS R 520 -30.16 -49.21 -62.09
N GLU R 521 -30.43 -47.91 -62.06
CA GLU R 521 -30.39 -47.21 -60.78
C GLU R 521 -31.72 -47.31 -60.06
N TYR R 522 -32.80 -47.55 -60.80
CA TYR R 522 -34.12 -47.65 -60.18
C TYR R 522 -34.21 -48.89 -59.29
N LEU R 523 -33.62 -50.00 -59.74
CA LEU R 523 -33.65 -51.24 -58.97
C LEU R 523 -32.49 -51.31 -57.97
N GLU R 524 -31.30 -50.86 -58.38
CA GLU R 524 -30.11 -51.02 -57.56
C GLU R 524 -30.22 -50.31 -56.22
N ARG R 525 -30.91 -49.17 -56.16
CA ARG R 525 -31.14 -48.51 -54.88
C ARG R 525 -32.15 -49.29 -54.05
N SER R 526 -33.27 -49.66 -54.66
CA SER R 526 -34.32 -50.39 -53.95
C SER R 526 -33.80 -51.70 -53.39
N VAL R 527 -32.87 -52.33 -54.09
CA VAL R 527 -32.18 -53.49 -53.54
C VAL R 527 -31.34 -53.09 -52.35
N LYS R 528 -30.56 -52.01 -52.50
CA LYS R 528 -29.79 -51.49 -51.37
C LYS R 528 -30.71 -51.01 -50.25
N TYR R 529 -31.83 -50.38 -50.62
CA TYR R 529 -32.84 -50.01 -49.62
C TYR R 529 -33.42 -51.24 -48.96
N ALA R 530 -33.67 -52.29 -49.74
CA ALA R 530 -34.20 -53.54 -49.18
C ALA R 530 -33.17 -54.19 -48.26
N ILE R 531 -31.90 -54.14 -48.64
CA ILE R 531 -30.85 -54.74 -47.81
C ILE R 531 -30.80 -54.05 -46.44
N ASN R 532 -30.87 -52.71 -46.44
CA ASN R 532 -30.89 -51.99 -45.18
C ASN R 532 -32.23 -52.13 -44.47
N CYS R 533 -33.33 -52.26 -45.23
CA CYS R 533 -34.64 -52.47 -44.61
C CYS R 533 -34.70 -53.80 -43.88
N GLY R 534 -34.21 -54.88 -44.51
CA GLY R 534 -34.30 -56.20 -43.93
C GLY R 534 -33.56 -56.38 -42.63
N VAL R 535 -32.34 -55.86 -42.55
CA VAL R 535 -31.54 -56.01 -41.34
C VAL R 535 -32.15 -55.22 -40.20
N ILE R 536 -32.76 -54.08 -40.51
CA ILE R 536 -33.36 -53.24 -39.47
C ILE R 536 -34.49 -53.99 -38.77
N GLU R 537 -35.36 -54.63 -39.55
CA GLU R 537 -36.49 -55.34 -38.96
C GLU R 537 -36.04 -56.58 -38.17
N GLN R 538 -34.83 -57.06 -38.46
CA GLN R 538 -34.32 -58.26 -37.79
C GLN R 538 -34.30 -58.09 -36.29
N TRP R 539 -33.51 -57.14 -35.81
CA TRP R 539 -33.20 -56.95 -34.41
C TRP R 539 -34.20 -56.10 -33.63
N ILE R 540 -35.41 -55.91 -34.11
CA ILE R 540 -36.40 -55.13 -33.37
C ILE R 540 -37.07 -56.04 -32.34
N VAL R 541 -37.42 -55.47 -31.19
CA VAL R 541 -38.04 -56.20 -30.09
C VAL R 541 -39.34 -56.84 -30.55
N THR R 542 -40.32 -56.01 -30.90
CA THR R 542 -41.63 -56.51 -31.31
C THR R 542 -41.81 -56.32 -32.80
N ARG R 543 -42.20 -57.39 -33.50
CA ARG R 543 -42.49 -57.26 -34.93
C ARG R 543 -43.62 -56.27 -35.18
N GLN R 544 -44.62 -56.24 -34.30
CA GLN R 544 -45.78 -55.36 -34.50
C GLN R 544 -45.35 -53.91 -34.63
N GLN R 545 -44.46 -53.45 -33.75
CA GLN R 545 -43.79 -52.17 -33.95
C GLN R 545 -42.58 -52.28 -34.87
N GLY R 546 -42.12 -53.50 -35.14
CA GLY R 546 -40.97 -53.70 -35.98
C GLY R 546 -41.31 -53.89 -37.44
N TYR R 547 -42.29 -53.12 -37.91
CA TYR R 547 -42.63 -53.07 -39.33
C TYR R 547 -42.28 -51.66 -39.77
N PRO R 548 -41.51 -51.50 -40.85
CA PRO R 548 -41.04 -50.16 -41.24
C PRO R 548 -42.21 -49.20 -41.38
N PRO R 549 -42.12 -48.01 -40.76
CA PRO R 549 -43.12 -46.97 -40.96
C PRO R 549 -42.66 -45.88 -41.93
N GLY S 229 -14.49 24.07 107.81
CA GLY S 229 -14.51 23.75 109.22
C GLY S 229 -13.96 22.36 109.52
N ASN S 230 -14.78 21.34 109.28
CA ASN S 230 -14.38 19.95 109.54
C ASN S 230 -13.75 19.31 108.30
N ASN S 231 -14.50 19.26 107.19
CA ASN S 231 -13.98 18.74 105.94
C ASN S 231 -14.07 19.75 104.80
N SER S 232 -15.22 20.40 104.65
CA SER S 232 -15.51 21.43 103.65
C SER S 232 -15.52 20.89 102.22
N SER S 233 -15.27 19.60 102.02
CA SER S 233 -15.30 19.00 100.68
C SER S 233 -16.26 17.83 100.58
N ASN S 234 -16.35 16.99 101.61
CA ASN S 234 -17.27 15.87 101.58
C ASN S 234 -18.71 16.36 101.70
N LYS S 235 -19.62 15.65 101.04
CA LYS S 235 -21.03 16.02 101.08
C LYS S 235 -21.60 15.81 102.48
N VAL S 236 -22.42 16.76 102.91
CA VAL S 236 -23.08 16.64 104.21
C VAL S 236 -24.19 15.60 104.14
N ARG S 237 -24.39 14.90 105.24
CA ARG S 237 -25.37 13.82 105.28
C ARG S 237 -26.79 14.36 105.07
N ILE S 238 -27.61 13.55 104.41
CA ILE S 238 -29.03 13.87 104.21
C ILE S 238 -29.74 13.37 105.47
N VAL S 239 -29.78 14.23 106.48
CA VAL S 239 -30.33 13.84 107.79
C VAL S 239 -31.81 14.18 107.76
N GLU S 240 -32.59 13.24 107.22
CA GLU S 240 -34.03 13.41 107.10
C GLU S 240 -34.75 12.43 108.02
N PRO S 241 -35.47 12.91 109.03
CA PRO S 241 -36.24 11.99 109.90
C PRO S 241 -37.46 11.46 109.16
N SER S 242 -37.60 10.13 109.13
CA SER S 242 -38.76 9.50 108.51
C SER S 242 -39.94 9.63 109.44
N PHE S 243 -40.88 10.51 109.10
CA PHE S 243 -41.99 10.83 109.99
C PHE S 243 -42.90 9.62 110.16
N LYS S 244 -43.29 9.35 111.42
CA LYS S 244 -44.19 8.25 111.75
C LYS S 244 -45.44 8.83 112.38
N MET S 245 -46.59 8.50 111.80
CA MET S 245 -47.84 9.19 112.13
C MET S 245 -48.99 8.51 111.40
N THR S 246 -50.18 8.59 111.98
CA THR S 246 -51.35 7.86 111.50
C THR S 246 -52.43 8.82 111.00
N LEU S 247 -53.36 8.26 110.22
CA LEU S 247 -54.33 9.09 109.50
C LEU S 247 -55.29 9.82 110.43
N ALA S 248 -55.71 9.18 111.52
CA ALA S 248 -56.60 9.85 112.47
C ALA S 248 -55.93 11.08 113.06
N GLU S 249 -54.63 10.97 113.37
CA GLU S 249 -53.89 12.13 113.86
C GLU S 249 -53.81 13.21 112.79
N LEU S 250 -53.70 12.81 111.51
CA LEU S 250 -53.71 13.79 110.43
C LEU S 250 -55.04 14.53 110.38
N LEU S 251 -56.14 13.79 110.46
CA LEU S 251 -57.45 14.43 110.39
C LEU S 251 -57.70 15.34 111.58
N ASP S 252 -57.22 14.93 112.76
CA ASP S 252 -57.40 15.77 113.95
C ASP S 252 -56.52 17.02 113.90
N GLU S 253 -55.28 16.88 113.43
CA GLU S 253 -54.39 18.03 113.36
C GLU S 253 -54.89 19.06 112.34
N CYS S 254 -55.37 18.59 111.19
CA CYS S 254 -55.93 19.45 110.15
C CYS S 254 -57.35 18.96 109.87
N LYS S 255 -58.32 19.54 110.57
CA LYS S 255 -59.70 19.07 110.48
C LYS S 255 -60.29 19.47 109.13
N VAL S 256 -60.35 18.50 108.21
CA VAL S 256 -61.02 18.68 106.93
C VAL S 256 -62.17 17.67 106.86
N VAL S 257 -63.33 18.14 106.43
CA VAL S 257 -64.52 17.27 106.39
C VAL S 257 -64.38 16.28 105.24
N PRO S 258 -64.56 14.99 105.47
CA PRO S 258 -64.45 14.01 104.40
C PRO S 258 -65.72 13.92 103.57
N ILE S 259 -65.54 13.64 102.28
CA ILE S 259 -66.66 13.48 101.36
C ILE S 259 -66.68 12.05 100.84
N SER S 260 -65.52 11.42 100.76
CA SER S 260 -65.38 10.08 100.21
C SER S 260 -64.46 9.24 101.10
N VAL S 261 -64.74 9.23 102.40
CA VAL S 261 -64.01 8.37 103.33
C VAL S 261 -64.79 7.07 103.50
N TYR S 262 -64.05 5.97 103.65
CA TYR S 262 -64.66 4.66 103.85
C TYR S 262 -63.84 3.88 104.86
N GLY S 263 -64.45 2.81 105.39
CA GLY S 263 -63.74 1.93 106.29
C GLY S 263 -63.32 2.66 107.56
N ASP S 264 -62.03 2.57 107.86
CA ASP S 264 -61.47 3.20 109.05
C ASP S 264 -60.08 3.74 108.72
N LEU S 265 -59.64 4.70 109.52
CA LEU S 265 -58.32 5.29 109.35
C LEU S 265 -57.25 4.44 110.02
N GLU S 266 -57.20 3.15 109.66
CA GLU S 266 -56.21 2.22 110.20
C GLU S 266 -55.06 2.13 109.21
N VAL S 267 -54.14 3.08 109.31
CA VAL S 267 -53.06 3.22 108.35
C VAL S 267 -51.96 4.08 108.98
N GLU S 268 -50.71 3.69 108.72
CA GLU S 268 -49.55 4.44 109.15
C GLU S 268 -48.99 5.21 107.96
N ILE S 269 -48.82 6.52 108.13
CA ILE S 269 -48.32 7.38 107.06
C ILE S 269 -46.80 7.35 107.08
N THR S 270 -46.20 7.05 105.93
CA THR S 270 -44.75 6.90 105.81
C THR S 270 -44.08 7.98 104.97
N GLY S 271 -44.78 8.55 103.99
CA GLY S 271 -44.18 9.55 103.14
C GLY S 271 -45.17 10.55 102.59
N ILE S 272 -44.77 11.30 101.56
CA ILE S 272 -45.60 12.35 101.00
C ILE S 272 -45.19 12.63 99.56
N GLU S 273 -46.17 12.72 98.66
CA GLU S 273 -45.92 13.04 97.27
C GLU S 273 -47.22 13.57 96.67
N HIS S 274 -47.14 14.06 95.43
CA HIS S 274 -48.31 14.57 94.73
C HIS S 274 -48.44 14.00 93.33
N ASP S 275 -47.33 13.67 92.69
CA ASP S 275 -47.30 13.24 91.30
C ASP S 275 -46.95 11.77 91.21
N SER S 276 -47.75 11.02 90.46
CA SER S 276 -47.59 9.56 90.43
C SER S 276 -46.22 9.16 89.90
N ARG S 277 -45.67 9.92 88.96
CA ARG S 277 -44.34 9.61 88.43
C ARG S 277 -43.26 9.75 89.50
N LEU S 278 -43.54 10.47 90.59
CA LEU S 278 -42.67 10.51 91.74
C LEU S 278 -43.27 9.83 92.97
N VAL S 279 -44.46 9.24 92.84
CA VAL S 279 -45.07 8.50 93.95
C VAL S 279 -44.33 7.20 94.17
N ASN S 280 -43.95 6.96 95.42
CA ASN S 280 -43.41 5.69 95.89
C ASN S 280 -44.45 5.02 96.78
N SER S 281 -44.06 3.90 97.40
CA SER S 281 -44.96 3.20 98.30
C SER S 281 -45.18 4.03 99.56
N GLY S 282 -46.41 4.48 99.77
CA GLY S 282 -46.76 5.18 100.99
C GLY S 282 -46.57 6.68 101.01
N ASP S 283 -47.24 7.41 100.13
CA ASP S 283 -47.18 8.87 100.13
C ASP S 283 -48.59 9.43 99.94
N LEU S 284 -48.69 10.76 100.00
CA LEU S 284 -49.99 11.43 100.02
C LEU S 284 -50.68 11.37 98.65
N PHE S 285 -49.96 11.67 97.58
CA PHE S 285 -50.48 11.68 96.21
C PHE S 285 -51.78 12.48 96.12
N VAL S 286 -51.65 13.78 96.34
CA VAL S 286 -52.77 14.71 96.31
C VAL S 286 -52.58 15.72 95.21
N CYS S 287 -53.56 15.82 94.31
CA CYS S 287 -53.59 16.80 93.23
C CYS S 287 -54.98 16.78 92.61
N CYS S 288 -55.50 17.97 92.29
CA CYS S 288 -56.87 18.11 91.83
C CYS S 288 -56.96 17.71 90.36
N VAL S 289 -57.58 16.57 90.08
CA VAL S 289 -57.80 16.10 88.71
C VAL S 289 -58.85 15.00 88.76
N ASP S 290 -59.69 14.96 87.72
CA ASP S 290 -60.81 14.03 87.65
C ASP S 290 -60.53 12.93 86.64
N GLY S 291 -60.83 11.69 87.03
CA GLY S 291 -60.66 10.56 86.15
C GLY S 291 -59.21 10.32 85.74
N ASN S 292 -58.28 10.46 86.68
CA ASN S 292 -56.87 10.35 86.36
C ASN S 292 -56.45 8.89 86.22
N LEU S 293 -55.55 8.63 85.27
CA LEU S 293 -54.92 7.32 85.17
C LEU S 293 -53.82 7.12 86.19
N CYS S 294 -53.43 8.18 86.90
CA CYS S 294 -52.40 8.08 87.92
C CYS S 294 -52.88 7.35 89.17
N LEU S 295 -54.20 7.17 89.32
CA LEU S 295 -54.72 6.41 90.45
C LEU S 295 -54.23 4.97 90.42
N ILE S 296 -54.25 4.34 89.25
CA ILE S 296 -53.74 2.98 89.12
C ILE S 296 -52.23 2.94 89.36
N GLU S 297 -51.52 3.98 88.91
CA GLU S 297 -50.08 4.05 89.16
C GLU S 297 -49.78 4.09 90.65
N ALA S 298 -50.50 4.94 91.38
CA ALA S 298 -50.31 5.01 92.83
C ALA S 298 -50.74 3.73 93.53
N ASP S 299 -51.79 3.08 93.04
CA ASP S 299 -52.19 1.79 93.59
C ASP S 299 -51.09 0.75 93.41
N LYS S 300 -50.45 0.74 92.23
CA LYS S 300 -49.32 -0.16 92.02
C LYS S 300 -48.16 0.20 92.94
N ARG S 301 -47.89 1.48 93.11
CA ARG S 301 -46.80 1.90 94.00
C ARG S 301 -47.11 1.55 95.45
N GLY S 302 -48.31 1.90 95.92
CA GLY S 302 -48.69 1.62 97.29
C GLY S 302 -48.75 2.85 98.17
N ALA S 303 -49.22 3.96 97.62
CA ALA S 303 -49.32 5.20 98.38
C ALA S 303 -50.29 5.05 99.55
N VAL S 304 -49.92 5.64 100.69
CA VAL S 304 -50.79 5.57 101.86
C VAL S 304 -52.11 6.29 101.58
N ALA S 305 -52.03 7.44 100.94
CA ALA S 305 -53.22 8.16 100.48
C ALA S 305 -53.19 8.23 98.96
N VAL S 306 -54.34 7.98 98.34
CA VAL S 306 -54.53 8.11 96.90
C VAL S 306 -55.83 8.88 96.67
N VAL S 307 -55.71 10.19 96.46
CA VAL S 307 -56.86 11.08 96.35
C VAL S 307 -56.59 12.13 95.28
N ALA S 308 -57.20 11.98 94.10
CA ALA S 308 -57.09 13.09 93.16
C ALA S 308 -58.33 13.98 93.22
N SER S 309 -59.47 13.48 92.73
CA SER S 309 -60.76 14.10 92.98
C SER S 309 -61.90 13.12 93.16
N LYS S 310 -61.78 11.89 92.66
CA LYS S 310 -62.93 11.04 92.37
C LYS S 310 -63.25 10.10 93.52
N GLU S 311 -64.54 9.97 93.81
CA GLU S 311 -65.04 9.02 94.79
C GLU S 311 -64.73 7.59 94.35
N ILE S 312 -63.83 6.92 95.07
CA ILE S 312 -63.35 5.60 94.69
C ILE S 312 -63.36 4.68 95.91
N ASP S 313 -63.92 3.49 95.74
CA ASP S 313 -64.07 2.54 96.83
C ASP S 313 -62.76 1.82 97.11
N ILE S 314 -62.78 0.98 98.15
CA ILE S 314 -61.57 0.39 98.68
C ILE S 314 -61.50 -1.08 98.31
N GLU S 315 -60.32 -1.67 98.49
CA GLU S 315 -60.10 -3.11 98.56
C GLU S 315 -60.26 -3.81 97.21
N GLU S 316 -60.69 -3.08 96.18
CA GLU S 316 -60.82 -3.64 94.85
C GLU S 316 -59.88 -2.98 93.86
N THR S 317 -59.94 -1.66 93.71
CA THR S 317 -59.06 -0.94 92.81
C THR S 317 -58.01 -0.10 93.53
N LEU S 318 -58.22 0.22 94.80
CA LEU S 318 -57.22 0.98 95.54
C LEU S 318 -56.90 0.28 96.86
N GLY S 319 -56.68 -1.03 96.80
CA GLY S 319 -56.38 -1.80 97.99
C GLY S 319 -54.98 -1.61 98.54
N CYS S 320 -54.22 -0.67 97.99
CA CYS S 320 -52.87 -0.41 98.48
C CYS S 320 -52.90 0.10 99.93
N LYS S 321 -53.82 1.00 100.24
CA LYS S 321 -53.90 1.60 101.57
C LYS S 321 -55.25 2.31 101.71
N ALA S 322 -55.41 3.06 102.80
CA ALA S 322 -56.68 3.69 103.14
C ALA S 322 -56.80 5.04 102.44
N LEU S 323 -57.98 5.66 102.53
CA LEU S 323 -58.31 6.87 101.80
C LEU S 323 -58.85 7.94 102.75
N VAL S 324 -58.44 9.18 102.50
CA VAL S 324 -58.79 10.31 103.36
C VAL S 324 -59.40 11.44 102.53
N ILE S 325 -60.05 11.08 101.42
CA ILE S 325 -60.44 11.99 100.34
C ILE S 325 -60.98 13.31 100.86
N VAL S 326 -60.42 14.41 100.34
CA VAL S 326 -60.79 15.75 100.76
C VAL S 326 -61.51 16.45 99.62
N GLU S 327 -62.13 17.60 99.94
CA GLU S 327 -62.85 18.36 98.92
C GLU S 327 -61.89 18.96 97.91
N ASP S 328 -60.84 19.63 98.38
CA ASP S 328 -59.86 20.27 97.50
C ASP S 328 -58.47 19.85 97.99
N THR S 329 -57.80 19.01 97.21
CA THR S 329 -56.46 18.57 97.59
C THR S 329 -55.47 19.74 97.61
N ASN S 330 -55.67 20.73 96.74
CA ASN S 330 -54.79 21.89 96.75
C ASN S 330 -54.93 22.71 98.02
N ALA S 331 -56.17 22.86 98.52
CA ALA S 331 -56.41 23.69 99.69
C ALA S 331 -55.78 23.08 100.94
N ALA S 332 -55.96 21.78 101.15
CA ALA S 332 -55.43 21.10 102.32
C ALA S 332 -54.02 20.55 102.12
N LEU S 333 -53.47 20.66 100.91
CA LEU S 333 -52.15 20.11 100.64
C LEU S 333 -51.07 20.79 101.48
N PRO S 334 -50.99 22.13 101.54
CA PRO S 334 -50.07 22.73 102.52
C PRO S 334 -50.40 22.34 103.95
N ALA S 335 -51.68 22.25 104.29
CA ALA S 335 -52.07 21.85 105.64
C ALA S 335 -51.64 20.42 105.94
N LEU S 336 -51.91 19.49 105.02
CA LEU S 336 -51.51 18.11 105.23
C LEU S 336 -50.00 17.98 105.31
N ALA S 337 -49.28 18.71 104.45
CA ALA S 337 -47.81 18.66 104.49
C ALA S 337 -47.28 19.21 105.81
N ALA S 338 -47.83 20.33 106.27
CA ALA S 338 -47.38 20.93 107.53
C ALA S 338 -47.66 19.99 108.70
N ALA S 339 -48.83 19.36 108.72
CA ALA S 339 -49.14 18.40 109.77
C ALA S 339 -48.21 17.20 109.72
N PHE S 340 -47.91 16.71 108.51
CA PHE S 340 -47.00 15.58 108.37
C PHE S 340 -45.56 15.99 108.66
N PHE S 341 -45.14 17.14 108.15
CA PHE S 341 -43.81 17.67 108.41
C PHE S 341 -43.70 18.41 109.74
N ARG S 342 -44.71 18.29 110.60
CA ARG S 342 -44.74 18.93 111.91
C ARG S 342 -44.63 20.45 111.80
N TYR S 343 -45.13 21.01 110.69
CA TYR S 343 -45.16 22.44 110.42
C TYR S 343 -43.77 23.03 110.58
N PRO S 344 -42.85 22.76 109.66
CA PRO S 344 -41.44 23.14 109.90
C PRO S 344 -41.17 24.63 109.75
N THR S 345 -42.08 25.40 109.16
CA THR S 345 -41.83 26.83 108.97
C THR S 345 -41.92 27.63 110.27
N LYS S 346 -42.60 27.10 111.29
CA LYS S 346 -42.62 27.78 112.58
C LYS S 346 -41.25 27.74 113.24
N SER S 347 -40.51 26.65 113.04
CA SER S 347 -39.18 26.47 113.64
C SER S 347 -38.06 27.00 112.75
N MET S 348 -38.35 27.99 111.90
CA MET S 348 -37.37 28.54 110.98
C MET S 348 -37.63 30.02 110.79
N SER S 349 -36.62 30.70 110.23
CA SER S 349 -36.76 32.11 109.82
C SER S 349 -37.11 32.13 108.34
N VAL S 350 -38.33 31.73 108.04
CA VAL S 350 -38.80 31.67 106.65
C VAL S 350 -39.10 33.09 106.18
N ILE S 351 -38.35 33.54 105.18
CA ILE S 351 -38.45 34.91 104.68
C ILE S 351 -38.92 34.85 103.23
N GLY S 352 -40.01 35.54 102.94
CA GLY S 352 -40.50 35.68 101.57
C GLY S 352 -40.19 37.07 101.05
N ILE S 353 -39.65 37.12 99.83
CA ILE S 353 -39.23 38.37 99.20
C ILE S 353 -40.06 38.58 97.94
N THR S 354 -40.68 39.75 97.84
CA THR S 354 -41.52 40.12 96.71
C THR S 354 -40.81 41.15 95.84
N GLY S 355 -41.45 41.49 94.74
CA GLY S 355 -40.92 42.44 93.79
C GLY S 355 -40.76 41.85 92.40
N THR S 356 -40.21 42.66 91.52
CA THR S 356 -40.00 42.28 90.12
C THR S 356 -38.53 42.14 89.76
N HIS S 357 -37.71 43.15 90.07
CA HIS S 357 -36.32 43.17 89.67
C HIS S 357 -35.41 42.74 90.83
N GLY S 358 -34.35 42.03 90.47
CA GLY S 358 -33.32 41.67 91.45
C GLY S 358 -33.75 40.67 92.49
N LYS S 359 -34.75 39.83 92.20
CA LYS S 359 -35.21 38.86 93.19
C LYS S 359 -34.13 37.85 93.51
N THR S 360 -33.54 37.24 92.48
CA THR S 360 -32.51 36.23 92.70
C THR S 360 -31.26 36.85 93.32
N THR S 361 -30.85 38.03 92.85
CA THR S 361 -29.69 38.69 93.43
C THR S 361 -29.93 39.06 94.88
N ALA S 362 -31.14 39.56 95.19
CA ALA S 362 -31.46 39.88 96.58
C ALA S 362 -31.44 38.64 97.45
N ALA S 363 -31.97 37.53 96.95
CA ALA S 363 -31.93 36.28 97.70
C ALA S 363 -30.49 35.85 97.95
N HIS S 364 -29.64 35.96 96.93
CA HIS S 364 -28.24 35.57 97.07
C HIS S 364 -27.54 36.43 98.14
N LEU S 365 -27.69 37.74 98.05
CA LEU S 365 -27.03 38.62 99.01
C LEU S 365 -27.56 38.42 100.42
N ILE S 366 -28.88 38.23 100.56
CA ILE S 366 -29.47 38.02 101.88
C ILE S 366 -28.98 36.71 102.48
N LYS S 367 -28.90 35.65 101.68
CA LYS S 367 -28.45 34.37 102.22
C LYS S 367 -26.96 34.42 102.58
N THR S 368 -26.15 35.13 101.78
CA THR S 368 -24.75 35.29 102.15
C THR S 368 -24.59 36.07 103.44
N MET S 369 -25.36 37.15 103.59
CA MET S 369 -25.31 37.93 104.83
C MET S 369 -25.74 37.10 106.03
N TYR S 370 -26.82 36.32 105.88
CA TYR S 370 -27.33 35.53 106.99
C TYR S 370 -26.35 34.42 107.37
N GLU S 371 -25.69 33.82 106.36
CA GLU S 371 -24.67 32.82 106.66
C GLU S 371 -23.45 33.45 107.32
N ALA S 372 -23.14 34.71 106.99
CA ALA S 372 -21.99 35.37 107.60
C ALA S 372 -22.19 35.57 109.10
N MET S 373 -23.41 35.91 109.52
CA MET S 373 -23.63 36.31 110.90
C MET S 373 -23.79 35.11 111.84
N GLY S 374 -22.86 34.16 111.74
CA GLY S 374 -22.81 33.05 112.69
C GLY S 374 -24.03 32.16 112.73
N LEU S 375 -24.64 31.90 111.57
CA LEU S 375 -25.77 30.98 111.51
C LEU S 375 -25.94 30.53 110.07
N ARG S 376 -26.37 29.27 109.90
CA ARG S 376 -26.58 28.72 108.57
C ARG S 376 -27.81 29.34 107.92
N THR S 377 -27.84 29.29 106.58
CA THR S 377 -28.94 29.84 105.82
C THR S 377 -29.29 28.89 104.67
N GLY S 378 -30.56 28.95 104.26
CA GLY S 378 -31.05 28.12 103.17
C GLY S 378 -31.39 28.91 101.92
N MET S 379 -32.13 28.28 101.01
CA MET S 379 -32.46 28.91 99.73
C MET S 379 -33.64 28.18 99.11
N MET S 380 -34.68 28.93 98.76
CA MET S 380 -35.89 28.41 98.10
C MET S 380 -36.22 29.35 96.95
N SER S 381 -35.63 29.11 95.78
CA SER S 381 -35.88 29.94 94.62
C SER S 381 -36.33 29.10 93.44
N SER S 382 -36.37 29.70 92.25
CA SER S 382 -36.70 28.99 91.02
C SER S 382 -35.48 28.74 90.15
N VAL S 383 -34.30 29.20 90.56
CA VAL S 383 -33.10 29.09 89.74
C VAL S 383 -32.06 28.20 90.41
N ALA S 384 -32.06 28.18 91.74
CA ALA S 384 -31.06 27.42 92.48
C ALA S 384 -31.62 27.05 93.84
N TYR S 385 -30.94 26.10 94.49
CA TYR S 385 -31.33 25.62 95.82
C TYR S 385 -30.06 25.28 96.59
N TYR S 386 -29.67 26.16 97.51
CA TYR S 386 -28.50 25.96 98.37
C TYR S 386 -28.98 25.43 99.72
N VAL S 387 -28.70 24.16 100.00
CA VAL S 387 -29.13 23.56 101.26
C VAL S 387 -28.42 24.23 102.43
N HIS S 388 -27.09 24.31 102.35
CA HIS S 388 -26.24 24.93 103.35
C HIS S 388 -24.81 24.88 102.84
N GLY S 389 -23.95 25.73 103.40
CA GLY S 389 -22.57 25.76 102.97
C GLY S 389 -22.42 26.12 101.51
N ASP S 390 -22.05 25.14 100.68
CA ASP S 390 -21.85 25.37 99.26
C ASP S 390 -22.48 24.31 98.37
N ASN S 391 -23.10 23.27 98.92
CA ASN S 391 -23.73 22.26 98.08
C ASN S 391 -25.07 22.76 97.54
N LYS S 392 -25.35 22.40 96.29
CA LYS S 392 -26.56 22.85 95.60
C LYS S 392 -27.42 21.64 95.26
N LEU S 393 -28.56 21.51 95.94
CA LEU S 393 -29.55 20.52 95.54
C LEU S 393 -30.13 20.95 94.19
N ASP S 394 -30.29 19.97 93.29
CA ASP S 394 -30.66 20.26 91.92
C ASP S 394 -31.92 21.12 91.85
N PHE S 395 -31.84 22.21 91.10
CA PHE S 395 -32.96 23.12 90.99
C PHE S 395 -34.03 22.54 90.09
N PRO S 396 -35.25 22.33 90.58
CA PRO S 396 -36.31 21.78 89.72
C PRO S 396 -36.98 22.86 88.89
N GLU S 397 -38.10 22.52 88.27
CA GLU S 397 -38.88 23.47 87.49
C GLU S 397 -39.28 24.67 88.35
N ALA S 398 -39.80 25.71 87.69
CA ALA S 398 -40.07 27.00 88.31
C ALA S 398 -40.76 26.86 89.66
N ASN S 399 -41.85 26.12 89.73
CA ASN S 399 -42.54 25.96 91.00
C ASN S 399 -43.31 24.66 91.09
N PRO S 400 -42.83 23.70 91.86
CA PRO S 400 -43.61 22.49 92.14
C PRO S 400 -44.67 22.78 93.20
N ASP S 401 -45.40 21.74 93.58
CA ASP S 401 -46.41 21.87 94.63
C ASP S 401 -45.73 21.93 95.99
N ALA S 402 -46.53 22.11 97.05
CA ALA S 402 -45.98 22.29 98.38
C ALA S 402 -45.38 21.01 98.95
N VAL S 403 -45.59 19.86 98.31
CA VAL S 403 -44.99 18.61 98.78
C VAL S 403 -43.47 18.71 98.71
N LEU S 404 -42.94 19.10 97.54
CA LEU S 404 -41.50 19.27 97.39
C LEU S 404 -41.00 20.42 98.25
N VAL S 405 -41.79 21.48 98.38
CA VAL S 405 -41.40 22.62 99.21
C VAL S 405 -41.19 22.17 100.64
N GLN S 406 -42.13 21.39 101.19
CA GLN S 406 -42.01 20.95 102.58
C GLN S 406 -40.97 19.86 102.74
N LYS S 407 -40.73 19.04 101.70
CA LYS S 407 -39.64 18.08 101.76
C LYS S 407 -38.29 18.80 101.90
N LEU S 408 -38.04 19.77 101.02
CA LEU S 408 -36.78 20.52 101.11
C LEU S 408 -36.74 21.37 102.38
N MET S 409 -37.90 21.80 102.87
CA MET S 409 -37.97 22.50 104.14
C MET S 409 -37.54 21.60 105.29
N ALA S 410 -37.97 20.35 105.29
CA ALA S 410 -37.50 19.39 106.30
C ALA S 410 -36.01 19.17 106.17
N LYS S 411 -35.50 19.12 104.94
CA LYS S 411 -34.05 19.01 104.73
C LYS S 411 -33.32 20.17 105.37
N MET S 412 -33.81 21.40 105.16
CA MET S 412 -33.22 22.57 105.81
C MET S 412 -33.31 22.46 107.33
N LEU S 413 -34.47 22.06 107.85
CA LEU S 413 -34.68 22.03 109.29
C LEU S 413 -33.76 21.05 109.98
N HIS S 414 -33.56 19.87 109.38
CA HIS S 414 -32.81 18.81 110.03
C HIS S 414 -31.44 18.57 109.39
N ASN S 415 -30.93 19.49 108.59
CA ASN S 415 -29.60 19.36 108.01
C ASN S 415 -28.62 20.40 108.55
N GLY S 416 -28.92 20.97 109.73
CA GLY S 416 -28.05 21.95 110.35
C GLY S 416 -28.39 23.39 110.03
N THR S 417 -29.23 23.63 109.03
CA THR S 417 -29.65 24.98 108.71
C THR S 417 -30.68 25.46 109.72
N GLU S 418 -30.77 26.79 109.89
CA GLU S 418 -31.72 27.39 110.81
C GLU S 418 -32.48 28.54 110.18
N ALA S 419 -32.45 28.68 108.85
CA ALA S 419 -33.18 29.74 108.16
C ALA S 419 -33.30 29.35 106.69
N VAL S 420 -34.15 30.09 105.98
CA VAL S 420 -34.30 29.92 104.54
C VAL S 420 -34.69 31.25 103.94
N VAL S 421 -34.20 31.50 102.73
CA VAL S 421 -34.53 32.68 101.95
C VAL S 421 -35.45 32.21 100.82
N MET S 422 -36.74 32.53 100.92
CA MET S 422 -37.74 32.04 99.99
C MET S 422 -38.15 33.17 99.05
N GLU S 423 -38.11 32.89 97.75
CA GLU S 423 -38.58 33.85 96.76
C GLU S 423 -40.10 33.79 96.68
N ALA S 424 -40.76 34.92 96.92
CA ALA S 424 -42.22 34.99 96.85
C ALA S 424 -42.64 35.21 95.39
N SER S 425 -42.54 34.14 94.62
CA SER S 425 -42.94 34.18 93.22
C SER S 425 -44.44 34.37 93.11
N SER S 426 -44.87 34.96 91.99
CA SER S 426 -46.29 35.17 91.76
C SER S 426 -47.05 33.84 91.73
N ASN S 427 -46.47 32.83 91.05
CA ASN S 427 -47.12 31.53 90.98
C ASN S 427 -47.17 30.86 92.35
N GLU S 428 -46.18 31.14 93.20
CA GLU S 428 -46.16 30.54 94.53
C GLU S 428 -47.29 31.06 95.39
N LEU S 429 -47.45 32.39 95.46
CA LEU S 429 -48.50 32.97 96.29
C LEU S 429 -49.87 32.82 95.64
N THR S 430 -49.93 32.65 94.32
CA THR S 430 -51.21 32.47 93.67
C THR S 430 -51.79 31.08 93.93
N HIS S 431 -50.93 30.06 93.98
CA HIS S 431 -51.39 28.67 94.06
C HIS S 431 -51.56 28.19 95.50
N THR S 432 -52.26 28.98 96.31
CA THR S 432 -52.68 28.62 97.66
C THR S 432 -51.57 27.94 98.46
N ARG S 433 -50.48 28.68 98.65
CA ARG S 433 -49.33 28.17 99.37
C ARG S 433 -49.02 28.93 100.65
N CYS S 434 -49.12 30.26 100.64
CA CYS S 434 -48.73 31.07 101.78
C CYS S 434 -49.70 30.98 102.96
N GLU S 435 -50.79 30.21 102.82
CA GLU S 435 -51.73 30.06 103.93
C GLU S 435 -51.08 29.36 105.12
N GLU S 436 -50.26 28.36 104.86
CA GLU S 436 -49.64 27.55 105.91
C GLU S 436 -48.13 27.76 105.98
N ILE S 437 -47.69 29.00 105.79
CA ILE S 437 -46.29 29.38 105.92
C ILE S 437 -46.18 30.53 106.90
N ASP S 438 -45.30 30.39 107.89
CA ASP S 438 -45.07 31.43 108.88
C ASP S 438 -43.90 32.29 108.41
N PHE S 439 -44.19 33.54 108.07
CA PHE S 439 -43.18 34.45 107.53
C PHE S 439 -42.61 35.31 108.65
N ASP S 440 -41.28 35.34 108.75
CA ASP S 440 -40.60 36.14 109.76
C ASP S 440 -40.35 37.57 109.29
N ILE S 441 -39.75 37.73 108.10
CA ILE S 441 -39.45 39.04 107.54
C ILE S 441 -39.94 39.07 106.11
N ALA S 442 -40.68 40.12 105.75
CA ALA S 442 -41.18 40.34 104.40
C ALA S 442 -40.50 41.57 103.83
N VAL S 443 -39.87 41.43 102.67
CA VAL S 443 -39.04 42.47 102.08
C VAL S 443 -39.63 42.87 100.73
N PHE S 444 -39.60 44.18 100.44
CA PHE S 444 -40.06 44.73 99.17
C PHE S 444 -38.91 45.54 98.58
N THR S 445 -38.21 44.97 97.59
CA THR S 445 -37.04 45.63 97.03
C THR S 445 -37.43 46.67 95.97
N ASN S 446 -38.06 46.22 94.88
CA ASN S 446 -38.37 47.10 93.77
C ASN S 446 -39.68 46.65 93.12
N LEU S 447 -40.33 47.59 92.44
CA LEU S 447 -41.60 47.33 91.77
C LEU S 447 -41.51 47.69 90.30
N SER S 448 -42.11 46.84 89.46
CA SER S 448 -42.16 47.09 88.03
C SER S 448 -43.36 46.34 87.45
N ARG S 449 -43.80 46.78 86.28
CA ARG S 449 -44.99 46.23 85.64
C ARG S 449 -44.55 45.23 84.57
N ASP S 450 -44.77 43.95 84.86
CA ASP S 450 -44.46 42.88 83.92
C ASP S 450 -45.44 41.74 84.14
N ASN S 451 -45.55 40.87 83.13
CA ASN S 451 -46.49 39.75 83.14
C ASN S 451 -47.91 40.25 83.38
N SER S 452 -48.27 41.35 82.72
CA SER S 452 -49.59 41.96 82.88
C SER S 452 -50.72 41.08 82.37
N HIS S 453 -50.41 40.04 81.60
CA HIS S 453 -51.46 39.11 81.16
C HIS S 453 -52.06 38.38 82.36
N PHE S 454 -51.22 37.93 83.29
CA PHE S 454 -51.74 37.29 84.49
C PHE S 454 -52.38 38.31 85.42
N GLN S 455 -51.71 39.43 85.65
CA GLN S 455 -52.26 40.52 86.47
C GLN S 455 -53.00 41.49 85.55
N GLY S 456 -54.27 41.15 85.29
CA GLY S 456 -55.04 41.90 84.31
C GLY S 456 -55.21 43.36 84.66
N ASN S 457 -55.28 43.68 85.95
CA ASN S 457 -55.42 45.05 86.41
C ASN S 457 -54.31 45.37 87.41
N GLU S 458 -53.94 46.65 87.47
CA GLU S 458 -52.91 47.07 88.41
C GLU S 458 -53.36 46.84 89.86
N GLU S 459 -54.66 46.86 90.12
CA GLU S 459 -55.16 46.56 91.45
C GLU S 459 -54.82 45.13 91.87
N GLU S 460 -55.01 44.18 90.95
CA GLU S 460 -54.67 42.79 91.24
C GLU S 460 -53.16 42.64 91.44
N PHE S 461 -52.36 43.35 90.65
CA PHE S 461 -50.92 43.29 90.82
C PHE S 461 -50.49 43.84 92.18
N ARG S 462 -51.10 44.94 92.61
CA ARG S 462 -50.74 45.56 93.89
C ARG S 462 -51.32 44.82 95.09
N VAL S 463 -52.37 44.03 94.90
CA VAL S 463 -52.96 43.30 96.02
C VAL S 463 -52.37 41.90 96.15
N ALA S 464 -52.23 41.18 95.04
CA ALA S 464 -51.66 39.84 95.10
C ALA S 464 -50.22 39.88 95.57
N GLN S 465 -49.44 40.86 95.10
CA GLN S 465 -48.08 41.03 95.59
C GLN S 465 -48.04 41.52 97.03
N ALA S 466 -49.12 42.13 97.51
CA ALA S 466 -49.20 42.58 98.90
C ALA S 466 -49.62 41.46 99.86
N LYS S 467 -49.96 40.28 99.35
CA LYS S 467 -50.25 39.15 100.22
C LYS S 467 -49.05 38.75 101.07
N LEU S 468 -47.83 39.08 100.61
CA LEU S 468 -46.65 38.84 101.43
C LEU S 468 -46.71 39.64 102.73
N PHE S 469 -47.15 40.89 102.65
CA PHE S 469 -47.25 41.72 103.84
C PHE S 469 -48.46 41.34 104.69
N SER S 470 -49.51 40.81 104.06
CA SER S 470 -50.73 40.47 104.79
C SER S 470 -50.54 39.26 105.69
N ARG S 471 -49.60 38.37 105.36
CA ARG S 471 -49.33 37.20 106.18
C ARG S 471 -48.80 37.59 107.56
N MET S 472 -48.35 38.83 107.72
CA MET S 472 -47.76 39.25 108.98
C MET S 472 -48.82 39.34 110.06
N VAL S 473 -48.57 38.71 111.21
CA VAL S 473 -49.54 38.69 112.30
C VAL S 473 -48.95 39.10 113.64
N ASP S 474 -47.63 39.05 113.84
CA ASP S 474 -47.03 39.35 115.13
C ASP S 474 -46.11 40.56 115.00
N PRO S 475 -46.52 41.75 115.43
CA PRO S 475 -45.64 42.92 115.31
C PRO S 475 -44.66 43.05 116.47
N ASP S 476 -44.08 41.94 116.91
CA ASP S 476 -42.98 41.96 117.86
C ASP S 476 -41.84 41.00 117.53
N ARG S 477 -42.09 39.93 116.79
CA ARG S 477 -41.04 39.05 116.31
C ARG S 477 -40.83 39.17 114.81
N HIS S 478 -41.62 39.98 114.13
CA HIS S 478 -41.55 40.15 112.69
C HIS S 478 -41.34 41.62 112.36
N ARG S 479 -40.64 41.87 111.24
CA ARG S 479 -40.31 43.21 110.82
C ARG S 479 -40.65 43.40 109.35
N LYS S 480 -40.92 44.64 108.97
CA LYS S 480 -41.27 44.99 107.59
C LYS S 480 -40.14 45.81 107.00
N ILE S 481 -39.61 45.35 105.87
CA ILE S 481 -38.63 46.10 105.08
C ILE S 481 -39.34 46.60 103.83
N VAL S 482 -39.39 47.93 103.68
CA VAL S 482 -40.23 48.56 102.67
C VAL S 482 -39.36 49.52 101.86
N ASN S 483 -39.79 49.80 100.63
CA ASN S 483 -39.09 50.68 99.71
C ASN S 483 -39.94 51.95 99.50
N VAL S 484 -39.69 52.95 100.34
CA VAL S 484 -40.37 54.24 100.17
C VAL S 484 -39.91 54.97 98.92
N ASP S 485 -38.82 54.52 98.29
CA ASP S 485 -38.45 55.05 96.99
C ASP S 485 -39.56 54.80 95.97
N ASP S 486 -40.15 53.60 96.01
CA ASP S 486 -41.31 53.32 95.18
C ASP S 486 -42.53 54.08 95.68
N PRO S 487 -43.49 54.38 94.80
CA PRO S 487 -44.60 55.25 95.22
C PRO S 487 -45.58 54.58 96.17
N ASN S 488 -45.86 53.29 96.00
CA ASN S 488 -46.90 52.61 96.75
C ASN S 488 -46.37 51.89 97.98
N ALA S 489 -45.31 52.39 98.60
CA ALA S 489 -44.79 51.77 99.82
C ALA S 489 -45.78 51.81 100.96
N PRO S 490 -46.40 52.95 101.32
CA PRO S 490 -47.48 52.89 102.32
C PRO S 490 -48.65 52.05 101.88
N PHE S 491 -48.95 52.02 100.56
CA PHE S 491 -50.01 51.17 100.06
C PHE S 491 -49.69 49.70 100.28
N PHE S 492 -48.44 49.30 100.04
CA PHE S 492 -48.05 47.93 100.33
C PHE S 492 -48.11 47.63 101.82
N ILE S 493 -47.71 48.60 102.65
CA ILE S 493 -47.72 48.41 104.10
C ILE S 493 -49.14 48.21 104.61
N ALA S 494 -50.09 49.02 104.13
CA ALA S 494 -51.44 49.06 104.68
C ALA S 494 -52.22 47.78 104.43
N GLN S 495 -51.75 46.88 103.58
CA GLN S 495 -52.47 45.65 103.31
C GLN S 495 -52.19 44.59 104.36
N GLY S 496 -52.43 44.92 105.63
CA GLY S 496 -52.30 43.95 106.70
C GLY S 496 -51.26 44.27 107.75
N ASN S 497 -51.72 44.52 108.98
CA ASN S 497 -50.88 44.71 110.16
C ASN S 497 -49.79 45.76 109.96
N PRO S 498 -50.15 47.05 109.89
CA PRO S 498 -49.10 48.09 109.81
C PRO S 498 -48.32 48.27 111.10
N ASN S 499 -48.74 47.66 112.20
CA ASN S 499 -48.01 47.77 113.46
C ASN S 499 -46.62 47.15 113.35
N VAL S 500 -46.47 46.14 112.50
CA VAL S 500 -45.14 45.54 112.27
C VAL S 500 -44.23 46.62 111.70
N PRO S 501 -43.07 46.90 112.29
CA PRO S 501 -42.42 48.18 112.03
C PRO S 501 -41.77 48.28 110.66
N VAL S 502 -41.68 49.51 110.17
CA VAL S 502 -41.31 49.80 108.79
C VAL S 502 -39.88 50.31 108.78
N LEU S 503 -38.99 49.60 108.07
CA LEU S 503 -37.62 50.03 107.85
C LEU S 503 -37.43 50.22 106.35
N THR S 504 -36.99 51.41 105.96
CA THR S 504 -37.03 51.84 104.57
C THR S 504 -35.63 52.01 104.00
N PHE S 505 -35.47 51.62 102.74
CA PHE S 505 -34.27 51.85 101.96
C PHE S 505 -34.59 52.65 100.71
N ALA S 506 -33.72 53.61 100.40
CA ALA S 506 -33.86 54.45 99.22
C ALA S 506 -32.58 55.25 98.97
N LEU S 507 -32.09 55.23 97.73
CA LEU S 507 -30.88 55.97 97.38
C LEU S 507 -31.20 57.38 96.92
N GLU S 508 -32.02 57.52 95.88
CA GLU S 508 -32.41 58.84 95.40
C GLU S 508 -33.26 59.58 96.43
N ASN S 509 -34.02 58.85 97.24
CA ASN S 509 -34.84 59.44 98.29
C ASN S 509 -34.02 59.33 99.57
N LYS S 510 -33.43 60.45 99.99
CA LYS S 510 -32.57 60.45 101.17
C LYS S 510 -33.36 60.36 102.47
N ASP S 511 -34.69 60.49 102.41
CA ASP S 511 -35.54 60.38 103.61
C ASP S 511 -35.83 58.92 103.93
N ALA S 512 -34.76 58.19 104.22
CA ALA S 512 -34.85 56.76 104.52
C ALA S 512 -33.93 56.44 105.69
N ASP S 513 -34.28 55.37 106.42
CA ASP S 513 -33.47 54.96 107.56
C ASP S 513 -32.07 54.56 107.12
N VAL S 514 -31.95 53.81 106.03
CA VAL S 514 -30.67 53.40 105.48
C VAL S 514 -30.51 54.10 104.12
N HIS S 515 -29.45 54.89 103.98
CA HIS S 515 -29.26 55.65 102.76
C HIS S 515 -27.78 55.80 102.43
N PRO S 516 -27.38 55.55 101.20
CA PRO S 516 -25.98 55.77 100.80
C PRO S 516 -25.68 57.25 100.60
N LEU S 517 -25.30 57.94 101.68
CA LEU S 517 -25.01 59.36 101.60
C LEU S 517 -24.07 59.69 100.44
N LYS S 518 -23.14 58.80 100.14
CA LYS S 518 -22.25 58.97 99.00
C LYS S 518 -22.35 57.74 98.10
N PHE S 519 -22.54 57.96 96.81
CA PHE S 519 -22.70 56.90 95.83
C PHE S 519 -21.80 57.15 94.64
N GLU S 520 -20.96 56.18 94.30
CA GLU S 520 -20.07 56.28 93.14
C GLU S 520 -20.01 54.92 92.45
N LEU S 521 -20.21 54.92 91.14
CA LEU S 521 -20.23 53.69 90.36
C LEU S 521 -19.31 53.84 89.16
N SER S 522 -18.42 52.87 88.96
CA SER S 522 -17.50 52.83 87.83
C SER S 522 -17.56 51.46 87.19
N LEU S 523 -16.81 51.29 86.09
CA LEU S 523 -16.82 50.03 85.37
C LEU S 523 -16.24 48.90 86.22
N PHE S 524 -15.19 49.19 87.00
CA PHE S 524 -14.56 48.19 87.84
C PHE S 524 -14.50 48.59 89.30
N GLU S 525 -15.01 49.77 89.67
CA GLU S 525 -14.95 50.26 91.04
C GLU S 525 -16.33 50.74 91.46
N THR S 526 -16.62 50.58 92.76
CA THR S 526 -17.91 50.98 93.31
C THR S 526 -17.72 51.37 94.77
N THR S 527 -18.17 52.56 95.13
CA THR S 527 -18.00 53.11 96.47
C THR S 527 -19.36 53.56 97.00
N VAL S 528 -19.65 53.19 98.26
CA VAL S 528 -20.93 53.53 98.89
C VAL S 528 -20.64 53.93 100.33
N LEU S 529 -20.84 55.21 100.65
CA LEU S 529 -20.85 55.68 102.03
C LEU S 529 -22.31 55.70 102.47
N VAL S 530 -22.71 54.71 103.25
CA VAL S 530 -24.10 54.46 103.59
C VAL S 530 -24.31 54.77 105.07
N ASN S 531 -25.33 55.57 105.36
CA ASN S 531 -25.66 55.97 106.73
C ASN S 531 -26.74 55.02 107.25
N THR S 532 -26.30 53.85 107.72
CA THR S 532 -27.19 52.91 108.36
C THR S 532 -27.59 53.41 109.74
N PRO S 533 -28.66 52.86 110.34
CA PRO S 533 -28.99 53.26 111.71
C PRO S 533 -27.86 53.02 112.70
N GLN S 534 -27.01 52.03 112.46
CA GLN S 534 -25.82 51.86 113.27
C GLN S 534 -24.86 53.03 113.11
N GLY S 535 -24.72 53.53 111.88
CA GLY S 535 -23.85 54.67 111.63
C GLY S 535 -23.54 54.76 110.15
N ILE S 536 -22.44 55.48 109.86
CA ILE S 536 -21.96 55.68 108.50
C ILE S 536 -20.84 54.69 108.22
N LEU S 537 -20.96 53.94 107.14
CA LEU S 537 -20.02 52.89 106.81
C LEU S 537 -19.61 52.99 105.34
N GLU S 538 -18.37 52.59 105.06
CA GLU S 538 -17.81 52.61 103.72
C GLU S 538 -17.83 51.20 103.15
N ILE S 539 -18.41 51.04 101.96
CA ILE S 539 -18.46 49.76 101.25
C ILE S 539 -17.79 49.98 99.90
N SER S 540 -16.70 49.27 99.65
CA SER S 540 -15.97 49.37 98.40
C SER S 540 -15.93 47.99 97.74
N SER S 541 -16.44 47.91 96.52
CA SER S 541 -16.46 46.66 95.80
C SER S 541 -16.61 46.92 94.30
N GLY S 542 -16.19 45.94 93.51
CA GLY S 542 -16.33 46.00 92.07
C GLY S 542 -17.66 45.53 91.54
N LEU S 543 -18.59 45.18 92.42
CA LEU S 543 -19.91 44.71 92.03
C LEU S 543 -20.73 45.90 91.55
N LEU S 544 -20.73 46.15 90.24
CA LEU S 544 -21.38 47.31 89.68
C LEU S 544 -22.89 47.12 89.55
N GLY S 545 -23.57 48.21 89.18
CA GLY S 545 -25.01 48.19 89.01
C GLY S 545 -25.74 49.04 90.02
N ARG S 546 -26.44 50.07 89.55
CA ARG S 546 -27.20 50.94 90.46
C ARG S 546 -28.29 50.15 91.17
N HIS S 547 -29.00 49.30 90.44
CA HIS S 547 -29.96 48.41 91.08
C HIS S 547 -29.27 47.43 92.02
N ASN S 548 -28.00 47.11 91.76
CA ASN S 548 -27.24 46.33 92.72
C ASN S 548 -26.99 47.12 94.01
N ILE S 549 -26.78 48.43 93.89
CA ILE S 549 -26.70 49.27 95.08
C ILE S 549 -28.02 49.28 95.83
N TYR S 550 -29.14 49.37 95.10
CA TYR S 550 -30.45 49.26 95.75
C TYR S 550 -30.59 47.94 96.48
N ASN S 551 -30.11 46.86 95.85
CA ASN S 551 -30.22 45.53 96.45
C ASN S 551 -29.37 45.43 97.71
N ILE S 552 -28.15 45.98 97.69
CA ILE S 552 -27.31 45.99 98.87
C ILE S 552 -27.95 46.82 99.98
N LEU S 553 -28.60 47.92 99.60
CA LEU S 553 -29.34 48.72 100.57
C LEU S 553 -30.45 47.91 101.22
N ALA S 554 -31.19 47.16 100.41
CA ALA S 554 -32.24 46.29 100.97
C ALA S 554 -31.64 45.25 101.90
N ALA S 555 -30.48 44.69 101.53
CA ALA S 555 -29.83 43.68 102.37
C ALA S 555 -29.42 44.26 103.72
N VAL S 556 -28.82 45.46 103.71
CA VAL S 556 -28.39 46.04 104.99
C VAL S 556 -29.60 46.44 105.82
N THR S 557 -30.69 46.90 105.18
CA THR S 557 -31.91 47.18 105.92
C THR S 557 -32.47 45.91 106.57
N VAL S 558 -32.44 44.79 105.84
CA VAL S 558 -32.88 43.52 106.40
C VAL S 558 -32.01 43.13 107.59
N GLY S 559 -30.69 43.31 107.46
CA GLY S 559 -29.81 43.06 108.58
C GLY S 559 -30.11 43.95 109.78
N ILE S 560 -30.49 45.19 109.53
CA ILE S 560 -30.91 46.09 110.60
C ILE S 560 -32.18 45.58 111.26
N ALA S 561 -33.07 44.97 110.48
CA ALA S 561 -34.32 44.45 111.05
C ALA S 561 -34.04 43.42 112.13
N VAL S 562 -33.07 42.53 111.91
CA VAL S 562 -32.67 41.55 112.93
C VAL S 562 -31.59 42.08 113.85
N GLY S 563 -31.20 43.34 113.72
CA GLY S 563 -30.18 43.91 114.59
C GLY S 563 -28.78 43.41 114.33
N ALA S 564 -28.51 42.89 113.14
CA ALA S 564 -27.19 42.36 112.83
C ALA S 564 -26.15 43.48 112.80
N PRO S 565 -24.93 43.20 113.23
CA PRO S 565 -23.89 44.24 113.21
C PRO S 565 -23.49 44.58 111.77
N LEU S 566 -22.97 45.80 111.62
CA LEU S 566 -22.54 46.26 110.30
C LEU S 566 -21.37 45.44 109.78
N GLU S 567 -20.47 45.00 110.66
CA GLU S 567 -19.33 44.19 110.23
C GLU S 567 -19.78 42.88 109.62
N ASP S 568 -20.75 42.22 110.24
CA ASP S 568 -21.28 40.97 109.68
C ASP S 568 -21.99 41.23 108.36
N ILE S 569 -22.69 42.37 108.25
CA ILE S 569 -23.33 42.71 106.98
C ILE S 569 -22.31 42.88 105.88
N VAL S 570 -21.20 43.57 106.17
CA VAL S 570 -20.14 43.75 105.19
C VAL S 570 -19.51 42.40 104.83
N ARG S 571 -19.31 41.53 105.83
CA ARG S 571 -18.76 40.22 105.57
C ARG S 571 -19.66 39.41 104.64
N GLY S 572 -20.98 39.46 104.88
CA GLY S 572 -21.91 38.77 104.00
C GLY S 572 -21.95 39.35 102.60
N ILE S 573 -21.88 40.68 102.50
CA ILE S 573 -21.91 41.33 101.19
C ILE S 573 -20.68 40.94 100.38
N GLU S 574 -19.51 40.96 101.02
CA GLU S 574 -18.27 40.60 100.33
C GLU S 574 -18.08 39.09 100.21
N GLU S 575 -18.92 38.29 100.87
CA GLU S 575 -18.80 36.84 100.76
C GLU S 575 -19.17 36.33 99.36
N VAL S 576 -19.80 37.16 98.55
CA VAL S 576 -20.16 36.83 97.17
C VAL S 576 -19.45 37.80 96.24
N ASP S 577 -18.71 37.26 95.27
CA ASP S 577 -18.01 38.07 94.28
C ASP S 577 -18.59 37.97 92.88
N ALA S 578 -19.34 36.91 92.59
CA ALA S 578 -19.98 36.76 91.27
C ALA S 578 -21.19 35.85 91.44
N VAL S 579 -22.37 36.45 91.49
CA VAL S 579 -23.62 35.68 91.56
C VAL S 579 -23.75 34.87 90.28
N PRO S 580 -24.29 33.65 90.34
CA PRO S 580 -24.23 32.76 89.17
C PRO S 580 -24.99 33.26 87.96
N GLY S 581 -24.25 33.59 86.90
CA GLY S 581 -24.84 33.85 85.60
C GLY S 581 -25.55 35.18 85.46
N ARG S 582 -25.53 36.03 86.49
CA ARG S 582 -26.18 37.33 86.44
C ARG S 582 -25.16 38.38 86.85
N CYS S 583 -24.96 39.38 86.00
CA CYS S 583 -24.03 40.48 86.28
C CYS S 583 -22.63 39.96 86.61
N GLU S 584 -22.27 38.80 86.05
CA GLU S 584 -21.03 38.13 86.39
C GLU S 584 -19.83 38.84 85.76
N VAL S 585 -19.21 39.73 86.50
CA VAL S 585 -18.04 40.45 86.00
C VAL S 585 -16.85 39.51 85.93
N ILE S 586 -16.19 39.49 84.77
CA ILE S 586 -14.98 38.69 84.58
C ILE S 586 -13.84 39.66 84.28
N ASP S 587 -12.79 39.62 85.11
CA ASP S 587 -11.60 40.46 84.94
C ASP S 587 -10.38 39.55 84.97
N GLU S 588 -10.04 38.98 83.81
CA GLU S 588 -8.84 38.15 83.68
C GLU S 588 -7.74 38.98 83.03
N GLU S 589 -7.25 39.96 83.79
CA GLU S 589 -6.21 40.88 83.34
C GLU S 589 -6.63 41.60 82.06
N GLN S 590 -7.71 42.38 82.18
CA GLN S 590 -8.23 43.13 81.05
C GLN S 590 -8.95 44.36 81.57
N ALA S 591 -9.15 45.33 80.67
CA ALA S 591 -9.79 46.59 81.02
C ALA S 591 -11.19 46.73 80.43
N PHE S 592 -11.72 45.68 79.80
CA PHE S 592 -13.07 45.68 79.27
C PHE S 592 -13.92 44.70 80.06
N GLY S 593 -15.01 45.19 80.63
CA GLY S 593 -15.81 44.41 81.56
C GLY S 593 -16.75 43.42 80.92
N VAL S 594 -16.44 42.13 81.06
CA VAL S 594 -17.33 41.06 80.60
C VAL S 594 -18.46 40.91 81.61
N ILE S 595 -19.71 40.98 81.13
CA ILE S 595 -20.87 40.95 82.01
C ILE S 595 -22.02 40.27 81.28
N VAL S 596 -22.75 39.42 82.00
CA VAL S 596 -23.88 38.68 81.46
C VAL S 596 -25.08 38.86 82.36
N ASP S 597 -26.27 38.68 81.79
CA ASP S 597 -27.51 38.72 82.55
C ASP S 597 -28.47 37.66 82.01
N HIS S 598 -29.60 37.52 82.70
CA HIS S 598 -30.60 36.52 82.28
C HIS S 598 -31.09 36.78 80.86
N ALA S 599 -31.47 38.02 80.58
CA ALA S 599 -31.75 38.48 79.22
C ALA S 599 -32.80 37.62 78.52
N ARG S 600 -33.87 37.27 79.24
CA ARG S 600 -35.00 36.59 78.62
C ARG S 600 -36.06 37.56 78.13
N THR S 601 -35.91 38.86 78.41
CA THR S 601 -36.80 39.89 77.94
C THR S 601 -35.98 41.05 77.39
N PRO S 602 -36.47 41.74 76.37
CA PRO S 602 -35.73 42.90 75.84
C PRO S 602 -35.54 44.00 76.86
N ASP S 603 -36.41 44.09 77.86
CA ASP S 603 -36.27 45.11 78.88
C ASP S 603 -35.03 44.88 79.74
N ALA S 604 -34.58 43.62 79.86
CA ALA S 604 -33.35 43.35 80.59
C ALA S 604 -32.14 43.94 79.87
N LEU S 605 -32.06 43.73 78.55
CA LEU S 605 -31.01 44.36 77.76
C LEU S 605 -31.13 45.88 77.81
N SER S 606 -32.36 46.40 77.76
CA SER S 606 -32.54 47.85 77.85
C SER S 606 -32.01 48.38 79.18
N ARG S 607 -32.30 47.70 80.29
CA ARG S 607 -31.84 48.13 81.60
C ARG S 607 -30.32 48.07 81.69
N LEU S 608 -29.71 46.99 81.18
CA LEU S 608 -28.25 46.93 81.20
C LEU S 608 -27.65 48.04 80.34
N LEU S 609 -28.30 48.37 79.23
CA LEU S 609 -27.81 49.47 78.39
C LEU S 609 -27.90 50.81 79.11
N ASP S 610 -28.99 51.06 79.85
CA ASP S 610 -29.04 52.30 80.62
C ASP S 610 -27.98 52.32 81.70
N SER S 611 -27.72 51.18 82.34
CA SER S 611 -26.63 51.12 83.31
C SER S 611 -25.29 51.43 82.66
N VAL S 612 -25.07 50.92 81.45
CA VAL S 612 -23.83 51.21 80.73
C VAL S 612 -23.73 52.69 80.40
N ARG S 613 -24.86 53.31 80.03
CA ARG S 613 -24.88 54.75 79.80
C ARG S 613 -24.50 55.51 81.06
N GLU S 614 -25.04 55.09 82.21
CA GLU S 614 -24.65 55.68 83.49
C GLU S 614 -23.20 55.40 83.83
N LEU S 615 -22.59 54.38 83.21
CA LEU S 615 -21.22 54.00 83.49
C LEU S 615 -20.37 54.11 82.22
N GLN S 616 -20.49 55.24 81.52
CA GLN S 616 -20.02 55.44 80.15
C GLN S 616 -18.60 54.92 79.89
N PRO S 617 -18.47 53.83 79.15
CA PRO S 617 -17.14 53.38 78.70
C PRO S 617 -16.78 53.97 77.34
N ARG S 618 -15.64 53.56 76.79
CA ARG S 618 -15.18 54.12 75.53
C ARG S 618 -16.00 53.60 74.35
N ARG S 619 -15.95 52.29 74.10
CA ARG S 619 -16.64 51.68 72.97
C ARG S 619 -17.62 50.63 73.49
N ILE S 620 -18.79 50.56 72.85
CA ILE S 620 -19.88 49.71 73.30
C ILE S 620 -20.13 48.60 72.28
N ILE S 621 -19.94 47.34 72.70
CA ILE S 621 -20.38 46.20 71.92
C ILE S 621 -21.26 45.32 72.81
N THR S 622 -22.40 44.90 72.27
CA THR S 622 -23.32 44.00 72.95
C THR S 622 -23.66 42.85 72.02
N VAL S 623 -23.29 41.64 72.41
CA VAL S 623 -23.66 40.44 71.67
C VAL S 623 -25.08 40.08 72.01
N ILE S 624 -25.93 39.97 70.99
CA ILE S 624 -27.35 39.75 71.16
C ILE S 624 -27.66 38.30 70.80
N GLY S 625 -28.39 37.63 71.68
CA GLY S 625 -28.82 36.27 71.40
C GLY S 625 -29.98 36.23 70.43
N SER S 626 -30.92 35.32 70.65
CA SER S 626 -32.07 35.18 69.78
C SER S 626 -33.29 34.91 70.65
N CYS S 627 -34.39 34.51 70.01
CA CYS S 627 -35.63 34.16 70.69
C CYS S 627 -35.97 32.71 70.38
N GLY S 628 -36.31 31.94 71.40
CA GLY S 628 -36.58 30.53 71.22
C GLY S 628 -37.81 30.25 70.37
N GLU S 629 -38.98 30.64 70.85
CA GLU S 629 -40.24 30.36 70.18
C GLU S 629 -40.64 31.58 69.33
N LYS S 630 -41.88 31.55 68.83
CA LYS S 630 -42.33 32.57 67.89
C LYS S 630 -42.76 33.85 68.60
N GLU S 631 -41.86 34.42 69.41
CA GLU S 631 -42.07 35.74 70.00
C GLU S 631 -41.22 36.74 69.21
N ARG S 632 -41.74 37.10 68.04
CA ARG S 632 -40.98 37.94 67.11
C ARG S 632 -41.10 39.42 67.40
N GLY S 633 -41.97 39.82 68.33
CA GLY S 633 -42.17 41.23 68.63
C GLY S 633 -41.17 41.87 69.54
N LYS S 634 -40.23 41.11 70.10
CA LYS S 634 -39.25 41.63 71.04
C LYS S 634 -37.98 42.12 70.35
N ARG S 635 -37.45 41.31 69.43
CA ARG S 635 -36.17 41.64 68.81
C ARG S 635 -36.16 42.95 68.03
N PRO S 636 -37.27 43.46 67.44
CA PRO S 636 -37.21 44.80 66.84
C PRO S 636 -36.78 45.88 67.82
N MET S 637 -37.53 46.04 68.92
CA MET S 637 -37.19 47.04 69.92
C MET S 637 -35.87 46.73 70.61
N LEU S 638 -35.55 45.44 70.76
CA LEU S 638 -34.27 45.05 71.33
C LEU S 638 -33.11 45.58 70.48
N ALA S 639 -33.16 45.32 69.17
CA ALA S 639 -32.13 45.83 68.28
C ALA S 639 -32.17 47.35 68.22
N LYS S 640 -33.35 47.96 68.39
CA LYS S 640 -33.44 49.41 68.40
C LYS S 640 -32.64 50.00 69.54
N VAL S 641 -32.90 49.53 70.76
CA VAL S 641 -32.18 50.09 71.91
C VAL S 641 -30.70 49.74 71.83
N ALA S 642 -30.37 48.55 71.35
CA ALA S 642 -28.98 48.17 71.19
C ALA S 642 -28.25 49.13 70.24
N THR S 643 -28.73 49.22 69.00
CA THR S 643 -28.07 50.05 67.99
C THR S 643 -28.11 51.53 68.37
N ASP S 644 -29.11 51.96 69.13
CA ASP S 644 -29.16 53.35 69.56
C ASP S 644 -28.17 53.65 70.68
N LYS S 645 -27.86 52.67 71.52
CA LYS S 645 -26.98 52.89 72.65
C LYS S 645 -25.63 52.18 72.54
N SER S 646 -25.36 51.51 71.41
CA SER S 646 -24.08 50.83 71.21
C SER S 646 -23.46 51.31 69.91
N ASP S 647 -22.18 51.70 69.98
CA ASP S 647 -21.46 52.12 68.78
C ASP S 647 -21.35 50.98 67.77
N VAL S 648 -21.05 49.77 68.25
CA VAL S 648 -21.01 48.58 67.42
C VAL S 648 -21.85 47.50 68.11
N THR S 649 -22.72 46.86 67.34
CA THR S 649 -23.58 45.81 67.86
C THR S 649 -23.06 44.46 67.37
N MET S 650 -23.57 43.39 67.98
CA MET S 650 -23.24 42.04 67.58
C MET S 650 -24.41 41.13 67.90
N LEU S 651 -24.63 40.13 67.05
CA LEU S 651 -25.68 39.14 67.26
C LEU S 651 -25.07 37.75 67.20
N THR S 652 -25.83 36.78 67.73
CA THR S 652 -25.41 35.38 67.71
C THR S 652 -26.66 34.51 67.61
N SER S 653 -26.50 33.22 67.88
CA SER S 653 -27.59 32.26 67.84
C SER S 653 -27.61 31.54 69.19
N ASP S 654 -28.32 32.11 70.15
CA ASP S 654 -28.34 31.58 71.51
C ASP S 654 -29.41 30.50 71.69
N ASN S 655 -30.67 30.86 71.43
CA ASN S 655 -31.80 29.93 71.61
C ASN S 655 -32.73 30.07 70.41
N GLN S 656 -32.71 29.08 69.53
CA GLN S 656 -33.56 29.07 68.33
C GLN S 656 -34.17 27.69 68.12
N GLY S 657 -34.63 27.06 69.19
CA GLY S 657 -35.13 25.70 69.13
C GLY S 657 -36.37 25.51 68.27
N SER S 658 -36.87 26.57 67.64
CA SER S 658 -38.11 26.47 66.88
C SER S 658 -37.84 26.33 65.38
N GLU S 659 -37.02 27.21 64.81
CA GLU S 659 -36.86 27.30 63.36
C GLU S 659 -35.39 27.27 63.00
N ASP S 660 -35.10 27.49 61.73
CA ASP S 660 -33.73 27.52 61.24
C ASP S 660 -33.02 28.78 61.72
N PRO S 661 -31.72 28.70 62.02
CA PRO S 661 -30.99 29.89 62.47
C PRO S 661 -30.96 31.02 61.45
N LEU S 662 -30.94 30.72 60.16
CA LEU S 662 -30.94 31.79 59.16
C LEU S 662 -32.22 32.61 59.24
N ASP S 663 -33.36 31.94 59.37
CA ASP S 663 -34.62 32.67 59.52
C ASP S 663 -34.63 33.49 60.81
N ILE S 664 -34.07 32.93 61.89
CA ILE S 664 -34.00 33.65 63.16
C ILE S 664 -33.17 34.91 63.01
N LEU S 665 -32.01 34.81 62.33
CA LEU S 665 -31.21 36.00 62.07
C LEU S 665 -31.96 37.00 61.19
N ASP S 666 -32.79 36.50 60.27
CA ASP S 666 -33.60 37.41 59.46
C ASP S 666 -34.60 38.17 60.31
N ASP S 667 -35.24 37.49 61.28
CA ASP S 667 -36.27 38.15 62.09
C ASP S 667 -35.70 39.21 63.02
N MET S 668 -34.39 39.24 63.23
CA MET S 668 -33.81 40.09 64.27
C MET S 668 -34.17 41.56 64.07
N LEU S 669 -34.46 41.96 62.83
CA LEU S 669 -34.76 43.35 62.50
C LEU S 669 -36.14 43.39 61.83
N ALA S 670 -37.17 43.72 62.61
CA ALA S 670 -38.54 43.60 62.09
C ALA S 670 -39.47 44.76 62.45
N GLY S 671 -39.02 45.77 63.20
CA GLY S 671 -39.95 46.80 63.58
C GLY S 671 -39.51 48.25 63.73
N ILE S 672 -38.29 48.61 63.34
CA ILE S 672 -37.73 49.87 63.80
C ILE S 672 -37.18 50.77 62.70
N GLY S 673 -36.84 50.28 61.51
CA GLY S 673 -36.40 51.20 60.46
C GLY S 673 -35.33 50.77 59.47
N TRP S 674 -34.69 49.62 59.65
CA TRP S 674 -33.70 49.15 58.68
C TRP S 674 -34.11 47.78 58.14
N THR S 675 -33.86 47.57 56.84
CA THR S 675 -34.27 46.36 56.14
C THR S 675 -33.05 45.52 55.79
N MET S 676 -33.16 44.20 56.03
CA MET S 676 -32.06 43.27 55.76
C MET S 676 -31.90 42.91 54.30
N GLN S 677 -32.65 43.54 53.38
CA GLN S 677 -32.43 43.25 51.97
C GLN S 677 -31.03 43.65 51.54
N ASP S 678 -30.43 44.63 52.21
CA ASP S 678 -29.03 44.96 51.96
C ASP S 678 -28.12 43.78 52.29
N TYR S 679 -28.45 43.03 53.35
CA TYR S 679 -27.71 41.81 53.66
C TYR S 679 -27.76 40.82 52.51
N LEU S 680 -28.79 40.90 51.66
CA LEU S 680 -28.79 40.09 50.44
C LEU S 680 -27.71 40.55 49.48
N LYS S 681 -27.62 41.86 49.23
CA LYS S 681 -26.74 42.41 48.20
C LYS S 681 -25.42 42.91 48.82
N HIS S 682 -24.65 41.96 49.35
CA HIS S 682 -23.38 42.34 49.98
C HIS S 682 -22.29 42.57 48.93
N GLY S 683 -21.90 41.52 48.23
CA GLY S 683 -20.95 41.63 47.14
C GLY S 683 -19.64 42.33 47.48
N GLU S 684 -19.18 42.16 48.72
CA GLU S 684 -17.97 42.83 49.25
C GLU S 684 -18.11 44.35 49.26
N ASN S 685 -19.31 44.87 49.00
CA ASN S 685 -19.55 46.30 48.96
C ASN S 685 -20.37 46.81 50.14
N ASP S 686 -21.17 45.96 50.77
CA ASP S 686 -22.01 46.35 51.89
C ASP S 686 -21.40 45.98 53.24
N TYR S 687 -20.15 45.52 53.27
CA TYR S 687 -19.51 45.14 54.52
C TYR S 687 -19.17 46.31 55.43
N TYR S 688 -19.30 47.51 54.90
CA TYR S 688 -18.87 48.67 55.65
C TYR S 688 -20.00 49.65 55.88
N PRO S 689 -21.20 49.14 56.21
CA PRO S 689 -22.31 50.07 56.33
C PRO S 689 -22.38 50.77 57.69
N PRO S 690 -23.06 51.95 57.76
CA PRO S 690 -23.25 52.59 59.05
C PRO S 690 -24.73 52.73 59.32
N LEU S 691 -25.31 51.74 59.97
CA LEU S 691 -26.75 51.73 60.24
C LEU S 691 -27.27 53.09 60.69
N PRO S 692 -28.55 53.37 60.46
CA PRO S 692 -29.15 54.62 60.91
C PRO S 692 -28.21 55.59 61.61
N ASN S 693 -27.90 55.37 62.88
CA ASN S 693 -27.08 56.31 63.62
C ASN S 693 -25.59 56.15 63.33
N GLY S 694 -25.23 55.87 62.09
CA GLY S 694 -23.83 55.71 61.72
C GLY S 694 -23.14 54.56 62.43
N HIS S 695 -23.82 53.93 63.38
CA HIS S 695 -23.28 52.77 64.06
C HIS S 695 -22.99 51.66 63.05
N ARG S 696 -22.63 50.48 63.53
CA ARG S 696 -22.13 49.41 62.68
C ARG S 696 -23.10 48.25 62.62
N LEU S 697 -23.15 47.58 61.47
CA LEU S 697 -23.97 46.40 61.29
C LEU S 697 -23.30 45.19 61.94
N PHE S 698 -24.00 44.06 61.91
CA PHE S 698 -23.55 42.89 62.66
C PHE S 698 -24.30 41.66 62.18
N LEU S 699 -23.57 40.57 61.99
CA LEU S 699 -24.17 39.30 61.57
C LEU S 699 -23.20 38.13 61.79
N HIS S 700 -23.70 37.05 62.37
CA HIS S 700 -22.95 35.80 62.53
C HIS S 700 -23.89 34.75 63.12
N ASP S 701 -23.44 33.49 63.03
CA ASP S 701 -24.20 32.36 63.55
C ASP S 701 -23.40 31.45 64.46
N ILE S 702 -22.12 31.20 64.18
CA ILE S 702 -21.32 30.28 64.97
C ILE S 702 -21.06 30.92 66.32
N ARG S 703 -21.67 30.37 67.38
CA ARG S 703 -21.59 30.99 68.69
C ARG S 703 -20.15 31.07 69.18
N ARG S 704 -19.37 30.01 68.99
CA ARG S 704 -18.00 29.98 69.50
C ARG S 704 -17.17 31.10 68.90
N VAL S 705 -17.15 31.20 67.56
CA VAL S 705 -16.40 32.26 66.90
C VAL S 705 -17.00 33.62 67.23
N ALA S 706 -18.32 33.70 67.38
CA ALA S 706 -18.96 34.96 67.71
C ALA S 706 -18.45 35.52 69.03
N VAL S 707 -18.48 34.71 70.09
CA VAL S 707 -18.02 35.19 71.39
C VAL S 707 -16.50 35.38 71.39
N ARG S 708 -15.79 34.54 70.65
CA ARG S 708 -14.34 34.68 70.57
C ARG S 708 -13.96 36.03 69.96
N CYS S 709 -14.64 36.42 68.87
CA CYS S 709 -14.38 37.72 68.26
C CYS S 709 -14.90 38.85 69.12
N ALA S 710 -16.00 38.63 69.85
CA ALA S 710 -16.54 39.65 70.73
C ALA S 710 -15.54 40.02 71.81
N VAL S 711 -14.96 39.01 72.47
CA VAL S 711 -13.88 39.28 73.42
C VAL S 711 -12.66 39.81 72.69
N ALA S 712 -12.45 39.37 71.45
CA ALA S 712 -11.29 39.80 70.68
C ALA S 712 -11.39 41.25 70.22
N MET S 713 -12.58 41.85 70.22
CA MET S 713 -12.68 43.26 69.86
C MET S 713 -11.98 44.15 70.87
N GLY S 714 -12.14 43.86 72.16
CA GLY S 714 -11.71 44.75 73.22
C GLY S 714 -10.28 45.23 73.07
N GLU S 715 -10.14 46.53 72.80
CA GLU S 715 -8.83 47.12 72.57
C GLU S 715 -8.27 47.73 73.85
N GLU S 716 -8.98 48.71 74.42
CA GLU S 716 -8.55 49.32 75.68
C GLU S 716 -9.74 50.04 76.29
N GLY S 717 -10.19 49.56 77.45
CA GLY S 717 -11.20 50.28 78.23
C GLY S 717 -12.52 50.49 77.53
N ASP S 718 -13.05 49.46 76.89
CA ASP S 718 -14.33 49.53 76.19
C ASP S 718 -15.32 48.57 76.84
N MET S 719 -16.53 48.53 76.29
CA MET S 719 -17.61 47.72 76.85
C MET S 719 -17.83 46.52 75.94
N VAL S 720 -17.88 45.33 76.54
CA VAL S 720 -17.75 44.07 75.82
C VAL S 720 -18.87 43.07 76.14
N VAL S 721 -20.10 43.57 76.36
CA VAL S 721 -21.21 42.68 76.73
C VAL S 721 -21.31 41.51 75.75
N VAL S 722 -21.34 40.29 76.31
CA VAL S 722 -21.57 39.07 75.54
C VAL S 722 -22.80 38.37 76.09
N ALA S 723 -23.69 39.14 76.71
CA ALA S 723 -24.83 38.60 77.43
C ALA S 723 -25.86 38.03 76.46
N GLY S 724 -27.00 37.61 76.99
CA GLY S 724 -28.08 37.06 76.18
C GLY S 724 -28.79 35.88 76.80
N LYS S 725 -28.09 35.08 77.59
CA LYS S 725 -28.77 33.96 78.26
C LYS S 725 -28.51 33.90 79.76
N GLY S 726 -27.29 34.21 80.20
CA GLY S 726 -26.98 34.20 81.62
C GLY S 726 -26.23 32.97 82.10
N HIS S 727 -26.86 32.21 82.99
CA HIS S 727 -26.26 31.01 83.57
C HIS S 727 -26.54 29.76 82.76
N GLU S 728 -27.16 29.88 81.59
CA GLU S 728 -27.44 28.72 80.75
C GLU S 728 -26.13 28.12 80.27
N ALA S 729 -25.73 27.00 80.86
CA ALA S 729 -24.45 26.36 80.52
C ALA S 729 -24.60 25.32 79.43
N TYR S 730 -25.20 25.73 78.31
CA TYR S 730 -25.32 24.88 77.12
C TYR S 730 -25.66 25.77 75.95
N GLN S 731 -25.98 25.15 74.81
CA GLN S 731 -26.33 25.89 73.60
C GLN S 731 -27.28 25.03 72.77
N VAL S 732 -28.40 25.62 72.36
CA VAL S 732 -29.39 24.95 71.53
C VAL S 732 -29.50 25.71 70.20
N ASP S 733 -29.46 24.96 69.10
CA ASP S 733 -29.67 25.51 67.75
C ASP S 733 -30.68 24.60 67.06
N GLY S 734 -31.96 24.84 67.34
CA GLY S 734 -33.02 24.06 66.71
C GLY S 734 -33.17 22.67 67.29
N ASP S 735 -32.23 21.79 66.99
CA ASP S 735 -32.31 20.38 67.38
C ASP S 735 -30.95 19.88 67.85
N LYS S 736 -30.26 20.68 68.67
CA LYS S 736 -28.94 20.32 69.17
C LYS S 736 -28.88 20.57 70.67
N LYS S 737 -28.05 19.77 71.36
CA LYS S 737 -27.83 19.92 72.79
C LYS S 737 -26.43 19.46 73.12
N GLU S 738 -25.60 20.37 73.61
CA GLU S 738 -24.21 20.07 73.95
C GLU S 738 -23.77 21.01 75.06
N PHE S 739 -22.52 20.85 75.50
CA PHE S 739 -21.96 21.69 76.55
C PHE S 739 -21.45 22.99 75.96
N PHE S 740 -21.81 24.11 76.60
CA PHE S 740 -21.32 25.42 76.18
C PHE S 740 -21.55 26.45 77.29
N ASP S 741 -20.48 27.01 77.84
CA ASP S 741 -20.57 28.05 78.85
C ASP S 741 -20.01 29.35 78.29
N ASP S 742 -20.74 30.44 78.50
CA ASP S 742 -20.29 31.74 78.03
C ASP S 742 -19.14 32.27 78.88
N ARG S 743 -19.23 32.10 80.20
CA ARG S 743 -18.18 32.61 81.09
C ARG S 743 -16.85 31.90 80.86
N GLU S 744 -16.89 30.57 80.70
CA GLU S 744 -15.66 29.82 80.46
C GLU S 744 -15.00 30.24 79.14
N GLU S 745 -15.81 30.38 78.09
CA GLU S 745 -15.26 30.83 76.82
C GLU S 745 -14.72 32.24 76.93
N CYS S 746 -15.37 33.09 77.73
CA CYS S 746 -14.89 34.46 77.91
C CYS S 746 -13.53 34.49 78.58
N ARG S 747 -13.35 33.71 79.65
CA ARG S 747 -12.04 33.69 80.30
C ARG S 747 -10.99 33.03 79.41
N GLU S 748 -11.38 32.02 78.63
CA GLU S 748 -10.43 31.42 77.69
C GLU S 748 -9.99 32.44 76.64
N ALA S 749 -10.92 33.24 76.12
CA ALA S 749 -10.58 34.26 75.15
C ALA S 749 -9.71 35.35 75.76
N LEU S 750 -10.00 35.72 77.02
CA LEU S 750 -9.12 36.64 77.72
C LEU S 750 -7.72 36.06 77.85
N GLN S 751 -7.63 34.74 77.96
CA GLN S 751 -6.31 34.10 78.01
C GLN S 751 -5.62 34.15 76.65
N TYR S 752 -6.34 33.84 75.56
CA TYR S 752 -5.74 33.93 74.23
C TYR S 752 -5.58 35.36 73.73
N VAL S 753 -5.98 36.37 74.52
CA VAL S 753 -5.67 37.75 74.15
C VAL S 753 -4.17 37.92 73.91
N ASP S 754 -3.34 37.15 74.63
CA ASP S 754 -1.90 37.21 74.43
C ASP S 754 -1.52 36.85 73.00
N GLU S 755 -2.13 35.78 72.46
CA GLU S 755 -1.94 35.46 71.05
C GLU S 755 -2.59 36.51 70.15
N LEU S 756 -3.70 37.08 70.60
CA LEU S 756 -4.38 38.11 69.83
C LEU S 756 -3.54 39.36 69.65
N HIS S 757 -2.58 39.60 70.54
CA HIS S 757 -1.71 40.77 70.41
C HIS S 757 -0.77 40.68 69.22
N GLN S 758 -0.53 39.48 68.68
CA GLN S 758 0.36 39.33 67.54
C GLN S 758 -0.19 39.92 66.25
N ALA S 759 -1.48 40.22 66.20
CA ALA S 759 -2.10 40.80 65.01
C ALA S 759 -3.25 41.69 65.47
N GLY S 760 -4.12 42.06 64.53
CA GLY S 760 -5.29 42.83 64.89
C GLY S 760 -5.52 44.11 64.11
N ILE S 761 -5.00 44.18 62.89
CA ILE S 761 -5.26 45.32 62.03
C ILE S 761 -6.67 45.23 61.46
N ASP S 762 -7.21 46.39 61.06
CA ASP S 762 -8.57 46.50 60.50
C ASP S 762 -9.61 46.00 61.52
N THR S 763 -9.69 46.75 62.62
CA THR S 763 -10.39 46.32 63.82
C THR S 763 -11.86 46.74 63.85
N SER S 764 -12.19 47.93 63.34
CA SER S 764 -13.42 48.62 63.71
C SER S 764 -14.69 47.81 63.48
N GLU S 765 -15.05 47.56 62.22
CA GLU S 765 -16.35 46.94 61.94
C GLU S 765 -16.23 45.50 61.44
N PHE S 766 -15.58 45.28 60.31
CA PHE S 766 -15.65 44.03 59.57
C PHE S 766 -14.59 44.02 58.48
N PRO S 767 -13.91 42.90 58.24
CA PRO S 767 -13.89 41.64 58.99
C PRO S 767 -12.77 41.63 60.01
N TRP S 768 -12.32 40.46 60.50
CA TRP S 768 -11.45 40.41 61.66
C TRP S 768 -10.51 39.21 61.61
N ARG S 769 -9.42 39.32 62.35
CA ARG S 769 -8.50 38.26 62.79
C ARG S 769 -7.52 37.75 61.73
N LEU S 770 -7.57 38.22 60.49
CA LEU S 770 -6.67 37.68 59.46
C LEU S 770 -5.73 38.76 58.93
N PRO S 771 -4.45 38.74 59.34
CA PRO S 771 -3.48 39.71 58.80
C PRO S 771 -2.92 39.30 57.45
N GLU S 772 -1.90 40.03 56.98
CA GLU S 772 -1.18 39.77 55.72
C GLU S 772 -2.15 39.59 54.55
N SER S 773 -3.22 40.38 54.55
CA SER S 773 -4.14 40.42 53.42
C SER S 773 -4.75 41.82 53.39
N HIS S 774 -4.20 42.68 52.52
CA HIS S 774 -4.63 44.07 52.45
C HIS S 774 -4.83 44.51 51.01
#